data_8U7J
#
_entry.id   8U7J
#
_cell.length_a   101.235
_cell.length_b   132.374
_cell.length_c   142.097
_cell.angle_alpha   106.49
_cell.angle_beta   109.51
_cell.angle_gamma   105.56
#
_symmetry.space_group_name_H-M   'P 1'
#
loop_
_entity.id
_entity.type
_entity.pdbx_description
1 polymer "Pyridoxal 5'-phosphate synthase subunit PdxS"
2 polymer "Pyridoxal 5'-phosphate synthase subunit PdxT"
3 non-polymer 'PHOSPHATE ION'
4 non-polymer GLUTAMINE
5 non-polymer 'SULFATE ION'
#
loop_
_entity_poly.entity_id
_entity_poly.type
_entity_poly.pdbx_seq_one_letter_code
_entity_poly.pdbx_strand_id
1 'polypeptide(L)'
;GAMSKIIGSDRVKRGMAEMQKGGVIMDVVNAEQARIAEEAGAVAVMALERVPSDIRAAGGVARMANPKIVEEVMNAVSIP
VMAKARIGHITEARVLEAMGVDYIDESEVLTPADEEYHLRKDQFTVPFVCGCRNLGEAARRIGEGAAMLRTKGEPGTGNI
VEAVRHMRQVNSEVSRLTVMNDDEIMTFAKDIGAPYEILKQIKDNGRLPVVNFAAGGVATPQDAALMMELGADGVFVGSG
IFKSEDPEKFAKAIVQATTHYQDYELIGRLASELGTAMKGLDINQLSLEERMQERGW
;
A,G,B,L,K,F,J,C,I,H,D,E
2 'polypeptide(L)'
;GAMKIGVLALQGAVREHIRHIELSGHEGIAVKKVEQLEEIEGLILPGGESTTLRRLMNLYGFKEALQNSTLPMFGTCAGL
IVLAQDIVGEEGYLNKLNITVQRNSFGRQVDSFETELDIKGIATDIEGVFIRAPHIEKVGQGVDILCKVNEKIVAVQQGK
YLGVSFNPELTDDYRVTDYFINHIVKKA
;
T,N,S,X,R,W,O,M,V,U,P,Q
#
loop_
_chem_comp.id
_chem_comp.type
_chem_comp.name
_chem_comp.formula
PO4 non-polymer 'PHOSPHATE ION' 'O4 P -3'
SO4 non-polymer 'SULFATE ION' 'O4 S -2'
#
# COMPACT_ATOMS: atom_id res chain seq x y z
N SER A 4 4.09 29.23 -62.73
CA SER A 4 5.22 29.95 -62.16
C SER A 4 6.23 28.98 -61.56
N LYS A 5 6.43 29.07 -60.24
CA LYS A 5 7.39 28.22 -59.54
C LYS A 5 6.83 27.94 -58.14
N ILE A 6 5.87 27.02 -58.06
CA ILE A 6 5.29 26.62 -56.79
C ILE A 6 6.28 25.75 -56.03
N ILE A 7 7.27 26.38 -55.42
CA ILE A 7 8.33 25.67 -54.69
C ILE A 7 7.93 25.56 -53.22
N GLY A 8 8.13 24.38 -52.66
CA GLY A 8 7.84 24.14 -51.26
C GLY A 8 6.47 23.57 -50.96
N SER A 9 5.65 23.33 -51.97
CA SER A 9 4.34 22.73 -51.74
C SER A 9 4.49 21.35 -51.12
N ASP A 10 3.57 21.01 -50.22
CA ASP A 10 3.65 19.74 -49.51
C ASP A 10 3.74 18.55 -50.46
N ARG A 11 3.07 18.64 -51.62
CA ARG A 11 3.11 17.53 -52.57
C ARG A 11 4.53 17.27 -53.05
N VAL A 12 5.32 18.34 -53.25
CA VAL A 12 6.71 18.17 -53.67
C VAL A 12 7.54 17.55 -52.54
N LYS A 13 7.38 18.08 -51.32
CA LYS A 13 8.08 17.54 -50.16
C LYS A 13 7.87 16.04 -50.04
N ARG A 14 6.61 15.60 -50.04
CA ARG A 14 6.35 14.17 -49.85
C ARG A 14 6.52 13.36 -51.12
N GLY A 15 6.54 13.99 -52.29
CA GLY A 15 6.84 13.24 -53.50
C GLY A 15 8.31 12.91 -53.63
N MET A 16 9.18 13.80 -53.11
CA MET A 16 10.61 13.49 -53.04
C MET A 16 10.85 12.13 -52.37
N ALA A 17 10.02 11.77 -51.40
CA ALA A 17 10.12 10.47 -50.75
C ALA A 17 9.20 9.42 -51.35
N GLU A 18 8.08 9.83 -51.95
CA GLU A 18 7.16 8.87 -52.55
C GLU A 18 7.75 8.23 -53.80
N MET A 19 8.53 8.98 -54.57
CA MET A 19 9.29 8.39 -55.66
C MET A 19 10.67 7.93 -55.20
N GLN A 20 10.82 7.67 -53.90
CA GLN A 20 12.01 7.06 -53.33
C GLN A 20 11.75 5.64 -52.84
N LYS A 21 10.49 5.21 -52.75
CA LYS A 21 10.19 3.91 -52.19
C LYS A 21 10.63 2.79 -53.13
N GLY A 22 10.87 1.62 -52.54
CA GLY A 22 11.40 0.49 -53.26
C GLY A 22 12.90 0.35 -53.17
N GLY A 23 13.59 1.35 -52.63
CA GLY A 23 15.03 1.31 -52.47
C GLY A 23 15.44 1.46 -51.02
N VAL A 24 16.75 1.36 -50.80
CA VAL A 24 17.34 1.36 -49.47
C VAL A 24 18.24 2.59 -49.35
N ILE A 25 18.13 3.30 -48.23
CA ILE A 25 19.01 4.41 -47.91
C ILE A 25 19.95 3.93 -46.80
N MET A 26 21.24 3.83 -47.13
CA MET A 26 22.25 3.42 -46.17
C MET A 26 23.04 4.65 -45.72
N ASP A 27 23.37 4.69 -44.44
CA ASP A 27 24.09 5.86 -43.97
C ASP A 27 25.57 5.77 -44.35
N VAL A 28 26.27 6.90 -44.23
CA VAL A 28 27.62 7.02 -44.76
C VAL A 28 28.40 8.01 -43.91
N VAL A 29 29.69 7.76 -43.76
CA VAL A 29 30.58 8.60 -42.95
C VAL A 29 31.47 9.48 -43.82
N ASN A 30 32.03 8.93 -44.89
CA ASN A 30 32.97 9.68 -45.72
C ASN A 30 32.65 9.44 -47.20
N ALA A 31 33.35 10.19 -48.06
CA ALA A 31 33.04 10.18 -49.48
C ALA A 31 33.23 8.79 -50.10
N GLU A 32 34.26 8.07 -49.66
CA GLU A 32 34.57 6.79 -50.28
C GLU A 32 33.52 5.73 -49.95
N GLN A 33 32.87 5.84 -48.79
CA GLN A 33 31.73 4.97 -48.51
C GLN A 33 30.51 5.36 -49.33
N ALA A 34 30.35 6.66 -49.59
CA ALA A 34 29.25 7.10 -50.45
C ALA A 34 29.44 6.62 -51.88
N ARG A 35 30.68 6.51 -52.34
CA ARG A 35 30.94 5.91 -53.66
C ARG A 35 30.38 4.49 -53.72
N ILE A 36 30.69 3.67 -52.72
CA ILE A 36 30.19 2.31 -52.67
C ILE A 36 28.67 2.29 -52.60
N ALA A 37 28.10 3.18 -51.77
CA ALA A 37 26.65 3.22 -51.64
C ALA A 37 25.97 3.55 -52.98
N GLU A 38 26.52 4.53 -53.71
CA GLU A 38 25.96 4.88 -55.01
C GLU A 38 26.10 3.74 -56.00
N GLU A 39 27.31 3.19 -56.13
CA GLU A 39 27.56 2.11 -57.08
C GLU A 39 27.00 0.77 -56.64
N ALA A 40 26.31 0.71 -55.50
CA ALA A 40 25.67 -0.50 -55.05
C ALA A 40 24.15 -0.48 -55.26
N GLY A 41 23.59 0.65 -55.67
CA GLY A 41 22.17 0.74 -55.90
C GLY A 41 21.36 1.44 -54.82
N ALA A 42 22.00 2.20 -53.93
CA ALA A 42 21.26 2.93 -52.93
C ALA A 42 20.50 4.10 -53.55
N VAL A 43 19.30 4.36 -53.03
CA VAL A 43 18.49 5.47 -53.53
C VAL A 43 18.86 6.80 -52.88
N ALA A 44 19.59 6.77 -51.77
CA ALA A 44 20.07 7.96 -51.08
C ALA A 44 21.03 7.53 -49.98
N VAL A 45 21.79 8.50 -49.48
CA VAL A 45 22.77 8.25 -48.43
C VAL A 45 22.46 9.17 -47.24
N MET A 46 22.78 8.67 -46.05
CA MET A 46 22.57 9.42 -44.81
C MET A 46 23.95 9.84 -44.29
N ALA A 47 24.29 11.10 -44.51
CA ALA A 47 25.60 11.61 -44.11
C ALA A 47 25.60 11.85 -42.60
N LEU A 48 26.53 11.21 -41.90
CA LEU A 48 26.70 11.41 -40.47
C LEU A 48 28.18 11.27 -40.13
N GLU A 49 28.55 11.81 -38.97
CA GLU A 49 29.95 11.83 -38.55
C GLU A 49 30.32 10.62 -37.72
N ARG A 50 29.48 10.25 -36.74
CA ARG A 50 29.75 9.10 -35.89
C ARG A 50 28.52 8.20 -35.78
N ALA A 58 25.62 6.52 -26.12
CA ALA A 58 25.98 6.01 -24.81
C ALA A 58 27.42 6.37 -24.46
N GLY A 59 27.94 7.40 -25.11
CA GLY A 59 29.30 7.85 -24.87
C GLY A 59 29.40 9.35 -24.65
N GLY A 60 28.34 10.07 -24.99
CA GLY A 60 28.32 11.51 -24.84
C GLY A 60 27.04 12.14 -25.37
N VAL A 61 27.17 13.32 -25.97
CA VAL A 61 26.03 14.03 -26.55
C VAL A 61 26.30 14.18 -28.06
N ALA A 62 25.37 13.67 -28.87
CA ALA A 62 25.51 13.70 -30.31
C ALA A 62 24.90 14.96 -30.90
N ARG A 63 25.63 15.58 -31.84
CA ARG A 63 25.17 16.80 -32.48
C ARG A 63 25.00 16.58 -33.97
N MET A 64 24.93 17.68 -34.73
CA MET A 64 24.95 17.60 -36.18
C MET A 64 26.34 17.20 -36.66
N ALA A 65 26.38 16.42 -37.74
CA ALA A 65 27.64 16.13 -38.40
C ALA A 65 28.19 17.38 -39.07
N ASN A 66 29.46 17.69 -38.79
CA ASN A 66 30.15 18.88 -39.30
C ASN A 66 29.85 19.14 -40.77
N PRO A 67 29.46 20.37 -41.12
CA PRO A 67 29.16 20.67 -42.53
C PRO A 67 30.25 20.28 -43.50
N LYS A 68 31.52 20.25 -43.06
CA LYS A 68 32.60 19.84 -43.96
C LYS A 68 32.41 18.40 -44.42
N ILE A 69 32.10 17.49 -43.49
CA ILE A 69 31.94 16.10 -43.85
C ILE A 69 30.67 15.90 -44.68
N VAL A 70 29.63 16.69 -44.42
CA VAL A 70 28.41 16.59 -45.21
C VAL A 70 28.66 17.06 -46.63
N GLU A 71 29.47 18.12 -46.80
CA GLU A 71 29.83 18.58 -48.13
C GLU A 71 30.72 17.56 -48.83
N GLU A 72 31.61 16.91 -48.09
CA GLU A 72 32.45 15.86 -48.66
C GLU A 72 31.59 14.72 -49.19
N VAL A 73 30.56 14.33 -48.44
CA VAL A 73 29.67 13.28 -48.91
C VAL A 73 28.82 13.77 -50.08
N MET A 74 28.43 15.05 -50.05
CA MET A 74 27.57 15.60 -51.08
C MET A 74 28.29 15.66 -52.44
N ASN A 75 29.54 16.12 -52.45
CA ASN A 75 30.26 16.29 -53.70
C ASN A 75 30.70 14.96 -54.31
N ALA A 76 30.53 13.84 -53.61
CA ALA A 76 31.02 12.56 -54.10
C ALA A 76 29.96 11.74 -54.83
N VAL A 77 28.67 12.07 -54.66
CA VAL A 77 27.60 11.27 -55.23
C VAL A 77 26.60 12.18 -55.93
N SER A 78 25.85 11.58 -56.85
CA SER A 78 24.76 12.26 -57.55
C SER A 78 23.39 11.89 -57.02
N ILE A 79 23.30 10.87 -56.16
CA ILE A 79 22.05 10.47 -55.53
C ILE A 79 21.79 11.43 -54.37
N PRO A 80 20.54 11.57 -53.91
CA PRO A 80 20.27 12.54 -52.84
C PRO A 80 20.97 12.17 -51.54
N VAL A 81 21.44 13.18 -50.83
CA VAL A 81 22.10 13.01 -49.54
C VAL A 81 21.27 13.69 -48.48
N MET A 82 21.05 12.98 -47.36
CA MET A 82 20.26 13.50 -46.25
C MET A 82 21.10 13.48 -44.98
N ALA A 83 20.91 14.49 -44.14
CA ALA A 83 21.67 14.66 -42.91
C ALA A 83 20.73 14.69 -41.71
N LYS A 84 21.31 14.42 -40.54
CA LYS A 84 20.54 14.31 -39.30
C LYS A 84 20.66 15.59 -38.49
N ALA A 85 19.54 16.01 -37.91
CA ALA A 85 19.49 17.18 -37.03
C ALA A 85 18.88 16.79 -35.69
N ARG A 86 19.26 17.53 -34.65
CA ARG A 86 18.77 17.23 -33.31
C ARG A 86 17.30 17.56 -33.19
N ILE A 87 16.61 16.86 -32.29
CA ILE A 87 15.17 17.05 -32.11
C ILE A 87 14.90 18.46 -31.65
N GLY A 88 14.03 19.17 -32.37
CA GLY A 88 13.66 20.52 -32.02
C GLY A 88 14.75 21.55 -32.19
N HIS A 89 15.88 21.18 -32.81
CA HIS A 89 16.99 22.11 -33.03
C HIS A 89 16.68 22.94 -34.27
N ILE A 90 16.25 24.18 -34.08
CA ILE A 90 15.82 25.01 -35.19
C ILE A 90 17.02 25.37 -36.07
N THR A 91 18.06 25.95 -35.48
CA THR A 91 19.19 26.43 -36.27
C THR A 91 19.96 25.28 -36.91
N GLU A 92 19.96 24.10 -36.30
CA GLU A 92 20.62 22.96 -36.92
C GLU A 92 19.93 22.56 -38.22
N ALA A 93 18.61 22.40 -38.17
CA ALA A 93 17.86 22.08 -39.39
C ALA A 93 17.98 23.21 -40.41
N ARG A 94 18.03 24.46 -39.94
CA ARG A 94 18.18 25.59 -40.86
C ARG A 94 19.53 25.56 -41.56
N VAL A 95 20.59 25.23 -40.82
CA VAL A 95 21.92 25.14 -41.42
C VAL A 95 21.98 24.00 -42.43
N LEU A 96 21.39 22.85 -42.08
CA LEU A 96 21.33 21.76 -43.05
C LEU A 96 20.52 22.14 -44.28
N GLU A 97 19.48 22.96 -44.10
CA GLU A 97 18.69 23.43 -45.24
C GLU A 97 19.51 24.37 -46.12
N ALA A 98 20.30 25.24 -45.52
CA ALA A 98 21.10 26.18 -46.30
C ALA A 98 22.13 25.48 -47.17
N MET A 99 22.61 24.32 -46.73
CA MET A 99 23.59 23.55 -47.49
C MET A 99 22.96 22.82 -48.66
N GLY A 100 21.64 22.86 -48.81
CA GLY A 100 20.97 22.17 -49.89
C GLY A 100 20.67 20.71 -49.63
N VAL A 101 20.82 20.23 -48.39
CA VAL A 101 20.56 18.84 -48.08
C VAL A 101 19.14 18.48 -48.48
N ASP A 102 18.99 17.33 -49.15
CA ASP A 102 17.70 16.95 -49.72
C ASP A 102 16.69 16.57 -48.65
N TYR A 103 17.15 16.02 -47.52
CA TYR A 103 16.25 15.63 -46.45
C TYR A 103 16.94 15.83 -45.11
N ILE A 104 16.19 16.30 -44.12
CA ILE A 104 16.66 16.39 -42.75
C ILE A 104 15.91 15.36 -41.93
N ASP A 105 16.65 14.55 -41.18
CA ASP A 105 16.07 13.54 -40.30
C ASP A 105 16.00 14.14 -38.90
N GLU A 106 14.79 14.51 -38.46
CA GLU A 106 14.61 14.94 -37.08
C GLU A 106 14.79 13.69 -36.22
N SER A 107 16.05 13.37 -35.96
CA SER A 107 16.43 12.03 -35.50
C SER A 107 16.48 11.98 -33.99
N GLU A 108 15.79 10.99 -33.42
CA GLU A 108 15.89 10.69 -32.01
C GLU A 108 17.17 9.94 -31.65
N VAL A 109 17.94 9.51 -32.66
CA VAL A 109 19.22 8.86 -32.39
C VAL A 109 20.20 9.87 -31.80
N LEU A 110 20.30 11.05 -32.43
CA LEU A 110 21.07 12.14 -31.83
C LEU A 110 20.40 12.58 -30.54
N THR A 111 21.20 13.12 -29.63
CA THR A 111 20.66 13.68 -28.40
C THR A 111 19.68 14.80 -28.76
N PRO A 112 18.45 14.78 -28.24
CA PRO A 112 17.50 15.85 -28.57
C PRO A 112 18.01 17.21 -28.10
N ALA A 113 17.37 18.26 -28.63
CA ALA A 113 17.58 19.61 -28.16
C ALA A 113 16.37 20.20 -27.46
N ASP A 114 15.18 19.67 -27.73
CA ASP A 114 13.93 20.12 -27.11
C ASP A 114 13.16 18.87 -26.72
N GLU A 115 13.31 18.44 -25.46
CA GLU A 115 12.67 17.21 -25.00
C GLU A 115 11.14 17.32 -24.94
N GLU A 116 10.58 18.49 -25.20
CA GLU A 116 9.13 18.69 -25.13
C GLU A 116 8.50 18.92 -26.49
N TYR A 117 9.10 19.78 -27.32
CA TYR A 117 8.48 20.23 -28.56
C TYR A 117 9.36 19.85 -29.75
N HIS A 118 8.76 19.25 -30.76
CA HIS A 118 9.47 18.89 -31.98
C HIS A 118 9.64 20.12 -32.87
N LEU A 119 10.31 19.92 -34.00
CA LEU A 119 10.56 21.02 -34.92
C LEU A 119 9.26 21.48 -35.58
N ARG A 120 9.28 22.73 -36.03
CA ARG A 120 8.16 23.32 -36.77
C ARG A 120 8.41 23.12 -38.27
N LYS A 121 8.20 21.87 -38.69
CA LYS A 121 8.69 21.41 -39.99
C LYS A 121 8.02 22.10 -41.17
N ASP A 122 6.80 22.61 -40.99
CA ASP A 122 6.11 23.26 -42.11
C ASP A 122 6.64 24.65 -42.40
N GLN A 123 7.52 25.19 -41.56
CA GLN A 123 8.18 26.45 -41.88
C GLN A 123 9.31 26.28 -42.87
N PHE A 124 9.89 25.09 -42.97
CA PHE A 124 11.01 24.85 -43.85
C PHE A 124 10.51 24.55 -45.28
N THR A 125 11.39 24.78 -46.24
CA THR A 125 11.16 24.39 -47.62
C THR A 125 11.84 23.08 -47.98
N VAL A 126 12.58 22.50 -47.06
CA VAL A 126 13.22 21.20 -47.24
C VAL A 126 12.38 20.14 -46.54
N PRO A 127 12.10 19.01 -47.17
CA PRO A 127 11.28 17.99 -46.50
C PRO A 127 12.03 17.33 -45.35
N PHE A 128 11.25 16.86 -44.38
CA PHE A 128 11.76 16.23 -43.17
C PHE A 128 11.32 14.78 -43.11
N VAL A 129 12.11 13.98 -42.40
CA VAL A 129 11.75 12.59 -42.08
C VAL A 129 11.88 12.42 -40.57
N CYS A 130 10.89 11.77 -39.96
CA CYS A 130 10.80 11.61 -38.52
C CYS A 130 10.53 10.16 -38.17
N GLY A 131 10.84 9.80 -36.93
CA GLY A 131 10.59 8.45 -36.44
C GLY A 131 9.25 8.33 -35.73
N CYS A 132 8.68 7.13 -35.79
CA CYS A 132 7.37 6.88 -35.21
C CYS A 132 7.32 5.43 -34.73
N ARG A 133 6.46 5.20 -33.73
CA ARG A 133 6.23 3.87 -33.21
C ARG A 133 4.76 3.45 -33.23
N ASN A 134 3.84 4.36 -33.50
CA ASN A 134 2.43 4.07 -33.59
C ASN A 134 1.77 5.16 -34.43
N LEU A 135 0.47 5.02 -34.64
CA LEU A 135 -0.25 6.00 -35.44
C LEU A 135 -0.28 7.37 -34.76
N GLY A 136 -0.25 7.40 -33.43
CA GLY A 136 -0.22 8.65 -32.71
C GLY A 136 1.00 9.51 -33.03
N GLU A 137 2.19 8.93 -32.83
CA GLU A 137 3.42 9.67 -33.11
C GLU A 137 3.52 10.03 -34.59
N ALA A 138 3.11 9.11 -35.47
CA ALA A 138 3.17 9.37 -36.91
C ALA A 138 2.28 10.55 -37.28
N ALA A 139 1.03 10.55 -36.79
CA ALA A 139 0.11 11.64 -37.10
C ALA A 139 0.59 12.95 -36.48
N ARG A 140 1.18 12.90 -35.30
CA ARG A 140 1.72 14.11 -34.69
C ARG A 140 2.88 14.68 -35.52
N ARG A 141 3.77 13.81 -35.99
CA ARG A 141 4.87 14.27 -36.83
C ARG A 141 4.35 14.86 -38.14
N ILE A 142 3.36 14.21 -38.75
CA ILE A 142 2.76 14.75 -39.98
C ILE A 142 2.14 16.12 -39.72
N GLY A 143 1.44 16.26 -38.58
CA GLY A 143 0.85 17.54 -38.24
C GLY A 143 1.90 18.62 -38.05
N GLU A 144 3.03 18.28 -37.43
CA GLU A 144 4.12 19.24 -37.30
C GLU A 144 4.76 19.58 -38.63
N GLY A 145 4.45 18.84 -39.70
CA GLY A 145 4.97 19.14 -41.02
C GLY A 145 5.94 18.13 -41.60
N ALA A 146 6.07 16.95 -41.00
CA ALA A 146 6.98 15.95 -41.54
C ALA A 146 6.51 15.48 -42.91
N ALA A 147 7.47 15.22 -43.80
CA ALA A 147 7.17 14.79 -45.16
C ALA A 147 7.65 13.37 -45.42
N MET A 148 7.92 12.60 -44.37
CA MET A 148 8.37 11.23 -44.48
C MET A 148 8.45 10.63 -43.08
N LEU A 149 8.22 9.32 -42.99
CA LEU A 149 8.21 8.63 -41.72
C LEU A 149 9.06 7.37 -41.79
N ARG A 150 9.65 7.02 -40.64
CA ARG A 150 10.42 5.80 -40.49
C ARG A 150 10.14 5.23 -39.11
N THR A 151 10.50 3.97 -38.91
CA THR A 151 10.35 3.33 -37.61
C THR A 151 11.51 3.72 -36.71
N LYS A 152 11.21 3.92 -35.41
CA LYS A 152 12.26 4.24 -34.47
C LYS A 152 13.23 3.07 -34.29
N GLY A 153 12.70 1.86 -34.17
CA GLY A 153 13.48 0.65 -34.05
C GLY A 153 14.45 0.70 -32.89
N GLU A 154 15.53 -0.06 -33.00
CA GLU A 154 16.61 -0.09 -32.03
C GLU A 154 17.92 0.10 -32.78
N PRO A 155 18.31 1.34 -33.04
CA PRO A 155 19.52 1.58 -33.84
C PRO A 155 20.77 1.09 -33.13
N GLY A 156 21.69 0.54 -33.92
CA GLY A 156 22.96 0.06 -33.38
C GLY A 156 22.90 -1.26 -32.66
N THR A 157 21.82 -2.03 -32.82
CA THR A 157 21.69 -3.33 -32.20
C THR A 157 21.59 -4.49 -33.18
N GLY A 158 21.22 -4.23 -34.44
CA GLY A 158 20.96 -5.30 -35.38
C GLY A 158 19.78 -6.18 -35.03
N ASN A 159 18.94 -5.76 -34.09
CA ASN A 159 17.80 -6.54 -33.64
C ASN A 159 16.54 -5.99 -34.29
N ILE A 160 15.89 -6.79 -35.13
CA ILE A 160 14.75 -6.34 -35.91
C ILE A 160 13.46 -6.27 -35.11
N VAL A 161 13.48 -6.69 -33.84
CA VAL A 161 12.25 -6.79 -33.05
C VAL A 161 11.51 -5.45 -33.01
N GLU A 162 12.23 -4.37 -32.76
CA GLU A 162 11.57 -3.08 -32.55
C GLU A 162 11.03 -2.53 -33.88
N ALA A 163 11.76 -2.72 -34.97
CA ALA A 163 11.27 -2.29 -36.28
C ALA A 163 9.98 -3.04 -36.64
N VAL A 164 9.98 -4.36 -36.44
CA VAL A 164 8.78 -5.16 -36.69
C VAL A 164 7.62 -4.66 -35.84
N ARG A 165 7.89 -4.45 -34.55
CA ARG A 165 6.82 -4.02 -33.64
C ARG A 165 6.22 -2.69 -34.08
N HIS A 166 7.08 -1.70 -34.36
CA HIS A 166 6.57 -0.37 -34.74
C HIS A 166 5.83 -0.42 -36.07
N MET A 167 6.40 -1.09 -37.07
CA MET A 167 5.74 -1.19 -38.36
C MET A 167 4.38 -1.86 -38.23
N ARG A 168 4.32 -2.99 -37.52
CA ARG A 168 3.05 -3.69 -37.35
C ARG A 168 2.04 -2.85 -36.59
N GLN A 169 2.48 -2.13 -35.56
CA GLN A 169 1.58 -1.30 -34.77
C GLN A 169 0.96 -0.21 -35.63
N VAL A 170 1.81 0.56 -36.34
CA VAL A 170 1.28 1.66 -37.13
C VAL A 170 0.43 1.13 -38.28
N ASN A 171 0.80 -0.01 -38.86
CA ASN A 171 0.03 -0.56 -39.96
C ASN A 171 -1.34 -1.04 -39.50
N SER A 172 -1.40 -1.73 -38.36
CA SER A 172 -2.68 -2.19 -37.85
C SER A 172 -3.57 -1.01 -37.46
N GLU A 173 -2.98 0.04 -36.89
CA GLU A 173 -3.80 1.18 -36.50
C GLU A 173 -4.34 1.94 -37.72
N VAL A 174 -3.52 2.13 -38.75
CA VAL A 174 -4.03 2.81 -39.93
C VAL A 174 -5.04 1.94 -40.66
N SER A 175 -4.85 0.62 -40.67
CA SER A 175 -5.84 -0.25 -41.30
C SER A 175 -7.16 -0.22 -40.54
N ARG A 176 -7.10 -0.16 -39.21
CA ARG A 176 -8.31 0.03 -38.42
C ARG A 176 -8.99 1.34 -38.75
N LEU A 177 -8.20 2.41 -38.89
CA LEU A 177 -8.79 3.72 -39.15
C LEU A 177 -9.42 3.79 -40.54
N THR A 178 -8.89 3.05 -41.51
CA THR A 178 -9.46 3.08 -42.86
C THR A 178 -10.88 2.54 -42.91
N VAL A 179 -11.30 1.78 -41.90
CA VAL A 179 -12.62 1.15 -41.92
C VAL A 179 -13.36 1.51 -40.63
N MET A 180 -12.87 2.53 -39.92
CA MET A 180 -13.47 2.92 -38.66
C MET A 180 -14.65 3.86 -38.91
N ASN A 181 -15.67 3.73 -38.05
CA ASN A 181 -16.86 4.56 -38.18
C ASN A 181 -16.51 6.03 -38.04
N ASP A 182 -17.20 6.87 -38.84
CA ASP A 182 -16.97 8.31 -38.78
C ASP A 182 -17.34 8.88 -37.42
N ASP A 183 -18.27 8.24 -36.72
CA ASP A 183 -18.70 8.74 -35.42
C ASP A 183 -17.63 8.54 -34.36
N GLU A 184 -16.75 7.56 -34.54
CA GLU A 184 -15.80 7.16 -33.51
C GLU A 184 -14.40 7.71 -33.72
N ILE A 185 -14.15 8.43 -34.81
CA ILE A 185 -12.78 8.86 -35.12
C ILE A 185 -12.30 9.88 -34.10
N MET A 186 -13.15 10.84 -33.74
CA MET A 186 -12.72 11.96 -32.90
C MET A 186 -12.11 11.48 -31.59
N THR A 187 -12.89 10.71 -30.82
CA THR A 187 -12.36 10.19 -29.57
C THR A 187 -11.15 9.29 -29.81
N PHE A 188 -11.12 8.60 -30.95
CA PHE A 188 -9.93 7.84 -31.32
C PHE A 188 -8.71 8.76 -31.37
N ALA A 189 -8.85 9.89 -32.05
CA ALA A 189 -7.77 10.87 -32.06
C ALA A 189 -7.46 11.37 -30.66
N LYS A 190 -8.46 11.45 -29.78
CA LYS A 190 -8.20 11.83 -28.40
C LYS A 190 -7.47 10.71 -27.66
N ASP A 191 -7.74 9.46 -28.03
CA ASP A 191 -7.14 8.34 -27.30
C ASP A 191 -5.67 8.15 -27.67
N ILE A 192 -5.33 8.24 -28.96
CA ILE A 192 -3.94 8.08 -29.38
C ILE A 192 -3.18 9.40 -29.41
N GLY A 193 -3.82 10.51 -29.03
CA GLY A 193 -3.17 11.80 -29.03
C GLY A 193 -2.68 12.22 -30.41
N ALA A 194 -3.61 12.32 -31.36
CA ALA A 194 -3.27 12.63 -32.74
C ALA A 194 -4.17 13.74 -33.27
N PRO A 195 -3.68 14.52 -34.23
CA PRO A 195 -4.54 15.53 -34.86
C PRO A 195 -5.72 14.89 -35.58
N TYR A 196 -6.91 15.44 -35.35
CA TYR A 196 -8.14 14.82 -35.82
C TYR A 196 -8.30 14.94 -37.33
N GLU A 197 -7.99 16.11 -37.89
CA GLU A 197 -8.08 16.29 -39.33
C GLU A 197 -7.14 15.36 -40.08
N ILE A 198 -5.98 15.08 -39.50
CA ILE A 198 -5.04 14.14 -40.14
C ILE A 198 -5.61 12.74 -40.17
N LEU A 199 -6.30 12.33 -39.10
CA LEU A 199 -6.93 11.01 -39.11
C LEU A 199 -8.07 10.94 -40.12
N LYS A 200 -8.85 12.02 -40.23
CA LYS A 200 -9.89 12.06 -41.25
C LYS A 200 -9.29 11.96 -42.65
N GLN A 201 -8.19 12.66 -42.89
CA GLN A 201 -7.52 12.57 -44.19
C GLN A 201 -6.96 11.18 -44.43
N ILE A 202 -6.48 10.51 -43.38
CA ILE A 202 -6.01 9.14 -43.53
C ILE A 202 -7.14 8.23 -43.99
N LYS A 203 -8.30 8.34 -43.31
CA LYS A 203 -9.42 7.50 -43.72
C LYS A 203 -9.93 7.85 -45.11
N ASP A 204 -9.88 9.13 -45.48
CA ASP A 204 -10.36 9.53 -46.81
C ASP A 204 -9.44 8.98 -47.90
N ASN A 205 -8.13 9.16 -47.75
CA ASN A 205 -7.19 8.67 -48.75
C ASN A 205 -7.09 7.14 -48.75
N GLY A 206 -7.45 6.49 -47.65
CA GLY A 206 -7.36 5.05 -47.55
C GLY A 206 -6.00 4.49 -47.24
N ARG A 207 -4.95 5.32 -47.27
CA ARG A 207 -3.60 4.91 -46.92
C ARG A 207 -2.96 5.98 -46.07
N LEU A 208 -1.77 5.69 -45.57
CA LEU A 208 -1.02 6.68 -44.82
C LEU A 208 -0.61 7.83 -45.75
N PRO A 209 -0.87 9.08 -45.37
CA PRO A 209 -0.69 10.20 -46.31
C PRO A 209 0.76 10.43 -46.72
N VAL A 210 1.68 9.66 -46.13
CA VAL A 210 3.10 9.82 -46.41
C VAL A 210 3.76 8.45 -46.38
N VAL A 211 4.99 8.38 -46.88
CA VAL A 211 5.71 7.12 -47.01
C VAL A 211 6.34 6.76 -45.68
N ASN A 212 6.19 5.51 -45.27
CA ASN A 212 6.76 4.99 -44.04
C ASN A 212 7.81 3.94 -44.38
N PHE A 213 9.05 4.20 -43.99
CA PHE A 213 10.15 3.26 -44.20
C PHE A 213 10.44 2.47 -42.94
N ALA A 214 11.27 1.44 -43.10
CA ALA A 214 11.80 0.67 -41.99
C ALA A 214 13.18 1.19 -41.61
N ALA A 215 13.47 1.14 -40.31
CA ALA A 215 14.73 1.69 -39.80
C ALA A 215 15.01 1.09 -38.44
N GLY A 216 16.26 0.64 -38.24
CA GLY A 216 16.67 0.15 -36.95
C GLY A 216 17.47 -1.14 -37.00
N GLY A 217 16.81 -2.26 -36.73
CA GLY A 217 17.46 -3.56 -36.62
C GLY A 217 17.82 -4.24 -37.91
N VAL A 218 17.71 -3.56 -39.05
CA VAL A 218 18.02 -4.18 -40.33
C VAL A 218 19.52 -4.48 -40.37
N ALA A 219 19.87 -5.75 -40.55
CA ALA A 219 21.27 -6.17 -40.57
C ALA A 219 21.57 -7.29 -41.56
N THR A 220 20.60 -8.02 -42.04
CA THR A 220 20.78 -9.10 -43.00
C THR A 220 19.82 -8.89 -44.16
N PRO A 221 20.05 -9.55 -45.30
CA PRO A 221 19.05 -9.49 -46.38
C PRO A 221 17.71 -10.09 -46.00
N GLN A 222 17.70 -11.09 -45.10
CA GLN A 222 16.45 -11.71 -44.70
C GLN A 222 15.50 -10.71 -44.05
N ASP A 223 15.93 -10.08 -42.96
CA ASP A 223 15.08 -9.11 -42.30
C ASP A 223 15.06 -7.75 -43.01
N ALA A 224 15.77 -7.62 -44.13
CA ALA A 224 15.56 -6.47 -44.99
C ALA A 224 14.40 -6.72 -45.95
N ALA A 225 14.29 -7.94 -46.48
CA ALA A 225 13.13 -8.31 -47.28
C ALA A 225 11.89 -8.48 -46.40
N LEU A 226 12.08 -8.85 -45.14
CA LEU A 226 10.95 -8.99 -44.22
C LEU A 226 10.24 -7.65 -44.02
N MET A 227 11.00 -6.55 -44.01
CA MET A 227 10.39 -5.24 -43.85
C MET A 227 9.48 -4.91 -45.02
N MET A 228 9.91 -5.21 -46.24
CA MET A 228 9.06 -4.98 -47.40
C MET A 228 7.87 -5.93 -47.40
N GLU A 229 8.08 -7.18 -46.95
CA GLU A 229 6.96 -8.12 -46.83
C GLU A 229 5.92 -7.64 -45.82
N LEU A 230 6.35 -6.91 -44.80
CA LEU A 230 5.45 -6.47 -43.74
C LEU A 230 4.65 -5.24 -44.12
N GLY A 231 5.02 -4.54 -45.19
CA GLY A 231 4.30 -3.36 -45.62
C GLY A 231 5.14 -2.10 -45.72
N ALA A 232 6.41 -2.13 -45.34
CA ALA A 232 7.26 -0.96 -45.47
C ALA A 232 7.52 -0.64 -46.93
N ASP A 233 7.75 0.64 -47.21
CA ASP A 233 8.04 1.10 -48.56
C ASP A 233 9.52 1.16 -48.87
N GLY A 234 10.38 0.95 -47.87
CA GLY A 234 11.82 1.03 -48.07
C GLY A 234 12.52 0.72 -46.77
N VAL A 235 13.86 0.73 -46.85
CA VAL A 235 14.70 0.29 -45.74
C VAL A 235 15.77 1.35 -45.47
N PHE A 236 15.85 1.79 -44.21
CA PHE A 236 16.96 2.61 -43.73
C PHE A 236 17.98 1.67 -43.08
N VAL A 237 19.19 1.63 -43.65
CA VAL A 237 20.24 0.75 -43.17
C VAL A 237 21.34 1.58 -42.54
N GLY A 238 21.83 1.12 -41.38
CA GLY A 238 22.87 1.81 -40.64
C GLY A 238 24.26 1.45 -41.11
N SER A 239 25.21 1.62 -40.20
CA SER A 239 26.63 1.50 -40.56
C SER A 239 27.12 0.06 -40.57
N GLY A 240 26.28 -0.90 -40.20
CA GLY A 240 26.65 -2.30 -40.18
C GLY A 240 27.20 -2.80 -41.51
N ILE A 241 26.81 -2.11 -42.59
CA ILE A 241 27.32 -2.47 -43.91
C ILE A 241 28.83 -2.40 -43.94
N PHE A 242 29.41 -1.36 -43.35
CA PHE A 242 30.84 -1.20 -43.30
C PHE A 242 31.44 -1.80 -42.04
N LYS A 243 30.74 -2.74 -41.42
CA LYS A 243 31.28 -3.54 -40.33
C LYS A 243 31.49 -4.99 -40.74
N SER A 244 31.18 -5.32 -42.00
CA SER A 244 31.34 -6.66 -42.53
C SER A 244 32.71 -6.81 -43.19
N GLU A 245 32.99 -8.00 -43.69
CA GLU A 245 34.26 -8.23 -44.38
C GLU A 245 34.29 -7.57 -45.75
N ASP A 246 33.14 -7.50 -46.43
CA ASP A 246 33.05 -6.88 -47.75
C ASP A 246 31.80 -6.00 -47.78
N PRO A 247 31.96 -4.71 -47.48
CA PRO A 247 30.78 -3.81 -47.49
C PRO A 247 30.13 -3.68 -48.85
N GLU A 248 30.89 -3.77 -49.94
CA GLU A 248 30.33 -3.62 -51.28
C GLU A 248 29.30 -4.72 -51.56
N LYS A 249 29.71 -5.98 -51.41
CA LYS A 249 28.79 -7.10 -51.64
C LYS A 249 27.64 -7.07 -50.66
N PHE A 250 27.89 -6.63 -49.42
CA PHE A 250 26.82 -6.56 -48.42
C PHE A 250 25.75 -5.55 -48.84
N ALA A 251 26.17 -4.35 -49.23
CA ALA A 251 25.22 -3.33 -49.67
C ALA A 251 24.49 -3.78 -50.94
N LYS A 252 25.21 -4.41 -51.87
CA LYS A 252 24.56 -4.90 -53.08
C LYS A 252 23.49 -5.93 -52.75
N ALA A 253 23.79 -6.87 -51.84
CA ALA A 253 22.82 -7.88 -51.46
C ALA A 253 21.63 -7.26 -50.74
N ILE A 254 21.87 -6.23 -49.94
CA ILE A 254 20.76 -5.55 -49.27
C ILE A 254 19.85 -4.87 -50.30
N VAL A 255 20.45 -4.23 -51.31
CA VAL A 255 19.66 -3.61 -52.37
C VAL A 255 18.82 -4.66 -53.09
N GLN A 256 19.45 -5.78 -53.47
CA GLN A 256 18.74 -6.83 -54.19
C GLN A 256 17.59 -7.38 -53.35
N ALA A 257 17.83 -7.64 -52.07
CA ALA A 257 16.78 -8.18 -51.20
C ALA A 257 15.67 -7.16 -50.95
N THR A 258 16.00 -5.87 -50.99
CA THR A 258 14.97 -4.85 -50.81
C THR A 258 14.10 -4.74 -52.06
N THR A 259 14.70 -4.85 -53.24
CA THR A 259 13.92 -4.69 -54.46
C THR A 259 13.15 -5.95 -54.83
N HIS A 260 13.76 -7.12 -54.65
CA HIS A 260 13.10 -8.40 -54.90
C HIS A 260 12.93 -9.14 -53.58
N TYR A 261 12.04 -8.62 -52.74
CA TYR A 261 11.84 -9.14 -51.39
C TYR A 261 11.02 -10.43 -51.37
N GLN A 262 10.70 -11.01 -52.53
CA GLN A 262 9.97 -12.26 -52.58
C GLN A 262 10.64 -13.34 -53.42
N ASP A 263 11.83 -13.08 -53.95
CA ASP A 263 12.62 -14.10 -54.64
C ASP A 263 13.47 -14.80 -53.58
N TYR A 264 12.92 -15.87 -53.01
CA TYR A 264 13.53 -16.47 -51.83
C TYR A 264 14.81 -17.22 -52.15
N GLU A 265 14.91 -17.81 -53.35
CA GLU A 265 16.16 -18.43 -53.75
C GLU A 265 17.26 -17.39 -53.95
N LEU A 266 16.89 -16.24 -54.50
CA LEU A 266 17.83 -15.13 -54.65
C LEU A 266 18.33 -14.67 -53.28
N ILE A 267 17.41 -14.50 -52.33
CA ILE A 267 17.78 -14.09 -50.98
C ILE A 267 18.67 -15.14 -50.33
N GLY A 268 18.38 -16.42 -50.57
CA GLY A 268 19.21 -17.47 -50.04
C GLY A 268 20.62 -17.44 -50.58
N ARG A 269 20.75 -17.22 -51.90
CA ARG A 269 22.09 -17.11 -52.48
C ARG A 269 22.84 -15.91 -51.92
N LEU A 270 22.17 -14.76 -51.81
CA LEU A 270 22.83 -13.58 -51.28
C LEU A 270 23.26 -13.78 -49.82
N ALA A 271 22.44 -14.49 -49.04
CA ALA A 271 22.83 -14.78 -47.66
C ALA A 271 24.00 -15.76 -47.61
N SER A 272 24.02 -16.73 -48.54
CA SER A 272 25.13 -17.66 -48.60
C SER A 272 26.44 -16.94 -48.93
N GLU A 273 26.38 -15.94 -49.81
CA GLU A 273 27.58 -15.18 -50.14
C GLU A 273 28.14 -14.47 -48.91
N LEU A 274 27.29 -13.76 -48.18
CA LEU A 274 27.72 -13.05 -46.98
C LEU A 274 28.04 -14.03 -45.86
N GLY A 275 28.86 -13.57 -44.91
CA GLY A 275 29.26 -14.42 -43.80
C GLY A 275 29.96 -13.71 -42.67
N THR A 276 29.35 -12.65 -42.13
CA THR A 276 29.92 -11.90 -41.03
C THR A 276 28.84 -11.62 -40.00
N ALA A 277 29.22 -10.90 -38.95
CA ALA A 277 28.29 -10.55 -37.87
C ALA A 277 27.60 -9.21 -38.16
N GLY B 1 -13.31 64.26 -41.29
CA GLY B 1 -12.38 63.15 -41.49
C GLY B 1 -12.88 61.89 -40.79
N ALA B 2 -12.28 61.58 -39.65
CA ALA B 2 -12.68 60.41 -38.87
C ALA B 2 -14.03 60.68 -38.23
N MET B 3 -15.05 59.94 -38.65
CA MET B 3 -16.41 60.11 -38.17
C MET B 3 -16.76 59.04 -37.14
N LYS B 4 -17.56 59.44 -36.15
CA LYS B 4 -18.03 58.53 -35.12
C LYS B 4 -19.39 57.98 -35.52
N ILE B 5 -19.47 56.67 -35.73
CA ILE B 5 -20.71 56.00 -36.14
C ILE B 5 -21.15 55.09 -35.01
N GLY B 6 -22.43 55.15 -34.67
CA GLY B 6 -22.98 54.38 -33.58
C GLY B 6 -23.67 53.11 -34.05
N VAL B 7 -23.57 52.07 -33.22
CA VAL B 7 -24.26 50.80 -33.44
C VAL B 7 -25.10 50.50 -32.21
N LEU B 8 -26.40 50.27 -32.42
CA LEU B 8 -27.32 49.99 -31.33
C LEU B 8 -26.90 48.73 -30.59
N ALA B 9 -26.21 48.90 -29.48
CA ALA B 9 -25.63 47.77 -28.73
C ALA B 9 -26.60 47.20 -27.71
N LEU B 10 -27.88 47.07 -28.05
CA LEU B 10 -28.82 46.44 -27.13
C LEU B 10 -28.75 44.92 -27.23
N GLN B 11 -28.67 44.40 -28.45
CA GLN B 11 -28.55 42.97 -28.68
C GLN B 11 -28.20 42.74 -30.15
N GLY B 12 -27.41 41.70 -30.39
CA GLY B 12 -27.07 41.29 -31.74
C GLY B 12 -25.60 41.46 -32.05
N ALA B 13 -25.28 41.26 -33.33
CA ALA B 13 -23.91 41.31 -33.82
C ALA B 13 -23.44 42.77 -33.86
N VAL B 14 -23.08 43.27 -32.69
CA VAL B 14 -22.57 44.64 -32.57
C VAL B 14 -21.07 44.70 -32.83
N ARG B 15 -20.34 43.67 -32.37
CA ARG B 15 -18.90 43.64 -32.59
C ARG B 15 -18.55 43.61 -34.07
N GLU B 16 -19.33 42.87 -34.86
CA GLU B 16 -19.05 42.80 -36.30
C GLU B 16 -19.30 44.15 -36.98
N HIS B 17 -20.36 44.84 -36.59
CA HIS B 17 -20.62 46.16 -37.16
C HIS B 17 -19.56 47.17 -36.76
N ILE B 18 -19.10 47.11 -35.50
CA ILE B 18 -18.03 48.00 -35.06
C ILE B 18 -16.75 47.70 -35.84
N ARG B 19 -16.46 46.41 -36.06
CA ARG B 19 -15.28 46.04 -36.84
C ARG B 19 -15.38 46.56 -38.27
N HIS B 20 -16.56 46.44 -38.88
CA HIS B 20 -16.72 46.93 -40.26
C HIS B 20 -16.64 48.44 -40.33
N ILE B 21 -17.12 49.15 -39.28
CA ILE B 21 -16.92 50.59 -39.22
C ILE B 21 -15.44 50.92 -39.15
N GLU B 22 -14.69 50.20 -38.32
CA GLU B 22 -13.26 50.43 -38.22
C GLU B 22 -12.53 50.09 -39.51
N LEU B 23 -13.09 49.16 -40.30
CA LEU B 23 -12.48 48.82 -41.59
C LEU B 23 -12.68 49.94 -42.61
N SER B 24 -13.77 50.71 -42.48
CA SER B 24 -14.04 51.82 -43.39
C SER B 24 -13.24 53.06 -43.05
N GLY B 25 -12.43 53.03 -41.99
CA GLY B 25 -11.63 54.18 -41.62
C GLY B 25 -12.29 55.13 -40.64
N HIS B 26 -13.23 54.66 -39.84
CA HIS B 26 -13.95 55.49 -38.90
C HIS B 26 -13.99 54.83 -37.54
N GLU B 27 -14.48 55.58 -36.55
CA GLU B 27 -14.60 55.10 -35.18
C GLU B 27 -16.00 54.62 -34.91
N GLY B 28 -16.11 53.52 -34.17
CA GLY B 28 -17.39 52.92 -33.82
C GLY B 28 -17.72 53.14 -32.35
N ILE B 29 -19.00 53.36 -32.08
CA ILE B 29 -19.49 53.59 -30.72
C ILE B 29 -20.67 52.65 -30.48
N ALA B 30 -20.49 51.73 -29.52
CA ALA B 30 -21.57 50.82 -29.14
C ALA B 30 -22.52 51.56 -28.21
N VAL B 31 -23.67 51.98 -28.74
CA VAL B 31 -24.60 52.79 -27.98
C VAL B 31 -25.58 51.90 -27.23
N LYS B 32 -25.63 52.05 -25.91
CA LYS B 32 -26.60 51.35 -25.08
C LYS B 32 -27.55 52.31 -24.35
N LYS B 33 -27.19 53.58 -24.23
CA LYS B 33 -28.02 54.59 -23.57
C LYS B 33 -28.38 55.67 -24.58
N VAL B 34 -29.51 56.34 -24.32
CA VAL B 34 -30.03 57.33 -25.26
C VAL B 34 -29.06 58.50 -25.41
N GLU B 35 -28.38 58.87 -24.32
CA GLU B 35 -27.50 60.03 -24.35
C GLU B 35 -26.42 59.88 -25.42
N GLN B 36 -25.90 58.67 -25.61
CA GLN B 36 -24.85 58.44 -26.60
C GLN B 36 -25.30 58.79 -28.01
N LEU B 37 -26.62 58.79 -28.26
CA LEU B 37 -27.12 59.20 -29.58
C LEU B 37 -26.71 60.62 -29.92
N GLU B 38 -26.45 61.46 -28.92
CA GLU B 38 -26.03 62.82 -29.17
C GLU B 38 -24.55 62.93 -29.53
N GLU B 39 -23.80 61.83 -29.47
CA GLU B 39 -22.37 61.86 -29.74
C GLU B 39 -22.00 61.25 -31.09
N ILE B 40 -22.93 60.66 -31.82
CA ILE B 40 -22.66 60.01 -33.08
C ILE B 40 -23.34 60.78 -34.21
N GLU B 41 -22.76 60.67 -35.41
CA GLU B 41 -23.33 61.28 -36.60
C GLU B 41 -24.08 60.28 -37.48
N GLY B 42 -24.06 59.00 -37.12
CA GLY B 42 -24.79 58.00 -37.87
C GLY B 42 -25.04 56.79 -36.99
N LEU B 43 -26.12 56.06 -37.31
CA LEU B 43 -26.55 54.93 -36.50
C LEU B 43 -26.74 53.71 -37.38
N ILE B 44 -26.27 52.57 -36.89
CA ILE B 44 -26.46 51.28 -37.53
C ILE B 44 -27.28 50.41 -36.59
N LEU B 45 -28.44 49.97 -37.06
CA LEU B 45 -29.29 49.04 -36.33
C LEU B 45 -28.87 47.62 -36.69
N PRO B 46 -28.15 46.94 -35.80
CA PRO B 46 -27.50 45.68 -36.18
C PRO B 46 -28.48 44.52 -36.29
N GLY B 47 -27.97 43.40 -36.79
CA GLY B 47 -28.76 42.20 -36.90
C GLY B 47 -28.91 41.51 -35.54
N GLY B 48 -30.11 40.98 -35.30
CA GLY B 48 -30.40 40.27 -34.07
C GLY B 48 -31.83 39.76 -34.05
N GLU B 49 -32.44 39.72 -32.88
CA GLU B 49 -33.84 39.34 -32.75
C GLU B 49 -34.68 40.60 -32.67
N SER B 50 -35.55 40.79 -33.68
CA SER B 50 -36.36 42.00 -33.75
C SER B 50 -37.28 42.14 -32.53
N THR B 51 -37.77 41.02 -32.00
CA THR B 51 -38.62 41.06 -30.82
C THR B 51 -37.85 41.59 -29.61
N THR B 52 -36.69 40.99 -29.34
CA THR B 52 -35.85 41.44 -28.23
C THR B 52 -35.44 42.90 -28.43
N LEU B 53 -35.11 43.28 -29.67
CA LEU B 53 -34.68 44.65 -29.92
C LEU B 53 -35.81 45.65 -29.67
N ARG B 54 -37.03 45.31 -30.12
CA ARG B 54 -38.19 46.15 -29.82
C ARG B 54 -38.41 46.26 -28.32
N ARG B 55 -38.35 45.13 -27.61
CA ARG B 55 -38.61 45.14 -26.18
C ARG B 55 -37.57 45.97 -25.44
N LEU B 56 -36.31 45.95 -25.89
CA LEU B 56 -35.27 46.74 -25.24
C LEU B 56 -35.41 48.22 -25.57
N MET B 57 -35.80 48.54 -26.82
CA MET B 57 -35.96 49.94 -27.19
C MET B 57 -37.17 50.58 -26.52
N ASN B 58 -38.24 49.80 -26.29
CA ASN B 58 -39.44 50.33 -25.67
C ASN B 58 -39.27 50.63 -24.19
N LEU B 59 -38.17 50.21 -23.57
CA LEU B 59 -38.04 50.26 -22.12
C LEU B 59 -37.05 51.29 -21.63
N TYR B 60 -36.26 51.91 -22.52
CA TYR B 60 -35.28 52.91 -22.11
C TYR B 60 -35.44 54.22 -22.86
N GLY B 61 -36.63 54.48 -23.40
CA GLY B 61 -36.84 55.69 -24.16
C GLY B 61 -36.20 55.70 -25.52
N PHE B 62 -35.74 54.55 -26.01
CA PHE B 62 -35.07 54.52 -27.32
C PHE B 62 -36.07 54.70 -28.45
N LYS B 63 -37.29 54.21 -28.30
CA LYS B 63 -38.29 54.34 -29.37
C LYS B 63 -38.65 55.80 -29.60
N GLU B 64 -38.93 56.54 -28.53
CA GLU B 64 -39.28 57.95 -28.65
C GLU B 64 -38.07 58.77 -29.12
N ALA B 65 -36.87 58.41 -28.65
CA ALA B 65 -35.68 59.17 -29.03
C ALA B 65 -35.30 58.96 -30.48
N LEU B 66 -35.53 57.76 -31.02
CA LEU B 66 -35.18 57.47 -32.41
C LEU B 66 -36.29 57.83 -33.38
N GLN B 67 -37.55 57.84 -32.92
CA GLN B 67 -38.63 58.30 -33.78
C GLN B 67 -38.55 59.79 -34.04
N ASN B 68 -37.95 60.54 -33.12
CA ASN B 68 -37.82 61.99 -33.24
C ASN B 68 -36.44 62.43 -33.69
N SER B 69 -35.51 61.51 -33.90
CA SER B 69 -34.14 61.86 -34.23
C SER B 69 -33.98 62.07 -35.73
N THR B 70 -33.15 63.04 -36.10
CA THR B 70 -32.85 63.35 -37.49
C THR B 70 -31.58 62.66 -37.98
N LEU B 71 -31.18 61.57 -37.35
CA LEU B 71 -29.94 60.86 -37.64
C LEU B 71 -30.15 59.84 -38.76
N PRO B 72 -29.22 59.75 -39.71
CA PRO B 72 -29.32 58.72 -40.75
C PRO B 72 -29.09 57.34 -40.16
N MET B 73 -29.77 56.35 -40.73
CA MET B 73 -29.78 55.01 -40.15
C MET B 73 -29.52 53.95 -41.22
N PHE B 74 -28.83 52.90 -40.80
CA PHE B 74 -28.49 51.75 -41.64
C PHE B 74 -28.95 50.50 -40.89
N GLY B 75 -30.04 49.89 -41.35
CA GLY B 75 -30.59 48.72 -40.73
C GLY B 75 -30.32 47.47 -41.55
N THR B 76 -29.71 46.48 -40.92
CA THR B 76 -29.56 45.16 -41.50
C THR B 76 -30.81 44.35 -41.19
N CYS B 77 -30.73 43.02 -41.22
CA CYS B 77 -31.83 42.20 -40.73
C CYS B 77 -32.15 42.60 -39.29
N ALA B 78 -33.43 42.46 -38.92
CA ALA B 78 -33.97 42.96 -37.66
C ALA B 78 -33.97 44.48 -37.65
N GLY B 79 -32.80 45.09 -37.93
CA GLY B 79 -32.76 46.54 -38.09
C GLY B 79 -33.65 47.03 -39.21
N LEU B 80 -33.70 46.29 -40.32
CA LEU B 80 -34.64 46.61 -41.38
C LEU B 80 -36.07 46.45 -40.89
N ILE B 81 -36.34 45.41 -40.11
CA ILE B 81 -37.67 45.22 -39.56
C ILE B 81 -38.03 46.35 -38.61
N VAL B 82 -37.07 46.78 -37.80
CA VAL B 82 -37.31 47.87 -36.85
C VAL B 82 -37.53 49.19 -37.58
N LEU B 83 -36.86 49.38 -38.71
CA LEU B 83 -36.95 50.64 -39.46
C LEU B 83 -38.23 50.75 -40.29
N ALA B 84 -38.88 49.64 -40.60
CA ALA B 84 -40.01 49.66 -41.52
C ALA B 84 -41.22 50.37 -40.92
N GLN B 85 -42.05 50.93 -41.80
CA GLN B 85 -43.30 51.55 -41.37
C GLN B 85 -44.40 50.54 -41.10
N ASP B 86 -44.37 49.39 -41.78
CA ASP B 86 -45.39 48.38 -41.62
C ASP B 86 -44.72 47.00 -41.60
N ILE B 87 -45.31 46.10 -40.83
CA ILE B 87 -44.82 44.73 -40.69
C ILE B 87 -46.00 43.78 -40.83
N VAL B 88 -45.89 42.81 -41.74
CA VAL B 88 -46.98 41.87 -41.98
C VAL B 88 -47.22 41.06 -40.72
N GLY B 89 -48.48 41.04 -40.27
CA GLY B 89 -48.86 40.35 -39.06
C GLY B 89 -48.62 41.11 -37.77
N GLU B 90 -47.82 42.16 -37.81
CA GLU B 90 -47.50 42.94 -36.61
C GLU B 90 -47.74 44.41 -36.94
N GLU B 91 -47.08 45.29 -36.18
CA GLU B 91 -47.19 46.73 -36.38
C GLU B 91 -45.80 47.33 -36.61
N GLY B 92 -45.75 48.39 -37.41
CA GLY B 92 -44.50 49.08 -37.65
C GLY B 92 -43.93 49.68 -36.38
N TYR B 93 -42.61 49.88 -36.38
CA TYR B 93 -41.91 50.34 -35.19
C TYR B 93 -41.41 51.74 -35.43
N LEU B 94 -40.17 51.93 -35.89
CA LEU B 94 -39.61 53.27 -36.00
C LEU B 94 -40.26 54.09 -37.10
N ASN B 95 -40.91 53.45 -38.07
CA ASN B 95 -41.65 54.14 -39.13
C ASN B 95 -40.73 55.06 -39.93
N LYS B 96 -39.54 54.57 -40.27
CA LYS B 96 -38.56 55.37 -41.01
C LYS B 96 -38.56 55.09 -42.50
N LEU B 97 -38.85 53.85 -42.91
CA LEU B 97 -38.82 53.46 -44.32
C LEU B 97 -40.24 53.18 -44.78
N ASN B 98 -40.68 53.91 -45.81
CA ASN B 98 -42.03 53.73 -46.35
C ASN B 98 -42.13 52.41 -47.09
N ILE B 99 -42.06 51.29 -46.35
CA ILE B 99 -42.13 49.96 -46.94
C ILE B 99 -42.92 49.04 -46.02
N THR B 100 -43.41 47.96 -46.61
CA THR B 100 -44.09 46.89 -45.88
C THR B 100 -43.22 45.64 -45.99
N VAL B 101 -42.82 45.10 -44.83
CA VAL B 101 -41.85 44.02 -44.73
C VAL B 101 -42.48 42.85 -43.99
N GLN B 102 -42.17 41.63 -44.43
CA GLN B 102 -42.63 40.42 -43.78
C GLN B 102 -41.45 39.71 -43.13
N ARG B 103 -41.60 39.31 -41.87
CA ARG B 103 -40.56 38.61 -41.15
C ARG B 103 -40.54 37.13 -41.51
N ASN B 104 -39.33 36.56 -41.54
CA ASN B 104 -39.10 35.13 -41.75
C ASN B 104 -39.86 34.63 -42.98
N SER B 105 -39.52 35.21 -44.13
CA SER B 105 -40.17 34.81 -45.38
C SER B 105 -39.68 33.44 -45.84
N PHE B 106 -38.38 33.18 -45.71
CA PHE B 106 -37.82 31.89 -46.05
C PHE B 106 -38.11 30.90 -44.91
N GLY B 107 -37.55 29.71 -45.00
CA GLY B 107 -37.69 28.75 -43.92
C GLY B 107 -36.89 29.18 -42.70
N ARG B 108 -36.83 28.27 -41.73
CA ARG B 108 -36.08 28.52 -40.51
C ARG B 108 -34.58 28.39 -40.78
N GLN B 109 -33.78 28.27 -39.72
CA GLN B 109 -32.33 28.21 -39.88
C GLN B 109 -31.88 27.06 -40.77
N VAL B 110 -32.69 26.01 -40.89
CA VAL B 110 -32.36 24.88 -41.77
C VAL B 110 -32.56 25.29 -43.23
N ASP B 111 -32.91 26.57 -43.46
CA ASP B 111 -33.10 27.09 -44.81
C ASP B 111 -32.36 28.40 -45.03
N SER B 112 -31.44 28.76 -44.13
CA SER B 112 -30.61 29.95 -44.33
C SER B 112 -29.50 29.64 -45.33
N PHE B 113 -28.97 30.69 -45.95
CA PHE B 113 -28.09 30.47 -47.09
C PHE B 113 -27.17 31.67 -47.29
N GLU B 114 -26.27 31.53 -48.26
CA GLU B 114 -25.43 32.61 -48.76
C GLU B 114 -25.61 32.73 -50.26
N THR B 115 -25.27 33.89 -50.81
CA THR B 115 -25.35 34.11 -52.24
C THR B 115 -24.54 35.33 -52.63
N GLU B 116 -24.43 35.54 -53.94
CA GLU B 116 -23.86 36.76 -54.50
C GLU B 116 -25.00 37.71 -54.85
N LEU B 117 -24.82 38.99 -54.52
CA LEU B 117 -25.84 40.00 -54.69
C LEU B 117 -25.28 41.17 -55.49
N ASP B 118 -26.02 41.62 -56.49
CA ASP B 118 -25.65 42.78 -57.30
C ASP B 118 -26.49 43.96 -56.81
N ILE B 119 -25.93 44.73 -55.89
CA ILE B 119 -26.63 45.87 -55.31
C ILE B 119 -26.40 47.08 -56.20
N LYS B 120 -27.50 47.72 -56.61
CA LYS B 120 -27.43 48.87 -57.51
C LYS B 120 -26.74 50.04 -56.82
N GLY B 121 -25.55 50.38 -57.30
CA GLY B 121 -24.81 51.53 -56.79
C GLY B 121 -23.70 51.20 -55.82
N ILE B 122 -23.46 49.94 -55.51
CA ILE B 122 -22.39 49.56 -54.58
C ILE B 122 -21.41 48.63 -55.27
N ALA B 123 -21.82 47.39 -55.49
CA ALA B 123 -20.96 46.40 -56.12
C ALA B 123 -21.84 45.34 -56.79
N THR B 124 -21.20 44.54 -57.64
CA THR B 124 -21.88 43.49 -58.39
C THR B 124 -21.65 42.10 -57.81
N ASP B 125 -20.89 41.99 -56.72
CA ASP B 125 -20.56 40.69 -56.14
C ASP B 125 -20.49 40.80 -54.61
N ILE B 126 -21.51 41.41 -54.02
CA ILE B 126 -21.59 41.48 -52.56
C ILE B 126 -21.91 40.09 -52.03
N GLU B 127 -21.21 39.68 -50.97
CA GLU B 127 -21.40 38.36 -50.38
C GLU B 127 -22.50 38.47 -49.33
N GLY B 128 -23.72 38.10 -49.72
CA GLY B 128 -24.88 38.25 -48.85
C GLY B 128 -25.17 36.96 -48.09
N VAL B 129 -25.39 37.10 -46.78
CA VAL B 129 -25.70 35.99 -45.91
C VAL B 129 -27.11 36.21 -45.36
N PHE B 130 -28.03 35.30 -45.66
CA PHE B 130 -29.42 35.39 -45.22
C PHE B 130 -29.63 34.34 -44.14
N ILE B 131 -29.91 34.79 -42.93
CA ILE B 131 -30.13 33.93 -41.77
C ILE B 131 -31.54 34.24 -41.25
N ARG B 132 -32.50 33.39 -41.62
CA ARG B 132 -33.91 33.63 -41.32
C ARG B 132 -34.31 35.07 -41.66
N ALA B 133 -33.82 35.55 -42.80
CA ALA B 133 -33.93 36.96 -43.14
C ALA B 133 -35.34 37.30 -43.62
N PRO B 134 -35.78 38.52 -43.39
CA PRO B 134 -37.06 38.98 -43.92
C PRO B 134 -36.92 39.37 -45.38
N HIS B 135 -38.03 39.81 -45.97
CA HIS B 135 -38.02 40.37 -47.31
C HIS B 135 -39.05 41.49 -47.37
N ILE B 136 -38.75 42.49 -48.19
CA ILE B 136 -39.58 43.69 -48.27
C ILE B 136 -40.73 43.40 -49.24
N GLU B 137 -41.96 43.37 -48.70
CA GLU B 137 -43.12 43.00 -49.52
C GLU B 137 -43.51 44.13 -50.46
N LYS B 138 -43.58 45.35 -49.96
CA LYS B 138 -44.05 46.48 -50.76
C LYS B 138 -43.20 47.71 -50.49
N VAL B 139 -43.06 48.55 -51.52
CA VAL B 139 -42.33 49.80 -51.42
C VAL B 139 -43.29 50.97 -51.61
N GLY B 140 -42.93 52.11 -51.04
CA GLY B 140 -43.69 53.34 -51.17
C GLY B 140 -43.07 54.29 -52.17
N GLN B 141 -43.51 55.54 -52.11
CA GLN B 141 -43.00 56.58 -53.00
C GLN B 141 -41.66 57.10 -52.47
N GLY B 142 -40.66 57.13 -53.33
CA GLY B 142 -39.34 57.61 -52.96
C GLY B 142 -38.39 56.57 -52.42
N VAL B 143 -38.69 55.28 -52.59
CA VAL B 143 -37.88 54.19 -52.09
C VAL B 143 -37.16 53.55 -53.26
N ASP B 144 -35.84 53.71 -53.32
CA ASP B 144 -35.04 53.07 -54.36
C ASP B 144 -34.85 51.60 -54.01
N ILE B 145 -35.14 50.72 -54.97
CA ILE B 145 -34.97 49.29 -54.79
C ILE B 145 -33.57 48.92 -55.30
N LEU B 146 -32.67 48.60 -54.37
CA LEU B 146 -31.28 48.38 -54.73
C LEU B 146 -30.99 46.93 -55.12
N CYS B 147 -31.62 45.95 -54.46
CA CYS B 147 -31.30 44.56 -54.76
C CYS B 147 -32.48 43.66 -54.44
N LYS B 148 -32.73 42.71 -55.34
CA LYS B 148 -33.80 41.73 -55.23
C LYS B 148 -33.26 40.33 -55.56
N VAL B 149 -33.89 39.31 -54.98
CA VAL B 149 -33.52 37.91 -55.19
C VAL B 149 -34.80 37.12 -55.48
N ASN B 150 -34.96 36.72 -56.75
CA ASN B 150 -36.15 35.98 -57.20
C ASN B 150 -37.41 36.83 -57.04
N GLU B 151 -37.36 38.04 -57.60
CA GLU B 151 -38.46 38.99 -57.57
C GLU B 151 -38.81 39.41 -56.15
N LYS B 152 -38.10 38.87 -55.15
CA LYS B 152 -38.24 39.27 -53.76
C LYS B 152 -37.11 40.22 -53.41
N ILE B 153 -37.46 41.50 -53.21
CA ILE B 153 -36.46 42.53 -52.97
C ILE B 153 -35.95 42.43 -51.53
N VAL B 154 -34.68 42.76 -51.35
CA VAL B 154 -34.02 42.55 -50.06
C VAL B 154 -33.14 43.73 -49.66
N ALA B 155 -32.95 44.68 -50.57
CA ALA B 155 -32.10 45.83 -50.28
C ALA B 155 -32.70 47.09 -50.88
N VAL B 156 -33.02 48.06 -50.01
CA VAL B 156 -33.63 49.33 -50.42
C VAL B 156 -32.91 50.49 -49.75
N GLN B 157 -33.14 51.69 -50.31
CA GLN B 157 -32.55 52.92 -49.78
C GLN B 157 -33.51 54.06 -50.03
N GLN B 158 -33.92 54.74 -48.96
CA GLN B 158 -34.79 55.91 -49.04
C GLN B 158 -34.04 57.09 -48.43
N GLY B 159 -33.47 57.94 -49.30
CA GLY B 159 -32.77 59.13 -48.85
C GLY B 159 -31.61 58.86 -47.91
N LYS B 160 -31.76 59.25 -46.66
CA LYS B 160 -30.73 59.04 -45.64
C LYS B 160 -30.94 57.76 -44.84
N TYR B 161 -31.77 56.85 -45.32
CA TYR B 161 -32.06 55.59 -44.65
C TYR B 161 -31.71 54.44 -45.58
N LEU B 162 -31.00 53.44 -45.05
CA LEU B 162 -30.57 52.30 -45.85
C LEU B 162 -30.99 51.03 -45.16
N GLY B 163 -31.68 50.14 -45.87
CA GLY B 163 -32.16 48.90 -45.30
C GLY B 163 -31.76 47.70 -46.15
N VAL B 164 -31.31 46.64 -45.47
CA VAL B 164 -30.94 45.41 -46.14
C VAL B 164 -31.50 44.24 -45.35
N SER B 165 -31.89 43.19 -46.07
CA SER B 165 -32.41 41.98 -45.42
C SER B 165 -31.29 41.05 -45.00
N PHE B 166 -30.17 41.05 -45.70
CA PHE B 166 -29.03 40.21 -45.39
C PHE B 166 -28.14 40.87 -44.35
N ASN B 167 -27.12 40.12 -43.91
CA ASN B 167 -26.18 40.60 -42.90
C ASN B 167 -24.78 40.62 -43.48
N PRO B 168 -24.31 41.76 -44.00
CA PRO B 168 -22.94 41.83 -44.55
C PRO B 168 -21.87 41.87 -43.47
N GLU B 169 -22.22 42.13 -42.22
CA GLU B 169 -21.22 42.22 -41.16
C GLU B 169 -20.57 40.87 -40.87
N LEU B 170 -21.26 39.77 -41.18
CA LEU B 170 -20.71 38.45 -40.93
C LEU B 170 -19.62 38.07 -41.92
N THR B 171 -19.44 38.85 -42.99
CA THR B 171 -18.41 38.58 -43.99
C THR B 171 -17.24 39.53 -43.79
N ASP B 172 -16.20 39.34 -44.59
CA ASP B 172 -15.04 40.23 -44.61
C ASP B 172 -15.21 41.39 -45.57
N ASP B 173 -16.30 41.43 -46.33
CA ASP B 173 -16.57 42.49 -47.29
C ASP B 173 -17.30 43.62 -46.57
N TYR B 174 -16.64 44.78 -46.46
CA TYR B 174 -17.15 45.92 -45.71
C TYR B 174 -17.64 47.04 -46.62
N ARG B 175 -17.98 46.73 -47.87
CA ARG B 175 -18.31 47.76 -48.84
C ARG B 175 -19.65 48.41 -48.53
N VAL B 176 -20.57 47.69 -47.89
CA VAL B 176 -21.90 48.25 -47.62
C VAL B 176 -21.81 49.33 -46.54
N THR B 177 -21.11 49.04 -45.44
CA THR B 177 -20.92 50.04 -44.40
C THR B 177 -20.10 51.23 -44.92
N ASP B 178 -19.10 50.94 -45.77
CA ASP B 178 -18.33 52.02 -46.38
C ASP B 178 -19.23 52.93 -47.21
N TYR B 179 -20.09 52.34 -48.05
CA TYR B 179 -21.02 53.14 -48.84
C TYR B 179 -21.94 53.95 -47.95
N PHE B 180 -22.49 53.33 -46.91
CA PHE B 180 -23.38 54.04 -45.99
C PHE B 180 -22.68 55.25 -45.38
N ILE B 181 -21.45 55.07 -44.89
CA ILE B 181 -20.78 56.15 -44.18
C ILE B 181 -20.36 57.26 -45.16
N ASN B 182 -19.88 56.89 -46.35
CA ASN B 182 -19.31 57.87 -47.25
C ASN B 182 -20.32 58.53 -48.18
N HIS B 183 -21.50 57.94 -48.38
CA HIS B 183 -22.47 58.48 -49.33
C HIS B 183 -23.83 58.78 -48.70
N ILE B 184 -24.00 58.59 -47.40
CA ILE B 184 -25.26 58.92 -46.74
C ILE B 184 -24.97 59.82 -45.55
N VAL B 185 -24.11 59.36 -44.64
CA VAL B 185 -23.75 60.18 -43.48
C VAL B 185 -22.90 61.37 -43.92
N LYS B 186 -22.05 61.18 -44.94
CA LYS B 186 -21.22 62.25 -45.47
C LYS B 186 -21.94 63.09 -46.50
N LYS B 187 -23.25 63.26 -46.37
CA LYS B 187 -24.03 64.04 -47.33
C LYS B 187 -24.95 65.02 -46.61
N SER C 4 -25.74 31.43 -55.96
CA SER C 4 -26.74 30.38 -55.92
C SER C 4 -27.41 30.32 -54.55
N LYS C 5 -27.22 29.19 -53.84
CA LYS C 5 -27.82 28.98 -52.53
C LYS C 5 -26.86 28.13 -51.71
N ILE C 6 -25.82 28.77 -51.18
CA ILE C 6 -24.83 28.09 -50.34
C ILE C 6 -25.43 27.83 -48.97
N ILE C 7 -26.27 26.79 -48.87
CA ILE C 7 -26.94 26.46 -47.63
C ILE C 7 -26.12 25.42 -46.87
N GLY C 8 -25.97 25.62 -45.57
CA GLY C 8 -25.25 24.70 -44.72
C GLY C 8 -23.79 25.05 -44.50
N SER C 9 -23.29 26.13 -45.07
CA SER C 9 -21.92 26.55 -44.84
C SER C 9 -21.71 26.86 -43.37
N ASP C 10 -20.51 26.51 -42.86
CA ASP C 10 -20.22 26.69 -41.45
C ASP C 10 -20.44 28.13 -41.00
N ARG C 11 -20.18 29.10 -41.88
CA ARG C 11 -20.36 30.49 -41.53
C ARG C 11 -21.83 30.78 -41.19
N VAL C 12 -22.76 30.17 -41.92
CA VAL C 12 -24.17 30.37 -41.62
C VAL C 12 -24.53 29.72 -40.29
N LYS C 13 -24.09 28.47 -40.09
CA LYS C 13 -24.33 27.77 -38.83
C LYS C 13 -23.90 28.61 -37.63
N ARG C 14 -22.66 29.08 -37.64
CA ARG C 14 -22.17 29.83 -36.48
C ARG C 14 -22.61 31.29 -36.47
N GLY C 15 -23.05 31.83 -37.61
CA GLY C 15 -23.61 33.17 -37.59
C GLY C 15 -24.99 33.23 -36.98
N MET C 16 -25.78 32.17 -37.18
CA MET C 16 -27.06 32.07 -36.49
C MET C 16 -26.91 32.29 -34.99
N ALA C 17 -25.80 31.87 -34.41
CA ALA C 17 -25.54 32.12 -33.00
C ALA C 17 -24.72 33.37 -32.75
N GLU C 18 -23.91 33.79 -33.73
CA GLU C 18 -23.09 34.99 -33.55
C GLU C 18 -23.95 36.24 -33.53
N MET C 19 -25.01 36.27 -34.32
CA MET C 19 -25.99 37.35 -34.22
C MET C 19 -27.09 37.01 -33.22
N GLN C 20 -26.80 36.13 -32.27
CA GLN C 20 -27.67 35.84 -31.13
C GLN C 20 -27.09 36.33 -29.81
N LYS C 21 -25.82 36.73 -29.78
CA LYS C 21 -25.17 37.10 -28.54
C LYS C 21 -25.72 38.43 -28.02
N GLY C 22 -25.59 38.62 -26.70
CA GLY C 22 -26.15 39.76 -26.04
C GLY C 22 -27.53 39.54 -25.45
N GLY C 23 -28.16 38.40 -25.76
CA GLY C 23 -29.47 38.07 -25.25
C GLY C 23 -29.46 36.77 -24.47
N VAL C 24 -30.62 36.45 -23.92
CA VAL C 24 -30.78 35.29 -23.06
C VAL C 24 -31.76 34.32 -23.71
N ILE C 25 -31.40 33.04 -23.71
CA ILE C 25 -32.28 31.96 -24.17
C ILE C 25 -32.77 31.23 -22.92
N MET C 26 -34.06 31.31 -22.65
CA MET C 26 -34.67 30.61 -21.53
C MET C 26 -35.40 29.38 -22.05
N ASP C 27 -35.31 28.29 -21.30
CA ASP C 27 -35.98 27.09 -21.78
C ASP C 27 -37.48 27.16 -21.50
N VAL C 28 -38.23 26.27 -22.13
CA VAL C 28 -39.68 26.39 -22.16
C VAL C 28 -40.29 24.99 -22.22
N VAL C 29 -41.45 24.84 -21.58
CA VAL C 29 -42.17 23.57 -21.54
C VAL C 29 -43.38 23.58 -22.46
N ASN C 30 -44.14 24.68 -22.49
CA ASN C 30 -45.37 24.74 -23.27
C ASN C 30 -45.42 26.05 -24.04
N ALA C 31 -46.43 26.17 -24.92
CA ALA C 31 -46.48 27.29 -25.85
C ALA C 31 -46.57 28.64 -25.13
N GLU C 32 -47.36 28.70 -24.05
CA GLU C 32 -47.59 29.97 -23.38
C GLU C 32 -46.37 30.43 -22.59
N GLN C 33 -45.53 29.50 -22.13
CA GLN C 33 -44.27 29.93 -21.53
C GLN C 33 -43.36 30.51 -22.60
N ALA C 34 -43.44 29.99 -23.82
CA ALA C 34 -42.71 30.59 -24.93
C ALA C 34 -43.28 31.97 -25.26
N ARG C 35 -44.60 32.14 -25.11
CA ARG C 35 -45.20 33.47 -25.26
C ARG C 35 -44.59 34.44 -24.26
N ILE C 36 -44.50 34.03 -22.99
CA ILE C 36 -43.91 34.87 -21.96
C ILE C 36 -42.46 35.18 -22.29
N ALA C 37 -41.71 34.17 -22.73
CA ALA C 37 -40.30 34.37 -23.08
C ALA C 37 -40.15 35.37 -24.22
N GLU C 38 -41.00 35.25 -25.25
CA GLU C 38 -40.92 36.17 -26.38
C GLU C 38 -41.27 37.59 -25.95
N GLU C 39 -42.38 37.76 -25.23
CA GLU C 39 -42.78 39.09 -24.79
C GLU C 39 -41.95 39.61 -23.62
N ALA C 40 -40.96 38.84 -23.16
CA ALA C 40 -40.04 39.30 -22.13
C ALA C 40 -38.68 39.72 -22.67
N GLY C 41 -38.41 39.48 -23.95
CA GLY C 41 -37.15 39.85 -24.55
C GLY C 41 -36.16 38.73 -24.78
N ALA C 42 -36.61 37.48 -24.75
CA ALA C 42 -35.71 36.37 -25.02
C ALA C 42 -35.33 36.32 -26.48
N VAL C 43 -34.08 35.95 -26.76
CA VAL C 43 -33.63 35.83 -28.14
C VAL C 43 -33.98 34.48 -28.75
N ALA C 44 -34.33 33.49 -27.92
CA ALA C 44 -34.73 32.17 -28.37
C ALA C 44 -35.24 31.38 -27.18
N VAL C 45 -35.92 30.28 -27.47
CA VAL C 45 -36.48 29.42 -26.44
C VAL C 45 -35.95 28.00 -26.62
N MET C 46 -35.80 27.30 -25.50
CA MET C 46 -35.31 25.92 -25.49
C MET C 46 -36.49 25.00 -25.14
N ALA C 47 -37.03 24.35 -26.16
CA ALA C 47 -38.19 23.47 -25.98
C ALA C 47 -37.76 22.16 -25.34
N LEU C 48 -38.35 21.83 -24.19
CA LEU C 48 -38.12 20.56 -23.52
C LEU C 48 -39.41 20.14 -22.82
N GLU C 49 -39.48 18.85 -22.50
CA GLU C 49 -40.70 18.29 -21.92
C GLU C 49 -40.70 18.31 -20.40
N ARG C 50 -39.59 17.90 -19.78
CA ARG C 50 -39.49 17.89 -18.33
C ARG C 50 -38.20 18.53 -17.86
N ALA C 58 -32.30 12.54 -12.08
CA ALA C 58 -32.14 11.71 -10.89
C ALA C 58 -33.43 10.96 -10.57
N GLY C 59 -34.27 10.79 -11.59
CA GLY C 59 -35.53 10.09 -11.42
C GLY C 59 -35.78 9.04 -12.49
N GLY C 60 -35.00 9.10 -13.57
CA GLY C 60 -35.15 8.16 -14.65
C GLY C 60 -34.22 8.43 -15.81
N VAL C 61 -34.71 8.23 -17.04
CA VAL C 61 -33.94 8.48 -18.25
C VAL C 61 -34.65 9.55 -19.07
N ALA C 62 -33.94 10.63 -19.36
CA ALA C 62 -34.50 11.75 -20.11
C ALA C 62 -34.27 11.56 -21.60
N ARG C 63 -35.31 11.82 -22.39
CA ARG C 63 -35.23 11.65 -23.84
C ARG C 63 -35.47 12.97 -24.55
N MET C 64 -35.75 12.90 -25.85
CA MET C 64 -36.18 14.06 -26.60
C MET C 64 -37.59 14.48 -26.17
N ALA C 65 -37.83 15.79 -26.16
CA ALA C 65 -39.18 16.28 -25.93
C ALA C 65 -40.06 15.92 -27.11
N ASN C 66 -41.21 15.30 -26.83
CA ASN C 66 -42.16 14.82 -27.83
C ASN C 66 -42.37 15.83 -28.94
N PRO C 67 -42.27 15.42 -30.21
CA PRO C 67 -42.46 16.36 -31.32
C PRO C 67 -43.74 17.17 -31.23
N LYS C 68 -44.79 16.64 -30.59
CA LYS C 68 -46.02 17.40 -30.43
C LYS C 68 -45.78 18.66 -29.59
N ILE C 69 -45.06 18.52 -28.48
CA ILE C 69 -44.82 19.68 -27.62
C ILE C 69 -43.85 20.65 -28.28
N VAL C 70 -42.90 20.13 -29.08
CA VAL C 70 -41.97 21.00 -29.79
C VAL C 70 -42.72 21.79 -30.86
N GLU C 71 -43.67 21.17 -31.55
CA GLU C 71 -44.47 21.89 -32.53
C GLU C 71 -45.39 22.90 -31.84
N GLU C 72 -45.92 22.55 -30.67
CA GLU C 72 -46.73 23.49 -29.91
C GLU C 72 -45.92 24.73 -29.53
N VAL C 73 -44.68 24.54 -29.11
CA VAL C 73 -43.83 25.69 -28.79
C VAL C 73 -43.44 26.44 -30.06
N MET C 74 -43.25 25.73 -31.17
CA MET C 74 -42.81 26.34 -32.42
C MET C 74 -43.87 27.28 -32.97
N ASN C 75 -45.13 26.83 -33.00
CA ASN C 75 -46.20 27.62 -33.58
C ASN C 75 -46.60 28.82 -32.73
N ALA C 76 -46.07 28.93 -31.52
CA ALA C 76 -46.49 30.00 -30.61
C ALA C 76 -45.59 31.23 -30.65
N VAL C 77 -44.38 31.12 -31.19
CA VAL C 77 -43.42 32.21 -31.16
C VAL C 77 -42.80 32.42 -32.54
N SER C 78 -42.30 33.63 -32.76
CA SER C 78 -41.58 33.98 -33.97
C SER C 78 -40.07 34.00 -33.77
N ILE C 79 -39.61 33.93 -32.52
CA ILE C 79 -38.20 33.87 -32.21
C ILE C 79 -37.73 32.44 -32.44
N PRO C 80 -36.44 32.17 -32.64
CA PRO C 80 -36.01 30.80 -32.92
C PRO C 80 -36.26 29.88 -31.73
N VAL C 81 -36.64 28.65 -32.04
CA VAL C 81 -36.88 27.63 -31.03
C VAL C 81 -35.86 26.52 -31.23
N MET C 82 -35.22 26.09 -30.14
CA MET C 82 -34.22 25.05 -30.18
C MET C 82 -34.62 23.92 -29.23
N ALA C 83 -34.32 22.69 -29.62
CA ALA C 83 -34.69 21.51 -28.86
C ALA C 83 -33.45 20.71 -28.48
N LYS C 84 -33.61 19.87 -27.46
CA LYS C 84 -32.49 19.10 -26.91
C LYS C 84 -32.53 17.67 -27.42
N ALA C 85 -31.36 17.14 -27.75
CA ALA C 85 -31.21 15.76 -28.20
C ALA C 85 -30.19 15.05 -27.31
N ARG C 86 -30.35 13.73 -27.19
CA ARG C 86 -29.44 12.95 -26.37
C ARG C 86 -28.06 12.87 -26.99
N ILE C 87 -27.05 12.69 -26.14
CA ILE C 87 -25.67 12.67 -26.61
C ILE C 87 -25.47 11.51 -27.57
N GLY C 88 -24.96 11.81 -28.76
CA GLY C 88 -24.69 10.79 -29.75
C GLY C 88 -25.92 10.14 -30.36
N HIS C 89 -27.11 10.67 -30.08
CA HIS C 89 -28.35 10.11 -30.63
C HIS C 89 -28.53 10.65 -32.05
N ILE C 90 -28.23 9.82 -33.04
CA ILE C 90 -28.25 10.27 -34.43
C ILE C 90 -29.69 10.55 -34.87
N THR C 91 -30.58 9.56 -34.71
CA THR C 91 -31.94 9.71 -35.20
C THR C 91 -32.72 10.78 -34.44
N GLU C 92 -32.38 11.01 -33.17
CA GLU C 92 -33.04 12.07 -32.42
C GLU C 92 -32.72 13.44 -33.02
N ALA C 93 -31.44 13.71 -33.25
CA ALA C 93 -31.04 14.96 -33.88
C ALA C 93 -31.60 15.06 -35.29
N ARG C 94 -31.68 13.93 -36.01
CA ARG C 94 -32.25 13.96 -37.36
C ARG C 94 -33.74 14.30 -37.33
N VAL C 95 -34.47 13.76 -36.36
CA VAL C 95 -35.89 14.07 -36.24
C VAL C 95 -36.08 15.53 -35.88
N LEU C 96 -35.27 16.05 -34.96
CA LEU C 96 -35.34 17.46 -34.63
C LEU C 96 -34.99 18.34 -35.83
N GLU C 97 -34.06 17.89 -36.66
CA GLU C 97 -33.71 18.63 -37.87
C GLU C 97 -34.85 18.63 -38.88
N ALA C 98 -35.53 17.49 -39.02
CA ALA C 98 -36.63 17.39 -39.98
C ALA C 98 -37.78 18.32 -39.62
N MET C 99 -37.98 18.59 -38.33
CA MET C 99 -39.03 19.50 -37.88
C MET C 99 -38.69 20.97 -38.09
N GLY C 100 -37.47 21.27 -38.56
CA GLY C 100 -37.07 22.65 -38.77
C GLY C 100 -36.53 23.36 -37.56
N VAL C 101 -36.23 22.64 -36.47
CA VAL C 101 -35.71 23.28 -35.27
C VAL C 101 -34.44 24.05 -35.60
N ASP C 102 -34.35 25.28 -35.07
CA ASP C 102 -33.27 26.18 -35.43
C ASP C 102 -31.93 25.73 -34.85
N TYR C 103 -31.94 25.09 -33.69
CA TYR C 103 -30.72 24.63 -33.05
C TYR C 103 -31.00 23.35 -32.28
N ILE C 104 -30.05 22.42 -32.33
CA ILE C 104 -30.09 21.22 -31.49
C ILE C 104 -28.99 21.33 -30.45
N ASP C 105 -29.34 21.12 -29.19
CA ASP C 105 -28.38 21.13 -28.10
C ASP C 105 -28.00 19.69 -27.81
N GLU C 106 -26.79 19.30 -28.21
CA GLU C 106 -26.27 17.98 -27.83
C GLU C 106 -26.01 18.03 -26.33
N SER C 107 -27.07 17.85 -25.56
CA SER C 107 -27.09 18.22 -24.15
C SER C 107 -26.70 17.03 -23.28
N GLU C 108 -25.74 17.25 -22.39
CA GLU C 108 -25.39 16.29 -21.37
C GLU C 108 -26.39 16.25 -20.22
N VAL C 109 -27.35 17.19 -20.19
CA VAL C 109 -28.38 17.16 -19.16
C VAL C 109 -29.29 15.95 -19.35
N LEU C 110 -29.75 15.72 -20.59
CA LEU C 110 -30.45 14.49 -20.90
C LEU C 110 -29.52 13.30 -20.75
N THR C 111 -30.10 12.14 -20.45
CA THR C 111 -29.32 10.92 -20.39
C THR C 111 -28.66 10.68 -21.75
N PRO C 112 -27.34 10.48 -21.79
CA PRO C 112 -26.67 10.25 -23.08
C PRO C 112 -27.22 9.01 -23.77
N ALA C 113 -26.91 8.92 -25.06
CA ALA C 113 -27.15 7.70 -25.83
C ALA C 113 -25.88 7.00 -26.25
N ASP C 114 -24.75 7.73 -26.30
CA ASP C 114 -23.45 7.17 -26.68
C ASP C 114 -22.44 7.72 -25.67
N GLU C 115 -22.14 6.93 -24.64
CA GLU C 115 -21.23 7.39 -23.59
C GLU C 115 -19.80 7.54 -24.07
N GLU C 116 -19.48 7.14 -25.30
CA GLU C 116 -18.13 7.21 -25.83
C GLU C 116 -17.98 8.26 -26.92
N TYR C 117 -18.90 8.28 -27.89
CA TYR C 117 -18.74 9.07 -29.10
C TYR C 117 -19.88 10.07 -29.23
N HIS C 118 -19.54 11.33 -29.47
CA HIS C 118 -20.54 12.37 -29.66
C HIS C 118 -21.11 12.31 -31.08
N LEU C 119 -22.05 13.21 -31.36
CA LEU C 119 -22.69 13.24 -32.67
C LEU C 119 -21.71 13.70 -33.75
N ARG C 120 -22.03 13.30 -34.98
CA ARG C 120 -21.26 13.73 -36.16
C ARG C 120 -21.91 14.99 -36.73
N LYS C 121 -21.67 16.09 -36.02
CA LYS C 121 -22.45 17.32 -36.22
C LYS C 121 -22.24 17.96 -37.58
N ASP C 122 -21.11 17.70 -38.24
CA ASP C 122 -20.87 18.30 -39.55
C ASP C 122 -21.64 17.62 -40.67
N GLN C 123 -22.30 16.48 -40.39
CA GLN C 123 -23.18 15.87 -41.37
C GLN C 123 -24.54 16.56 -41.46
N PHE C 124 -24.95 17.25 -40.40
CA PHE C 124 -26.25 17.91 -40.38
C PHE C 124 -26.17 19.28 -41.05
N THR C 125 -27.32 19.76 -41.49
CA THR C 125 -27.46 21.12 -42.01
C THR C 125 -28.02 22.08 -40.98
N VAL C 126 -28.36 21.60 -39.79
CA VAL C 126 -28.84 22.43 -38.69
C VAL C 126 -27.69 22.66 -37.73
N PRO C 127 -27.45 23.89 -37.27
CA PRO C 127 -26.34 24.12 -36.35
C PRO C 127 -26.61 23.49 -34.99
N PHE C 128 -25.53 23.14 -34.30
CA PHE C 128 -25.58 22.49 -33.01
C PHE C 128 -24.94 23.36 -31.94
N VAL C 129 -25.36 23.17 -30.70
CA VAL C 129 -24.74 23.78 -29.54
C VAL C 129 -24.39 22.69 -28.54
N CYS C 130 -23.18 22.76 -28.00
CA CYS C 130 -22.65 21.74 -27.11
C CYS C 130 -22.08 22.38 -25.85
N GLY C 131 -21.98 21.57 -24.80
CA GLY C 131 -21.42 22.03 -23.55
C GLY C 131 -19.93 21.74 -23.43
N CYS C 132 -19.24 22.60 -22.68
CA CYS C 132 -17.81 22.47 -22.51
C CYS C 132 -17.41 22.96 -21.13
N ARG C 133 -16.29 22.43 -20.63
CA ARG C 133 -15.73 22.83 -19.35
C ARG C 133 -14.30 23.34 -19.45
N ASN C 134 -13.64 23.14 -20.59
CA ASN C 134 -12.29 23.62 -20.81
C ASN C 134 -12.07 23.75 -22.31
N LEU C 135 -10.88 24.23 -22.70
CA LEU C 135 -10.58 24.40 -24.10
C LEU C 135 -10.52 23.05 -24.83
N GLY C 136 -10.16 21.99 -24.12
CA GLY C 136 -10.14 20.66 -24.71
C GLY C 136 -11.49 20.21 -25.21
N GLU C 137 -12.49 20.20 -24.32
CA GLU C 137 -13.83 19.80 -24.71
C GLU C 137 -14.40 20.73 -25.77
N ALA C 138 -14.14 22.03 -25.64
CA ALA C 138 -14.65 22.99 -26.63
C ALA C 138 -14.08 22.72 -28.01
N ALA C 139 -12.76 22.52 -28.09
CA ALA C 139 -12.13 22.24 -29.37
C ALA C 139 -12.58 20.90 -29.94
N ARG C 140 -12.80 19.91 -29.07
CA ARG C 140 -13.29 18.63 -29.54
C ARG C 140 -14.70 18.75 -30.12
N ARG C 141 -15.57 19.50 -29.45
CA ARG C 141 -16.92 19.73 -29.97
C ARG C 141 -16.88 20.48 -31.29
N ILE C 142 -16.03 21.50 -31.39
CA ILE C 142 -15.88 22.24 -32.65
C ILE C 142 -15.41 21.31 -33.75
N GLY C 143 -14.44 20.45 -33.45
CA GLY C 143 -13.97 19.50 -34.45
C GLY C 143 -15.05 18.54 -34.90
N GLU C 144 -15.89 18.08 -33.97
CA GLU C 144 -17.01 17.23 -34.36
C GLU C 144 -18.07 17.98 -35.16
N GLY C 145 -17.98 19.30 -35.25
CA GLY C 145 -18.90 20.07 -36.05
C GLY C 145 -19.84 20.99 -35.29
N ALA C 146 -19.61 21.21 -33.99
CA ALA C 146 -20.48 22.10 -33.24
C ALA C 146 -20.38 23.53 -33.76
N ALA C 147 -21.51 24.23 -33.76
CA ALA C 147 -21.59 25.60 -34.25
C ALA C 147 -21.92 26.59 -33.13
N MET C 148 -21.78 26.18 -31.88
CA MET C 148 -22.06 27.02 -30.72
C MET C 148 -21.64 26.27 -29.47
N LEU C 149 -21.22 27.02 -28.46
CA LEU C 149 -20.74 26.44 -27.21
C LEU C 149 -21.39 27.11 -26.02
N ARG C 150 -21.54 26.33 -24.95
CA ARG C 150 -22.07 26.82 -23.68
C ARG C 150 -21.31 26.13 -22.56
N THR C 151 -21.44 26.69 -21.36
CA THR C 151 -20.84 26.07 -20.18
C THR C 151 -21.72 24.95 -19.67
N LYS C 152 -21.07 23.87 -19.21
CA LYS C 152 -21.83 22.75 -18.65
C LYS C 152 -22.54 23.15 -17.36
N GLY C 153 -21.85 23.86 -16.48
CA GLY C 153 -22.40 24.35 -15.22
C GLY C 153 -22.95 23.22 -14.37
N GLU C 154 -23.90 23.58 -13.52
CA GLU C 154 -24.60 22.62 -12.65
C GLU C 154 -26.09 22.84 -12.84
N PRO C 155 -26.69 22.21 -13.85
CA PRO C 155 -28.11 22.46 -14.13
C PRO C 155 -29.01 21.99 -13.00
N GLY C 156 -30.05 22.77 -12.74
CA GLY C 156 -31.04 22.44 -11.73
C GLY C 156 -30.61 22.71 -10.30
N THR C 157 -29.54 23.46 -10.09
CA THR C 157 -29.07 23.79 -8.76
C THR C 157 -29.11 25.27 -8.42
N GLY C 158 -29.17 26.15 -9.41
CA GLY C 158 -29.07 27.57 -9.15
C GLY C 158 -27.74 28.03 -8.60
N ASN C 159 -26.72 27.18 -8.66
CA ASN C 159 -25.40 27.49 -8.12
C ASN C 159 -24.48 27.87 -9.28
N ILE C 160 -24.02 29.12 -9.28
CA ILE C 160 -23.23 29.65 -10.39
C ILE C 160 -21.77 29.21 -10.36
N VAL C 161 -21.35 28.47 -9.32
CA VAL C 161 -19.94 28.14 -9.15
C VAL C 161 -19.39 27.44 -10.39
N GLU C 162 -20.12 26.45 -10.91
CA GLU C 162 -19.59 25.65 -12.00
C GLU C 162 -19.56 26.44 -13.30
N ALA C 163 -20.57 27.28 -13.54
CA ALA C 163 -20.56 28.13 -14.72
C ALA C 163 -19.37 29.08 -14.70
N VAL C 164 -19.13 29.72 -13.55
CA VAL C 164 -17.97 30.60 -13.40
C VAL C 164 -16.68 29.82 -13.67
N ARG C 165 -16.56 28.64 -13.06
CA ARG C 165 -15.34 27.85 -13.20
C ARG C 165 -15.09 27.49 -14.67
N HIS C 166 -16.11 26.99 -15.35
CA HIS C 166 -15.94 26.57 -16.75
C HIS C 166 -15.62 27.76 -17.65
N MET C 167 -16.37 28.86 -17.48
CA MET C 167 -16.13 30.05 -18.29
C MET C 167 -14.71 30.57 -18.09
N ARG C 168 -14.29 30.70 -16.83
CA ARG C 168 -12.95 31.21 -16.55
C ARG C 168 -11.87 30.27 -17.08
N GLN C 169 -12.08 28.95 -16.95
CA GLN C 169 -11.10 27.99 -17.43
C GLN C 169 -10.93 28.10 -18.94
N VAL C 170 -12.03 28.04 -19.69
CA VAL C 170 -11.93 28.08 -21.15
C VAL C 170 -11.39 29.43 -21.60
N ASN C 171 -11.77 30.52 -20.91
CA ASN C 171 -11.30 31.84 -21.30
C ASN C 171 -9.79 31.97 -21.06
N SER C 172 -9.30 31.52 -19.91
CA SER C 172 -7.88 31.58 -19.64
C SER C 172 -7.09 30.71 -20.60
N GLU C 173 -7.63 29.54 -20.96
CA GLU C 173 -6.91 28.67 -21.87
C GLU C 173 -6.85 29.26 -23.29
N VAL C 174 -7.95 29.85 -23.77
CA VAL C 174 -7.89 30.45 -25.10
C VAL C 174 -7.01 31.69 -25.09
N SER C 175 -7.00 32.46 -23.99
CA SER C 175 -6.12 33.62 -23.91
C SER C 175 -4.66 33.19 -23.89
N ARG C 176 -4.35 32.09 -23.20
CA ARG C 176 -3.01 31.52 -23.25
C ARG C 176 -2.63 31.11 -24.67
N LEU C 177 -3.57 30.47 -25.38
CA LEU C 177 -3.27 29.98 -26.73
C LEU C 177 -3.07 31.12 -27.72
N THR C 178 -3.77 32.25 -27.53
CA THR C 178 -3.64 33.36 -28.45
C THR C 178 -2.23 33.97 -28.47
N VAL C 179 -1.42 33.72 -27.44
CA VAL C 179 -0.10 34.33 -27.34
C VAL C 179 0.94 33.24 -27.13
N MET C 180 0.55 31.99 -27.41
CA MET C 180 1.44 30.86 -27.21
C MET C 180 2.38 30.70 -28.40
N ASN C 181 3.60 30.26 -28.12
CA ASN C 181 4.59 30.04 -29.17
C ASN C 181 4.09 29.03 -30.18
N ASP C 182 4.41 29.27 -31.45
CA ASP C 182 4.01 28.35 -32.51
C ASP C 182 4.65 26.98 -32.34
N ASP C 183 5.82 26.93 -31.70
CA ASP C 183 6.51 25.66 -31.53
C ASP C 183 5.82 24.79 -30.49
N GLU C 184 5.09 25.39 -29.56
CA GLU C 184 4.54 24.68 -28.40
C GLU C 184 3.08 24.29 -28.56
N ILE C 185 2.43 24.68 -29.67
CA ILE C 185 0.99 24.44 -29.79
C ILE C 185 0.68 22.96 -29.92
N MET C 186 1.47 22.23 -30.73
CA MET C 186 1.15 20.85 -31.04
C MET C 186 1.04 20.01 -29.77
N THR C 187 2.11 19.98 -28.97
CA THR C 187 2.06 19.23 -27.72
C THR C 187 0.96 19.73 -26.81
N PHE C 188 0.68 21.05 -26.85
CA PHE C 188 -0.45 21.58 -26.10
C PHE C 188 -1.74 20.88 -26.52
N ALA C 189 -1.97 20.76 -27.83
CA ALA C 189 -3.13 20.02 -28.32
C ALA C 189 -3.07 18.57 -27.86
N LYS C 190 -1.87 17.99 -27.76
CA LYS C 190 -1.76 16.64 -27.24
C LYS C 190 -2.06 16.58 -25.75
N ASP C 191 -1.75 17.65 -25.02
CA ASP C 191 -1.95 17.63 -23.57
C ASP C 191 -3.42 17.79 -23.20
N ILE C 192 -4.14 18.70 -23.87
CA ILE C 192 -5.55 18.89 -23.60
C ILE C 192 -6.44 18.01 -24.45
N GLY C 193 -5.86 17.16 -25.30
CA GLY C 193 -6.64 16.28 -26.15
C GLY C 193 -7.56 17.02 -27.08
N ALA C 194 -7.01 17.88 -27.92
CA ALA C 194 -7.78 18.73 -28.81
C ALA C 194 -7.24 18.66 -30.23
N PRO C 195 -8.09 18.87 -31.23
CA PRO C 195 -7.60 18.93 -32.61
C PRO C 195 -6.62 20.08 -32.81
N TYR C 196 -5.51 19.77 -33.46
CA TYR C 196 -4.39 20.72 -33.57
C TYR C 196 -4.71 21.86 -34.52
N GLU C 197 -5.34 21.55 -35.66
CA GLU C 197 -5.71 22.60 -36.62
C GLU C 197 -6.69 23.58 -36.02
N ILE C 198 -7.59 23.12 -35.15
CA ILE C 198 -8.53 24.02 -34.50
C ILE C 198 -7.80 24.98 -33.57
N LEU C 199 -6.78 24.50 -32.85
CA LEU C 199 -6.01 25.39 -32.00
C LEU C 199 -5.22 26.42 -32.82
N LYS C 200 -4.67 25.97 -33.96
CA LYS C 200 -4.00 26.93 -34.84
C LYS C 200 -4.97 27.98 -35.35
N GLN C 201 -6.18 27.58 -35.71
CA GLN C 201 -7.18 28.55 -36.16
C GLN C 201 -7.58 29.49 -35.03
N ILE C 202 -7.63 28.99 -33.79
CA ILE C 202 -7.92 29.83 -32.64
C ILE C 202 -6.85 30.91 -32.49
N LYS C 203 -5.58 30.52 -32.55
CA LYS C 203 -4.51 31.49 -32.42
C LYS C 203 -4.50 32.47 -33.59
N ASP C 204 -4.83 32.00 -34.80
CA ASP C 204 -4.83 32.88 -35.96
C ASP C 204 -5.94 33.91 -35.87
N ASN C 205 -7.16 33.49 -35.55
CA ASN C 205 -8.27 34.42 -35.42
C ASN C 205 -8.14 35.31 -34.19
N GLY C 206 -7.38 34.87 -33.18
CA GLY C 206 -7.21 35.63 -31.96
C GLY C 206 -8.34 35.49 -30.96
N ARG C 207 -9.46 34.88 -31.33
CA ARG C 207 -10.56 34.65 -30.41
C ARG C 207 -11.09 33.24 -30.63
N LEU C 208 -12.02 32.83 -29.79
CA LEU C 208 -12.66 31.54 -29.97
C LEU C 208 -13.47 31.55 -31.26
N PRO C 209 -13.30 30.55 -32.13
CA PRO C 209 -13.92 30.60 -33.46
C PRO C 209 -15.44 30.56 -33.43
N VAL C 210 -16.06 30.39 -32.26
CA VAL C 210 -17.50 30.27 -32.14
C VAL C 210 -17.94 30.95 -30.85
N VAL C 211 -19.24 31.15 -30.71
CA VAL C 211 -19.81 31.88 -29.58
C VAL C 211 -19.92 30.94 -28.38
N ASN C 212 -19.50 31.42 -27.22
CA ASN C 212 -19.57 30.66 -25.98
C ASN C 212 -20.54 31.37 -25.03
N PHE C 213 -21.62 30.69 -24.68
CA PHE C 213 -22.61 31.23 -23.74
C PHE C 213 -22.39 30.67 -22.34
N ALA C 214 -23.09 31.27 -21.38
CA ALA C 214 -23.15 30.76 -20.02
C ALA C 214 -24.41 29.94 -19.84
N ALA C 215 -24.30 28.89 -19.01
CA ALA C 215 -25.42 27.98 -18.81
C ALA C 215 -25.21 27.21 -17.51
N GLY C 216 -26.26 27.13 -16.69
CA GLY C 216 -26.18 26.35 -15.48
C GLY C 216 -26.78 27.02 -14.28
N GLY C 217 -25.93 27.61 -13.43
CA GLY C 217 -26.34 28.18 -12.18
C GLY C 217 -26.99 29.54 -12.24
N VAL C 218 -27.34 30.03 -13.42
CA VAL C 218 -27.97 31.35 -13.54
C VAL C 218 -29.35 31.28 -12.90
N ALA C 219 -29.58 32.13 -11.88
CA ALA C 219 -30.85 32.14 -11.17
C ALA C 219 -31.30 33.52 -10.73
N THR C 220 -30.43 34.51 -10.68
CA THR C 220 -30.76 35.87 -10.30
C THR C 220 -30.22 36.82 -11.36
N PRO C 221 -30.71 38.06 -11.41
CA PRO C 221 -30.10 39.04 -12.33
C PRO C 221 -28.64 39.33 -12.02
N GLN C 222 -28.24 39.24 -10.75
CA GLN C 222 -26.84 39.51 -10.39
C GLN C 222 -25.89 38.55 -11.09
N ASP C 223 -26.05 37.24 -10.87
CA ASP C 223 -25.18 36.28 -11.51
C ASP C 223 -25.54 36.02 -12.97
N ALA C 224 -26.57 36.70 -13.49
CA ALA C 224 -26.77 36.73 -14.94
C ALA C 224 -25.93 37.81 -15.59
N ALA C 225 -25.83 38.98 -14.94
CA ALA C 225 -24.93 40.03 -15.43
C ALA C 225 -23.47 39.68 -15.15
N LEU C 226 -23.21 38.89 -14.10
CA LEU C 226 -21.85 38.47 -13.80
C LEU C 226 -21.28 37.63 -14.93
N MET C 227 -22.12 36.83 -15.59
CA MET C 227 -21.64 36.01 -16.71
C MET C 227 -21.17 36.88 -17.86
N MET C 228 -21.91 37.95 -18.16
CA MET C 228 -21.49 38.87 -19.22
C MET C 228 -20.25 39.65 -18.78
N GLU C 229 -20.16 39.99 -17.50
CA GLU C 229 -18.96 40.65 -17.00
C GLU C 229 -17.73 39.75 -17.12
N LEU C 230 -17.93 38.43 -17.02
CA LEU C 230 -16.81 37.49 -17.05
C LEU C 230 -16.33 37.19 -18.46
N GLY C 231 -17.09 37.55 -19.49
CA GLY C 231 -16.70 37.31 -20.88
C GLY C 231 -17.68 36.48 -21.68
N ALA C 232 -18.77 35.98 -21.09
CA ALA C 232 -19.75 35.22 -21.85
C ALA C 232 -20.47 36.13 -22.84
N ASP C 233 -20.93 35.53 -23.93
CA ASP C 233 -21.65 36.25 -24.97
C ASP C 233 -23.16 36.21 -24.77
N GLY C 234 -23.65 35.43 -23.83
CA GLY C 234 -25.08 35.30 -23.61
C GLY C 234 -25.34 34.35 -22.46
N VAL C 235 -26.61 34.19 -22.14
CA VAL C 235 -27.03 33.44 -20.95
C VAL C 235 -28.09 32.41 -21.35
N PHE C 236 -27.84 31.15 -21.01
CA PHE C 236 -28.85 30.10 -21.08
C PHE C 236 -29.48 29.95 -19.70
N VAL C 237 -30.78 30.20 -19.62
CA VAL C 237 -31.51 30.18 -18.36
C VAL C 237 -32.45 28.98 -18.35
N GLY C 238 -32.49 28.27 -17.22
CA GLY C 238 -33.32 27.10 -17.07
C GLY C 238 -34.73 27.45 -16.63
N SER C 239 -35.38 26.47 -15.99
CA SER C 239 -36.80 26.58 -15.69
C SER C 239 -37.08 27.38 -14.42
N GLY C 240 -36.04 27.81 -13.69
CA GLY C 240 -36.24 28.59 -12.48
C GLY C 240 -37.08 29.83 -12.70
N ILE C 241 -37.12 30.35 -13.93
CA ILE C 241 -37.94 31.52 -14.22
C ILE C 241 -39.40 31.24 -13.88
N PHE C 242 -39.89 30.06 -14.25
CA PHE C 242 -41.25 29.66 -13.97
C PHE C 242 -41.39 28.93 -12.65
N LYS C 243 -40.43 29.12 -11.75
CA LYS C 243 -40.53 28.65 -10.38
C LYS C 243 -40.69 29.80 -9.39
N SER C 244 -40.72 31.03 -9.87
CA SER C 244 -40.86 32.22 -9.05
C SER C 244 -42.33 32.59 -8.91
N GLU C 245 -42.60 33.66 -8.14
CA GLU C 245 -43.97 34.12 -7.98
C GLU C 245 -44.48 34.80 -9.24
N ASP C 246 -43.60 35.47 -9.98
CA ASP C 246 -43.98 36.17 -11.20
C ASP C 246 -42.94 35.87 -12.27
N PRO C 247 -43.17 34.82 -13.08
CA PRO C 247 -42.18 34.47 -14.11
C PRO C 247 -41.99 35.56 -15.16
N GLU C 248 -43.03 36.35 -15.45
CA GLU C 248 -42.90 37.41 -16.44
C GLU C 248 -41.89 38.45 -16.00
N LYS C 249 -42.09 39.01 -14.81
CA LYS C 249 -41.15 40.00 -14.29
C LYS C 249 -39.77 39.41 -14.09
N PHE C 250 -39.67 38.14 -13.71
CA PHE C 250 -38.38 37.50 -13.53
C PHE C 250 -37.62 37.43 -14.85
N ALA C 251 -38.28 36.94 -15.90
CA ALA C 251 -37.64 36.86 -17.21
C ALA C 251 -37.28 38.25 -17.73
N LYS C 252 -38.16 39.23 -17.53
CA LYS C 252 -37.86 40.60 -17.95
C LYS C 252 -36.61 41.13 -17.24
N ALA C 253 -36.51 40.89 -15.94
CA ALA C 253 -35.34 41.36 -15.19
C ALA C 253 -34.08 40.64 -15.64
N ILE C 254 -34.19 39.35 -15.97
CA ILE C 254 -33.03 38.63 -16.48
C ILE C 254 -32.57 39.21 -17.81
N VAL C 255 -33.52 39.53 -18.69
CA VAL C 255 -33.17 40.15 -19.97
C VAL C 255 -32.48 41.49 -19.74
N GLN C 256 -33.07 42.32 -18.86
CA GLN C 256 -32.49 43.63 -18.60
C GLN C 256 -31.07 43.52 -18.04
N ALA C 257 -30.87 42.62 -17.08
CA ALA C 257 -29.54 42.45 -16.49
C ALA C 257 -28.55 41.86 -17.48
N THR C 258 -29.03 41.05 -18.43
CA THR C 258 -28.14 40.49 -19.44
C THR C 258 -27.71 41.55 -20.44
N THR C 259 -28.62 42.45 -20.81
CA THR C 259 -28.29 43.45 -21.82
C THR C 259 -27.50 44.61 -21.23
N HIS C 260 -27.84 45.05 -20.03
CA HIS C 260 -27.12 46.12 -19.34
C HIS C 260 -26.45 45.53 -18.09
N TYR C 261 -25.42 44.71 -18.34
CA TYR C 261 -24.72 43.99 -17.29
C TYR C 261 -23.77 44.85 -16.48
N GLN C 262 -23.74 46.17 -16.72
CA GLN C 262 -22.90 47.07 -15.96
C GLN C 262 -23.66 48.25 -15.37
N ASP C 263 -24.98 48.31 -15.53
CA ASP C 263 -25.83 49.30 -14.87
C ASP C 263 -26.22 48.73 -13.52
N TYR C 264 -25.40 49.01 -12.50
CA TYR C 264 -25.55 48.32 -11.23
C TYR C 264 -26.77 48.80 -10.44
N GLU C 265 -27.14 50.07 -10.58
CA GLU C 265 -28.35 50.56 -9.92
C GLU C 265 -29.59 49.93 -10.56
N LEU C 266 -29.58 49.77 -11.88
CA LEU C 266 -30.68 49.08 -12.55
C LEU C 266 -30.81 47.64 -12.07
N ILE C 267 -29.68 46.94 -11.97
CA ILE C 267 -29.69 45.56 -11.49
C ILE C 267 -30.19 45.51 -10.05
N GLY C 268 -29.78 46.49 -9.23
CA GLY C 268 -30.27 46.54 -7.86
C GLY C 268 -31.77 46.73 -7.77
N ARG C 269 -32.32 47.64 -8.59
CA ARG C 269 -33.75 47.83 -8.61
C ARG C 269 -34.48 46.56 -9.05
N LEU C 270 -33.98 45.91 -10.10
CA LEU C 270 -34.60 44.67 -10.58
C LEU C 270 -34.56 43.58 -9.53
N ALA C 271 -33.46 43.50 -8.77
CA ALA C 271 -33.38 42.51 -7.70
C ALA C 271 -34.32 42.85 -6.56
N SER C 272 -34.48 44.14 -6.26
CA SER C 272 -35.43 44.56 -5.23
C SER C 272 -36.85 44.19 -5.63
N GLU C 273 -37.19 44.33 -6.91
CA GLU C 273 -38.53 43.96 -7.37
C GLU C 273 -38.81 42.48 -7.13
N LEU C 274 -37.88 41.62 -7.56
CA LEU C 274 -38.04 40.18 -7.37
C LEU C 274 -37.90 39.81 -5.90
N GLY C 275 -38.45 38.66 -5.53
CA GLY C 275 -38.38 38.21 -4.16
C GLY C 275 -38.80 36.77 -3.91
N THR C 276 -38.19 35.84 -4.63
CA THR C 276 -38.47 34.41 -4.46
C THR C 276 -37.16 33.64 -4.47
N ALA C 277 -37.27 32.32 -4.35
CA ALA C 277 -36.09 31.45 -4.35
C ALA C 277 -35.74 31.00 -5.77
N SER D 4 21.98 65.19 -8.77
CA SER D 4 23.06 64.80 -7.87
C SER D 4 23.77 63.55 -8.38
N LYS D 5 23.68 62.47 -7.60
CA LYS D 5 24.34 61.20 -7.95
C LYS D 5 23.45 60.05 -7.44
N ILE D 6 22.39 59.76 -8.17
CA ILE D 6 21.48 58.68 -7.82
C ILE D 6 22.15 57.35 -8.14
N ILE D 7 23.06 56.92 -7.27
CA ILE D 7 23.81 55.68 -7.47
C ILE D 7 23.09 54.53 -6.77
N GLY D 8 22.99 53.40 -7.47
CA GLY D 8 22.37 52.21 -6.91
C GLY D 8 20.91 52.04 -7.23
N SER D 9 20.30 52.95 -7.98
CA SER D 9 18.90 52.79 -8.36
C SER D 9 18.72 51.54 -9.21
N ASP D 10 17.58 50.86 -9.02
CA ASP D 10 17.32 49.61 -9.72
C ASP D 10 17.43 49.77 -11.22
N ARG D 11 17.05 50.93 -11.75
CA ARG D 11 17.14 51.14 -13.20
C ARG D 11 18.58 51.04 -13.67
N VAL D 12 19.53 51.56 -12.88
CA VAL D 12 20.94 51.46 -13.26
C VAL D 12 21.41 50.01 -13.19
N LYS D 13 21.08 49.32 -12.10
CA LYS D 13 21.43 47.91 -11.94
C LYS D 13 20.98 47.09 -13.15
N ARG D 14 19.71 47.20 -13.52
CA ARG D 14 19.20 46.38 -14.62
C ARG D 14 19.54 46.96 -15.99
N GLY D 15 19.91 48.23 -16.08
CA GLY D 15 20.37 48.76 -17.35
C GLY D 15 21.78 48.30 -17.69
N MET D 16 22.62 48.12 -16.67
CA MET D 16 23.93 47.52 -16.89
C MET D 16 23.84 46.21 -17.67
N ALA D 17 22.77 45.45 -17.46
CA ALA D 17 22.53 44.22 -18.21
C ALA D 17 21.63 44.42 -19.43
N GLU D 18 20.77 45.43 -19.40
CA GLU D 18 19.87 45.66 -20.53
C GLU D 18 20.64 46.17 -21.75
N MET D 19 21.67 46.97 -21.53
CA MET D 19 22.57 47.34 -22.61
C MET D 19 23.73 46.36 -22.74
N GLN D 20 23.55 45.13 -22.27
CA GLN D 20 24.47 44.03 -22.48
C GLN D 20 23.93 42.96 -23.41
N LYS D 21 22.63 43.00 -23.73
CA LYS D 21 22.03 41.94 -24.52
C LYS D 21 22.50 42.01 -25.97
N GLY D 22 22.44 40.86 -26.65
CA GLY D 22 22.96 40.71 -27.99
C GLY D 22 24.36 40.17 -28.06
N GLY D 23 25.06 40.06 -26.92
CA GLY D 23 26.40 39.54 -26.87
C GLY D 23 26.49 38.33 -25.96
N VAL D 24 27.69 37.75 -25.92
CA VAL D 24 27.95 36.52 -25.19
C VAL D 24 28.97 36.81 -24.09
N ILE D 25 28.68 36.30 -22.89
CA ILE D 25 29.61 36.37 -21.76
C ILE D 25 30.19 34.97 -21.58
N MET D 26 31.49 34.84 -21.81
CA MET D 26 32.19 33.57 -21.65
C MET D 26 33.00 33.60 -20.36
N ASP D 27 33.02 32.48 -19.64
CA ASP D 27 33.76 32.49 -18.39
C ASP D 27 35.26 32.35 -18.66
N VAL D 28 36.06 32.63 -17.64
CA VAL D 28 37.50 32.78 -17.82
C VAL D 28 38.20 32.36 -16.53
N VAL D 29 39.38 31.76 -16.67
CA VAL D 29 40.16 31.29 -15.54
C VAL D 29 41.37 32.18 -15.28
N ASN D 30 42.07 32.62 -16.32
CA ASN D 30 43.30 33.40 -16.16
C ASN D 30 43.28 34.58 -17.12
N ALA D 31 44.29 35.45 -16.99
CA ALA D 31 44.30 36.71 -17.71
C ALA D 31 44.33 36.51 -19.22
N GLU D 32 45.07 35.51 -19.71
CA GLU D 32 45.24 35.34 -21.15
C GLU D 32 43.95 34.83 -21.80
N GLN D 33 43.15 34.05 -21.07
CA GLN D 33 41.85 33.67 -21.59
C GLN D 33 40.91 34.86 -21.63
N ALA D 34 41.04 35.79 -20.67
CA ALA D 34 40.26 37.02 -20.75
C ALA D 34 40.71 37.88 -21.93
N ARG D 35 42.01 37.86 -22.25
CA ARG D 35 42.50 38.52 -23.45
C ARG D 35 41.82 37.95 -24.70
N ILE D 36 41.79 36.62 -24.80
CA ILE D 36 41.14 35.99 -25.95
C ILE D 36 39.65 36.34 -25.99
N ALA D 37 38.99 36.31 -24.83
CA ALA D 37 37.56 36.64 -24.78
C ALA D 37 37.30 38.06 -25.24
N GLU D 38 38.12 39.02 -24.80
CA GLU D 38 37.96 40.40 -25.23
C GLU D 38 38.21 40.52 -26.73
N GLU D 39 39.30 39.94 -27.21
CA GLU D 39 39.65 40.03 -28.63
C GLU D 39 38.76 39.16 -29.51
N ALA D 40 37.79 38.45 -28.93
CA ALA D 40 36.83 37.68 -29.71
C ALA D 40 35.47 38.34 -29.81
N GLY D 41 35.22 39.42 -29.08
CA GLY D 41 33.95 40.11 -29.12
C GLY D 41 33.02 39.84 -27.95
N ALA D 42 33.53 39.32 -26.84
CA ALA D 42 32.68 39.08 -25.69
C ALA D 42 32.28 40.40 -25.04
N VAL D 43 31.03 40.43 -24.55
CA VAL D 43 30.53 41.64 -23.87
C VAL D 43 30.94 41.69 -22.41
N ALA D 44 31.39 40.57 -21.84
CA ALA D 44 31.85 40.50 -20.47
C ALA D 44 32.48 39.14 -20.24
N VAL D 45 33.22 39.01 -19.14
CA VAL D 45 33.89 37.77 -18.79
C VAL D 45 33.45 37.36 -17.39
N MET D 46 33.41 36.05 -17.16
CA MET D 46 33.02 35.48 -15.87
C MET D 46 34.28 34.91 -15.22
N ALA D 47 34.84 35.64 -14.27
CA ALA D 47 36.06 35.22 -13.60
C ALA D 47 35.75 34.12 -12.59
N LEU D 48 36.38 32.97 -12.76
CA LEU D 48 36.24 31.86 -11.83
C LEU D 48 37.56 31.10 -11.75
N GLU D 49 37.72 30.33 -10.68
CA GLU D 49 38.97 29.62 -10.43
C GLU D 49 38.96 28.21 -11.01
N ARG D 50 37.89 27.47 -10.80
CA ARG D 50 37.78 26.11 -11.31
C ARG D 50 36.46 25.87 -12.01
N ALA D 58 31.23 17.90 -8.39
CA ALA D 58 31.18 16.49 -8.09
C ALA D 58 32.54 15.98 -7.60
N GLY D 59 33.36 16.90 -7.09
CA GLY D 59 34.67 16.54 -6.60
C GLY D 59 34.95 17.13 -5.22
N GLY D 60 34.13 18.09 -4.81
CA GLY D 60 34.30 18.73 -3.52
C GLY D 60 33.29 19.84 -3.29
N VAL D 61 33.73 20.93 -2.65
CA VAL D 61 32.89 22.08 -2.37
C VAL D 61 33.50 23.29 -3.07
N ALA D 62 32.70 23.94 -3.93
CA ALA D 62 33.16 25.09 -4.69
C ALA D 62 32.89 26.38 -3.93
N ARG D 63 33.88 27.26 -3.91
CA ARG D 63 33.78 28.53 -3.19
C ARG D 63 33.90 29.70 -4.15
N MET D 64 34.16 30.88 -3.60
CA MET D 64 34.48 32.04 -4.41
C MET D 64 35.86 31.88 -5.05
N ALA D 65 36.00 32.38 -6.27
CA ALA D 65 37.31 32.42 -6.91
C ALA D 65 38.19 33.43 -6.18
N ASN D 66 39.40 33.00 -5.79
CA ASN D 66 40.36 33.79 -5.04
C ASN D 66 40.47 35.22 -5.57
N PRO D 67 40.35 36.23 -4.70
CA PRO D 67 40.44 37.63 -5.17
C PRO D 67 41.67 37.92 -6.01
N LYS D 68 42.77 37.19 -5.81
CA LYS D 68 43.96 37.41 -6.63
C LYS D 68 43.68 37.09 -8.10
N ILE D 69 43.02 35.96 -8.35
CA ILE D 69 42.74 35.58 -9.74
C ILE D 69 41.68 36.50 -10.34
N VAL D 70 40.74 36.98 -9.52
CA VAL D 70 39.73 37.91 -10.01
C VAL D 70 40.37 39.24 -10.38
N GLU D 71 41.33 39.70 -9.59
CA GLU D 71 42.06 40.92 -9.93
C GLU D 71 42.94 40.73 -11.16
N GLU D 72 43.52 39.54 -11.30
CA GLU D 72 44.30 39.24 -12.50
C GLU D 72 43.44 39.31 -13.75
N VAL D 73 42.22 38.78 -13.67
CA VAL D 73 41.31 38.87 -14.81
C VAL D 73 40.83 40.31 -15.01
N MET D 74 40.65 41.05 -13.91
CA MET D 74 40.14 42.41 -13.99
C MET D 74 41.13 43.34 -14.68
N ASN D 75 42.41 43.25 -14.31
CA ASN D 75 43.42 44.14 -14.86
C ASN D 75 43.79 43.82 -16.30
N ALA D 76 43.29 42.70 -16.85
CA ALA D 76 43.67 42.28 -18.18
C ALA D 76 42.71 42.73 -19.27
N VAL D 77 41.48 43.13 -18.92
CA VAL D 77 40.47 43.48 -19.90
C VAL D 77 39.80 44.79 -19.52
N SER D 78 39.22 45.44 -20.52
CA SER D 78 38.44 46.67 -20.33
C SER D 78 36.94 46.42 -20.35
N ILE D 79 36.51 45.23 -20.75
CA ILE D 79 35.10 44.85 -20.75
C ILE D 79 34.72 44.48 -19.31
N PRO D 80 33.44 44.50 -18.94
CA PRO D 80 33.09 44.21 -17.54
C PRO D 80 33.41 42.77 -17.16
N VAL D 81 33.87 42.59 -15.93
CA VAL D 81 34.19 41.28 -15.39
C VAL D 81 33.22 40.98 -14.25
N MET D 82 32.66 39.78 -14.23
CA MET D 82 31.73 39.36 -13.20
C MET D 82 32.23 38.09 -12.54
N ALA D 83 32.01 37.98 -11.24
CA ALA D 83 32.49 36.85 -10.44
C ALA D 83 31.31 36.14 -9.80
N LYS D 84 31.54 34.89 -9.41
CA LYS D 84 30.52 34.02 -8.86
C LYS D 84 30.61 33.98 -7.34
N ALA D 85 29.47 34.02 -6.68
CA ALA D 85 29.38 33.91 -5.23
C ALA D 85 28.44 32.78 -4.86
N ARG D 86 28.68 32.19 -3.69
CA ARG D 86 27.86 31.08 -3.23
C ARG D 86 26.46 31.56 -2.86
N ILE D 87 25.49 30.66 -2.97
CA ILE D 87 24.09 31.00 -2.71
C ILE D 87 23.93 31.43 -1.25
N GLY D 88 23.37 32.62 -1.06
CA GLY D 88 23.14 33.14 0.29
C GLY D 88 24.38 33.51 1.06
N HIS D 89 25.54 33.53 0.42
CA HIS D 89 26.79 33.88 1.09
C HIS D 89 26.90 35.39 1.13
N ILE D 90 26.64 35.97 2.30
CA ILE D 90 26.59 37.42 2.44
C ILE D 90 27.99 38.01 2.27
N THR D 91 28.95 37.55 3.06
CA THR D 91 30.28 38.14 3.04
C THR D 91 31.00 37.86 1.72
N GLU D 92 30.69 36.76 1.05
CA GLU D 92 31.30 36.51 -0.26
C GLU D 92 30.86 37.56 -1.27
N ALA D 93 29.55 37.80 -1.36
CA ALA D 93 29.05 38.83 -2.26
C ALA D 93 29.57 40.21 -1.86
N ARG D 94 29.70 40.45 -0.55
CA ARG D 94 30.21 41.75 -0.10
C ARG D 94 31.66 41.94 -0.49
N VAL D 95 32.47 40.89 -0.38
CA VAL D 95 33.87 40.96 -0.78
C VAL D 95 33.99 41.18 -2.28
N LEU D 96 33.19 40.47 -3.07
CA LEU D 96 33.19 40.70 -4.51
C LEU D 96 32.75 42.12 -4.84
N GLU D 97 31.81 42.68 -4.06
CA GLU D 97 31.38 44.06 -4.27
C GLU D 97 32.50 45.05 -3.95
N ALA D 98 33.26 44.78 -2.88
CA ALA D 98 34.33 45.68 -2.49
C ALA D 98 35.42 45.77 -3.55
N MET D 99 35.63 44.69 -4.30
CA MET D 99 36.64 44.67 -5.36
C MET D 99 36.20 45.41 -6.61
N GLY D 100 34.96 45.90 -6.65
CA GLY D 100 34.47 46.61 -7.82
C GLY D 100 33.91 45.74 -8.92
N VAL D 101 33.70 44.44 -8.66
CA VAL D 101 33.17 43.54 -9.68
C VAL D 101 31.84 44.08 -10.20
N ASP D 102 31.68 44.06 -11.53
CA ASP D 102 30.52 44.68 -12.16
C ASP D 102 29.25 43.88 -11.89
N TYR D 103 29.35 42.57 -11.74
CA TYR D 103 28.19 41.72 -11.51
C TYR D 103 28.59 40.54 -10.63
N ILE D 104 27.71 40.18 -9.71
CA ILE D 104 27.87 38.97 -8.90
C ILE D 104 26.80 37.98 -9.34
N ASP D 105 27.22 36.75 -9.63
CA ASP D 105 26.30 35.68 -10.01
C ASP D 105 26.01 34.86 -8.76
N GLU D 106 24.82 35.03 -8.21
CA GLU D 106 24.39 34.16 -7.11
C GLU D 106 24.15 32.78 -7.72
N SER D 107 25.25 32.05 -7.88
CA SER D 107 25.28 30.88 -8.77
C SER D 107 24.98 29.60 -8.01
N GLU D 108 24.02 28.83 -8.53
CA GLU D 108 23.75 27.49 -8.02
C GLU D 108 24.78 26.47 -8.48
N VAL D 109 25.68 26.84 -9.39
CA VAL D 109 26.75 25.94 -9.80
C VAL D 109 27.72 25.72 -8.65
N LEU D 110 28.16 26.79 -8.00
CA LEU D 110 28.93 26.65 -6.77
C LEU D 110 28.08 26.01 -5.68
N THR D 111 28.74 25.36 -4.75
CA THR D 111 28.04 24.80 -3.60
C THR D 111 27.34 25.92 -2.85
N PRO D 112 26.04 25.80 -2.59
CA PRO D 112 25.34 26.88 -1.87
C PRO D 112 25.91 27.07 -0.47
N ALA D 113 25.56 28.21 0.13
CA ALA D 113 25.86 28.46 1.53
C ALA D 113 24.60 28.51 2.40
N ASP D 114 23.45 28.78 1.80
CA ASP D 114 22.17 28.84 2.51
C ASP D 114 21.15 28.08 1.66
N GLU D 115 20.94 26.80 1.98
CA GLU D 115 20.04 25.96 1.20
C GLU D 115 18.58 26.39 1.33
N GLU D 116 18.27 27.35 2.20
CA GLU D 116 16.90 27.80 2.40
C GLU D 116 16.65 29.20 1.88
N TYR D 117 17.54 30.14 2.17
CA TYR D 117 17.30 31.55 1.90
C TYR D 117 18.38 32.10 0.97
N HIS D 118 17.94 32.79 -0.09
CA HIS D 118 18.86 33.41 -1.03
C HIS D 118 19.41 34.71 -0.46
N LEU D 119 20.28 35.36 -1.22
CA LEU D 119 20.88 36.61 -0.78
C LEU D 119 19.85 37.73 -0.74
N ARG D 120 20.14 38.74 0.08
CA ARG D 120 19.31 39.94 0.18
C ARG D 120 19.86 40.98 -0.80
N LYS D 121 19.57 40.74 -2.08
CA LYS D 121 20.27 41.43 -3.17
C LYS D 121 19.98 42.92 -3.22
N ASP D 122 18.84 43.38 -2.70
CA ASP D 122 18.53 44.80 -2.75
C ASP D 122 19.31 45.61 -1.72
N GLN D 123 20.05 44.97 -0.82
CA GLN D 123 20.93 45.69 0.08
C GLN D 123 22.22 46.12 -0.59
N PHE D 124 22.62 45.43 -1.66
CA PHE D 124 23.87 45.72 -2.34
C PHE D 124 23.68 46.86 -3.34
N THR D 125 24.79 47.53 -3.67
CA THR D 125 24.81 48.53 -4.73
C THR D 125 25.36 47.97 -6.04
N VAL D 126 25.79 46.71 -6.05
CA VAL D 126 26.25 46.03 -7.26
C VAL D 126 25.12 45.14 -7.77
N PRO D 127 24.81 45.15 -9.06
CA PRO D 127 23.72 44.30 -9.56
C PRO D 127 24.09 42.82 -9.50
N PHE D 128 23.06 41.99 -9.37
CA PHE D 128 23.20 40.55 -9.26
C PHE D 128 22.55 39.86 -10.46
N VAL D 129 23.04 38.65 -10.75
CA VAL D 129 22.42 37.78 -11.74
C VAL D 129 22.18 36.42 -11.11
N CYS D 130 20.99 35.87 -11.33
CA CYS D 130 20.55 34.63 -10.70
C CYS D 130 19.98 33.70 -11.76
N GLY D 131 19.95 32.41 -11.42
CA GLY D 131 19.40 31.40 -12.30
C GLY D 131 17.93 31.11 -12.00
N CYS D 132 17.22 30.70 -13.04
CA CYS D 132 15.80 30.41 -12.92
C CYS D 132 15.42 29.30 -13.87
N ARG D 133 14.35 28.58 -13.52
CA ARG D 133 13.81 27.52 -14.36
C ARG D 133 12.34 27.72 -14.71
N ASN D 134 11.65 28.67 -14.08
CA ASN D 134 10.27 28.96 -14.38
C ASN D 134 9.98 30.39 -13.92
N LEU D 135 8.75 30.85 -14.16
CA LEU D 135 8.38 32.20 -13.76
C LEU D 135 8.40 32.36 -12.25
N GLY D 136 8.14 31.29 -11.51
CA GLY D 136 8.19 31.34 -10.06
C GLY D 136 9.55 31.71 -9.54
N GLU D 137 10.58 30.95 -9.95
CA GLU D 137 11.94 31.24 -9.50
C GLU D 137 12.40 32.60 -9.98
N ALA D 138 12.03 32.97 -11.21
CA ALA D 138 12.43 34.27 -11.75
C ALA D 138 11.83 35.40 -10.93
N ALA D 139 10.53 35.32 -10.64
CA ALA D 139 9.88 36.36 -9.85
C ALA D 139 10.42 36.40 -8.42
N ARG D 140 10.74 35.24 -7.86
CA ARG D 140 11.32 35.22 -6.51
C ARG D 140 12.69 35.89 -6.50
N ARG D 141 13.52 35.60 -7.50
CA ARG D 141 14.84 36.23 -7.58
C ARG D 141 14.70 37.74 -7.77
N ILE D 142 13.78 38.17 -8.64
CA ILE D 142 13.55 39.60 -8.83
C ILE D 142 13.10 40.25 -7.54
N GLY D 143 12.18 39.60 -6.81
CA GLY D 143 11.72 40.15 -5.55
C GLY D 143 12.84 40.27 -4.52
N GLU D 144 13.74 39.28 -4.49
CA GLU D 144 14.89 39.38 -3.59
C GLU D 144 15.87 40.47 -4.02
N GLY D 145 15.70 41.04 -5.22
CA GLY D 145 16.53 42.14 -5.67
C GLY D 145 17.45 41.83 -6.84
N ALA D 146 17.29 40.69 -7.51
CA ALA D 146 18.14 40.38 -8.64
C ALA D 146 17.92 41.37 -9.77
N ALA D 147 19.00 41.72 -10.47
CA ALA D 147 18.97 42.69 -11.56
C ALA D 147 19.29 42.04 -12.90
N MET D 148 19.21 40.72 -12.99
CA MET D 148 19.47 39.98 -14.22
C MET D 148 19.13 38.52 -13.97
N LEU D 149 18.70 37.84 -15.03
CA LEU D 149 18.30 36.45 -14.93
C LEU D 149 18.96 35.62 -16.03
N ARG D 150 19.21 34.36 -15.72
CA ARG D 150 19.76 33.41 -16.66
C ARG D 150 19.10 32.06 -16.41
N THR D 151 19.23 31.15 -17.38
CA THR D 151 18.71 29.80 -17.23
C THR D 151 19.68 28.96 -16.41
N LYS D 152 19.12 28.10 -15.55
CA LYS D 152 19.96 27.20 -14.76
C LYS D 152 20.67 26.19 -15.67
N GLY D 153 19.94 25.61 -16.61
CA GLY D 153 20.48 24.67 -17.58
C GLY D 153 21.15 23.48 -16.90
N GLU D 154 22.11 22.89 -17.62
CA GLU D 154 22.91 21.79 -17.11
C GLU D 154 24.37 22.16 -17.36
N PRO D 155 24.98 22.91 -16.44
CA PRO D 155 26.37 23.36 -16.67
C PRO D 155 27.34 22.20 -16.68
N GLY D 156 28.34 22.30 -17.56
CA GLY D 156 29.38 21.30 -17.67
C GLY D 156 29.00 20.05 -18.42
N THR D 157 27.89 20.06 -19.16
CA THR D 157 27.47 18.90 -19.92
C THR D 157 27.43 19.13 -21.43
N GLY D 158 27.39 20.38 -21.88
CA GLY D 158 27.22 20.66 -23.29
C GLY D 158 25.88 20.25 -23.87
N ASN D 159 24.91 19.92 -23.02
CA ASN D 159 23.60 19.48 -23.46
C ASN D 159 22.62 20.64 -23.33
N ILE D 160 22.09 21.10 -24.48
CA ILE D 160 21.24 22.29 -24.51
C ILE D 160 19.81 22.02 -24.04
N VAL D 161 19.46 20.77 -23.74
CA VAL D 161 18.08 20.41 -23.45
C VAL D 161 17.53 21.25 -22.29
N GLU D 162 18.30 21.38 -21.21
CA GLU D 162 17.79 22.04 -20.01
C GLU D 162 17.65 23.54 -20.23
N ALA D 163 18.60 24.15 -20.94
CA ALA D 163 18.48 25.57 -21.26
C ALA D 163 17.23 25.83 -22.09
N VAL D 164 16.99 25.01 -23.11
CA VAL D 164 15.78 25.15 -23.91
C VAL D 164 14.55 25.01 -23.04
N ARG D 165 14.52 23.99 -22.17
CA ARG D 165 13.36 23.76 -21.34
C ARG D 165 13.06 24.95 -20.44
N HIS D 166 14.10 25.47 -19.76
CA HIS D 166 13.90 26.58 -18.83
C HIS D 166 13.48 27.85 -19.57
N MET D 167 14.16 28.16 -20.67
CA MET D 167 13.81 29.35 -21.44
C MET D 167 12.38 29.28 -21.95
N ARG D 168 12.00 28.14 -22.53
CA ARG D 168 10.65 27.99 -23.06
C ARG D 168 9.60 28.07 -21.94
N GLN D 169 9.89 27.45 -20.80
CA GLN D 169 8.95 27.47 -19.68
C GLN D 169 8.72 28.90 -19.20
N VAL D 170 9.80 29.64 -18.92
CA VAL D 170 9.64 30.99 -18.39
C VAL D 170 9.00 31.89 -19.45
N ASN D 171 9.32 31.68 -20.73
CA ASN D 171 8.74 32.50 -21.78
C ASN D 171 7.25 32.25 -21.92
N SER D 172 6.84 30.98 -21.90
CA SER D 172 5.42 30.67 -22.01
C SER D 172 4.65 31.19 -20.79
N GLU D 173 5.25 31.10 -19.61
CA GLU D 173 4.56 31.57 -18.42
C GLU D 173 4.42 33.10 -18.41
N VAL D 174 5.46 33.82 -18.81
CA VAL D 174 5.32 35.29 -18.85
C VAL D 174 4.37 35.71 -19.97
N SER D 175 4.35 34.98 -21.09
CA SER D 175 3.41 35.32 -22.15
C SER D 175 1.97 35.05 -21.71
N ARG D 176 1.76 33.97 -20.95
CA ARG D 176 0.44 33.73 -20.36
C ARG D 176 0.06 34.86 -19.43
N LEU D 177 0.99 35.31 -18.59
CA LEU D 177 0.67 36.35 -17.61
C LEU D 177 0.38 37.69 -18.29
N THR D 178 1.03 37.97 -19.42
CA THR D 178 0.79 39.26 -20.10
C THR D 178 -0.64 39.41 -20.59
N VAL D 179 -1.39 38.32 -20.73
CA VAL D 179 -2.75 38.37 -21.27
C VAL D 179 -3.71 37.70 -20.30
N MET D 180 -3.26 37.51 -19.06
CA MET D 180 -4.06 36.84 -18.05
C MET D 180 -5.02 37.82 -17.40
N ASN D 181 -6.21 37.31 -17.04
CA ASN D 181 -7.23 38.13 -16.41
C ASN D 181 -6.72 38.71 -15.10
N ASP D 182 -7.10 39.95 -14.83
CA ASP D 182 -6.69 40.62 -13.59
C ASP D 182 -7.26 39.91 -12.37
N ASP D 183 -8.39 39.24 -12.51
CA ASP D 183 -9.01 38.57 -11.37
C ASP D 183 -8.23 37.32 -10.96
N GLU D 184 -7.49 36.72 -11.89
CA GLU D 184 -6.87 35.42 -11.69
C GLU D 184 -5.40 35.50 -11.32
N ILE D 185 -4.80 36.69 -11.29
CA ILE D 185 -3.36 36.80 -11.10
C ILE D 185 -2.97 36.38 -9.69
N MET D 186 -3.73 36.82 -8.69
CA MET D 186 -3.34 36.59 -7.29
C MET D 186 -3.13 35.11 -7.00
N THR D 187 -4.17 34.30 -7.23
CA THR D 187 -4.03 32.87 -7.01
C THR D 187 -2.95 32.28 -7.91
N PHE D 188 -2.76 32.84 -9.11
CA PHE D 188 -1.65 32.42 -9.95
C PHE D 188 -0.33 32.60 -9.22
N ALA D 189 -0.13 33.78 -8.62
CA ALA D 189 1.06 34.01 -7.81
C ALA D 189 1.12 33.03 -6.65
N LYS D 190 -0.03 32.63 -6.11
CA LYS D 190 -0.04 31.63 -5.06
C LYS D 190 0.33 30.26 -5.59
N ASP D 191 -0.01 29.97 -6.86
CA ASP D 191 0.24 28.63 -7.40
C ASP D 191 1.72 28.45 -7.74
N ILE D 192 2.35 29.45 -8.36
CA ILE D 192 3.76 29.35 -8.72
C ILE D 192 4.68 29.85 -7.62
N GLY D 193 4.13 30.30 -6.48
CA GLY D 193 4.94 30.80 -5.39
C GLY D 193 5.78 32.00 -5.76
N ALA D 194 5.12 33.07 -6.19
CA ALA D 194 5.79 34.26 -6.66
C ALA D 194 5.21 35.51 -6.01
N PRO D 195 6.01 36.56 -5.84
CA PRO D 195 5.46 37.82 -5.33
C PRO D 195 4.42 38.40 -6.28
N TYR D 196 3.30 38.82 -5.70
CA TYR D 196 2.14 39.22 -6.50
C TYR D 196 2.36 40.56 -7.21
N GLU D 197 2.96 41.53 -6.52
CA GLU D 197 3.24 42.82 -7.14
C GLU D 197 4.18 42.68 -8.33
N ILE D 198 5.12 41.74 -8.27
CA ILE D 198 6.03 41.53 -9.39
C ILE D 198 5.27 41.00 -10.60
N LEU D 199 4.30 40.10 -10.38
CA LEU D 199 3.49 39.61 -11.50
C LEU D 199 2.63 40.72 -12.09
N LYS D 200 2.06 41.58 -11.22
CA LYS D 200 1.31 42.73 -11.73
C LYS D 200 2.21 43.64 -12.57
N GLN D 201 3.43 43.87 -12.11
CA GLN D 201 4.36 44.70 -12.88
C GLN D 201 4.73 44.03 -14.20
N ILE D 202 4.84 42.70 -14.20
CA ILE D 202 5.12 41.97 -15.44
C ILE D 202 3.99 42.21 -16.44
N LYS D 203 2.74 42.04 -16.00
CA LYS D 203 1.63 42.25 -16.90
C LYS D 203 1.52 43.70 -17.35
N ASP D 204 1.85 44.64 -16.48
CA ASP D 204 1.77 46.06 -16.83
C ASP D 204 2.82 46.42 -17.89
N ASN D 205 4.07 46.02 -17.66
CA ASN D 205 5.12 46.31 -18.63
C ASN D 205 4.96 45.50 -19.92
N GLY D 206 4.27 44.37 -19.87
CA GLY D 206 4.09 43.52 -21.03
C GLY D 206 5.25 42.60 -21.34
N ARG D 207 6.39 42.79 -20.68
CA ARG D 207 7.55 41.91 -20.87
C ARG D 207 8.14 41.61 -19.50
N LEU D 208 9.14 40.73 -19.48
CA LEU D 208 9.85 40.45 -18.25
C LEU D 208 10.60 41.70 -17.79
N PRO D 209 10.46 42.11 -16.53
CA PRO D 209 11.03 43.39 -16.10
C PRO D 209 12.56 43.44 -16.13
N VAL D 210 13.22 42.34 -16.47
CA VAL D 210 14.67 42.27 -16.47
C VAL D 210 15.12 41.36 -17.62
N VAL D 211 16.41 41.40 -17.92
CA VAL D 211 16.95 40.66 -19.05
C VAL D 211 17.18 39.20 -18.65
N ASN D 212 16.77 38.29 -19.52
CA ASN D 212 16.95 36.86 -19.31
C ASN D 212 17.91 36.31 -20.36
N PHE D 213 19.03 35.77 -19.91
CA PHE D 213 20.01 35.17 -20.79
C PHE D 213 19.89 33.64 -20.79
N ALA D 214 20.58 33.01 -21.73
CA ALA D 214 20.72 31.57 -21.78
C ALA D 214 22.03 31.15 -21.14
N ALA D 215 22.03 30.00 -20.48
CA ALA D 215 23.19 29.53 -19.75
C ALA D 215 23.08 28.04 -19.54
N GLY D 216 24.17 27.32 -19.82
CA GLY D 216 24.22 25.89 -19.55
C GLY D 216 24.82 25.06 -20.66
N GLY D 217 23.97 24.44 -21.48
CA GLY D 217 24.39 23.52 -22.51
C GLY D 217 24.95 24.12 -23.78
N VAL D 218 25.22 25.43 -23.80
CA VAL D 218 25.75 26.06 -25.01
C VAL D 218 27.14 25.51 -25.28
N ALA D 219 27.32 24.91 -26.45
CA ALA D 219 28.60 24.30 -26.82
C ALA D 219 28.97 24.46 -28.28
N THR D 220 28.03 24.77 -29.17
CA THR D 220 28.28 24.97 -30.59
C THR D 220 27.66 26.29 -31.02
N PRO D 221 28.08 26.83 -32.17
CA PRO D 221 27.39 28.02 -32.70
C PRO D 221 25.92 27.77 -33.02
N GLN D 222 25.57 26.54 -33.41
CA GLN D 222 24.18 26.23 -33.75
C GLN D 222 23.26 26.47 -32.56
N ASP D 223 23.51 25.77 -31.45
CA ASP D 223 22.66 25.95 -30.27
C ASP D 223 22.99 27.22 -29.50
N ALA D 224 23.95 28.02 -29.97
CA ALA D 224 24.09 29.38 -29.45
C ALA D 224 23.16 30.34 -30.19
N ALA D 225 23.01 30.16 -31.50
CA ALA D 225 22.03 30.94 -32.25
C ALA D 225 20.61 30.46 -31.96
N LEU D 226 20.45 29.19 -31.61
CA LEU D 226 19.12 28.68 -31.25
C LEU D 226 18.58 29.38 -30.02
N MET D 227 19.44 29.74 -29.08
CA MET D 227 19.00 30.45 -27.88
C MET D 227 18.43 31.81 -28.24
N MET D 228 19.10 32.53 -29.14
CA MET D 228 18.57 33.82 -29.59
C MET D 228 17.29 33.65 -30.40
N GLU D 229 17.22 32.57 -31.19
CA GLU D 229 16.00 32.28 -31.93
C GLU D 229 14.84 31.99 -30.98
N LEU D 230 15.11 31.42 -29.81
CA LEU D 230 14.06 31.03 -28.88
C LEU D 230 13.54 32.20 -28.06
N GLY D 231 14.25 33.33 -28.04
CA GLY D 231 13.83 34.49 -27.28
C GLY D 231 14.83 34.99 -26.26
N ALA D 232 15.97 34.30 -26.08
CA ALA D 232 16.96 34.75 -25.13
C ALA D 232 17.60 36.05 -25.61
N ASP D 233 18.06 36.85 -24.64
CA ASP D 233 18.70 38.12 -24.94
C ASP D 233 20.21 38.02 -25.06
N GLY D 234 20.78 36.88 -24.72
CA GLY D 234 22.23 36.71 -24.74
C GLY D 234 22.58 35.30 -24.33
N VAL D 235 23.89 35.03 -24.37
CA VAL D 235 24.40 33.67 -24.15
C VAL D 235 25.49 33.73 -23.10
N PHE D 236 25.33 32.92 -22.05
CA PHE D 236 26.38 32.64 -21.08
C PHE D 236 27.08 31.35 -21.49
N VAL D 237 28.37 31.43 -21.80
CA VAL D 237 29.11 30.27 -22.25
C VAL D 237 30.11 29.86 -21.16
N GLY D 238 30.05 28.58 -20.78
CA GLY D 238 30.94 28.00 -19.80
C GLY D 238 32.14 27.34 -20.46
N SER D 239 32.16 26.02 -20.39
CA SER D 239 33.28 25.22 -20.87
C SER D 239 33.23 24.99 -22.38
N GLY D 240 32.17 25.45 -23.04
CA GLY D 240 32.07 25.28 -24.48
C GLY D 240 33.22 25.86 -25.27
N ILE D 241 33.91 26.86 -24.71
CA ILE D 241 35.05 27.47 -25.37
C ILE D 241 36.36 26.93 -24.83
N PHE D 242 36.51 26.87 -23.52
CA PHE D 242 37.75 26.41 -22.89
C PHE D 242 37.66 24.92 -22.54
N LYS D 243 37.40 24.12 -23.57
CA LYS D 243 37.49 22.67 -23.50
C LYS D 243 37.66 22.12 -24.91
N SER D 244 37.70 23.01 -25.89
CA SER D 244 37.86 22.65 -27.29
C SER D 244 39.33 22.70 -27.67
N GLU D 245 39.64 22.32 -28.91
CA GLU D 245 41.02 22.37 -29.38
C GLU D 245 41.47 23.80 -29.69
N ASP D 246 40.56 24.66 -30.13
CA ASP D 246 40.89 26.02 -30.51
C ASP D 246 39.89 26.98 -29.87
N PRO D 247 40.18 27.48 -28.67
CA PRO D 247 39.26 28.40 -28.00
C PRO D 247 39.07 29.72 -28.71
N GLU D 248 40.09 30.25 -29.39
CA GLU D 248 39.97 31.55 -30.03
C GLU D 248 38.94 31.53 -31.16
N LYS D 249 39.13 30.65 -32.14
CA LYS D 249 38.18 30.54 -33.23
C LYS D 249 36.81 30.12 -32.75
N PHE D 250 36.77 29.27 -31.72
CA PHE D 250 35.48 28.83 -31.18
C PHE D 250 34.71 29.99 -30.59
N ALA D 251 35.37 30.81 -29.77
CA ALA D 251 34.72 31.97 -29.18
C ALA D 251 34.31 32.98 -30.24
N LYS D 252 35.16 33.18 -31.26
CA LYS D 252 34.80 34.09 -32.34
C LYS D 252 33.54 33.60 -33.07
N ALA D 253 33.47 32.30 -33.36
CA ALA D 253 32.30 31.76 -34.03
C ALA D 253 31.05 31.87 -33.15
N ILE D 254 31.21 31.67 -31.84
CA ILE D 254 30.07 31.82 -30.93
C ILE D 254 29.57 33.26 -30.94
N VAL D 255 30.49 34.23 -30.92
CA VAL D 255 30.08 35.64 -30.98
C VAL D 255 29.33 35.92 -32.28
N GLN D 256 29.89 35.47 -33.41
CA GLN D 256 29.24 35.69 -34.70
C GLN D 256 27.85 35.07 -34.74
N ALA D 257 27.72 33.83 -34.27
CA ALA D 257 26.42 33.17 -34.29
C ALA D 257 25.44 33.80 -33.32
N THR D 258 25.94 34.39 -32.23
CA THR D 258 25.05 35.06 -31.28
C THR D 258 24.53 36.37 -31.85
N THR D 259 25.38 37.10 -32.57
CA THR D 259 24.94 38.40 -33.10
C THR D 259 24.10 38.25 -34.35
N HIS D 260 24.46 37.31 -35.22
CA HIS D 260 23.69 37.03 -36.44
C HIS D 260 23.10 35.62 -36.33
N TYR D 261 22.12 35.48 -35.44
CA TYR D 261 21.52 34.18 -35.15
C TYR D 261 20.54 33.72 -36.21
N GLN D 262 20.42 34.45 -37.32
CA GLN D 262 19.53 34.04 -38.40
C GLN D 262 20.22 34.01 -39.76
N ASP D 263 21.53 34.26 -39.81
CA ASP D 263 22.32 34.09 -41.03
C ASP D 263 22.80 32.65 -41.04
N TYR D 264 22.01 31.77 -41.65
CA TYR D 264 22.24 30.34 -41.52
C TYR D 264 23.44 29.86 -42.32
N GLU D 265 23.72 30.51 -43.46
CA GLU D 265 24.93 30.15 -44.21
C GLU D 265 26.19 30.55 -43.45
N LEU D 266 26.16 31.70 -42.78
CA LEU D 266 27.28 32.11 -41.94
C LEU D 266 27.50 31.12 -40.81
N ILE D 267 26.43 30.70 -40.15
CA ILE D 267 26.55 29.72 -39.07
C ILE D 267 27.09 28.40 -39.61
N GLY D 268 26.64 28.01 -40.81
CA GLY D 268 27.16 26.80 -41.41
C GLY D 268 28.65 26.87 -41.69
N ARG D 269 29.11 28.00 -42.22
CA ARG D 269 30.54 28.17 -42.45
C ARG D 269 31.33 28.12 -41.14
N LEU D 270 30.82 28.80 -40.11
CA LEU D 270 31.51 28.79 -38.82
C LEU D 270 31.57 27.39 -38.24
N ALA D 271 30.51 26.61 -38.43
CA ALA D 271 30.52 25.23 -37.95
C ALA D 271 31.50 24.38 -38.76
N SER D 272 31.60 24.64 -40.07
CA SER D 272 32.57 23.93 -40.88
C SER D 272 33.99 24.21 -40.42
N GLU D 273 34.27 25.46 -40.03
CA GLU D 273 35.60 25.80 -39.54
C GLU D 273 35.93 25.01 -38.28
N LEU D 274 35.04 25.03 -37.29
CA LEU D 274 35.25 24.30 -36.05
C LEU D 274 35.13 22.79 -36.28
N GLY D 275 35.72 22.01 -35.39
CA GLY D 275 35.64 20.57 -35.52
C GLY D 275 36.13 19.78 -34.32
N THR D 276 35.61 20.08 -33.13
CA THR D 276 35.97 19.36 -31.91
C THR D 276 34.72 19.11 -31.08
N ALA D 277 34.91 18.49 -29.92
CA ALA D 277 33.81 18.18 -29.01
C ALA D 277 33.59 19.33 -28.03
N SER E 4 -32.01 -35.52 -49.64
CA SER E 4 -32.75 -36.16 -48.54
C SER E 4 -33.38 -35.11 -47.63
N LYS E 5 -32.93 -35.09 -46.36
CA LYS E 5 -33.46 -34.15 -45.37
C LYS E 5 -32.33 -33.77 -44.42
N ILE E 6 -31.47 -32.86 -44.88
CA ILE E 6 -30.36 -32.36 -44.07
C ILE E 6 -30.92 -31.41 -43.02
N ILE E 7 -31.48 -31.97 -41.95
CA ILE E 7 -32.11 -31.19 -40.89
C ILE E 7 -31.09 -30.89 -39.81
N GLY E 8 -31.06 -29.64 -39.33
CA GLY E 8 -30.17 -29.24 -38.27
C GLY E 8 -28.86 -28.63 -38.71
N SER E 9 -28.63 -28.49 -40.02
CA SER E 9 -27.40 -27.87 -40.50
C SER E 9 -27.30 -26.43 -40.02
N ASP E 10 -26.08 -26.01 -39.69
CA ASP E 10 -25.85 -24.67 -39.14
C ASP E 10 -26.40 -23.59 -40.04
N ARG E 11 -26.32 -23.79 -41.36
CA ARG E 11 -26.83 -22.79 -42.29
C ARG E 11 -28.32 -22.57 -42.10
N VAL E 12 -29.07 -23.65 -41.81
CA VAL E 12 -30.50 -23.52 -41.57
C VAL E 12 -30.75 -22.78 -40.26
N LYS E 13 -30.05 -23.18 -39.20
CA LYS E 13 -30.16 -22.53 -37.91
C LYS E 13 -29.99 -21.02 -38.04
N ARG E 14 -28.89 -20.58 -38.66
CA ARG E 14 -28.63 -19.14 -38.75
C ARG E 14 -29.41 -18.47 -39.86
N GLY E 15 -29.94 -19.22 -40.83
CA GLY E 15 -30.81 -18.61 -41.83
C GLY E 15 -32.18 -18.29 -41.29
N MET E 16 -32.67 -19.11 -40.35
CA MET E 16 -33.91 -18.79 -39.65
C MET E 16 -33.89 -17.37 -39.08
N ALA E 17 -32.73 -16.90 -38.65
CA ALA E 17 -32.56 -15.54 -38.16
C ALA E 17 -32.08 -14.57 -39.23
N GLU E 18 -31.37 -15.06 -40.24
CA GLU E 18 -30.87 -14.17 -41.29
C GLU E 18 -31.99 -13.65 -42.16
N MET E 19 -33.01 -14.48 -42.41
CA MET E 19 -34.22 -13.99 -43.07
C MET E 19 -35.25 -13.48 -42.07
N GLN E 20 -34.79 -13.07 -40.89
CA GLN E 20 -35.59 -12.39 -39.89
C GLN E 20 -35.21 -10.93 -39.71
N LYS E 21 -34.08 -10.50 -40.26
CA LYS E 21 -33.60 -9.15 -40.02
C LYS E 21 -34.48 -8.14 -40.76
N GLY E 22 -34.47 -6.90 -40.25
CA GLY E 22 -35.33 -5.85 -40.74
C GLY E 22 -36.62 -5.70 -39.97
N GLY E 23 -36.92 -6.62 -39.08
CA GLY E 23 -38.12 -6.58 -38.27
C GLY E 23 -37.79 -6.56 -36.78
N VAL E 24 -38.85 -6.43 -35.99
CA VAL E 24 -38.74 -6.28 -34.54
C VAL E 24 -39.41 -7.48 -33.88
N ILE E 25 -38.75 -8.06 -32.88
CA ILE E 25 -39.31 -9.12 -32.06
C ILE E 25 -39.66 -8.51 -30.71
N MET E 26 -40.96 -8.46 -30.40
CA MET E 26 -41.42 -7.93 -29.13
C MET E 26 -41.84 -9.09 -28.23
N ASP E 27 -41.53 -8.99 -26.94
CA ASP E 27 -41.89 -10.09 -26.07
C ASP E 27 -43.38 -10.01 -25.71
N VAL E 28 -43.90 -11.11 -25.17
CA VAL E 28 -45.34 -11.27 -24.99
C VAL E 28 -45.59 -12.13 -23.75
N VAL E 29 -46.68 -11.84 -23.05
CA VAL E 29 -47.04 -12.54 -21.83
C VAL E 29 -48.20 -13.50 -22.07
N ASN E 30 -49.22 -13.09 -22.81
CA ASN E 30 -50.40 -13.92 -23.01
C ASN E 30 -50.82 -13.87 -24.48
N ALA E 31 -51.79 -14.71 -24.83
CA ALA E 31 -52.19 -14.87 -26.22
C ALA E 31 -52.72 -13.56 -26.81
N GLU E 32 -53.46 -12.79 -26.01
CA GLU E 32 -54.08 -11.58 -26.54
C GLU E 32 -53.05 -10.50 -26.86
N GLN E 33 -51.93 -10.48 -26.14
CA GLN E 33 -50.83 -9.61 -26.52
C GLN E 33 -50.12 -10.10 -27.77
N ALA E 34 -50.05 -11.42 -27.95
CA ALA E 34 -49.46 -11.98 -29.17
C ALA E 34 -50.30 -11.66 -30.39
N ARG E 35 -51.63 -11.58 -30.23
CA ARG E 35 -52.49 -11.15 -31.33
C ARG E 35 -52.10 -9.75 -31.79
N ILE E 36 -51.94 -8.83 -30.84
CA ILE E 36 -51.53 -7.46 -31.18
C ILE E 36 -50.16 -7.46 -31.83
N ALA E 37 -49.23 -8.26 -31.28
CA ALA E 37 -47.89 -8.30 -31.84
C ALA E 37 -47.89 -8.78 -33.28
N GLU E 38 -48.67 -9.82 -33.58
CA GLU E 38 -48.75 -10.30 -34.95
C GLU E 38 -49.41 -9.27 -35.86
N GLU E 39 -50.56 -8.73 -35.45
CA GLU E 39 -51.27 -7.76 -36.28
C GLU E 39 -50.61 -6.39 -36.30
N ALA E 40 -49.47 -6.22 -35.62
CA ALA E 40 -48.73 -4.97 -35.67
C ALA E 40 -47.50 -5.05 -36.59
N GLY E 41 -47.17 -6.23 -37.09
CA GLY E 41 -46.03 -6.38 -37.97
C GLY E 41 -44.79 -6.97 -37.35
N ALA E 42 -44.90 -7.61 -36.19
CA ALA E 42 -43.74 -8.23 -35.57
C ALA E 42 -43.31 -9.47 -36.35
N VAL E 43 -42.00 -9.68 -36.45
CA VAL E 43 -41.47 -10.86 -37.14
C VAL E 43 -41.44 -12.09 -36.26
N ALA E 44 -41.57 -11.93 -34.95
CA ALA E 44 -41.61 -13.04 -34.00
C ALA E 44 -41.98 -12.48 -32.64
N VAL E 45 -42.38 -13.39 -31.73
CA VAL E 45 -42.75 -13.02 -30.37
C VAL E 45 -41.89 -13.79 -29.39
N MET E 46 -41.64 -13.17 -28.24
CA MET E 46 -40.85 -13.78 -27.17
C MET E 46 -41.81 -14.11 -26.03
N ALA E 47 -42.18 -15.38 -25.93
CA ALA E 47 -43.11 -15.83 -24.90
C ALA E 47 -42.40 -15.90 -23.54
N LEU E 48 -42.91 -15.16 -22.57
CA LEU E 48 -42.37 -15.20 -21.21
C LEU E 48 -43.51 -15.00 -20.22
N GLU E 49 -43.26 -15.39 -18.97
CA GLU E 49 -44.28 -15.36 -17.94
C GLU E 49 -44.26 -14.04 -17.16
N ARG E 50 -43.08 -13.59 -16.75
CA ARG E 50 -42.96 -12.35 -16.00
C ARG E 50 -41.87 -11.45 -16.57
N ALA E 58 -34.87 -8.59 -9.62
CA ALA E 58 -34.57 -7.97 -8.34
C ALA E 58 -35.64 -8.31 -7.31
N GLY E 59 -36.36 -9.41 -7.54
CA GLY E 59 -37.40 -9.83 -6.64
C GLY E 59 -37.34 -11.30 -6.28
N GLY E 60 -36.55 -12.06 -7.04
CA GLY E 60 -36.42 -13.48 -6.78
C GLY E 60 -35.54 -14.19 -7.80
N VAL E 61 -35.92 -15.42 -8.16
CA VAL E 61 -35.19 -16.21 -9.14
C VAL E 61 -36.11 -16.49 -10.32
N ALA E 62 -35.69 -16.10 -11.52
CA ALA E 62 -36.48 -16.27 -12.72
C ALA E 62 -36.17 -17.60 -13.39
N ARG E 63 -37.23 -18.31 -13.81
CA ARG E 63 -37.07 -19.61 -14.44
C ARG E 63 -37.62 -19.59 -15.86
N MET E 64 -37.85 -20.77 -16.43
CA MET E 64 -38.55 -20.86 -17.71
C MET E 64 -40.01 -20.49 -17.52
N ALA E 65 -40.57 -19.85 -18.55
CA ALA E 65 -42.01 -19.60 -18.56
C ALA E 65 -42.76 -20.91 -18.73
N ASN E 66 -43.73 -21.15 -17.84
CA ASN E 66 -44.52 -22.38 -17.80
C ASN E 66 -44.94 -22.83 -19.19
N PRO E 67 -44.70 -24.10 -19.55
CA PRO E 67 -45.07 -24.58 -20.88
C PRO E 67 -46.52 -24.30 -21.27
N LYS E 68 -47.42 -24.18 -20.29
CA LYS E 68 -48.81 -23.86 -20.60
C LYS E 68 -48.91 -22.48 -21.25
N ILE E 69 -48.21 -21.49 -20.69
CA ILE E 69 -48.29 -20.14 -21.24
C ILE E 69 -47.58 -20.07 -22.58
N VAL E 70 -46.52 -20.87 -22.76
CA VAL E 70 -45.82 -20.89 -24.06
C VAL E 70 -46.72 -21.51 -25.12
N GLU E 71 -47.47 -22.56 -24.77
CA GLU E 71 -48.40 -23.15 -25.71
C GLU E 71 -49.56 -22.20 -26.01
N GLU E 72 -50.02 -21.45 -25.00
CA GLU E 72 -51.06 -20.45 -25.22
C GLU E 72 -50.60 -19.39 -26.21
N VAL E 73 -49.35 -18.94 -26.08
CA VAL E 73 -48.82 -17.96 -27.02
C VAL E 73 -48.60 -18.60 -28.40
N MET E 74 -48.21 -19.87 -28.42
CA MET E 74 -47.91 -20.55 -29.67
C MET E 74 -49.16 -20.75 -30.52
N ASN E 75 -50.25 -21.19 -29.90
CA ASN E 75 -51.47 -21.48 -30.64
C ASN E 75 -52.20 -20.23 -31.10
N ALA E 76 -51.76 -19.05 -30.67
CA ALA E 76 -52.47 -17.82 -31.00
C ALA E 76 -51.92 -17.09 -32.22
N VAL E 77 -50.69 -17.40 -32.64
CA VAL E 77 -50.04 -16.68 -33.73
C VAL E 77 -49.45 -17.67 -34.73
N SER E 78 -49.25 -17.18 -35.95
CA SER E 78 -48.60 -17.95 -37.00
C SER E 78 -47.15 -17.53 -37.23
N ILE E 79 -46.72 -16.43 -36.64
CA ILE E 79 -45.32 -15.99 -36.73
C ILE E 79 -44.50 -16.82 -35.74
N PRO E 80 -43.18 -16.94 -35.91
CA PRO E 80 -42.41 -17.79 -35.00
C PRO E 80 -42.43 -17.25 -33.58
N VAL E 81 -42.48 -18.18 -32.62
CA VAL E 81 -42.48 -17.85 -31.20
C VAL E 81 -41.21 -18.42 -30.58
N MET E 82 -40.53 -17.61 -29.78
CA MET E 82 -39.30 -18.03 -29.11
C MET E 82 -39.45 -17.85 -27.61
N ALA E 83 -38.85 -18.77 -26.85
CA ALA E 83 -38.94 -18.78 -25.39
C ALA E 83 -37.55 -18.67 -24.78
N LYS E 84 -37.51 -18.27 -23.51
CA LYS E 84 -36.27 -18.01 -22.80
C LYS E 84 -35.93 -19.19 -21.90
N ALA E 85 -34.65 -19.55 -21.87
CA ALA E 85 -34.15 -20.60 -21.00
C ALA E 85 -33.01 -20.04 -20.15
N ARG E 86 -32.82 -20.64 -18.97
CA ARG E 86 -31.78 -20.19 -18.06
C ARG E 86 -30.41 -20.53 -18.61
N ILE E 87 -29.41 -19.73 -18.22
CA ILE E 87 -28.05 -19.92 -18.72
C ILE E 87 -27.53 -21.28 -18.30
N GLY E 88 -27.08 -22.07 -19.27
CA GLY E 88 -26.53 -23.37 -18.99
C GLY E 88 -27.52 -24.41 -18.52
N HIS E 89 -28.82 -24.11 -18.57
CA HIS E 89 -29.85 -25.05 -18.14
C HIS E 89 -30.14 -26.00 -19.29
N ILE E 90 -29.61 -27.23 -19.20
CA ILE E 90 -29.73 -28.18 -20.29
C ILE E 90 -31.17 -28.63 -20.46
N THR E 91 -31.78 -29.13 -19.39
CA THR E 91 -33.13 -29.68 -19.50
C THR E 91 -34.16 -28.61 -19.82
N GLU E 92 -33.93 -27.36 -19.41
CA GLU E 92 -34.86 -26.30 -19.76
C GLU E 92 -34.88 -26.06 -21.26
N ALA E 93 -33.70 -25.92 -21.86
CA ALA E 93 -33.63 -25.76 -23.31
C ALA E 93 -34.15 -26.99 -24.02
N ARG E 94 -33.92 -28.18 -23.46
CA ARG E 94 -34.43 -29.41 -24.07
C ARG E 94 -35.95 -29.45 -24.05
N VAL E 95 -36.57 -29.03 -22.94
CA VAL E 95 -38.02 -29.00 -22.84
C VAL E 95 -38.60 -27.99 -23.82
N LEU E 96 -37.97 -26.80 -23.92
CA LEU E 96 -38.42 -25.83 -24.91
C LEU E 96 -38.25 -26.36 -26.32
N GLU E 97 -37.21 -27.15 -26.57
CA GLU E 97 -37.01 -27.74 -27.89
C GLU E 97 -38.10 -28.77 -28.20
N ALA E 98 -38.49 -29.57 -27.20
CA ALA E 98 -39.50 -30.60 -27.42
C ALA E 98 -40.85 -29.98 -27.78
N MET E 99 -41.13 -28.78 -27.28
CA MET E 99 -42.39 -28.10 -27.56
C MET E 99 -42.43 -27.49 -28.96
N GLY E 100 -41.33 -27.56 -29.72
CA GLY E 100 -41.29 -27.00 -31.05
C GLY E 100 -40.96 -25.53 -31.12
N VAL E 101 -40.52 -24.93 -30.02
CA VAL E 101 -40.19 -23.50 -30.02
C VAL E 101 -39.15 -23.20 -31.10
N ASP E 102 -39.39 -22.13 -31.85
CA ASP E 102 -38.55 -21.82 -33.00
C ASP E 102 -37.16 -21.35 -32.59
N TYR E 103 -37.04 -20.69 -31.44
CA TYR E 103 -35.76 -20.20 -30.96
C TYR E 103 -35.74 -20.23 -29.44
N ILE E 104 -34.59 -20.60 -28.88
CA ILE E 104 -34.37 -20.51 -27.44
C ILE E 104 -33.35 -19.42 -27.19
N ASP E 105 -33.68 -18.51 -26.28
CA ASP E 105 -32.79 -17.42 -25.88
C ASP E 105 -32.06 -17.86 -24.61
N GLU E 106 -30.78 -18.19 -24.75
CA GLU E 106 -29.97 -18.46 -23.56
C GLU E 106 -29.77 -17.13 -22.86
N SER E 107 -30.78 -16.74 -22.09
CA SER E 107 -30.95 -15.36 -21.65
C SER E 107 -30.30 -15.13 -20.29
N GLU E 108 -29.45 -14.10 -20.22
CA GLU E 108 -28.90 -13.64 -18.96
C GLU E 108 -29.89 -12.83 -18.14
N VAL E 109 -31.05 -12.50 -18.71
CA VAL E 109 -32.09 -11.80 -17.96
C VAL E 109 -32.65 -12.72 -16.87
N LEU E 110 -32.99 -13.95 -17.23
CA LEU E 110 -33.34 -14.96 -16.23
C LEU E 110 -32.12 -15.26 -15.36
N THR E 111 -32.39 -15.69 -14.13
CA THR E 111 -31.31 -16.11 -13.26
C THR E 111 -30.57 -17.28 -13.90
N PRO E 112 -29.24 -17.20 -14.02
CA PRO E 112 -28.50 -18.30 -14.65
C PRO E 112 -28.67 -19.60 -13.88
N ALA E 113 -28.30 -20.70 -14.53
CA ALA E 113 -28.21 -22.00 -13.89
C ALA E 113 -26.78 -22.51 -13.77
N ASP E 114 -25.87 -22.01 -14.61
CA ASP E 114 -24.46 -22.40 -14.59
C ASP E 114 -23.65 -21.12 -14.73
N GLU E 115 -23.20 -20.57 -13.59
CA GLU E 115 -22.47 -19.30 -13.60
C GLU E 115 -21.11 -19.40 -14.26
N GLU E 116 -20.67 -20.60 -14.64
CA GLU E 116 -19.37 -20.80 -15.26
C GLU E 116 -19.46 -21.18 -16.73
N TYR E 117 -20.31 -22.14 -17.07
CA TYR E 117 -20.33 -22.73 -18.41
C TYR E 117 -21.69 -22.52 -19.06
N HIS E 118 -21.68 -22.04 -20.30
CA HIS E 118 -22.91 -21.83 -21.05
C HIS E 118 -23.41 -23.15 -21.62
N LEU E 119 -24.54 -23.09 -22.32
CA LEU E 119 -25.15 -24.28 -22.90
C LEU E 119 -24.30 -24.83 -24.04
N ARG E 120 -24.46 -26.12 -24.30
CA ARG E 120 -23.82 -26.81 -25.41
C ARG E 120 -24.75 -26.77 -26.62
N LYS E 121 -24.84 -25.59 -27.22
CA LYS E 121 -25.90 -25.29 -28.18
C LYS E 121 -25.81 -26.11 -29.46
N ASP E 122 -24.63 -26.60 -29.82
CA ASP E 122 -24.50 -27.37 -31.05
C ASP E 122 -25.03 -28.80 -30.92
N GLN E 123 -25.40 -29.24 -29.71
CA GLN E 123 -26.06 -30.53 -29.55
C GLN E 123 -27.53 -30.46 -29.91
N PHE E 124 -28.14 -29.29 -29.86
CA PHE E 124 -29.55 -29.12 -30.13
C PHE E 124 -29.79 -28.98 -31.64
N THR E 125 -31.02 -29.29 -32.05
CA THR E 125 -31.45 -29.07 -33.42
C THR E 125 -32.28 -27.79 -33.57
N VAL E 126 -32.53 -27.08 -32.48
CA VAL E 126 -33.23 -25.81 -32.50
C VAL E 126 -32.20 -24.70 -32.38
N PRO E 127 -32.27 -23.64 -33.20
CA PRO E 127 -31.28 -22.57 -33.10
C PRO E 127 -31.43 -21.77 -31.82
N PHE E 128 -30.32 -21.21 -31.37
CA PHE E 128 -30.25 -20.45 -30.13
C PHE E 128 -29.89 -19.00 -30.42
N VAL E 129 -30.29 -18.11 -29.52
CA VAL E 129 -29.88 -16.72 -29.55
C VAL E 129 -29.28 -16.36 -28.19
N CYS E 130 -28.16 -15.67 -28.20
CA CYS E 130 -27.42 -15.34 -26.99
C CYS E 130 -27.04 -13.86 -26.98
N GLY E 131 -26.76 -13.36 -25.79
CA GLY E 131 -26.36 -11.97 -25.62
C GLY E 131 -24.86 -11.80 -25.63
N CYS E 132 -24.42 -10.63 -26.07
CA CYS E 132 -23.00 -10.32 -26.17
C CYS E 132 -22.77 -8.84 -25.91
N ARG E 133 -21.57 -8.52 -25.44
CA ARG E 133 -21.17 -7.14 -25.20
C ARG E 133 -19.91 -6.73 -25.95
N ASN E 134 -19.19 -7.68 -26.54
CA ASN E 134 -18.00 -7.40 -27.33
C ASN E 134 -17.78 -8.57 -28.29
N LEU E 135 -16.75 -8.46 -29.12
CA LEU E 135 -16.47 -9.53 -30.06
C LEU E 135 -16.06 -10.82 -29.35
N GLY E 136 -15.46 -10.70 -28.17
CA GLY E 136 -15.09 -11.88 -27.39
C GLY E 136 -16.28 -12.73 -27.01
N GLU E 137 -17.26 -12.13 -26.35
CA GLU E 137 -18.45 -12.88 -25.95
C GLU E 137 -19.21 -13.39 -27.16
N ALA E 138 -19.29 -12.58 -28.22
CA ALA E 138 -20.00 -13.00 -29.42
C ALA E 138 -19.34 -14.23 -30.05
N ALA E 139 -18.01 -14.19 -30.20
CA ALA E 139 -17.30 -15.32 -30.78
C ALA E 139 -17.38 -16.55 -29.89
N ARG E 140 -17.36 -16.36 -28.56
CA ARG E 140 -17.50 -17.48 -27.66
C ARG E 140 -18.88 -18.13 -27.78
N ARG E 141 -19.92 -17.31 -27.86
CA ARG E 141 -21.27 -17.84 -28.05
C ARG E 141 -21.40 -18.58 -29.37
N ILE E 142 -20.83 -18.01 -30.44
CA ILE E 142 -20.87 -18.68 -31.74
C ILE E 142 -20.15 -20.02 -31.67
N GLY E 143 -18.98 -20.06 -31.00
CA GLY E 143 -18.25 -21.30 -30.87
C GLY E 143 -19.03 -22.35 -30.09
N GLU E 144 -19.73 -21.92 -29.03
CA GLU E 144 -20.58 -22.86 -28.30
C GLU E 144 -21.77 -23.34 -29.10
N GLY E 145 -22.04 -22.73 -30.27
CA GLY E 145 -23.10 -23.19 -31.14
C GLY E 145 -24.27 -22.25 -31.30
N ALA E 146 -24.17 -21.00 -30.84
CA ALA E 146 -25.27 -20.06 -30.99
C ALA E 146 -25.50 -19.75 -32.47
N ALA E 147 -26.76 -19.59 -32.84
CA ALA E 147 -27.15 -19.31 -34.22
C ALA E 147 -27.76 -17.92 -34.37
N MET E 148 -27.57 -17.05 -33.39
CA MET E 148 -28.08 -15.68 -33.42
C MET E 148 -27.51 -14.94 -32.23
N LEU E 149 -27.32 -13.63 -32.40
CA LEU E 149 -26.73 -12.81 -31.36
C LEU E 149 -27.56 -11.54 -31.15
N ARG E 150 -27.55 -11.06 -29.92
CA ARG E 150 -28.20 -9.81 -29.55
C ARG E 150 -27.33 -9.10 -28.53
N THR E 151 -27.59 -7.82 -28.34
CA THR E 151 -26.87 -7.05 -27.33
C THR E 151 -27.47 -7.30 -25.95
N LYS E 152 -26.60 -7.37 -24.94
CA LYS E 152 -27.08 -7.57 -23.58
C LYS E 152 -27.89 -6.37 -23.10
N GLY E 153 -27.39 -5.15 -23.38
CA GLY E 153 -28.07 -3.92 -23.04
C GLY E 153 -28.37 -3.81 -21.56
N GLU E 154 -29.42 -3.05 -21.24
CA GLU E 154 -29.90 -2.88 -19.87
C GLU E 154 -31.39 -3.14 -19.89
N PRO E 155 -31.80 -4.41 -19.78
CA PRO E 155 -33.23 -4.74 -19.87
C PRO E 155 -34.01 -4.17 -18.70
N GLY E 156 -35.23 -3.70 -18.99
CA GLY E 156 -36.10 -3.17 -17.97
C GLY E 156 -35.79 -1.77 -17.49
N THR E 157 -34.94 -1.03 -18.22
CA THR E 157 -34.61 0.34 -17.86
C THR E 157 -35.02 1.36 -18.89
N GLY E 158 -35.27 0.96 -20.14
CA GLY E 158 -35.54 1.92 -21.18
C GLY E 158 -34.38 2.81 -21.54
N ASN E 159 -33.17 2.50 -21.06
CA ASN E 159 -32.00 3.32 -21.29
C ASN E 159 -31.15 2.66 -22.38
N ILE E 160 -31.01 3.36 -23.52
CA ILE E 160 -30.35 2.79 -24.69
C ILE E 160 -28.84 2.79 -24.59
N VAL E 161 -28.28 3.34 -23.50
CA VAL E 161 -26.83 3.52 -23.40
C VAL E 161 -26.10 2.19 -23.59
N GLU E 162 -26.56 1.14 -22.92
CA GLU E 162 -25.83 -0.12 -22.95
C GLU E 162 -25.96 -0.81 -24.30
N ALA E 163 -27.15 -0.73 -24.92
CA ALA E 163 -27.32 -1.29 -26.26
C ALA E 163 -26.40 -0.61 -27.26
N VAL E 164 -26.36 0.72 -27.23
CA VAL E 164 -25.47 1.46 -28.12
C VAL E 164 -24.02 1.06 -27.87
N ARG E 165 -23.62 1.00 -26.59
CA ARG E 165 -22.24 0.66 -26.26
C ARG E 165 -21.86 -0.71 -26.79
N HIS E 166 -22.71 -1.72 -26.54
CA HIS E 166 -22.39 -3.08 -26.97
C HIS E 166 -22.37 -3.19 -28.49
N MET E 167 -23.37 -2.61 -29.16
CA MET E 167 -23.41 -2.65 -30.62
C MET E 167 -22.17 -2.00 -31.23
N ARG E 168 -21.82 -0.81 -30.75
CA ARG E 168 -20.66 -0.11 -31.29
C ARG E 168 -19.37 -0.87 -30.99
N GLN E 169 -19.26 -1.46 -29.80
CA GLN E 169 -18.06 -2.21 -29.45
C GLN E 169 -17.88 -3.40 -30.39
N VAL E 170 -18.92 -4.22 -30.54
CA VAL E 170 -18.79 -5.42 -31.37
C VAL E 170 -18.59 -5.02 -32.83
N ASN E 171 -19.23 -3.94 -33.28
CA ASN E 171 -19.09 -3.51 -34.66
C ASN E 171 -17.68 -3.01 -34.94
N SER E 172 -17.12 -2.19 -34.04
CA SER E 172 -15.76 -1.70 -34.24
C SER E 172 -14.75 -2.84 -34.19
N GLU E 173 -14.98 -3.83 -33.31
CA GLU E 173 -14.03 -4.93 -33.22
C GLU E 173 -14.09 -5.82 -34.45
N VAL E 174 -15.29 -6.11 -34.97
CA VAL E 174 -15.36 -6.92 -36.18
C VAL E 174 -14.83 -6.13 -37.39
N SER E 175 -15.05 -4.81 -37.43
CA SER E 175 -14.51 -4.02 -38.52
C SER E 175 -12.97 -3.99 -38.47
N ARG E 176 -12.41 -3.92 -37.27
CA ARG E 176 -10.96 -4.06 -37.13
C ARG E 176 -10.49 -5.42 -37.63
N LEU E 177 -11.21 -6.48 -37.27
CA LEU E 177 -10.78 -7.83 -37.64
C LEU E 177 -10.88 -8.06 -39.14
N THR E 178 -11.84 -7.42 -39.82
CA THR E 178 -11.99 -7.62 -41.26
C THR E 178 -10.78 -7.14 -42.05
N VAL E 179 -9.95 -6.28 -41.47
CA VAL E 179 -8.83 -5.69 -42.20
C VAL E 179 -7.55 -5.93 -41.40
N MET E 180 -7.61 -6.85 -40.44
CA MET E 180 -6.48 -7.13 -39.58
C MET E 180 -5.52 -8.11 -40.25
N ASN E 181 -4.23 -7.91 -40.02
CA ASN E 181 -3.21 -8.78 -40.60
C ASN E 181 -3.42 -10.23 -40.15
N ASP E 182 -3.17 -11.15 -41.08
CA ASP E 182 -3.32 -12.57 -40.76
C ASP E 182 -2.35 -13.02 -39.68
N ASP E 183 -1.21 -12.34 -39.57
CA ASP E 183 -0.21 -12.73 -38.58
C ASP E 183 -0.66 -12.39 -37.16
N GLU E 184 -1.52 -11.39 -37.02
CA GLU E 184 -1.88 -10.83 -35.72
C GLU E 184 -3.19 -11.37 -35.16
N ILE E 185 -3.91 -12.19 -35.91
CA ILE E 185 -5.24 -12.60 -35.48
C ILE E 185 -5.14 -13.51 -34.24
N MET E 186 -4.20 -14.45 -34.24
CA MET E 186 -4.14 -15.45 -33.19
C MET E 186 -4.04 -14.80 -31.81
N THR E 187 -3.02 -13.97 -31.60
CA THR E 187 -2.87 -13.29 -30.33
C THR E 187 -4.07 -12.40 -30.04
N PHE E 188 -4.68 -11.83 -31.08
CA PHE E 188 -5.91 -11.08 -30.90
C PHE E 188 -6.98 -11.97 -30.27
N ALA E 189 -7.16 -13.17 -30.81
CA ALA E 189 -8.08 -14.13 -30.20
C ALA E 189 -7.65 -14.47 -28.78
N LYS E 190 -6.33 -14.48 -28.52
CA LYS E 190 -5.87 -14.71 -27.16
C LYS E 190 -6.18 -13.53 -26.25
N ASP E 191 -6.18 -12.31 -26.81
CA ASP E 191 -6.39 -11.13 -25.98
C ASP E 191 -7.85 -10.97 -25.59
N ILE E 192 -8.77 -11.17 -26.55
CA ILE E 192 -10.20 -11.03 -26.28
C ILE E 192 -10.83 -12.33 -25.82
N GLY E 193 -10.06 -13.41 -25.70
CA GLY E 193 -10.58 -14.69 -25.27
C GLY E 193 -11.64 -15.24 -26.21
N ALA E 194 -11.28 -15.45 -27.46
CA ALA E 194 -12.21 -15.90 -28.49
C ALA E 194 -11.64 -17.07 -29.25
N PRO E 195 -12.50 -17.94 -29.78
CA PRO E 195 -12.01 -19.04 -30.63
C PRO E 195 -11.36 -18.51 -31.89
N TYR E 196 -10.19 -19.06 -32.21
CA TYR E 196 -9.36 -18.53 -33.28
C TYR E 196 -9.95 -18.81 -34.65
N GLU E 197 -10.47 -20.02 -34.86
CA GLU E 197 -11.07 -20.36 -36.15
C GLU E 197 -12.28 -19.48 -36.44
N ILE E 198 -13.03 -19.09 -35.40
CA ILE E 198 -14.18 -18.22 -35.61
C ILE E 198 -13.73 -16.84 -36.08
N LEU E 199 -12.62 -16.33 -35.52
CA LEU E 199 -12.11 -15.05 -35.98
C LEU E 199 -11.60 -15.14 -37.43
N LYS E 200 -10.94 -16.25 -37.77
CA LYS E 200 -10.52 -16.45 -39.15
C LYS E 200 -11.73 -16.46 -40.09
N GLN E 201 -12.80 -17.14 -39.68
CA GLN E 201 -14.02 -17.17 -40.50
C GLN E 201 -14.64 -15.79 -40.61
N ILE E 202 -14.57 -15.00 -39.54
CA ILE E 202 -15.08 -13.63 -39.57
C ILE E 202 -14.32 -12.82 -40.62
N LYS E 203 -12.99 -12.89 -40.60
CA LYS E 203 -12.22 -12.15 -41.58
C LYS E 203 -12.45 -12.67 -42.99
N ASP E 204 -12.66 -13.97 -43.16
CA ASP E 204 -12.88 -14.53 -44.49
C ASP E 204 -14.21 -14.07 -45.06
N ASN E 205 -15.29 -14.19 -44.28
CA ASN E 205 -16.61 -13.77 -44.76
C ASN E 205 -16.73 -12.26 -44.89
N GLY E 206 -15.91 -11.49 -44.16
CA GLY E 206 -15.98 -10.05 -44.19
C GLY E 206 -17.05 -9.43 -43.33
N ARG E 207 -17.96 -10.22 -42.78
CA ARG E 207 -18.99 -9.72 -41.87
C ARG E 207 -19.10 -10.70 -40.71
N LEU E 208 -19.92 -10.35 -39.74
CA LEU E 208 -20.17 -11.25 -38.63
C LEU E 208 -20.89 -12.48 -39.16
N PRO E 209 -20.43 -13.69 -38.83
CA PRO E 209 -21.01 -14.91 -39.44
C PRO E 209 -22.46 -15.16 -39.08
N VAL E 210 -23.06 -14.35 -38.21
CA VAL E 210 -24.43 -14.54 -37.75
C VAL E 210 -25.06 -13.16 -37.54
N VAL E 211 -26.37 -13.14 -37.39
CA VAL E 211 -27.11 -11.89 -37.29
C VAL E 211 -27.03 -11.37 -35.86
N ASN E 212 -26.77 -10.06 -35.73
CA ASN E 212 -26.70 -9.39 -34.44
C ASN E 212 -27.84 -8.39 -34.34
N PHE E 213 -28.72 -8.60 -33.37
CA PHE E 213 -29.83 -7.69 -33.11
C PHE E 213 -29.51 -6.76 -31.95
N ALA E 214 -30.35 -5.75 -31.79
CA ALA E 214 -30.32 -4.86 -30.64
C ALA E 214 -31.33 -5.31 -29.60
N ALA E 215 -30.98 -5.12 -28.33
CA ALA E 215 -31.84 -5.58 -27.24
C ALA E 215 -31.47 -4.83 -25.97
N GLY E 216 -32.49 -4.33 -25.27
CA GLY E 216 -32.26 -3.69 -23.99
C GLY E 216 -33.04 -2.41 -23.79
N GLY E 217 -32.39 -1.27 -24.00
CA GLY E 217 -32.97 0.03 -23.75
C GLY E 217 -33.93 0.56 -24.79
N VAL E 218 -34.36 -0.26 -25.75
CA VAL E 218 -35.28 0.20 -26.77
C VAL E 218 -36.63 0.53 -26.12
N ALA E 219 -37.06 1.78 -26.26
CA ALA E 219 -38.31 2.22 -25.66
C ALA E 219 -39.10 3.23 -26.49
N THR E 220 -38.49 3.88 -27.47
CA THR E 220 -39.14 4.85 -28.34
C THR E 220 -38.84 4.50 -29.79
N PRO E 221 -39.62 5.02 -30.73
CA PRO E 221 -39.26 4.83 -32.15
C PRO E 221 -37.92 5.46 -32.52
N GLN E 222 -37.53 6.55 -31.85
CA GLN E 222 -36.27 7.22 -32.16
C GLN E 222 -35.09 6.28 -31.94
N ASP E 223 -34.92 5.78 -30.71
CA ASP E 223 -33.81 4.88 -30.44
C ASP E 223 -34.06 3.46 -30.92
N ALA E 224 -35.21 3.21 -31.54
CA ALA E 224 -35.39 1.97 -32.30
C ALA E 224 -34.83 2.09 -33.71
N ALA E 225 -35.04 3.25 -34.33
CA ALA E 225 -34.41 3.51 -35.62
C ALA E 225 -32.91 3.77 -35.47
N LEU E 226 -32.50 4.28 -34.31
CA LEU E 226 -31.08 4.51 -34.06
C LEU E 226 -30.30 3.20 -34.11
N MET E 227 -30.90 2.11 -33.64
CA MET E 227 -30.23 0.82 -33.66
C MET E 227 -29.98 0.36 -35.10
N MET E 228 -30.97 0.54 -35.98
CA MET E 228 -30.76 0.18 -37.38
C MET E 228 -29.76 1.12 -38.05
N GLU E 229 -29.78 2.40 -37.67
CA GLU E 229 -28.79 3.34 -38.19
C GLU E 229 -27.38 2.96 -37.76
N LEU E 230 -27.24 2.36 -36.58
CA LEU E 230 -25.93 2.05 -36.04
C LEU E 230 -25.34 0.77 -36.62
N GLY E 231 -26.13 -0.05 -37.30
CA GLY E 231 -25.65 -1.28 -37.89
C GLY E 231 -26.38 -2.53 -37.42
N ALA E 232 -27.31 -2.43 -36.48
CA ALA E 232 -28.07 -3.59 -36.04
C ALA E 232 -28.97 -4.10 -37.16
N ASP E 233 -29.24 -5.40 -37.13
CA ASP E 233 -30.10 -6.03 -38.12
C ASP E 233 -31.55 -6.12 -37.68
N GLY E 234 -31.84 -5.79 -36.43
CA GLY E 234 -33.20 -5.88 -35.92
C GLY E 234 -33.24 -5.41 -34.48
N VAL E 235 -34.45 -5.43 -33.92
CA VAL E 235 -34.70 -4.86 -32.61
C VAL E 235 -35.46 -5.87 -31.75
N PHE E 236 -34.91 -6.15 -30.56
CA PHE E 236 -35.62 -6.90 -29.53
C PHE E 236 -36.26 -5.91 -28.57
N VAL E 237 -37.58 -5.93 -28.50
CA VAL E 237 -38.34 -4.98 -27.68
C VAL E 237 -38.96 -5.73 -26.51
N GLY E 238 -38.85 -5.14 -25.32
CA GLY E 238 -39.37 -5.73 -24.10
C GLY E 238 -40.83 -5.39 -23.89
N SER E 239 -41.24 -5.43 -22.62
CA SER E 239 -42.64 -5.32 -22.27
C SER E 239 -43.13 -3.88 -22.23
N GLY E 240 -42.23 -2.90 -22.44
CA GLY E 240 -42.63 -1.50 -22.43
C GLY E 240 -43.76 -1.19 -23.41
N ILE E 241 -43.91 -2.01 -24.46
CA ILE E 241 -45.01 -1.79 -25.40
C ILE E 241 -46.34 -1.87 -24.67
N PHE E 242 -46.49 -2.86 -23.79
CA PHE E 242 -47.69 -3.02 -23.00
C PHE E 242 -47.59 -2.30 -21.66
N LYS E 243 -46.68 -1.34 -21.56
CA LYS E 243 -46.60 -0.44 -20.43
C LYS E 243 -47.00 0.97 -20.81
N SER E 244 -47.34 1.19 -22.08
CA SER E 244 -47.79 2.47 -22.59
C SER E 244 -49.31 2.52 -22.52
N GLU E 245 -49.88 3.66 -22.92
CA GLU E 245 -51.34 3.76 -22.89
C GLU E 245 -51.99 2.94 -23.99
N ASP E 246 -51.36 2.84 -25.15
CA ASP E 246 -51.91 2.11 -26.30
C ASP E 246 -50.83 1.22 -26.89
N PRO E 247 -50.77 -0.03 -26.47
CA PRO E 247 -49.72 -0.93 -26.99
C PRO E 247 -49.83 -1.20 -28.48
N GLU E 248 -51.03 -1.17 -29.05
CA GLU E 248 -51.19 -1.42 -30.47
C GLU E 248 -50.48 -0.37 -31.31
N LYS E 249 -50.82 0.91 -31.08
CA LYS E 249 -50.18 1.99 -31.82
C LYS E 249 -48.69 2.05 -31.52
N PHE E 250 -48.30 1.75 -30.28
CA PHE E 250 -46.88 1.79 -29.92
C PHE E 250 -46.10 0.74 -30.70
N ALA E 251 -46.59 -0.51 -30.72
CA ALA E 251 -45.91 -1.56 -31.46
C ALA E 251 -45.90 -1.27 -32.96
N LYS E 252 -47.02 -0.74 -33.48
CA LYS E 252 -47.05 -0.38 -34.90
C LYS E 252 -46.00 0.67 -35.23
N ALA E 253 -45.88 1.69 -34.37
CA ALA E 253 -44.89 2.74 -34.60
C ALA E 253 -43.48 2.20 -34.50
N ILE E 254 -43.24 1.26 -33.58
CA ILE E 254 -41.92 0.64 -33.47
C ILE E 254 -41.59 -0.14 -34.73
N VAL E 255 -42.56 -0.88 -35.27
CA VAL E 255 -42.34 -1.61 -36.51
C VAL E 255 -42.01 -0.64 -37.65
N GLN E 256 -42.81 0.42 -37.78
CA GLN E 256 -42.59 1.39 -38.85
C GLN E 256 -41.22 2.04 -38.74
N ALA E 257 -40.83 2.44 -37.53
CA ALA E 257 -39.53 3.09 -37.35
C ALA E 257 -38.38 2.12 -37.55
N THR E 258 -38.59 0.82 -37.27
CA THR E 258 -37.53 -0.15 -37.52
C THR E 258 -37.35 -0.42 -39.00
N THR E 259 -38.46 -0.46 -39.75
CA THR E 259 -38.37 -0.78 -41.17
C THR E 259 -37.91 0.42 -41.99
N HIS E 260 -38.40 1.62 -41.66
CA HIS E 260 -37.99 2.85 -42.32
C HIS E 260 -37.22 3.72 -41.33
N TYR E 261 -36.01 3.27 -41.00
CA TYR E 261 -35.19 3.93 -39.99
C TYR E 261 -34.51 5.20 -40.50
N GLN E 262 -34.82 5.64 -41.72
CA GLN E 262 -34.26 6.87 -42.24
C GLN E 262 -35.30 7.83 -42.77
N ASP E 263 -36.60 7.51 -42.64
CA ASP E 263 -37.68 8.45 -42.95
C ASP E 263 -37.95 9.25 -41.68
N TYR E 264 -37.26 10.38 -41.55
CA TYR E 264 -37.25 11.09 -40.28
C TYR E 264 -38.56 11.82 -40.02
N GLU E 265 -39.25 12.28 -41.07
CA GLU E 265 -40.56 12.89 -40.87
C GLU E 265 -41.58 11.85 -40.43
N LEU E 266 -41.49 10.64 -40.98
CA LEU E 266 -42.36 9.55 -40.53
C LEU E 266 -42.11 9.23 -39.06
N ILE E 267 -40.85 9.14 -38.66
CA ILE E 267 -40.53 8.87 -37.26
C ILE E 267 -41.04 10.00 -36.37
N GLY E 268 -40.93 11.24 -36.85
CA GLY E 268 -41.45 12.36 -36.08
C GLY E 268 -42.96 12.29 -35.89
N ARG E 269 -43.69 11.94 -36.95
CA ARG E 269 -45.14 11.78 -36.82
C ARG E 269 -45.48 10.66 -35.85
N LEU E 270 -44.79 9.52 -35.96
CA LEU E 270 -45.07 8.40 -35.07
C LEU E 270 -44.78 8.77 -33.61
N ALA E 271 -43.72 9.54 -33.37
CA ALA E 271 -43.42 9.98 -32.02
C ALA E 271 -44.47 10.98 -31.52
N SER E 272 -44.95 11.85 -32.40
CA SER E 272 -46.00 12.79 -32.03
C SER E 272 -47.28 12.05 -31.63
N GLU E 273 -47.60 10.97 -32.34
CA GLU E 273 -48.79 10.19 -32.01
C GLU E 273 -48.67 9.61 -30.60
N LEU E 274 -47.55 8.96 -30.29
CA LEU E 274 -47.33 8.39 -28.97
C LEU E 274 -47.13 9.49 -27.94
N GLY E 275 -47.38 9.15 -26.67
CA GLY E 275 -47.23 10.12 -25.61
C GLY E 275 -47.29 9.56 -24.21
N THR E 276 -46.44 8.57 -23.92
CA THR E 276 -46.38 7.96 -22.59
C THR E 276 -44.92 7.77 -22.20
N ALA E 277 -44.71 7.19 -21.02
CA ALA E 277 -43.37 6.94 -20.52
C ALA E 277 -42.88 5.56 -20.95
N SER F 4 -21.77 -64.90 10.40
CA SER F 4 -22.31 -64.36 11.65
C SER F 4 -23.22 -63.18 11.38
N LYS F 5 -22.82 -61.99 11.86
CA LYS F 5 -23.61 -60.77 11.69
C LYS F 5 -22.63 -59.60 11.58
N ILE F 6 -22.06 -59.44 10.39
CA ILE F 6 -21.14 -58.34 10.12
C ILE F 6 -21.91 -57.04 10.01
N ILE F 7 -22.32 -56.48 11.14
CA ILE F 7 -23.10 -55.26 11.18
C ILE F 7 -22.17 -54.07 11.31
N GLY F 8 -22.43 -53.01 10.54
CA GLY F 8 -21.65 -51.80 10.59
C GLY F 8 -20.52 -51.72 9.59
N SER F 9 -20.34 -52.73 8.74
CA SER F 9 -19.31 -52.68 7.72
C SER F 9 -19.57 -51.52 6.76
N ASP F 10 -18.48 -50.88 6.31
CA ASP F 10 -18.60 -49.72 5.44
C ASP F 10 -19.44 -50.02 4.20
N ARG F 11 -19.35 -51.26 3.69
CA ARG F 11 -20.12 -51.62 2.51
C ARG F 11 -21.62 -51.50 2.78
N VAL F 12 -22.07 -51.88 3.98
CA VAL F 12 -23.48 -51.75 4.31
C VAL F 12 -23.88 -50.28 4.41
N LYS F 13 -23.06 -49.49 5.13
CA LYS F 13 -23.31 -48.06 5.26
C LYS F 13 -23.50 -47.40 3.90
N ARG F 14 -22.55 -47.60 2.99
CA ARG F 14 -22.66 -46.92 1.70
C ARG F 14 -23.59 -47.63 0.73
N GLY F 15 -23.94 -48.90 0.96
CA GLY F 15 -24.94 -49.55 0.13
C GLY F 15 -26.34 -49.09 0.43
N MET F 16 -26.62 -48.76 1.71
CA MET F 16 -27.89 -48.14 2.06
C MET F 16 -28.19 -46.94 1.18
N ALA F 17 -27.17 -46.19 0.76
CA ALA F 17 -27.35 -45.07 -0.14
C ALA F 17 -27.12 -45.43 -1.60
N GLU F 18 -26.33 -46.47 -1.87
CA GLU F 18 -26.06 -46.86 -3.25
C GLU F 18 -27.30 -47.49 -3.89
N MET F 19 -28.09 -48.23 -3.11
CA MET F 19 -29.39 -48.68 -3.60
C MET F 19 -30.49 -47.68 -3.27
N GLN F 20 -30.13 -46.42 -3.07
CA GLN F 20 -31.07 -45.31 -2.93
C GLN F 20 -31.03 -44.36 -4.13
N LYS F 21 -30.03 -44.47 -5.00
CA LYS F 21 -29.88 -43.54 -6.09
C LYS F 21 -30.97 -43.75 -7.14
N GLY F 22 -31.25 -42.68 -7.89
CA GLY F 22 -32.33 -42.68 -8.85
C GLY F 22 -33.63 -42.11 -8.31
N GLY F 23 -33.72 -41.86 -7.00
CA GLY F 23 -34.90 -41.30 -6.39
C GLY F 23 -34.60 -39.99 -5.69
N VAL F 24 -35.66 -39.39 -5.17
CA VAL F 24 -35.60 -38.08 -4.55
C VAL F 24 -35.98 -38.21 -3.07
N ILE F 25 -35.19 -37.57 -2.20
CA ILE F 25 -35.48 -37.48 -0.78
C ILE F 25 -35.97 -36.07 -0.51
N MET F 26 -37.23 -35.92 -0.12
CA MET F 26 -37.80 -34.63 0.22
C MET F 26 -37.90 -34.50 1.73
N ASP F 27 -37.60 -33.31 2.25
CA ASP F 27 -37.66 -33.17 3.70
C ASP F 27 -39.12 -33.01 4.15
N VAL F 28 -39.32 -33.16 5.45
CA VAL F 28 -40.66 -33.27 6.01
C VAL F 28 -40.67 -32.69 7.42
N VAL F 29 -41.78 -32.07 7.79
CA VAL F 29 -41.94 -31.45 9.11
C VAL F 29 -42.82 -32.29 10.03
N ASN F 30 -43.94 -32.83 9.51
CA ASN F 30 -44.87 -33.57 10.34
C ASN F 30 -45.30 -34.84 9.63
N ALA F 31 -46.06 -35.67 10.34
CA ALA F 31 -46.40 -37.00 9.82
C ALA F 31 -47.24 -36.89 8.54
N GLU F 32 -48.14 -35.91 8.47
CA GLU F 32 -49.03 -35.84 7.32
C GLU F 32 -48.29 -35.42 6.05
N GLN F 33 -47.21 -34.66 6.18
CA GLN F 33 -46.36 -34.39 5.02
C GLN F 33 -45.57 -35.63 4.62
N ALA F 34 -45.18 -36.45 5.59
CA ALA F 34 -44.50 -37.70 5.28
C ALA F 34 -45.42 -38.68 4.56
N ARG F 35 -46.72 -38.64 4.86
CA ARG F 35 -47.68 -39.45 4.11
C ARG F 35 -47.63 -39.09 2.63
N ILE F 36 -47.69 -37.79 2.33
CA ILE F 36 -47.62 -37.34 0.94
C ILE F 36 -46.29 -37.72 0.31
N ALA F 37 -45.20 -37.56 1.05
CA ALA F 37 -43.89 -37.89 0.52
C ALA F 37 -43.80 -39.38 0.16
N GLU F 38 -44.30 -40.25 1.03
CA GLU F 38 -44.27 -41.68 0.73
C GLU F 38 -45.17 -42.02 -0.45
N GLU F 39 -46.42 -41.56 -0.44
CA GLU F 39 -47.35 -41.87 -1.50
C GLU F 39 -47.08 -41.08 -2.78
N ALA F 40 -46.04 -40.27 -2.82
CA ALA F 40 -45.65 -39.55 -4.02
C ALA F 40 -44.44 -40.16 -4.73
N GLY F 41 -43.80 -41.15 -4.11
CA GLY F 41 -42.65 -41.80 -4.71
C GLY F 41 -41.30 -41.39 -4.16
N ALA F 42 -41.25 -40.78 -2.99
CA ALA F 42 -39.96 -40.43 -2.40
C ALA F 42 -39.24 -41.68 -1.92
N VAL F 43 -37.91 -41.70 -2.07
CA VAL F 43 -37.12 -42.83 -1.60
C VAL F 43 -36.77 -42.73 -0.12
N ALA F 44 -36.94 -41.56 0.48
CA ALA F 44 -36.69 -41.34 1.90
C ALA F 44 -37.16 -39.94 2.26
N VAL F 45 -37.31 -39.69 3.56
CA VAL F 45 -37.76 -38.40 4.06
C VAL F 45 -36.73 -37.85 5.03
N MET F 46 -36.63 -36.53 5.07
CA MET F 46 -35.70 -35.83 5.96
C MET F 46 -36.53 -35.14 7.05
N ALA F 47 -36.56 -35.75 8.24
CA ALA F 47 -37.33 -35.22 9.35
C ALA F 47 -36.61 -34.03 9.96
N LEU F 48 -37.27 -32.88 9.98
CA LEU F 48 -36.73 -31.68 10.61
C LEU F 48 -37.87 -30.88 11.21
N GLU F 49 -37.52 -29.99 12.14
CA GLU F 49 -38.52 -29.21 12.87
C GLU F 49 -38.80 -27.87 12.20
N ARG F 50 -37.76 -27.15 11.79
CA ARG F 50 -37.94 -25.85 11.15
C ARG F 50 -37.09 -25.75 9.89
N ALA F 58 -31.04 -17.47 9.62
CA ALA F 58 -30.94 -16.03 9.74
C ALA F 58 -31.93 -15.49 10.77
N GLY F 59 -32.35 -16.36 11.68
CA GLY F 59 -33.30 -15.98 12.71
C GLY F 59 -32.88 -16.40 14.11
N GLY F 60 -31.91 -17.30 14.19
CA GLY F 60 -31.43 -17.78 15.48
C GLY F 60 -30.38 -18.86 15.36
N VAL F 61 -30.41 -19.84 16.25
CA VAL F 61 -29.48 -20.96 16.25
C VAL F 61 -30.28 -22.25 16.07
N ALA F 62 -29.93 -23.01 15.04
CA ALA F 62 -30.65 -24.24 14.71
C ALA F 62 -30.02 -25.43 15.42
N ARG F 63 -30.87 -26.28 15.99
CA ARG F 63 -30.42 -27.47 16.71
C ARG F 63 -30.97 -28.72 16.06
N MET F 64 -30.92 -29.84 16.79
CA MET F 64 -31.58 -31.05 16.35
C MET F 64 -33.09 -30.89 16.45
N ALA F 65 -33.81 -31.51 15.52
CA ALA F 65 -35.27 -31.57 15.62
C ALA F 65 -35.66 -32.49 16.76
N ASN F 66 -36.55 -32.00 17.63
CA ASN F 66 -37.01 -32.71 18.83
C ASN F 66 -37.31 -34.18 18.55
N PRO F 67 -36.77 -35.10 19.35
CA PRO F 67 -37.02 -36.52 19.12
C PRO F 67 -38.50 -36.89 18.99
N LYS F 68 -39.39 -36.13 19.60
CA LYS F 68 -40.82 -36.41 19.47
C LYS F 68 -41.28 -36.28 18.02
N ILE F 69 -40.86 -35.20 17.35
CA ILE F 69 -41.28 -35.00 15.97
C ILE F 69 -40.59 -36.01 15.05
N VAL F 70 -39.36 -36.42 15.38
CA VAL F 70 -38.68 -37.43 14.59
C VAL F 70 -39.39 -38.78 14.72
N GLU F 71 -39.85 -39.11 15.93
CA GLU F 71 -40.60 -40.34 16.11
C GLU F 71 -41.96 -40.26 15.41
N GLU F 72 -42.60 -39.09 15.43
CA GLU F 72 -43.86 -38.91 14.72
C GLU F 72 -43.67 -39.15 13.22
N VAL F 73 -42.59 -38.63 12.64
CA VAL F 73 -42.32 -38.86 11.23
C VAL F 73 -41.93 -40.32 10.98
N MET F 74 -41.22 -40.93 11.93
CA MET F 74 -40.75 -42.31 11.76
C MET F 74 -41.91 -43.29 11.73
N ASN F 75 -42.86 -43.14 12.67
CA ASN F 75 -43.96 -44.08 12.78
C ASN F 75 -45.00 -43.92 11.68
N ALA F 76 -44.90 -42.89 10.85
CA ALA F 76 -45.91 -42.63 9.84
C ALA F 76 -45.59 -43.22 8.47
N VAL F 77 -44.33 -43.58 8.22
CA VAL F 77 -43.91 -44.05 6.91
C VAL F 77 -43.08 -45.32 7.06
N SER F 78 -43.02 -46.09 5.97
CA SER F 78 -42.20 -47.29 5.89
C SER F 78 -40.92 -47.07 5.11
N ILE F 79 -40.78 -45.93 4.42
CA ILE F 79 -39.56 -45.58 3.70
C ILE F 79 -38.56 -45.05 4.72
N PRO F 80 -37.25 -45.06 4.44
CA PRO F 80 -36.29 -44.62 5.45
C PRO F 80 -36.45 -43.15 5.80
N VAL F 81 -36.25 -42.83 7.07
CA VAL F 81 -36.31 -41.47 7.56
C VAL F 81 -34.93 -41.09 8.09
N MET F 82 -34.47 -39.89 7.70
CA MET F 82 -33.17 -39.39 8.12
C MET F 82 -33.34 -38.04 8.79
N ALA F 83 -32.53 -37.79 9.82
CA ALA F 83 -32.60 -36.57 10.61
C ALA F 83 -31.27 -35.83 10.55
N LYS F 84 -31.32 -34.54 10.87
CA LYS F 84 -30.16 -33.66 10.77
C LYS F 84 -29.54 -33.45 12.14
N ALA F 85 -28.20 -33.47 12.16
CA ALA F 85 -27.44 -33.22 13.37
C ALA F 85 -26.45 -32.09 13.13
N ARG F 86 -26.11 -31.37 14.20
CA ARG F 86 -25.20 -30.25 14.08
C ARG F 86 -23.78 -30.72 13.78
N ILE F 87 -23.02 -29.86 13.12
CA ILE F 87 -21.66 -30.22 12.71
C ILE F 87 -20.80 -30.48 13.94
N GLY F 88 -20.19 -31.66 13.98
CA GLY F 88 -19.33 -32.01 15.10
C GLY F 88 -20.03 -32.25 16.41
N HIS F 89 -21.37 -32.31 16.41
CA HIS F 89 -22.12 -32.54 17.64
C HIS F 89 -22.17 -34.05 17.88
N ILE F 90 -21.35 -34.52 18.82
CA ILE F 90 -21.23 -35.96 19.05
C ILE F 90 -22.51 -36.52 19.65
N THR F 91 -22.96 -35.95 20.77
CA THR F 91 -24.13 -36.49 21.45
C THR F 91 -25.40 -36.34 20.62
N GLU F 92 -25.47 -35.32 19.77
CA GLU F 92 -26.65 -35.18 18.91
C GLU F 92 -26.73 -36.35 17.93
N ALA F 93 -25.64 -36.65 17.25
CA ALA F 93 -25.60 -37.79 16.34
C ALA F 93 -25.83 -39.10 17.10
N ARG F 94 -25.32 -39.18 18.32
CA ARG F 94 -25.51 -40.41 19.11
C ARG F 94 -26.98 -40.59 19.48
N VAL F 95 -27.67 -39.50 19.84
CA VAL F 95 -29.08 -39.58 20.17
C VAL F 95 -29.89 -39.95 18.94
N LEU F 96 -29.57 -39.35 17.78
CA LEU F 96 -30.24 -39.73 16.55
C LEU F 96 -29.99 -41.20 16.20
N GLU F 97 -28.79 -41.70 16.51
CA GLU F 97 -28.49 -43.11 16.27
C GLU F 97 -29.31 -44.01 17.20
N ALA F 98 -29.49 -43.60 18.45
CA ALA F 98 -30.23 -44.42 19.41
C ALA F 98 -31.68 -44.58 19.00
N MET F 99 -32.25 -43.59 18.32
CA MET F 99 -33.64 -43.65 17.86
C MET F 99 -33.82 -44.53 16.63
N GLY F 100 -32.73 -45.06 16.07
CA GLY F 100 -32.82 -45.91 14.89
C GLY F 100 -32.88 -45.18 13.57
N VAL F 101 -32.58 -43.87 13.54
CA VAL F 101 -32.63 -43.11 12.31
C VAL F 101 -31.72 -43.74 11.27
N ASP F 102 -32.23 -43.85 10.03
CA ASP F 102 -31.50 -44.56 8.98
C ASP F 102 -30.26 -43.79 8.53
N TYR F 103 -30.31 -42.46 8.57
CA TYR F 103 -29.19 -41.64 8.13
C TYR F 103 -29.15 -40.37 8.97
N ILE F 104 -27.95 -39.94 9.32
CA ILE F 104 -27.75 -38.65 9.97
C ILE F 104 -27.03 -37.74 8.98
N ASP F 105 -27.58 -36.55 8.78
CA ASP F 105 -26.98 -35.55 7.91
C ASP F 105 -26.16 -34.60 8.76
N GLU F 106 -24.83 -34.73 8.70
CA GLU F 106 -23.96 -33.77 9.37
C GLU F 106 -24.08 -32.47 8.58
N SER F 107 -25.15 -31.74 8.88
CA SER F 107 -25.64 -30.69 7.99
C SER F 107 -25.07 -29.33 8.39
N GLU F 108 -24.50 -28.63 7.39
CA GLU F 108 -24.07 -27.26 7.58
C GLU F 108 -25.24 -26.28 7.57
N VAL F 109 -26.45 -26.74 7.26
CA VAL F 109 -27.63 -25.88 7.32
C VAL F 109 -27.92 -25.50 8.76
N LEU F 110 -27.93 -26.48 9.66
CA LEU F 110 -28.01 -26.19 11.08
C LEU F 110 -26.76 -25.45 11.53
N THR F 111 -26.91 -24.66 12.59
CA THR F 111 -25.77 -23.98 13.18
C THR F 111 -24.74 -25.03 13.63
N PRO F 112 -23.48 -24.92 13.23
CA PRO F 112 -22.49 -25.91 13.64
C PRO F 112 -22.32 -25.95 15.14
N ALA F 113 -21.69 -27.02 15.62
CA ALA F 113 -21.27 -27.14 17.01
C ALA F 113 -19.76 -27.14 17.17
N ASP F 114 -19.02 -27.49 16.12
CA ASP F 114 -17.56 -27.49 16.14
C ASP F 114 -17.10 -26.87 14.82
N GLU F 115 -16.79 -25.56 14.88
CA GLU F 115 -16.41 -24.83 13.68
C GLU F 115 -15.07 -25.28 13.10
N GLU F 116 -14.35 -26.16 13.79
CA GLU F 116 -13.04 -26.62 13.34
C GLU F 116 -13.04 -28.08 12.90
N TYR F 117 -13.63 -28.97 13.68
CA TYR F 117 -13.51 -30.41 13.47
C TYR F 117 -14.88 -31.02 13.24
N HIS F 118 -14.99 -31.83 12.19
CA HIS F 118 -16.24 -32.52 11.88
C HIS F 118 -16.39 -33.74 12.79
N LEU F 119 -17.51 -34.45 12.62
CA LEU F 119 -17.80 -35.61 13.44
C LEU F 119 -16.84 -36.76 13.11
N ARG F 120 -16.68 -37.66 14.09
CA ARG F 120 -15.87 -38.86 13.92
C ARG F 120 -16.79 -39.99 13.45
N LYS F 121 -17.16 -39.91 12.17
CA LYS F 121 -18.25 -40.70 11.63
C LYS F 121 -17.99 -42.20 11.62
N ASP F 122 -16.72 -42.61 11.60
CA ASP F 122 -16.43 -44.05 11.57
C ASP F 122 -16.59 -44.72 12.93
N GLN F 123 -16.83 -43.96 13.99
CA GLN F 123 -17.15 -44.56 15.29
C GLN F 123 -18.61 -45.02 15.37
N PHE F 124 -19.49 -44.43 14.57
CA PHE F 124 -20.90 -44.76 14.61
C PHE F 124 -21.19 -46.00 13.76
N THR F 125 -22.30 -46.66 14.08
CA THR F 125 -22.81 -47.77 13.27
C THR F 125 -23.93 -47.34 12.33
N VAL F 126 -24.34 -46.08 12.38
CA VAL F 126 -25.35 -45.53 11.48
C VAL F 126 -24.62 -44.74 10.40
N PRO F 127 -24.99 -44.90 9.12
CA PRO F 127 -24.30 -44.15 8.06
C PRO F 127 -24.63 -42.66 8.12
N PHE F 128 -23.68 -41.87 7.65
CA PHE F 128 -23.78 -40.42 7.65
C PHE F 128 -23.80 -39.88 6.23
N VAL F 129 -24.39 -38.70 6.05
CA VAL F 129 -24.33 -37.97 4.80
C VAL F 129 -23.86 -36.55 5.10
N CYS F 130 -22.92 -36.06 4.28
CA CYS F 130 -22.28 -34.78 4.49
C CYS F 130 -22.30 -33.97 3.20
N GLY F 131 -22.14 -32.65 3.36
CA GLY F 131 -22.11 -31.75 2.23
C GLY F 131 -20.70 -31.49 1.75
N CYS F 132 -20.58 -31.22 0.45
CA CYS F 132 -19.28 -30.98 -0.17
C CYS F 132 -19.44 -29.99 -1.31
N ARG F 133 -18.34 -29.29 -1.61
CA ARG F 133 -18.30 -28.35 -2.72
C ARG F 133 -17.19 -28.63 -3.72
N ASN F 134 -16.25 -29.52 -3.39
CA ASN F 134 -15.16 -29.88 -4.28
C ASN F 134 -14.65 -31.26 -3.87
N LEU F 135 -13.67 -31.77 -4.61
CA LEU F 135 -13.12 -33.08 -4.29
C LEU F 135 -12.41 -33.07 -2.95
N GLY F 136 -11.85 -31.92 -2.54
CA GLY F 136 -11.19 -31.82 -1.26
C GLY F 136 -12.13 -32.09 -0.09
N GLU F 137 -13.24 -31.33 -0.03
CA GLU F 137 -14.20 -31.53 1.05
C GLU F 137 -14.81 -32.92 1.00
N ALA F 138 -15.08 -33.43 -0.20
CA ALA F 138 -15.67 -34.76 -0.33
C ALA F 138 -14.72 -35.83 0.20
N ALA F 139 -13.45 -35.75 -0.18
CA ALA F 139 -12.47 -36.73 0.29
C ALA F 139 -12.25 -36.60 1.78
N ARG F 140 -12.27 -35.38 2.31
CA ARG F 140 -12.14 -35.20 3.76
C ARG F 140 -13.31 -35.82 4.50
N ARG F 141 -14.53 -35.62 4.00
CA ARG F 141 -15.70 -36.23 4.63
C ARG F 141 -15.62 -37.75 4.56
N ILE F 142 -15.21 -38.30 3.42
CA ILE F 142 -15.07 -39.74 3.29
C ILE F 142 -14.02 -40.26 4.28
N GLY F 143 -12.90 -39.55 4.42
CA GLY F 143 -11.89 -39.95 5.38
C GLY F 143 -12.38 -39.93 6.81
N GLU F 144 -13.17 -38.91 7.15
CA GLU F 144 -13.76 -38.87 8.49
C GLU F 144 -14.79 -39.96 8.73
N GLY F 145 -15.22 -40.67 7.68
CA GLY F 145 -16.14 -41.78 7.81
C GLY F 145 -17.51 -41.58 7.22
N ALA F 146 -17.72 -40.54 6.42
CA ALA F 146 -19.03 -40.31 5.81
C ALA F 146 -19.36 -41.44 4.84
N ALA F 147 -20.64 -41.81 4.80
CA ALA F 147 -21.10 -42.89 3.94
C ALA F 147 -22.04 -42.40 2.84
N MET F 148 -22.04 -41.10 2.57
CA MET F 148 -22.88 -40.50 1.53
C MET F 148 -22.50 -39.03 1.42
N LEU F 149 -22.65 -38.49 0.20
CA LEU F 149 -22.28 -37.11 -0.07
C LEU F 149 -23.41 -36.40 -0.80
N ARG F 150 -23.51 -35.09 -0.55
CA ARG F 150 -24.46 -34.22 -1.22
C ARG F 150 -23.79 -32.87 -1.46
N THR F 151 -24.40 -32.09 -2.35
CA THR F 151 -23.91 -30.74 -2.60
C THR F 151 -24.39 -29.77 -1.54
N LYS F 152 -23.52 -28.84 -1.16
CA LYS F 152 -23.91 -27.83 -0.18
C LYS F 152 -24.99 -26.92 -0.75
N GLY F 153 -24.83 -26.47 -1.99
CA GLY F 153 -25.79 -25.65 -2.69
C GLY F 153 -26.11 -24.36 -1.94
N GLU F 154 -27.31 -23.84 -2.19
CA GLU F 154 -27.83 -22.66 -1.53
C GLU F 154 -29.22 -23.00 -1.01
N PRO F 155 -29.31 -23.61 0.19
CA PRO F 155 -30.61 -24.04 0.69
C PRO F 155 -31.53 -22.87 0.98
N GLY F 156 -32.82 -23.06 0.70
CA GLY F 156 -33.81 -22.05 0.96
C GLY F 156 -33.87 -20.91 -0.04
N THR F 157 -33.23 -21.06 -1.19
CA THR F 157 -33.26 -20.02 -2.22
C THR F 157 -33.93 -20.42 -3.51
N GLY F 158 -34.08 -21.72 -3.76
CA GLY F 158 -34.58 -22.17 -5.05
C GLY F 158 -33.68 -21.86 -6.22
N ASN F 159 -32.43 -21.47 -5.97
CA ASN F 159 -31.49 -21.11 -7.01
C ASN F 159 -30.52 -22.26 -7.21
N ILE F 160 -30.56 -22.86 -8.41
CA ILE F 160 -29.79 -24.07 -8.70
C ILE F 160 -28.32 -23.77 -8.98
N VAL F 161 -27.91 -22.51 -9.01
CA VAL F 161 -26.55 -22.15 -9.43
C VAL F 161 -25.51 -22.87 -8.58
N GLU F 162 -25.69 -22.87 -7.26
CA GLU F 162 -24.65 -23.40 -6.38
C GLU F 162 -24.59 -24.92 -6.46
N ALA F 163 -25.73 -25.58 -6.58
CA ALA F 163 -25.75 -27.03 -6.76
C ALA F 163 -25.03 -27.43 -8.05
N VAL F 164 -25.33 -26.73 -9.14
CA VAL F 164 -24.66 -26.98 -10.41
C VAL F 164 -23.16 -26.78 -10.26
N ARG F 165 -22.76 -25.67 -9.63
CA ARG F 165 -21.34 -25.37 -9.48
C ARG F 165 -20.62 -26.46 -8.71
N HIS F 166 -21.18 -26.86 -7.55
CA HIS F 166 -20.51 -27.86 -6.72
C HIS F 166 -20.47 -29.23 -7.41
N MET F 167 -21.60 -29.64 -8.00
CA MET F 167 -21.62 -30.92 -8.70
C MET F 167 -20.61 -30.95 -9.83
N ARG F 168 -20.57 -29.90 -10.65
CA ARG F 168 -19.64 -29.86 -11.76
C ARG F 168 -18.19 -29.84 -11.27
N GLN F 169 -17.93 -29.09 -10.19
CA GLN F 169 -16.56 -29.03 -9.66
C GLN F 169 -16.09 -30.40 -9.21
N VAL F 170 -16.89 -31.07 -8.37
CA VAL F 170 -16.47 -32.37 -7.85
C VAL F 170 -16.38 -33.40 -8.97
N ASN F 171 -17.28 -33.31 -9.96
CA ASN F 171 -17.26 -34.27 -11.06
C ASN F 171 -16.03 -34.08 -11.93
N SER F 172 -15.70 -32.84 -12.26
CA SER F 172 -14.52 -32.57 -13.07
C SER F 172 -13.25 -32.98 -12.33
N GLU F 173 -13.21 -32.75 -11.02
CA GLU F 173 -12.01 -33.10 -10.25
C GLU F 173 -11.84 -34.62 -10.16
N VAL F 174 -12.93 -35.36 -9.93
CA VAL F 174 -12.79 -36.81 -9.88
C VAL F 174 -12.48 -37.39 -11.26
N SER F 175 -13.03 -36.78 -12.32
CA SER F 175 -12.69 -37.25 -13.67
C SER F 175 -11.23 -36.99 -13.99
N ARG F 176 -10.70 -35.85 -13.55
CA ARG F 176 -9.27 -35.59 -13.69
C ARG F 176 -8.45 -36.62 -12.93
N LEU F 177 -8.87 -36.96 -11.71
CA LEU F 177 -8.11 -37.90 -10.90
C LEU F 177 -8.13 -39.30 -11.49
N THR F 178 -9.23 -39.69 -12.15
CA THR F 178 -9.31 -41.03 -12.72
C THR F 178 -8.29 -41.27 -13.82
N VAL F 179 -7.72 -40.22 -14.41
CA VAL F 179 -6.80 -40.37 -15.52
C VAL F 179 -5.51 -39.63 -15.20
N MET F 180 -5.31 -39.29 -13.93
CA MET F 180 -4.14 -38.55 -13.51
C MET F 180 -2.96 -39.50 -13.28
N ASN F 181 -1.76 -39.01 -13.60
CA ASN F 181 -0.55 -39.82 -13.43
C ASN F 181 -0.38 -40.20 -11.96
N ASP F 182 0.10 -41.42 -11.73
CA ASP F 182 0.33 -41.89 -10.37
C ASP F 182 1.40 -41.06 -9.67
N ASP F 183 2.31 -40.46 -10.43
CA ASP F 183 3.39 -39.67 -9.83
C ASP F 183 2.86 -38.35 -9.25
N GLU F 184 1.76 -37.84 -9.78
CA GLU F 184 1.28 -36.51 -9.45
C GLU F 184 0.16 -36.50 -8.41
N ILE F 185 -0.32 -37.67 -7.98
CA ILE F 185 -1.50 -37.70 -7.11
C ILE F 185 -1.19 -37.12 -5.74
N MET F 186 -0.02 -37.47 -5.18
CA MET F 186 0.30 -37.08 -3.81
C MET F 186 0.22 -35.57 -3.63
N THR F 187 0.99 -34.82 -4.42
CA THR F 187 0.95 -33.37 -4.34
C THR F 187 -0.44 -32.84 -4.64
N PHE F 188 -1.18 -33.53 -5.53
CA PHE F 188 -2.57 -33.16 -5.77
C PHE F 188 -3.36 -33.22 -4.46
N ALA F 189 -3.21 -34.32 -3.71
CA ALA F 189 -3.85 -34.41 -2.40
C ALA F 189 -3.35 -33.31 -1.47
N LYS F 190 -2.10 -32.90 -1.62
CA LYS F 190 -1.60 -31.78 -0.82
C LYS F 190 -2.21 -30.47 -1.26
N ASP F 191 -2.52 -30.33 -2.56
CA ASP F 191 -3.03 -29.07 -3.06
C ASP F 191 -4.49 -28.84 -2.68
N ILE F 192 -5.33 -29.89 -2.80
CA ILE F 192 -6.74 -29.77 -2.46
C ILE F 192 -7.01 -30.12 -1.00
N GLY F 193 -5.99 -30.46 -0.22
CA GLY F 193 -6.17 -30.80 1.17
C GLY F 193 -7.07 -32.01 1.38
N ALA F 194 -6.66 -33.15 0.81
CA ALA F 194 -7.46 -34.36 0.84
C ALA F 194 -6.60 -35.54 1.27
N PRO F 195 -7.21 -36.54 1.90
CA PRO F 195 -6.46 -37.76 2.24
C PRO F 195 -5.96 -38.47 0.99
N TYR F 196 -4.69 -38.86 1.03
CA TYR F 196 -4.02 -39.38 -0.17
C TYR F 196 -4.51 -40.78 -0.53
N GLU F 197 -4.68 -41.65 0.47
CA GLU F 197 -5.17 -43.00 0.21
C GLU F 197 -6.57 -42.98 -0.40
N ILE F 198 -7.39 -42.01 0.00
CA ILE F 198 -8.73 -41.91 -0.57
C ILE F 198 -8.66 -41.54 -2.04
N LEU F 199 -7.72 -40.65 -2.41
CA LEU F 199 -7.56 -40.31 -3.82
C LEU F 199 -7.05 -41.51 -4.63
N LYS F 200 -6.12 -42.28 -4.04
CA LYS F 200 -5.67 -43.50 -4.72
C LYS F 200 -6.83 -44.47 -4.92
N GLN F 201 -7.69 -44.62 -3.91
CA GLN F 201 -8.84 -45.50 -4.05
C GLN F 201 -9.82 -44.97 -5.09
N ILE F 202 -9.97 -43.65 -5.18
CA ILE F 202 -10.81 -43.07 -6.22
C ILE F 202 -10.30 -43.43 -7.60
N LYS F 203 -9.00 -43.25 -7.82
CA LYS F 203 -8.44 -43.58 -9.14
C LYS F 203 -8.52 -45.08 -9.41
N ASP F 204 -8.36 -45.91 -8.38
CA ASP F 204 -8.42 -47.36 -8.58
C ASP F 204 -9.82 -47.81 -8.96
N ASN F 205 -10.84 -47.36 -8.20
CA ASN F 205 -12.21 -47.72 -8.51
C ASN F 205 -12.73 -47.07 -9.78
N GLY F 206 -12.12 -45.95 -10.21
CA GLY F 206 -12.55 -45.25 -11.39
C GLY F 206 -13.73 -44.34 -11.20
N ARG F 207 -14.43 -44.41 -10.06
CA ARG F 207 -15.54 -43.52 -9.76
C ARG F 207 -15.42 -43.05 -8.32
N LEU F 208 -16.31 -42.15 -7.93
CA LEU F 208 -16.35 -41.71 -6.55
C LEU F 208 -16.76 -42.88 -5.65
N PRO F 209 -16.02 -43.15 -4.58
CA PRO F 209 -16.27 -44.36 -3.78
C PRO F 209 -17.61 -44.38 -3.09
N VAL F 210 -18.40 -43.31 -3.16
CA VAL F 210 -19.69 -43.22 -2.49
C VAL F 210 -20.63 -42.42 -3.37
N VAL F 211 -21.92 -42.47 -3.04
CA VAL F 211 -22.95 -41.85 -3.85
C VAL F 211 -23.02 -40.36 -3.54
N ASN F 212 -23.08 -39.54 -4.58
CA ASN F 212 -23.17 -38.08 -4.46
C ASN F 212 -24.53 -37.64 -5.01
N PHE F 213 -25.34 -37.03 -4.15
CA PHE F 213 -26.63 -36.51 -4.55
C PHE F 213 -26.56 -35.00 -4.77
N ALA F 214 -27.62 -34.46 -5.37
CA ALA F 214 -27.80 -33.02 -5.51
C ALA F 214 -28.67 -32.49 -4.39
N ALA F 215 -28.39 -31.27 -3.95
CA ALA F 215 -29.08 -30.69 -2.81
C ALA F 215 -28.93 -29.18 -2.84
N GLY F 216 -30.04 -28.48 -2.66
CA GLY F 216 -30.00 -27.03 -2.55
C GLY F 216 -31.09 -26.32 -3.33
N GLY F 217 -30.76 -25.82 -4.52
CA GLY F 217 -31.65 -25.02 -5.32
C GLY F 217 -32.71 -25.75 -6.10
N VAL F 218 -32.89 -27.05 -5.85
CA VAL F 218 -33.90 -27.81 -6.58
C VAL F 218 -35.29 -27.31 -6.21
N ALA F 219 -36.04 -26.83 -7.21
CA ALA F 219 -37.36 -26.27 -6.97
C ALA F 219 -38.37 -26.58 -8.06
N THR F 220 -37.95 -26.98 -9.25
CA THR F 220 -38.83 -27.32 -10.36
C THR F 220 -38.45 -28.69 -10.89
N PRO F 221 -39.34 -29.34 -11.66
CA PRO F 221 -38.95 -30.59 -12.32
C PRO F 221 -37.81 -30.41 -13.31
N GLN F 222 -37.72 -29.24 -13.95
CA GLN F 222 -36.66 -28.99 -14.93
C GLN F 222 -35.29 -29.11 -14.29
N ASP F 223 -35.01 -28.29 -13.28
CA ASP F 223 -33.71 -28.35 -12.61
C ASP F 223 -33.60 -29.51 -11.65
N ALA F 224 -34.63 -30.34 -11.52
CA ALA F 224 -34.49 -31.63 -10.84
C ALA F 224 -33.97 -32.68 -11.81
N ALA F 225 -34.45 -32.66 -13.06
CA ALA F 225 -33.89 -33.54 -14.08
C ALA F 225 -32.52 -33.07 -14.54
N LEU F 226 -32.25 -31.77 -14.44
CA LEU F 226 -30.94 -31.25 -14.81
C LEU F 226 -29.84 -31.82 -13.91
N MET F 227 -30.15 -32.06 -12.64
CA MET F 227 -29.16 -32.62 -11.73
C MET F 227 -28.76 -34.03 -12.16
N MET F 228 -29.75 -34.85 -12.54
CA MET F 228 -29.44 -36.19 -13.03
C MET F 228 -28.74 -36.14 -14.37
N GLU F 229 -29.09 -35.18 -15.23
CA GLU F 229 -28.38 -35.00 -16.49
C GLU F 229 -26.93 -34.63 -16.26
N LEU F 230 -26.63 -33.92 -15.18
CA LEU F 230 -25.29 -33.45 -14.90
C LEU F 230 -24.39 -34.52 -14.30
N GLY F 231 -24.96 -35.62 -13.81
CA GLY F 231 -24.19 -36.69 -13.22
C GLY F 231 -24.57 -37.03 -11.79
N ALA F 232 -25.50 -36.32 -11.17
CA ALA F 232 -25.93 -36.64 -9.82
C ALA F 232 -26.68 -37.97 -9.81
N ASP F 233 -26.62 -38.65 -8.66
CA ASP F 233 -27.29 -39.93 -8.49
C ASP F 233 -28.69 -39.78 -7.88
N GLY F 234 -29.05 -38.59 -7.42
CA GLY F 234 -30.33 -38.38 -6.80
C GLY F 234 -30.49 -36.92 -6.42
N VAL F 235 -31.66 -36.61 -5.86
CA VAL F 235 -32.04 -35.23 -5.59
C VAL F 235 -32.53 -35.11 -4.16
N PHE F 236 -31.93 -34.18 -3.41
CA PHE F 236 -32.44 -33.77 -2.10
C PHE F 236 -33.30 -32.53 -2.31
N VAL F 237 -34.58 -32.64 -1.97
CA VAL F 237 -35.54 -31.55 -2.17
C VAL F 237 -35.96 -31.01 -0.81
N GLY F 238 -36.00 -29.68 -0.71
CA GLY F 238 -36.36 -29.02 0.53
C GLY F 238 -37.85 -28.85 0.68
N SER F 239 -38.24 -27.84 1.47
CA SER F 239 -39.62 -27.67 1.87
C SER F 239 -40.46 -26.95 0.83
N GLY F 240 -39.86 -26.50 -0.27
CA GLY F 240 -40.58 -25.81 -1.32
C GLY F 240 -41.76 -26.61 -1.86
N ILE F 241 -41.70 -27.94 -1.73
CA ILE F 241 -42.80 -28.79 -2.17
C ILE F 241 -44.08 -28.38 -1.46
N PHE F 242 -43.99 -28.17 -0.15
CA PHE F 242 -45.16 -27.77 0.64
C PHE F 242 -45.30 -26.26 0.71
N LYS F 243 -44.72 -25.53 -0.24
CA LYS F 243 -44.95 -24.11 -0.40
C LYS F 243 -45.73 -23.80 -1.66
N SER F 244 -46.10 -24.82 -2.42
CA SER F 244 -46.86 -24.68 -3.66
C SER F 244 -48.35 -24.79 -3.38
N GLU F 245 -49.16 -24.64 -4.43
CA GLU F 245 -50.60 -24.78 -4.28
C GLU F 245 -51.01 -26.23 -4.06
N ASP F 246 -50.29 -27.17 -4.65
CA ASP F 246 -50.57 -28.60 -4.51
C ASP F 246 -49.27 -29.33 -4.27
N PRO F 247 -48.89 -29.54 -3.01
CA PRO F 247 -47.64 -30.24 -2.72
C PRO F 247 -47.63 -31.68 -3.22
N GLU F 248 -48.78 -32.34 -3.28
CA GLU F 248 -48.83 -33.72 -3.74
C GLU F 248 -48.40 -33.82 -5.20
N LYS F 249 -49.06 -33.05 -6.07
CA LYS F 249 -48.70 -33.06 -7.49
C LYS F 249 -47.28 -32.57 -7.71
N PHE F 250 -46.82 -31.61 -6.90
CA PHE F 250 -45.46 -31.10 -7.04
C PHE F 250 -44.44 -32.19 -6.74
N ALA F 251 -44.62 -32.90 -5.62
CA ALA F 251 -43.70 -33.98 -5.26
C ALA F 251 -43.76 -35.11 -6.30
N LYS F 252 -44.97 -35.44 -6.78
CA LYS F 252 -45.08 -36.47 -7.80
C LYS F 252 -44.33 -36.07 -9.07
N ALA F 253 -44.46 -34.82 -9.50
CA ALA F 253 -43.76 -34.36 -10.69
C ALA F 253 -42.25 -34.37 -10.48
N ILE F 254 -41.80 -34.02 -9.27
CA ILE F 254 -40.37 -34.07 -8.98
C ILE F 254 -39.85 -35.50 -9.08
N VAL F 255 -40.61 -36.46 -8.53
CA VAL F 255 -40.22 -37.86 -8.63
C VAL F 255 -40.13 -38.29 -10.09
N GLN F 256 -41.17 -37.96 -10.88
CA GLN F 256 -41.19 -38.34 -12.29
C GLN F 256 -40.01 -37.74 -13.04
N ALA F 257 -39.73 -36.46 -12.83
CA ALA F 257 -38.63 -35.81 -13.53
C ALA F 257 -37.28 -36.33 -13.07
N THR F 258 -37.18 -36.78 -11.81
CA THR F 258 -35.91 -37.34 -11.34
C THR F 258 -35.66 -38.71 -11.94
N THR F 259 -36.72 -39.52 -12.08
CA THR F 259 -36.53 -40.88 -12.58
C THR F 259 -36.40 -40.91 -14.10
N HIS F 260 -37.19 -40.10 -14.80
CA HIS F 260 -37.12 -40.00 -16.25
C HIS F 260 -36.61 -38.61 -16.63
N TYR F 261 -35.32 -38.37 -16.34
CA TYR F 261 -34.71 -37.08 -16.54
C TYR F 261 -34.38 -36.78 -18.00
N GLN F 262 -34.79 -37.63 -18.93
CA GLN F 262 -34.56 -37.38 -20.34
C GLN F 262 -35.83 -37.48 -21.19
N ASP F 263 -36.99 -37.69 -20.58
CA ASP F 263 -38.27 -37.63 -21.28
C ASP F 263 -38.75 -36.18 -21.22
N TYR F 264 -38.35 -35.40 -22.23
CA TYR F 264 -38.53 -33.95 -22.16
C TYR F 264 -39.98 -33.54 -22.34
N GLU F 265 -40.76 -34.28 -23.15
CA GLU F 265 -42.18 -33.98 -23.28
C GLU F 265 -42.92 -34.27 -21.98
N LEU F 266 -42.52 -35.35 -21.29
CA LEU F 266 -43.08 -35.66 -19.99
C LEU F 266 -42.81 -34.54 -18.98
N ILE F 267 -41.56 -34.06 -18.96
CA ILE F 267 -41.19 -32.96 -18.06
C ILE F 267 -41.97 -31.71 -18.42
N GLY F 268 -42.18 -31.47 -19.72
CA GLY F 268 -42.97 -30.32 -20.13
C GLY F 268 -44.40 -30.40 -19.66
N ARG F 269 -45.02 -31.58 -19.78
CA ARG F 269 -46.38 -31.74 -19.28
C ARG F 269 -46.44 -31.53 -17.77
N LEU F 270 -45.49 -32.10 -17.03
CA LEU F 270 -45.47 -31.93 -15.59
C LEU F 270 -45.30 -30.47 -15.20
N ALA F 271 -44.48 -29.73 -15.94
CA ALA F 271 -44.31 -28.31 -15.68
C ALA F 271 -45.57 -27.52 -16.01
N SER F 272 -46.26 -27.91 -17.08
CA SER F 272 -47.52 -27.26 -17.42
C SER F 272 -48.55 -27.47 -16.32
N GLU F 273 -48.57 -28.66 -15.72
CA GLU F 273 -49.50 -28.90 -14.61
C GLU F 273 -49.23 -27.96 -13.44
N LEU F 274 -47.98 -27.88 -13.01
CA LEU F 274 -47.60 -27.01 -11.90
C LEU F 274 -47.69 -25.53 -12.30
N GLY F 275 -47.84 -24.67 -11.30
CA GLY F 275 -47.94 -23.25 -11.56
C GLY F 275 -47.84 -22.35 -10.34
N THR F 276 -46.78 -22.51 -9.55
CA THR F 276 -46.55 -21.69 -8.37
C THR F 276 -45.08 -21.29 -8.32
N ALA F 277 -44.72 -20.56 -7.26
CA ALA F 277 -43.34 -20.10 -7.08
C ALA F 277 -42.54 -21.12 -6.28
N SER G 4 -4.14 -37.57 -57.49
CA SER G 4 -3.25 -36.56 -58.07
C SER G 4 -2.00 -36.40 -57.22
N LYS G 5 -1.82 -35.20 -56.65
CA LYS G 5 -0.65 -34.90 -55.82
C LYS G 5 -1.09 -33.92 -54.73
N ILE G 6 -1.75 -34.46 -53.71
CA ILE G 6 -2.20 -33.66 -52.57
C ILE G 6 -0.99 -33.31 -51.70
N ILE G 7 -0.21 -32.32 -52.14
CA ILE G 7 1.00 -31.90 -51.44
C ILE G 7 0.66 -30.77 -50.48
N GLY G 8 1.19 -30.86 -49.26
CA GLY G 8 0.98 -29.84 -48.26
C GLY G 8 -0.16 -30.07 -47.31
N SER G 9 -0.89 -31.18 -47.44
CA SER G 9 -1.96 -31.48 -46.52
C SER G 9 -1.42 -31.64 -45.09
N ASP G 10 -2.19 -31.18 -44.11
CA ASP G 10 -1.75 -31.20 -42.73
C ASP G 10 -1.36 -32.61 -42.28
N ARG G 11 -2.05 -33.64 -42.79
CA ARG G 11 -1.72 -35.00 -42.40
C ARG G 11 -0.30 -35.36 -42.81
N VAL G 12 0.14 -34.88 -43.98
CA VAL G 12 1.51 -35.15 -44.42
C VAL G 12 2.51 -34.41 -43.54
N LYS G 13 2.25 -33.11 -43.30
CA LYS G 13 3.10 -32.31 -42.43
C LYS G 13 3.33 -33.00 -41.09
N ARG G 14 2.25 -33.38 -40.41
CA ARG G 14 2.41 -33.97 -39.09
C ARG G 14 2.78 -35.45 -39.14
N GLY G 15 2.61 -36.13 -40.28
CA GLY G 15 3.09 -37.49 -40.39
C GLY G 15 4.59 -37.56 -40.54
N MET G 16 5.18 -36.56 -41.20
CA MET G 16 6.64 -36.46 -41.25
C MET G 16 7.26 -36.55 -39.86
N ALA G 17 6.57 -36.03 -38.85
CA ALA G 17 7.03 -36.13 -37.47
C ALA G 17 6.43 -37.30 -36.71
N GLU G 18 5.24 -37.77 -37.12
CA GLU G 18 4.63 -38.89 -36.43
C GLU G 18 5.37 -40.19 -36.69
N MET G 19 5.91 -40.36 -37.89
CA MET G 19 6.81 -41.47 -38.16
C MET G 19 8.26 -41.11 -37.89
N GLN G 20 8.48 -40.12 -37.02
CA GLN G 20 9.80 -39.77 -36.50
C GLN G 20 9.96 -40.11 -35.03
N LYS G 21 8.88 -40.44 -34.33
CA LYS G 21 8.96 -40.67 -32.90
C LYS G 21 9.70 -41.97 -32.58
N GLY G 22 10.26 -42.03 -31.38
CA GLY G 22 11.08 -43.14 -30.97
C GLY G 22 12.57 -42.93 -31.17
N GLY G 23 12.96 -41.86 -31.86
CA GLY G 23 14.35 -41.56 -32.10
C GLY G 23 14.71 -40.18 -31.55
N VAL G 24 16.00 -39.88 -31.67
CA VAL G 24 16.57 -38.65 -31.11
C VAL G 24 17.10 -37.80 -32.26
N ILE G 25 16.79 -36.50 -32.22
CA ILE G 25 17.33 -35.53 -33.15
C ILE G 25 18.36 -34.70 -32.40
N MET G 26 19.62 -34.82 -32.80
CA MET G 26 20.70 -34.06 -32.21
C MET G 26 21.10 -32.94 -33.16
N ASP G 27 21.40 -31.77 -32.59
CA ASP G 27 21.75 -30.67 -33.47
C ASP G 27 23.19 -30.82 -33.97
N VAL G 28 23.53 -30.03 -34.98
CA VAL G 28 24.79 -30.22 -35.70
C VAL G 28 25.27 -28.88 -36.22
N VAL G 29 26.59 -28.71 -36.25
CA VAL G 29 27.21 -27.47 -36.71
C VAL G 29 27.84 -27.63 -38.09
N ASN G 30 28.52 -28.75 -38.34
CA ASN G 30 29.24 -28.95 -39.60
C ASN G 30 28.98 -30.35 -40.13
N ALA G 31 29.48 -30.60 -41.34
CA ALA G 31 29.16 -31.84 -42.04
C ALA G 31 29.67 -33.07 -41.30
N GLU G 32 30.85 -32.99 -40.70
CA GLU G 32 31.41 -34.18 -40.08
C GLU G 32 30.62 -34.57 -38.83
N GLN G 33 30.08 -33.59 -38.12
CA GLN G 33 29.21 -33.90 -36.99
C GLN G 33 27.92 -34.51 -37.49
N ALA G 34 27.44 -34.10 -38.65
CA ALA G 34 26.27 -34.75 -39.23
C ALA G 34 26.59 -36.18 -39.65
N ARG G 35 27.82 -36.43 -40.11
CA ARG G 35 28.25 -37.80 -40.38
C ARG G 35 28.17 -38.64 -39.12
N ILE G 36 28.71 -38.12 -38.01
CA ILE G 36 28.64 -38.86 -36.75
C ILE G 36 27.20 -39.07 -36.32
N ALA G 37 26.36 -38.04 -36.46
CA ALA G 37 24.96 -38.15 -36.06
C ALA G 37 24.22 -39.21 -36.86
N GLU G 38 24.44 -39.25 -38.17
CA GLU G 38 23.79 -40.26 -39.00
C GLU G 38 24.28 -41.66 -38.64
N GLU G 39 25.60 -41.84 -38.55
CA GLU G 39 26.16 -43.15 -38.25
C GLU G 39 26.01 -43.53 -36.79
N ALA G 40 25.36 -42.69 -35.97
CA ALA G 40 25.09 -43.04 -34.58
C ALA G 40 23.64 -43.45 -34.34
N GLY G 41 22.77 -43.31 -35.34
CA GLY G 41 21.38 -43.68 -35.21
C GLY G 41 20.40 -42.54 -35.00
N ALA G 42 20.80 -41.31 -35.30
CA ALA G 42 19.89 -40.19 -35.18
C ALA G 42 18.83 -40.24 -36.27
N VAL G 43 17.60 -39.85 -35.92
CA VAL G 43 16.52 -39.82 -36.90
C VAL G 43 16.50 -38.55 -37.73
N ALA G 44 17.21 -37.50 -37.29
CA ALA G 44 17.32 -36.25 -38.02
C ALA G 44 18.37 -35.38 -37.33
N VAL G 45 18.81 -34.34 -38.03
CA VAL G 45 19.82 -33.42 -37.52
C VAL G 45 19.27 -32.00 -37.56
N MET G 46 19.72 -31.19 -36.61
CA MET G 46 19.32 -29.78 -36.51
C MET G 46 20.52 -28.92 -36.89
N ALA G 47 20.51 -28.40 -38.12
CA ALA G 47 21.61 -27.58 -38.61
C ALA G 47 21.53 -26.18 -38.01
N LEU G 48 22.60 -25.78 -37.31
CA LEU G 48 22.69 -24.43 -36.76
C LEU G 48 24.15 -23.99 -36.81
N GLU G 49 24.35 -22.68 -36.70
CA GLU G 49 25.68 -22.10 -36.85
C GLU G 49 26.40 -21.96 -35.51
N ARG G 50 25.73 -21.46 -34.49
CA ARG G 50 26.35 -21.29 -33.18
C ARG G 50 25.45 -21.83 -32.08
N ALA G 58 23.22 -15.02 -24.81
CA ALA G 58 23.70 -14.09 -23.79
C ALA G 58 24.97 -13.38 -24.27
N GLY G 59 25.16 -13.34 -25.58
CA GLY G 59 26.33 -12.70 -26.16
C GLY G 59 25.99 -11.75 -27.29
N GLY G 60 24.78 -11.83 -27.81
CA GLY G 60 24.36 -10.97 -28.91
C GLY G 60 22.96 -11.29 -29.41
N VAL G 61 22.77 -11.20 -30.72
CA VAL G 61 21.48 -11.49 -31.35
C VAL G 61 21.68 -12.66 -32.31
N ALA G 62 20.91 -13.73 -32.11
CA ALA G 62 21.03 -14.93 -32.92
C ALA G 62 20.10 -14.85 -34.13
N ARG G 63 20.61 -15.23 -35.29
CA ARG G 63 19.85 -15.19 -36.52
C ARG G 63 19.71 -16.59 -37.12
N MET G 64 19.33 -16.65 -38.40
CA MET G 64 19.35 -17.92 -39.12
C MET G 64 20.78 -18.36 -39.38
N ALA G 65 21.01 -19.67 -39.33
CA ALA G 65 22.30 -20.20 -39.73
C ALA G 65 22.49 -20.03 -41.24
N ASN G 66 23.62 -19.46 -41.64
CA ASN G 66 23.96 -19.17 -43.03
C ASN G 66 23.59 -20.33 -43.95
N PRO G 67 22.87 -20.05 -45.04
CA PRO G 67 22.48 -21.13 -45.96
C PRO G 67 23.63 -22.03 -46.39
N LYS G 68 24.85 -21.52 -46.41
CA LYS G 68 26.01 -22.35 -46.76
C LYS G 68 26.18 -23.50 -45.77
N ILE G 69 26.06 -23.21 -44.46
CA ILE G 69 26.24 -24.25 -43.46
C ILE G 69 25.06 -25.22 -43.47
N VAL G 70 23.86 -24.72 -43.78
CA VAL G 70 22.70 -25.61 -43.87
C VAL G 70 22.85 -26.55 -45.05
N GLU G 71 23.37 -26.04 -46.18
CA GLU G 71 23.65 -26.91 -47.32
C GLU G 71 24.77 -27.89 -47.00
N GLU G 72 25.75 -27.45 -46.20
CA GLU G 72 26.81 -28.34 -45.75
C GLU G 72 26.25 -29.53 -44.97
N VAL G 73 25.30 -29.25 -44.08
CA VAL G 73 24.67 -30.35 -43.34
C VAL G 73 23.78 -31.18 -44.25
N MET G 74 23.11 -30.54 -45.21
CA MET G 74 22.17 -31.24 -46.08
C MET G 74 22.87 -32.23 -47.00
N ASN G 75 23.96 -31.81 -47.64
CA ASN G 75 24.63 -32.66 -48.61
C ASN G 75 25.43 -33.79 -47.98
N ALA G 76 25.59 -33.79 -46.66
CA ALA G 76 26.42 -34.79 -46.00
C ALA G 76 25.64 -35.99 -45.47
N VAL G 77 24.31 -35.88 -45.33
CA VAL G 77 23.52 -36.94 -44.74
C VAL G 77 22.29 -37.20 -45.60
N SER G 78 21.73 -38.41 -45.44
CA SER G 78 20.49 -38.80 -46.10
C SER G 78 19.29 -38.74 -45.16
N ILE G 79 19.52 -38.56 -43.86
CA ILE G 79 18.45 -38.41 -42.88
C ILE G 79 17.94 -36.97 -42.99
N PRO G 80 16.72 -36.68 -42.54
CA PRO G 80 16.19 -35.31 -42.69
C PRO G 80 17.00 -34.31 -41.88
N VAL G 81 17.18 -33.12 -42.45
CA VAL G 81 17.89 -32.02 -41.80
C VAL G 81 16.89 -30.88 -41.60
N MET G 82 16.90 -30.31 -40.40
CA MET G 82 16.01 -29.20 -40.06
C MET G 82 16.83 -28.02 -39.55
N ALA G 83 16.39 -26.82 -39.89
CA ALA G 83 17.09 -25.59 -39.54
C ALA G 83 16.20 -24.69 -38.70
N LYS G 84 16.82 -23.77 -37.98
CA LYS G 84 16.14 -22.90 -37.04
C LYS G 84 15.89 -21.53 -37.66
N ALA G 85 14.70 -20.99 -37.44
CA ALA G 85 14.32 -19.66 -37.89
C ALA G 85 13.85 -18.83 -36.71
N ARG G 86 14.00 -17.51 -36.83
CA ARG G 86 13.62 -16.61 -35.75
C ARG G 86 12.10 -16.56 -35.61
N ILE G 87 11.65 -16.26 -34.39
CA ILE G 87 10.21 -16.23 -34.11
C ILE G 87 9.55 -15.15 -34.95
N GLY G 88 8.52 -15.54 -35.70
CA GLY G 88 7.80 -14.60 -36.53
C GLY G 88 8.54 -14.04 -37.71
N HIS G 89 9.72 -14.58 -38.03
CA HIS G 89 10.51 -14.11 -39.16
C HIS G 89 9.99 -14.79 -40.42
N ILE G 90 9.23 -14.04 -41.22
CA ILE G 90 8.57 -14.62 -42.39
C ILE G 90 9.60 -15.02 -43.44
N THR G 91 10.45 -14.07 -43.85
CA THR G 91 11.40 -14.34 -44.93
C THR G 91 12.46 -15.35 -44.52
N GLU G 92 12.79 -15.44 -43.23
CA GLU G 92 13.74 -16.45 -42.79
C GLU G 92 13.17 -17.86 -43.00
N ALA G 93 11.94 -18.08 -42.56
CA ALA G 93 11.30 -19.37 -42.79
C ALA G 93 11.09 -19.64 -44.27
N ARG G 94 10.81 -18.58 -45.04
CA ARG G 94 10.62 -18.76 -46.48
C ARG G 94 11.92 -19.17 -47.16
N VAL G 95 13.04 -18.58 -46.75
CA VAL G 95 14.34 -18.94 -47.32
C VAL G 95 14.70 -20.37 -46.94
N LEU G 96 14.46 -20.75 -45.68
CA LEU G 96 14.70 -22.15 -45.30
C LEU G 96 13.80 -23.11 -46.06
N GLU G 97 12.57 -22.69 -46.38
CA GLU G 97 11.67 -23.52 -47.17
C GLU G 97 12.17 -23.67 -48.59
N ALA G 98 12.70 -22.59 -49.18
CA ALA G 98 13.18 -22.64 -50.55
C ALA G 98 14.34 -23.60 -50.70
N MET G 99 15.15 -23.77 -49.65
CA MET G 99 16.28 -24.69 -49.69
C MET G 99 15.85 -26.15 -49.56
N GLY G 100 14.58 -26.42 -49.32
CA GLY G 100 14.10 -27.78 -49.18
C GLY G 100 14.24 -28.37 -47.79
N VAL G 101 14.54 -27.54 -46.78
CA VAL G 101 14.71 -28.05 -45.43
C VAL G 101 13.45 -28.79 -44.99
N ASP G 102 13.64 -29.96 -44.36
CA ASP G 102 12.52 -30.82 -44.03
C ASP G 102 11.65 -30.24 -42.91
N TYR G 103 12.25 -29.48 -42.00
CA TYR G 103 11.51 -28.89 -40.90
C TYR G 103 12.13 -27.57 -40.52
N ILE G 104 11.29 -26.59 -40.19
CA ILE G 104 11.73 -25.31 -39.64
C ILE G 104 11.29 -25.25 -38.18
N ASP G 105 12.22 -24.94 -37.30
CA ASP G 105 11.93 -24.80 -35.88
C ASP G 105 11.71 -23.31 -35.59
N GLU G 106 10.46 -22.93 -35.35
CA GLU G 106 10.18 -21.57 -34.92
C GLU G 106 10.70 -21.46 -33.49
N SER G 107 12.02 -21.24 -33.39
CA SER G 107 12.75 -21.48 -32.16
C SER G 107 12.85 -20.21 -31.32
N GLU G 108 12.47 -20.33 -30.04
CA GLU G 108 12.68 -19.26 -29.08
C GLU G 108 14.13 -19.18 -28.60
N VAL G 109 14.97 -20.15 -28.98
CA VAL G 109 16.39 -20.07 -28.62
C VAL G 109 17.06 -18.92 -29.35
N LEU G 110 16.84 -18.82 -30.65
CA LEU G 110 17.26 -17.63 -31.39
C LEU G 110 16.50 -16.41 -30.90
N THR G 111 17.13 -15.24 -31.03
CA THR G 111 16.46 -14.01 -30.70
C THR G 111 15.21 -13.86 -31.57
N PRO G 112 14.04 -13.61 -30.99
CA PRO G 112 12.83 -13.48 -31.79
C PRO G 112 12.94 -12.33 -32.80
N ALA G 113 12.03 -12.34 -33.77
CA ALA G 113 11.87 -11.22 -34.69
C ALA G 113 10.55 -10.50 -34.51
N ASP G 114 9.55 -11.16 -33.91
CA ASP G 114 8.25 -10.56 -33.65
C ASP G 114 7.86 -10.97 -32.22
N GLU G 115 8.12 -10.08 -31.25
CA GLU G 115 7.86 -10.40 -29.86
C GLU G 115 6.37 -10.54 -29.54
N GLU G 116 5.48 -10.24 -30.50
CA GLU G 116 4.05 -10.31 -30.27
C GLU G 116 3.38 -11.43 -31.03
N TYR G 117 3.70 -11.60 -32.31
CA TYR G 117 2.97 -12.51 -33.19
C TYR G 117 3.91 -13.56 -33.75
N HIS G 118 3.49 -14.83 -33.66
CA HIS G 118 4.26 -15.93 -34.19
C HIS G 118 4.09 -16.03 -35.70
N LEU G 119 4.76 -17.02 -36.30
CA LEU G 119 4.69 -17.20 -37.74
C LEU G 119 3.31 -17.70 -38.16
N ARG G 120 2.98 -17.44 -39.43
CA ARG G 120 1.74 -17.92 -40.04
C ARG G 120 2.02 -19.25 -40.73
N LYS G 121 2.16 -20.28 -39.90
CA LYS G 121 2.73 -21.56 -40.34
C LYS G 121 1.87 -22.28 -41.36
N ASP G 122 0.56 -22.03 -41.40
CA ASP G 122 -0.30 -22.73 -42.34
C ASP G 122 -0.19 -22.19 -43.76
N GLN G 123 0.51 -21.08 -43.97
CA GLN G 123 0.78 -20.59 -45.32
C GLN G 123 1.91 -21.36 -45.99
N PHE G 124 2.80 -21.97 -45.21
CA PHE G 124 3.93 -22.70 -45.75
C PHE G 124 3.54 -24.12 -46.14
N THR G 125 4.32 -24.69 -47.04
CA THR G 125 4.19 -26.11 -47.41
C THR G 125 5.20 -26.98 -46.69
N VAL G 126 6.07 -26.41 -45.88
CA VAL G 126 7.04 -27.15 -45.08
C VAL G 126 6.52 -27.23 -43.65
N PRO G 127 6.55 -28.38 -43.01
CA PRO G 127 6.05 -28.46 -41.63
C PRO G 127 6.97 -27.72 -40.66
N PHE G 128 6.37 -27.25 -39.58
CA PHE G 128 7.07 -26.47 -38.55
C PHE G 128 7.05 -27.22 -37.23
N VAL G 129 8.04 -26.92 -36.39
CA VAL G 129 8.07 -27.41 -35.02
C VAL G 129 8.26 -26.22 -34.09
N CYS G 130 7.47 -26.19 -33.01
CA CYS G 130 7.44 -25.06 -32.10
C CYS G 130 7.58 -25.55 -30.66
N GLY G 131 7.99 -24.64 -29.79
CA GLY G 131 8.13 -24.94 -28.39
C GLY G 131 6.89 -24.59 -27.59
N CYS G 132 6.69 -25.33 -26.49
CA CYS G 132 5.52 -25.14 -25.65
C CYS G 132 5.88 -25.47 -24.22
N ARG G 133 5.14 -24.85 -23.29
CA ARG G 133 5.31 -25.10 -21.86
C ARG G 133 4.03 -25.55 -21.17
N ASN G 134 2.89 -25.45 -21.85
CA ASN G 134 1.61 -25.89 -21.30
C ASN G 134 0.68 -26.17 -22.48
N LEU G 135 -0.53 -26.63 -22.16
CA LEU G 135 -1.49 -26.93 -23.22
C LEU G 135 -1.92 -25.67 -23.97
N GLY G 136 -1.89 -24.52 -23.30
CA GLY G 136 -2.22 -23.27 -23.95
C GLY G 136 -1.31 -22.92 -25.10
N GLU G 137 0.00 -22.87 -24.82
CA GLU G 137 0.97 -22.54 -25.87
C GLU G 137 0.95 -23.61 -26.96
N ALA G 138 0.80 -24.88 -26.59
CA ALA G 138 0.77 -25.94 -27.58
C ALA G 138 -0.42 -25.79 -28.52
N ALA G 139 -1.61 -25.55 -27.96
CA ALA G 139 -2.79 -25.37 -28.79
C ALA G 139 -2.70 -24.11 -29.64
N ARG G 140 -2.10 -23.05 -29.10
CA ARG G 140 -1.92 -21.84 -29.88
C ARG G 140 -0.99 -22.07 -31.06
N ARG G 141 0.12 -22.78 -30.83
CA ARG G 141 1.04 -23.10 -31.92
C ARG G 141 0.37 -23.98 -32.97
N ILE G 142 -0.41 -24.98 -32.53
CA ILE G 142 -1.13 -25.83 -33.46
C ILE G 142 -2.12 -25.01 -34.28
N GLY G 143 -2.82 -24.08 -33.63
CA GLY G 143 -3.75 -23.23 -34.36
C GLY G 143 -3.06 -22.35 -35.39
N GLU G 144 -1.87 -21.84 -35.04
CA GLU G 144 -1.10 -21.08 -36.01
C GLU G 144 -0.58 -21.93 -37.16
N GLY G 145 -0.69 -23.25 -37.06
CA GLY G 145 -0.28 -24.14 -38.13
C GLY G 145 0.91 -25.02 -37.84
N ALA G 146 1.37 -25.11 -36.59
CA ALA G 146 2.51 -25.96 -36.27
C ALA G 146 2.15 -27.42 -36.51
N ALA G 147 3.14 -28.17 -37.01
CA ALA G 147 2.97 -29.59 -37.31
C ALA G 147 3.83 -30.48 -36.43
N MET G 148 4.34 -29.94 -35.32
CA MET G 148 5.17 -30.67 -34.38
C MET G 148 5.42 -29.78 -33.17
N LEU G 149 5.60 -30.42 -32.01
CA LEU G 149 5.78 -29.70 -30.76
C LEU G 149 6.97 -30.26 -29.99
N ARG G 150 7.62 -29.38 -29.23
CA ARG G 150 8.70 -29.76 -28.34
C ARG G 150 8.58 -28.91 -27.07
N THR G 151 9.28 -29.35 -26.02
CA THR G 151 9.31 -28.58 -24.79
C THR G 151 10.34 -27.46 -24.89
N LYS G 152 10.01 -26.31 -24.30
CA LYS G 152 10.96 -25.19 -24.30
C LYS G 152 12.19 -25.52 -23.48
N GLY G 153 12.00 -26.11 -22.29
CA GLY G 153 13.09 -26.51 -21.43
C GLY G 153 14.02 -25.37 -21.07
N GLU G 154 15.27 -25.71 -20.77
CA GLU G 154 16.32 -24.75 -20.48
C GLU G 154 17.51 -25.10 -21.36
N PRO G 155 17.54 -24.61 -22.60
CA PRO G 155 18.61 -24.99 -23.52
C PRO G 155 19.97 -24.47 -23.06
N GLY G 156 21.00 -25.27 -23.28
CA GLY G 156 22.35 -24.91 -22.95
C GLY G 156 22.72 -24.99 -21.49
N THR G 157 21.90 -25.65 -20.66
CA THR G 157 22.19 -25.80 -19.25
C THR G 157 22.38 -27.24 -18.81
N GLY G 158 21.91 -28.22 -19.58
CA GLY G 158 21.95 -29.60 -19.15
C GLY G 158 21.06 -29.92 -17.97
N ASN G 159 20.16 -29.02 -17.61
CA ASN G 159 19.28 -29.19 -16.45
C ASN G 159 17.91 -29.63 -16.94
N ILE G 160 17.51 -30.85 -16.58
CA ILE G 160 16.28 -31.45 -17.09
C ILE G 160 15.03 -30.92 -16.40
N VAL G 161 15.18 -30.04 -15.40
CA VAL G 161 14.04 -29.61 -14.59
C VAL G 161 12.94 -29.02 -15.48
N GLU G 162 13.31 -28.12 -16.40
CA GLU G 162 12.30 -27.42 -17.17
C GLU G 162 11.63 -28.32 -18.19
N ALA G 163 12.39 -29.23 -18.80
CA ALA G 163 11.79 -30.20 -19.71
C ALA G 163 10.78 -31.08 -19.00
N VAL G 164 11.13 -31.59 -17.82
CA VAL G 164 10.21 -32.39 -17.03
C VAL G 164 8.96 -31.58 -16.69
N ARG G 165 9.16 -30.33 -16.23
CA ARG G 165 8.02 -29.51 -15.83
C ARG G 165 7.07 -29.29 -17.00
N HIS G 166 7.60 -28.90 -18.16
CA HIS G 166 6.74 -28.62 -19.31
C HIS G 166 6.04 -29.87 -19.81
N MET G 167 6.78 -30.98 -19.92
CA MET G 167 6.19 -32.23 -20.37
C MET G 167 5.07 -32.67 -19.44
N ARG G 168 5.32 -32.67 -18.13
CA ARG G 168 4.30 -33.09 -17.19
C ARG G 168 3.10 -32.16 -17.21
N GLN G 169 3.33 -30.84 -17.34
CA GLN G 169 2.22 -29.90 -17.38
C GLN G 169 1.33 -30.16 -18.58
N VAL G 170 1.93 -30.23 -19.78
CA VAL G 170 1.11 -30.42 -20.97
C VAL G 170 0.44 -31.79 -20.96
N ASN G 171 1.12 -32.81 -20.43
CA ASN G 171 0.53 -34.15 -20.40
C ASN G 171 -0.65 -34.20 -19.43
N SER G 172 -0.51 -33.62 -18.24
CA SER G 172 -1.61 -33.60 -17.29
C SER G 172 -2.78 -32.80 -17.82
N GLU G 173 -2.50 -31.68 -18.51
CA GLU G 173 -3.60 -30.87 -19.02
C GLU G 173 -4.35 -31.58 -20.16
N VAL G 174 -3.62 -32.25 -21.07
CA VAL G 174 -4.32 -32.97 -22.12
C VAL G 174 -5.07 -34.17 -21.55
N SER G 175 -4.53 -34.81 -20.51
CA SER G 175 -5.25 -35.92 -19.89
C SER G 175 -6.51 -35.44 -19.20
N ARG G 176 -6.45 -34.25 -18.58
CA ARG G 176 -7.66 -33.64 -18.03
C ARG G 176 -8.68 -33.36 -19.12
N LEU G 177 -8.22 -32.82 -20.26
CA LEU G 177 -9.14 -32.46 -21.33
C LEU G 177 -9.78 -33.69 -21.96
N THR G 178 -9.06 -34.82 -22.03
CA THR G 178 -9.62 -36.02 -22.64
C THR G 178 -10.84 -36.56 -21.89
N VAL G 179 -11.03 -36.17 -20.64
CA VAL G 179 -12.13 -36.72 -19.84
C VAL G 179 -12.95 -35.57 -19.27
N MET G 180 -12.78 -34.38 -19.82
CA MET G 180 -13.48 -33.20 -19.34
C MET G 180 -14.87 -33.11 -19.96
N ASN G 181 -15.82 -32.61 -19.17
CA ASN G 181 -17.19 -32.47 -19.66
C ASN G 181 -17.23 -31.55 -20.87
N ASP G 182 -18.11 -31.89 -21.82
CA ASP G 182 -18.25 -31.09 -23.03
C ASP G 182 -18.75 -29.68 -22.73
N ASP G 183 -19.48 -29.50 -21.62
CA ASP G 183 -20.00 -28.19 -21.30
C ASP G 183 -18.91 -27.24 -20.82
N GLU G 184 -17.82 -27.78 -20.27
CA GLU G 184 -16.81 -26.98 -19.59
C GLU G 184 -15.60 -26.67 -20.46
N ILE G 185 -15.55 -27.18 -21.69
CA ILE G 185 -14.34 -27.02 -22.50
C ILE G 185 -14.15 -25.57 -22.92
N MET G 186 -15.23 -24.90 -23.33
CA MET G 186 -15.12 -23.55 -23.89
C MET G 186 -14.42 -22.62 -22.93
N THR G 187 -14.98 -22.46 -21.71
CA THR G 187 -14.34 -21.59 -20.73
C THR G 187 -12.94 -22.08 -20.39
N PHE G 188 -12.71 -23.40 -20.43
CA PHE G 188 -11.37 -23.92 -20.26
C PHE G 188 -10.43 -23.33 -21.31
N ALA G 189 -10.85 -23.36 -22.58
CA ALA G 189 -10.08 -22.72 -23.63
C ALA G 189 -9.92 -21.23 -23.37
N LYS G 190 -10.93 -20.60 -22.76
CA LYS G 190 -10.80 -19.19 -22.42
C LYS G 190 -9.81 -18.99 -21.28
N ASP G 191 -9.71 -19.97 -20.36
CA ASP G 191 -8.83 -19.82 -19.21
C ASP G 191 -7.37 -20.01 -19.59
N ILE G 192 -7.07 -21.02 -20.41
CA ILE G 192 -5.69 -21.25 -20.83
C ILE G 192 -5.33 -20.50 -22.10
N GLY G 193 -6.25 -19.71 -22.65
CA GLY G 193 -5.99 -18.95 -23.86
C GLY G 193 -5.63 -19.83 -25.04
N ALA G 194 -6.54 -20.72 -25.41
CA ALA G 194 -6.30 -21.69 -26.48
C ALA G 194 -7.47 -21.70 -27.46
N PRO G 195 -7.21 -22.04 -28.72
CA PRO G 195 -8.30 -22.18 -29.68
C PRO G 195 -9.24 -23.31 -29.27
N TYR G 196 -10.55 -23.02 -29.33
CA TYR G 196 -11.56 -23.92 -28.80
C TYR G 196 -11.72 -25.17 -29.67
N GLU G 197 -11.73 -24.99 -30.99
CA GLU G 197 -11.86 -26.14 -31.89
C GLU G 197 -10.70 -27.11 -31.73
N ILE G 198 -9.50 -26.60 -31.45
CA ILE G 198 -8.36 -27.48 -31.24
C ILE G 198 -8.54 -28.32 -29.98
N LEU G 199 -9.09 -27.73 -28.92
CA LEU G 199 -9.36 -28.50 -27.71
C LEU G 199 -10.44 -29.55 -27.95
N LYS G 200 -11.47 -29.20 -28.72
CA LYS G 200 -12.48 -30.19 -29.07
C LYS G 200 -11.87 -31.33 -29.86
N GLN G 201 -10.98 -31.03 -30.80
CA GLN G 201 -10.31 -32.08 -31.56
C GLN G 201 -9.42 -32.93 -30.66
N ILE G 202 -8.78 -32.31 -29.66
CA ILE G 202 -7.97 -33.06 -28.71
C ILE G 202 -8.83 -34.07 -27.97
N LYS G 203 -9.98 -33.62 -27.44
CA LYS G 203 -10.83 -34.54 -26.71
C LYS G 203 -11.43 -35.62 -27.63
N ASP G 204 -11.72 -35.27 -28.88
CA ASP G 204 -12.29 -36.24 -29.80
C ASP G 204 -11.28 -37.33 -30.16
N ASN G 205 -10.06 -36.92 -30.52
CA ASN G 205 -9.03 -37.89 -30.87
C ASN G 205 -8.54 -38.67 -29.65
N GLY G 206 -8.72 -38.13 -28.45
CA GLY G 206 -8.25 -38.78 -27.24
C GLY G 206 -6.79 -38.59 -26.92
N ARG G 207 -6.01 -38.04 -27.84
CA ARG G 207 -4.60 -37.75 -27.61
C ARG G 207 -4.29 -36.39 -28.20
N LEU G 208 -3.06 -35.92 -27.98
CA LEU G 208 -2.63 -34.67 -28.58
C LEU G 208 -2.55 -34.84 -30.09
N PRO G 209 -3.15 -33.95 -30.88
CA PRO G 209 -3.24 -34.17 -32.33
C PRO G 209 -1.90 -34.17 -33.05
N VAL G 210 -0.80 -33.92 -32.36
CA VAL G 210 0.51 -33.84 -32.98
C VAL G 210 1.55 -34.40 -32.01
N VAL G 211 2.74 -34.66 -32.53
CA VAL G 211 3.80 -35.30 -31.76
C VAL G 211 4.49 -34.26 -30.90
N ASN G 212 4.71 -34.60 -29.63
CA ASN G 212 5.40 -33.74 -28.68
C ASN G 212 6.72 -34.41 -28.27
N PHE G 213 7.83 -33.76 -28.56
CA PHE G 213 9.14 -34.25 -28.18
C PHE G 213 9.65 -33.55 -26.93
N ALA G 214 10.72 -34.08 -26.38
CA ALA G 214 11.44 -33.45 -25.28
C ALA G 214 12.63 -32.67 -25.83
N ALA G 215 12.93 -31.55 -25.17
CA ALA G 215 13.97 -30.66 -25.65
C ALA G 215 14.43 -29.77 -24.50
N GLY G 216 15.75 -29.65 -24.33
CA GLY G 216 16.29 -28.74 -23.35
C GLY G 216 17.43 -29.32 -22.53
N GLY G 217 17.13 -29.77 -21.32
CA GLY G 217 18.12 -30.23 -20.37
C GLY G 217 18.66 -31.63 -20.60
N VAL G 218 18.36 -32.25 -21.74
CA VAL G 218 18.84 -33.61 -21.99
C VAL G 218 20.36 -33.57 -22.14
N ALA G 219 21.05 -34.31 -21.28
CA ALA G 219 22.50 -34.35 -21.29
C ALA G 219 23.11 -35.71 -20.97
N THR G 220 22.36 -36.64 -20.40
CA THR G 220 22.83 -37.98 -20.08
C THR G 220 21.83 -38.99 -20.62
N PRO G 221 22.25 -40.26 -20.76
CA PRO G 221 21.27 -41.29 -21.14
C PRO G 221 20.16 -41.48 -20.13
N GLN G 222 20.43 -41.25 -18.84
CA GLN G 222 19.41 -41.42 -17.81
C GLN G 222 18.22 -40.49 -18.04
N ASP G 223 18.46 -39.18 -18.08
CA ASP G 223 17.38 -38.24 -18.30
C ASP G 223 16.95 -38.15 -19.76
N ALA G 224 17.59 -38.92 -20.64
CA ALA G 224 17.07 -39.10 -21.99
C ALA G 224 16.02 -40.21 -22.01
N ALA G 225 16.26 -41.30 -21.27
CA ALA G 225 15.26 -42.34 -21.13
C ALA G 225 14.12 -41.90 -20.22
N LEU G 226 14.40 -40.99 -19.27
CA LEU G 226 13.35 -40.47 -18.41
C LEU G 226 12.31 -39.72 -19.21
N MET G 227 12.71 -39.04 -20.28
CA MET G 227 11.75 -38.31 -21.10
C MET G 227 10.78 -39.28 -21.78
N MET G 228 11.28 -40.40 -22.28
CA MET G 228 10.39 -41.40 -22.88
C MET G 228 9.53 -42.06 -21.80
N GLU G 229 10.10 -42.26 -20.61
CA GLU G 229 9.31 -42.80 -19.50
C GLU G 229 8.17 -41.86 -19.11
N LEU G 230 8.37 -40.55 -19.29
CA LEU G 230 7.38 -39.57 -18.88
C LEU G 230 6.25 -39.41 -19.88
N GLY G 231 6.42 -39.91 -21.10
CA GLY G 231 5.40 -39.80 -22.13
C GLY G 231 5.83 -39.10 -23.39
N ALA G 232 7.06 -38.58 -23.46
CA ALA G 232 7.53 -37.93 -24.67
C ALA G 232 7.70 -38.94 -25.80
N ASP G 233 7.56 -38.46 -27.03
CA ASP G 233 7.70 -39.31 -28.21
C ASP G 233 9.11 -39.30 -28.78
N GLY G 234 9.99 -38.45 -28.27
CA GLY G 234 11.34 -38.37 -28.79
C GLY G 234 12.13 -37.33 -28.01
N VAL G 235 13.40 -37.21 -28.38
CA VAL G 235 14.35 -36.38 -27.65
C VAL G 235 15.09 -35.45 -28.61
N PHE G 236 15.05 -34.16 -28.32
CA PHE G 236 15.89 -33.17 -28.99
C PHE G 236 17.13 -32.95 -28.13
N VAL G 237 18.30 -33.27 -28.68
CA VAL G 237 19.57 -33.18 -27.97
C VAL G 237 20.39 -32.04 -28.57
N GLY G 238 20.99 -31.23 -27.70
CA GLY G 238 21.79 -30.10 -28.12
C GLY G 238 23.23 -30.48 -28.42
N SER G 239 24.11 -29.49 -28.32
CA SER G 239 25.49 -29.66 -28.76
C SER G 239 26.38 -30.33 -27.72
N GLY G 240 25.85 -30.63 -26.53
CA GLY G 240 26.61 -31.29 -25.50
C GLY G 240 27.25 -32.59 -25.94
N ILE G 241 26.67 -33.21 -26.97
CA ILE G 241 27.22 -34.45 -27.50
C ILE G 241 28.66 -34.22 -27.95
N PHE G 242 28.90 -33.11 -28.64
CA PHE G 242 30.24 -32.79 -29.11
C PHE G 242 31.00 -31.93 -28.11
N LYS G 243 30.62 -31.99 -26.84
CA LYS G 243 31.38 -31.39 -25.75
C LYS G 243 31.99 -32.45 -24.85
N SER G 244 31.79 -33.72 -25.16
CA SER G 244 32.32 -34.83 -24.38
C SER G 244 33.65 -35.27 -24.96
N GLU G 245 34.27 -36.27 -24.31
CA GLU G 245 35.54 -36.78 -24.81
C GLU G 245 35.35 -37.62 -26.07
N ASP G 246 34.22 -38.30 -26.20
CA ASP G 246 33.93 -39.13 -27.36
C ASP G 246 32.50 -38.87 -27.80
N PRO G 247 32.29 -37.93 -28.72
CA PRO G 247 30.91 -37.64 -29.17
C PRO G 247 30.23 -38.79 -29.85
N GLU G 248 30.98 -39.67 -30.53
CA GLU G 248 30.38 -40.80 -31.23
C GLU G 248 29.70 -41.75 -30.24
N LYS G 249 30.45 -42.22 -29.24
CA LYS G 249 29.88 -43.10 -28.23
C LYS G 249 28.77 -42.42 -27.45
N PHE G 250 28.89 -41.12 -27.21
CA PHE G 250 27.86 -40.39 -26.49
C PHE G 250 26.55 -40.39 -27.26
N ALA G 251 26.61 -40.05 -28.56
CA ALA G 251 25.41 -40.05 -29.38
C ALA G 251 24.83 -41.45 -29.51
N LYS G 252 25.69 -42.46 -29.65
CA LYS G 252 25.20 -43.83 -29.74
C LYS G 252 24.46 -44.23 -28.46
N ALA G 253 25.03 -43.88 -27.30
CA ALA G 253 24.38 -44.20 -26.04
C ALA G 253 23.07 -43.46 -25.88
N ILE G 254 23.00 -42.21 -26.36
CA ILE G 254 21.74 -41.46 -26.30
C ILE G 254 20.69 -42.15 -27.17
N VAL G 255 21.07 -42.60 -28.37
CA VAL G 255 20.13 -43.32 -29.23
C VAL G 255 19.62 -44.58 -28.54
N GLN G 256 20.55 -45.37 -27.99
CA GLN G 256 20.17 -46.61 -27.32
C GLN G 256 19.23 -46.35 -26.15
N ALA G 257 19.55 -45.36 -25.33
CA ALA G 257 18.72 -45.06 -24.17
C ALA G 257 17.36 -44.48 -24.58
N THR G 258 17.30 -43.81 -25.72
CA THR G 258 16.01 -43.30 -26.18
C THR G 258 15.13 -44.42 -26.72
N THR G 259 15.73 -45.39 -27.42
CA THR G 259 14.93 -46.45 -28.02
C THR G 259 14.55 -47.53 -26.99
N HIS G 260 15.47 -47.88 -26.10
CA HIS G 260 15.20 -48.85 -25.04
C HIS G 260 15.26 -48.12 -23.69
N TYR G 261 14.25 -47.28 -23.45
CA TYR G 261 14.20 -46.44 -22.27
C TYR G 261 13.78 -47.20 -21.00
N GLN G 262 13.64 -48.51 -21.07
CA GLN G 262 13.29 -49.31 -19.90
C GLN G 262 14.23 -50.48 -19.67
N ASP G 263 15.28 -50.62 -20.47
CA ASP G 263 16.33 -51.60 -20.23
C ASP G 263 17.36 -50.94 -19.32
N TYR G 264 17.16 -51.11 -18.01
CA TYR G 264 17.92 -50.32 -17.04
C TYR G 264 19.37 -50.79 -16.93
N GLU G 265 19.63 -52.08 -17.10
CA GLU G 265 21.01 -52.57 -17.10
C GLU G 265 21.77 -52.05 -18.32
N LEU G 266 21.09 -51.99 -19.47
CA LEU G 266 21.69 -51.41 -20.67
C LEU G 266 22.05 -49.93 -20.44
N ILE G 267 21.12 -49.18 -19.85
CA ILE G 267 21.37 -47.77 -19.56
C ILE G 267 22.52 -47.63 -18.57
N GLY G 268 22.59 -48.53 -17.58
CA GLY G 268 23.69 -48.49 -16.65
C GLY G 268 25.04 -48.74 -17.30
N ARG G 269 25.10 -49.72 -18.21
CA ARG G 269 26.34 -49.97 -18.93
C ARG G 269 26.73 -48.77 -19.78
N LEU G 270 25.77 -48.19 -20.50
CA LEU G 270 26.06 -47.03 -21.33
C LEU G 270 26.55 -45.85 -20.49
N ALA G 271 25.98 -45.67 -19.29
CA ALA G 271 26.44 -44.61 -18.42
C ALA G 271 27.83 -44.89 -17.88
N SER G 272 28.12 -46.16 -17.59
CA SER G 272 29.46 -46.53 -17.15
C SER G 272 30.50 -46.23 -18.23
N GLU G 273 30.15 -46.49 -19.49
CA GLU G 273 31.07 -46.21 -20.59
C GLU G 273 31.40 -44.72 -20.65
N LEU G 274 30.38 -43.86 -20.64
CA LEU G 274 30.59 -42.42 -20.68
C LEU G 274 31.19 -41.91 -19.38
N GLY G 275 31.84 -40.75 -19.45
CA GLY G 275 32.48 -40.19 -18.28
C GLY G 275 32.95 -38.76 -18.44
N THR G 276 32.07 -37.85 -18.84
CA THR G 276 32.41 -36.45 -19.01
C THR G 276 31.29 -35.59 -18.41
N ALA G 277 31.45 -34.28 -18.52
CA ALA G 277 30.46 -33.34 -18.00
C ALA G 277 29.42 -32.99 -19.06
N SER H 4 -3.35 -27.63 63.40
CA SER H 4 -4.04 -26.39 63.77
C SER H 4 -5.22 -26.12 62.86
N LYS H 5 -5.15 -25.02 62.11
CA LYS H 5 -6.23 -24.64 61.20
C LYS H 5 -5.60 -23.95 59.98
N ILE H 6 -5.06 -24.76 59.08
CA ILE H 6 -4.45 -24.25 57.85
C ILE H 6 -5.56 -23.81 56.91
N ILE H 7 -6.10 -22.62 57.15
CA ILE H 7 -7.21 -22.09 56.35
C ILE H 7 -6.64 -21.23 55.23
N GLY H 8 -7.18 -21.41 54.03
CA GLY H 8 -6.76 -20.65 52.88
C GLY H 8 -5.70 -21.30 52.01
N SER H 9 -5.24 -22.50 52.37
CA SER H 9 -4.26 -23.19 51.56
C SER H 9 -4.82 -23.48 50.18
N ASP H 10 -3.96 -23.38 49.16
CA ASP H 10 -4.40 -23.57 47.78
C ASP H 10 -5.11 -24.89 47.56
N ARG H 11 -4.67 -25.94 48.27
CA ARG H 11 -5.31 -27.24 48.12
C ARG H 11 -6.78 -27.19 48.53
N VAL H 12 -7.10 -26.42 49.58
CA VAL H 12 -8.50 -26.28 50.00
C VAL H 12 -9.29 -25.51 48.96
N LYS H 13 -8.73 -24.38 48.50
CA LYS H 13 -9.38 -23.57 47.46
C LYS H 13 -9.75 -24.43 46.25
N ARG H 14 -8.78 -25.16 45.70
CA ARG H 14 -9.07 -25.93 44.50
C ARG H 14 -9.78 -27.25 44.79
N GLY H 15 -9.75 -27.74 46.03
CA GLY H 15 -10.53 -28.92 46.35
C GLY H 15 -12.01 -28.63 46.47
N MET H 16 -12.36 -27.43 46.94
CA MET H 16 -13.75 -27.00 46.93
C MET H 16 -14.39 -27.17 45.54
N ALA H 17 -13.61 -27.00 44.48
CA ALA H 17 -14.09 -27.21 43.12
C ALA H 17 -13.77 -28.60 42.59
N GLU H 18 -12.72 -29.24 43.09
CA GLU H 18 -12.38 -30.58 42.60
C GLU H 18 -13.39 -31.61 43.07
N MET H 19 -13.95 -31.44 44.27
CA MET H 19 -15.07 -32.26 44.69
C MET H 19 -16.41 -31.64 44.31
N GLN H 20 -16.40 -30.78 43.28
CA GLN H 20 -17.59 -30.24 42.66
C GLN H 20 -17.83 -30.78 41.26
N LYS H 21 -16.86 -31.45 40.66
CA LYS H 21 -16.99 -31.90 39.28
C LYS H 21 -18.00 -33.04 39.18
N GLY H 22 -18.56 -33.19 37.99
CA GLY H 22 -19.62 -34.15 37.75
C GLY H 22 -21.01 -33.58 37.87
N GLY H 23 -21.15 -32.34 38.35
CA GLY H 23 -22.43 -31.70 38.49
C GLY H 23 -22.49 -30.40 37.70
N VAL H 24 -23.67 -29.79 37.71
CA VAL H 24 -23.96 -28.58 36.94
C VAL H 24 -24.28 -27.46 37.92
N ILE H 25 -23.69 -26.29 37.67
CA ILE H 25 -24.00 -25.07 38.42
C ILE H 25 -24.83 -24.17 37.52
N MET H 26 -26.08 -23.96 37.89
CA MET H 26 -26.98 -23.09 37.15
C MET H 26 -27.12 -21.77 37.89
N ASP H 27 -27.17 -20.67 37.13
CA ASP H 27 -27.27 -19.38 37.81
C ASP H 27 -28.71 -19.14 38.27
N VAL H 28 -28.87 -18.13 39.14
CA VAL H 28 -30.13 -17.91 39.84
C VAL H 28 -30.28 -16.43 40.12
N VAL H 29 -31.52 -15.95 40.09
CA VAL H 29 -31.84 -14.56 40.31
C VAL H 29 -32.46 -14.33 41.69
N ASN H 30 -33.37 -15.20 42.11
CA ASN H 30 -34.10 -15.01 43.36
C ASN H 30 -34.18 -16.34 44.11
N ALA H 31 -34.69 -16.26 45.35
CA ALA H 31 -34.68 -17.42 46.23
C ALA H 31 -35.52 -18.57 45.65
N GLU H 32 -36.64 -18.26 45.01
CA GLU H 32 -37.52 -19.31 44.53
C GLU H 32 -36.91 -20.07 43.36
N GLN H 33 -36.07 -19.41 42.57
CA GLN H 33 -35.32 -20.14 41.54
C GLN H 33 -34.22 -20.99 42.17
N ALA H 34 -33.63 -20.52 43.27
CA ALA H 34 -32.64 -21.32 43.97
C ALA H 34 -33.24 -22.56 44.59
N ARG H 35 -34.50 -22.49 45.03
CA ARG H 35 -35.19 -23.68 45.51
C ARG H 35 -35.26 -24.75 44.42
N ILE H 36 -35.68 -24.35 43.22
CA ILE H 36 -35.74 -25.27 42.09
C ILE H 36 -34.36 -25.82 41.76
N ALA H 37 -33.35 -24.94 41.75
CA ALA H 37 -32.00 -25.38 41.44
C ALA H 37 -31.51 -26.42 42.42
N GLU H 38 -31.74 -26.20 43.72
CA GLU H 38 -31.32 -27.18 44.72
C GLU H 38 -32.09 -28.49 44.57
N GLU H 39 -33.41 -28.41 44.47
CA GLU H 39 -34.24 -29.61 44.38
C GLU H 39 -34.18 -30.26 43.00
N ALA H 40 -33.38 -29.73 42.08
CA ALA H 40 -33.20 -30.35 40.77
C ALA H 40 -31.88 -31.09 40.66
N GLY H 41 -31.00 -30.98 41.65
CA GLY H 41 -29.72 -31.66 41.62
C GLY H 41 -28.52 -30.80 41.27
N ALA H 42 -28.64 -29.47 41.35
CA ALA H 42 -27.51 -28.61 41.08
C ALA H 42 -26.48 -28.71 42.20
N VAL H 43 -25.20 -28.67 41.83
CA VAL H 43 -24.12 -28.72 42.83
C VAL H 43 -23.83 -27.36 43.44
N ALA H 44 -24.29 -26.28 42.81
CA ALA H 44 -24.12 -24.93 43.31
C ALA H 44 -24.96 -23.99 42.47
N VAL H 45 -25.16 -22.78 42.97
CA VAL H 45 -25.96 -21.76 42.30
C VAL H 45 -25.12 -20.51 42.11
N MET H 46 -25.37 -19.79 41.02
CA MET H 46 -24.67 -18.55 40.70
C MET H 46 -25.65 -17.40 40.92
N ALA H 47 -25.51 -16.71 42.06
CA ALA H 47 -26.39 -15.61 42.39
C ALA H 47 -26.02 -14.38 41.57
N LEU H 48 -26.98 -13.87 40.80
CA LEU H 48 -26.78 -12.65 40.04
C LEU H 48 -28.10 -11.88 39.98
N GLU H 49 -28.00 -10.59 39.66
CA GLU H 49 -29.15 -9.71 39.65
C GLU H 49 -29.82 -9.63 38.29
N ARG H 50 -29.02 -9.48 37.23
CA ARG H 50 -29.56 -9.40 35.87
C ARG H 50 -28.79 -10.32 34.93
N ALA H 58 -25.14 -5.41 26.61
CA ALA H 58 -25.39 -4.56 25.46
C ALA H 58 -26.47 -3.53 25.77
N GLY H 59 -26.66 -3.24 27.06
CA GLY H 59 -27.66 -2.28 27.49
C GLY H 59 -27.12 -1.27 28.48
N GLY H 60 -25.95 -1.54 29.05
CA GLY H 60 -25.35 -0.65 30.02
C GLY H 60 -24.05 -1.18 30.61
N VAL H 61 -23.85 -0.95 31.90
CA VAL H 61 -22.67 -1.42 32.61
C VAL H 61 -23.12 -2.35 33.73
N ALA H 62 -22.61 -3.58 33.72
CA ALA H 62 -22.99 -4.58 34.71
C ALA H 62 -22.06 -4.50 35.92
N ARG H 63 -22.65 -4.55 37.10
CA ARG H 63 -21.88 -4.48 38.35
C ARG H 63 -22.06 -5.75 39.17
N MET H 64 -21.71 -5.67 40.45
CA MET H 64 -22.00 -6.75 41.38
C MET H 64 -23.50 -6.81 41.66
N ALA H 65 -24.01 -8.02 41.84
CA ALA H 65 -25.39 -8.18 42.28
C ALA H 65 -25.52 -7.72 43.73
N ASN H 66 -26.50 -6.85 43.98
CA ASN H 66 -26.77 -6.25 45.29
C ASN H 66 -26.66 -7.28 46.41
N PRO H 67 -25.89 -6.99 47.46
CA PRO H 67 -25.76 -7.95 48.58
C PRO H 67 -27.07 -8.45 49.13
N LYS H 68 -28.15 -7.65 49.02
CA LYS H 68 -29.46 -8.10 49.49
C LYS H 68 -29.93 -9.32 48.72
N ILE H 69 -29.81 -9.29 47.39
CA ILE H 69 -30.28 -10.41 46.58
C ILE H 69 -29.36 -11.62 46.77
N VAL H 70 -28.06 -11.39 47.00
CA VAL H 70 -27.14 -12.49 47.23
C VAL H 70 -27.46 -13.16 48.57
N GLU H 71 -27.80 -12.36 49.58
CA GLU H 71 -28.19 -12.93 50.87
C GLU H 71 -29.52 -13.66 50.78
N GLU H 72 -30.45 -13.13 49.97
CA GLU H 72 -31.72 -13.81 49.74
C GLU H 72 -31.49 -15.19 49.11
N VAL H 73 -30.59 -15.27 48.13
CA VAL H 73 -30.28 -16.56 47.52
C VAL H 73 -29.52 -17.45 48.50
N MET H 74 -28.67 -16.86 49.33
CA MET H 74 -27.85 -17.62 50.26
C MET H 74 -28.71 -18.30 51.33
N ASN H 75 -29.66 -17.57 51.90
CA ASN H 75 -30.48 -18.10 52.98
C ASN H 75 -31.50 -19.13 52.51
N ALA H 76 -31.66 -19.31 51.20
CA ALA H 76 -32.68 -20.21 50.67
C ALA H 76 -32.17 -21.60 50.36
N VAL H 77 -30.85 -21.80 50.25
CA VAL H 77 -30.29 -23.09 49.85
C VAL H 77 -29.16 -23.47 50.79
N SER H 78 -28.88 -24.77 50.84
CA SER H 78 -27.77 -25.32 51.59
C SER H 78 -26.58 -25.70 50.70
N ILE H 79 -26.77 -25.70 49.39
CA ILE H 79 -25.68 -25.96 48.45
C ILE H 79 -24.87 -24.68 48.31
N PRO H 80 -23.61 -24.74 47.86
CA PRO H 80 -22.80 -23.52 47.81
C PRO H 80 -23.37 -22.51 46.82
N VAL H 81 -23.28 -21.24 47.18
CA VAL H 81 -23.73 -20.14 46.34
C VAL H 81 -22.51 -19.29 45.98
N MET H 82 -22.39 -18.95 44.69
CA MET H 82 -21.28 -18.15 44.20
C MET H 82 -21.81 -16.92 43.49
N ALA H 83 -21.11 -15.80 43.63
CA ALA H 83 -21.51 -14.53 43.06
C ALA H 83 -20.44 -14.02 42.11
N LYS H 84 -20.84 -13.10 41.24
CA LYS H 84 -19.98 -12.58 40.20
C LYS H 84 -19.42 -11.23 40.60
N ALA H 85 -18.13 -11.03 40.31
CA ALA H 85 -17.46 -9.75 40.55
C ALA H 85 -16.82 -9.25 39.27
N ARG H 86 -16.68 -7.93 39.17
CA ARG H 86 -16.10 -7.32 37.98
C ARG H 86 -14.61 -7.62 37.89
N ILE H 87 -14.10 -7.63 36.65
CA ILE H 87 -12.69 -7.96 36.42
C ILE H 87 -11.81 -6.93 37.10
N GLY H 88 -10.89 -7.40 37.95
CA GLY H 88 -9.96 -6.52 38.63
C GLY H 88 -10.58 -5.63 39.69
N HIS H 89 -11.84 -5.85 40.05
CA HIS H 89 -12.50 -5.05 41.07
C HIS H 89 -12.13 -5.60 42.43
N ILE H 90 -11.22 -4.91 43.12
CA ILE H 90 -10.70 -5.40 44.40
C ILE H 90 -11.81 -5.38 45.46
N THR H 91 -12.41 -4.21 45.67
CA THR H 91 -13.40 -4.07 46.75
C THR H 91 -14.65 -4.89 46.48
N GLU H 92 -15.00 -5.12 45.22
CA GLU H 92 -16.16 -5.96 44.93
C GLU H 92 -15.92 -7.40 45.38
N ALA H 93 -14.77 -7.96 45.00
CA ALA H 93 -14.43 -9.31 45.44
C ALA H 93 -14.27 -9.37 46.95
N ARG H 94 -13.75 -8.30 47.56
CA ARG H 94 -13.61 -8.28 49.02
C ARG H 94 -14.97 -8.27 49.70
N VAL H 95 -15.92 -7.52 49.16
CA VAL H 95 -17.27 -7.49 49.73
C VAL H 95 -17.93 -8.85 49.58
N LEU H 96 -17.79 -9.48 48.42
CA LEU H 96 -18.32 -10.82 48.24
C LEU H 96 -17.66 -11.81 49.20
N GLU H 97 -16.37 -11.63 49.49
CA GLU H 97 -15.69 -12.48 50.45
C GLU H 97 -16.22 -12.26 51.86
N ALA H 98 -16.51 -11.00 52.21
CA ALA H 98 -17.01 -10.71 53.56
C ALA H 98 -18.37 -11.35 53.81
N MET H 99 -19.17 -11.51 52.76
CA MET H 99 -20.48 -12.14 52.90
C MET H 99 -20.39 -13.66 53.03
N GLY H 100 -19.20 -14.24 52.91
CA GLY H 100 -19.04 -15.67 53.02
C GLY H 100 -19.30 -16.44 51.74
N VAL H 101 -19.41 -15.76 50.60
CA VAL H 101 -19.67 -16.43 49.34
C VAL H 101 -18.62 -17.50 49.07
N ASP H 102 -19.07 -18.68 48.65
CA ASP H 102 -18.17 -19.81 48.50
C ASP H 102 -17.21 -19.64 47.33
N TYR H 103 -17.64 -18.94 46.28
CA TYR H 103 -16.79 -18.74 45.11
C TYR H 103 -17.11 -17.38 44.50
N ILE H 104 -16.06 -16.68 44.06
CA ILE H 104 -16.21 -15.44 43.29
C ILE H 104 -15.77 -15.73 41.87
N ASP H 105 -16.62 -15.36 40.92
CA ASP H 105 -16.32 -15.51 39.50
C ASP H 105 -15.80 -14.18 38.99
N GLU H 106 -14.49 -14.11 38.76
CA GLU H 106 -13.92 -12.92 38.12
C GLU H 106 -14.39 -12.93 36.68
N SER H 107 -15.61 -12.45 36.48
CA SER H 107 -16.37 -12.72 35.28
C SER H 107 -16.18 -11.62 34.24
N GLU H 108 -15.82 -12.03 33.03
CA GLU H 108 -15.78 -11.11 31.88
C GLU H 108 -17.16 -10.79 31.35
N VAL H 109 -18.21 -11.48 31.83
CA VAL H 109 -19.57 -11.15 31.41
C VAL H 109 -19.96 -9.78 31.93
N LEU H 110 -19.72 -9.52 33.21
CA LEU H 110 -19.87 -8.17 33.74
C LEU H 110 -18.85 -7.25 33.09
N THR H 111 -19.19 -5.97 33.03
CA THR H 111 -18.26 -4.97 32.52
C THR H 111 -17.00 -4.97 33.39
N PRO H 112 -15.82 -5.09 32.81
CA PRO H 112 -14.59 -5.11 33.62
C PRO H 112 -14.44 -3.80 34.40
N ALA H 113 -13.54 -3.86 35.39
CA ALA H 113 -13.12 -2.66 36.10
C ALA H 113 -11.67 -2.30 35.85
N ASP H 114 -10.85 -3.24 35.41
CA ASP H 114 -9.44 -3.01 35.10
C ASP H 114 -9.16 -3.72 33.78
N GLU H 115 -9.22 -2.98 32.67
CA GLU H 115 -9.04 -3.56 31.35
C GLU H 115 -7.62 -4.07 31.12
N GLU H 116 -6.70 -3.83 32.05
CA GLU H 116 -5.30 -4.24 31.89
C GLU H 116 -4.91 -5.35 32.85
N TYR H 117 -5.27 -5.23 34.13
CA TYR H 117 -4.76 -6.11 35.17
C TYR H 117 -5.93 -6.84 35.85
N HIS H 118 -5.80 -8.16 35.98
CA HIS H 118 -6.81 -8.96 36.65
C HIS H 118 -6.65 -8.84 38.17
N LEU H 119 -7.53 -9.51 38.90
CA LEU H 119 -7.49 -9.46 40.36
C LEU H 119 -6.26 -10.18 40.90
N ARG H 120 -5.87 -9.78 42.11
CA ARG H 120 -4.77 -10.42 42.84
C ARG H 120 -5.34 -11.53 43.71
N LYS H 121 -5.71 -12.63 43.04
CA LYS H 121 -6.57 -13.64 43.65
C LYS H 121 -5.90 -14.38 44.81
N ASP H 122 -4.57 -14.43 44.86
CA ASP H 122 -3.90 -15.14 45.93
C ASP H 122 -3.89 -14.35 47.25
N GLN H 123 -4.32 -13.10 47.25
CA GLN H 123 -4.49 -12.36 48.49
C GLN H 123 -5.75 -12.74 49.24
N PHE H 124 -6.75 -13.26 48.54
CA PHE H 124 -8.02 -13.62 49.16
C PHE H 124 -7.94 -15.00 49.79
N THR H 125 -8.82 -15.24 50.75
CA THR H 125 -9.00 -16.55 51.35
C THR H 125 -10.19 -17.31 50.75
N VAL H 126 -10.92 -16.69 49.84
CA VAL H 126 -12.02 -17.33 49.13
C VAL H 126 -11.53 -17.74 47.75
N PRO H 127 -11.83 -18.96 47.29
CA PRO H 127 -11.36 -19.37 45.96
C PRO H 127 -12.08 -18.61 44.85
N PHE H 128 -11.38 -18.47 43.73
CA PHE H 128 -11.88 -17.74 42.57
C PHE H 128 -12.03 -18.67 41.38
N VAL H 129 -12.94 -18.30 40.49
CA VAL H 129 -13.10 -18.98 39.20
C VAL H 129 -13.03 -17.94 38.09
N CYS H 130 -12.27 -18.26 37.04
CA CYS H 130 -12.00 -17.32 35.95
C CYS H 130 -12.26 -18.01 34.62
N GLY H 131 -12.47 -17.18 33.60
CA GLY H 131 -12.69 -17.69 32.25
C GLY H 131 -11.40 -17.75 31.45
N CYS H 132 -11.37 -18.68 30.51
CA CYS H 132 -10.18 -18.90 29.68
C CYS H 132 -10.61 -19.38 28.31
N ARG H 133 -9.76 -19.12 27.32
CA ARG H 133 -9.97 -19.57 25.96
C ARG H 133 -8.82 -20.40 25.41
N ASN H 134 -7.68 -20.43 26.08
CA ASN H 134 -6.54 -21.23 25.67
C ASN H 134 -5.67 -21.48 26.90
N LEU H 135 -4.58 -22.24 26.72
CA LEU H 135 -3.70 -22.54 27.83
C LEU H 135 -3.01 -21.30 28.36
N GLY H 136 -2.78 -20.30 27.51
CA GLY H 136 -2.18 -19.06 27.95
C GLY H 136 -3.01 -18.34 28.99
N GLU H 137 -4.27 -18.05 28.67
CA GLU H 137 -5.14 -17.37 29.61
C GLU H 137 -5.36 -18.20 30.87
N ALA H 138 -5.48 -19.53 30.71
CA ALA H 138 -5.68 -20.41 31.87
C ALA H 138 -4.48 -20.35 32.80
N ALA H 139 -3.28 -20.45 32.25
CA ALA H 139 -2.07 -20.41 33.07
C ALA H 139 -1.89 -19.05 33.72
N ARG H 140 -2.25 -17.97 33.00
CA ARG H 140 -2.15 -16.64 33.58
C ARG H 140 -3.12 -16.49 34.75
N ARG H 141 -4.36 -16.98 34.60
CA ARG H 141 -5.33 -16.93 35.69
C ARG H 141 -4.85 -17.75 36.88
N ILE H 142 -4.30 -18.94 36.63
CA ILE H 142 -3.76 -19.76 37.70
C ILE H 142 -2.64 -19.04 38.43
N GLY H 143 -1.75 -18.39 37.68
CA GLY H 143 -0.67 -17.64 38.30
C GLY H 143 -1.16 -16.48 39.14
N GLU H 144 -2.20 -15.79 38.67
CA GLU H 144 -2.79 -14.72 39.46
C GLU H 144 -3.51 -15.23 40.71
N GLY H 145 -3.71 -16.54 40.83
CA GLY H 145 -4.31 -17.12 42.01
C GLY H 145 -5.67 -17.74 41.83
N ALA H 146 -6.13 -17.94 40.59
CA ALA H 146 -7.44 -18.56 40.38
C ALA H 146 -7.43 -19.99 40.87
N ALA H 147 -8.56 -20.41 41.45
CA ALA H 147 -8.70 -21.75 41.99
C ALA H 147 -9.73 -22.58 41.24
N MET H 148 -10.11 -22.15 40.03
CA MET H 148 -11.06 -22.85 39.18
C MET H 148 -11.11 -22.13 37.84
N LEU H 149 -11.39 -22.90 36.79
CA LEU H 149 -11.42 -22.36 35.43
C LEU H 149 -12.69 -22.79 34.72
N ARG H 150 -13.15 -21.93 33.81
CA ARG H 150 -14.29 -22.19 32.97
C ARG H 150 -14.01 -21.62 31.58
N THR H 151 -14.80 -22.05 30.61
CA THR H 151 -14.68 -21.52 29.25
C THR H 151 -15.40 -20.18 29.14
N LYS H 152 -14.81 -19.25 28.39
CA LYS H 152 -15.46 -17.96 28.19
C LYS H 152 -16.74 -18.11 27.39
N GLY H 153 -16.72 -18.90 26.33
CA GLY H 153 -17.88 -19.18 25.50
C GLY H 153 -18.51 -17.92 24.93
N GLU H 154 -19.81 -18.03 24.65
CA GLU H 154 -20.62 -16.91 24.16
C GLU H 154 -21.86 -16.83 25.04
N PRO H 155 -21.78 -16.14 26.17
CA PRO H 155 -22.92 -16.11 27.10
C PRO H 155 -24.11 -15.38 26.50
N GLY H 156 -25.31 -15.91 26.80
CA GLY H 156 -26.53 -15.30 26.33
C GLY H 156 -26.89 -15.58 24.89
N THR H 157 -26.24 -16.56 24.25
CA THR H 157 -26.53 -16.91 22.87
C THR H 157 -27.06 -18.31 22.68
N GLY H 158 -26.86 -19.21 23.64
CA GLY H 158 -27.23 -20.60 23.44
C GLY H 158 -26.46 -21.32 22.37
N ASN H 159 -25.37 -20.74 21.88
CA ASN H 159 -24.57 -21.33 20.81
C ASN H 159 -23.33 -21.97 21.41
N ILE H 160 -23.23 -23.29 21.27
CA ILE H 160 -22.15 -24.05 21.92
C ILE H 160 -20.83 -23.94 21.19
N VAL H 161 -20.77 -23.25 20.04
CA VAL H 161 -19.56 -23.25 19.22
C VAL H 161 -18.36 -22.76 20.02
N GLU H 162 -18.52 -21.67 20.77
CA GLU H 162 -17.37 -21.07 21.44
C GLU H 162 -16.91 -21.92 22.62
N ALA H 163 -17.85 -22.52 23.34
CA ALA H 163 -17.48 -23.42 24.44
C ALA H 163 -16.68 -24.61 23.90
N VAL H 164 -17.16 -25.22 22.82
CA VAL H 164 -16.43 -26.33 22.19
C VAL H 164 -15.04 -25.87 21.78
N ARG H 165 -14.95 -24.72 21.11
CA ARG H 165 -13.67 -24.23 20.63
C ARG H 165 -12.68 -24.02 21.76
N HIS H 166 -13.11 -23.34 22.83
CA HIS H 166 -12.21 -23.05 23.94
C HIS H 166 -11.80 -24.32 24.67
N MET H 167 -12.76 -25.20 24.94
CA MET H 167 -12.44 -26.46 25.61
C MET H 167 -11.45 -27.28 24.80
N ARG H 168 -11.70 -27.43 23.50
CA ARG H 168 -10.79 -28.20 22.66
C ARG H 168 -9.41 -27.56 22.57
N GLN H 169 -9.36 -26.23 22.48
CA GLN H 169 -8.08 -25.55 22.40
C GLN H 169 -7.25 -25.78 23.66
N VAL H 170 -7.84 -25.53 24.82
CA VAL H 170 -7.07 -25.67 26.06
C VAL H 170 -6.71 -27.14 26.30
N ASN H 171 -7.59 -28.06 25.93
CA ASN H 171 -7.31 -29.47 26.13
C ASN H 171 -6.17 -29.93 25.23
N SER H 172 -6.20 -29.53 23.95
CA SER H 172 -5.12 -29.91 23.05
C SER H 172 -3.80 -29.31 23.48
N GLU H 173 -3.82 -28.06 23.97
CA GLU H 173 -2.57 -27.44 24.40
C GLU H 173 -2.00 -28.10 25.65
N VAL H 174 -2.86 -28.44 26.62
CA VAL H 174 -2.33 -29.11 27.81
C VAL H 174 -1.87 -30.53 27.48
N SER H 175 -2.54 -31.21 26.56
CA SER H 175 -2.09 -32.54 26.16
C SER H 175 -0.75 -32.47 25.44
N ARG H 176 -0.57 -31.43 24.61
CA ARG H 176 0.73 -31.20 23.99
C ARG H 176 1.81 -30.96 25.04
N LEU H 177 1.49 -30.16 26.06
CA LEU H 177 2.49 -29.83 27.07
C LEU H 177 2.85 -31.05 27.92
N THR H 178 1.89 -31.96 28.14
CA THR H 178 2.18 -33.14 28.97
C THR H 178 3.25 -34.04 28.35
N VAL H 179 3.51 -33.92 27.05
CA VAL H 179 4.46 -34.80 26.38
C VAL H 179 5.51 -33.97 25.66
N MET H 180 5.58 -32.68 26.02
CA MET H 180 6.52 -31.77 25.37
C MET H 180 7.91 -31.87 25.99
N ASN H 181 8.92 -31.73 25.15
CA ASN H 181 10.30 -31.80 25.61
C ASN H 181 10.57 -30.73 26.65
N ASP H 182 11.38 -31.09 27.66
CA ASP H 182 11.74 -30.14 28.71
C ASP H 182 12.54 -28.96 28.15
N ASP H 183 13.26 -29.18 27.05
CA ASP H 183 14.07 -28.10 26.48
C ASP H 183 13.21 -27.04 25.83
N GLU H 184 12.00 -27.40 25.39
CA GLU H 184 11.17 -26.52 24.58
C GLU H 184 10.08 -25.81 25.38
N ILE H 185 9.97 -26.08 26.68
CA ILE H 185 8.84 -25.54 27.45
C ILE H 185 8.98 -24.03 27.60
N MET H 186 10.19 -23.56 27.90
CA MET H 186 10.38 -22.15 28.23
C MET H 186 9.88 -21.25 27.12
N THR H 187 10.41 -21.43 25.89
CA THR H 187 9.95 -20.63 24.77
C THR H 187 8.46 -20.83 24.52
N PHE H 188 7.95 -22.04 24.79
CA PHE H 188 6.51 -22.26 24.70
C PHE H 188 5.76 -21.30 25.62
N ALA H 189 6.22 -21.19 26.87
CA ALA H 189 5.63 -20.22 27.78
C ALA H 189 5.80 -18.81 27.27
N LYS H 190 6.91 -18.53 26.56
CA LYS H 190 7.08 -17.21 25.96
C LYS H 190 6.13 -17.01 24.80
N ASP H 191 5.79 -18.08 24.07
CA ASP H 191 4.95 -17.94 22.89
C ASP H 191 3.49 -17.72 23.26
N ILE H 192 2.98 -18.48 24.24
CA ILE H 192 1.59 -18.33 24.66
C ILE H 192 1.43 -17.32 25.79
N GLY H 193 2.51 -16.66 26.22
CA GLY H 193 2.45 -15.68 27.27
C GLY H 193 1.94 -16.24 28.58
N ALA H 194 2.63 -17.25 29.11
CA ALA H 194 2.21 -17.92 30.32
C ALA H 194 3.37 -18.04 31.30
N PRO H 195 3.08 -18.09 32.59
CA PRO H 195 4.14 -18.32 33.58
C PRO H 195 4.79 -19.68 33.39
N TYR H 196 6.12 -19.70 33.43
CA TYR H 196 6.88 -20.88 33.06
C TYR H 196 6.76 -21.97 34.13
N GLU H 197 6.82 -21.59 35.41
CA GLU H 197 6.69 -22.57 36.48
C GLU H 197 5.34 -23.26 36.46
N ILE H 198 4.28 -22.55 36.06
CA ILE H 198 2.96 -23.17 35.96
C ILE H 198 2.94 -24.22 34.87
N LEU H 199 3.60 -23.95 33.73
CA LEU H 199 3.67 -24.97 32.68
C LEU H 199 4.48 -26.17 33.12
N LYS H 200 5.58 -25.93 33.84
CA LYS H 200 6.35 -27.05 34.39
C LYS H 200 5.50 -27.89 35.34
N GLN H 201 4.71 -27.24 36.19
CA GLN H 201 3.84 -27.97 37.10
C GLN H 201 2.77 -28.74 36.34
N ILE H 202 2.27 -28.17 35.24
CA ILE H 202 1.29 -28.88 34.41
C ILE H 202 1.91 -30.15 33.85
N LYS H 203 3.12 -30.05 33.29
CA LYS H 203 3.75 -31.25 32.75
C LYS H 203 4.08 -32.26 33.84
N ASP H 204 4.45 -31.79 35.04
CA ASP H 204 4.79 -32.70 36.12
C ASP H 204 3.57 -33.46 36.61
N ASN H 205 2.47 -32.75 36.87
CA ASN H 205 1.25 -33.41 37.34
C ASN H 205 0.60 -34.26 36.25
N GLY H 206 0.87 -33.97 34.97
CA GLY H 206 0.27 -34.70 33.88
C GLY H 206 -1.12 -34.28 33.51
N ARG H 207 -1.78 -33.45 34.32
CA ARG H 207 -3.10 -32.92 34.03
C ARG H 207 -3.12 -31.45 34.38
N LEU H 208 -4.22 -30.79 34.06
CA LEU H 208 -4.38 -29.39 34.44
C LEU H 208 -4.47 -29.29 35.96
N PRO H 209 -3.68 -28.41 36.58
CA PRO H 209 -3.62 -28.38 38.05
C PRO H 209 -4.92 -27.96 38.72
N VAL H 210 -5.95 -27.60 37.97
CA VAL H 210 -7.22 -27.14 38.52
C VAL H 210 -8.35 -27.63 37.62
N VAL H 211 -9.57 -27.53 38.12
CA VAL H 211 -10.74 -28.04 37.43
C VAL H 211 -11.20 -27.04 36.39
N ASN H 212 -11.49 -27.52 35.19
CA ASN H 212 -11.97 -26.70 34.08
C ASN H 212 -13.39 -27.13 33.74
N PHE H 213 -14.33 -26.20 33.88
CA PHE H 213 -15.72 -26.46 33.53
C PHE H 213 -16.06 -25.87 32.16
N ALA H 214 -17.23 -26.24 31.66
CA ALA H 214 -17.80 -25.66 30.46
C ALA H 214 -18.79 -24.57 30.83
N ALA H 215 -18.84 -23.53 30.00
CA ALA H 215 -19.68 -22.37 30.30
C ALA H 215 -19.94 -21.60 29.01
N GLY H 216 -21.20 -21.23 28.79
CA GLY H 216 -21.54 -20.39 27.65
C GLY H 216 -22.78 -20.84 26.91
N GLY H 217 -22.60 -21.54 25.80
CA GLY H 217 -23.67 -21.92 24.91
C GLY H 217 -24.50 -23.12 25.34
N VAL H 218 -24.34 -23.60 26.58
CA VAL H 218 -25.11 -24.76 27.02
C VAL H 218 -26.58 -24.38 27.12
N ALA H 219 -27.42 -25.08 26.36
CA ALA H 219 -28.85 -24.79 26.34
C ALA H 219 -29.74 -26.02 26.22
N THR H 220 -29.22 -27.17 25.82
CA THR H 220 -29.99 -28.40 25.70
C THR H 220 -29.26 -29.52 26.42
N PRO H 221 -29.95 -30.62 26.73
CA PRO H 221 -29.23 -31.77 27.31
C PRO H 221 -28.18 -32.36 26.38
N GLN H 222 -28.40 -32.28 25.06
CA GLN H 222 -27.44 -32.83 24.11
C GLN H 222 -26.07 -32.17 24.24
N ASP H 223 -26.02 -30.85 24.06
CA ASP H 223 -24.75 -30.15 24.18
C ASP H 223 -24.33 -29.91 25.62
N ALA H 224 -25.13 -30.35 26.60
CA ALA H 224 -24.66 -30.42 27.97
C ALA H 224 -23.88 -31.71 28.22
N ALA H 225 -24.35 -32.82 27.66
CA ALA H 225 -23.59 -34.07 27.72
C ALA H 225 -22.40 -34.04 26.78
N LEU H 226 -22.47 -33.26 25.70
CA LEU H 226 -21.34 -33.14 24.79
C LEU H 226 -20.14 -32.52 25.49
N MET H 227 -20.38 -31.59 26.42
CA MET H 227 -19.27 -30.97 27.14
C MET H 227 -18.53 -31.99 27.98
N MET H 228 -19.28 -32.88 28.66
CA MET H 228 -18.64 -33.94 29.44
C MET H 228 -17.95 -34.94 28.52
N GLU H 229 -18.54 -35.20 27.35
CA GLU H 229 -17.90 -36.07 26.37
C GLU H 229 -16.58 -35.49 25.87
N LEU H 230 -16.47 -34.16 25.82
CA LEU H 230 -15.28 -33.51 25.30
C LEU H 230 -14.14 -33.43 26.30
N GLY H 231 -14.41 -33.66 27.58
CA GLY H 231 -13.38 -33.60 28.61
C GLY H 231 -13.65 -32.63 29.73
N ALA H 232 -14.73 -31.85 29.68
CA ALA H 232 -15.04 -30.93 30.76
C ALA H 232 -15.42 -31.70 32.02
N ASP H 233 -15.17 -31.07 33.17
CA ASP H 233 -15.48 -31.66 34.46
C ASP H 233 -16.86 -31.26 34.99
N GLY H 234 -17.52 -30.32 34.33
CA GLY H 234 -18.82 -29.86 34.78
C GLY H 234 -19.36 -28.82 33.83
N VAL H 235 -20.57 -28.36 34.13
CA VAL H 235 -21.31 -27.47 33.23
C VAL H 235 -21.81 -26.26 34.01
N PHE H 236 -21.48 -25.07 33.51
CA PHE H 236 -22.07 -23.83 33.99
C PHE H 236 -23.23 -23.47 33.07
N VAL H 237 -24.44 -23.43 33.63
CA VAL H 237 -25.66 -23.17 32.87
C VAL H 237 -26.20 -21.80 33.25
N GLY H 238 -26.62 -21.03 32.24
CA GLY H 238 -27.14 -19.70 32.45
C GLY H 238 -28.62 -19.70 32.75
N SER H 239 -29.25 -18.56 32.45
CA SER H 239 -30.64 -18.33 32.86
C SER H 239 -31.65 -18.95 31.91
N GLY H 240 -31.20 -19.55 30.81
CA GLY H 240 -32.09 -20.17 29.84
C GLY H 240 -33.01 -21.21 30.45
N ILE H 241 -32.59 -21.77 31.59
CA ILE H 241 -33.42 -22.75 32.29
C ILE H 241 -34.76 -22.14 32.65
N PHE H 242 -34.75 -20.90 33.14
CA PHE H 242 -35.98 -20.22 33.51
C PHE H 242 -36.55 -19.41 32.36
N LYS H 243 -36.18 -19.75 31.13
CA LYS H 243 -36.80 -19.19 29.93
C LYS H 243 -37.64 -20.23 29.19
N SER H 244 -37.71 -21.45 29.71
CA SER H 244 -38.48 -22.53 29.11
C SER H 244 -39.88 -22.56 29.71
N GLU H 245 -40.71 -23.49 29.22
CA GLU H 245 -42.06 -23.63 29.75
C GLU H 245 -42.06 -24.24 31.14
N ASP H 246 -41.11 -25.14 31.42
CA ASP H 246 -41.01 -25.80 32.71
C ASP H 246 -39.56 -25.79 33.15
N PRO H 247 -39.16 -24.78 33.92
CA PRO H 247 -37.75 -24.72 34.37
C PRO H 247 -37.35 -25.89 35.26
N GLU H 248 -38.28 -26.44 36.03
CA GLU H 248 -37.97 -27.56 36.92
C GLU H 248 -37.53 -28.78 36.12
N LYS H 249 -38.37 -29.22 35.18
CA LYS H 249 -38.01 -30.36 34.34
C LYS H 249 -36.78 -30.08 33.50
N PHE H 250 -36.60 -28.83 33.05
CA PHE H 250 -35.43 -28.50 32.26
C PHE H 250 -34.15 -28.66 33.07
N ALA H 251 -34.14 -28.10 34.29
CA ALA H 251 -32.97 -28.25 35.15
C ALA H 251 -32.72 -29.70 35.52
N LYS H 252 -33.79 -30.46 35.78
CA LYS H 252 -33.63 -31.87 36.09
C LYS H 252 -33.00 -32.63 34.92
N ALA H 253 -33.46 -32.35 33.69
CA ALA H 253 -32.91 -33.01 32.52
C ALA H 253 -31.45 -32.60 32.31
N ILE H 254 -31.11 -31.34 32.58
CA ILE H 254 -29.72 -30.92 32.45
C ILE H 254 -28.84 -31.66 33.43
N VAL H 255 -29.31 -31.81 34.68
CA VAL H 255 -28.55 -32.57 35.68
C VAL H 255 -28.36 -34.01 35.23
N GLN H 256 -29.44 -34.65 34.79
CA GLN H 256 -29.37 -36.04 34.35
C GLN H 256 -28.39 -36.21 33.19
N ALA H 257 -28.48 -35.33 32.19
CA ALA H 257 -27.59 -35.44 31.04
C ALA H 257 -26.15 -35.13 31.40
N THR H 258 -25.93 -34.28 32.42
CA THR H 258 -24.56 -33.99 32.83
C THR H 258 -23.95 -35.17 33.58
N THR H 259 -24.75 -35.85 34.40
CA THR H 259 -24.21 -36.95 35.20
C THR H 259 -24.06 -38.22 34.39
N HIS H 260 -25.03 -38.52 33.52
CA HIS H 260 -24.98 -39.68 32.64
C HIS H 260 -24.87 -39.19 31.20
N TYR H 261 -23.70 -38.64 30.87
CA TYR H 261 -23.46 -38.04 29.57
C TYR H 261 -23.22 -39.06 28.47
N GLN H 262 -23.38 -40.35 28.75
CA GLN H 262 -23.22 -41.39 27.75
C GLN H 262 -24.41 -42.33 27.66
N ASP H 263 -25.47 -42.09 28.42
CA ASP H 263 -26.73 -42.84 28.29
C ASP H 263 -27.56 -42.13 27.24
N TYR H 264 -27.40 -42.54 25.98
CA TYR H 264 -27.96 -41.77 24.88
C TYR H 264 -29.47 -41.92 24.78
N GLU H 265 -30.01 -43.08 25.16
CA GLU H 265 -31.46 -43.24 25.18
C GLU H 265 -32.08 -42.38 26.27
N LEU H 266 -31.41 -42.27 27.42
CA LEU H 266 -31.86 -41.38 28.49
C LEU H 266 -31.88 -39.93 28.01
N ILE H 267 -30.81 -39.51 27.34
CA ILE H 267 -30.75 -38.14 26.81
C ILE H 267 -31.85 -37.92 25.77
N GLY H 268 -32.10 -38.94 24.95
CA GLY H 268 -33.18 -38.83 23.97
C GLY H 268 -34.54 -38.66 24.62
N ARG H 269 -34.82 -39.44 25.67
CA ARG H 269 -36.09 -39.30 26.38
C ARG H 269 -36.21 -37.92 27.01
N LEU H 270 -35.13 -37.45 27.65
CA LEU H 270 -35.17 -36.13 28.26
C LEU H 270 -35.40 -35.03 27.22
N ALA H 271 -34.80 -35.18 26.05
CA ALA H 271 -35.01 -34.20 24.98
C ALA H 271 -36.44 -34.26 24.45
N SER H 272 -37.00 -35.47 24.37
CA SER H 272 -38.40 -35.61 23.96
C SER H 272 -39.33 -34.92 24.95
N GLU H 273 -39.03 -35.04 26.24
CA GLU H 273 -39.85 -34.38 27.26
C GLU H 273 -39.84 -32.87 27.08
N LEU H 274 -38.66 -32.28 26.95
CA LEU H 274 -38.54 -30.84 26.77
C LEU H 274 -39.03 -30.43 25.38
N GLY H 275 -39.41 -29.17 25.25
CA GLY H 275 -39.91 -28.67 23.98
C GLY H 275 -40.07 -27.17 23.88
N THR H 276 -39.00 -26.42 24.18
CA THR H 276 -39.02 -24.97 24.09
C THR H 276 -37.74 -24.49 23.42
N ALA H 277 -37.61 -23.17 23.31
CA ALA H 277 -36.43 -22.57 22.69
C ALA H 277 -35.35 -22.29 23.73
N SER I 4 32.10 34.21 49.88
CA SER I 4 33.02 33.10 50.11
C SER I 4 33.76 32.75 48.82
N LYS I 5 33.54 31.51 48.34
CA LYS I 5 34.18 31.02 47.13
C LYS I 5 33.17 30.11 46.44
N ILE I 6 32.21 30.75 45.77
CA ILE I 6 31.17 30.05 45.03
C ILE I 6 31.76 29.48 43.74
N ILE I 7 32.44 28.35 43.85
CA ILE I 7 33.08 27.71 42.70
C ILE I 7 32.08 26.74 42.08
N GLY I 8 31.97 26.77 40.76
CA GLY I 8 31.05 25.91 40.05
C GLY I 8 29.68 26.50 39.78
N SER I 9 29.45 27.74 40.21
CA SER I 9 28.17 28.39 39.94
C SER I 9 27.97 28.54 38.44
N ASP I 10 26.73 28.37 37.99
CA ASP I 10 26.43 28.42 36.56
C ASP I 10 26.91 29.70 35.90
N ARG I 11 26.87 30.82 36.62
CA ARG I 11 27.31 32.08 36.05
C ARG I 11 28.79 32.03 35.69
N VAL I 12 29.61 31.37 36.51
CA VAL I 12 31.03 31.24 36.19
C VAL I 12 31.23 30.33 34.98
N LYS I 13 30.55 29.18 34.98
CA LYS I 13 30.63 28.26 33.86
C LYS I 13 30.34 28.96 32.55
N ARG I 14 29.21 29.66 32.46
CA ARG I 14 28.84 30.29 31.20
C ARG I 14 29.55 31.61 30.96
N GLY I 15 30.13 32.24 31.99
CA GLY I 15 30.92 33.42 31.77
C GLY I 15 32.28 33.11 31.16
N MET I 16 32.86 31.96 31.52
CA MET I 16 34.07 31.50 30.85
C MET I 16 33.93 31.52 29.34
N ALA I 17 32.73 31.25 28.83
CA ALA I 17 32.48 31.30 27.40
C ALA I 17 31.91 32.65 26.95
N GLU I 18 31.22 33.36 27.84
CA GLU I 18 30.64 34.64 27.46
C GLU I 18 31.70 35.69 27.26
N MET I 19 32.79 35.66 28.04
CA MET I 19 33.93 36.50 27.77
C MET I 19 34.94 35.82 26.83
N GLN I 20 34.46 34.86 26.04
CA GLN I 20 35.24 34.24 24.97
C GLN I 20 34.74 34.62 23.58
N LYS I 21 33.57 35.24 23.47
CA LYS I 21 33.01 35.53 22.17
C LYS I 21 33.80 36.62 21.46
N GLY I 22 33.71 36.63 20.13
CA GLY I 22 34.49 37.51 19.31
C GLY I 22 35.79 36.91 18.80
N GLY I 23 36.17 35.73 19.29
CA GLY I 23 37.37 35.06 18.86
C GLY I 23 37.07 33.68 18.29
N VAL I 24 38.12 33.04 17.80
CA VAL I 24 38.03 31.75 17.13
C VAL I 24 38.81 30.72 17.93
N ILE I 25 38.21 29.55 18.13
CA ILE I 25 38.88 28.41 18.75
C ILE I 25 39.19 27.41 17.65
N MET I 26 40.48 27.21 17.38
CA MET I 26 40.93 26.25 16.39
C MET I 26 41.45 25.00 17.09
N ASP I 27 41.15 23.84 16.52
CA ASP I 27 41.60 22.62 17.18
C ASP I 27 43.08 22.39 16.90
N VAL I 28 43.67 21.47 17.67
CA VAL I 28 45.12 21.29 17.68
C VAL I 28 45.43 19.83 17.98
N VAL I 29 46.50 19.33 17.39
CA VAL I 29 46.94 17.95 17.58
C VAL I 29 48.16 17.85 18.47
N ASN I 30 49.14 18.74 18.29
CA ASN I 30 50.39 18.68 19.04
C ASN I 30 50.78 20.06 19.52
N ALA I 31 51.82 20.10 20.35
CA ALA I 31 52.21 21.35 21.01
C ALA I 31 52.62 22.42 19.99
N GLU I 32 53.29 22.01 18.91
CA GLU I 32 53.80 22.99 17.95
C GLU I 32 52.67 23.64 17.16
N GLN I 33 51.57 22.93 16.97
CA GLN I 33 50.38 23.56 16.38
C GLN I 33 49.70 24.49 17.37
N ALA I 34 49.74 24.15 18.66
CA ALA I 34 49.18 25.04 19.67
C ALA I 34 49.97 26.33 19.78
N ARG I 35 51.29 26.28 19.58
CA ARG I 35 52.09 27.50 19.53
C ARG I 35 51.60 28.42 18.44
N ILE I 36 51.40 27.88 17.23
CA ILE I 36 50.90 28.68 16.12
C ILE I 36 49.51 29.23 16.43
N ALA I 37 48.65 28.40 17.01
CA ALA I 37 47.29 28.85 17.33
C ALA I 37 47.32 30.00 18.32
N GLU I 38 48.16 29.90 19.35
CA GLU I 38 48.26 30.99 20.32
C GLU I 38 48.82 32.26 19.68
N GLU I 39 49.93 32.13 18.96
CA GLU I 39 50.57 33.29 18.34
C GLU I 39 49.84 33.79 17.11
N ALA I 40 48.70 33.19 16.75
CA ALA I 40 47.89 33.67 15.65
C ALA I 40 46.64 34.43 16.11
N GLY I 41 46.36 34.44 17.40
CA GLY I 41 45.21 35.15 17.92
C GLY I 41 44.03 34.29 18.30
N ALA I 42 44.21 32.98 18.49
CA ALA I 42 43.12 32.13 18.91
C ALA I 42 42.76 32.39 20.37
N VAL I 43 41.46 32.32 20.68
CA VAL I 43 41.02 32.53 22.05
C VAL I 43 41.12 31.25 22.87
N ALA I 44 41.25 30.09 22.22
CA ALA I 44 41.40 28.81 22.88
C ALA I 44 41.72 27.77 21.84
N VAL I 45 42.20 26.61 22.30
CA VAL I 45 42.56 25.51 21.42
C VAL I 45 41.78 24.27 21.81
N MET I 46 41.49 23.43 20.83
CA MET I 46 40.76 22.18 21.02
C MET I 46 41.75 21.04 20.86
N ALA I 47 42.20 20.48 21.98
CA ALA I 47 43.18 19.39 21.96
C ALA I 47 42.50 18.09 21.54
N LEU I 48 42.97 17.50 20.45
CA LEU I 48 42.47 16.22 20.00
C LEU I 48 43.62 15.43 19.37
N GLU I 49 43.42 14.13 19.24
CA GLU I 49 44.46 13.23 18.76
C GLU I 49 44.39 13.02 17.25
N ARG I 50 43.19 12.79 16.71
CA ARG I 50 43.02 12.57 15.28
C ARG I 50 41.87 13.41 14.73
N ALA I 58 34.72 7.64 9.97
CA ALA I 58 34.41 6.67 8.93
C ALA I 58 35.54 5.67 8.77
N GLY I 59 36.34 5.51 9.83
CA GLY I 59 37.46 4.58 9.80
C GLY I 59 37.51 3.68 11.02
N GLY I 60 36.75 4.04 12.06
CA GLY I 60 36.73 3.26 13.28
C GLY I 60 35.87 3.88 14.36
N VAL I 61 36.31 3.77 15.61
CA VAL I 61 35.60 4.34 16.76
C VAL I 61 36.52 5.35 17.42
N ALA I 62 36.05 6.59 17.54
CA ALA I 62 36.83 7.67 18.13
C ALA I 62 36.60 7.76 19.63
N ARG I 63 37.69 7.91 20.38
CA ARG I 63 37.61 8.01 21.83
C ARG I 63 38.14 9.35 22.32
N MET I 64 38.45 9.45 23.60
CA MET I 64 39.12 10.62 24.12
C MET I 64 40.56 10.66 23.63
N ALA I 65 41.06 11.88 23.39
CA ALA I 65 42.47 12.05 23.08
C ALA I 65 43.31 11.75 24.31
N ASN I 66 44.31 10.88 24.14
CA ASN I 66 45.20 10.40 25.20
C ASN I 66 45.64 11.53 26.12
N PRO I 67 45.50 11.36 27.44
CA PRO I 67 45.89 12.44 28.38
C PRO I 67 47.30 12.95 28.17
N LYS I 68 48.21 12.14 27.62
CA LYS I 68 49.57 12.61 27.37
C LYS I 68 49.57 13.74 26.34
N ILE I 69 48.82 13.57 25.25
CA ILE I 69 48.79 14.59 24.21
C ILE I 69 48.05 15.83 24.69
N VAL I 70 47.04 15.65 25.56
CA VAL I 70 46.32 16.79 26.11
C VAL I 70 47.23 17.58 27.04
N GLU I 71 48.05 16.89 27.83
CA GLU I 71 49.00 17.59 28.69
C GLU I 71 50.08 18.28 27.86
N GLU I 72 50.51 17.65 26.77
CA GLU I 72 51.48 18.28 25.87
C GLU I 72 50.92 19.58 25.29
N VAL I 73 49.65 19.58 24.90
CA VAL I 73 49.04 20.81 24.39
C VAL I 73 48.84 21.82 25.52
N MET I 74 48.53 21.33 26.72
CA MET I 74 48.25 22.22 27.85
C MET I 74 49.50 22.98 28.27
N ASN I 75 50.63 22.29 28.39
CA ASN I 75 51.85 22.93 28.87
C ASN I 75 52.48 23.86 27.84
N ALA I 76 51.97 23.88 26.61
CA ALA I 76 52.60 24.67 25.55
C ALA I 76 51.97 26.05 25.37
N VAL I 77 50.76 26.28 25.89
CA VAL I 77 50.06 27.52 25.67
C VAL I 77 49.51 28.06 26.99
N SER I 78 49.26 29.37 27.00
CA SER I 78 48.64 30.03 28.13
C SER I 78 47.16 30.33 27.91
N ILE I 79 46.67 30.15 26.69
CA ILE I 79 45.25 30.32 26.37
C ILE I 79 44.53 29.05 26.81
N PRO I 80 43.21 29.09 27.04
CA PRO I 80 42.52 27.89 27.52
C PRO I 80 42.55 26.77 26.49
N VAL I 81 42.68 25.54 26.98
CA VAL I 81 42.67 24.35 26.14
C VAL I 81 41.45 23.51 26.54
N MET I 82 40.72 23.05 25.53
CA MET I 82 39.54 22.22 25.74
C MET I 82 39.68 20.90 24.99
N ALA I 83 39.17 19.83 25.59
CA ALA I 83 39.27 18.50 25.04
C ALA I 83 37.89 17.91 24.81
N LYS I 84 37.84 16.89 23.96
CA LYS I 84 36.59 16.28 23.54
C LYS I 84 36.35 14.97 24.30
N ALA I 85 35.11 14.77 24.71
CA ALA I 85 34.69 13.55 25.39
C ALA I 85 33.50 12.94 24.66
N ARG I 86 33.37 11.62 24.78
CA ARG I 86 32.31 10.91 24.10
C ARG I 86 30.95 11.24 24.72
N ILE I 87 29.90 11.15 23.90
CA ILE I 87 28.56 11.49 24.36
C ILE I 87 28.14 10.55 25.48
N GLY I 88 27.75 11.12 26.62
CA GLY I 88 27.30 10.32 27.75
C GLY I 88 28.40 9.54 28.44
N HIS I 89 29.66 9.77 28.10
CA HIS I 89 30.77 9.07 28.74
C HIS I 89 31.10 9.78 30.04
N ILE I 90 30.67 9.18 31.15
CA ILE I 90 30.83 9.83 32.46
C ILE I 90 32.30 9.89 32.84
N THR I 91 32.97 8.74 32.85
CA THR I 91 34.35 8.70 33.32
C THR I 91 35.30 9.45 32.40
N GLU I 92 34.97 9.54 31.10
CA GLU I 92 35.82 10.32 30.20
C GLU I 92 35.79 11.80 30.56
N ALA I 93 34.59 12.35 30.73
CA ALA I 93 34.47 13.74 31.14
C ALA I 93 35.08 13.96 32.52
N ARG I 94 34.95 12.96 33.41
CA ARG I 94 35.55 13.09 34.74
C ARG I 94 37.07 13.12 34.67
N VAL I 95 37.67 12.30 33.81
CA VAL I 95 39.11 12.29 33.65
C VAL I 95 39.59 13.60 33.05
N LEU I 96 38.87 14.12 32.05
CA LEU I 96 39.23 15.42 31.49
C LEU I 96 39.08 16.53 32.53
N GLU I 97 38.11 16.41 33.43
CA GLU I 97 37.95 17.38 34.50
C GLU I 97 39.11 17.31 35.49
N ALA I 98 39.57 16.10 35.80
CA ALA I 98 40.66 15.95 36.75
C ALA I 98 41.95 16.55 36.23
N MET I 99 42.14 16.57 34.91
CA MET I 99 43.33 17.14 34.30
C MET I 99 43.31 18.67 34.27
N GLY I 100 42.21 19.30 34.68
CA GLY I 100 42.11 20.74 34.67
C GLY I 100 41.69 21.35 33.36
N VAL I 101 41.21 20.54 32.41
CA VAL I 101 40.79 21.07 31.11
C VAL I 101 39.72 22.13 31.31
N ASP I 102 39.86 23.25 30.60
CA ASP I 102 38.98 24.39 30.80
C ASP I 102 37.56 24.12 30.31
N TYR I 103 37.42 23.31 29.26
CA TYR I 103 36.11 23.01 28.71
C TYR I 103 36.11 21.58 28.16
N ILE I 104 35.02 20.87 28.36
CA ILE I 104 34.80 19.57 27.77
C ILE I 104 33.70 19.71 26.72
N ASP I 105 33.99 19.21 25.52
CA ASP I 105 33.02 19.23 24.42
C ASP I 105 32.34 17.86 24.39
N GLU I 106 31.09 17.81 24.84
CA GLU I 106 30.31 16.58 24.69
C GLU I 106 30.02 16.43 23.21
N SER I 107 31.00 15.92 22.49
CA SER I 107 31.08 16.05 21.04
C SER I 107 30.44 14.86 20.35
N GLU I 108 29.53 15.15 19.42
CA GLU I 108 28.97 14.12 18.55
C GLU I 108 29.93 13.71 17.44
N VAL I 109 31.06 14.42 17.29
CA VAL I 109 32.05 14.02 16.30
C VAL I 109 32.68 12.70 16.68
N LEU I 110 33.11 12.56 17.94
CA LEU I 110 33.53 11.27 18.45
C LEU I 110 32.35 10.32 18.49
N THR I 111 32.64 9.03 18.38
CA THR I 111 31.59 8.02 18.51
C THR I 111 30.94 8.14 19.88
N PRO I 112 29.62 8.26 19.96
CA PRO I 112 28.97 8.39 21.27
C PRO I 112 29.25 7.17 22.15
N ALA I 113 28.97 7.35 23.45
CA ALA I 113 28.99 6.24 24.39
C ALA I 113 27.61 5.88 24.91
N ASP I 114 26.66 6.81 24.85
CA ASP I 114 25.28 6.56 25.29
C ASP I 114 24.37 7.16 24.22
N GLU I 115 23.91 6.32 23.30
CA GLU I 115 23.08 6.78 22.19
C GLU I 115 21.72 7.29 22.64
N GLU I 116 21.36 7.14 23.91
CA GLU I 116 20.07 7.55 24.43
C GLU I 116 20.16 8.76 25.35
N TYR I 117 21.10 8.75 26.29
CA TYR I 117 21.15 9.74 27.36
C TYR I 117 22.46 10.50 27.30
N HIS I 118 22.38 11.82 27.34
CA HIS I 118 23.56 12.67 27.34
C HIS I 118 24.18 12.71 28.74
N LEU I 119 25.28 13.45 28.86
CA LEU I 119 25.97 13.56 30.14
C LEU I 119 25.13 14.36 31.14
N ARG I 120 25.40 14.11 32.42
CA ARG I 120 24.76 14.85 33.51
C ARG I 120 25.66 16.03 33.87
N LYS I 121 25.62 17.04 33.00
CA LYS I 121 26.63 18.10 33.01
C LYS I 121 26.57 18.96 34.26
N ASP I 122 25.43 19.04 34.94
CA ASP I 122 25.34 19.87 36.13
C ASP I 122 25.98 19.23 37.36
N GLN I 123 26.41 17.97 37.27
CA GLN I 123 27.17 17.36 38.35
C GLN I 123 28.63 17.78 38.34
N PHE I 124 29.15 18.21 37.19
CA PHE I 124 30.54 18.59 37.07
C PHE I 124 30.76 20.04 37.51
N THR I 125 32.00 20.34 37.87
CA THR I 125 32.41 21.71 38.17
C THR I 125 33.13 22.36 36.99
N VAL I 126 33.33 21.63 35.91
CA VAL I 126 33.93 22.16 34.69
C VAL I 126 32.81 22.43 33.69
N PRO I 127 32.80 23.58 33.02
CA PRO I 127 31.73 23.86 32.05
C PRO I 127 31.85 22.98 30.82
N PHE I 128 30.70 22.72 30.20
CA PHE I 128 30.60 21.87 29.02
C PHE I 128 30.14 22.67 27.82
N VAL I 129 30.50 22.20 26.63
CA VAL I 129 29.98 22.74 25.38
C VAL I 129 29.41 21.59 24.56
N CYS I 130 28.22 21.82 23.99
CA CYS I 130 27.49 20.79 23.27
C CYS I 130 27.03 21.33 21.92
N GLY I 131 26.74 20.40 21.01
CA GLY I 131 26.24 20.77 19.70
C GLY I 131 24.73 20.77 19.62
N CYS I 132 24.20 21.62 18.73
CA CYS I 132 22.76 21.76 18.59
C CYS I 132 22.43 22.07 17.14
N ARG I 133 21.21 21.71 16.74
CA ARG I 133 20.71 21.99 15.40
C ARG I 133 19.41 22.77 15.39
N ASN I 134 18.76 22.91 16.53
CA ASN I 134 17.52 23.68 16.65
C ASN I 134 17.37 24.09 18.11
N LEU I 135 16.30 24.86 18.39
CA LEU I 135 16.08 25.32 19.77
C LEU I 135 15.78 24.15 20.70
N GLY I 136 15.20 23.07 20.18
CA GLY I 136 14.93 21.90 20.99
C GLY I 136 16.19 21.28 21.57
N GLU I 137 17.14 20.94 20.71
CA GLU I 137 18.39 20.35 21.17
C GLU I 137 19.16 21.31 22.06
N ALA I 138 19.15 22.60 21.72
CA ALA I 138 19.86 23.59 22.52
C ALA I 138 19.28 23.68 23.93
N ALA I 139 17.95 23.76 24.03
CA ALA I 139 17.31 23.83 25.34
C ALA I 139 17.50 22.54 26.13
N ARG I 140 17.50 21.39 25.45
CA ARG I 140 17.74 20.13 26.14
C ARG I 140 19.16 20.08 26.69
N ARG I 141 20.15 20.51 25.89
CA ARG I 141 21.53 20.54 26.37
C ARG I 141 21.68 21.49 27.55
N ILE I 142 21.04 22.67 27.47
CA ILE I 142 21.09 23.62 28.58
C ILE I 142 20.48 23.00 29.83
N GLY I 143 19.34 22.31 29.68
CA GLY I 143 18.71 21.66 30.81
C GLY I 143 19.58 20.59 31.43
N GLU I 144 20.29 19.82 30.61
CA GLU I 144 21.22 18.83 31.15
C GLU I 144 22.42 19.46 31.84
N GLY I 145 22.61 20.77 31.70
CA GLY I 145 23.68 21.47 32.39
C GLY I 145 24.79 22.02 31.51
N ALA I 146 24.60 22.05 30.19
CA ALA I 146 25.62 22.59 29.31
C ALA I 146 25.80 24.08 29.56
N ALA I 147 27.06 24.54 29.47
CA ALA I 147 27.40 25.94 29.71
C ALA I 147 27.90 26.63 28.45
N MET I 148 27.65 26.05 27.28
CA MET I 148 28.07 26.61 26.00
C MET I 148 27.47 25.77 24.89
N LEU I 149 27.19 26.42 23.76
CA LEU I 149 26.56 25.75 22.63
C LEU I 149 27.30 26.09 21.34
N ARG I 150 27.29 25.13 20.42
CA ARG I 150 27.85 25.30 19.09
C ARG I 150 26.95 24.59 18.09
N THR I 151 27.15 24.90 16.81
CA THR I 151 26.40 24.24 15.76
C THR I 151 27.01 22.88 15.45
N LYS I 152 26.16 21.89 15.18
CA LYS I 152 26.66 20.56 14.82
C LYS I 152 27.39 20.60 13.49
N GLY I 153 26.83 21.28 12.50
CA GLY I 153 27.43 21.44 11.19
C GLY I 153 27.76 20.12 10.52
N GLU I 154 28.75 20.18 9.63
CA GLU I 154 29.26 19.00 8.94
C GLU I 154 30.78 19.01 9.10
N PRO I 155 31.29 18.47 10.21
CA PRO I 155 32.74 18.52 10.44
C PRO I 155 33.51 17.70 9.42
N GLY I 156 34.67 18.23 9.03
CA GLY I 156 35.53 17.55 8.09
C GLY I 156 35.12 17.63 6.64
N THR I 157 34.20 18.54 6.29
CA THR I 157 33.76 18.70 4.92
C THR I 157 34.07 20.07 4.33
N GLY I 158 34.33 21.08 5.15
CA GLY I 158 34.52 22.43 4.66
C GLY I 158 33.28 23.03 4.03
N ASN I 159 32.12 22.42 4.22
CA ASN I 159 30.87 22.87 3.63
C ASN I 159 30.06 23.60 4.71
N ILE I 160 29.85 24.91 4.51
CA ILE I 160 29.21 25.74 5.52
C ILE I 160 27.70 25.57 5.57
N VAL I 161 27.12 24.76 4.68
CA VAL I 161 25.67 24.67 4.57
C VAL I 161 25.02 24.31 5.90
N GLU I 162 25.56 23.30 6.59
CA GLU I 162 24.92 22.81 7.80
C GLU I 162 25.06 23.80 8.95
N ALA I 163 26.23 24.46 9.05
CA ALA I 163 26.41 25.47 10.08
C ALA I 163 25.42 26.62 9.89
N VAL I 164 25.29 27.10 8.65
CA VAL I 164 24.32 28.15 8.35
C VAL I 164 22.91 27.70 8.71
N ARG I 165 22.56 26.48 8.31
CA ARG I 165 21.20 25.98 8.56
C ARG I 165 20.90 25.94 10.06
N HIS I 166 21.82 25.36 10.83
CA HIS I 166 21.58 25.23 12.27
C HIS I 166 21.54 26.59 12.96
N MET I 167 22.49 27.47 12.63
CA MET I 167 22.51 28.80 13.23
C MET I 167 21.23 29.55 12.93
N ARG I 168 20.81 29.57 11.65
CA ARG I 168 19.60 30.28 11.29
C ARG I 168 18.37 29.68 11.95
N GLN I 169 18.31 28.35 12.04
CA GLN I 169 17.16 27.69 12.67
C GLN I 169 17.04 28.10 14.13
N VAL I 170 18.14 27.95 14.89
CA VAL I 170 18.07 28.26 16.32
C VAL I 170 17.82 29.75 16.54
N ASN I 171 18.39 30.60 15.67
CA ASN I 171 18.19 32.04 15.83
C ASN I 171 16.74 32.42 15.56
N SER I 172 16.15 31.89 14.48
CA SER I 172 14.76 32.20 14.19
C SER I 172 13.83 31.67 15.27
N GLU I 173 14.14 30.49 15.82
CA GLU I 173 13.27 29.94 16.86
C GLU I 173 13.36 30.75 18.15
N VAL I 174 14.57 31.17 18.55
CA VAL I 174 14.66 31.98 19.76
C VAL I 174 14.03 33.36 19.54
N SER I 175 14.16 33.92 18.33
CA SER I 175 13.52 35.19 18.06
C SER I 175 12.00 35.07 18.10
N ARG I 176 11.46 33.95 17.59
CA ARG I 176 10.04 33.70 17.73
C ARG I 176 9.64 33.60 19.19
N LEU I 177 10.43 32.90 20.00
CA LEU I 177 10.07 32.71 21.40
C LEU I 177 10.13 34.03 22.19
N THR I 178 11.04 34.93 21.82
CA THR I 178 11.15 36.20 22.56
C THR I 178 9.90 37.06 22.45
N VAL I 179 9.04 36.81 21.46
CA VAL I 179 7.86 37.64 21.25
C VAL I 179 6.62 36.74 21.20
N MET I 180 6.77 35.51 21.68
CA MET I 180 5.68 34.55 21.65
C MET I 180 4.76 34.75 22.85
N ASN I 181 3.47 34.53 22.65
CA ASN I 181 2.49 34.68 23.72
C ASN I 181 2.80 33.75 24.88
N ASP I 182 2.59 34.25 26.10
CA ASP I 182 2.84 33.42 27.28
C ASP I 182 1.92 32.21 27.35
N ASP I 183 0.74 32.31 26.75
CA ASP I 183 -0.21 31.20 26.80
C ASP I 183 0.24 30.04 25.92
N GLU I 184 1.04 30.30 24.89
CA GLU I 184 1.38 29.31 23.89
C GLU I 184 2.74 28.66 24.11
N ILE I 185 3.49 29.10 25.12
CA ILE I 185 4.86 28.63 25.29
C ILE I 185 4.88 27.15 25.67
N MET I 186 3.99 26.74 26.58
CA MET I 186 4.03 25.39 27.12
C MET I 186 3.95 24.35 26.00
N THR I 187 2.89 24.41 25.19
CA THR I 187 2.76 23.47 24.08
C THR I 187 3.92 23.61 23.10
N PHE I 188 4.45 24.83 22.94
CA PHE I 188 5.64 25.02 22.13
C PHE I 188 6.78 24.16 22.66
N ALA I 189 7.02 24.22 23.97
CA ALA I 189 8.02 23.34 24.57
C ALA I 189 7.68 21.87 24.35
N LYS I 190 6.39 21.54 24.31
CA LYS I 190 5.99 20.17 24.02
C LYS I 190 6.26 19.82 22.56
N ASP I 191 6.16 20.80 21.66
CA ASP I 191 6.30 20.51 20.24
C ASP I 191 7.76 20.28 19.85
N ILE I 192 8.67 21.13 20.36
CA ILE I 192 10.08 20.98 20.05
C ILE I 192 10.82 20.08 21.04
N GLY I 193 10.11 19.53 22.02
CA GLY I 193 10.73 18.67 23.00
C GLY I 193 11.79 19.36 23.83
N ALA I 194 11.41 20.42 24.52
CA ALA I 194 12.35 21.23 25.28
C ALA I 194 11.82 21.47 26.69
N PRO I 195 12.70 21.65 27.66
CA PRO I 195 12.27 22.01 29.02
C PRO I 195 11.55 23.35 29.02
N TYR I 196 10.40 23.39 29.70
CA TYR I 196 9.51 24.55 29.64
C TYR I 196 10.07 25.75 30.40
N GLU I 197 10.64 25.51 31.58
CA GLU I 197 11.22 26.60 32.36
C GLU I 197 12.37 27.26 31.62
N ILE I 198 13.14 26.49 30.85
CA ILE I 198 14.23 27.08 30.08
C ILE I 198 13.68 28.01 29.01
N LEU I 199 12.57 27.63 28.37
CA LEU I 199 11.95 28.52 27.38
C LEU I 199 11.41 29.79 28.03
N LYS I 200 10.82 29.65 29.22
CA LYS I 200 10.37 30.85 29.94
C LYS I 200 11.54 31.76 30.26
N GLN I 201 12.68 31.18 30.69
CA GLN I 201 13.86 31.99 30.97
C GLN I 201 14.40 32.64 29.70
N ILE I 202 14.31 31.94 28.56
CA ILE I 202 14.73 32.51 27.29
C ILE I 202 13.91 33.75 26.97
N LYS I 203 12.58 33.63 27.09
CA LYS I 203 11.73 34.77 26.80
C LYS I 203 11.95 35.91 27.80
N ASP I 204 12.23 35.57 29.06
CA ASP I 204 12.44 36.60 30.07
C ASP I 204 13.73 37.38 29.81
N ASN I 205 14.83 36.67 29.58
CA ASN I 205 16.10 37.33 29.31
C ASN I 205 16.12 38.02 27.95
N GLY I 206 15.26 37.57 27.01
CA GLY I 206 15.22 38.14 25.68
C GLY I 206 16.26 37.61 24.72
N ARG I 207 17.24 36.84 25.20
CA ARG I 207 18.24 36.24 24.33
C ARG I 207 18.48 34.79 24.79
N LEU I 208 19.29 34.08 24.03
CA LEU I 208 19.65 32.72 24.42
C LEU I 208 20.49 32.78 25.70
N PRO I 209 20.14 31.99 26.73
CA PRO I 209 20.81 32.13 28.03
C PRO I 209 22.30 31.79 28.03
N VAL I 210 22.85 31.33 26.91
CA VAL I 210 24.24 30.92 26.83
C VAL I 210 24.78 31.28 25.45
N VAL I 211 26.09 31.21 25.31
CA VAL I 211 26.76 31.62 24.08
C VAL I 211 26.69 30.50 23.06
N ASN I 212 26.33 30.85 21.83
CA ASN I 212 26.25 29.90 20.71
C ASN I 212 27.31 30.26 19.69
N PHE I 213 28.24 29.34 19.44
CA PHE I 213 29.28 29.53 18.44
C PHE I 213 28.92 28.80 17.15
N ALA I 214 29.69 29.09 16.11
CA ALA I 214 29.61 28.39 14.84
C ALA I 214 30.66 27.30 14.79
N ALA I 215 30.33 26.20 14.13
CA ALA I 215 31.22 25.04 14.10
C ALA I 215 30.84 24.15 12.93
N GLY I 216 31.84 23.72 12.16
CA GLY I 216 31.61 22.77 11.09
C GLY I 216 32.34 23.09 9.80
N GLY I 217 31.61 23.67 8.84
CA GLY I 217 32.12 23.92 7.52
C GLY I 217 33.03 25.11 7.35
N VAL I 218 33.48 25.73 8.45
CA VAL I 218 34.34 26.90 8.34
C VAL I 218 35.67 26.49 7.74
N ALA I 219 36.02 27.10 6.61
CA ALA I 219 37.26 26.76 5.90
C ALA I 219 37.94 27.95 5.24
N THR I 220 37.27 29.07 5.05
CA THR I 220 37.81 30.28 4.46
C THR I 220 37.52 31.47 5.36
N PRO I 221 38.23 32.59 5.20
CA PRO I 221 37.86 33.79 5.95
C PRO I 221 36.48 34.31 5.60
N GLN I 222 36.02 34.12 4.37
CA GLN I 222 34.70 34.62 3.97
C GLN I 222 33.59 34.00 4.81
N ASP I 223 33.48 32.67 4.79
CA ASP I 223 32.44 32.02 5.57
C ASP I 223 32.79 31.93 7.06
N ALA I 224 33.95 32.45 7.47
CA ALA I 224 34.21 32.67 8.89
C ALA I 224 33.61 34.00 9.35
N ALA I 225 33.73 35.04 8.51
CA ALA I 225 33.05 36.30 8.82
C ALA I 225 31.54 36.20 8.60
N LEU I 226 31.11 35.31 7.70
CA LEU I 226 29.68 35.11 7.48
C LEU I 226 28.99 34.61 8.73
N MET I 227 29.68 33.78 9.52
CA MET I 227 29.08 33.28 10.75
C MET I 227 28.82 34.40 11.74
N MET I 228 29.78 35.33 11.88
CA MET I 228 29.57 36.46 12.75
C MET I 228 28.50 37.40 12.20
N GLU I 229 28.44 37.54 10.87
CA GLU I 229 27.37 38.33 10.26
C GLU I 229 26.00 37.72 10.52
N LEU I 230 25.93 36.39 10.63
CA LEU I 230 24.66 35.71 10.80
C LEU I 230 24.14 35.73 12.23
N GLY I 231 24.99 36.07 13.20
CA GLY I 231 24.59 36.12 14.60
C GLY I 231 25.41 35.25 15.52
N ALA I 232 26.36 34.48 15.01
CA ALA I 232 27.20 33.66 15.87
C ALA I 232 28.11 34.56 16.71
N ASP I 233 28.48 34.06 17.89
CA ASP I 233 29.36 34.78 18.79
C ASP I 233 30.82 34.41 18.61
N GLY I 234 31.11 33.40 17.81
CA GLY I 234 32.48 32.95 17.62
C GLY I 234 32.51 31.80 16.63
N VAL I 235 33.72 31.33 16.34
CA VAL I 235 33.95 30.34 15.30
C VAL I 235 34.80 29.20 15.86
N PHE I 236 34.30 27.97 15.71
CA PHE I 236 35.09 26.77 15.96
C PHE I 236 35.65 26.30 14.64
N VAL I 237 36.98 26.29 14.52
CA VAL I 237 37.67 25.92 13.30
C VAL I 237 38.37 24.58 13.50
N GLY I 238 38.26 23.71 12.50
CA GLY I 238 38.86 22.39 12.55
C GLY I 238 40.29 22.38 12.07
N SER I 239 40.73 21.21 11.62
CA SER I 239 42.14 20.99 11.30
C SER I 239 42.54 21.51 9.93
N GLY I 240 41.59 22.01 9.15
CA GLY I 240 41.88 22.52 7.82
C GLY I 240 42.95 23.60 7.81
N ILE I 241 43.12 24.27 8.95
CA ILE I 241 44.16 25.30 9.07
C ILE I 241 45.52 24.69 8.78
N PHE I 242 45.79 23.51 9.34
CA PHE I 242 47.06 22.82 9.14
C PHE I 242 47.00 21.87 7.94
N LYS I 243 46.07 22.09 7.02
CA LYS I 243 46.03 21.39 5.74
C LYS I 243 46.37 22.32 4.59
N SER I 244 46.66 23.59 4.86
CA SER I 244 47.00 24.58 3.87
C SER I 244 48.52 24.64 3.68
N GLU I 245 48.97 25.48 2.76
CA GLU I 245 50.40 25.64 2.54
C GLU I 245 51.07 26.41 3.68
N ASP I 246 50.34 27.34 4.30
CA ASP I 246 50.87 28.15 5.40
C ASP I 246 49.82 28.22 6.49
N PRO I 247 49.86 27.30 7.46
CA PRO I 247 48.86 27.32 8.53
C PRO I 247 48.91 28.58 9.39
N GLU I 248 50.09 29.18 9.56
CA GLU I 248 50.21 30.38 10.36
C GLU I 248 49.41 31.54 9.76
N LYS I 249 49.68 31.86 8.50
CA LYS I 249 48.94 32.93 7.83
C LYS I 249 47.46 32.59 7.73
N PHE I 250 47.12 31.32 7.53
CA PHE I 250 45.71 30.93 7.44
C PHE I 250 44.98 31.20 8.76
N ALA I 251 45.57 30.76 9.88
CA ALA I 251 44.95 31.02 11.17
C ALA I 251 44.89 32.51 11.48
N LYS I 252 45.94 33.25 11.13
CA LYS I 252 45.92 34.69 11.35
C LYS I 252 44.79 35.35 10.56
N ALA I 253 44.61 34.95 9.31
CA ALA I 253 43.54 35.53 8.49
C ALA I 253 42.17 35.14 9.03
N ILE I 254 42.03 33.92 9.55
CA ILE I 254 40.76 33.52 10.15
C ILE I 254 40.46 34.39 11.37
N VAL I 255 41.46 34.64 12.20
CA VAL I 255 41.27 35.51 13.37
C VAL I 255 40.86 36.91 12.92
N GLN I 256 41.57 37.47 11.94
CA GLN I 256 41.26 38.81 11.46
C GLN I 256 39.84 38.90 10.92
N ALA I 257 39.44 37.91 10.12
CA ALA I 257 38.10 37.93 9.55
C ALA I 257 37.03 37.69 10.61
N THR I 258 37.36 36.97 11.68
CA THR I 258 36.39 36.75 12.74
C THR I 258 36.18 38.02 13.57
N THR I 259 37.26 38.76 13.83
CA THR I 259 37.14 39.95 14.67
C THR I 259 36.59 41.14 13.88
N HIS I 260 37.02 41.31 12.64
CA HIS I 260 36.52 42.37 11.77
C HIS I 260 35.72 41.74 10.62
N TYR I 261 34.55 41.21 10.97
CA TYR I 261 33.72 40.48 10.02
C TYR I 261 32.95 41.39 9.07
N GLN I 262 33.18 42.70 9.10
CA GLN I 262 32.51 43.60 8.18
C GLN I 262 33.46 44.53 7.43
N ASP I 263 34.77 44.37 7.60
CA ASP I 263 35.76 45.09 6.79
C ASP I 263 36.03 44.24 5.55
N TYR I 264 35.25 44.50 4.49
CA TYR I 264 35.24 43.59 3.36
C TYR I 264 36.50 43.69 2.51
N GLU I 265 37.12 44.87 2.44
CA GLU I 265 38.39 44.99 1.73
C GLU I 265 39.49 44.24 2.46
N LEU I 266 39.47 44.28 3.80
CA LEU I 266 40.41 43.51 4.59
C LEU I 266 40.24 42.01 4.34
N ILE I 267 39.00 41.53 4.35
CA ILE I 267 38.73 40.12 4.08
C ILE I 267 39.18 39.75 2.67
N GLY I 268 38.96 40.65 1.71
CA GLY I 268 39.42 40.40 0.36
C GLY I 268 40.93 40.26 0.26
N ARG I 269 41.65 41.14 0.94
CA ARG I 269 43.11 41.04 0.96
C ARG I 269 43.56 39.74 1.60
N LEU I 270 42.95 39.37 2.73
CA LEU I 270 43.33 38.13 3.40
C LEU I 270 43.06 36.92 2.52
N ALA I 271 41.95 36.95 1.77
CA ALA I 271 41.66 35.85 0.86
C ALA I 271 42.64 35.81 -0.30
N SER I 272 43.06 36.99 -0.78
CA SER I 272 44.05 37.05 -1.86
C SER I 272 45.37 36.45 -1.39
N GLU I 273 45.75 36.71 -0.14
CA GLU I 273 46.99 36.14 0.40
C GLU I 273 46.95 34.62 0.39
N LEU I 274 45.87 34.04 0.93
CA LEU I 274 45.72 32.60 0.98
C LEU I 274 45.46 32.04 -0.42
N GLY I 275 45.76 30.75 -0.59
CA GLY I 275 45.57 30.12 -1.89
C GLY I 275 45.69 28.61 -1.89
N THR I 276 44.91 27.93 -1.03
CA THR I 276 44.92 26.47 -0.96
C THR I 276 43.49 25.97 -0.86
N ALA I 277 43.34 24.66 -0.75
CA ALA I 277 42.03 24.02 -0.63
C ALA I 277 41.60 23.90 0.82
N SER J 4 3.49 39.29 56.95
CA SER J 4 2.52 40.13 56.26
C SER J 4 1.30 39.31 55.82
N LYS J 5 1.10 39.21 54.51
CA LYS J 5 -0.03 38.47 53.95
C LYS J 5 0.41 37.86 52.62
N ILE J 6 1.15 36.76 52.71
CA ILE J 6 1.63 36.06 51.53
C ILE J 6 0.47 35.30 50.89
N ILE J 7 -0.37 36.02 50.16
CA ILE J 7 -1.55 35.45 49.52
C ILE J 7 -1.20 35.02 48.10
N GLY J 8 -1.65 33.82 47.72
CA GLY J 8 -1.41 33.31 46.39
C GLY J 8 -0.20 32.42 46.24
N SER J 9 0.54 32.18 47.31
CA SER J 9 1.69 31.28 47.25
C SER J 9 1.23 29.87 46.86
N ASP J 10 2.05 29.20 46.05
CA ASP J 10 1.69 27.86 45.56
C ASP J 10 1.37 26.91 46.70
N ARG J 11 2.05 27.06 47.84
CA ARG J 11 1.78 26.17 48.97
C ARG J 11 0.34 26.31 49.45
N VAL J 12 -0.20 27.53 49.43
CA VAL J 12 -1.59 27.73 49.83
C VAL J 12 -2.53 27.09 48.82
N LYS J 13 -2.29 27.35 47.53
CA LYS J 13 -3.09 26.76 46.46
C LYS J 13 -3.19 25.25 46.62
N ARG J 14 -2.05 24.56 46.73
CA ARG J 14 -2.08 23.11 46.79
C ARG J 14 -2.41 22.58 48.18
N GLY J 15 -2.28 23.39 49.23
CA GLY J 15 -2.72 22.96 50.55
C GLY J 15 -4.23 22.96 50.68
N MET J 16 -4.90 23.90 50.02
CA MET J 16 -6.36 23.88 49.96
C MET J 16 -6.89 22.53 49.52
N ALA J 17 -6.16 21.83 48.64
CA ALA J 17 -6.53 20.49 48.20
C ALA J 17 -5.85 19.38 49.00
N GLU J 18 -4.68 19.66 49.57
CA GLU J 18 -3.98 18.64 50.34
C GLU J 18 -4.70 18.35 51.65
N MET J 19 -5.30 19.37 52.26
CA MET J 19 -6.16 19.14 53.41
C MET J 19 -7.60 18.90 53.00
N GLN J 20 -7.82 18.47 51.76
CA GLN J 20 -9.12 18.02 51.27
C GLN J 20 -9.17 16.52 51.01
N LYS J 21 -8.03 15.83 51.02
CA LYS J 21 -8.01 14.43 50.67
C LYS J 21 -8.64 13.59 51.78
N GLY J 22 -9.13 12.41 51.41
CA GLY J 22 -9.87 11.55 52.32
C GLY J 22 -11.37 11.71 52.24
N GLY J 23 -11.86 12.73 51.53
CA GLY J 23 -13.27 12.97 51.36
C GLY J 23 -13.67 12.95 49.90
N VAL J 24 -14.97 13.08 49.68
CA VAL J 24 -15.55 13.00 48.34
C VAL J 24 -16.20 14.33 48.00
N ILE J 25 -15.95 14.82 46.79
CA ILE J 25 -16.59 16.01 46.26
C ILE J 25 -17.61 15.56 45.22
N MET J 26 -18.88 15.78 45.51
CA MET J 26 -19.97 15.45 44.60
C MET J 26 -20.48 16.71 43.94
N ASP J 27 -20.81 16.62 42.65
CA ASP J 27 -21.27 17.83 41.99
C ASP J 27 -22.72 18.11 42.35
N VAL J 28 -23.17 19.32 42.01
CA VAL J 28 -24.46 19.82 42.50
C VAL J 28 -25.03 20.76 41.45
N VAL J 29 -26.36 20.77 41.34
CA VAL J 29 -27.06 21.61 40.38
C VAL J 29 -27.75 22.78 41.06
N ASN J 30 -28.39 22.56 42.20
CA ASN J 30 -29.16 23.60 42.88
C ASN J 30 -28.86 23.57 44.37
N ALA J 31 -29.38 24.58 45.07
CA ALA J 31 -29.06 24.75 46.49
C ALA J 31 -29.52 23.57 47.33
N GLU J 32 -30.69 23.01 47.00
CA GLU J 32 -31.24 21.94 47.82
C GLU J 32 -30.43 20.65 47.69
N GLN J 33 -29.80 20.43 46.54
CA GLN J 33 -28.87 19.32 46.42
C GLN J 33 -27.59 19.58 47.20
N ALA J 34 -27.16 20.84 47.26
CA ALA J 34 -25.99 21.19 48.06
C ALA J 34 -26.25 21.00 49.54
N ARG J 35 -27.50 21.21 49.98
CA ARG J 35 -27.85 20.91 51.38
C ARG J 35 -27.60 19.43 51.69
N ILE J 36 -28.09 18.55 50.81
CA ILE J 36 -27.87 17.11 51.00
C ILE J 36 -26.39 16.78 50.96
N ALA J 37 -25.66 17.39 50.02
CA ALA J 37 -24.23 17.12 49.92
C ALA J 37 -23.50 17.51 51.19
N GLU J 38 -23.82 18.68 51.75
CA GLU J 38 -23.17 19.10 52.99
C GLU J 38 -23.54 18.19 54.14
N GLU J 39 -24.84 17.92 54.32
CA GLU J 39 -25.29 17.10 55.43
C GLU J 39 -25.03 15.61 55.22
N ALA J 40 -24.40 15.22 54.11
CA ALA J 40 -24.03 13.84 53.87
C ALA J 40 -22.56 13.56 54.11
N GLY J 41 -21.75 14.58 54.34
CA GLY J 41 -20.34 14.42 54.58
C GLY J 41 -19.42 14.75 53.43
N ALA J 42 -19.90 15.46 52.41
CA ALA J 42 -19.04 15.86 51.31
C ALA J 42 -18.06 16.93 51.76
N VAL J 43 -16.83 16.85 51.24
CA VAL J 43 -15.81 17.85 51.58
C VAL J 43 -15.91 19.10 50.73
N ALA J 44 -16.65 19.05 49.62
CA ALA J 44 -16.86 20.19 48.74
C ALA J 44 -17.91 19.81 47.71
N VAL J 45 -18.45 20.81 47.03
CA VAL J 45 -19.46 20.61 46.01
C VAL J 45 -18.98 21.23 44.70
N MET J 46 -19.39 20.61 43.59
CA MET J 46 -19.05 21.09 42.25
C MET J 46 -20.31 21.68 41.63
N ALA J 47 -20.39 23.01 41.63
CA ALA J 47 -21.55 23.71 41.10
C ALA J 47 -21.52 23.68 39.57
N LEU J 48 -22.58 23.13 38.97
CA LEU J 48 -22.71 23.12 37.52
C LEU J 48 -24.18 23.23 37.17
N GLU J 49 -24.46 23.63 35.92
CA GLU J 49 -25.81 23.87 35.48
C GLU J 49 -26.45 22.63 34.85
N ARG J 50 -25.72 21.96 33.96
CA ARG J 50 -26.23 20.77 33.30
C ARG J 50 -25.23 19.62 33.36
N ALA J 58 -22.85 15.76 24.25
CA ALA J 58 -23.29 15.12 23.01
C ALA J 58 -24.62 15.71 22.54
N GLY J 59 -24.92 16.93 23.00
CA GLY J 59 -26.15 17.59 22.62
C GLY J 59 -25.93 19.03 22.18
N GLY J 60 -24.74 19.56 22.45
CA GLY J 60 -24.42 20.92 22.08
C GLY J 60 -23.04 21.35 22.56
N VAL J 61 -22.93 22.60 22.99
CA VAL J 61 -21.68 23.15 23.50
C VAL J 61 -21.89 23.56 24.95
N ALA J 62 -21.08 23.01 25.85
CA ALA J 62 -21.21 23.27 27.27
C ALA J 62 -20.35 24.47 27.66
N ARG J 63 -20.92 25.36 28.46
CA ARG J 63 -20.23 26.57 28.90
C ARG J 63 -20.08 26.60 30.41
N MET J 64 -19.78 27.77 30.96
CA MET J 64 -19.79 27.96 32.39
C MET J 64 -21.23 27.93 32.91
N ALA J 65 -21.41 27.39 34.11
CA ALA J 65 -22.70 27.47 34.77
C ALA J 65 -22.98 28.92 35.18
N ASN J 66 -24.16 29.42 34.82
CA ASN J 66 -24.59 30.79 35.08
C ASN J 66 -24.23 31.25 36.48
N PRO J 67 -23.57 32.40 36.62
CA PRO J 67 -23.19 32.89 37.96
C PRO J 67 -24.33 32.92 38.96
N LYS J 68 -25.58 33.07 38.50
CA LYS J 68 -26.71 33.05 39.43
C LYS J 68 -26.82 31.70 40.14
N ILE J 69 -26.71 30.61 39.38
CA ILE J 69 -26.84 29.29 39.99
C ILE J 69 -25.62 28.98 40.85
N VAL J 70 -24.44 29.50 40.48
CA VAL J 70 -23.26 29.29 41.29
C VAL J 70 -23.38 30.04 42.62
N GLU J 71 -23.94 31.25 42.60
CA GLU J 71 -24.18 31.99 43.83
C GLU J 71 -25.25 31.31 44.69
N GLU J 72 -26.29 30.76 44.03
CA GLU J 72 -27.32 30.03 44.77
C GLU J 72 -26.71 28.83 45.49
N VAL J 73 -25.81 28.11 44.84
CA VAL J 73 -25.14 27.00 45.50
C VAL J 73 -24.17 27.49 46.57
N MET J 74 -23.54 28.64 46.33
CA MET J 74 -22.55 29.17 47.27
C MET J 74 -23.20 29.58 48.59
N ASN J 75 -24.33 30.28 48.51
CA ASN J 75 -24.98 30.79 49.72
C ASN J 75 -25.68 29.70 50.53
N ALA J 76 -25.77 28.48 50.01
CA ALA J 76 -26.51 27.42 50.68
C ALA J 76 -25.64 26.53 51.56
N VAL J 77 -24.32 26.54 51.38
CA VAL J 77 -23.44 25.64 52.10
C VAL J 77 -22.25 26.42 52.65
N SER J 78 -21.63 25.85 53.69
CA SER J 78 -20.42 26.39 54.28
C SER J 78 -19.17 25.65 53.84
N ILE J 79 -19.32 24.50 53.18
CA ILE J 79 -18.20 23.74 52.65
C ILE J 79 -17.75 24.41 51.36
N PRO J 80 -16.52 24.21 50.89
CA PRO J 80 -16.07 24.92 49.68
C PRO J 80 -16.87 24.50 48.46
N VAL J 81 -17.13 25.47 47.59
CA VAL J 81 -17.85 25.24 46.33
C VAL J 81 -16.89 25.54 45.19
N MET J 82 -16.85 24.64 44.21
CA MET J 82 -15.99 24.79 43.04
C MET J 82 -16.83 24.72 41.77
N ALA J 83 -16.45 25.51 40.77
CA ALA J 83 -17.18 25.61 39.52
C ALA J 83 -16.28 25.23 38.36
N LYS J 84 -16.90 24.89 37.24
CA LYS J 84 -16.20 24.40 36.06
C LYS J 84 -16.05 25.52 35.04
N ALA J 85 -14.86 25.59 34.43
CA ALA J 85 -14.58 26.55 33.37
C ALA J 85 -14.09 25.81 32.13
N ARG J 86 -14.32 26.41 30.97
CA ARG J 86 -13.92 25.81 29.71
C ARG J 86 -12.40 25.81 29.57
N ILE J 87 -11.90 24.85 28.79
CA ILE J 87 -10.45 24.71 28.61
C ILE J 87 -9.90 25.95 27.92
N GLY J 88 -8.91 26.58 28.55
CA GLY J 88 -8.27 27.75 27.98
C GLY J 88 -9.12 29.00 27.96
N HIS J 89 -10.28 28.99 28.61
CA HIS J 89 -11.16 30.16 28.64
C HIS J 89 -10.67 31.10 29.73
N ILE J 90 -10.00 32.18 29.32
CA ILE J 90 -9.39 33.10 30.28
C ILE J 90 -10.46 33.84 31.07
N THR J 91 -11.37 34.52 30.36
CA THR J 91 -12.36 35.35 31.05
C THR J 91 -13.34 34.52 31.85
N GLU J 92 -13.60 33.28 31.45
CA GLU J 92 -14.49 32.43 32.25
C GLU J 92 -13.87 32.11 33.60
N ALA J 93 -12.61 31.68 33.60
CA ALA J 93 -11.90 31.42 34.86
C ALA J 93 -11.77 32.70 35.67
N ARG J 94 -11.56 33.84 35.01
CA ARG J 94 -11.45 35.11 35.73
C ARG J 94 -12.77 35.48 36.40
N VAL J 95 -13.90 35.26 35.71
CA VAL J 95 -15.19 35.55 36.30
C VAL J 95 -15.48 34.63 37.47
N LEU J 96 -15.14 33.34 37.33
CA LEU J 96 -15.29 32.42 38.46
C LEU J 96 -14.40 32.82 39.63
N GLU J 97 -13.21 33.36 39.34
CA GLU J 97 -12.33 33.84 40.39
C GLU J 97 -12.91 35.05 41.09
N ALA J 98 -13.54 35.96 40.33
CA ALA J 98 -14.10 37.17 40.92
C ALA J 98 -15.24 36.83 41.87
N MET J 99 -15.96 35.74 41.62
CA MET J 99 -17.06 35.33 42.49
C MET J 99 -16.59 34.70 43.79
N GLY J 100 -15.29 34.49 43.95
CA GLY J 100 -14.77 33.87 45.16
C GLY J 100 -14.78 32.37 45.17
N VAL J 101 -15.05 31.73 44.02
CA VAL J 101 -15.08 30.28 43.96
C VAL J 101 -13.76 29.69 44.46
N ASP J 102 -13.87 28.66 45.30
CA ASP J 102 -12.68 28.11 45.95
C ASP J 102 -11.78 27.37 44.97
N TYR J 103 -12.35 26.76 43.95
CA TYR J 103 -11.56 26.02 42.97
C TYR J 103 -12.22 26.12 41.60
N ILE J 104 -11.41 26.27 40.56
CA ILE J 104 -11.87 26.21 39.19
C ILE J 104 -11.34 24.93 38.57
N ASP J 105 -12.23 24.16 37.95
CA ASP J 105 -11.87 22.93 37.26
C ASP J 105 -11.70 23.25 35.78
N GLU J 106 -10.45 23.30 35.31
CA GLU J 106 -10.21 23.44 33.88
C GLU J 106 -10.63 22.12 33.24
N SER J 107 -11.94 22.00 33.03
CA SER J 107 -12.57 20.71 32.78
C SER J 107 -12.67 20.42 31.29
N GLU J 108 -12.20 19.25 30.89
CA GLU J 108 -12.40 18.77 29.53
C GLU J 108 -13.81 18.25 29.30
N VAL J 109 -14.62 18.13 30.35
CA VAL J 109 -16.02 17.73 30.19
C VAL J 109 -16.79 18.81 29.43
N LEU J 110 -16.66 20.05 29.85
CA LEU J 110 -17.19 21.16 29.07
C LEU J 110 -16.47 21.23 27.73
N THR J 111 -17.16 21.77 26.73
CA THR J 111 -16.52 21.98 25.44
C THR J 111 -15.35 22.93 25.62
N PRO J 112 -14.15 22.57 25.16
CA PRO J 112 -12.99 23.45 25.32
C PRO J 112 -13.22 24.79 24.62
N ALA J 113 -12.37 25.76 24.99
CA ALA J 113 -12.32 27.03 24.28
C ALA J 113 -11.03 27.23 23.52
N ASP J 114 -9.96 26.53 23.88
CA ASP J 114 -8.67 26.62 23.21
C ASP J 114 -8.17 25.18 23.03
N GLU J 115 -8.43 24.60 21.86
CA GLU J 115 -8.06 23.21 21.60
C GLU J 115 -6.56 22.99 21.55
N GLU J 116 -5.75 24.05 21.61
CA GLU J 116 -4.30 23.94 21.55
C GLU J 116 -3.62 24.25 22.86
N TYR J 117 -4.00 25.34 23.53
CA TYR J 117 -3.28 25.85 24.70
C TYR J 117 -4.20 25.88 25.90
N HIS J 118 -3.73 25.34 27.02
CA HIS J 118 -4.48 25.35 28.26
C HIS J 118 -4.36 26.72 28.93
N LEU J 119 -5.03 26.86 30.08
CA LEU J 119 -5.02 28.12 30.80
C LEU J 119 -3.64 28.41 31.40
N ARG J 120 -3.40 29.69 31.63
CA ARG J 120 -2.17 30.16 32.28
C ARG J 120 -2.42 30.26 33.78
N LYS J 121 -2.47 29.08 34.43
CA LYS J 121 -3.00 28.95 35.77
C LYS J 121 -2.18 29.67 36.82
N ASP J 122 -0.88 29.90 36.58
CA ASP J 122 -0.05 30.56 37.59
C ASP J 122 -0.28 32.06 37.63
N GLN J 123 -1.04 32.63 36.70
CA GLN J 123 -1.42 34.04 36.79
C GLN J 123 -2.56 34.28 37.76
N PHE J 124 -3.37 33.27 38.04
CA PHE J 124 -4.51 33.41 38.93
C PHE J 124 -4.09 33.27 40.39
N THR J 125 -4.90 33.83 41.28
CA THR J 125 -4.74 33.64 42.71
C THR J 125 -5.67 32.58 43.27
N VAL J 126 -6.52 32.00 42.44
CA VAL J 126 -7.42 30.92 42.84
C VAL J 126 -6.81 29.60 42.35
N PRO J 127 -6.77 28.56 43.17
CA PRO J 127 -6.19 27.30 42.72
C PRO J 127 -7.06 26.61 41.68
N PHE J 128 -6.40 25.84 40.82
CA PHE J 128 -7.06 25.14 39.72
C PHE J 128 -6.94 23.63 39.91
N VAL J 129 -7.90 22.90 39.35
CA VAL J 129 -7.83 21.45 39.27
C VAL J 129 -8.04 21.03 37.82
N CYS J 130 -7.21 20.11 37.35
CA CYS J 130 -7.20 19.69 35.96
C CYS J 130 -7.22 18.17 35.88
N GLY J 131 -7.64 17.68 34.71
CA GLY J 131 -7.68 16.25 34.45
C GLY J 131 -6.41 15.75 33.79
N CYS J 132 -6.08 14.49 34.05
CA CYS J 132 -4.88 13.88 33.51
C CYS J 132 -5.12 12.40 33.27
N ARG J 133 -4.37 11.83 32.33
CA ARG J 133 -4.42 10.42 32.03
C ARG J 133 -3.07 9.72 32.15
N ASN J 134 -1.99 10.47 32.28
CA ASN J 134 -0.65 9.90 32.43
C ASN J 134 0.23 10.95 33.11
N LEU J 135 1.48 10.58 33.38
CA LEU J 135 2.40 11.51 34.02
C LEU J 135 2.70 12.70 33.13
N GLY J 136 2.65 12.52 31.81
CA GLY J 136 2.88 13.62 30.88
C GLY J 136 1.87 14.73 31.03
N GLU J 137 0.58 14.40 30.91
CA GLU J 137 -0.47 15.41 31.04
C GLU J 137 -0.47 16.03 32.43
N ALA J 138 -0.23 15.21 33.46
CA ALA J 138 -0.21 15.72 34.82
C ALA J 138 0.92 16.72 35.01
N ALA J 139 2.12 16.39 34.54
CA ALA J 139 3.25 17.29 34.66
C ALA J 139 3.05 18.55 33.85
N ARG J 140 2.42 18.43 32.68
CA ARG J 140 2.14 19.62 31.87
C ARG J 140 1.15 20.54 32.58
N ARG J 141 0.10 19.96 33.19
CA ARG J 141 -0.86 20.77 33.94
C ARG J 141 -0.20 21.44 35.13
N ILE J 142 0.67 20.70 35.84
CA ILE J 142 1.38 21.29 36.97
C ILE J 142 2.27 22.43 36.51
N GLY J 143 2.97 22.26 35.38
CA GLY J 143 3.79 23.33 34.86
C GLY J 143 2.99 24.55 34.48
N GLU J 144 1.81 24.35 33.90
CA GLU J 144 0.95 25.48 33.59
C GLU J 144 0.39 26.16 34.84
N GLY J 145 0.56 25.57 36.01
CA GLY J 145 0.15 26.17 37.26
C GLY J 145 -1.00 25.50 37.98
N ALA J 146 -1.38 24.29 37.58
CA ALA J 146 -2.47 23.60 38.26
C ALA J 146 -2.08 23.29 39.69
N ALA J 147 -3.06 23.38 40.60
CA ALA J 147 -2.84 23.14 42.02
C ALA J 147 -3.59 21.91 42.52
N MET J 148 -4.05 21.06 41.61
CA MET J 148 -4.79 19.85 41.96
C MET J 148 -5.00 19.05 40.68
N LEU J 149 -5.05 17.72 40.83
CA LEU J 149 -5.20 16.84 39.69
C LEU J 149 -6.28 15.80 39.95
N ARG J 150 -6.93 15.39 38.86
CA ARG J 150 -7.94 14.34 38.89
C ARG J 150 -7.80 13.51 37.63
N THR J 151 -8.43 12.34 37.65
CA THR J 151 -8.45 11.48 36.46
C THR J 151 -9.52 11.95 35.50
N LYS J 152 -9.21 11.87 34.19
CA LYS J 152 -10.21 12.24 33.19
C LYS J 152 -11.39 11.29 33.21
N GLY J 153 -11.12 9.98 33.28
CA GLY J 153 -12.14 8.96 33.35
C GLY J 153 -13.09 9.01 32.17
N GLU J 154 -14.30 8.50 32.41
CA GLU J 154 -15.39 8.53 31.42
C GLU J 154 -16.62 9.12 32.11
N PRO J 155 -16.75 10.44 32.13
CA PRO J 155 -17.87 11.06 32.84
C PRO J 155 -19.21 10.73 32.19
N GLY J 156 -20.21 10.52 33.04
CA GLY J 156 -21.56 10.25 32.59
C GLY J 156 -21.81 8.83 32.10
N THR J 157 -20.90 7.90 32.40
CA THR J 157 -21.08 6.51 31.99
C THR J 157 -21.18 5.53 33.15
N GLY J 158 -20.73 5.92 34.35
CA GLY J 158 -20.69 4.98 35.45
C GLY J 158 -19.72 3.84 35.29
N ASN J 159 -18.83 3.91 34.29
CA ASN J 159 -17.88 2.85 34.00
C ASN J 159 -16.52 3.25 34.57
N ILE J 160 -16.04 2.50 35.56
CA ILE J 160 -14.82 2.85 36.28
C ILE J 160 -13.55 2.50 35.51
N VAL J 161 -13.67 1.88 34.33
CA VAL J 161 -12.50 1.38 33.61
C VAL J 161 -11.50 2.50 33.36
N GLU J 162 -11.97 3.66 32.89
CA GLU J 162 -11.04 4.71 32.50
C GLU J 162 -10.38 5.35 33.71
N ALA J 163 -11.13 5.52 34.80
CA ALA J 163 -10.54 6.04 36.03
C ALA J 163 -9.44 5.11 36.54
N VAL J 164 -9.72 3.80 36.57
CA VAL J 164 -8.71 2.82 36.98
C VAL J 164 -7.49 2.91 36.08
N ARG J 165 -7.71 2.95 34.77
CA ARG J 165 -6.60 2.97 33.83
C ARG J 165 -5.72 4.20 34.05
N HIS J 166 -6.34 5.39 34.15
CA HIS J 166 -5.56 6.62 34.30
C HIS J 166 -4.83 6.64 35.63
N MET J 167 -5.52 6.26 36.72
CA MET J 167 -4.89 6.25 38.03
C MET J 167 -3.70 5.30 38.06
N ARG J 168 -3.89 4.08 37.55
CA ARG J 168 -2.79 3.11 37.55
C ARG J 168 -1.64 3.57 36.67
N GLN J 169 -1.96 4.17 35.52
CA GLN J 169 -0.90 4.65 34.62
C GLN J 169 -0.06 5.72 35.29
N VAL J 170 -0.71 6.76 35.83
CA VAL J 170 0.04 7.85 36.44
C VAL J 170 0.78 7.37 37.68
N ASN J 171 0.19 6.43 38.43
CA ASN J 171 0.85 5.92 39.63
C ASN J 171 2.10 5.11 39.27
N SER J 172 1.99 4.24 38.26
CA SER J 172 3.14 3.47 37.84
C SER J 172 4.24 4.36 37.28
N GLU J 173 3.86 5.41 36.55
CA GLU J 173 4.86 6.31 35.98
C GLU J 173 5.57 7.11 37.06
N VAL J 174 4.83 7.61 38.05
CA VAL J 174 5.51 8.36 39.11
C VAL J 174 6.35 7.43 39.98
N SER J 175 5.90 6.19 40.19
CA SER J 175 6.72 5.24 40.95
C SER J 175 7.99 4.89 40.20
N ARG J 176 7.90 4.76 38.87
CA ARG J 176 9.10 4.57 38.06
C ARG J 176 10.04 5.76 38.19
N LEU J 177 9.50 6.98 38.15
CA LEU J 177 10.34 8.16 38.20
C LEU J 177 11.01 8.34 39.56
N THR J 178 10.35 7.90 40.64
CA THR J 178 10.93 8.06 41.97
C THR J 178 12.21 7.25 42.16
N VAL J 179 12.46 6.25 41.32
CA VAL J 179 13.63 5.38 41.48
C VAL J 179 14.41 5.35 40.17
N MET J 180 14.13 6.30 39.29
CA MET J 180 14.77 6.35 37.99
C MET J 180 16.12 7.04 38.08
N ASN J 181 17.07 6.57 37.28
CA ASN J 181 18.42 7.13 37.26
C ASN J 181 18.38 8.61 36.89
N ASP J 182 19.24 9.39 37.53
CA ASP J 182 19.32 10.82 37.25
C ASP J 182 19.77 11.08 35.81
N ASP J 183 20.54 10.15 35.24
CA ASP J 183 21.05 10.35 33.88
C ASP J 183 19.94 10.22 32.85
N GLU J 184 18.88 9.47 33.16
CA GLU J 184 17.85 9.12 32.19
C GLU J 184 16.61 9.98 32.27
N ILE J 185 16.54 10.92 33.23
CA ILE J 185 15.30 11.66 33.43
C ILE J 185 15.02 12.59 32.25
N MET J 186 16.06 13.27 31.75
CA MET J 186 15.86 14.30 30.74
C MET J 186 15.15 13.73 29.51
N THR J 187 15.73 12.71 28.90
CA THR J 187 15.09 12.09 27.74
C THR J 187 13.73 11.53 28.10
N PHE J 188 13.57 11.05 29.33
CA PHE J 188 12.24 10.63 29.79
C PHE J 188 11.26 11.78 29.68
N ALA J 189 11.64 12.95 30.16
CA ALA J 189 10.79 14.13 30.00
C ALA J 189 10.56 14.44 28.53
N LYS J 190 11.55 14.16 27.68
CA LYS J 190 11.35 14.35 26.25
C LYS J 190 10.39 13.31 25.67
N ASP J 191 10.39 12.09 26.24
CA ASP J 191 9.55 11.04 25.68
C ASP J 191 8.08 11.23 26.03
N ILE J 192 7.79 11.58 27.29
CA ILE J 192 6.41 11.78 27.72
C ILE J 192 5.95 13.22 27.54
N GLY J 193 6.80 14.10 27.01
CA GLY J 193 6.44 15.48 26.80
C GLY J 193 6.08 16.21 28.08
N ALA J 194 7.02 16.27 29.02
CA ALA J 194 6.78 16.85 30.33
C ALA J 194 7.87 17.83 30.69
N PRO J 195 7.57 18.84 31.51
CA PRO J 195 8.62 19.75 31.99
C PRO J 195 9.64 19.00 32.84
N TYR J 196 10.92 19.26 32.55
CA TYR J 196 12.01 18.47 33.14
C TYR J 196 12.21 18.80 34.61
N GLU J 197 12.14 20.09 34.97
CA GLU J 197 12.29 20.47 36.37
C GLU J 197 11.19 19.89 37.24
N ILE J 198 9.98 19.75 36.69
CA ILE J 198 8.89 19.16 37.46
C ILE J 198 9.16 17.69 37.73
N LEU J 199 9.73 16.98 36.76
CA LEU J 199 10.08 15.57 36.99
C LEU J 199 11.20 15.45 38.02
N LYS J 200 12.19 16.34 37.96
CA LYS J 200 13.23 16.34 38.98
C LYS J 200 12.64 16.59 40.36
N GLN J 201 11.70 17.53 40.46
CA GLN J 201 11.04 17.80 41.75
C GLN J 201 10.23 16.59 42.20
N ILE J 202 9.61 15.86 41.26
CA ILE J 202 8.88 14.65 41.62
C ILE J 202 9.83 13.63 42.24
N LYS J 203 10.97 13.40 41.59
CA LYS J 203 11.92 12.43 42.15
C LYS J 203 12.49 12.91 43.48
N ASP J 204 12.68 14.22 43.65
CA ASP J 204 13.24 14.73 44.90
C ASP J 204 12.25 14.56 46.05
N ASN J 205 10.99 14.97 45.83
CA ASN J 205 9.99 14.84 46.88
C ASN J 205 9.59 13.39 47.13
N GLY J 206 9.79 12.51 46.15
CA GLY J 206 9.42 11.12 46.29
C GLY J 206 7.96 10.81 46.05
N ARG J 207 7.11 11.83 45.94
CA ARG J 207 5.69 11.63 45.64
C ARG J 207 5.27 12.66 44.61
N LEU J 208 4.03 12.54 44.15
CA LEU J 208 3.48 13.52 43.23
C LEU J 208 3.37 14.86 43.94
N PRO J 209 3.87 15.96 43.34
CA PRO J 209 3.92 17.24 44.06
C PRO J 209 2.56 17.82 44.39
N VAL J 210 1.46 17.20 43.96
CA VAL J 210 0.12 17.71 44.18
C VAL J 210 -0.81 16.52 44.39
N VAL J 211 -2.01 16.81 44.87
CA VAL J 211 -2.99 15.77 45.21
C VAL J 211 -3.68 15.31 43.94
N ASN J 212 -3.81 13.99 43.79
CA ASN J 212 -4.48 13.38 42.65
C ASN J 212 -5.73 12.67 43.14
N PHE J 213 -6.90 13.11 42.65
CA PHE J 213 -8.17 12.48 42.99
C PHE J 213 -8.63 11.57 41.87
N ALA J 214 -9.65 10.78 42.17
CA ALA J 214 -10.34 9.95 41.19
C ALA J 214 -11.59 10.68 40.70
N ALA J 215 -11.90 10.49 39.42
CA ALA J 215 -13.02 11.19 38.80
C ALA J 215 -13.45 10.44 37.55
N GLY J 216 -14.76 10.23 37.41
CA GLY J 216 -15.29 9.63 36.21
C GLY J 216 -16.35 8.57 36.45
N GLY J 217 -15.96 7.31 36.40
CA GLY J 217 -16.87 6.20 36.50
C GLY J 217 -17.34 5.83 37.87
N VAL J 218 -17.08 6.65 38.89
CA VAL J 218 -17.51 6.34 40.25
C VAL J 218 -19.03 6.38 40.32
N ALA J 219 -19.65 5.26 40.69
CA ALA J 219 -21.10 5.16 40.76
C ALA J 219 -21.61 4.32 41.91
N THR J 220 -20.81 3.48 42.53
CA THR J 220 -21.19 2.65 43.65
C THR J 220 -20.20 2.83 44.79
N PRO J 221 -20.56 2.44 46.01
CA PRO J 221 -19.56 2.47 47.09
C PRO J 221 -18.39 1.54 46.85
N GLN J 222 -18.61 0.42 46.14
CA GLN J 222 -17.53 -0.52 45.88
C GLN J 222 -16.40 0.13 45.09
N ASP J 223 -16.71 0.65 43.90
CA ASP J 223 -15.68 1.29 43.09
C ASP J 223 -15.36 2.70 43.57
N ALA J 224 -16.00 3.17 44.64
CA ALA J 224 -15.54 4.37 45.31
C ALA J 224 -14.44 4.05 46.32
N ALA J 225 -14.58 2.93 47.03
CA ALA J 225 -13.51 2.46 47.91
C ALA J 225 -12.36 1.88 47.11
N LEU J 226 -12.64 1.35 45.92
CA LEU J 226 -11.59 0.82 45.07
C LEU J 226 -10.61 1.91 44.66
N MET J 227 -11.11 3.13 44.44
CA MET J 227 -10.23 4.23 44.07
C MET J 227 -9.25 4.56 45.19
N MET J 228 -9.72 4.57 46.43
CA MET J 228 -8.82 4.79 47.55
C MET J 228 -7.86 3.62 47.73
N GLU J 229 -8.33 2.40 47.48
CA GLU J 229 -7.45 1.24 47.54
C GLU J 229 -6.36 1.32 46.48
N LEU J 230 -6.64 1.94 45.34
CA LEU J 230 -5.69 2.02 44.25
C LEU J 230 -4.62 3.09 44.44
N GLY J 231 -4.82 4.01 45.37
CA GLY J 231 -3.87 5.08 45.62
C GLY J 231 -4.42 6.48 45.47
N ALA J 232 -5.67 6.65 45.07
CA ALA J 232 -6.25 7.99 44.97
C ALA J 232 -6.41 8.61 46.34
N ASP J 233 -6.37 9.94 46.37
CA ASP J 233 -6.52 10.69 47.61
C ASP J 233 -7.95 11.12 47.88
N GLY J 234 -8.84 10.92 46.92
CA GLY J 234 -10.23 11.33 47.08
C GLY J 234 -11.02 10.95 45.85
N VAL J 235 -12.32 11.25 45.91
CA VAL J 235 -13.27 10.82 44.88
C VAL J 235 -14.09 12.01 44.42
N PHE J 236 -14.10 12.24 43.10
CA PHE J 236 -15.01 13.17 42.46
C PHE J 236 -16.21 12.38 41.95
N VAL J 237 -17.39 12.68 42.47
CA VAL J 237 -18.62 11.98 42.13
C VAL J 237 -19.52 12.90 41.32
N GLY J 238 -20.11 12.36 40.26
CA GLY J 238 -20.97 13.11 39.39
C GLY J 238 -22.41 13.13 39.86
N SER J 239 -23.33 13.34 38.92
CA SER J 239 -24.73 13.57 39.26
C SER J 239 -25.50 12.28 39.51
N GLY J 240 -24.88 11.12 39.32
CA GLY J 240 -25.54 9.86 39.56
C GLY J 240 -26.14 9.73 40.94
N ILE J 241 -25.61 10.49 41.90
CA ILE J 241 -26.15 10.46 43.26
C ILE J 241 -27.62 10.86 43.24
N PHE J 242 -27.96 11.89 42.47
CA PHE J 242 -29.34 12.35 42.36
C PHE J 242 -30.07 11.68 41.22
N LYS J 243 -29.60 10.51 40.77
CA LYS J 243 -30.31 9.67 39.82
C LYS J 243 -30.83 8.40 40.48
N SER J 244 -30.58 8.22 41.78
CA SER J 244 -31.02 7.05 42.53
C SER J 244 -32.36 7.32 43.17
N GLU J 245 -32.90 6.31 43.85
CA GLU J 245 -34.17 6.47 44.55
C GLU J 245 -34.03 7.34 45.80
N ASP J 246 -32.88 7.28 46.46
CA ASP J 246 -32.62 8.05 47.67
C ASP J 246 -31.23 8.66 47.57
N PRO J 247 -31.13 9.89 47.06
CA PRO J 247 -29.80 10.53 46.94
C PRO J 247 -29.11 10.76 48.26
N GLU J 248 -29.87 10.99 49.34
CA GLU J 248 -29.27 11.24 50.64
C GLU J 248 -28.50 10.02 51.13
N LYS J 249 -29.17 8.87 51.19
CA LYS J 249 -28.50 7.64 51.61
C LYS J 249 -27.38 7.26 50.66
N PHE J 250 -27.54 7.52 49.37
CA PHE J 250 -26.50 7.20 48.41
C PHE J 250 -25.23 8.01 48.68
N ALA J 251 -25.39 9.33 48.85
CA ALA J 251 -24.25 10.18 49.14
C ALA J 251 -23.61 9.81 50.47
N LYS J 252 -24.43 9.51 51.48
CA LYS J 252 -23.89 9.10 52.77
C LYS J 252 -23.07 7.83 52.65
N ALA J 253 -23.57 6.85 51.89
CA ALA J 253 -22.84 5.60 51.70
C ALA J 253 -21.55 5.83 50.92
N ILE J 254 -21.58 6.74 49.95
CA ILE J 254 -20.36 7.05 49.21
C ILE J 254 -19.31 7.67 50.14
N VAL J 255 -19.75 8.59 51.02
CA VAL J 255 -18.83 9.18 51.99
C VAL J 255 -18.24 8.10 52.89
N GLN J 256 -19.09 7.23 53.42
CA GLN J 256 -18.63 6.18 54.32
C GLN J 256 -17.63 5.25 53.63
N ALA J 257 -17.94 4.84 52.40
CA ALA J 257 -17.04 3.94 51.68
C ALA J 257 -15.75 4.63 51.28
N THR J 258 -15.78 5.95 51.06
CA THR J 258 -14.56 6.66 50.74
C THR J 258 -13.66 6.81 51.96
N THR J 259 -14.25 7.05 53.13
CA THR J 259 -13.44 7.27 54.32
C THR J 259 -12.93 5.95 54.92
N HIS J 260 -13.77 4.92 54.93
CA HIS J 260 -13.38 3.60 55.41
C HIS J 260 -13.38 2.62 54.24
N TYR J 261 -12.41 2.81 53.34
CA TYR J 261 -12.33 2.03 52.11
C TYR J 261 -11.80 0.61 52.32
N GLN J 262 -11.61 0.18 53.56
CA GLN J 262 -11.16 -1.18 53.83
C GLN J 262 -12.02 -1.92 54.85
N ASP J 263 -13.11 -1.31 55.30
CA ASP J 263 -14.10 -2.00 56.14
C ASP J 263 -15.10 -2.64 55.19
N TYR J 264 -14.84 -3.89 54.81
CA TYR J 264 -15.58 -4.51 53.72
C TYR J 264 -16.98 -4.92 54.14
N GLU J 265 -17.19 -5.28 55.40
CA GLU J 265 -18.55 -5.58 55.86
C GLU J 265 -19.40 -4.32 55.89
N LEU J 266 -18.81 -3.19 56.27
CA LEU J 266 -19.50 -1.91 56.21
C LEU J 266 -19.92 -1.57 54.79
N ILE J 267 -19.00 -1.73 53.84
CA ILE J 267 -19.30 -1.47 52.43
C ILE J 267 -20.39 -2.41 51.94
N GLY J 268 -20.35 -3.67 52.37
CA GLY J 268 -21.39 -4.61 51.99
C GLY J 268 -22.76 -4.21 52.51
N ARG J 269 -22.83 -3.77 53.77
CA ARG J 269 -24.10 -3.30 54.31
C ARG J 269 -24.61 -2.08 53.54
N LEU J 270 -23.72 -1.13 53.27
CA LEU J 270 -24.12 0.08 52.54
C LEU J 270 -24.61 -0.26 51.14
N ALA J 271 -23.97 -1.24 50.49
CA ALA J 271 -24.43 -1.66 49.18
C ALA J 271 -25.78 -2.37 49.25
N SER J 272 -25.99 -3.15 50.32
CA SER J 272 -27.28 -3.80 50.51
C SER J 272 -28.39 -2.78 50.70
N GLU J 273 -28.11 -1.69 51.41
CA GLU J 273 -29.10 -0.64 51.59
C GLU J 273 -29.52 -0.03 50.25
N LEU J 274 -28.54 0.37 49.44
CA LEU J 274 -28.82 0.95 48.14
C LEU J 274 -29.36 -0.11 47.18
N GLY J 275 -30.07 0.34 46.16
CA GLY J 275 -30.65 -0.58 45.20
C GLY J 275 -31.20 0.06 43.93
N THR J 276 -30.38 0.86 43.24
CA THR J 276 -30.79 1.49 42.00
C THR J 276 -29.65 1.39 40.98
N ALA J 277 -29.87 1.97 39.81
CA ALA J 277 -28.88 1.95 38.74
C ALA J 277 -27.95 3.16 38.85
N SER K 4 -8.07 68.51 -2.52
CA SER K 4 -9.25 68.25 -3.35
C SER K 4 -10.20 67.28 -2.64
N LYS K 5 -10.39 66.10 -3.24
CA LYS K 5 -11.28 65.08 -2.69
C LYS K 5 -10.70 63.71 -3.04
N ILE K 6 -9.68 63.31 -2.29
CA ILE K 6 -9.03 62.02 -2.47
C ILE K 6 -9.94 60.92 -1.94
N ILE K 7 -10.94 60.54 -2.72
CA ILE K 7 -11.92 59.53 -2.33
C ILE K 7 -11.44 58.17 -2.80
N GLY K 8 -11.54 57.16 -1.93
CA GLY K 8 -11.15 55.81 -2.27
C GLY K 8 -9.74 55.44 -1.87
N SER K 9 -8.99 56.34 -1.24
CA SER K 9 -7.65 56.03 -0.79
C SER K 9 -7.69 54.90 0.25
N ASP K 10 -6.69 54.02 0.19
CA ASP K 10 -6.66 52.87 1.09
C ASP K 10 -6.74 53.28 2.55
N ARG K 11 -6.15 54.43 2.90
CA ARG K 11 -6.20 54.88 4.28
C ARG K 11 -7.63 55.13 4.73
N VAL K 12 -8.47 55.65 3.84
CA VAL K 12 -9.88 55.89 4.19
C VAL K 12 -10.60 54.56 4.36
N LYS K 13 -10.42 53.65 3.40
CA LYS K 13 -11.02 52.32 3.48
C LYS K 13 -10.71 51.64 4.82
N ARG K 14 -9.44 51.57 5.18
CA ARG K 14 -9.09 50.87 6.41
C ARG K 14 -9.28 51.71 7.66
N GLY K 15 -9.41 53.03 7.53
CA GLY K 15 -9.73 53.85 8.69
C GLY K 15 -11.19 53.73 9.09
N MET K 16 -12.07 53.54 8.11
CA MET K 16 -13.48 53.26 8.43
C MET K 16 -13.61 52.11 9.42
N ALA K 17 -12.71 51.13 9.35
CA ALA K 17 -12.69 50.03 10.31
C ALA K 17 -11.74 50.24 11.47
N GLU K 18 -10.68 51.05 11.29
CA GLU K 18 -9.74 51.29 12.36
C GLU K 18 -10.37 52.14 13.46
N MET K 19 -11.23 53.09 13.10
CA MET K 19 -12.01 53.81 14.08
C MET K 19 -13.35 53.11 14.35
N GLN K 20 -13.41 51.81 14.09
CA GLN K 20 -14.53 50.96 14.46
C GLN K 20 -14.19 49.97 15.56
N LYS K 21 -12.90 49.81 15.89
CA LYS K 21 -12.50 48.80 16.87
C LYS K 21 -12.94 49.22 18.27
N GLY K 22 -13.08 48.21 19.13
CA GLY K 22 -13.59 48.40 20.47
C GLY K 22 -15.08 48.18 20.61
N GLY K 23 -15.79 48.01 19.50
CA GLY K 23 -17.22 47.76 19.51
C GLY K 23 -17.56 46.45 18.83
N VAL K 24 -18.85 46.12 18.89
CA VAL K 24 -19.37 44.85 18.37
C VAL K 24 -20.33 45.16 17.24
N ILE K 25 -20.19 44.40 16.14
CA ILE K 25 -21.12 44.46 15.01
C ILE K 25 -21.97 43.21 15.07
N MET K 26 -23.26 43.37 15.31
CA MET K 26 -24.21 42.26 15.33
C MET K 26 -25.02 42.27 14.06
N ASP K 27 -25.29 41.08 13.52
CA ASP K 27 -26.04 41.04 12.27
C ASP K 27 -27.53 41.24 12.56
N VAL K 28 -28.29 41.51 11.49
CA VAL K 28 -29.67 41.96 11.61
C VAL K 28 -30.45 41.47 10.41
N VAL K 29 -31.73 41.15 10.63
CA VAL K 29 -32.60 40.66 9.58
C VAL K 29 -33.60 41.72 9.13
N ASN K 30 -34.19 42.47 10.06
CA ASN K 30 -35.21 43.44 9.72
C ASN K 30 -34.95 44.74 10.48
N ALA K 31 -35.73 45.77 10.15
CA ALA K 31 -35.50 47.10 10.68
C ALA K 31 -35.65 47.14 12.21
N GLU K 32 -36.62 46.38 12.74
CA GLU K 32 -36.88 46.45 14.18
C GLU K 32 -35.77 45.82 14.98
N GLN K 33 -35.06 44.84 14.42
CA GLN K 33 -33.87 44.32 15.08
C GLN K 33 -32.71 45.31 14.99
N ALA K 34 -32.63 46.06 13.89
CA ALA K 34 -31.61 47.10 13.77
C ALA K 34 -31.84 48.23 14.77
N ARG K 35 -33.10 48.52 15.09
CA ARG K 35 -33.38 49.50 16.15
C ARG K 35 -32.76 49.06 17.47
N ILE K 36 -32.98 47.80 17.86
CA ILE K 36 -32.41 47.28 19.09
C ILE K 36 -30.88 47.30 19.02
N ALA K 37 -30.32 46.91 17.88
CA ALA K 37 -28.88 46.89 17.73
C ALA K 37 -28.29 48.29 17.92
N GLU K 38 -28.91 49.30 17.32
CA GLU K 38 -28.42 50.66 17.48
C GLU K 38 -28.56 51.14 18.92
N GLU K 39 -29.75 50.97 19.50
CA GLU K 39 -29.99 51.43 20.86
C GLU K 39 -29.34 50.56 21.92
N ALA K 40 -28.61 49.52 21.53
CA ALA K 40 -27.88 48.69 22.47
C ALA K 40 -26.39 48.99 22.51
N GLY K 41 -25.89 49.83 21.60
CA GLY K 41 -24.48 50.17 21.57
C GLY K 41 -23.66 49.49 20.49
N ALA K 42 -24.28 48.92 19.46
CA ALA K 42 -23.53 48.32 18.38
C ALA K 42 -22.87 49.40 17.53
N VAL K 43 -21.66 49.09 17.05
CA VAL K 43 -20.94 50.04 16.19
C VAL K 43 -21.36 49.93 14.73
N ALA K 44 -22.04 48.86 14.35
CA ALA K 44 -22.54 48.66 12.99
C ALA K 44 -23.43 47.43 12.99
N VAL K 45 -24.21 47.29 11.92
CA VAL K 45 -25.12 46.17 11.76
C VAL K 45 -24.81 45.46 10.45
N MET K 46 -25.03 44.14 10.44
CA MET K 46 -24.80 43.30 9.27
C MET K 46 -26.16 42.89 8.72
N ALA K 47 -26.59 43.57 7.66
CA ALA K 47 -27.89 43.30 7.06
C ALA K 47 -27.83 42.00 6.25
N LEU K 48 -28.67 41.03 6.60
CA LEU K 48 -28.76 39.78 5.86
C LEU K 48 -30.19 39.30 5.89
N GLU K 49 -30.52 38.41 4.96
CA GLU K 49 -31.88 37.93 4.79
C GLU K 49 -32.15 36.65 5.59
N ARG K 50 -31.23 35.69 5.54
CA ARG K 50 -31.41 34.44 6.26
C ARG K 50 -30.15 34.07 7.04
N ALA K 58 -26.56 24.60 4.75
CA ALA K 58 -26.82 23.16 4.67
C ALA K 58 -28.27 22.89 4.26
N GLY K 59 -28.88 23.89 3.62
CA GLY K 59 -30.25 23.75 3.17
C GLY K 59 -30.46 24.17 1.73
N GLY K 60 -29.47 24.84 1.16
CA GLY K 60 -29.55 25.29 -0.21
C GLY K 60 -28.34 26.11 -0.63
N VAL K 61 -28.58 27.14 -1.44
CA VAL K 61 -27.52 28.05 -1.90
C VAL K 61 -27.85 29.45 -1.41
N ALA K 62 -26.91 30.04 -0.68
CA ALA K 62 -27.10 31.37 -0.11
C ALA K 62 -26.61 32.44 -1.07
N ARG K 63 -27.43 33.49 -1.23
CA ARG K 63 -27.09 34.58 -2.13
C ARG K 63 -26.98 35.90 -1.37
N MET K 64 -27.02 37.01 -2.11
CA MET K 64 -27.10 38.32 -1.49
C MET K 64 -28.49 38.52 -0.89
N ALA K 65 -28.54 39.23 0.23
CA ALA K 65 -29.82 39.64 0.80
C ALA K 65 -30.47 40.67 -0.10
N ASN K 66 -31.74 40.44 -0.45
CA ASN K 66 -32.52 41.29 -1.34
C ASN K 66 -32.32 42.77 -1.04
N PRO K 67 -32.02 43.58 -2.06
CA PRO K 67 -31.80 45.02 -1.82
C PRO K 67 -32.92 45.70 -1.06
N LYS K 68 -34.15 45.19 -1.14
CA LYS K 68 -35.25 45.77 -0.37
C LYS K 68 -35.01 45.67 1.13
N ILE K 69 -34.58 44.49 1.59
CA ILE K 69 -34.35 44.30 3.02
C ILE K 69 -33.13 45.09 3.47
N VAL K 70 -32.13 45.23 2.59
CA VAL K 70 -30.95 46.02 2.94
C VAL K 70 -31.30 47.48 3.06
N GLU K 71 -32.18 47.98 2.18
CA GLU K 71 -32.63 49.37 2.28
C GLU K 71 -33.51 49.58 3.51
N GLU K 72 -34.33 48.57 3.85
CA GLU K 72 -35.12 48.64 5.08
C GLU K 72 -34.23 48.76 6.31
N VAL K 73 -33.15 47.98 6.34
CA VAL K 73 -32.22 48.08 7.46
C VAL K 73 -31.46 49.40 7.43
N MET K 74 -31.14 49.90 6.23
CA MET K 74 -30.38 51.13 6.09
C MET K 74 -31.16 52.34 6.58
N ASN K 75 -32.43 52.44 6.20
CA ASN K 75 -33.22 53.61 6.55
C ASN K 75 -33.65 53.63 8.02
N ALA K 76 -33.39 52.56 8.77
CA ALA K 76 -33.84 52.47 10.15
C ALA K 76 -32.79 52.88 11.17
N VAL K 77 -31.51 52.94 10.78
CA VAL K 77 -30.44 53.22 11.72
C VAL K 77 -29.50 54.27 11.14
N SER K 78 -28.78 54.95 12.03
CA SER K 78 -27.77 55.92 11.66
C SER K 78 -26.34 55.38 11.78
N ILE K 79 -26.18 54.20 12.38
CA ILE K 79 -24.87 53.55 12.47
C ILE K 79 -24.61 52.88 11.13
N PRO K 80 -23.35 52.59 10.78
CA PRO K 80 -23.09 51.99 9.45
C PRO K 80 -23.70 50.60 9.33
N VAL K 81 -24.19 50.31 8.13
CA VAL K 81 -24.79 49.02 7.80
C VAL K 81 -23.93 48.36 6.73
N MET K 82 -23.61 47.09 6.93
CA MET K 82 -22.82 46.32 5.99
C MET K 82 -23.57 45.07 5.54
N ALA K 83 -23.40 44.71 4.28
CA ALA K 83 -24.11 43.59 3.68
C ALA K 83 -23.11 42.54 3.17
N LYS K 84 -23.61 41.33 2.98
CA LYS K 84 -22.78 40.20 2.59
C LYS K 84 -22.89 39.93 1.10
N ALA K 85 -21.76 39.64 0.47
CA ALA K 85 -21.70 39.29 -0.94
C ALA K 85 -20.99 37.95 -1.11
N ARG K 86 -21.34 37.25 -2.17
CA ARG K 86 -20.76 35.94 -2.43
C ARG K 86 -19.29 36.07 -2.84
N ILE K 87 -18.52 35.01 -2.57
CA ILE K 87 -17.10 35.03 -2.85
C ILE K 87 -16.86 35.18 -4.35
N GLY K 88 -16.10 36.19 -4.73
CA GLY K 88 -15.78 36.41 -6.13
C GLY K 88 -16.94 36.88 -6.98
N HIS K 89 -18.08 37.22 -6.38
CA HIS K 89 -19.25 37.68 -7.13
C HIS K 89 -19.07 39.17 -7.41
N ILE K 90 -18.69 39.49 -8.66
CA ILE K 90 -18.37 40.87 -9.01
C ILE K 90 -19.63 41.73 -8.97
N THR K 91 -20.66 41.34 -9.71
CA THR K 91 -21.85 42.18 -9.80
C THR K 91 -22.60 42.27 -8.47
N GLU K 92 -22.50 41.26 -7.62
CA GLU K 92 -23.13 41.34 -6.31
C GLU K 92 -22.49 42.43 -5.47
N ALA K 93 -21.16 42.42 -5.38
CA ALA K 93 -20.46 43.47 -4.65
C ALA K 93 -20.68 44.84 -5.30
N ARG K 94 -20.78 44.88 -6.62
CA ARG K 94 -21.02 46.15 -7.31
C ARG K 94 -22.40 46.70 -6.97
N VAL K 95 -23.41 45.83 -6.91
CA VAL K 95 -24.75 46.27 -6.55
C VAL K 95 -24.80 46.74 -5.10
N LEU K 96 -24.13 46.02 -4.20
CA LEU K 96 -24.05 46.48 -2.82
C LEU K 96 -23.32 47.81 -2.71
N GLU K 97 -22.33 48.04 -3.56
CA GLU K 97 -21.64 49.32 -3.57
C GLU K 97 -22.55 50.44 -4.08
N ALA K 98 -23.36 50.14 -5.09
CA ALA K 98 -24.24 51.16 -5.65
C ALA K 98 -25.28 51.63 -4.63
N MET K 99 -25.68 50.76 -3.71
CA MET K 99 -26.64 51.12 -2.67
C MET K 99 -26.03 51.96 -1.57
N GLY K 100 -24.72 52.20 -1.60
CA GLY K 100 -24.07 52.98 -0.57
C GLY K 100 -23.70 52.22 0.68
N VAL K 101 -23.75 50.88 0.64
CA VAL K 101 -23.41 50.08 1.81
C VAL K 101 -21.99 50.41 2.27
N ASP K 102 -21.84 50.58 3.59
CA ASP K 102 -20.57 51.04 4.14
C ASP K 102 -19.48 49.98 4.02
N TYR K 103 -19.85 48.70 4.09
CA TYR K 103 -18.88 47.62 4.01
C TYR K 103 -19.51 46.42 3.33
N ILE K 104 -18.73 45.75 2.49
CA ILE K 104 -19.14 44.49 1.89
C ILE K 104 -18.28 43.38 2.50
N ASP K 105 -18.92 42.33 2.98
CA ASP K 105 -18.22 41.18 3.54
C ASP K 105 -18.14 40.12 2.45
N GLU K 106 -16.93 39.94 1.89
CA GLU K 106 -16.72 38.84 0.96
C GLU K 106 -16.75 37.56 1.78
N SER K 107 -17.98 37.11 2.06
CA SER K 107 -18.23 36.15 3.13
C SER K 107 -18.24 34.73 2.60
N GLU K 108 -17.45 33.87 3.24
CA GLU K 108 -17.49 32.43 2.96
C GLU K 108 -18.72 31.75 3.56
N VAL K 109 -19.50 32.46 4.38
CA VAL K 109 -20.73 31.90 4.91
C VAL K 109 -21.74 31.67 3.79
N LEU K 110 -21.94 32.67 2.94
CA LEU K 110 -22.73 32.47 1.74
C LEU K 110 -22.01 31.50 0.81
N THR K 111 -22.78 30.80 -0.01
CA THR K 111 -22.20 29.92 -1.02
C THR K 111 -21.31 30.75 -1.95
N PRO K 112 -20.06 30.35 -2.16
CA PRO K 112 -19.18 31.12 -3.04
C PRO K 112 -19.73 31.19 -4.45
N ALA K 113 -19.17 32.13 -5.24
CA ALA K 113 -19.45 32.20 -6.66
C ALA K 113 -18.23 31.88 -7.51
N ASP K 114 -17.03 31.99 -6.95
CA ASP K 114 -15.79 31.66 -7.66
C ASP K 114 -14.92 30.88 -6.69
N GLU K 115 -14.97 29.55 -6.78
CA GLU K 115 -14.24 28.69 -5.86
C GLU K 115 -12.73 28.80 -6.01
N GLU K 116 -12.24 29.52 -7.02
CA GLU K 116 -10.81 29.65 -7.26
C GLU K 116 -10.28 31.05 -6.98
N TYR K 117 -10.97 32.09 -7.45
CA TYR K 117 -10.47 33.44 -7.41
C TYR K 117 -11.40 34.33 -6.58
N HIS K 118 -10.82 35.07 -5.64
CA HIS K 118 -11.59 35.99 -4.83
C HIS K 118 -11.87 37.28 -5.60
N LEU K 119 -12.59 38.20 -4.96
CA LEU K 119 -12.93 39.45 -5.60
C LEU K 119 -11.69 40.32 -5.82
N ARG K 120 -11.81 41.21 -6.81
CA ARG K 120 -10.76 42.19 -7.11
C ARG K 120 -11.05 43.47 -6.32
N LYS K 121 -10.79 43.39 -5.01
CA LYS K 121 -11.31 44.37 -4.07
C LYS K 121 -10.72 45.77 -4.26
N ASP K 122 -9.52 45.89 -4.82
CA ASP K 122 -8.92 47.19 -4.99
C ASP K 122 -9.51 47.99 -6.15
N GLN K 123 -10.37 47.36 -6.97
CA GLN K 123 -11.10 48.10 -7.99
C GLN K 123 -12.28 48.87 -7.44
N PHE K 124 -12.81 48.46 -6.28
CA PHE K 124 -13.97 49.11 -5.69
C PHE K 124 -13.54 50.33 -4.88
N THR K 125 -14.50 51.25 -4.69
CA THR K 125 -14.31 52.39 -3.81
C THR K 125 -14.94 52.17 -2.44
N VAL K 126 -15.59 51.04 -2.23
CA VAL K 126 -16.17 50.68 -0.94
C VAL K 126 -15.24 49.68 -0.26
N PRO K 127 -14.93 49.85 1.03
CA PRO K 127 -14.03 48.91 1.70
C PRO K 127 -14.68 47.54 1.88
N PHE K 128 -13.83 46.52 1.93
CA PHE K 128 -14.25 45.14 2.04
C PHE K 128 -13.74 44.54 3.36
N VAL K 129 -14.45 43.53 3.85
CA VAL K 129 -14.00 42.73 4.97
C VAL K 129 -14.05 41.26 4.57
N CYS K 130 -12.99 40.53 4.91
CA CYS K 130 -12.83 39.14 4.49
C CYS K 130 -12.46 38.29 5.69
N GLY K 131 -12.70 36.98 5.56
CA GLY K 131 -12.35 36.03 6.60
C GLY K 131 -10.98 35.42 6.38
N CYS K 132 -10.34 35.06 7.48
CA CYS K 132 -9.00 34.50 7.44
C CYS K 132 -8.82 33.51 8.58
N ARG K 133 -7.91 32.56 8.38
CA ARG K 133 -7.57 31.58 9.40
C ARG K 133 -6.10 31.54 9.75
N ASN K 134 -5.24 32.21 8.97
CA ASN K 134 -3.82 32.28 9.26
C ASN K 134 -3.26 33.51 8.56
N LEU K 135 -1.95 33.75 8.74
CA LEU K 135 -1.33 34.90 8.12
C LEU K 135 -1.34 34.81 6.60
N GLY K 136 -1.32 33.58 6.05
CA GLY K 136 -1.38 33.40 4.62
C GLY K 136 -2.65 33.93 4.00
N GLU K 137 -3.80 33.47 4.50
CA GLU K 137 -5.08 33.94 3.97
C GLU K 137 -5.26 35.44 4.21
N ALA K 138 -4.84 35.92 5.38
CA ALA K 138 -4.97 37.34 5.69
C ALA K 138 -4.16 38.19 4.72
N ALA K 139 -2.91 37.81 4.49
CA ALA K 139 -2.06 38.57 3.57
C ALA K 139 -2.58 38.48 2.14
N ARG K 140 -3.11 37.32 1.75
CA ARG K 140 -3.68 37.20 0.41
C ARG K 140 -4.89 38.11 0.25
N ARG K 141 -5.78 38.15 1.25
CA ARG K 141 -6.94 39.03 1.19
C ARG K 141 -6.51 40.49 1.14
N ILE K 142 -5.51 40.86 1.94
CA ILE K 142 -5.01 42.23 1.90
C ILE K 142 -4.44 42.56 0.52
N GLY K 143 -3.69 41.63 -0.07
CA GLY K 143 -3.16 41.85 -1.41
C GLY K 143 -4.25 42.01 -2.45
N GLU K 144 -5.33 41.24 -2.34
CA GLU K 144 -6.45 41.41 -3.25
C GLU K 144 -7.21 42.72 -3.03
N GLY K 145 -6.91 43.45 -1.95
CA GLY K 145 -7.51 44.73 -1.70
C GLY K 145 -8.46 44.82 -0.53
N ALA K 146 -8.50 43.81 0.35
CA ALA K 146 -9.38 43.87 1.50
C ALA K 146 -8.95 44.98 2.45
N ALA K 147 -9.94 45.64 3.06
CA ALA K 147 -9.71 46.74 3.98
C ALA K 147 -10.12 46.41 5.40
N MET K 148 -10.30 45.13 5.72
CA MET K 148 -10.70 44.67 7.04
C MET K 148 -10.65 43.15 7.07
N LEU K 149 -10.35 42.60 8.24
CA LEU K 149 -10.22 41.15 8.39
C LEU K 149 -11.01 40.68 9.61
N ARG K 150 -11.50 39.44 9.51
CA ARG K 150 -12.20 38.78 10.59
C ARG K 150 -11.81 37.31 10.57
N THR K 151 -12.09 36.62 11.67
CA THR K 151 -11.85 35.18 11.74
C THR K 151 -12.98 34.42 11.07
N LYS K 152 -12.63 33.34 10.37
CA LYS K 152 -13.65 32.51 9.74
C LYS K 152 -14.52 31.84 10.80
N GLY K 153 -13.90 31.29 11.85
CA GLY K 153 -14.59 30.66 12.96
C GLY K 153 -15.52 29.55 12.50
N GLU K 154 -16.55 29.31 13.31
CA GLU K 154 -17.59 28.33 13.00
C GLU K 154 -18.93 29.03 13.17
N PRO K 155 -19.40 29.72 12.13
CA PRO K 155 -20.65 30.49 12.26
C PRO K 155 -21.85 29.58 12.46
N GLY K 156 -22.77 30.04 13.30
CA GLY K 156 -24.00 29.30 13.55
C GLY K 156 -23.86 28.12 14.49
N THR K 157 -22.75 28.02 15.23
CA THR K 157 -22.55 26.93 16.17
C THR K 157 -22.43 27.37 17.61
N GLY K 158 -22.13 28.64 17.87
CA GLY K 158 -21.88 29.09 19.22
C GLY K 158 -20.63 28.51 19.86
N ASN K 159 -19.77 27.88 19.07
CA ASN K 159 -18.56 27.24 19.57
C ASN K 159 -17.37 28.14 19.26
N ILE K 160 -16.73 28.65 20.32
CA ILE K 160 -15.65 29.64 20.16
C ILE K 160 -14.33 29.02 19.76
N VAL K 161 -14.25 27.68 19.66
CA VAL K 161 -12.96 27.01 19.44
C VAL K 161 -12.30 27.52 18.17
N GLU K 162 -13.05 27.63 17.07
CA GLU K 162 -12.45 27.96 15.79
C GLU K 162 -12.00 29.43 15.76
N ALA K 163 -12.79 30.32 16.37
CA ALA K 163 -12.39 31.72 16.45
C ALA K 163 -11.10 31.86 17.24
N VAL K 164 -11.01 31.20 18.39
CA VAL K 164 -9.79 31.22 19.19
C VAL K 164 -8.61 30.70 18.37
N ARG K 165 -8.80 29.57 17.69
CA ARG K 165 -7.72 28.96 16.93
C ARG K 165 -7.22 29.91 15.84
N HIS K 166 -8.13 30.49 15.06
CA HIS K 166 -7.73 31.36 13.97
C HIS K 166 -7.06 32.64 14.49
N MET K 167 -7.65 33.26 15.53
CA MET K 167 -7.06 34.47 16.10
C MET K 167 -5.66 34.20 16.62
N ARG K 168 -5.49 33.13 17.39
CA ARG K 168 -4.17 32.82 17.94
C ARG K 168 -3.18 32.50 16.84
N GLN K 169 -3.61 31.77 15.80
CA GLN K 169 -2.72 31.43 14.71
C GLN K 169 -2.21 32.69 14.00
N VAL K 170 -3.12 33.56 13.59
CA VAL K 170 -2.70 34.76 12.86
C VAL K 170 -1.88 35.68 13.76
N ASN K 171 -2.22 35.75 15.05
CA ASN K 171 -1.47 36.63 15.95
C ASN K 171 -0.06 36.10 16.17
N SER K 172 0.09 34.80 16.39
CA SER K 172 1.42 34.23 16.58
C SER K 172 2.26 34.37 15.31
N GLU K 173 1.63 34.21 14.14
CA GLU K 173 2.39 34.31 12.90
C GLU K 173 2.84 35.75 12.65
N VAL K 174 1.97 36.74 12.90
CA VAL K 174 2.40 38.12 12.70
C VAL K 174 3.43 38.53 13.74
N SER K 175 3.32 38.00 14.97
CA SER K 175 4.33 38.31 15.98
C SER K 175 5.68 37.70 15.60
N ARG K 176 5.66 36.50 15.03
CA ARG K 176 6.89 35.91 14.49
C ARG K 176 7.47 36.77 13.39
N LEU K 177 6.61 37.26 12.48
CA LEU K 177 7.11 38.03 11.34
C LEU K 177 7.68 39.37 11.78
N THR K 178 7.14 39.98 12.84
CA THR K 178 7.64 41.27 13.29
C THR K 178 9.09 41.21 13.76
N VAL K 179 9.61 40.02 14.09
CA VAL K 179 10.96 39.89 14.64
C VAL K 179 11.74 38.89 13.80
N MET K 180 11.23 38.59 12.61
CA MET K 180 11.87 37.61 11.74
C MET K 180 13.00 38.26 10.95
N ASN K 181 14.06 37.48 10.71
CA ASN K 181 15.22 37.98 9.97
C ASN K 181 14.81 38.42 8.58
N ASP K 182 15.42 39.51 8.11
CA ASP K 182 15.12 40.03 6.78
C ASP K 182 15.51 39.04 5.69
N ASP K 183 16.51 38.19 5.95
CA ASP K 183 16.95 37.22 4.96
C ASP K 183 15.94 36.11 4.75
N GLU K 184 15.12 35.83 5.76
CA GLU K 184 14.25 34.66 5.76
C GLU K 184 12.81 34.98 5.37
N ILE K 185 12.48 36.25 5.12
CA ILE K 185 11.09 36.62 4.90
C ILE K 185 10.59 36.08 3.58
N MET K 186 11.40 36.17 2.52
CA MET K 186 10.95 35.81 1.18
C MET K 186 10.43 34.39 1.12
N THR K 187 11.28 33.42 1.49
CA THR K 187 10.84 32.03 1.50
C THR K 187 9.69 31.83 2.47
N PHE K 188 9.65 32.60 3.56
CA PHE K 188 8.49 32.56 4.44
C PHE K 188 7.22 32.87 3.68
N ALA K 189 7.24 33.94 2.87
CA ALA K 189 6.10 34.25 2.02
C ALA K 189 5.83 33.11 1.04
N LYS K 190 6.89 32.41 0.60
CA LYS K 190 6.70 31.26 -0.26
C LYS K 190 6.09 30.09 0.50
N ASP K 191 6.40 29.97 1.80
CA ASP K 191 5.93 28.82 2.57
C ASP K 191 4.46 28.94 2.93
N ILE K 192 4.02 30.13 3.37
CA ILE K 192 2.62 30.34 3.72
C ILE K 192 1.78 30.83 2.55
N GLY K 193 2.37 30.97 1.37
CA GLY K 193 1.64 31.44 0.21
C GLY K 193 1.06 32.82 0.36
N ALA K 194 1.92 33.81 0.61
CA ALA K 194 1.49 35.17 0.87
C ALA K 194 2.30 36.14 0.03
N PRO K 195 1.72 37.29 -0.33
CA PRO K 195 2.50 38.31 -1.04
C PRO K 195 3.65 38.82 -0.19
N TYR K 196 4.83 38.91 -0.82
CA TYR K 196 6.06 39.19 -0.09
C TYR K 196 6.13 40.65 0.39
N GLU K 197 5.71 41.58 -0.46
CA GLU K 197 5.72 42.99 -0.07
C GLU K 197 4.80 43.24 1.12
N ILE K 198 3.68 42.51 1.20
CA ILE K 198 2.78 42.67 2.34
C ILE K 198 3.45 42.21 3.63
N LEU K 199 4.22 41.12 3.56
CA LEU K 199 4.95 40.67 4.75
C LEU K 199 6.02 41.67 5.15
N LYS K 200 6.71 42.26 4.17
CA LYS K 200 7.68 43.31 4.49
C LYS K 200 7.00 44.51 5.15
N GLN K 201 5.83 44.89 4.64
CA GLN K 201 5.10 46.00 5.25
C GLN K 201 4.63 45.65 6.67
N ILE K 202 4.26 44.39 6.89
CA ILE K 202 3.89 43.95 8.24
C ILE K 202 5.05 44.12 9.19
N LYS K 203 6.23 43.65 8.78
CA LYS K 203 7.39 43.77 9.67
C LYS K 203 7.79 45.24 9.86
N ASP K 204 7.64 46.07 8.83
CA ASP K 204 8.02 47.47 8.95
C ASP K 204 7.09 48.22 9.91
N ASN K 205 5.77 48.05 9.73
CA ASN K 205 4.81 48.71 10.62
C ASN K 205 4.82 48.13 12.02
N GLY K 206 5.28 46.88 12.18
CA GLY K 206 5.29 46.24 13.47
C GLY K 206 3.97 45.62 13.91
N ARG K 207 2.88 45.91 13.21
CA ARG K 207 1.58 45.33 13.50
C ARG K 207 0.92 44.93 12.19
N LEU K 208 -0.22 44.27 12.30
CA LEU K 208 -0.99 43.92 11.12
C LEU K 208 -1.50 45.19 10.44
N PRO K 209 -1.30 45.35 9.13
CA PRO K 209 -1.63 46.63 8.48
C PRO K 209 -3.11 46.97 8.47
N VAL K 210 -3.98 46.09 8.97
CA VAL K 210 -5.42 46.31 8.96
C VAL K 210 -6.01 45.71 10.23
N VAL K 211 -7.26 46.06 10.51
CA VAL K 211 -7.92 45.64 11.74
C VAL K 211 -8.46 44.22 11.57
N ASN K 212 -8.22 43.39 12.58
CA ASN K 212 -8.68 42.01 12.60
C ASN K 212 -9.69 41.84 13.73
N PHE K 213 -10.92 41.49 13.39
CA PHE K 213 -11.97 41.25 14.37
C PHE K 213 -12.13 39.76 14.62
N ALA K 214 -12.91 39.44 15.66
CA ALA K 214 -13.31 38.08 15.95
C ALA K 214 -14.71 37.83 15.39
N ALA K 215 -14.95 36.60 14.94
CA ALA K 215 -16.20 36.28 14.29
C ALA K 215 -16.42 34.77 14.32
N GLY K 216 -17.62 34.36 14.71
CA GLY K 216 -17.97 32.95 14.66
C GLY K 216 -18.72 32.45 15.88
N GLY K 217 -18.01 31.79 16.78
CA GLY K 217 -18.60 31.15 17.94
C GLY K 217 -18.97 32.05 19.10
N VAL K 218 -18.93 33.37 18.91
CA VAL K 218 -19.26 34.28 20.00
C VAL K 218 -20.75 34.13 20.32
N ALA K 219 -21.05 33.78 21.57
CA ALA K 219 -22.43 33.56 22.00
C ALA K 219 -22.73 34.02 23.42
N THR K 220 -21.73 34.25 24.26
CA THR K 220 -21.91 34.70 25.63
C THR K 220 -21.01 35.91 25.86
N PRO K 221 -21.29 36.69 26.92
CA PRO K 221 -20.35 37.78 27.25
C PRO K 221 -18.96 37.29 27.63
N GLN K 222 -18.84 36.10 28.21
CA GLN K 222 -17.54 35.58 28.60
C GLN K 222 -16.62 35.43 27.40
N ASP K 223 -17.03 34.62 26.42
CA ASP K 223 -16.20 34.43 25.24
C ASP K 223 -16.29 35.60 24.26
N ALA K 224 -17.06 36.64 24.58
CA ALA K 224 -16.97 37.89 23.85
C ALA K 224 -15.85 38.76 24.41
N ALA K 225 -15.70 38.78 25.74
CA ALA K 225 -14.55 39.46 26.35
C ALA K 225 -13.26 38.68 26.14
N LEU K 226 -13.36 37.36 26.02
CA LEU K 226 -12.17 36.55 25.77
C LEU K 226 -11.51 36.91 24.43
N MET K 227 -12.32 37.27 23.43
CA MET K 227 -11.77 37.65 22.14
C MET K 227 -10.92 38.91 22.26
N MET K 228 -11.42 39.90 23.01
CA MET K 228 -10.64 41.13 23.22
C MET K 228 -9.42 40.85 24.08
N GLU K 229 -9.55 39.94 25.06
CA GLU K 229 -8.40 39.54 25.86
C GLU K 229 -7.32 38.88 25.01
N LEU K 230 -7.73 38.18 23.95
CA LEU K 230 -6.79 37.44 23.11
C LEU K 230 -6.06 38.33 22.12
N GLY K 231 -6.53 39.56 21.89
CA GLY K 231 -5.89 40.46 20.96
C GLY K 231 -6.80 40.95 19.84
N ALA K 232 -8.04 40.49 19.77
CA ALA K 232 -8.95 40.96 18.74
C ALA K 232 -9.32 42.43 18.98
N ASP K 233 -9.63 43.13 17.89
CA ASP K 233 -10.01 44.53 17.96
C ASP K 233 -11.52 44.73 18.06
N GLY K 234 -12.31 43.68 17.89
CA GLY K 234 -13.75 43.80 17.93
C GLY K 234 -14.39 42.44 17.75
N VAL K 235 -15.73 42.43 17.81
CA VAL K 235 -16.50 41.19 17.81
C VAL K 235 -17.58 41.28 16.75
N PHE K 236 -17.63 40.28 15.87
CA PHE K 236 -18.74 40.07 14.96
C PHE K 236 -19.68 39.04 15.60
N VAL K 237 -20.92 39.46 15.88
CA VAL K 237 -21.89 38.61 16.55
C VAL K 237 -23.00 38.25 15.55
N GLY K 238 -23.39 36.98 15.56
CA GLY K 238 -24.42 36.49 14.66
C GLY K 238 -25.82 36.68 15.22
N SER K 239 -26.73 35.83 14.76
CA SER K 239 -28.15 36.00 15.05
C SER K 239 -28.56 35.44 16.41
N GLY K 240 -27.64 34.80 17.12
CA GLY K 240 -27.94 34.25 18.43
C GLY K 240 -28.52 35.25 19.40
N ILE K 241 -28.22 36.54 19.17
CA ILE K 241 -28.77 37.59 20.02
C ILE K 241 -30.30 37.53 20.00
N PHE K 242 -30.88 37.36 18.82
CA PHE K 242 -32.32 37.28 18.68
C PHE K 242 -32.83 35.85 18.75
N LYS K 243 -32.06 34.97 19.38
CA LYS K 243 -32.51 33.62 19.71
C LYS K 243 -32.69 33.44 21.21
N SER K 244 -32.45 34.48 21.99
CA SER K 244 -32.57 34.44 23.44
C SER K 244 -33.96 34.91 23.85
N GLU K 245 -34.22 34.89 25.15
CA GLU K 245 -35.51 35.36 25.66
C GLU K 245 -35.62 36.88 25.59
N ASP K 246 -34.50 37.59 25.76
CA ASP K 246 -34.49 39.05 25.72
C ASP K 246 -33.31 39.49 24.88
N PRO K 247 -33.51 39.70 23.58
CA PRO K 247 -32.40 40.13 22.72
C PRO K 247 -31.82 41.48 23.09
N GLU K 248 -32.64 42.39 23.63
CA GLU K 248 -32.16 43.72 24.00
C GLU K 248 -31.09 43.63 25.08
N LYS K 249 -31.42 42.99 26.21
CA LYS K 249 -30.46 42.83 27.28
C LYS K 249 -29.25 42.02 26.85
N PHE K 250 -29.46 41.04 25.97
CA PHE K 250 -28.34 40.23 25.48
C PHE K 250 -27.36 41.08 24.70
N ALA K 251 -27.86 41.87 23.75
CA ALA K 251 -26.99 42.74 22.97
C ALA K 251 -26.31 43.78 23.84
N LYS K 252 -27.04 44.34 24.81
CA LYS K 252 -26.44 45.30 25.72
C LYS K 252 -25.30 44.67 26.51
N ALA K 253 -25.51 43.45 27.02
CA ALA K 253 -24.46 42.77 27.77
C ALA K 253 -23.27 42.44 26.89
N ILE K 254 -23.51 42.08 25.63
CA ILE K 254 -22.41 41.83 24.70
C ILE K 254 -21.59 43.10 24.48
N VAL K 255 -22.27 44.23 24.31
CA VAL K 255 -21.56 45.50 24.15
C VAL K 255 -20.72 45.81 25.38
N GLN K 256 -21.33 45.68 26.57
CA GLN K 256 -20.62 45.97 27.81
C GLN K 256 -19.39 45.07 27.97
N ALA K 257 -19.55 43.77 27.71
CA ALA K 257 -18.43 42.84 27.87
C ALA K 257 -17.36 43.07 26.80
N THR K 258 -17.75 43.58 25.63
CA THR K 258 -16.76 43.87 24.60
C THR K 258 -15.95 45.11 24.95
N THR K 259 -16.60 46.13 25.53
CA THR K 259 -15.89 47.36 25.83
C THR K 259 -15.08 47.26 27.11
N HIS K 260 -15.63 46.60 28.13
CA HIS K 260 -14.92 46.38 29.39
C HIS K 260 -14.63 44.89 29.54
N TYR K 261 -13.71 44.39 28.71
CA TYR K 261 -13.39 42.97 28.66
C TYR K 261 -12.52 42.51 29.83
N GLN K 262 -12.24 43.38 30.80
CA GLN K 262 -11.45 43.01 31.96
C GLN K 262 -12.12 43.34 33.27
N ASP K 263 -13.35 43.85 33.26
CA ASP K 263 -14.15 44.05 34.47
C ASP K 263 -14.91 42.75 34.73
N TYR K 264 -14.28 41.85 35.49
CA TYR K 264 -14.79 40.48 35.59
C TYR K 264 -16.04 40.40 36.47
N GLU K 265 -16.16 41.26 37.48
CA GLU K 265 -17.39 41.28 38.27
C GLU K 265 -18.55 41.80 37.43
N LEU K 266 -18.29 42.79 36.58
CA LEU K 266 -19.30 43.29 35.64
C LEU K 266 -19.75 42.18 34.69
N ILE K 267 -18.79 41.44 34.14
CA ILE K 267 -19.12 40.33 33.24
C ILE K 267 -19.92 39.27 33.98
N GLY K 268 -19.57 39.01 35.23
CA GLY K 268 -20.32 38.05 36.02
C GLY K 268 -21.76 38.48 36.24
N ARG K 269 -21.97 39.76 36.56
CA ARG K 269 -23.32 40.26 36.73
C ARG K 269 -24.12 40.15 35.42
N LEU K 270 -23.49 40.54 34.31
CA LEU K 270 -24.18 40.46 33.02
C LEU K 270 -24.54 39.02 32.67
N ALA K 271 -23.66 38.08 32.99
CA ALA K 271 -23.95 36.68 32.74
C ALA K 271 -25.07 36.17 33.64
N SER K 272 -25.09 36.65 34.90
CA SER K 272 -26.18 36.27 35.81
C SER K 272 -27.52 36.78 35.29
N GLU K 273 -27.54 37.98 34.71
CA GLU K 273 -28.78 38.51 34.16
C GLU K 273 -29.31 37.62 33.04
N LEU K 274 -28.45 37.28 32.07
CA LEU K 274 -28.85 36.43 30.96
C LEU K 274 -29.08 35.00 31.44
N GLY K 275 -29.86 34.25 30.66
CA GLY K 275 -30.17 32.88 31.03
C GLY K 275 -30.85 32.06 29.95
N THR K 276 -30.26 32.00 28.76
CA THR K 276 -30.79 31.23 27.66
C THR K 276 -29.66 30.48 26.97
N ALA K 277 -30.00 29.76 25.90
CA ALA K 277 -29.02 28.98 25.14
C ALA K 277 -28.44 29.82 24.01
N SER L 4 26.02 -32.66 55.19
CA SER L 4 26.53 -33.63 54.21
C SER L 4 27.34 -32.92 53.13
N LYS L 5 26.86 -32.97 51.89
CA LYS L 5 27.55 -32.36 50.76
C LYS L 5 26.49 -31.87 49.76
N ILE L 6 25.88 -30.73 50.08
CA ILE L 6 24.88 -30.12 49.22
C ILE L 6 25.57 -29.50 48.01
N ILE L 7 25.94 -30.32 47.05
CA ILE L 7 26.65 -29.87 45.86
C ILE L 7 25.63 -29.58 44.76
N GLY L 8 25.81 -28.45 44.08
CA GLY L 8 24.93 -28.07 42.99
C GLY L 8 23.78 -27.15 43.37
N SER L 9 23.68 -26.76 44.64
CA SER L 9 22.63 -25.84 45.05
C SER L 9 22.79 -24.51 44.33
N ASP L 10 21.65 -23.89 43.97
CA ASP L 10 21.67 -22.65 43.23
C ASP L 10 22.49 -21.58 43.93
N ARG L 11 22.48 -21.56 45.26
CA ARG L 11 23.25 -20.56 45.99
C ARG L 11 24.74 -20.71 45.71
N VAL L 12 25.24 -21.93 45.58
CA VAL L 12 26.65 -22.13 45.27
C VAL L 12 26.94 -21.68 43.84
N LYS L 13 26.09 -22.09 42.89
CA LYS L 13 26.24 -21.68 41.50
C LYS L 13 26.38 -20.17 41.38
N ARG L 14 25.43 -19.42 41.95
CA ARG L 14 25.47 -17.98 41.80
C ARG L 14 26.43 -17.29 42.76
N GLY L 15 26.87 -17.97 43.84
CA GLY L 15 27.88 -17.40 44.69
C GLY L 15 29.27 -17.45 44.07
N MET L 16 29.54 -18.50 43.29
CA MET L 16 30.79 -18.55 42.53
C MET L 16 31.00 -17.27 41.73
N ALA L 17 29.93 -16.65 41.24
CA ALA L 17 30.01 -15.39 40.52
C ALA L 17 29.77 -14.18 41.42
N GLU L 18 29.04 -14.34 42.52
CA GLU L 18 28.77 -13.21 43.41
C GLU L 18 30.02 -12.80 44.16
N MET L 19 30.88 -13.76 44.51
CA MET L 19 32.19 -13.43 45.05
C MET L 19 33.24 -13.28 43.94
N GLN L 20 32.78 -12.99 42.73
CA GLN L 20 33.65 -12.63 41.61
C GLN L 20 33.53 -11.17 41.22
N LYS L 21 32.52 -10.45 41.73
CA LYS L 21 32.29 -9.08 41.31
C LYS L 21 33.38 -8.16 41.85
N GLY L 22 33.57 -7.05 41.15
CA GLY L 22 34.65 -6.12 41.45
C GLY L 22 35.90 -6.35 40.64
N GLY L 23 35.98 -7.46 39.90
CA GLY L 23 37.13 -7.78 39.08
C GLY L 23 36.74 -7.93 37.61
N VAL L 24 37.76 -8.14 36.79
CA VAL L 24 37.60 -8.22 35.35
C VAL L 24 38.01 -9.61 34.89
N ILE L 25 37.21 -10.21 34.02
CA ILE L 25 37.53 -11.48 33.37
C ILE L 25 37.89 -11.17 31.93
N MET L 26 39.15 -11.40 31.57
CA MET L 26 39.62 -11.20 30.21
C MET L 26 39.78 -12.54 29.51
N ASP L 27 39.42 -12.59 28.24
CA ASP L 27 39.52 -13.87 27.55
C ASP L 27 40.97 -14.16 27.17
N VAL L 28 41.22 -15.42 26.79
CA VAL L 28 42.58 -15.91 26.62
C VAL L 28 42.57 -17.00 25.55
N VAL L 29 43.66 -17.07 24.78
CA VAL L 29 43.80 -18.05 23.71
C VAL L 29 44.76 -19.16 24.09
N ASN L 30 45.89 -18.82 24.70
CA ASN L 30 46.94 -19.79 25.01
C ASN L 30 47.45 -19.58 26.44
N ALA L 31 48.32 -20.49 26.87
CA ALA L 31 48.75 -20.52 28.27
C ALA L 31 49.49 -19.25 28.66
N GLU L 32 50.32 -18.71 27.77
CA GLU L 32 51.12 -17.56 28.18
C GLU L 32 50.27 -16.32 28.35
N GLN L 33 49.20 -16.19 27.55
CA GLN L 33 48.26 -15.10 27.76
C GLN L 33 47.52 -15.28 29.07
N ALA L 34 47.25 -16.52 29.45
CA ALA L 34 46.65 -16.77 30.76
C ALA L 34 47.63 -16.42 31.88
N ARG L 35 48.93 -16.63 31.66
CA ARG L 35 49.93 -16.18 32.62
C ARG L 35 49.85 -14.67 32.80
N ILE L 36 49.80 -13.94 31.69
CA ILE L 36 49.70 -12.47 31.77
C ILE L 36 48.41 -12.08 32.49
N ALA L 37 47.29 -12.72 32.14
CA ALA L 37 46.01 -12.40 32.75
C ALA L 37 46.03 -12.63 34.25
N GLU L 38 46.59 -13.76 34.70
CA GLU L 38 46.65 -14.04 36.13
C GLU L 38 47.54 -13.03 36.84
N GLU L 39 48.75 -12.80 36.33
CA GLU L 39 49.67 -11.88 36.97
C GLU L 39 49.30 -10.41 36.75
N ALA L 40 48.19 -10.14 36.07
CA ALA L 40 47.72 -8.76 35.91
C ALA L 40 46.56 -8.42 36.83
N GLY L 41 46.01 -9.41 37.55
CA GLY L 41 44.91 -9.17 38.46
C GLY L 41 43.53 -9.60 37.97
N ALA L 42 43.47 -10.44 36.94
CA ALA L 42 42.18 -10.93 36.48
C ALA L 42 41.58 -11.91 37.49
N VAL L 43 40.27 -11.84 37.65
CA VAL L 43 39.58 -12.76 38.56
C VAL L 43 39.27 -14.11 37.91
N ALA L 44 39.35 -14.19 36.59
CA ALA L 44 39.12 -15.43 35.85
C ALA L 44 39.51 -15.18 34.40
N VAL L 45 39.67 -16.27 33.65
CA VAL L 45 40.03 -16.21 32.24
C VAL L 45 38.98 -16.93 31.42
N MET L 46 38.78 -16.45 30.20
CA MET L 46 37.81 -17.03 29.27
C MET L 46 38.59 -17.76 28.17
N ALA L 47 38.66 -19.09 28.28
CA ALA L 47 39.40 -19.90 27.32
C ALA L 47 38.61 -20.02 26.02
N LEU L 48 39.21 -19.58 24.92
CA LEU L 48 38.60 -19.72 23.61
C LEU L 48 39.71 -19.93 22.58
N GLU L 49 39.32 -20.46 21.42
CA GLU L 49 40.28 -20.79 20.38
C GLU L 49 40.47 -19.65 19.39
N ARG L 50 39.39 -19.04 18.93
CA ARG L 50 39.46 -17.93 17.98
C ARG L 50 38.58 -16.78 18.43
N ALA L 58 31.98 -13.71 11.25
CA ALA L 58 31.79 -13.25 9.87
C ALA L 58 32.77 -13.93 8.94
N GLY L 59 33.28 -15.08 9.35
CA GLY L 59 34.22 -15.82 8.53
C GLY L 59 33.87 -17.30 8.42
N GLY L 60 32.96 -17.77 9.27
CA GLY L 60 32.54 -19.14 9.25
C GLY L 60 31.56 -19.49 10.36
N VAL L 61 31.69 -20.69 10.92
CA VAL L 61 30.85 -21.15 12.01
C VAL L 61 31.73 -21.43 13.21
N ALA L 62 31.44 -20.78 14.34
CA ALA L 62 32.25 -20.91 15.55
C ALA L 62 31.73 -22.05 16.41
N ARG L 63 32.66 -22.86 16.92
CA ARG L 63 32.29 -24.00 17.75
C ARG L 63 32.91 -23.85 19.14
N MET L 64 32.94 -24.95 19.88
CA MET L 64 33.67 -24.99 21.14
C MET L 64 35.18 -24.97 20.87
N ALA L 65 35.92 -24.30 21.74
CA ALA L 65 37.37 -24.36 21.68
C ALA L 65 37.85 -25.76 22.06
N ASN L 66 38.70 -26.35 21.21
CA ASN L 66 39.24 -27.70 21.36
C ASN L 66 39.63 -27.98 22.80
N PRO L 67 39.19 -29.11 23.38
CA PRO L 67 39.54 -29.43 24.77
C PRO L 67 41.03 -29.36 25.06
N LYS L 68 41.88 -29.58 24.06
CA LYS L 68 43.33 -29.47 24.28
C LYS L 68 43.72 -28.06 24.68
N ILE L 69 43.20 -27.05 23.98
CA ILE L 69 43.56 -25.68 24.30
C ILE L 69 42.94 -25.24 25.62
N VAL L 70 41.75 -25.77 25.96
CA VAL L 70 41.13 -25.44 27.23
C VAL L 70 41.93 -26.05 28.38
N GLU L 71 42.44 -27.28 28.20
CA GLU L 71 43.28 -27.88 29.22
C GLU L 71 44.62 -27.16 29.33
N GLU L 72 45.16 -26.70 28.20
CA GLU L 72 46.39 -25.91 28.23
C GLU L 72 46.21 -24.63 29.03
N VAL L 73 45.06 -23.96 28.85
CA VAL L 73 44.79 -22.76 29.63
C VAL L 73 44.52 -23.12 31.09
N MET L 74 43.89 -24.26 31.34
CA MET L 74 43.53 -24.66 32.70
C MET L 74 44.78 -24.94 33.54
N ASN L 75 45.73 -25.69 32.98
CA ASN L 75 46.91 -26.09 33.72
C ASN L 75 47.89 -24.95 33.96
N ALA L 76 47.67 -23.79 33.34
CA ALA L 76 48.62 -22.69 33.43
C ALA L 76 48.28 -21.68 34.54
N VAL L 77 47.04 -21.68 35.05
CA VAL L 77 46.61 -20.68 36.02
C VAL L 77 45.89 -21.38 37.17
N SER L 78 45.86 -20.68 38.30
CA SER L 78 45.12 -21.13 39.48
C SER L 78 43.80 -20.40 39.65
N ILE L 79 43.56 -19.34 38.90
CA ILE L 79 42.30 -18.60 38.93
C ILE L 79 41.28 -19.40 38.10
N PRO L 80 39.98 -19.21 38.30
CA PRO L 80 39.01 -20.02 37.55
C PRO L 80 39.07 -19.73 36.06
N VAL L 81 38.88 -20.78 35.27
CA VAL L 81 38.85 -20.68 33.82
C VAL L 81 37.47 -21.06 33.34
N MET L 82 36.92 -20.27 32.42
CA MET L 82 35.59 -20.51 31.87
C MET L 82 35.68 -20.61 30.35
N ALA L 83 34.87 -21.50 29.79
CA ALA L 83 34.88 -21.76 28.34
C ALA L 83 33.51 -21.48 27.77
N LYS L 84 33.47 -21.28 26.45
CA LYS L 84 32.26 -20.90 25.75
C LYS L 84 31.65 -22.13 25.06
N ALA L 85 30.33 -22.23 25.15
CA ALA L 85 29.59 -23.29 24.48
C ALA L 85 28.52 -22.68 23.58
N ARG L 86 28.17 -23.41 22.53
CA ARG L 86 27.18 -22.92 21.58
C ARG L 86 25.80 -22.89 22.21
N ILE L 87 24.96 -21.99 21.70
CA ILE L 87 23.62 -21.82 22.25
C ILE L 87 22.82 -23.10 22.07
N GLY L 88 22.28 -23.62 23.17
CA GLY L 88 21.47 -24.82 23.13
C GLY L 88 22.23 -26.09 22.82
N HIS L 89 23.55 -26.07 22.79
CA HIS L 89 24.35 -27.25 22.50
C HIS L 89 24.51 -28.04 23.79
N ILE L 90 23.75 -29.13 23.91
CA ILE L 90 23.73 -29.90 25.15
C ILE L 90 25.06 -30.60 25.38
N THR L 91 25.51 -31.40 24.40
CA THR L 91 26.72 -32.18 24.59
C THR L 91 27.96 -31.31 24.68
N GLU L 92 27.95 -30.13 24.06
CA GLU L 92 29.09 -29.23 24.19
C GLU L 92 29.24 -28.75 25.64
N ALA L 93 28.14 -28.27 26.22
CA ALA L 93 28.17 -27.86 27.62
C ALA L 93 28.49 -29.03 28.54
N ARG L 94 28.01 -30.24 28.19
CA ARG L 94 28.30 -31.41 29.00
C ARG L 94 29.79 -31.75 28.96
N VAL L 95 30.41 -31.63 27.78
CA VAL L 95 31.85 -31.89 27.66
C VAL L 95 32.64 -30.85 28.43
N LEU L 96 32.25 -29.58 28.34
CA LEU L 96 32.91 -28.54 29.13
C LEU L 96 32.74 -28.79 30.62
N GLU L 97 31.59 -29.33 31.03
CA GLU L 97 31.38 -29.67 32.44
C GLU L 97 32.27 -30.83 32.87
N ALA L 98 32.44 -31.82 31.99
CA ALA L 98 33.27 -32.98 32.32
C ALA L 98 34.73 -32.60 32.55
N MET L 99 35.21 -31.57 31.87
CA MET L 99 36.59 -31.12 32.04
C MET L 99 36.79 -30.32 33.32
N GLY L 100 35.73 -30.05 34.07
CA GLY L 100 35.85 -29.29 35.30
C GLY L 100 35.84 -27.78 35.14
N VAL L 101 35.47 -27.28 33.95
CA VAL L 101 35.46 -25.84 33.71
C VAL L 101 34.54 -25.17 34.74
N ASP L 102 35.02 -24.06 35.31
CA ASP L 102 34.31 -23.41 36.41
C ASP L 102 33.02 -22.75 35.93
N TYR L 103 32.99 -22.26 34.69
CA TYR L 103 31.80 -21.60 34.16
C TYR L 103 31.69 -21.88 32.67
N ILE L 104 30.47 -22.11 32.20
CA ILE L 104 30.18 -22.22 30.78
C ILE L 104 29.40 -20.99 30.36
N ASP L 105 29.85 -20.34 29.30
CA ASP L 105 29.18 -19.17 28.74
C ASP L 105 28.31 -19.64 27.59
N GLU L 106 27.00 -19.69 27.81
CA GLU L 106 26.08 -19.98 26.71
C GLU L 106 26.09 -18.75 25.81
N SER L 107 27.11 -18.70 24.96
CA SER L 107 27.50 -17.47 24.29
C SER L 107 26.82 -17.33 22.93
N GLU L 108 26.19 -16.19 22.71
CA GLU L 108 25.66 -15.84 21.40
C GLU L 108 26.74 -15.41 20.42
N VAL L 109 27.97 -15.21 20.89
CA VAL L 109 29.08 -14.89 20.00
C VAL L 109 29.38 -16.05 19.08
N LEU L 110 29.50 -17.26 19.65
CA LEU L 110 29.59 -18.46 18.84
C LEU L 110 28.29 -18.67 18.07
N THR L 111 28.41 -19.34 16.93
CA THR L 111 27.22 -19.69 16.16
C THR L 111 26.31 -20.56 17.01
N PRO L 112 25.03 -20.21 17.14
CA PRO L 112 24.14 -21.03 17.96
C PRO L 112 24.02 -22.44 17.42
N ALA L 113 23.48 -23.32 18.26
CA ALA L 113 23.11 -24.67 17.85
C ALA L 113 21.61 -24.90 17.85
N ASP L 114 20.86 -24.10 18.61
CA ASP L 114 19.41 -24.20 18.66
C ASP L 114 18.86 -22.78 18.60
N GLU L 115 18.49 -22.33 17.40
CA GLU L 115 18.01 -20.96 17.22
C GLU L 115 16.68 -20.70 17.91
N GLU L 116 16.04 -21.72 18.47
CA GLU L 116 14.75 -21.57 19.13
C GLU L 116 14.83 -21.75 20.64
N TYR L 117 15.53 -22.78 21.12
CA TYR L 117 15.50 -23.15 22.53
C TYR L 117 16.90 -23.07 23.11
N HIS L 118 17.03 -22.40 24.26
CA HIS L 118 18.30 -22.31 24.95
C HIS L 118 18.59 -23.60 25.73
N LEU L 119 19.73 -23.63 26.40
CA LEU L 119 20.12 -24.80 27.16
C LEU L 119 19.24 -24.98 28.39
N ARG L 120 19.17 -26.22 28.87
CA ARG L 120 18.44 -26.56 30.08
C ARG L 120 19.43 -26.51 31.27
N LYS L 121 19.75 -25.27 31.65
CA LYS L 121 20.89 -25.01 32.52
C LYS L 121 20.72 -25.57 33.93
N ASP L 122 19.48 -25.76 34.39
CA ASP L 122 19.28 -26.28 35.74
C ASP L 122 19.53 -27.78 35.85
N GLN L 123 19.73 -28.47 34.73
CA GLN L 123 20.13 -29.88 34.77
C GLN L 123 21.61 -30.04 35.08
N PHE L 124 22.43 -29.03 34.80
CA PHE L 124 23.86 -29.13 35.02
C PHE L 124 24.21 -28.81 36.47
N THR L 125 25.37 -29.30 36.89
CA THR L 125 25.93 -28.96 38.19
C THR L 125 26.99 -27.87 38.10
N VAL L 126 27.31 -27.41 36.90
CA VAL L 126 28.25 -26.31 36.68
C VAL L 126 27.44 -25.05 36.42
N PRO L 127 27.78 -23.92 37.04
CA PRO L 127 27.02 -22.69 36.79
C PRO L 127 27.25 -22.16 35.38
N PHE L 128 26.25 -21.46 34.87
CA PHE L 128 26.26 -20.92 33.52
C PHE L 128 26.21 -19.39 33.57
N VAL L 129 26.74 -18.77 32.52
CA VAL L 129 26.62 -17.33 32.31
C VAL L 129 26.07 -17.10 30.91
N CYS L 130 25.09 -16.20 30.81
CA CYS L 130 24.39 -15.94 29.56
C CYS L 130 24.34 -14.44 29.30
N GLY L 131 24.11 -14.10 28.03
CA GLY L 131 23.98 -12.71 27.64
C GLY L 131 22.54 -12.24 27.65
N CYS L 132 22.35 -10.94 27.90
CA CYS L 132 21.02 -10.36 27.99
C CYS L 132 21.08 -8.91 27.52
N ARG L 133 19.95 -8.42 27.05
CA ARG L 133 19.82 -7.03 26.61
C ARG L 133 18.70 -6.28 27.33
N ASN L 134 17.84 -6.96 28.06
CA ASN L 134 16.77 -6.34 28.81
C ASN L 134 16.36 -7.28 29.94
N LEU L 135 15.39 -6.83 30.75
CA LEU L 135 14.94 -7.67 31.87
C LEU L 135 14.25 -8.94 31.37
N GLY L 136 13.63 -8.88 30.18
CA GLY L 136 13.00 -10.05 29.62
C GLY L 136 13.97 -11.19 29.37
N GLU L 137 15.02 -10.90 28.59
CA GLU L 137 16.02 -11.93 28.31
C GLU L 137 16.73 -12.39 29.58
N ALA L 138 17.00 -11.46 30.49
CA ALA L 138 17.68 -11.82 31.73
C ALA L 138 16.82 -12.77 32.57
N ALA L 139 15.53 -12.45 32.72
CA ALA L 139 14.64 -13.31 33.49
C ALA L 139 14.44 -14.65 32.80
N ARG L 140 14.40 -14.66 31.47
CA ARG L 140 14.27 -15.94 30.76
C ARG L 140 15.50 -16.82 30.97
N ARG L 141 16.70 -16.22 30.91
CA ARG L 141 17.92 -16.97 31.15
C ARG L 141 17.95 -17.50 32.59
N ILE L 142 17.55 -16.67 33.56
CA ILE L 142 17.51 -17.12 34.95
C ILE L 142 16.53 -18.29 35.10
N GLY L 143 15.36 -18.19 34.45
CA GLY L 143 14.40 -19.27 34.52
C GLY L 143 14.92 -20.57 33.91
N GLU L 144 15.66 -20.46 32.81
CA GLU L 144 16.29 -21.64 32.22
C GLU L 144 17.40 -22.21 33.08
N GLY L 145 17.83 -21.49 34.12
CA GLY L 145 18.83 -21.99 35.04
C GLY L 145 20.17 -21.27 35.02
N ALA L 146 20.26 -20.11 34.37
CA ALA L 146 21.52 -19.38 34.36
C ALA L 146 21.89 -18.90 35.76
N ALA L 147 23.18 -18.93 36.06
CA ALA L 147 23.70 -18.52 37.36
C ALA L 147 24.57 -17.27 37.27
N MET L 148 24.49 -16.54 36.16
CA MET L 148 25.26 -15.32 35.95
C MET L 148 24.78 -14.67 34.65
N LEU L 149 24.87 -13.35 34.60
CA LEU L 149 24.40 -12.59 33.46
C LEU L 149 25.47 -11.59 33.01
N ARG L 150 25.48 -11.32 31.71
CA ARG L 150 26.35 -10.32 31.12
C ARG L 150 25.59 -9.61 30.01
N THR L 151 26.11 -8.46 29.59
CA THR L 151 25.50 -7.73 28.48
C THR L 151 25.96 -8.33 27.15
N LYS L 152 25.04 -8.38 26.19
CA LYS L 152 25.39 -8.88 24.87
C LYS L 152 26.40 -7.96 24.19
N GLY L 153 26.17 -6.65 24.26
CA GLY L 153 27.06 -5.66 23.69
C GLY L 153 27.30 -5.86 22.21
N GLU L 154 28.46 -5.39 21.75
CA GLU L 154 28.90 -5.56 20.37
C GLU L 154 30.31 -6.11 20.41
N PRO L 155 30.46 -7.43 20.52
CA PRO L 155 31.81 -8.01 20.64
C PRO L 155 32.64 -7.81 19.38
N GLY L 156 33.92 -7.56 19.57
CA GLY L 156 34.84 -7.38 18.48
C GLY L 156 34.78 -6.04 17.79
N THR L 157 34.13 -5.05 18.39
CA THR L 157 34.04 -3.71 17.82
C THR L 157 34.70 -2.63 18.64
N GLY L 158 34.93 -2.86 19.94
CA GLY L 158 35.43 -1.82 20.81
C GLY L 158 34.50 -0.65 21.02
N ASN L 159 33.23 -0.79 20.63
CA ASN L 159 32.24 0.28 20.75
C ASN L 159 31.37 0.00 21.95
N ILE L 160 31.44 0.87 22.97
CA ILE L 160 30.75 0.65 24.23
C ILE L 160 29.26 0.97 24.17
N VAL L 161 28.77 1.47 23.03
CA VAL L 161 27.38 1.93 22.96
C VAL L 161 26.40 0.83 23.36
N GLU L 162 26.61 -0.38 22.83
CA GLU L 162 25.62 -1.44 23.06
C GLU L 162 25.67 -1.93 24.50
N ALA L 163 26.86 -2.02 25.08
CA ALA L 163 26.97 -2.40 26.49
C ALA L 163 26.26 -1.40 27.38
N VAL L 164 26.48 -0.10 27.13
CA VAL L 164 25.80 0.94 27.89
C VAL L 164 24.29 0.80 27.74
N ARG L 165 23.83 0.62 26.50
CA ARG L 165 22.39 0.53 26.24
C ARG L 165 21.77 -0.64 27.00
N HIS L 166 22.38 -1.82 26.90
CA HIS L 166 21.82 -3.01 27.54
C HIS L 166 21.86 -2.88 29.06
N MET L 167 22.99 -2.43 29.61
CA MET L 167 23.09 -2.26 31.05
C MET L 167 22.04 -1.28 31.57
N ARG L 168 21.92 -0.12 30.91
CA ARG L 168 20.94 0.87 31.35
C ARG L 168 19.52 0.35 31.21
N GLN L 169 19.23 -0.38 30.14
CA GLN L 169 17.89 -0.93 29.94
C GLN L 169 17.53 -1.89 31.06
N VAL L 170 18.39 -2.87 31.33
CA VAL L 170 18.07 -3.86 32.35
C VAL L 170 18.03 -3.22 33.73
N ASN L 171 18.90 -2.22 33.98
CA ASN L 171 18.90 -1.56 35.27
C ASN L 171 17.63 -0.76 35.49
N SER L 172 17.19 -0.01 34.48
CA SER L 172 15.96 0.75 34.60
C SER L 172 14.76 -0.16 34.77
N GLU L 173 14.75 -1.30 34.06
CA GLU L 173 13.61 -2.21 34.17
C GLU L 173 13.56 -2.87 35.54
N VAL L 174 14.70 -3.29 36.09
CA VAL L 174 14.66 -3.90 37.41
C VAL L 174 14.34 -2.84 38.48
N SER L 175 14.81 -1.60 38.30
CA SER L 175 14.47 -0.56 39.26
C SER L 175 12.98 -0.23 39.22
N ARG L 176 12.39 -0.24 38.01
CA ARG L 176 10.94 -0.10 37.90
C ARG L 176 10.22 -1.23 38.61
N LEU L 177 10.70 -2.46 38.41
CA LEU L 177 10.01 -3.62 39.00
C LEU L 177 10.10 -3.62 40.52
N THR L 178 11.20 -3.10 41.08
CA THR L 178 11.35 -3.09 42.53
C THR L 178 10.29 -2.23 43.23
N VAL L 179 9.65 -1.31 42.51
CA VAL L 179 8.70 -0.39 43.13
C VAL L 179 7.37 -0.46 42.39
N MET L 180 7.19 -1.52 41.60
CA MET L 180 5.98 -1.68 40.82
C MET L 180 4.87 -2.30 41.66
N ASN L 181 3.63 -1.88 41.38
CA ASN L 181 2.47 -2.38 42.10
C ASN L 181 2.36 -3.90 41.93
N ASP L 182 1.96 -4.58 43.00
CA ASP L 182 1.81 -6.03 42.95
C ASP L 182 0.72 -6.45 41.97
N ASP L 183 -0.27 -5.58 41.75
CA ASP L 183 -1.38 -5.93 40.86
C ASP L 183 -0.93 -5.93 39.40
N GLU L 184 0.11 -5.17 39.07
CA GLU L 184 0.51 -4.95 37.68
C GLU L 184 1.65 -5.85 37.23
N ILE L 185 2.22 -6.66 38.11
CA ILE L 185 3.42 -7.41 37.76
C ILE L 185 3.11 -8.49 36.71
N MET L 186 1.99 -9.19 36.87
CA MET L 186 1.69 -10.34 36.02
C MET L 186 1.67 -9.94 34.55
N THR L 187 0.82 -8.97 34.19
CA THR L 187 0.80 -8.52 32.81
C THR L 187 2.14 -7.96 32.37
N PHE L 188 2.88 -7.35 33.31
CA PHE L 188 4.24 -6.92 33.00
C PHE L 188 5.07 -8.10 32.52
N ALA L 189 5.01 -9.22 33.26
CA ALA L 189 5.69 -10.43 32.83
C ALA L 189 5.17 -10.90 31.48
N LYS L 190 3.88 -10.68 31.20
CA LYS L 190 3.34 -11.03 29.89
C LYS L 190 3.86 -10.09 28.82
N ASP L 191 4.11 -8.82 29.17
CA ASP L 191 4.53 -7.85 28.17
C ASP L 191 5.98 -8.04 27.77
N ILE L 192 6.87 -8.26 28.75
CA ILE L 192 8.29 -8.46 28.46
C ILE L 192 8.64 -9.92 28.21
N GLY L 193 7.66 -10.82 28.26
CA GLY L 193 7.91 -12.24 28.04
C GLY L 193 8.87 -12.84 29.04
N ALA L 194 8.52 -12.77 30.32
CA ALA L 194 9.39 -13.23 31.38
C ALA L 194 8.62 -14.12 32.34
N PRO L 195 9.30 -15.07 32.99
CA PRO L 195 8.64 -15.87 34.02
C PRO L 195 8.17 -15.00 35.18
N TYR L 196 6.93 -15.23 35.61
CA TYR L 196 6.28 -14.35 36.58
C TYR L 196 6.87 -14.52 37.98
N GLU L 197 7.14 -15.77 38.39
CA GLU L 197 7.73 -16.00 39.71
C GLU L 197 9.09 -15.35 39.83
N ILE L 198 9.86 -15.31 38.74
CA ILE L 198 11.16 -14.66 38.79
C ILE L 198 11.02 -13.15 39.01
N LEU L 199 10.02 -12.54 38.39
CA LEU L 199 9.77 -11.11 38.62
C LEU L 199 9.33 -10.85 40.05
N LYS L 200 8.48 -11.72 40.60
CA LYS L 200 8.10 -11.59 42.00
C LYS L 200 9.33 -11.71 42.92
N GLN L 201 10.22 -12.66 42.62
CA GLN L 201 11.43 -12.80 43.42
C GLN L 201 12.34 -11.59 43.28
N ILE L 202 12.38 -10.99 42.08
CA ILE L 202 13.15 -9.76 41.88
C ILE L 202 12.62 -8.65 42.78
N LYS L 203 11.30 -8.45 42.77
CA LYS L 203 10.73 -7.39 43.61
C LYS L 203 10.91 -7.69 45.08
N ASP L 204 10.84 -8.97 45.47
CA ASP L 204 11.00 -9.32 46.88
C ASP L 204 12.43 -9.07 47.35
N ASN L 205 13.42 -9.54 46.59
CA ASN L 205 14.81 -9.33 46.98
C ASN L 205 15.24 -7.88 46.82
N GLY L 206 14.55 -7.10 45.97
CA GLY L 206 14.89 -5.72 45.74
C GLY L 206 16.03 -5.49 44.77
N ARG L 207 16.75 -6.54 44.37
CA ARG L 207 17.81 -6.43 43.38
C ARG L 207 17.71 -7.60 42.42
N LEU L 208 18.54 -7.57 41.39
CA LEU L 208 18.58 -8.69 40.45
C LEU L 208 19.09 -9.93 41.18
N PRO L 209 18.40 -11.07 41.07
CA PRO L 209 18.76 -12.25 41.86
C PRO L 209 20.12 -12.83 41.54
N VAL L 210 20.83 -12.29 40.54
CA VAL L 210 22.13 -12.81 40.12
C VAL L 210 22.99 -11.64 39.68
N VAL L 211 24.28 -11.90 39.52
CA VAL L 211 25.25 -10.86 39.19
C VAL L 211 25.23 -10.59 37.70
N ASN L 212 25.21 -9.31 37.33
CA ASN L 212 25.20 -8.89 35.94
C ASN L 212 26.51 -8.15 35.65
N PHE L 213 27.30 -8.67 34.72
CA PHE L 213 28.54 -8.04 34.30
C PHE L 213 28.35 -7.27 32.99
N ALA L 214 29.35 -6.48 32.66
CA ALA L 214 29.43 -5.79 31.38
C ALA L 214 30.30 -6.58 30.42
N ALA L 215 29.93 -6.54 29.13
CA ALA L 215 30.63 -7.34 28.13
C ALA L 215 30.37 -6.75 26.76
N GLY L 216 31.43 -6.61 25.96
CA GLY L 216 31.29 -6.15 24.59
C GLY L 216 32.31 -5.12 24.17
N GLY L 217 31.91 -3.86 24.17
CA GLY L 217 32.72 -2.77 23.68
C GLY L 217 33.80 -2.27 24.60
N VAL L 218 34.09 -2.97 25.70
CA VAL L 218 35.13 -2.52 26.62
C VAL L 218 36.48 -2.61 25.94
N ALA L 219 37.17 -1.46 25.84
CA ALA L 219 38.46 -1.40 25.17
C ALA L 219 39.46 -0.45 25.81
N THR L 220 39.03 0.47 26.66
CA THR L 220 39.90 1.42 27.34
C THR L 220 39.61 1.39 28.83
N PRO L 221 40.51 1.91 29.66
CA PRO L 221 40.18 2.02 31.09
C PRO L 221 39.01 2.95 31.37
N GLN L 222 38.81 3.97 30.54
CA GLN L 222 37.71 4.91 30.75
C GLN L 222 36.36 4.20 30.70
N ASP L 223 36.05 3.56 29.58
CA ASP L 223 34.77 2.86 29.47
C ASP L 223 34.77 1.51 30.19
N ALA L 224 35.87 1.14 30.82
CA ALA L 224 35.85 0.01 31.76
C ALA L 224 35.40 0.48 33.14
N ALA L 225 35.85 1.65 33.57
CA ALA L 225 35.35 2.24 34.81
C ALA L 225 33.94 2.78 34.65
N LEU L 226 33.57 3.17 33.43
CA LEU L 226 32.21 3.65 33.18
C LEU L 226 31.19 2.55 33.44
N MET L 227 31.55 1.29 33.14
CA MET L 227 30.64 0.19 33.38
C MET L 227 30.36 0.02 34.87
N MET L 228 31.41 0.14 35.69
CA MET L 228 31.21 0.05 37.13
C MET L 228 30.44 1.26 37.66
N GLU L 229 30.69 2.43 37.07
CA GLU L 229 29.92 3.62 37.45
C GLU L 229 28.44 3.46 37.11
N LEU L 230 28.13 2.72 36.05
CA LEU L 230 26.75 2.56 35.59
C LEU L 230 25.96 1.55 36.40
N GLY L 231 26.62 0.72 37.20
CA GLY L 231 25.94 -0.28 38.01
C GLY L 231 26.39 -1.71 37.75
N ALA L 232 27.28 -1.95 36.80
CA ALA L 232 27.76 -3.31 36.57
C ALA L 232 28.61 -3.77 37.74
N ASP L 233 28.63 -5.08 37.95
CA ASP L 233 29.41 -5.67 39.03
C ASP L 233 30.79 -6.11 38.58
N GLY L 234 31.07 -6.08 37.28
CA GLY L 234 32.35 -6.51 36.76
C GLY L 234 32.39 -6.31 35.27
N VAL L 235 33.55 -6.65 34.69
CA VAL L 235 33.82 -6.36 33.28
C VAL L 235 34.33 -7.62 32.60
N PHE L 236 33.67 -8.00 31.51
CA PHE L 236 34.17 -9.03 30.60
C PHE L 236 34.93 -8.34 29.47
N VAL L 237 36.23 -8.61 29.36
CA VAL L 237 37.09 -7.97 28.37
C VAL L 237 37.50 -9.00 27.33
N GLY L 238 37.45 -8.60 26.07
CA GLY L 238 37.78 -9.46 24.95
C GLY L 238 39.27 -9.46 24.66
N SER L 239 39.60 -9.78 23.41
CA SER L 239 40.98 -10.02 23.01
C SER L 239 41.74 -8.73 22.71
N GLY L 240 41.08 -7.58 22.75
CA GLY L 240 41.73 -6.31 22.48
C GLY L 240 42.95 -6.05 23.35
N ILE L 241 42.99 -6.69 24.52
CA ILE L 241 44.14 -6.55 25.41
C ILE L 241 45.40 -6.99 24.70
N PHE L 242 45.33 -8.11 23.98
CA PHE L 242 46.48 -8.63 23.25
C PHE L 242 46.53 -8.12 21.82
N LYS L 243 45.86 -6.98 21.55
CA LYS L 243 46.00 -6.28 20.29
C LYS L 243 46.74 -4.97 20.44
N SER L 244 47.19 -4.64 21.66
CA SER L 244 47.92 -3.42 21.94
C SER L 244 49.42 -3.66 21.85
N GLU L 245 50.20 -2.60 22.06
CA GLU L 245 51.66 -2.74 22.03
C GLU L 245 52.17 -3.46 23.26
N ASP L 246 51.51 -3.30 24.41
CA ASP L 246 51.91 -3.94 25.65
C ASP L 246 50.66 -4.49 26.32
N PRO L 247 50.33 -5.76 26.06
CA PRO L 247 49.13 -6.35 26.68
C PRO L 247 49.22 -6.43 28.19
N GLU L 248 50.42 -6.58 28.75
CA GLU L 248 50.56 -6.68 30.20
C GLU L 248 50.11 -5.39 30.88
N LYS L 249 50.69 -4.27 30.47
CA LYS L 249 50.29 -2.98 31.05
C LYS L 249 48.83 -2.67 30.75
N PHE L 250 48.33 -3.08 29.59
CA PHE L 250 46.94 -2.83 29.25
C PHE L 250 46.00 -3.56 30.20
N ALA L 251 46.25 -4.86 30.42
CA ALA L 251 45.44 -5.63 31.35
C ALA L 251 45.56 -5.10 32.77
N LYS L 252 46.77 -4.71 33.18
CA LYS L 252 46.94 -4.15 34.51
C LYS L 252 46.14 -2.87 34.68
N ALA L 253 46.16 -2.00 33.66
CA ALA L 253 45.39 -0.75 33.73
C ALA L 253 43.89 -1.02 33.73
N ILE L 254 43.45 -2.04 32.98
CA ILE L 254 42.03 -2.40 33.01
C ILE L 254 41.62 -2.88 34.40
N VAL L 255 42.46 -3.69 35.03
CA VAL L 255 42.16 -4.15 36.40
C VAL L 255 42.09 -2.96 37.35
N GLN L 256 43.08 -2.06 37.27
CA GLN L 256 43.10 -0.90 38.16
C GLN L 256 41.86 -0.04 37.97
N ALA L 257 41.48 0.22 36.71
CA ALA L 257 40.31 1.06 36.44
C ALA L 257 39.02 0.36 36.84
N THR L 258 38.99 -0.97 36.81
CA THR L 258 37.80 -1.70 37.24
C THR L 258 37.65 -1.65 38.75
N THR L 259 38.76 -1.76 39.48
CA THR L 259 38.68 -1.78 40.94
C THR L 259 38.50 -0.39 41.53
N HIS L 260 39.19 0.61 40.98
CA HIS L 260 39.06 1.99 41.42
C HIS L 260 38.43 2.82 40.30
N TYR L 261 37.15 2.57 40.05
CA TYR L 261 36.43 3.21 38.96
C TYR L 261 36.05 4.65 39.24
N GLN L 262 36.49 5.22 40.37
CA GLN L 262 36.20 6.61 40.69
C GLN L 262 37.45 7.41 41.03
N ASP L 263 38.64 6.82 40.94
CA ASP L 263 39.90 7.56 41.08
C ASP L 263 40.28 8.07 39.70
N TYR L 264 39.82 9.28 39.40
CA TYR L 264 39.90 9.78 38.02
C TYR L 264 41.32 10.17 37.63
N GLU L 265 42.13 10.65 38.58
CA GLU L 265 43.52 10.93 38.28
C GLU L 265 44.31 9.65 38.00
N LEU L 266 44.01 8.59 38.74
CA LEU L 266 44.62 7.29 38.48
C LEU L 266 44.27 6.79 37.08
N ILE L 267 42.99 6.90 36.71
CA ILE L 267 42.55 6.47 35.39
C ILE L 267 43.22 7.33 34.32
N GLY L 268 43.37 8.63 34.57
CA GLY L 268 44.05 9.49 33.62
C GLY L 268 45.51 9.09 33.42
N ARG L 269 46.20 8.79 34.51
CA ARG L 269 47.59 8.34 34.39
C ARG L 269 47.69 7.03 33.61
N LEU L 270 46.79 6.08 33.92
CA LEU L 270 46.80 4.80 33.21
C LEU L 270 46.52 4.98 31.73
N ALA L 271 45.62 5.91 31.38
CA ALA L 271 45.35 6.18 29.98
C ALA L 271 46.54 6.85 29.30
N SER L 272 47.22 7.73 30.03
CA SER L 272 48.43 8.36 29.48
C SER L 272 49.50 7.32 29.20
N GLU L 273 49.65 6.32 30.07
CA GLU L 273 50.63 5.26 29.83
C GLU L 273 50.31 4.50 28.54
N LEU L 274 49.07 4.08 28.37
CA LEU L 274 48.67 3.34 27.18
C LEU L 274 48.65 4.28 25.96
N GLY L 275 48.76 3.67 24.77
CA GLY L 275 48.77 4.45 23.55
C GLY L 275 48.62 3.65 22.28
N THR L 276 47.58 2.82 22.19
CA THR L 276 47.30 2.02 21.00
C THR L 276 45.81 2.07 20.70
N ALA L 277 45.41 1.35 19.65
CA ALA L 277 44.01 1.30 19.25
C ALA L 277 43.29 0.14 19.95
N SER M 4 6.93 -68.82 1.65
CA SER M 4 7.47 -68.63 0.31
C SER M 4 8.58 -67.58 0.30
N LYS M 5 8.34 -66.48 -0.42
CA LYS M 5 9.32 -65.40 -0.52
C LYS M 5 8.57 -64.08 -0.62
N ILE M 6 8.11 -63.57 0.52
CA ILE M 6 7.41 -62.30 0.58
C ILE M 6 8.44 -61.19 0.41
N ILE M 7 8.84 -60.96 -0.84
CA ILE M 7 9.88 -59.99 -1.16
C ILE M 7 9.23 -58.64 -1.46
N GLY M 8 9.80 -57.57 -0.89
CA GLY M 8 9.31 -56.23 -1.13
C GLY M 8 8.31 -55.70 -0.11
N SER M 9 7.96 -56.50 0.91
CA SER M 9 7.02 -56.03 1.92
C SER M 9 7.57 -54.81 2.65
N ASP M 10 6.67 -53.86 2.95
CA ASP M 10 7.08 -52.61 3.57
C ASP M 10 7.83 -52.83 4.88
N ARG M 11 7.44 -53.86 5.64
CA ARG M 11 8.12 -54.13 6.90
C ARG M 11 9.59 -54.46 6.66
N VAL M 12 9.88 -55.18 5.57
CA VAL M 12 11.26 -55.51 5.24
C VAL M 12 12.03 -54.25 4.83
N LYS M 13 11.42 -53.44 3.95
CA LYS M 13 12.03 -52.19 3.53
C LYS M 13 12.44 -51.34 4.73
N ARG M 14 11.50 -51.10 5.65
CA ARG M 14 11.83 -50.23 6.77
C ARG M 14 12.61 -50.94 7.87
N GLY M 15 12.62 -52.27 7.90
CA GLY M 15 13.47 -52.98 8.84
C GLY M 15 14.93 -52.92 8.46
N MET M 16 15.23 -52.92 7.16
CA MET M 16 16.60 -52.71 6.70
C MET M 16 17.23 -51.49 7.34
N ALA M 17 16.43 -50.45 7.60
CA ALA M 17 16.90 -49.25 8.28
C ALA M 17 16.64 -49.27 9.78
N GLU M 18 15.62 -50.00 10.23
CA GLU M 18 15.33 -50.05 11.65
C GLU M 18 16.39 -50.81 12.42
N MET M 19 16.96 -51.85 11.82
CA MET M 19 18.12 -52.51 12.41
C MET M 19 19.43 -51.89 11.94
N GLN M 20 19.38 -50.63 11.51
CA GLN M 20 20.55 -49.83 11.20
C GLN M 20 20.79 -48.70 12.20
N LYS M 21 19.83 -48.43 13.08
CA LYS M 21 19.95 -47.30 13.98
C LYS M 21 21.03 -47.55 15.03
N GLY M 22 21.55 -46.45 15.57
CA GLY M 22 22.66 -46.50 16.50
C GLY M 22 24.01 -46.33 15.87
N GLY M 23 24.10 -46.34 14.53
CA GLY M 23 25.35 -46.18 13.83
C GLY M 23 25.32 -44.98 12.90
N VAL M 24 26.46 -44.73 12.28
CA VAL M 24 26.68 -43.56 11.44
C VAL M 24 26.97 -44.04 10.02
N ILE M 25 26.31 -43.40 9.04
CA ILE M 25 26.58 -43.63 7.62
C ILE M 25 27.35 -42.43 7.10
N MET M 26 28.60 -42.65 6.72
CA MET M 26 29.44 -41.60 6.16
C MET M 26 29.53 -41.78 4.65
N ASP M 27 29.51 -40.66 3.92
CA ASP M 27 29.56 -40.80 2.47
C ASP M 27 31.00 -41.08 2.02
N VAL M 28 31.12 -41.49 0.76
CA VAL M 28 32.39 -42.01 0.24
C VAL M 28 32.48 -41.67 -1.24
N VAL M 29 33.71 -41.42 -1.70
CA VAL M 29 33.97 -41.07 -3.08
C VAL M 29 34.61 -42.22 -3.85
N ASN M 30 35.57 -42.92 -3.24
CA ASN M 30 36.29 -43.98 -3.92
C ASN M 30 36.45 -45.18 -3.00
N ALA M 31 36.96 -46.27 -3.56
CA ALA M 31 37.04 -47.53 -2.82
C ALA M 31 37.89 -47.40 -1.57
N GLU M 32 39.00 -46.65 -1.66
CA GLU M 32 39.93 -46.58 -0.54
C GLU M 32 39.34 -45.80 0.63
N GLN M 33 38.44 -44.85 0.36
CA GLN M 33 37.71 -44.20 1.44
C GLN M 33 36.66 -45.14 2.04
N ALA M 34 36.07 -46.00 1.22
CA ALA M 34 35.13 -47.00 1.73
C ALA M 34 35.82 -48.00 2.62
N ARG M 35 37.09 -48.33 2.33
CA ARG M 35 37.85 -49.19 3.23
C ARG M 35 37.95 -48.58 4.62
N ILE M 36 38.31 -47.30 4.69
CA ILE M 36 38.40 -46.61 5.98
C ILE M 36 37.04 -46.56 6.66
N ALA M 37 35.98 -46.28 5.89
CA ALA M 37 34.65 -46.21 6.46
C ALA M 37 34.24 -47.56 7.07
N GLU M 38 34.51 -48.66 6.37
CA GLU M 38 34.18 -49.98 6.90
C GLU M 38 35.00 -50.29 8.13
N GLU M 39 36.32 -50.10 8.06
CA GLU M 39 37.19 -50.42 9.18
C GLU M 39 37.13 -49.40 10.31
N ALA M 40 36.28 -48.39 10.20
CA ALA M 40 36.08 -47.41 11.27
C ALA M 40 34.80 -47.65 12.06
N GLY M 41 33.94 -48.57 11.62
CA GLY M 41 32.71 -48.85 12.32
C GLY M 41 31.45 -48.26 11.72
N ALA M 42 31.50 -47.83 10.47
CA ALA M 42 30.31 -47.30 9.82
C ALA M 42 29.32 -48.43 9.52
N VAL M 43 28.03 -48.12 9.66
CA VAL M 43 26.99 -49.10 9.36
C VAL M 43 26.63 -49.16 7.89
N ALA M 44 27.04 -48.16 7.11
CA ALA M 44 26.81 -48.12 5.67
C ALA M 44 27.59 -46.95 5.09
N VAL M 45 27.74 -46.95 3.76
CA VAL M 45 28.46 -45.90 3.06
C VAL M 45 27.55 -45.31 2.00
N MET M 46 27.75 -44.02 1.73
CA MET M 46 26.98 -43.28 0.72
C MET M 46 27.89 -43.01 -0.46
N ALA M 47 27.73 -43.81 -1.52
CA ALA M 47 28.56 -43.66 -2.71
C ALA M 47 28.10 -42.45 -3.52
N LEU M 48 29.01 -41.51 -3.74
CA LEU M 48 28.73 -40.34 -4.57
C LEU M 48 30.00 -39.94 -5.29
N GLU M 49 29.83 -39.16 -6.35
CA GLU M 49 30.95 -38.76 -7.20
C GLU M 49 31.56 -37.44 -6.77
N ARG M 50 30.73 -36.43 -6.50
CA ARG M 50 31.22 -35.12 -6.07
C ARG M 50 30.45 -34.62 -4.85
N ALA M 58 26.35 -25.34 -6.22
CA ALA M 58 26.57 -23.94 -6.57
C ALA M 58 27.63 -23.80 -7.65
N GLY M 59 27.84 -24.88 -8.41
CA GLY M 59 28.83 -24.88 -9.47
C GLY M 59 28.28 -25.43 -10.76
N GLY M 60 27.13 -26.10 -10.69
CA GLY M 60 26.50 -26.68 -11.86
C GLY M 60 25.25 -27.46 -11.53
N VAL M 61 25.04 -28.57 -12.23
CA VAL M 61 23.89 -29.45 -12.01
C VAL M 61 24.42 -30.82 -11.57
N ALA M 62 23.97 -31.28 -10.41
CA ALA M 62 24.43 -32.55 -9.87
C ALA M 62 23.52 -33.68 -10.35
N ARG M 63 24.15 -34.78 -10.77
CA ARG M 63 23.42 -35.93 -11.27
C ARG M 63 23.69 -37.16 -10.41
N MET M 64 23.37 -38.34 -10.95
CA MET M 64 23.75 -39.59 -10.32
C MET M 64 25.25 -39.80 -10.44
N ALA M 65 25.85 -40.40 -9.41
CA ALA M 65 27.24 -40.80 -9.48
C ALA M 65 27.38 -41.97 -10.46
N ASN M 66 28.32 -41.83 -11.41
CA ASN M 66 28.57 -42.80 -12.46
C ASN M 66 28.55 -44.23 -11.94
N PRO M 67 27.80 -45.13 -12.58
CA PRO M 67 27.74 -46.53 -12.10
C PRO M 67 29.09 -47.18 -11.91
N LYS M 68 30.13 -46.74 -12.63
CA LYS M 68 31.46 -47.30 -12.45
C LYS M 68 31.96 -47.02 -11.04
N ILE M 69 31.81 -45.79 -10.55
CA ILE M 69 32.30 -45.45 -9.23
C ILE M 69 31.45 -46.12 -8.16
N VAL M 70 30.15 -46.31 -8.43
CA VAL M 70 29.29 -47.00 -7.47
C VAL M 70 29.68 -48.47 -7.36
N GLU M 71 30.02 -49.09 -8.49
CA GLU M 71 30.48 -50.48 -8.46
C GLU M 71 31.85 -50.59 -7.79
N GLU M 72 32.72 -49.60 -8.00
CA GLU M 72 34.01 -49.58 -7.32
C GLU M 72 33.83 -49.52 -5.81
N VAL M 73 32.89 -48.70 -5.34
CA VAL M 73 32.62 -48.62 -3.90
C VAL M 73 31.95 -49.91 -3.42
N MET M 74 31.10 -50.50 -4.25
CA MET M 74 30.35 -51.70 -3.85
C MET M 74 31.28 -52.89 -3.66
N ASN M 75 32.21 -53.10 -4.59
CA ASN M 75 33.09 -54.26 -4.52
C ASN M 75 34.16 -54.14 -3.45
N ALA M 76 34.29 -52.98 -2.80
CA ALA M 76 35.34 -52.76 -1.82
C ALA M 76 34.91 -53.03 -0.39
N VAL M 77 33.60 -53.07 -0.11
CA VAL M 77 33.10 -53.21 1.26
C VAL M 77 32.02 -54.27 1.30
N SER M 78 31.82 -54.81 2.50
CA SER M 78 30.76 -55.77 2.76
C SER M 78 29.56 -55.16 3.48
N ILE M 79 29.69 -53.93 3.97
CA ILE M 79 28.59 -53.21 4.61
C ILE M 79 27.69 -52.66 3.50
N PRO M 80 26.43 -52.34 3.79
CA PRO M 80 25.55 -51.88 2.70
C PRO M 80 26.01 -50.54 2.14
N VAL M 81 25.85 -50.39 0.83
CA VAL M 81 26.20 -49.16 0.12
C VAL M 81 24.93 -48.56 -0.46
N MET M 82 24.76 -47.26 -0.28
CA MET M 82 23.60 -46.54 -0.80
C MET M 82 24.05 -45.40 -1.69
N ALA M 83 23.28 -45.14 -2.75
CA ALA M 83 23.62 -44.13 -3.74
C ALA M 83 22.51 -43.09 -3.81
N LYS M 84 22.85 -41.92 -4.35
CA LYS M 84 21.93 -40.79 -4.41
C LYS M 84 21.32 -40.69 -5.79
N ALA M 85 20.03 -40.39 -5.84
CA ALA M 85 19.30 -40.17 -7.07
C ALA M 85 18.62 -38.81 -7.02
N ARG M 86 18.41 -38.23 -8.21
CA ARG M 86 17.79 -36.91 -8.30
C ARG M 86 16.31 -36.99 -7.93
N ILE M 87 15.78 -35.87 -7.45
CA ILE M 87 14.38 -35.83 -7.01
C ILE M 87 13.47 -36.11 -8.19
N GLY M 88 12.59 -37.09 -8.03
CA GLY M 88 11.65 -37.44 -9.07
C GLY M 88 12.24 -38.06 -10.31
N HIS M 89 13.52 -38.42 -10.28
CA HIS M 89 14.18 -39.04 -11.44
C HIS M 89 13.87 -40.52 -11.42
N ILE M 90 12.94 -40.93 -12.30
CA ILE M 90 12.48 -42.32 -12.30
C ILE M 90 13.58 -43.26 -12.78
N THR M 91 14.14 -42.98 -13.95
CA THR M 91 15.13 -43.89 -14.54
C THR M 91 16.41 -43.92 -13.72
N GLU M 92 16.75 -42.83 -13.04
CA GLU M 92 17.93 -42.84 -12.19
C GLU M 92 17.76 -43.82 -11.03
N ALA M 93 16.63 -43.73 -10.33
CA ALA M 93 16.35 -44.66 -9.24
C ALA M 93 16.24 -46.09 -9.76
N ARG M 94 15.69 -46.27 -10.97
CA ARG M 94 15.58 -47.61 -11.53
C ARG M 94 16.95 -48.20 -11.85
N VAL M 95 17.86 -47.38 -12.38
CA VAL M 95 19.21 -47.84 -12.67
C VAL M 95 19.95 -48.18 -11.38
N LEU M 96 19.80 -47.33 -10.35
CA LEU M 96 20.41 -47.65 -9.07
C LEU M 96 19.83 -48.93 -8.47
N GLU M 97 18.53 -49.19 -8.70
CA GLU M 97 17.92 -50.42 -8.24
C GLU M 97 18.45 -51.63 -8.98
N ALA M 98 18.68 -51.50 -10.29
CA ALA M 98 19.18 -52.62 -11.07
C ALA M 98 20.57 -53.04 -10.64
N MET M 99 21.38 -52.11 -10.14
CA MET M 99 22.73 -52.41 -9.69
C MET M 99 22.77 -53.11 -8.33
N GLY M 100 21.61 -53.28 -7.68
CA GLY M 100 21.57 -53.92 -6.38
C GLY M 100 21.86 -53.01 -5.21
N VAL M 101 21.87 -51.68 -5.41
CA VAL M 101 22.14 -50.75 -4.32
C VAL M 101 21.14 -50.96 -3.20
N ASP M 102 21.64 -50.99 -1.96
CA ASP M 102 20.79 -51.32 -0.82
C ASP M 102 19.78 -50.22 -0.51
N TYR M 103 20.14 -48.97 -0.78
CA TYR M 103 19.24 -47.85 -0.50
C TYR M 103 19.48 -46.76 -1.53
N ILE M 104 18.38 -46.13 -1.98
CA ILE M 104 18.45 -44.95 -2.84
C ILE M 104 18.00 -43.75 -2.02
N ASP M 105 18.80 -42.69 -2.05
CA ASP M 105 18.48 -41.45 -1.37
C ASP M 105 17.86 -40.50 -2.38
N GLU M 106 16.54 -40.31 -2.28
CA GLU M 106 15.87 -39.29 -3.11
C GLU M 106 16.32 -37.94 -2.57
N SER M 107 17.51 -37.54 -2.99
CA SER M 107 18.28 -36.49 -2.32
C SER M 107 18.00 -35.12 -2.92
N GLU M 108 17.65 -34.17 -2.06
CA GLU M 108 17.53 -32.77 -2.46
C GLU M 108 18.89 -32.10 -2.62
N VAL M 109 19.98 -32.77 -2.22
CA VAL M 109 21.31 -32.21 -2.41
C VAL M 109 21.64 -32.13 -3.90
N LEU M 110 21.42 -33.23 -4.63
CA LEU M 110 21.51 -33.19 -6.07
C LEU M 110 20.43 -32.28 -6.64
N THR M 111 20.72 -31.70 -7.81
CA THR M 111 19.72 -30.90 -8.50
C THR M 111 18.48 -31.76 -8.78
N PRO M 112 17.29 -31.32 -8.39
CA PRO M 112 16.09 -32.13 -8.64
C PRO M 112 15.88 -32.36 -10.12
N ALA M 113 15.02 -33.33 -10.42
CA ALA M 113 14.54 -33.56 -11.78
C ALA M 113 13.06 -33.24 -11.94
N ASP M 114 12.30 -33.24 -10.84
CA ASP M 114 10.87 -32.93 -10.87
C ASP M 114 10.60 -32.01 -9.69
N GLU M 115 10.58 -30.70 -9.95
CA GLU M 115 10.40 -29.71 -8.89
C GLU M 115 9.00 -29.76 -8.28
N GLU M 116 8.09 -30.56 -8.83
CA GLU M 116 6.72 -30.64 -8.35
C GLU M 116 6.39 -31.97 -7.68
N TYR M 117 6.76 -33.09 -8.30
CA TYR M 117 6.33 -34.41 -7.85
C TYR M 117 7.54 -35.27 -7.51
N HIS M 118 7.49 -35.90 -6.34
CA HIS M 118 8.55 -36.79 -5.90
C HIS M 118 8.42 -38.15 -6.58
N LEU M 119 9.34 -39.05 -6.27
CA LEU M 119 9.34 -40.37 -6.86
C LEU M 119 8.17 -41.20 -6.35
N ARG M 120 7.79 -42.20 -7.15
CA ARG M 120 6.73 -43.15 -6.78
C ARG M 120 7.39 -44.36 -6.10
N LYS M 121 7.80 -44.14 -4.86
CA LYS M 121 8.72 -45.05 -4.18
C LYS M 121 8.13 -46.42 -3.91
N ASP M 122 6.81 -46.55 -3.82
CA ASP M 122 6.21 -47.84 -3.53
C ASP M 122 6.17 -48.77 -4.74
N GLN M 123 6.54 -48.27 -5.93
CA GLN M 123 6.68 -49.14 -7.09
C GLN M 123 7.98 -49.92 -7.09
N PHE M 124 8.99 -49.42 -6.39
CA PHE M 124 10.30 -50.06 -6.36
C PHE M 124 10.34 -51.16 -5.32
N THR M 125 11.28 -52.09 -5.51
CA THR M 125 11.55 -53.13 -4.53
C THR M 125 12.76 -52.80 -3.66
N VAL M 126 13.41 -51.67 -3.92
CA VAL M 126 14.53 -51.21 -3.11
C VAL M 126 14.03 -50.11 -2.17
N PRO M 127 14.38 -50.14 -0.89
CA PRO M 127 13.91 -49.10 0.02
C PRO M 127 14.57 -47.76 -0.29
N PHE M 128 13.85 -46.69 0.04
CA PHE M 128 14.28 -45.34 -0.22
C PHE M 128 14.47 -44.57 1.08
N VAL M 129 15.33 -43.55 1.03
CA VAL M 129 15.49 -42.61 2.13
C VAL M 129 15.32 -41.20 1.60
N CYS M 130 14.55 -40.39 2.31
CA CYS M 130 14.19 -39.05 1.88
C CYS M 130 14.44 -38.05 3.00
N GLY M 131 14.56 -36.78 2.62
CA GLY M 131 14.75 -35.72 3.58
C GLY M 131 13.45 -35.06 4.00
N CYS M 132 13.43 -34.54 5.22
CA CYS M 132 12.24 -33.91 5.78
C CYS M 132 12.66 -32.80 6.72
N ARG M 133 11.76 -31.82 6.89
CA ARG M 133 11.97 -30.71 7.81
C ARG M 133 10.87 -30.57 8.83
N ASN M 134 9.74 -31.27 8.66
CA ASN M 134 8.64 -31.23 9.61
C ASN M 134 7.82 -32.50 9.43
N LEU M 135 6.78 -32.65 10.25
CA LEU M 135 5.94 -33.84 10.16
C LEU M 135 5.20 -33.91 8.83
N GLY M 136 4.90 -32.76 8.24
CA GLY M 136 4.25 -32.73 6.93
C GLY M 136 5.06 -33.39 5.85
N GLU M 137 6.30 -32.93 5.66
CA GLU M 137 7.16 -33.52 4.63
C GLU M 137 7.46 -34.99 4.93
N ALA M 138 7.66 -35.32 6.20
CA ALA M 138 7.93 -36.70 6.57
C ALA M 138 6.75 -37.61 6.23
N ALA M 139 5.54 -37.19 6.59
CA ALA M 139 4.36 -37.99 6.30
C ALA M 139 4.11 -38.08 4.80
N ARG M 140 4.39 -37.00 4.07
CA ARG M 140 4.23 -37.05 2.62
C ARG M 140 5.21 -38.03 1.99
N ARG M 141 6.47 -38.02 2.45
CA ARG M 141 7.46 -38.97 1.94
C ARG M 141 7.06 -40.40 2.26
N ILE M 142 6.57 -40.63 3.49
CA ILE M 142 6.10 -41.97 3.86
C ILE M 142 4.95 -42.41 2.97
N GLY M 143 4.01 -41.49 2.69
CA GLY M 143 2.90 -41.82 1.82
C GLY M 143 3.34 -42.15 0.41
N GLU M 144 4.33 -41.43 -0.11
CA GLU M 144 4.88 -41.74 -1.42
C GLU M 144 5.65 -43.06 -1.44
N GLY M 145 5.92 -43.65 -0.28
CA GLY M 145 6.57 -44.95 -0.21
C GLY M 145 7.98 -44.95 0.36
N ALA M 146 8.43 -43.86 0.96
CA ALA M 146 9.77 -43.83 1.53
C ALA M 146 9.87 -44.81 2.69
N ALA M 147 11.04 -45.45 2.81
CA ALA M 147 11.28 -46.44 3.85
C ALA M 147 12.35 -45.98 4.84
N MET M 148 12.65 -44.69 4.87
CA MET M 148 13.64 -44.12 5.78
C MET M 148 13.58 -42.60 5.64
N LEU M 149 13.88 -41.91 6.75
CA LEU M 149 13.83 -40.46 6.77
C LEU M 149 15.09 -39.89 7.39
N ARG M 150 15.46 -38.70 6.92
CA ARG M 150 16.60 -37.97 7.44
C ARG M 150 16.24 -36.49 7.46
N THR M 151 17.03 -35.71 8.20
CA THR M 151 16.84 -34.27 8.22
C THR M 151 17.50 -33.64 7.00
N LYS M 152 16.85 -32.62 6.45
CA LYS M 152 17.43 -31.92 5.31
C LYS M 152 18.71 -31.20 5.70
N GLY M 153 18.70 -30.51 6.85
CA GLY M 153 19.85 -29.81 7.38
C GLY M 153 20.40 -28.78 6.40
N GLU M 154 21.70 -28.51 6.56
CA GLU M 154 22.43 -27.61 5.67
C GLU M 154 23.69 -28.34 5.21
N PRO M 155 23.60 -29.14 4.15
CA PRO M 155 24.74 -29.94 3.73
C PRO M 155 25.89 -29.07 3.23
N GLY M 156 27.12 -29.49 3.55
CA GLY M 156 28.30 -28.78 3.11
C GLY M 156 28.64 -27.54 3.89
N THR M 157 28.03 -27.32 5.05
CA THR M 157 28.30 -26.16 5.88
C THR M 157 28.89 -26.48 7.24
N GLY M 158 28.73 -27.72 7.72
CA GLY M 158 29.16 -28.03 9.07
C GLY M 158 28.37 -27.32 10.16
N ASN M 159 27.26 -26.69 9.82
CA ASN M 159 26.46 -25.94 10.77
C ASN M 159 25.26 -26.78 11.17
N ILE M 160 25.20 -27.15 12.45
CA ILE M 160 24.18 -28.08 12.95
C ILE M 160 22.82 -27.42 13.15
N VAL M 161 22.72 -26.10 12.94
CA VAL M 161 21.48 -25.38 13.26
C VAL M 161 20.28 -25.99 12.56
N GLU M 162 20.42 -26.29 11.27
CA GLU M 162 19.27 -26.75 10.50
C GLU M 162 18.89 -28.18 10.88
N ALA M 163 19.88 -29.03 11.14
CA ALA M 163 19.58 -30.39 11.59
C ALA M 163 18.84 -30.37 12.93
N VAL M 164 19.32 -29.55 13.87
CA VAL M 164 18.64 -29.41 15.16
C VAL M 164 17.22 -28.93 14.96
N ARG M 165 17.05 -27.90 14.13
CA ARG M 165 15.72 -27.33 13.90
C ARG M 165 14.77 -28.37 13.34
N HIS M 166 15.19 -29.09 12.29
CA HIS M 166 14.30 -30.06 11.66
C HIS M 166 13.98 -31.22 12.60
N MET M 167 15.00 -31.75 13.29
CA MET M 167 14.78 -32.84 14.23
C MET M 167 13.81 -32.44 15.33
N ARG M 168 14.03 -31.28 15.94
CA ARG M 168 13.16 -30.82 17.01
C ARG M 168 11.74 -30.57 16.51
N GLN M 169 11.61 -30.00 15.31
CA GLN M 169 10.29 -29.73 14.76
C GLN M 169 9.51 -31.03 14.55
N VAL M 170 10.12 -32.00 13.86
CA VAL M 170 9.41 -33.23 13.58
C VAL M 170 9.13 -34.01 14.86
N ASN M 171 10.06 -33.96 15.83
CA ASN M 171 9.86 -34.68 17.08
C ASN M 171 8.73 -34.06 17.89
N SER M 172 8.70 -32.74 18.00
CA SER M 172 7.62 -32.09 18.74
C SER M 172 6.27 -32.33 18.07
N GLU M 173 6.24 -32.32 16.73
CA GLU M 173 4.98 -32.53 16.04
C GLU M 173 4.48 -33.97 16.21
N VAL M 174 5.38 -34.96 16.12
CA VAL M 174 4.92 -36.34 16.32
C VAL M 174 4.53 -36.58 17.78
N SER M 175 5.22 -35.94 18.73
CA SER M 175 4.84 -36.08 20.13
C SER M 175 3.48 -35.45 20.38
N ARG M 176 3.20 -34.31 19.73
CA ARG M 176 1.87 -33.73 19.80
C ARG M 176 0.83 -34.67 19.22
N LEU M 177 1.13 -35.30 18.09
CA LEU M 177 0.15 -36.16 17.45
C LEU M 177 -0.13 -37.42 18.26
N THR M 178 0.88 -37.92 18.99
CA THR M 178 0.68 -39.13 19.78
C THR M 178 -0.36 -38.97 20.89
N VAL M 179 -0.67 -37.73 21.28
CA VAL M 179 -1.59 -37.48 22.38
C VAL M 179 -2.70 -36.55 21.93
N MET M 180 -2.84 -36.40 20.61
CA MET M 180 -3.83 -35.50 20.05
C MET M 180 -5.20 -36.18 19.96
N ASN M 181 -6.25 -35.39 20.17
CA ASN M 181 -7.61 -35.91 20.13
C ASN M 181 -7.90 -36.53 18.76
N ASP M 182 -8.65 -37.64 18.77
CA ASP M 182 -9.01 -38.30 17.52
C ASP M 182 -9.91 -37.42 16.65
N ASP M 183 -10.67 -36.51 17.28
CA ASP M 183 -11.56 -35.65 16.51
C ASP M 183 -10.79 -34.59 15.72
N GLU M 184 -9.58 -34.25 16.20
CA GLU M 184 -8.83 -33.12 15.66
C GLU M 184 -7.76 -33.52 14.65
N ILE M 185 -7.55 -34.82 14.43
CA ILE M 185 -6.43 -35.26 13.60
C ILE M 185 -6.65 -34.86 12.14
N MET M 186 -7.88 -35.04 11.64
CA MET M 186 -8.14 -34.84 10.21
C MET M 186 -7.74 -33.45 9.76
N THR M 187 -8.32 -32.42 10.40
CA THR M 187 -7.97 -31.06 10.06
C THR M 187 -6.48 -30.80 10.29
N PHE M 188 -5.89 -31.45 11.30
CA PHE M 188 -4.45 -31.36 11.50
C PHE M 188 -3.72 -31.82 10.24
N ALA M 189 -4.13 -32.98 9.70
CA ALA M 189 -3.55 -33.44 8.44
C ALA M 189 -3.81 -32.44 7.32
N LYS M 190 -4.96 -31.74 7.36
CA LYS M 190 -5.21 -30.71 6.36
C LYS M 190 -4.31 -29.50 6.58
N ASP M 191 -3.94 -29.21 7.83
CA ASP M 191 -3.15 -28.02 8.12
C ASP M 191 -1.69 -28.22 7.73
N ILE M 192 -1.12 -29.37 8.06
CA ILE M 192 0.29 -29.65 7.73
C ILE M 192 0.45 -30.29 6.37
N GLY M 193 -0.64 -30.51 5.63
CA GLY M 193 -0.57 -31.12 4.31
C GLY M 193 0.02 -32.51 4.35
N ALA M 194 -0.61 -33.42 5.09
CA ALA M 194 -0.11 -34.76 5.28
C ALA M 194 -1.22 -35.78 5.04
N PRO M 195 -0.86 -36.98 4.61
CA PRO M 195 -1.88 -38.04 4.48
C PRO M 195 -2.49 -38.39 5.83
N TYR M 196 -3.81 -38.48 5.86
CA TYR M 196 -4.53 -38.63 7.12
C TYR M 196 -4.34 -40.02 7.73
N GLU M 197 -4.38 -41.06 6.90
CA GLU M 197 -4.18 -42.41 7.40
C GLU M 197 -2.79 -42.58 8.01
N ILE M 198 -1.79 -41.90 7.45
CA ILE M 198 -0.44 -41.99 8.01
C ILE M 198 -0.39 -41.35 9.39
N LEU M 199 -1.09 -40.23 9.59
CA LEU M 199 -1.12 -39.62 10.92
C LEU M 199 -1.87 -40.50 11.91
N LYS M 200 -2.96 -41.14 11.47
CA LYS M 200 -3.65 -42.09 12.34
C LYS M 200 -2.73 -43.24 12.73
N GLN M 201 -1.95 -43.75 11.78
CA GLN M 201 -1.01 -44.82 12.08
C GLN M 201 0.08 -44.34 13.03
N ILE M 202 0.51 -43.08 12.89
CA ILE M 202 1.50 -42.52 13.81
C ILE M 202 0.96 -42.52 15.23
N LYS M 203 -0.27 -42.03 15.39
CA LYS M 203 -0.85 -41.99 16.74
C LYS M 203 -1.10 -43.40 17.28
N ASP M 204 -1.47 -44.35 16.41
CA ASP M 204 -1.73 -45.71 16.87
C ASP M 204 -0.45 -46.39 17.32
N ASN M 205 0.61 -46.33 16.51
CA ASN M 205 1.88 -46.94 16.88
C ASN M 205 2.56 -46.19 18.03
N GLY M 206 2.24 -44.92 18.23
CA GLY M 206 2.84 -44.14 19.28
C GLY M 206 4.21 -43.56 18.95
N ARG M 207 4.81 -43.98 17.84
CA ARG M 207 6.09 -43.44 17.40
C ARG M 207 6.03 -43.21 15.89
N LEU M 208 7.09 -42.61 15.37
CA LEU M 208 7.18 -42.41 13.92
C LEU M 208 7.29 -43.78 13.24
N PRO M 209 6.47 -44.04 12.21
CA PRO M 209 6.42 -45.38 11.64
C PRO M 209 7.71 -45.82 10.95
N VAL M 210 8.71 -44.96 10.86
CA VAL M 210 9.96 -45.26 10.19
C VAL M 210 11.09 -44.56 10.93
N VAL M 211 12.32 -44.95 10.62
CA VAL M 211 13.50 -44.44 11.32
C VAL M 211 13.88 -43.08 10.75
N ASN M 212 14.15 -42.12 11.63
CA ASN M 212 14.57 -40.78 11.26
C ASN M 212 16.00 -40.55 11.73
N PHE M 213 16.91 -40.31 10.78
CA PHE M 213 18.30 -40.02 11.09
C PHE M 213 18.56 -38.52 11.04
N ALA M 214 19.73 -38.14 11.54
CA ALA M 214 20.23 -36.78 11.43
C ALA M 214 21.17 -36.66 10.22
N ALA M 215 21.14 -35.51 9.57
CA ALA M 215 21.92 -35.32 8.35
C ALA M 215 22.10 -33.83 8.11
N GLY M 216 23.34 -33.43 7.80
CA GLY M 216 23.60 -32.06 7.44
C GLY M 216 24.85 -31.46 8.07
N GLY M 217 24.65 -30.70 9.14
CA GLY M 217 25.72 -29.96 9.79
C GLY M 217 26.64 -30.75 10.70
N VAL M 218 26.55 -32.08 10.68
CA VAL M 218 27.40 -32.89 11.55
C VAL M 218 28.85 -32.75 11.10
N ALA M 219 29.70 -32.27 12.01
CA ALA M 219 31.11 -32.05 11.71
C ALA M 219 32.07 -32.36 12.85
N THR M 220 31.59 -32.47 14.08
CA THR M 220 32.40 -32.79 15.25
C THR M 220 31.75 -33.92 16.01
N PRO M 221 32.49 -34.60 16.89
CA PRO M 221 31.84 -35.60 17.76
C PRO M 221 30.81 -35.00 18.70
N GLN M 222 30.99 -33.74 19.12
CA GLN M 222 30.05 -33.11 20.04
C GLN M 222 28.64 -33.04 19.43
N ASP M 223 28.51 -32.37 18.29
CA ASP M 223 27.21 -32.26 17.65
C ASP M 223 26.81 -33.52 16.90
N ALA M 224 27.65 -34.56 16.91
CA ALA M 224 27.21 -35.88 16.47
C ALA M 224 26.52 -36.63 17.60
N ALA M 225 27.05 -36.51 18.82
CA ALA M 225 26.36 -37.08 19.99
C ALA M 225 25.14 -36.26 20.36
N LEU M 226 25.14 -34.96 20.04
CA LEU M 226 23.98 -34.13 20.32
C LEU M 226 22.76 -34.60 19.54
N MET M 227 22.96 -35.11 18.33
CA MET M 227 21.84 -35.60 17.53
C MET M 227 21.18 -36.80 18.19
N MET M 228 22.00 -37.73 18.72
CA MET M 228 21.44 -38.87 19.42
C MET M 228 20.79 -38.45 20.74
N GLU M 229 21.37 -37.45 21.40
CA GLU M 229 20.74 -36.92 22.61
C GLU M 229 19.39 -36.28 22.31
N LEU M 230 19.23 -35.72 21.11
CA LEU M 230 18.01 -35.02 20.74
C LEU M 230 16.89 -35.95 20.32
N GLY M 231 17.19 -37.21 20.04
CA GLY M 231 16.18 -38.18 19.61
C GLY M 231 16.43 -38.83 18.28
N ALA M 232 17.48 -38.45 17.56
CA ALA M 232 17.79 -39.10 16.29
C ALA M 232 18.23 -40.54 16.51
N ASP M 233 17.98 -41.38 15.50
CA ASP M 233 18.34 -42.79 15.56
C ASP M 233 19.71 -43.06 14.93
N GLY M 234 20.31 -42.07 14.29
CA GLY M 234 21.59 -42.27 13.63
C GLY M 234 22.05 -40.97 13.01
N VAL M 235 23.24 -41.02 12.41
CA VAL M 235 23.91 -39.82 11.91
C VAL M 235 24.37 -40.08 10.47
N PHE M 236 23.97 -39.19 9.57
CA PHE M 236 24.51 -39.14 8.21
C PHE M 236 25.63 -38.10 8.18
N VAL M 237 26.85 -38.56 7.89
CA VAL M 237 28.03 -37.71 7.89
C VAL M 237 28.50 -37.51 6.45
N GLY M 238 28.84 -36.28 6.11
CA GLY M 238 29.30 -35.94 4.78
C GLY M 238 30.79 -36.16 4.60
N SER M 239 31.35 -35.43 3.64
CA SER M 239 32.73 -35.65 3.22
C SER M 239 33.75 -34.97 4.12
N GLY M 240 33.31 -34.21 5.11
CA GLY M 240 34.20 -33.53 6.03
C GLY M 240 35.19 -34.46 6.71
N ILE M 241 34.83 -35.74 6.81
CA ILE M 241 35.72 -36.73 7.40
C ILE M 241 37.04 -36.76 6.65
N PHE M 242 36.99 -36.74 5.31
CA PHE M 242 38.19 -36.76 4.49
C PHE M 242 38.67 -35.36 4.16
N LYS M 243 38.29 -34.36 4.97
CA LYS M 243 38.84 -33.02 4.89
C LYS M 243 39.71 -32.69 6.09
N SER M 244 39.86 -33.62 7.02
CA SER M 244 40.66 -33.44 8.22
C SER M 244 42.09 -33.93 7.97
N GLU M 245 42.94 -33.79 8.98
CA GLU M 245 44.31 -34.26 8.86
C GLU M 245 44.39 -35.79 8.91
N ASP M 246 43.49 -36.42 9.66
CA ASP M 246 43.46 -37.88 9.80
C ASP M 246 42.02 -38.33 9.67
N PRO M 247 41.58 -38.69 8.47
CA PRO M 247 40.19 -39.13 8.29
C PRO M 247 39.85 -40.41 9.04
N GLU M 248 40.84 -41.30 9.22
CA GLU M 248 40.58 -42.56 9.93
C GLU M 248 40.18 -42.30 11.38
N LYS M 249 41.04 -41.56 12.10
CA LYS M 249 40.73 -41.24 13.50
C LYS M 249 39.46 -40.41 13.61
N PHE M 250 39.21 -39.52 12.63
CA PHE M 250 38.00 -38.70 12.67
C PHE M 250 36.76 -39.57 12.56
N ALA M 251 36.73 -40.48 11.59
CA ALA M 251 35.59 -41.38 11.43
C ALA M 251 35.42 -42.28 12.64
N LYS M 252 36.54 -42.78 13.19
CA LYS M 252 36.45 -43.61 14.38
C LYS M 252 35.85 -42.84 15.55
N ALA M 253 36.28 -41.59 15.75
CA ALA M 253 35.73 -40.78 16.83
C ALA M 253 34.26 -40.47 16.61
N ILE M 254 33.85 -40.26 15.36
CA ILE M 254 32.44 -40.03 15.07
C ILE M 254 31.62 -41.27 15.41
N VAL M 255 32.13 -42.46 15.05
CA VAL M 255 31.44 -43.70 15.40
C VAL M 255 31.30 -43.83 16.90
N GLN M 256 32.41 -43.62 17.63
CA GLN M 256 32.39 -43.75 19.09
C GLN M 256 31.40 -42.77 19.71
N ALA M 257 31.41 -41.52 19.26
CA ALA M 257 30.50 -40.52 19.83
C ALA M 257 29.05 -40.79 19.46
N THR M 258 28.82 -41.43 18.31
CA THR M 258 27.44 -41.77 17.94
C THR M 258 26.93 -42.94 18.78
N THR M 259 27.79 -43.92 19.06
CA THR M 259 27.34 -45.10 19.80
C THR M 259 27.26 -44.83 21.30
N HIS M 260 28.22 -44.09 21.85
CA HIS M 260 28.23 -43.70 23.25
C HIS M 260 28.04 -42.19 23.35
N TYR M 261 26.83 -41.74 23.03
CA TYR M 261 26.52 -40.32 22.98
C TYR M 261 26.31 -39.69 24.35
N GLN M 262 26.55 -40.43 25.44
CA GLN M 262 26.42 -39.89 26.77
C GLN M 262 27.65 -40.10 27.64
N ASP M 263 28.71 -40.68 27.11
CA ASP M 263 30.00 -40.78 27.81
C ASP M 263 30.77 -39.52 27.49
N TYR M 264 30.61 -38.50 28.35
CA TYR M 264 31.09 -37.17 28.02
C TYR M 264 32.62 -37.07 28.14
N GLU M 265 33.23 -37.83 29.05
CA GLU M 265 34.68 -37.84 29.12
C GLU M 265 35.29 -38.50 27.89
N LEU M 266 34.65 -39.55 27.38
CA LEU M 266 35.09 -40.18 26.15
C LEU M 266 35.00 -39.19 24.98
N ILE M 267 33.89 -38.45 24.89
CA ILE M 267 33.73 -37.46 23.83
C ILE M 267 34.79 -36.37 23.97
N GLY M 268 35.09 -35.97 25.20
CA GLY M 268 36.14 -34.98 25.41
C GLY M 268 37.50 -35.46 24.96
N ARG M 269 37.83 -36.71 25.28
CA ARG M 269 39.11 -37.26 24.81
C ARG M 269 39.16 -37.33 23.30
N LEU M 270 38.07 -37.78 22.66
CA LEU M 270 38.04 -37.86 21.20
C LEU M 270 38.18 -36.49 20.57
N ALA M 271 37.57 -35.47 21.18
CA ALA M 271 37.71 -34.12 20.66
C ALA M 271 39.12 -33.59 20.85
N SER M 272 39.75 -33.93 21.97
CA SER M 272 41.14 -33.53 22.20
C SER M 272 42.06 -34.16 21.16
N GLU M 273 41.81 -35.41 20.81
CA GLU M 273 42.61 -36.08 19.78
C GLU M 273 42.52 -35.34 18.45
N LEU M 274 41.30 -35.05 18.00
CA LEU M 274 41.10 -34.34 16.75
C LEU M 274 41.55 -32.88 16.89
N GLY M 275 41.86 -32.27 15.76
CA GLY M 275 42.32 -30.89 15.76
C GLY M 275 42.38 -30.23 14.40
N THR M 276 41.27 -30.25 13.66
CA THR M 276 41.20 -29.63 12.35
C THR M 276 39.87 -28.88 12.24
N ALA M 277 39.64 -28.29 11.07
CA ALA M 277 38.42 -27.54 10.82
C ALA M 277 37.33 -28.44 10.23
N GLY N 1 7.71 63.18 -44.13
CA GLY N 1 6.86 62.88 -42.98
C GLY N 1 7.48 61.80 -42.11
N ALA N 2 6.97 60.58 -42.24
CA ALA N 2 7.49 59.44 -41.49
C ALA N 2 8.85 59.05 -42.04
N MET N 3 9.90 59.23 -41.24
CA MET N 3 11.26 58.95 -41.65
C MET N 3 11.74 57.63 -41.07
N LYS N 4 12.55 56.92 -41.84
CA LYS N 4 13.13 55.65 -41.42
C LYS N 4 14.51 55.91 -40.83
N ILE N 5 14.68 55.62 -39.54
CA ILE N 5 15.93 55.83 -38.83
C ILE N 5 16.49 54.48 -38.44
N GLY N 6 17.78 54.29 -38.68
CA GLY N 6 18.44 53.03 -38.40
C GLY N 6 19.20 53.02 -37.08
N VAL N 7 19.19 51.86 -36.44
CA VAL N 7 19.95 51.62 -35.20
C VAL N 7 20.86 50.42 -35.44
N LEU N 8 22.16 50.62 -35.20
CA LEU N 8 23.15 49.57 -35.41
C LEU N 8 22.86 48.38 -34.50
N ALA N 9 22.20 47.36 -35.05
CA ALA N 9 21.75 46.20 -34.26
C ALA N 9 22.80 45.12 -34.17
N LEU N 10 24.07 45.47 -33.99
CA LEU N 10 25.10 44.45 -33.79
C LEU N 10 25.14 43.98 -32.35
N GLN N 11 25.04 44.91 -31.39
CA GLN N 11 25.02 44.60 -29.98
C GLN N 11 24.60 45.84 -29.21
N GLY N 12 23.88 45.61 -28.11
CA GLY N 12 23.51 46.68 -27.20
C GLY N 12 22.01 46.92 -27.16
N ALA N 13 21.65 48.00 -26.47
CA ALA N 13 20.25 48.37 -26.27
C ALA N 13 19.68 48.92 -27.58
N VAL N 14 19.33 48.00 -28.47
CA VAL N 14 18.74 48.36 -29.75
C VAL N 14 17.23 48.52 -29.63
N ARG N 15 16.58 47.68 -28.83
CA ARG N 15 15.14 47.76 -28.64
C ARG N 15 14.75 49.11 -28.04
N GLU N 16 15.53 49.62 -27.08
CA GLU N 16 15.20 50.90 -26.47
C GLU N 16 15.31 52.04 -27.47
N HIS N 17 16.34 52.01 -28.31
CA HIS N 17 16.48 53.06 -29.32
C HIS N 17 15.37 52.99 -30.36
N ILE N 18 14.98 51.78 -30.75
CA ILE N 18 13.87 51.64 -31.69
C ILE N 18 12.57 52.15 -31.06
N ARG N 19 12.36 51.85 -29.77
CA ARG N 19 11.19 52.36 -29.06
C ARG N 19 11.18 53.88 -29.01
N HIS N 20 12.35 54.48 -28.73
CA HIS N 20 12.41 55.94 -28.66
C HIS N 20 12.23 56.58 -30.04
N ILE N 21 12.69 55.91 -31.10
CA ILE N 21 12.40 56.38 -32.45
C ILE N 21 10.90 56.35 -32.72
N GLU N 22 10.25 55.24 -32.33
CA GLU N 22 8.80 55.14 -32.52
C GLU N 22 8.05 56.16 -31.67
N LEU N 23 8.62 56.58 -30.54
CA LEU N 23 7.98 57.58 -29.71
C LEU N 23 8.06 58.97 -30.36
N SER N 24 9.09 59.21 -31.18
CA SER N 24 9.23 60.48 -31.86
C SER N 24 8.37 60.58 -33.11
N GLY N 25 7.61 59.54 -33.44
CA GLY N 25 6.75 59.58 -34.61
C GLY N 25 7.38 59.07 -35.89
N HIS N 26 8.39 58.22 -35.79
CA HIS N 26 9.10 57.73 -36.97
C HIS N 26 9.25 56.21 -36.87
N GLU N 27 9.73 55.62 -37.97
CA GLU N 27 9.94 54.19 -38.06
C GLU N 27 11.40 53.85 -37.78
N GLY N 28 11.61 52.76 -37.05
CA GLY N 28 12.95 52.30 -36.69
C GLY N 28 13.33 51.05 -37.46
N ILE N 29 14.59 50.96 -37.83
CA ILE N 29 15.12 49.83 -38.59
C ILE N 29 16.38 49.32 -37.87
N ALA N 30 16.33 48.09 -37.37
CA ALA N 30 17.48 47.48 -36.72
C ALA N 30 18.41 46.96 -37.80
N VAL N 31 19.50 47.67 -38.06
CA VAL N 31 20.41 47.35 -39.15
C VAL N 31 21.49 46.40 -38.64
N LYS N 32 21.58 45.23 -39.29
CA LYS N 32 22.64 44.27 -39.03
C LYS N 32 23.54 44.02 -40.23
N LYS N 33 23.11 44.37 -41.43
CA LYS N 33 23.89 44.20 -42.64
C LYS N 33 24.14 45.56 -43.29
N VAL N 34 25.23 45.65 -44.05
CA VAL N 34 25.63 46.92 -44.63
C VAL N 34 24.58 47.44 -45.61
N GLU N 35 23.92 46.53 -46.33
CA GLU N 35 22.95 46.94 -47.34
C GLU N 35 21.84 47.79 -46.75
N GLN N 36 21.41 47.47 -45.52
CA GLN N 36 20.34 48.23 -44.89
C GLN N 36 20.70 49.69 -44.69
N LEU N 37 22.00 50.02 -44.68
CA LEU N 37 22.41 51.43 -44.57
C LEU N 37 21.88 52.25 -45.73
N GLU N 38 21.61 51.62 -46.88
CA GLU N 38 21.07 52.32 -48.03
C GLU N 38 19.58 52.60 -47.91
N GLU N 39 18.91 52.07 -46.88
CA GLU N 39 17.47 52.23 -46.72
C GLU N 39 17.08 53.22 -45.63
N ILE N 40 18.03 53.74 -44.86
CA ILE N 40 17.74 54.65 -43.77
C ILE N 40 18.31 56.03 -44.08
N GLU N 41 17.68 57.05 -43.50
CA GLU N 41 18.14 58.42 -43.64
C GLU N 41 18.90 58.91 -42.41
N GLY N 42 18.99 58.10 -41.36
CA GLY N 42 19.75 58.46 -40.18
C GLY N 42 20.13 57.21 -39.43
N LEU N 43 21.23 57.31 -38.68
CA LEU N 43 21.78 56.17 -37.96
C LEU N 43 22.02 56.52 -36.51
N ILE N 44 21.65 55.61 -35.62
CA ILE N 44 21.91 55.72 -34.19
C ILE N 44 22.84 54.58 -33.79
N LEU N 45 23.99 54.94 -33.25
CA LEU N 45 24.94 53.97 -32.71
C LEU N 45 24.60 53.74 -31.24
N PRO N 46 23.99 52.61 -30.90
CA PRO N 46 23.41 52.44 -29.57
C PRO N 46 24.47 52.18 -28.51
N GLY N 47 24.01 52.18 -27.26
CA GLY N 47 24.89 51.88 -26.14
C GLY N 47 25.15 50.39 -26.02
N GLY N 48 26.39 50.06 -25.68
CA GLY N 48 26.80 48.68 -25.51
C GLY N 48 28.26 48.57 -25.13
N GLU N 49 28.93 47.51 -25.56
CA GLU N 49 30.35 47.34 -25.34
C GLU N 49 31.11 47.82 -26.56
N SER N 50 31.91 48.87 -26.40
CA SER N 50 32.64 49.44 -27.54
C SER N 50 33.59 48.43 -28.16
N THR N 51 34.18 47.55 -27.34
CA THR N 51 35.08 46.53 -27.89
C THR N 51 34.32 45.56 -28.79
N THR N 52 33.21 45.02 -28.29
CA THR N 52 32.39 44.11 -29.10
C THR N 52 31.87 44.82 -30.36
N LEU N 53 31.47 46.09 -30.22
CA LEU N 53 30.94 46.82 -31.36
C LEU N 53 32.01 47.04 -32.42
N ARG N 54 33.23 47.41 -32.01
CA ARG N 54 34.34 47.53 -32.94
C ARG N 54 34.62 46.19 -33.63
N ARG N 55 34.66 45.11 -32.85
CA ARG N 55 34.98 43.81 -33.42
C ARG N 55 33.92 43.36 -34.42
N LEU N 56 32.66 43.68 -34.16
CA LEU N 56 31.59 43.30 -35.08
C LEU N 56 31.61 44.17 -36.33
N MET N 57 31.91 45.47 -36.18
CA MET N 57 31.95 46.34 -37.34
C MET N 57 33.16 46.06 -38.23
N ASN N 58 34.27 45.62 -37.65
CA ASN N 58 35.48 45.32 -38.41
C ASN N 58 35.35 44.05 -39.26
N LEU N 59 34.32 43.25 -39.05
CA LEU N 59 34.24 41.92 -39.64
C LEU N 59 33.21 41.79 -40.74
N TYR N 60 32.35 42.79 -40.94
CA TYR N 60 31.31 42.72 -41.98
C TYR N 60 31.36 43.93 -42.91
N GLY N 61 32.51 44.60 -43.01
CA GLY N 61 32.60 45.77 -43.85
C GLY N 61 31.90 46.99 -43.32
N PHE N 62 31.50 46.99 -42.04
CA PHE N 62 30.78 48.13 -41.49
C PHE N 62 31.69 49.33 -41.28
N LYS N 63 32.96 49.09 -40.93
CA LYS N 63 33.89 50.20 -40.70
C LYS N 63 34.12 51.00 -41.98
N GLU N 64 34.41 50.30 -43.08
CA GLU N 64 34.64 50.99 -44.35
C GLU N 64 33.36 51.63 -44.87
N ALA N 65 32.21 50.97 -44.66
CA ALA N 65 30.95 51.50 -45.17
C ALA N 65 30.52 52.75 -44.39
N LEU N 66 30.80 52.81 -43.09
CA LEU N 66 30.40 53.96 -42.30
C LEU N 66 31.44 55.07 -42.30
N GLN N 67 32.71 54.74 -42.54
CA GLN N 67 33.73 55.78 -42.68
C GLN N 67 33.53 56.57 -43.96
N ASN N 68 32.92 55.96 -44.98
CA ASN N 68 32.69 56.61 -46.26
C ASN N 68 31.25 57.09 -46.44
N SER N 69 30.38 56.86 -45.46
CA SER N 69 28.97 57.21 -45.59
C SER N 69 28.74 58.66 -45.20
N THR N 70 27.83 59.31 -45.93
CA THR N 70 27.45 60.70 -45.67
C THR N 70 26.20 60.81 -44.80
N LEU N 71 25.91 59.78 -44.00
CA LEU N 71 24.71 59.69 -43.18
C LEU N 71 24.93 60.36 -41.83
N PRO N 72 23.97 61.13 -41.34
CA PRO N 72 24.10 61.71 -39.99
C PRO N 72 23.99 60.62 -38.93
N MET N 73 24.72 60.82 -37.83
CA MET N 73 24.84 59.80 -36.80
C MET N 73 24.62 60.36 -35.42
N PHE N 74 24.01 59.53 -34.57
CA PHE N 74 23.73 59.85 -33.17
C PHE N 74 24.30 58.73 -32.33
N GLY N 75 25.41 59.00 -31.65
CA GLY N 75 26.08 58.02 -30.81
C GLY N 75 25.85 58.30 -29.34
N THR N 76 25.34 57.29 -28.64
CA THR N 76 25.25 57.33 -27.19
C THR N 76 26.58 56.82 -26.62
N CYS N 77 26.57 56.34 -25.37
CA CYS N 77 27.75 55.66 -24.86
C CYS N 77 28.12 54.50 -25.79
N ALA N 78 29.42 54.20 -25.85
CA ALA N 78 29.98 53.26 -26.83
C ALA N 78 29.87 53.83 -28.23
N GLY N 79 28.66 54.23 -28.63
CA GLY N 79 28.50 54.92 -29.92
C GLY N 79 29.31 56.20 -29.99
N LEU N 80 29.34 56.95 -28.88
CA LEU N 80 30.21 58.12 -28.82
C LEU N 80 31.68 57.72 -28.93
N ILE N 81 32.06 56.63 -28.27
CA ILE N 81 33.43 56.13 -28.37
C ILE N 81 33.75 55.73 -29.80
N VAL N 82 32.80 55.06 -30.46
CA VAL N 82 33.02 54.61 -31.83
C VAL N 82 33.10 55.81 -32.79
N LEU N 83 32.36 56.88 -32.51
CA LEU N 83 32.33 58.04 -33.39
C LEU N 83 33.55 58.94 -33.23
N ALA N 84 34.27 58.85 -32.11
CA ALA N 84 35.35 59.79 -31.84
C ALA N 84 36.54 59.58 -32.78
N GLN N 85 37.29 60.66 -32.99
CA GLN N 85 38.50 60.57 -33.80
C GLN N 85 39.68 60.03 -33.01
N ASP N 86 39.70 60.23 -31.69
CA ASP N 86 40.80 59.77 -30.86
C ASP N 86 40.24 59.19 -29.57
N ILE N 87 40.92 58.17 -29.05
CA ILE N 87 40.53 57.49 -27.82
C ILE N 87 41.76 57.34 -26.95
N VAL N 88 41.67 57.81 -25.71
CA VAL N 88 42.82 57.76 -24.80
C VAL N 88 43.19 56.30 -24.54
N GLY N 89 44.46 55.97 -24.76
CA GLY N 89 44.95 54.63 -24.59
C GLY N 89 44.74 53.71 -25.78
N GLU N 90 43.85 54.07 -26.70
CA GLU N 90 43.54 53.24 -27.85
C GLU N 90 43.64 54.12 -29.10
N GLU N 91 42.96 53.71 -30.17
CA GLU N 91 42.95 54.45 -31.43
C GLU N 91 41.51 54.78 -31.82
N GLY N 92 41.35 55.92 -32.49
CA GLY N 92 40.04 56.30 -32.98
C GLY N 92 39.50 55.32 -33.99
N TYR N 93 38.16 55.30 -34.12
CA TYR N 93 37.49 54.31 -34.95
C TYR N 93 36.89 55.02 -36.15
N LEU N 94 35.62 55.43 -36.08
CA LEU N 94 34.97 56.00 -37.26
C LEU N 94 35.52 57.37 -37.63
N ASN N 95 36.16 58.08 -36.69
CA ASN N 95 36.79 59.37 -36.96
C ASN N 95 35.77 60.39 -37.46
N LYS N 96 34.60 60.42 -36.82
CA LYS N 96 33.52 61.33 -37.22
C LYS N 96 33.46 62.60 -36.39
N LEU N 97 33.83 62.54 -35.12
CA LEU N 97 33.76 63.69 -34.22
C LEU N 97 35.18 64.12 -33.86
N ASN N 98 35.52 65.37 -34.18
CA ASN N 98 36.85 65.89 -33.87
C ASN N 98 37.01 66.09 -32.37
N ILE N 99 37.06 65.00 -31.62
CA ILE N 99 37.18 65.04 -30.16
C ILE N 99 38.07 63.89 -29.70
N THR N 100 38.62 64.06 -28.50
CA THR N 100 39.40 63.04 -27.82
C THR N 100 38.62 62.61 -26.58
N VAL N 101 38.31 61.31 -26.50
CA VAL N 101 37.42 60.75 -25.49
C VAL N 101 38.17 59.67 -24.72
N GLN N 102 37.94 59.60 -23.42
CA GLN N 102 38.51 58.57 -22.56
C GLN N 102 37.42 57.62 -22.09
N ARG N 103 37.67 56.31 -22.21
CA ARG N 103 36.71 55.31 -21.79
C ARG N 103 36.77 55.09 -20.28
N ASN N 104 35.61 54.81 -19.70
CA ASN N 104 35.46 54.47 -18.29
C ASN N 104 36.19 55.46 -17.39
N SER N 105 35.76 56.72 -17.47
CA SER N 105 36.38 57.76 -16.66
C SER N 105 35.97 57.63 -15.20
N PHE N 106 34.70 57.33 -14.95
CA PHE N 106 34.22 57.11 -13.59
C PHE N 106 34.64 55.72 -13.14
N GLY N 107 34.16 55.30 -11.97
CA GLY N 107 34.40 53.95 -11.50
C GLY N 107 33.65 52.93 -12.32
N ARG N 108 33.69 51.69 -11.84
CA ARG N 108 32.98 50.61 -12.49
C ARG N 108 31.47 50.70 -12.21
N GLN N 109 30.74 49.61 -12.45
CA GLN N 109 29.29 49.63 -12.26
C GLN N 109 28.89 50.01 -10.84
N VAL N 110 29.77 49.78 -9.86
CA VAL N 110 29.50 50.16 -8.47
C VAL N 110 29.60 51.68 -8.32
N ASP N 111 29.84 52.38 -9.42
CA ASP N 111 29.93 53.83 -9.40
C ASP N 111 29.08 54.48 -10.51
N SER N 112 28.18 53.73 -11.13
CA SER N 112 27.26 54.30 -12.11
C SER N 112 26.12 55.02 -11.39
N PHE N 113 25.49 55.96 -12.09
CA PHE N 113 24.58 56.88 -11.41
C PHE N 113 23.56 57.44 -12.39
N GLU N 114 22.63 58.23 -11.85
CA GLU N 114 21.70 59.03 -12.63
C GLU N 114 21.81 60.47 -12.17
N THR N 115 21.35 61.38 -13.03
CA THR N 115 21.36 62.80 -12.68
C THR N 115 20.44 63.56 -13.64
N GLU N 116 20.26 64.84 -13.34
CA GLU N 116 19.59 65.78 -14.22
C GLU N 116 20.64 66.54 -15.03
N LEU N 117 20.38 66.71 -16.32
CA LEU N 117 21.33 67.32 -17.24
C LEU N 117 20.64 68.45 -17.98
N ASP N 118 21.30 69.60 -18.06
CA ASP N 118 20.80 70.76 -18.80
C ASP N 118 21.58 70.81 -20.11
N ILE N 119 21.01 70.21 -21.15
CA ILE N 119 21.65 70.15 -22.46
C ILE N 119 21.30 71.42 -23.23
N LYS N 120 22.32 72.12 -23.72
CA LYS N 120 22.13 73.38 -24.43
C LYS N 120 21.39 73.12 -25.74
N GLY N 121 20.16 73.61 -25.83
CA GLY N 121 19.37 73.52 -27.04
C GLY N 121 18.33 72.42 -27.07
N ILE N 122 18.19 71.64 -26.00
CA ILE N 122 17.22 70.56 -25.95
C ILE N 122 16.27 70.78 -24.78
N ALA N 123 16.75 70.55 -23.57
CA ALA N 123 15.94 70.70 -22.37
C ALA N 123 16.85 70.99 -21.19
N THR N 124 16.24 71.43 -20.09
CA THR N 124 16.96 71.77 -18.88
C THR N 124 16.85 70.70 -17.80
N ASP N 125 16.16 69.60 -18.07
CA ASP N 125 15.95 68.54 -17.07
C ASP N 125 15.94 67.18 -17.75
N ILE N 126 16.94 66.93 -18.59
CA ILE N 126 17.08 65.61 -19.20
C ILE N 126 17.52 64.61 -18.14
N GLU N 127 16.90 63.43 -18.13
CA GLU N 127 17.20 62.41 -17.14
C GLU N 127 18.35 61.55 -17.68
N GLY N 128 19.57 61.86 -17.26
CA GLY N 128 20.75 61.19 -17.77
C GLY N 128 21.16 60.02 -16.88
N VAL N 129 21.43 58.89 -17.51
CA VAL N 129 21.86 57.68 -16.83
C VAL N 129 23.26 57.35 -17.32
N PHE N 130 24.23 57.36 -16.41
CA PHE N 130 25.63 57.08 -16.73
C PHE N 130 25.99 55.71 -16.18
N ILE N 131 26.29 54.78 -17.08
CA ILE N 131 26.63 53.40 -16.73
C ILE N 131 28.02 53.13 -17.29
N ARG N 132 29.03 53.22 -16.41
CA ARG N 132 30.44 53.13 -16.82
C ARG N 132 30.71 54.00 -18.04
N ALA N 133 30.15 55.20 -18.02
CA ALA N 133 30.14 56.06 -19.20
C ALA N 133 31.51 56.73 -19.40
N PRO N 134 31.87 57.00 -20.64
CA PRO N 134 33.09 57.76 -20.92
C PRO N 134 32.84 59.25 -20.71
N HIS N 135 33.89 60.03 -20.94
CA HIS N 135 33.77 61.48 -20.96
C HIS N 135 34.71 62.03 -22.02
N ILE N 136 34.30 63.14 -22.63
CA ILE N 136 35.05 63.73 -23.74
C ILE N 136 36.16 64.59 -23.17
N GLU N 137 37.41 64.18 -23.40
CA GLU N 137 38.54 64.88 -22.81
C GLU N 137 38.82 66.21 -23.50
N LYS N 138 38.82 66.21 -24.83
CA LYS N 138 39.17 67.40 -25.59
C LYS N 138 38.25 67.56 -26.79
N VAL N 139 38.02 68.81 -27.18
CA VAL N 139 37.21 69.14 -28.34
C VAL N 139 38.08 69.81 -29.39
N GLY N 140 37.66 69.70 -30.65
CA GLY N 140 38.32 70.33 -31.76
C GLY N 140 37.58 71.57 -32.23
N GLN N 141 37.93 72.02 -33.43
CA GLN N 141 37.30 73.21 -34.01
C GLN N 141 35.97 72.82 -34.64
N GLY N 142 34.92 73.56 -34.29
CA GLY N 142 33.59 73.31 -34.80
C GLY N 142 32.75 72.35 -34.00
N VAL N 143 33.14 72.04 -32.77
CA VAL N 143 32.42 71.11 -31.92
C VAL N 143 31.69 71.90 -30.85
N ASP N 144 30.37 71.92 -30.91
CA ASP N 144 29.57 72.58 -29.89
C ASP N 144 29.48 71.70 -28.64
N ILE N 145 29.79 72.28 -27.49
CA ILE N 145 29.72 71.56 -26.23
C ILE N 145 28.34 71.80 -25.64
N LEU N 146 27.50 70.76 -25.65
CA LEU N 146 26.10 70.91 -25.24
C LEU N 146 25.92 70.69 -23.74
N CYS N 147 26.68 69.78 -23.14
CA CYS N 147 26.50 69.48 -21.73
C CYS N 147 27.80 68.95 -21.16
N LYS N 148 28.13 69.42 -19.94
CA LYS N 148 29.33 69.06 -19.22
C LYS N 148 28.96 68.65 -17.81
N VAL N 149 29.80 67.82 -17.18
CA VAL N 149 29.54 67.31 -15.84
C VAL N 149 30.82 67.60 -15.05
N ASN N 150 30.85 68.74 -14.36
CA ASN N 150 32.04 69.26 -13.66
C ASN N 150 33.22 69.49 -14.60
N GLU N 151 32.98 70.32 -15.62
CA GLU N 151 34.00 70.67 -16.60
C GLU N 151 34.44 69.45 -17.39
N LYS N 152 33.87 68.29 -17.07
CA LYS N 152 34.06 67.09 -17.86
C LYS N 152 32.82 66.99 -18.74
N ILE N 153 33.00 67.27 -20.00
CA ILE N 153 31.88 67.35 -20.93
C ILE N 153 31.45 65.96 -21.36
N VAL N 154 30.15 65.81 -21.61
CA VAL N 154 29.55 64.51 -21.88
C VAL N 154 28.57 64.56 -23.04
N ALA N 155 28.25 65.76 -23.54
CA ALA N 155 27.31 65.88 -24.65
C ALA N 155 27.81 66.95 -25.61
N VAL N 156 28.08 66.55 -26.85
CA VAL N 156 28.58 67.44 -27.89
C VAL N 156 27.81 67.22 -29.19
N GLN N 157 27.93 68.19 -30.08
CA GLN N 157 27.28 68.13 -31.39
C GLN N 157 28.16 68.86 -32.40
N GLN N 158 28.57 68.14 -33.44
CA GLN N 158 29.36 68.73 -34.53
C GLN N 158 28.56 68.55 -35.82
N GLY N 159 27.89 69.63 -36.26
CA GLY N 159 27.13 69.60 -37.49
C GLY N 159 26.04 68.55 -37.53
N LYS N 160 26.21 67.54 -38.37
CA LYS N 160 25.25 66.46 -38.51
C LYS N 160 25.58 65.26 -37.64
N TYR N 161 26.46 65.42 -36.65
CA TYR N 161 26.87 64.35 -35.76
C TYR N 161 26.55 64.75 -34.32
N LEU N 162 25.94 63.84 -33.57
CA LEU N 162 25.55 64.11 -32.19
C LEU N 162 26.10 63.01 -31.29
N GLY N 163 26.80 63.40 -30.24
CA GLY N 163 27.40 62.44 -29.32
C GLY N 163 27.05 62.73 -27.88
N VAL N 164 26.71 61.68 -27.14
CA VAL N 164 26.40 61.80 -25.73
C VAL N 164 27.08 60.67 -24.97
N SER N 165 27.52 60.96 -23.74
CA SER N 165 28.13 59.94 -22.91
C SER N 165 27.10 59.12 -22.16
N PHE N 166 25.96 59.71 -21.84
CA PHE N 166 24.91 59.01 -21.11
C PHE N 166 24.01 58.24 -22.07
N ASN N 167 23.07 57.49 -21.50
CA ASN N 167 22.14 56.67 -22.28
C ASN N 167 20.71 57.13 -22.01
N PRO N 168 20.15 58.00 -22.85
CA PRO N 168 18.76 58.42 -22.64
C PRO N 168 17.73 57.38 -23.02
N GLU N 169 18.13 56.33 -23.76
CA GLU N 169 17.17 55.33 -24.21
C GLU N 169 16.63 54.52 -23.03
N LEU N 170 17.39 54.42 -21.93
CA LEU N 170 16.95 53.65 -20.78
C LEU N 170 15.84 54.36 -20.00
N THR N 171 15.55 55.62 -20.30
CA THR N 171 14.50 56.36 -19.63
C THR N 171 13.27 56.46 -20.53
N ASP N 172 12.21 57.06 -20.00
CA ASP N 172 11.01 57.33 -20.76
C ASP N 172 11.04 58.67 -21.47
N ASP N 173 12.10 59.45 -21.26
CA ASP N 173 12.25 60.76 -21.89
C ASP N 173 12.91 60.56 -23.25
N TYR N 174 12.18 60.84 -24.33
CA TYR N 174 12.65 60.62 -25.69
C TYR N 174 13.01 61.92 -26.40
N ARG N 175 13.31 62.98 -25.65
CA ARG N 175 13.53 64.28 -26.27
C ARG N 175 14.84 64.34 -27.05
N VAL N 176 15.83 63.53 -26.67
CA VAL N 176 17.12 63.57 -27.35
C VAL N 176 17.01 62.98 -28.75
N THR N 177 16.36 61.82 -28.87
CA THR N 177 16.14 61.22 -30.19
C THR N 177 15.23 62.09 -31.04
N ASP N 178 14.22 62.70 -30.42
CA ASP N 178 13.35 63.64 -31.13
C ASP N 178 14.15 64.80 -31.70
N TYR N 179 15.01 65.41 -30.88
CA TYR N 179 15.85 66.51 -31.35
C TYR N 179 16.75 66.06 -32.49
N PHE N 180 17.39 64.88 -32.34
CA PHE N 180 18.25 64.36 -33.39
C PHE N 180 17.50 64.21 -34.70
N ILE N 181 16.32 63.61 -34.66
CA ILE N 181 15.60 63.32 -35.90
C ILE N 181 15.06 64.61 -36.53
N ASN N 182 14.56 65.53 -35.71
CA ASN N 182 13.87 66.70 -36.25
C ASN N 182 14.79 67.88 -36.56
N HIS N 183 16.01 67.92 -35.99
CA HIS N 183 16.89 69.06 -36.18
C HIS N 183 18.25 68.70 -36.76
N ILE N 184 18.49 67.43 -37.10
CA ILE N 184 19.75 67.04 -37.71
C ILE N 184 19.47 66.25 -38.98
N VAL N 185 18.67 65.18 -38.86
CA VAL N 185 18.32 64.40 -40.04
C VAL N 185 17.37 65.19 -40.93
N LYS N 186 16.48 66.00 -40.33
CA LYS N 186 15.55 66.83 -41.08
C LYS N 186 16.16 68.16 -41.49
N LYS N 187 17.46 68.20 -41.76
CA LYS N 187 18.13 69.44 -42.14
C LYS N 187 19.02 69.22 -43.36
N GLY O 1 -27.62 -4.15 -71.26
CA GLY O 1 -26.45 -4.73 -70.60
C GLY O 1 -26.68 -4.87 -69.10
N ALA O 2 -26.09 -3.96 -68.34
CA ALA O 2 -26.24 -3.96 -66.88
C ALA O 2 -27.65 -3.50 -66.53
N MET O 3 -28.44 -4.42 -65.96
CA MET O 3 -29.83 -4.15 -65.63
C MET O 3 -29.98 -3.87 -64.14
N LYS O 4 -30.91 -2.97 -63.81
CA LYS O 4 -31.20 -2.65 -62.42
C LYS O 4 -32.39 -3.50 -61.95
N ILE O 5 -32.14 -4.35 -60.96
CA ILE O 5 -33.16 -5.25 -60.42
C ILE O 5 -33.45 -4.85 -58.99
N GLY O 6 -34.73 -4.74 -58.64
CA GLY O 6 -35.14 -4.31 -57.32
C GLY O 6 -35.47 -5.46 -56.40
N VAL O 7 -35.18 -5.27 -55.11
CA VAL O 7 -35.52 -6.20 -54.05
C VAL O 7 -36.35 -5.46 -53.01
N LEU O 8 -37.53 -5.99 -52.72
CA LEU O 8 -38.42 -5.36 -51.75
C LEU O 8 -37.78 -5.30 -50.38
N ALA O 9 -37.20 -4.15 -50.04
CA ALA O 9 -36.42 -4.00 -48.80
C ALA O 9 -37.29 -3.58 -47.62
N LEU O 10 -38.49 -4.15 -47.48
CA LEU O 10 -39.29 -3.85 -46.30
C LEU O 10 -38.87 -4.71 -45.11
N GLN O 11 -38.61 -5.99 -45.34
CA GLN O 11 -38.16 -6.89 -44.29
C GLN O 11 -37.67 -8.19 -44.94
N GLY O 12 -36.66 -8.78 -44.35
CA GLY O 12 -36.17 -10.08 -44.78
C GLY O 12 -34.75 -10.00 -45.33
N ALA O 13 -34.32 -11.13 -45.90
CA ALA O 13 -32.96 -11.27 -46.44
C ALA O 13 -32.84 -10.48 -47.74
N VAL O 14 -32.67 -9.17 -47.59
CA VAL O 14 -32.49 -8.29 -48.75
C VAL O 14 -31.03 -8.25 -49.19
N ARG O 15 -30.11 -8.26 -48.24
CA ARG O 15 -28.68 -8.22 -48.57
C ARG O 15 -28.28 -9.43 -49.40
N GLU O 16 -28.81 -10.60 -49.07
CA GLU O 16 -28.46 -11.81 -49.82
C GLU O 16 -28.96 -11.73 -51.25
N HIS O 17 -30.18 -11.22 -51.45
CA HIS O 17 -30.72 -11.09 -52.80
C HIS O 17 -29.95 -10.04 -53.60
N ILE O 18 -29.55 -8.95 -52.96
CA ILE O 18 -28.73 -7.94 -53.65
C ILE O 18 -27.39 -8.54 -54.04
N ARG O 19 -26.79 -9.33 -53.14
CA ARG O 19 -25.52 -9.99 -53.44
C ARG O 19 -25.67 -10.95 -54.61
N HIS O 20 -26.76 -11.73 -54.64
CA HIS O 20 -26.96 -12.66 -55.74
C HIS O 20 -27.24 -11.94 -57.06
N ILE O 21 -27.91 -10.79 -57.01
CA ILE O 21 -28.07 -9.97 -58.21
C ILE O 21 -26.71 -9.50 -58.70
N GLU O 22 -25.86 -9.02 -57.79
CA GLU O 22 -24.52 -8.57 -58.16
C GLU O 22 -23.67 -9.72 -58.70
N LEU O 23 -23.94 -10.95 -58.25
CA LEU O 23 -23.19 -12.10 -58.76
C LEU O 23 -23.59 -12.44 -60.19
N SER O 24 -24.82 -12.12 -60.58
CA SER O 24 -25.29 -12.38 -61.93
C SER O 24 -24.82 -11.31 -62.92
N GLY O 25 -24.10 -10.31 -62.47
CA GLY O 25 -23.60 -9.27 -63.36
C GLY O 25 -24.51 -8.08 -63.52
N HIS O 26 -25.36 -7.80 -62.54
CA HIS O 26 -26.32 -6.70 -62.62
C HIS O 26 -26.29 -5.90 -61.33
N GLU O 27 -27.00 -4.77 -61.35
CA GLU O 27 -27.07 -3.87 -60.21
C GLU O 27 -28.35 -4.13 -59.42
N GLY O 28 -28.23 -4.07 -58.10
CA GLY O 28 -29.35 -4.30 -57.20
C GLY O 28 -29.80 -3.01 -56.55
N ILE O 29 -31.12 -2.87 -56.36
CA ILE O 29 -31.72 -1.69 -55.75
C ILE O 29 -32.65 -2.15 -54.63
N ALA O 30 -32.32 -1.78 -53.40
CA ALA O 30 -33.17 -2.12 -52.25
C ALA O 30 -34.32 -1.11 -52.20
N VAL O 31 -35.50 -1.53 -52.63
CA VAL O 31 -36.64 -0.64 -52.75
C VAL O 31 -37.42 -0.63 -51.43
N LYS O 32 -37.58 0.56 -50.85
CA LYS O 32 -38.41 0.76 -49.68
C LYS O 32 -39.59 1.69 -49.92
N LYS O 33 -39.55 2.49 -50.98
CA LYS O 33 -40.63 3.42 -51.32
C LYS O 33 -41.18 3.07 -52.70
N VAL O 34 -42.45 3.43 -52.91
CA VAL O 34 -43.13 3.06 -54.15
C VAL O 34 -42.45 3.68 -55.37
N GLU O 35 -41.93 4.89 -55.21
CA GLU O 35 -41.33 5.61 -56.35
C GLU O 35 -40.19 4.81 -56.97
N GLN O 36 -39.41 4.10 -56.14
CA GLN O 36 -38.28 3.32 -56.65
C GLN O 36 -38.74 2.23 -57.61
N LEU O 37 -40.00 1.80 -57.54
CA LEU O 37 -40.51 0.82 -58.48
C LEU O 37 -40.42 1.31 -59.92
N GLU O 38 -40.42 2.62 -60.12
CA GLU O 38 -40.31 3.19 -61.46
C GLU O 38 -38.88 3.18 -61.99
N GLU O 39 -37.90 2.80 -61.17
CA GLU O 39 -36.50 2.82 -61.58
C GLU O 39 -35.92 1.44 -61.87
N ILE O 40 -36.67 0.37 -61.60
CA ILE O 40 -36.17 -0.99 -61.78
C ILE O 40 -36.94 -1.66 -62.91
N GLU O 41 -36.28 -2.63 -63.55
CA GLU O 41 -36.90 -3.43 -64.60
C GLU O 41 -37.35 -4.80 -64.11
N GLY O 42 -37.06 -5.14 -62.86
CA GLY O 42 -37.48 -6.40 -62.29
C GLY O 42 -37.52 -6.31 -60.79
N LEU O 43 -38.37 -7.12 -60.16
CA LEU O 43 -38.56 -7.08 -58.73
C LEU O 43 -38.41 -8.48 -58.13
N ILE O 44 -37.70 -8.55 -57.01
CA ILE O 44 -37.55 -9.78 -56.24
C ILE O 44 -38.21 -9.57 -54.89
N LEU O 45 -39.19 -10.40 -54.57
CA LEU O 45 -39.84 -10.41 -53.27
C LEU O 45 -39.07 -11.35 -52.35
N PRO O 46 -38.26 -10.83 -51.44
CA PRO O 46 -37.32 -11.67 -50.71
C PRO O 46 -37.99 -12.52 -49.64
N GLY O 47 -37.20 -13.42 -49.07
CA GLY O 47 -37.69 -14.26 -47.99
C GLY O 47 -37.76 -13.50 -46.67
N GLY O 48 -38.82 -13.76 -45.92
CA GLY O 48 -39.01 -13.14 -44.62
C GLY O 48 -40.29 -13.62 -43.96
N GLU O 49 -40.94 -12.75 -43.20
CA GLU O 49 -42.22 -13.06 -42.59
C GLU O 49 -43.34 -12.50 -43.45
N SER O 50 -44.17 -13.40 -43.98
CA SER O 50 -45.25 -12.97 -44.88
C SER O 50 -46.23 -12.05 -44.18
N THR O 51 -46.46 -12.25 -42.88
CA THR O 51 -47.36 -11.37 -42.14
C THR O 51 -46.80 -9.95 -42.06
N THR O 52 -45.54 -9.81 -41.62
CA THR O 52 -44.91 -8.51 -41.56
C THR O 52 -44.82 -7.87 -42.95
N LEU O 53 -44.53 -8.68 -43.97
CA LEU O 53 -44.42 -8.13 -45.32
C LEU O 53 -45.76 -7.61 -45.82
N ARG O 54 -46.84 -8.36 -45.57
CA ARG O 54 -48.18 -7.88 -45.91
C ARG O 54 -48.51 -6.59 -45.18
N ARG O 55 -48.21 -6.55 -43.87
CA ARG O 55 -48.55 -5.37 -43.08
C ARG O 55 -47.78 -4.14 -43.55
N LEU O 56 -46.53 -4.35 -43.98
CA LEU O 56 -45.74 -3.22 -44.47
C LEU O 56 -46.18 -2.77 -45.85
N MET O 57 -46.57 -3.72 -46.71
CA MET O 57 -47.03 -3.36 -48.04
C MET O 57 -48.39 -2.68 -48.01
N ASN O 58 -49.25 -3.05 -47.05
CA ASN O 58 -50.58 -2.47 -46.95
C ASN O 58 -50.57 -1.03 -46.45
N LEU O 59 -49.43 -0.54 -45.95
CA LEU O 59 -49.39 0.73 -45.24
C LEU O 59 -48.71 1.84 -46.02
N TYR O 60 -48.05 1.53 -47.13
CA TYR O 60 -47.34 2.55 -47.91
C TYR O 60 -47.76 2.54 -49.37
N GLY O 61 -48.96 2.03 -49.68
CA GLY O 61 -49.41 1.98 -51.05
C GLY O 61 -48.71 0.94 -51.90
N PHE O 62 -47.97 0.01 -51.28
CA PHE O 62 -47.25 -0.99 -52.06
C PHE O 62 -48.19 -2.03 -52.66
N LYS O 63 -49.27 -2.37 -51.95
CA LYS O 63 -50.21 -3.36 -52.46
C LYS O 63 -50.89 -2.87 -53.74
N GLU O 64 -51.40 -1.64 -53.72
CA GLU O 64 -52.06 -1.10 -54.91
C GLU O 64 -51.05 -0.87 -56.03
N ALA O 65 -49.83 -0.45 -55.69
CA ALA O 65 -48.83 -0.17 -56.71
C ALA O 65 -48.33 -1.44 -57.39
N LEU O 66 -48.24 -2.54 -56.64
CA LEU O 66 -47.75 -3.80 -57.20
C LEU O 66 -48.86 -4.63 -57.84
N GLN O 67 -50.11 -4.46 -57.39
CA GLN O 67 -51.22 -5.13 -58.04
C GLN O 67 -51.47 -4.58 -59.43
N ASN O 68 -51.11 -3.31 -59.66
CA ASN O 68 -51.32 -2.65 -60.94
C ASN O 68 -50.06 -2.57 -61.78
N SER O 69 -48.93 -3.06 -61.28
CA SER O 69 -47.66 -2.94 -61.98
C SER O 69 -47.48 -4.08 -62.98
N THR O 70 -46.88 -3.76 -64.13
CA THR O 70 -46.59 -4.72 -65.17
C THR O 70 -45.17 -5.28 -65.08
N LEU O 71 -44.56 -5.22 -63.90
CA LEU O 71 -43.17 -5.62 -63.70
C LEU O 71 -43.07 -7.11 -63.40
N PRO O 72 -42.10 -7.80 -63.99
CA PRO O 72 -41.90 -9.23 -63.66
C PRO O 72 -41.38 -9.38 -62.24
N MET O 73 -41.79 -10.48 -61.59
CA MET O 73 -41.52 -10.67 -60.18
C MET O 73 -40.97 -12.07 -59.91
N PHE O 74 -40.07 -12.13 -58.94
CA PHE O 74 -39.42 -13.36 -58.49
C PHE O 74 -39.61 -13.46 -56.99
N GLY O 75 -40.50 -14.33 -56.55
CA GLY O 75 -40.81 -14.50 -55.14
C GLY O 75 -40.20 -15.79 -54.60
N THR O 76 -39.41 -15.65 -53.54
CA THR O 76 -38.92 -16.79 -52.78
C THR O 76 -39.97 -17.14 -51.72
N CYS O 77 -39.56 -17.83 -50.65
CA CYS O 77 -40.46 -18.01 -49.52
C CYS O 77 -40.95 -16.65 -49.03
N ALA O 78 -42.18 -16.62 -48.50
CA ALA O 78 -42.90 -15.40 -48.16
C ALA O 78 -43.24 -14.61 -49.41
N GLY O 79 -42.25 -14.35 -50.27
CA GLY O 79 -42.55 -13.74 -51.55
C GLY O 79 -43.46 -14.58 -52.41
N LEU O 80 -43.27 -15.92 -52.39
CA LEU O 80 -44.19 -16.81 -53.06
C LEU O 80 -45.58 -16.73 -52.43
N ILE O 81 -45.64 -16.64 -51.10
CA ILE O 81 -46.92 -16.50 -50.42
C ILE O 81 -47.59 -15.19 -50.81
N VAL O 82 -46.81 -14.12 -50.88
CA VAL O 82 -47.36 -12.80 -51.24
C VAL O 82 -47.83 -12.79 -52.69
N LEU O 83 -47.16 -13.54 -53.58
CA LEU O 83 -47.51 -13.53 -54.99
C LEU O 83 -48.73 -14.39 -55.31
N ALA O 84 -49.09 -15.33 -54.43
CA ALA O 84 -50.13 -16.30 -54.75
C ALA O 84 -51.51 -15.64 -54.81
N GLN O 85 -52.41 -16.24 -55.60
CA GLN O 85 -53.78 -15.77 -55.68
C GLN O 85 -54.63 -16.25 -54.50
N ASP O 86 -54.28 -17.39 -53.93
CA ASP O 86 -55.04 -17.95 -52.82
C ASP O 86 -54.07 -18.52 -51.79
N ILE O 87 -54.47 -18.42 -50.52
CA ILE O 87 -53.68 -18.91 -49.40
C ILE O 87 -54.60 -19.71 -48.49
N VAL O 88 -54.21 -20.95 -48.19
CA VAL O 88 -55.04 -21.81 -47.35
C VAL O 88 -55.16 -21.20 -45.97
N GLY O 89 -56.40 -21.04 -45.50
CA GLY O 89 -56.68 -20.44 -44.21
C GLY O 89 -56.69 -18.93 -44.20
N GLU O 90 -56.16 -18.28 -45.24
CA GLU O 90 -56.11 -16.83 -45.29
C GLU O 90 -56.66 -16.39 -46.66
N GLU O 91 -56.27 -15.20 -47.09
CA GLU O 91 -56.69 -14.65 -48.38
C GLU O 91 -55.48 -14.31 -49.22
N GLY O 92 -55.63 -14.44 -50.53
CA GLY O 92 -54.57 -14.07 -51.45
C GLY O 92 -54.23 -12.59 -51.37
N TYR O 93 -52.99 -12.28 -51.76
CA TYR O 93 -52.49 -10.91 -51.62
C TYR O 93 -52.31 -10.31 -53.00
N LEU O 94 -51.14 -10.41 -53.61
CA LEU O 94 -50.90 -9.72 -54.88
C LEU O 94 -51.67 -10.34 -56.04
N ASN O 95 -52.09 -11.61 -55.91
CA ASN O 95 -52.90 -12.28 -56.93
C ASN O 95 -52.18 -12.34 -58.27
N LYS O 96 -50.89 -12.66 -58.24
CA LYS O 96 -50.07 -12.72 -59.45
C LYS O 96 -49.92 -14.13 -60.01
N LEU O 97 -49.90 -15.14 -59.16
CA LEU O 97 -49.70 -16.53 -59.59
C LEU O 97 -50.99 -17.30 -59.37
N ASN O 98 -51.53 -17.88 -60.44
CA ASN O 98 -52.76 -18.66 -60.36
C ASN O 98 -52.51 -19.97 -59.64
N ILE O 99 -52.23 -19.90 -58.34
CA ILE O 99 -51.94 -21.08 -57.53
C ILE O 99 -52.55 -20.91 -56.14
N THR O 100 -52.75 -22.04 -55.47
CA THR O 100 -53.19 -22.08 -54.08
C THR O 100 -52.06 -22.66 -53.25
N VAL O 101 -51.61 -21.88 -52.25
CA VAL O 101 -50.42 -22.19 -51.46
C VAL O 101 -50.81 -22.25 -50.00
N GLN O 102 -50.20 -23.19 -49.27
CA GLN O 102 -50.40 -23.33 -47.83
C GLN O 102 -49.12 -22.95 -47.09
N ARG O 103 -49.26 -22.11 -46.07
CA ARG O 103 -48.12 -21.68 -45.29
C ARG O 103 -47.72 -22.73 -44.25
N ASN O 104 -46.41 -22.83 -44.00
CA ASN O 104 -45.85 -23.70 -42.98
C ASN O 104 -46.40 -25.13 -43.08
N SER O 105 -46.14 -25.76 -44.23
CA SER O 105 -46.61 -27.11 -44.45
C SER O 105 -45.79 -28.11 -43.65
N PHE O 106 -44.48 -27.91 -43.58
CA PHE O 106 -43.61 -28.77 -42.77
C PHE O 106 -43.73 -28.35 -41.31
N GLY O 107 -42.91 -28.94 -40.45
CA GLY O 107 -42.88 -28.55 -39.07
C GLY O 107 -42.28 -27.17 -38.91
N ARG O 108 -42.05 -26.80 -37.64
CA ARG O 108 -41.45 -25.52 -37.33
C ARG O 108 -39.96 -25.55 -37.63
N GLN O 109 -39.21 -24.58 -37.10
CA GLN O 109 -37.78 -24.49 -37.38
C GLN O 109 -37.03 -25.76 -36.97
N VAL O 110 -37.55 -26.52 -36.02
CA VAL O 110 -36.94 -27.78 -35.61
C VAL O 110 -37.14 -28.85 -36.68
N ASP O 111 -37.77 -28.47 -37.80
CA ASP O 111 -37.99 -29.39 -38.91
C ASP O 111 -37.59 -28.79 -40.25
N SER O 112 -36.85 -27.68 -40.25
CA SER O 112 -36.33 -27.10 -41.48
C SER O 112 -35.11 -27.89 -41.94
N PHE O 113 -34.80 -27.79 -43.23
CA PHE O 113 -33.82 -28.71 -43.80
C PHE O 113 -33.19 -28.12 -45.05
N GLU O 114 -32.23 -28.86 -45.62
CA GLU O 114 -31.64 -28.59 -46.91
C GLU O 114 -31.76 -29.84 -47.78
N THR O 115 -31.65 -29.64 -49.09
CA THR O 115 -31.71 -30.76 -50.02
C THR O 115 -31.18 -30.33 -51.38
N GLU O 116 -31.05 -31.30 -52.27
CA GLU O 116 -30.76 -31.06 -53.67
C GLU O 116 -32.07 -31.06 -54.46
N LEU O 117 -32.19 -30.11 -55.38
CA LEU O 117 -33.42 -29.92 -56.15
C LEU O 117 -33.08 -29.91 -57.62
N ASP O 118 -33.86 -30.65 -58.41
CA ASP O 118 -33.72 -30.69 -59.87
C ASP O 118 -34.83 -29.82 -60.45
N ILE O 119 -34.52 -28.55 -60.69
CA ILE O 119 -35.49 -27.59 -61.20
C ILE O 119 -35.52 -27.69 -62.73
N LYS O 120 -36.71 -27.90 -63.28
CA LYS O 120 -36.86 -28.06 -64.73
C LYS O 120 -36.49 -26.76 -65.44
N GLY O 121 -35.39 -26.79 -66.18
CA GLY O 121 -34.97 -25.64 -66.97
C GLY O 121 -33.87 -24.79 -66.38
N ILE O 122 -33.35 -25.15 -65.20
CA ILE O 122 -32.29 -24.38 -64.57
C ILE O 122 -31.09 -25.27 -64.34
N ALA O 123 -31.18 -26.16 -63.36
CA ALA O 123 -30.08 -27.06 -63.02
C ALA O 123 -30.65 -28.31 -62.36
N THR O 124 -29.80 -29.32 -62.25
CA THR O 124 -30.18 -30.60 -61.66
C THR O 124 -29.67 -30.78 -60.23
N ASP O 125 -28.95 -29.79 -59.70
CA ASP O 125 -28.37 -29.90 -58.36
C ASP O 125 -28.41 -28.55 -57.65
N ILE O 126 -29.57 -27.90 -57.68
CA ILE O 126 -29.74 -26.66 -56.95
C ILE O 126 -29.76 -26.95 -55.45
N GLU O 127 -29.03 -26.15 -54.68
CA GLU O 127 -28.94 -26.35 -53.23
C GLU O 127 -30.09 -25.60 -52.57
N GLY O 128 -31.17 -26.31 -52.27
CA GLY O 128 -32.37 -25.71 -51.74
C GLY O 128 -32.40 -25.77 -50.22
N VAL O 129 -32.72 -24.64 -49.60
CA VAL O 129 -32.83 -24.52 -48.15
C VAL O 129 -34.27 -24.16 -47.82
N PHE O 130 -34.93 -25.05 -47.08
CA PHE O 130 -36.33 -24.86 -46.69
C PHE O 130 -36.36 -24.52 -45.20
N ILE O 131 -36.80 -23.31 -44.88
CA ILE O 131 -36.87 -22.81 -43.50
C ILE O 131 -38.32 -22.45 -43.24
N ARG O 132 -39.04 -23.35 -42.57
CA ARG O 132 -40.48 -23.22 -42.37
C ARG O 132 -41.19 -22.84 -43.67
N ALA O 133 -40.77 -23.47 -44.75
CA ALA O 133 -41.19 -23.07 -46.09
C ALA O 133 -42.62 -23.54 -46.38
N PRO O 134 -43.35 -22.80 -47.20
CA PRO O 134 -44.66 -23.24 -47.64
C PRO O 134 -44.52 -24.26 -48.78
N HIS O 135 -45.68 -24.72 -49.27
CA HIS O 135 -45.71 -25.56 -50.45
C HIS O 135 -46.97 -25.21 -51.25
N ILE O 136 -46.87 -25.34 -52.56
CA ILE O 136 -47.95 -24.95 -53.46
C ILE O 136 -48.95 -26.11 -53.54
N GLU O 137 -50.16 -25.89 -53.02
CA GLU O 137 -51.15 -26.95 -52.95
C GLU O 137 -51.74 -27.25 -54.33
N LYS O 138 -52.12 -26.22 -55.06
CA LYS O 138 -52.79 -26.40 -56.35
C LYS O 138 -52.27 -25.40 -57.36
N VAL O 139 -52.28 -25.82 -58.63
CA VAL O 139 -51.86 -24.97 -59.74
C VAL O 139 -53.07 -24.71 -60.64
N GLY O 140 -53.01 -23.58 -61.35
CA GLY O 140 -54.02 -23.20 -62.31
C GLY O 140 -53.60 -23.46 -63.74
N GLN O 141 -54.32 -22.85 -64.67
CA GLN O 141 -54.02 -22.98 -66.08
C GLN O 141 -52.88 -22.05 -66.47
N GLY O 142 -51.86 -22.59 -67.13
CA GLY O 142 -50.72 -21.81 -67.55
C GLY O 142 -49.59 -21.71 -66.56
N VAL O 143 -49.57 -22.56 -65.54
CA VAL O 143 -48.54 -22.54 -64.50
C VAL O 143 -47.64 -23.75 -64.72
N ASP O 144 -46.39 -23.49 -65.11
CA ASP O 144 -45.41 -24.55 -65.26
C ASP O 144 -44.89 -24.98 -63.89
N ILE O 145 -44.91 -26.28 -63.63
CA ILE O 145 -44.43 -26.83 -62.37
C ILE O 145 -42.96 -27.21 -62.58
N LEU O 146 -42.06 -26.43 -61.98
CA LEU O 146 -40.63 -26.60 -62.22
C LEU O 146 -39.99 -27.62 -61.29
N CYS O 147 -40.40 -27.67 -60.02
CA CYS O 147 -39.76 -28.58 -59.09
C CYS O 147 -40.72 -28.96 -57.97
N LYS O 148 -40.70 -30.25 -57.63
CA LYS O 148 -41.52 -30.83 -56.56
C LYS O 148 -40.67 -31.72 -55.68
N VAL O 149 -41.08 -31.84 -54.42
CA VAL O 149 -40.39 -32.66 -53.43
C VAL O 149 -41.43 -33.51 -52.71
N ASN O 150 -41.44 -34.81 -53.00
CA ASN O 150 -42.38 -35.77 -52.41
C ASN O 150 -43.81 -35.45 -52.83
N GLU O 151 -44.00 -35.30 -54.14
CA GLU O 151 -45.30 -34.99 -54.74
C GLU O 151 -45.82 -33.63 -54.27
N LYS O 152 -45.06 -32.95 -53.41
CA LYS O 152 -45.36 -31.60 -52.97
C LYS O 152 -44.50 -30.63 -53.75
N ILE O 153 -45.12 -29.87 -54.64
CA ILE O 153 -44.41 -28.97 -55.54
C ILE O 153 -43.97 -27.72 -54.78
N VAL O 154 -42.81 -27.18 -55.15
CA VAL O 154 -42.19 -26.08 -54.41
C VAL O 154 -41.64 -25.01 -55.34
N ALA O 155 -41.62 -25.27 -56.64
CA ALA O 155 -41.08 -24.29 -57.58
C ALA O 155 -41.92 -24.26 -58.85
N VAL O 156 -42.51 -23.10 -59.14
CA VAL O 156 -43.36 -22.90 -60.30
C VAL O 156 -42.98 -21.62 -61.03
N GLN O 157 -43.44 -21.52 -62.28
CA GLN O 157 -43.19 -20.36 -63.12
C GLN O 157 -44.40 -20.15 -64.03
N GLN O 158 -45.01 -18.97 -63.95
CA GLN O 158 -46.11 -18.58 -64.82
C GLN O 158 -45.70 -17.34 -65.59
N GLY O 159 -45.30 -17.54 -66.86
CA GLY O 159 -44.92 -16.44 -67.72
C GLY O 159 -43.78 -15.60 -67.20
N LYS O 160 -44.08 -14.36 -66.82
CA LYS O 160 -43.10 -13.43 -66.29
C LYS O 160 -43.03 -13.44 -64.77
N TYR O 161 -43.60 -14.46 -64.13
CA TYR O 161 -43.61 -14.57 -62.68
C TYR O 161 -42.96 -15.89 -62.28
N LEU O 162 -42.07 -15.82 -61.29
CA LEU O 162 -41.33 -17.00 -60.84
C LEU O 162 -41.50 -17.14 -59.34
N GLY O 163 -41.91 -18.32 -58.88
CA GLY O 163 -42.12 -18.55 -57.46
C GLY O 163 -41.42 -19.80 -56.98
N VAL O 164 -40.76 -19.69 -55.83
CA VAL O 164 -40.08 -20.82 -55.21
C VAL O 164 -40.40 -20.85 -53.73
N SER O 165 -40.50 -22.05 -53.17
CA SER O 165 -40.74 -22.21 -51.74
C SER O 165 -39.46 -22.12 -50.93
N PHE O 166 -38.34 -22.53 -51.51
CA PHE O 166 -37.05 -22.51 -50.82
C PHE O 166 -36.39 -21.13 -50.98
N ASN O 167 -35.27 -20.97 -50.30
CA ASN O 167 -34.51 -19.71 -50.31
C ASN O 167 -33.12 -19.96 -50.89
N PRO O 168 -32.91 -19.73 -52.19
CA PRO O 168 -31.57 -19.91 -52.76
C PRO O 168 -30.58 -18.82 -52.40
N GLU O 169 -31.07 -17.68 -51.89
CA GLU O 169 -30.18 -16.57 -51.57
C GLU O 169 -29.24 -16.91 -50.41
N LEU O 170 -29.64 -17.83 -49.53
CA LEU O 170 -28.81 -18.21 -48.40
C LEU O 170 -27.61 -19.06 -48.80
N THR O 171 -27.55 -19.53 -50.04
CA THR O 171 -26.44 -20.33 -50.52
C THR O 171 -25.54 -19.49 -51.40
N ASP O 172 -24.43 -20.09 -51.85
CA ASP O 172 -23.52 -19.46 -52.79
C ASP O 172 -23.90 -19.72 -54.24
N ASP O 173 -24.93 -20.52 -54.49
CA ASP O 173 -25.38 -20.84 -55.84
C ASP O 173 -26.39 -19.77 -56.26
N TYR O 174 -26.02 -18.98 -57.27
CA TYR O 174 -26.83 -17.85 -57.73
C TYR O 174 -27.52 -18.14 -59.07
N ARG O 175 -27.71 -19.42 -59.41
CA ARG O 175 -28.22 -19.75 -60.74
C ARG O 175 -29.70 -19.39 -60.88
N VAL O 176 -30.45 -19.37 -59.78
CA VAL O 176 -31.88 -19.08 -59.88
C VAL O 176 -32.11 -17.61 -60.22
N THR O 177 -31.40 -16.71 -59.52
CA THR O 177 -31.51 -15.28 -59.83
C THR O 177 -30.97 -15.00 -61.22
N ASP O 178 -29.89 -15.68 -61.61
CA ASP O 178 -29.36 -15.54 -62.96
C ASP O 178 -30.40 -15.92 -64.01
N TYR O 179 -31.05 -17.07 -63.81
CA TYR O 179 -32.09 -17.50 -64.74
C TYR O 179 -33.24 -16.49 -64.78
N PHE O 180 -33.68 -16.01 -63.62
CA PHE O 180 -34.75 -15.03 -63.57
C PHE O 180 -34.39 -13.78 -64.37
N ILE O 181 -33.18 -13.24 -64.17
CA ILE O 181 -32.81 -11.99 -64.81
C ILE O 181 -32.62 -12.18 -66.31
N ASN O 182 -32.01 -13.29 -66.72
CA ASN O 182 -31.63 -13.46 -68.11
C ASN O 182 -32.71 -14.07 -68.98
N HIS O 183 -33.72 -14.75 -68.40
CA HIS O 183 -34.73 -15.44 -69.19
C HIS O 183 -36.15 -14.98 -68.88
N ILE O 184 -36.35 -14.00 -68.00
CA ILE O 184 -37.68 -13.49 -67.71
C ILE O 184 -37.68 -11.98 -67.87
N VAL O 185 -36.79 -11.31 -67.15
CA VAL O 185 -36.68 -9.85 -67.27
C VAL O 185 -36.11 -9.47 -68.63
N LYS O 186 -35.19 -10.27 -69.16
CA LYS O 186 -34.60 -10.04 -70.47
C LYS O 186 -35.44 -10.61 -71.61
N LYS O 187 -36.75 -10.66 -71.44
CA LYS O 187 -37.63 -11.20 -72.47
C LYS O 187 -38.81 -10.26 -72.75
N GLY P 1 -26.33 -67.63 -27.43
CA GLY P 1 -25.04 -67.27 -26.85
C GLY P 1 -25.19 -66.05 -25.94
N ALA P 2 -24.77 -64.89 -26.45
CA ALA P 2 -24.88 -63.64 -25.69
C ALA P 2 -26.34 -63.23 -25.60
N MET P 3 -26.88 -63.25 -24.39
CA MET P 3 -28.30 -62.94 -24.17
C MET P 3 -28.44 -61.52 -23.63
N LYS P 4 -29.52 -60.86 -24.02
CA LYS P 4 -29.82 -59.51 -23.54
C LYS P 4 -30.77 -59.62 -22.34
N ILE P 5 -30.31 -59.17 -21.18
CA ILE P 5 -31.08 -59.24 -19.94
C ILE P 5 -31.40 -57.81 -19.51
N GLY P 6 -32.66 -57.57 -19.16
CA GLY P 6 -33.11 -56.25 -18.77
C GLY P 6 -33.16 -56.05 -17.26
N VAL P 7 -32.86 -54.83 -16.85
CA VAL P 7 -32.96 -54.41 -15.45
C VAL P 7 -33.88 -53.20 -15.39
N LEU P 8 -34.92 -53.29 -14.55
CA LEU P 8 -35.89 -52.21 -14.41
C LEU P 8 -35.21 -50.95 -13.89
N ALA P 9 -34.88 -50.04 -14.80
CA ALA P 9 -34.10 -48.84 -14.46
C ALA P 9 -34.99 -47.69 -14.03
N LEU P 10 -36.03 -47.95 -13.24
CA LEU P 10 -36.86 -46.86 -12.72
C LEU P 10 -36.22 -46.21 -11.50
N GLN P 11 -35.69 -47.03 -10.60
CA GLN P 11 -35.01 -46.54 -9.40
C GLN P 11 -34.27 -47.70 -8.75
N GLY P 12 -33.13 -47.40 -8.16
CA GLY P 12 -32.37 -48.37 -7.38
C GLY P 12 -31.03 -48.68 -8.02
N ALA P 13 -30.38 -49.70 -7.45
CA ALA P 13 -29.05 -50.13 -7.88
C ALA P 13 -29.16 -50.86 -9.22
N VAL P 14 -29.28 -50.08 -10.29
CA VAL P 14 -29.35 -50.64 -11.64
C VAL P 14 -27.95 -50.88 -12.21
N ARG P 15 -27.01 -49.97 -11.91
CA ARG P 15 -25.65 -50.13 -12.41
C ARG P 15 -25.02 -51.41 -11.89
N GLU P 16 -25.27 -51.76 -10.63
CA GLU P 16 -24.69 -52.98 -10.08
C GLU P 16 -25.24 -54.22 -10.75
N HIS P 17 -26.56 -54.23 -11.02
CA HIS P 17 -27.15 -55.38 -11.71
C HIS P 17 -26.66 -55.49 -13.15
N ILE P 18 -26.49 -54.35 -13.83
CA ILE P 18 -25.93 -54.38 -15.18
C ILE P 18 -24.50 -54.90 -15.15
N ARG P 19 -23.71 -54.47 -14.16
CA ARG P 19 -22.36 -54.97 -14.03
C ARG P 19 -22.33 -56.47 -13.79
N HIS P 20 -23.22 -56.96 -12.93
CA HIS P 20 -23.26 -58.40 -12.64
C HIS P 20 -23.73 -59.20 -13.86
N ILE P 21 -24.62 -58.63 -14.67
CA ILE P 21 -25.00 -59.27 -15.93
C ILE P 21 -23.79 -59.34 -16.85
N GLU P 22 -23.04 -58.25 -16.95
CA GLU P 22 -21.84 -58.26 -17.80
C GLU P 22 -20.79 -59.21 -17.27
N LEU P 23 -20.78 -59.47 -15.97
CA LEU P 23 -19.82 -60.43 -15.41
C LEU P 23 -20.19 -61.86 -15.76
N SER P 24 -21.48 -62.14 -15.97
CA SER P 24 -21.93 -63.47 -16.35
C SER P 24 -21.74 -63.77 -17.83
N GLY P 25 -21.22 -62.81 -18.59
CA GLY P 25 -21.01 -63.02 -20.02
C GLY P 25 -22.16 -62.64 -20.91
N HIS P 26 -23.01 -61.72 -20.48
CA HIS P 26 -24.18 -61.31 -21.23
C HIS P 26 -24.27 -59.80 -21.27
N GLU P 27 -25.21 -59.30 -22.09
CA GLU P 27 -25.43 -57.87 -22.25
C GLU P 27 -26.59 -57.42 -21.38
N GLY P 28 -26.44 -56.25 -20.77
CA GLY P 28 -27.45 -55.68 -19.90
C GLY P 28 -28.14 -54.50 -20.56
N ILE P 29 -29.45 -54.38 -20.32
CA ILE P 29 -30.26 -53.30 -20.87
C ILE P 29 -31.04 -52.65 -19.74
N ALA P 30 -30.76 -51.38 -19.48
CA ALA P 30 -31.47 -50.62 -18.45
C ALA P 30 -32.81 -50.18 -19.04
N VAL P 31 -33.89 -50.86 -18.66
CA VAL P 31 -35.20 -50.59 -19.23
C VAL P 31 -35.92 -49.53 -18.41
N LYS P 32 -36.30 -48.45 -19.08
CA LYS P 32 -37.12 -47.40 -18.49
C LYS P 32 -38.47 -47.23 -19.15
N LYS P 33 -38.64 -47.73 -20.38
CA LYS P 33 -39.90 -47.66 -21.10
C LYS P 33 -40.42 -49.05 -21.38
N VAL P 34 -41.74 -49.16 -21.55
CA VAL P 34 -42.37 -50.46 -21.72
C VAL P 34 -41.88 -51.16 -22.99
N GLU P 35 -41.63 -50.37 -24.05
CA GLU P 35 -41.25 -50.96 -25.33
C GLU P 35 -40.00 -51.81 -25.21
N GLN P 36 -39.05 -51.38 -24.38
CA GLN P 36 -37.79 -52.13 -24.22
C GLN P 36 -38.04 -53.54 -23.68
N LEU P 37 -39.17 -53.78 -23.02
CA LEU P 37 -39.48 -55.13 -22.56
C LEU P 37 -39.57 -56.12 -23.72
N GLU P 38 -39.87 -55.64 -24.92
CA GLU P 38 -39.94 -56.51 -26.08
C GLU P 38 -38.57 -56.86 -26.64
N GLU P 39 -37.50 -56.26 -26.12
CA GLU P 39 -36.15 -56.50 -26.64
C GLU P 39 -35.29 -57.38 -25.74
N ILE P 40 -35.77 -57.74 -24.55
CA ILE P 40 -34.99 -58.52 -23.61
C ILE P 40 -35.64 -59.89 -23.44
N GLU P 41 -34.81 -60.87 -23.08
CA GLU P 41 -35.27 -62.23 -22.80
C GLU P 41 -35.39 -62.51 -21.31
N GLY P 42 -34.99 -61.57 -20.46
CA GLY P 42 -35.11 -61.75 -19.03
C GLY P 42 -35.10 -60.40 -18.34
N LEU P 43 -35.73 -60.35 -17.17
CA LEU P 43 -35.88 -59.10 -16.43
C LEU P 43 -35.41 -59.28 -14.99
N ILE P 44 -34.66 -58.29 -14.51
CA ILE P 44 -34.23 -58.24 -13.11
C ILE P 44 -34.85 -57.01 -12.47
N LEU P 45 -35.62 -57.23 -11.42
CA LEU P 45 -36.21 -56.15 -10.63
C LEU P 45 -35.22 -55.77 -9.54
N PRO P 46 -34.52 -54.66 -9.67
CA PRO P 46 -33.37 -54.38 -8.79
C PRO P 46 -33.81 -53.94 -7.41
N GLY P 47 -32.82 -53.84 -6.53
CA GLY P 47 -33.07 -53.37 -5.17
C GLY P 47 -33.26 -51.86 -5.14
N GLY P 48 -34.21 -51.43 -4.31
CA GLY P 48 -34.49 -50.01 -4.14
C GLY P 48 -35.60 -49.78 -3.15
N GLU P 49 -36.40 -48.74 -3.36
CA GLU P 49 -37.56 -48.46 -2.52
C GLU P 49 -38.80 -49.03 -3.20
N SER P 50 -39.45 -50.00 -2.55
CA SER P 50 -40.62 -50.65 -3.14
C SER P 50 -41.75 -49.65 -3.37
N THR P 51 -41.90 -48.66 -2.49
CA THR P 51 -42.95 -47.66 -2.68
C THR P 51 -42.69 -46.84 -3.94
N THR P 52 -41.47 -46.30 -4.08
CA THR P 52 -41.13 -45.54 -5.28
C THR P 52 -41.25 -46.40 -6.52
N LEU P 53 -40.84 -47.67 -6.44
CA LEU P 53 -40.90 -48.55 -7.60
C LEU P 53 -42.35 -48.82 -8.01
N ARG P 54 -43.23 -49.06 -7.04
CA ARG P 54 -44.65 -49.21 -7.35
C ARG P 54 -45.21 -47.94 -7.98
N ARG P 55 -44.88 -46.79 -7.42
CA ARG P 55 -45.43 -45.53 -7.93
C ARG P 55 -44.95 -45.27 -9.35
N LEU P 56 -43.71 -45.66 -9.67
CA LEU P 56 -43.20 -45.46 -11.01
C LEU P 56 -43.81 -46.46 -11.99
N MET P 57 -44.01 -47.71 -11.56
CA MET P 57 -44.58 -48.71 -12.44
C MET P 57 -46.06 -48.45 -12.71
N ASN P 58 -46.78 -47.88 -11.75
CA ASN P 58 -48.20 -47.62 -11.92
C ASN P 58 -48.50 -46.47 -12.88
N LEU P 59 -47.49 -45.70 -13.28
CA LEU P 59 -47.72 -44.46 -14.01
C LEU P 59 -47.32 -44.51 -15.47
N TYR P 60 -46.63 -45.57 -15.92
CA TYR P 60 -46.20 -45.66 -17.31
C TYR P 60 -46.67 -46.95 -17.96
N GLY P 61 -47.73 -47.57 -17.44
CA GLY P 61 -48.19 -48.83 -17.98
C GLY P 61 -47.31 -50.02 -17.68
N PHE P 62 -46.36 -49.88 -16.75
CA PHE P 62 -45.47 -50.99 -16.44
C PHE P 62 -46.18 -52.09 -15.67
N LYS P 63 -47.13 -51.74 -14.81
CA LYS P 63 -47.85 -52.75 -14.03
C LYS P 63 -48.65 -53.67 -14.95
N GLU P 64 -49.42 -53.08 -15.87
CA GLU P 64 -50.21 -53.90 -16.78
C GLU P 64 -49.33 -54.68 -17.74
N ALA P 65 -48.21 -54.08 -18.18
CA ALA P 65 -47.34 -54.75 -19.12
C ALA P 65 -46.60 -55.92 -18.49
N LEU P 66 -46.25 -55.81 -17.21
CA LEU P 66 -45.51 -56.88 -16.54
C LEU P 66 -46.43 -57.92 -15.92
N GLN P 67 -47.67 -57.54 -15.59
CA GLN P 67 -48.63 -58.53 -15.10
C GLN P 67 -49.06 -59.47 -16.22
N ASN P 68 -48.99 -59.02 -17.47
CA ASN P 68 -49.38 -59.81 -18.62
C ASN P 68 -48.20 -60.40 -19.38
N SER P 69 -46.97 -60.13 -18.96
CA SER P 69 -45.78 -60.57 -19.67
C SER P 69 -45.40 -61.98 -19.25
N THR P 70 -44.94 -62.77 -20.22
CA THR P 70 -44.49 -64.14 -20.00
C THR P 70 -42.98 -64.23 -19.79
N LEU P 71 -42.34 -63.13 -19.35
CA LEU P 71 -40.90 -63.04 -19.21
C LEU P 71 -40.47 -63.52 -17.83
N PRO P 72 -39.39 -64.30 -17.74
CA PRO P 72 -38.88 -64.70 -16.43
C PRO P 72 -38.27 -63.52 -15.69
N MET P 73 -38.41 -63.54 -14.37
CA MET P 73 -38.04 -62.39 -13.55
C MET P 73 -37.20 -62.82 -12.35
N PHE P 74 -36.26 -61.94 -11.99
CA PHE P 74 -35.35 -62.12 -10.86
C PHE P 74 -35.46 -60.87 -9.99
N GLY P 75 -36.12 -60.99 -8.85
CA GLY P 75 -36.32 -59.88 -7.94
C GLY P 75 -35.44 -60.02 -6.71
N THR P 76 -34.65 -58.97 -6.46
CA THR P 76 -33.90 -58.83 -5.22
C THR P 76 -34.81 -58.20 -4.18
N CYS P 77 -34.23 -57.58 -3.15
CA CYS P 77 -35.04 -56.76 -2.24
C CYS P 77 -35.79 -55.71 -3.04
N ALA P 78 -36.97 -55.34 -2.53
CA ALA P 78 -37.92 -54.47 -3.24
C ALA P 78 -38.47 -55.20 -4.47
N GLY P 79 -37.60 -55.73 -5.32
CA GLY P 79 -38.06 -56.55 -6.43
C GLY P 79 -38.81 -57.79 -5.95
N LEU P 80 -38.33 -58.40 -4.87
CA LEU P 80 -39.07 -59.50 -4.26
C LEU P 80 -40.42 -59.02 -3.73
N ILE P 81 -40.44 -57.83 -3.12
CA ILE P 81 -41.70 -57.27 -2.63
C ILE P 81 -42.65 -57.01 -3.79
N VAL P 82 -42.12 -56.48 -4.90
CA VAL P 82 -42.96 -56.18 -6.06
C VAL P 82 -43.47 -57.46 -6.70
N LEU P 83 -42.69 -58.54 -6.67
CA LEU P 83 -43.09 -59.79 -7.30
C LEU P 83 -44.09 -60.59 -6.50
N ALA P 84 -44.20 -60.35 -5.19
CA ALA P 84 -45.02 -61.18 -4.34
C ALA P 84 -46.51 -61.01 -4.63
N GLN P 85 -47.28 -62.05 -4.34
CA GLN P 85 -48.73 -62.00 -4.50
C GLN P 85 -49.41 -61.29 -3.33
N ASP P 86 -48.80 -61.33 -2.15
CA ASP P 86 -49.38 -60.72 -0.96
C ASP P 86 -48.28 -60.02 -0.17
N ILE P 87 -48.64 -58.91 0.47
CA ILE P 87 -47.72 -58.13 1.28
C ILE P 87 -48.40 -57.81 2.60
N VAL P 88 -47.75 -58.14 3.71
CA VAL P 88 -48.33 -57.91 5.03
C VAL P 88 -48.53 -56.41 5.24
N GLY P 89 -49.75 -56.03 5.59
CA GLY P 89 -50.10 -54.65 5.78
C GLY P 89 -50.46 -53.89 4.52
N GLU P 90 -50.13 -54.42 3.35
CA GLU P 90 -50.40 -53.74 2.08
C GLU P 90 -51.08 -54.74 1.15
N GLU P 91 -50.98 -54.49 -0.16
CA GLU P 91 -51.57 -55.35 -1.16
C GLU P 91 -50.49 -55.83 -2.14
N GLY P 92 -50.66 -57.04 -2.65
CA GLY P 92 -49.73 -57.56 -3.64
C GLY P 92 -49.72 -56.73 -4.91
N TYR P 93 -48.60 -56.80 -5.62
CA TYR P 93 -48.39 -55.97 -6.79
C TYR P 93 -48.40 -56.84 -8.03
N LEU P 94 -47.25 -57.33 -8.50
CA LEU P 94 -47.20 -58.07 -9.76
C LEU P 94 -47.86 -59.44 -9.66
N ASN P 95 -48.00 -59.99 -8.45
CA ASN P 95 -48.68 -61.26 -8.22
C ASN P 95 -48.01 -62.40 -9.00
N LYS P 96 -46.68 -62.43 -8.98
CA LYS P 96 -45.93 -63.43 -9.71
C LYS P 96 -45.49 -64.60 -8.85
N LEU P 97 -45.21 -64.38 -7.56
CA LEU P 97 -44.74 -65.41 -6.66
C LEU P 97 -45.82 -65.71 -5.63
N ASN P 98 -46.28 -66.96 -5.58
CA ASN P 98 -47.31 -67.36 -4.64
C ASN P 98 -46.75 -67.38 -3.22
N ILE P 99 -46.44 -66.21 -2.68
CA ILE P 99 -45.88 -66.08 -1.34
C ILE P 99 -46.45 -64.85 -0.66
N THR P 100 -46.37 -64.85 0.66
CA THR P 100 -46.74 -63.71 1.49
C THR P 100 -45.47 -63.18 2.16
N VAL P 101 -45.16 -61.91 1.92
CA VAL P 101 -43.91 -61.29 2.33
C VAL P 101 -44.22 -60.08 3.20
N GLN P 102 -43.41 -59.87 4.23
CA GLN P 102 -43.52 -58.71 5.12
C GLN P 102 -42.32 -57.79 4.91
N ARG P 103 -42.60 -56.50 4.75
CA ARG P 103 -41.54 -55.52 4.54
C ARG P 103 -40.90 -55.12 5.86
N ASN P 104 -39.58 -54.86 5.80
CA ASN P 104 -38.80 -54.36 6.92
C ASN P 104 -39.03 -55.20 8.18
N SER P 105 -38.67 -56.48 8.07
CA SER P 105 -38.84 -57.39 9.21
C SER P 105 -37.79 -57.12 10.28
N PHE P 106 -36.55 -56.87 9.87
CA PHE P 106 -35.49 -56.53 10.81
C PHE P 106 -35.64 -55.07 11.22
N GLY P 107 -34.67 -54.56 11.98
CA GLY P 107 -34.67 -53.17 12.34
C GLY P 107 -34.38 -52.28 11.14
N ARG P 108 -34.19 -51.00 11.43
CA ARG P 108 -33.86 -50.04 10.39
C ARG P 108 -32.41 -50.20 9.95
N GLN P 109 -31.87 -49.20 9.25
CA GLN P 109 -30.50 -49.29 8.75
C GLN P 109 -29.48 -49.53 9.86
N VAL P 110 -29.80 -49.13 11.09
CA VAL P 110 -28.91 -49.36 12.23
C VAL P 110 -28.92 -50.83 12.61
N ASP P 111 -29.65 -51.64 11.85
CA ASP P 111 -29.72 -53.08 12.08
C ASP P 111 -29.50 -53.89 10.81
N SER P 112 -28.99 -53.26 9.75
CA SER P 112 -28.65 -53.98 8.54
C SER P 112 -27.31 -54.69 8.73
N PHE P 113 -27.08 -55.74 7.94
CA PHE P 113 -25.96 -56.62 8.23
C PHE P 113 -25.51 -57.36 6.96
N GLU P 114 -24.44 -58.13 7.10
CA GLU P 114 -23.97 -59.07 6.11
C GLU P 114 -23.86 -60.46 6.74
N THR P 115 -23.85 -61.48 5.90
CA THR P 115 -23.71 -62.85 6.39
C THR P 115 -23.34 -63.76 5.22
N GLU P 116 -23.03 -65.00 5.57
CA GLU P 116 -22.86 -66.08 4.60
C GLU P 116 -24.16 -66.86 4.48
N LEU P 117 -24.53 -67.19 3.25
CA LEU P 117 -25.80 -67.84 2.96
C LEU P 117 -25.53 -69.10 2.13
N ASP P 118 -26.16 -70.21 2.53
CA ASP P 118 -26.08 -71.46 1.80
C ASP P 118 -27.38 -71.63 1.03
N ILE P 119 -27.36 -71.18 -0.23
CA ILE P 119 -28.54 -71.23 -1.09
C ILE P 119 -28.58 -72.59 -1.77
N LYS P 120 -29.73 -73.27 -1.64
CA LYS P 120 -29.90 -74.60 -2.19
C LYS P 120 -29.85 -74.54 -3.72
N GLY P 121 -28.81 -75.12 -4.31
CA GLY P 121 -28.68 -75.21 -5.75
C GLY P 121 -27.77 -74.18 -6.39
N ILE P 122 -27.15 -73.30 -5.61
CA ILE P 122 -26.25 -72.29 -6.16
C ILE P 122 -24.87 -72.44 -5.55
N ALA P 123 -24.73 -72.04 -4.29
CA ALA P 123 -23.45 -72.12 -3.59
C ALA P 123 -23.70 -72.21 -2.10
N THR P 124 -22.65 -72.56 -1.36
CA THR P 124 -22.72 -72.71 0.08
C THR P 124 -22.12 -71.54 0.84
N ASP P 125 -21.62 -70.52 0.14
CA ASP P 125 -20.97 -69.38 0.77
C ASP P 125 -21.28 -68.10 0.00
N ILE P 126 -22.56 -67.88 -0.31
CA ILE P 126 -22.96 -66.63 -0.95
C ILE P 126 -22.86 -65.49 0.05
N GLU P 127 -22.31 -64.37 -0.38
CA GLU P 127 -22.11 -63.21 0.50
C GLU P 127 -23.37 -62.36 0.44
N GLY P 128 -24.25 -62.54 1.42
CA GLY P 128 -25.53 -61.86 1.44
C GLY P 128 -25.48 -60.58 2.25
N VAL P 129 -26.01 -59.52 1.67
CA VAL P 129 -26.09 -58.20 2.31
C VAL P 129 -27.56 -57.85 2.49
N PHE P 130 -27.98 -57.71 3.74
CA PHE P 130 -29.37 -57.38 4.07
C PHE P 130 -29.42 -55.94 4.55
N ILE P 131 -30.10 -55.09 3.78
CA ILE P 131 -30.24 -53.67 4.06
C ILE P 131 -31.74 -53.38 4.20
N ARG P 132 -32.21 -53.31 5.44
CA ARG P 132 -33.64 -53.19 5.74
C ARG P 132 -34.46 -54.17 4.91
N ALA P 133 -33.96 -55.39 4.81
CA ALA P 133 -34.50 -56.37 3.89
C ALA P 133 -35.80 -56.96 4.43
N PRO P 134 -36.71 -57.36 3.54
CA PRO P 134 -37.91 -58.06 3.95
C PRO P 134 -37.60 -59.53 4.21
N HIS P 135 -38.64 -60.28 4.59
CA HIS P 135 -38.55 -61.72 4.70
C HIS P 135 -39.88 -62.32 4.26
N ILE P 136 -39.80 -63.53 3.70
CA ILE P 136 -40.98 -64.19 3.15
C ILE P 136 -41.69 -64.91 4.28
N GLU P 137 -42.91 -64.45 4.59
CA GLU P 137 -43.63 -65.00 5.73
C GLU P 137 -44.20 -66.38 5.42
N LYS P 138 -44.83 -66.53 4.26
CA LYS P 138 -45.50 -67.78 3.91
C LYS P 138 -45.24 -68.13 2.46
N VAL P 139 -45.21 -69.42 2.17
CA VAL P 139 -45.04 -69.93 0.81
C VAL P 139 -46.30 -70.66 0.38
N GLY P 140 -46.51 -70.72 -0.93
CA GLY P 140 -47.61 -71.44 -1.52
C GLY P 140 -47.19 -72.77 -2.11
N GLN P 141 -48.07 -73.32 -2.95
CA GLN P 141 -47.79 -74.59 -3.62
C GLN P 141 -46.90 -74.36 -4.83
N GLY P 142 -45.81 -75.11 -4.91
CA GLY P 142 -44.89 -75.01 -6.01
C GLY P 142 -43.76 -74.02 -5.83
N VAL P 143 -43.52 -73.56 -4.61
CA VAL P 143 -42.48 -72.58 -4.31
C VAL P 143 -41.35 -73.30 -3.59
N ASP P 144 -40.20 -73.42 -4.25
CA ASP P 144 -39.03 -74.00 -3.64
C ASP P 144 -38.37 -72.99 -2.71
N ILE P 145 -38.10 -73.41 -1.48
CA ILE P 145 -37.44 -72.55 -0.50
C ILE P 145 -35.94 -72.82 -0.60
N LEU P 146 -35.21 -71.86 -1.15
CA LEU P 146 -33.78 -72.05 -1.44
C LEU P 146 -32.90 -71.71 -0.25
N CYS P 147 -33.24 -70.67 0.51
CA CYS P 147 -32.40 -70.26 1.62
C CYS P 147 -33.22 -69.55 2.69
N LYS P 148 -32.91 -69.87 3.95
CA LYS P 148 -33.55 -69.26 5.11
C LYS P 148 -32.49 -68.85 6.11
N VAL P 149 -32.78 -67.77 6.85
CA VAL P 149 -31.88 -67.23 7.86
C VAL P 149 -32.71 -66.89 9.10
N ASN P 150 -32.36 -67.52 10.23
CA ASN P 150 -33.06 -67.34 11.50
C ASN P 150 -34.49 -67.86 11.40
N GLU P 151 -34.62 -69.06 10.83
CA GLU P 151 -35.91 -69.71 10.63
C GLU P 151 -36.82 -68.88 9.73
N LYS P 152 -36.34 -67.69 9.32
CA LYS P 152 -37.05 -66.81 8.41
C LYS P 152 -36.46 -66.95 7.01
N ILE P 153 -37.27 -67.47 6.07
CA ILE P 153 -36.77 -67.72 4.74
C ILE P 153 -36.61 -66.42 3.96
N VAL P 154 -35.60 -66.37 3.09
CA VAL P 154 -35.24 -65.14 2.40
C VAL P 154 -34.93 -65.36 0.93
N ALA P 155 -34.88 -66.62 0.49
CA ALA P 155 -34.58 -66.90 -0.92
C ALA P 155 -35.45 -68.04 -1.40
N VAL P 156 -36.28 -67.77 -2.41
CA VAL P 156 -37.21 -68.74 -2.98
C VAL P 156 -37.14 -68.70 -4.51
N GLN P 157 -37.65 -69.77 -5.12
CA GLN P 157 -37.68 -69.90 -6.56
C GLN P 157 -38.93 -70.67 -6.96
N GLN P 158 -39.79 -70.06 -7.78
CA GLN P 158 -40.98 -70.71 -8.31
C GLN P 158 -40.88 -70.73 -9.83
N GLY P 159 -40.50 -71.88 -10.38
CA GLY P 159 -40.40 -72.05 -11.81
C GLY P 159 -39.46 -71.08 -12.49
N LYS P 160 -40.00 -70.16 -13.28
CA LYS P 160 -39.21 -69.17 -13.98
C LYS P 160 -39.09 -67.85 -13.21
N TYR P 161 -39.40 -67.85 -11.93
CA TYR P 161 -39.34 -66.66 -11.09
C TYR P 161 -38.41 -66.91 -9.92
N LEU P 162 -37.51 -65.96 -9.66
CA LEU P 162 -36.52 -66.10 -8.60
C LEU P 162 -36.59 -64.88 -7.69
N GLY P 163 -36.73 -65.09 -6.39
CA GLY P 163 -36.83 -64.00 -5.45
C GLY P 163 -35.86 -64.16 -4.30
N VAL P 164 -35.19 -63.06 -3.94
CA VAL P 164 -34.26 -63.04 -2.82
C VAL P 164 -34.51 -61.78 -1.99
N SER P 165 -34.32 -61.92 -0.67
CA SER P 165 -34.47 -60.78 0.22
C SER P 165 -33.21 -59.93 0.29
N PHE P 166 -32.05 -60.55 0.12
CA PHE P 166 -30.77 -59.85 0.17
C PHE P 166 -30.43 -59.25 -1.19
N ASN P 167 -29.34 -58.50 -1.22
CA ASN P 167 -28.87 -57.82 -2.44
C ASN P 167 -27.48 -58.33 -2.80
N PRO P 168 -27.38 -59.31 -3.70
CA PRO P 168 -26.06 -59.80 -4.10
C PRO P 168 -25.32 -58.86 -5.04
N GLU P 169 -26.02 -57.89 -5.64
CA GLU P 169 -25.37 -56.99 -6.59
C GLU P 169 -24.35 -56.08 -5.92
N LEU P 170 -24.51 -55.82 -4.62
CA LEU P 170 -23.57 -54.97 -3.90
C LEU P 170 -22.23 -55.65 -3.65
N THR P 171 -22.13 -56.95 -3.89
CA THR P 171 -20.89 -57.68 -3.69
C THR P 171 -20.22 -57.94 -5.03
N ASP P 172 -19.04 -58.54 -4.98
CA ASP P 172 -18.32 -58.96 -6.18
C ASP P 172 -18.69 -60.37 -6.62
N ASP P 173 -19.53 -61.07 -5.85
CA ASP P 173 -19.95 -62.42 -6.16
C ASP P 173 -21.18 -62.35 -7.06
N TYR P 174 -21.03 -62.80 -8.31
CA TYR P 174 -22.08 -62.71 -9.32
C TYR P 174 -22.73 -64.06 -9.61
N ARG P 175 -22.64 -65.01 -8.67
CA ARG P 175 -23.13 -66.36 -8.94
C ARG P 175 -24.65 -66.41 -9.02
N VAL P 176 -25.35 -65.51 -8.33
CA VAL P 176 -26.81 -65.55 -8.33
C VAL P 176 -27.35 -65.13 -9.69
N THR P 177 -26.84 -64.02 -10.24
CA THR P 177 -27.26 -63.59 -11.56
C THR P 177 -26.85 -64.60 -12.61
N ASP P 178 -25.67 -65.21 -12.46
CA ASP P 178 -25.23 -66.26 -13.37
C ASP P 178 -26.20 -67.43 -13.37
N TYR P 179 -26.58 -67.90 -12.16
CA TYR P 179 -27.54 -68.99 -12.06
C TYR P 179 -28.87 -68.62 -12.69
N PHE P 180 -29.36 -67.41 -12.40
CA PHE P 180 -30.62 -66.95 -13.00
C PHE P 180 -30.57 -66.99 -14.52
N ILE P 181 -29.50 -66.46 -15.10
CA ILE P 181 -29.42 -66.36 -16.55
C ILE P 181 -29.25 -67.73 -17.20
N ASN P 182 -28.43 -68.60 -16.59
CA ASN P 182 -28.08 -69.85 -17.24
C ASN P 182 -29.04 -71.00 -16.94
N HIS P 183 -29.85 -70.91 -15.88
CA HIS P 183 -30.72 -72.00 -15.49
C HIS P 183 -32.19 -71.63 -15.42
N ILE P 184 -32.56 -70.40 -15.76
CA ILE P 184 -33.96 -69.99 -15.75
C ILE P 184 -34.30 -69.37 -17.10
N VAL P 185 -33.53 -68.34 -17.50
CA VAL P 185 -33.76 -67.72 -18.80
C VAL P 185 -33.34 -68.65 -19.92
N LYS P 186 -32.28 -69.44 -19.70
CA LYS P 186 -31.82 -70.42 -20.68
C LYS P 186 -32.56 -71.74 -20.61
N LYS P 187 -33.83 -71.72 -20.23
CA LYS P 187 -34.61 -72.95 -20.10
C LYS P 187 -35.96 -72.80 -20.79
N GLY Q 1 -7.88 -68.28 -35.10
CA GLY Q 1 -8.79 -67.14 -34.94
C GLY Q 1 -8.02 -65.85 -34.70
N ALA Q 2 -7.97 -65.41 -33.45
CA ALA Q 2 -7.23 -64.19 -33.10
C ALA Q 2 -5.74 -64.48 -33.18
N MET Q 3 -5.07 -63.82 -34.12
CA MET Q 3 -3.64 -64.03 -34.35
C MET Q 3 -2.83 -62.89 -33.75
N LYS Q 4 -1.65 -63.23 -33.24
CA LYS Q 4 -0.73 -62.26 -32.68
C LYS Q 4 0.26 -61.83 -33.75
N ILE Q 5 0.23 -60.55 -34.12
CA ILE Q 5 1.10 -60.00 -35.15
C ILE Q 5 2.04 -59.00 -34.49
N GLY Q 6 3.33 -59.10 -34.83
CA GLY Q 6 4.34 -58.26 -34.24
C GLY Q 6 4.70 -57.07 -35.12
N VAL Q 7 5.03 -55.95 -34.46
CA VAL Q 7 5.51 -54.74 -35.12
C VAL Q 7 6.85 -54.38 -34.50
N LEU Q 8 7.87 -54.23 -35.34
CA LEU Q 8 9.21 -53.91 -34.88
C LEU Q 8 9.22 -52.56 -34.18
N ALA Q 9 9.17 -52.58 -32.84
CA ALA Q 9 9.05 -51.36 -32.05
C ALA Q 9 10.39 -50.75 -31.69
N LEU Q 10 11.34 -50.73 -32.63
CA LEU Q 10 12.60 -50.07 -32.37
C LEU Q 10 12.50 -48.56 -32.59
N GLN Q 11 11.83 -48.14 -33.66
CA GLN Q 11 11.61 -46.74 -33.95
C GLN Q 11 10.58 -46.63 -35.06
N GLY Q 12 9.77 -45.58 -34.99
CA GLY Q 12 8.81 -45.27 -36.03
C GLY Q 12 7.38 -45.40 -35.56
N ALA Q 13 6.46 -45.30 -36.53
CA ALA Q 13 5.02 -45.33 -36.27
C ALA Q 13 4.60 -46.77 -35.92
N VAL Q 14 4.86 -47.13 -34.67
CA VAL Q 14 4.48 -48.46 -34.17
C VAL Q 14 3.04 -48.45 -33.65
N ARG Q 15 2.63 -47.36 -33.00
CA ARG Q 15 1.26 -47.27 -32.49
C ARG Q 15 0.24 -47.36 -33.60
N GLU Q 16 0.51 -46.74 -34.76
CA GLU Q 16 -0.43 -46.78 -35.87
C GLU Q 16 -0.56 -48.20 -36.42
N HIS Q 17 0.56 -48.91 -36.54
CA HIS Q 17 0.51 -50.28 -37.03
C HIS Q 17 -0.20 -51.20 -36.04
N ILE Q 18 0.01 -51.00 -34.74
CA ILE Q 18 -0.71 -51.78 -33.74
C ILE Q 18 -2.20 -51.49 -33.81
N ARG Q 19 -2.57 -50.22 -34.00
CA ARG Q 19 -3.97 -49.86 -34.14
C ARG Q 19 -4.59 -50.52 -35.37
N HIS Q 20 -3.87 -50.52 -36.49
CA HIS Q 20 -4.40 -51.13 -37.70
C HIS Q 20 -4.50 -52.65 -37.57
N ILE Q 21 -3.59 -53.27 -36.82
CA ILE Q 21 -3.72 -54.69 -36.52
C ILE Q 21 -4.98 -54.93 -35.70
N GLU Q 22 -5.21 -54.10 -34.69
CA GLU Q 22 -6.41 -54.25 -33.87
C GLU Q 22 -7.68 -53.99 -34.67
N LEU Q 23 -7.59 -53.18 -35.73
CA LEU Q 23 -8.75 -52.93 -36.58
C LEU Q 23 -9.08 -54.13 -37.44
N SER Q 24 -8.08 -54.95 -37.78
CA SER Q 24 -8.29 -56.14 -38.58
C SER Q 24 -8.83 -57.32 -37.77
N GLY Q 25 -9.01 -57.14 -36.45
CA GLY Q 25 -9.52 -58.20 -35.61
C GLY Q 25 -8.47 -59.09 -35.00
N HIS Q 26 -7.26 -58.59 -34.81
CA HIS Q 26 -6.15 -59.38 -34.27
C HIS Q 26 -5.44 -58.59 -33.18
N GLU Q 27 -4.53 -59.27 -32.49
CA GLU Q 27 -3.75 -58.68 -31.42
C GLU Q 27 -2.39 -58.24 -31.93
N GLY Q 28 -1.93 -57.09 -31.46
CA GLY Q 28 -0.65 -56.53 -31.85
C GLY Q 28 0.36 -56.63 -30.72
N ILE Q 29 1.62 -56.88 -31.09
CA ILE Q 29 2.71 -57.02 -30.14
C ILE Q 29 3.86 -56.13 -30.60
N ALA Q 30 4.19 -55.13 -29.80
CA ALA Q 30 5.31 -54.23 -30.10
C ALA Q 30 6.59 -54.93 -29.67
N VAL Q 31 7.33 -55.46 -30.64
CA VAL Q 31 8.53 -56.25 -30.35
C VAL Q 31 9.74 -55.34 -30.29
N LYS Q 32 10.44 -55.37 -29.15
CA LYS Q 32 11.70 -54.67 -28.97
C LYS Q 32 12.87 -55.59 -28.70
N LYS Q 33 12.62 -56.83 -28.29
CA LYS Q 33 13.67 -57.81 -28.04
C LYS Q 33 13.49 -59.00 -28.97
N VAL Q 34 14.60 -59.70 -29.23
CA VAL Q 34 14.59 -60.80 -30.20
C VAL Q 34 13.67 -61.93 -29.73
N GLU Q 35 13.61 -62.16 -28.41
CA GLU Q 35 12.82 -63.28 -27.90
C GLU Q 35 11.36 -63.16 -28.31
N GLN Q 36 10.82 -61.94 -28.34
CA GLN Q 36 9.42 -61.75 -28.71
C GLN Q 36 9.12 -62.26 -30.11
N LEU Q 37 10.13 -62.35 -30.97
CA LEU Q 37 9.91 -62.90 -32.31
C LEU Q 37 9.39 -64.33 -32.27
N GLU Q 38 9.66 -65.06 -31.18
CA GLU Q 38 9.17 -66.42 -31.03
C GLU Q 38 7.71 -66.49 -30.61
N GLU Q 39 7.08 -65.34 -30.31
CA GLU Q 39 5.70 -65.33 -29.85
C GLU Q 39 4.71 -64.83 -30.88
N ILE Q 40 5.17 -64.35 -32.04
CA ILE Q 40 4.30 -63.81 -33.06
C ILE Q 40 4.34 -64.72 -34.29
N GLU Q 41 3.25 -64.69 -35.06
CA GLU Q 41 3.15 -65.42 -36.30
C GLU Q 41 3.36 -64.54 -37.54
N GLY Q 42 3.52 -63.24 -37.34
CA GLY Q 42 3.78 -62.34 -38.45
C GLY Q 42 4.44 -61.07 -37.95
N LEU Q 43 5.22 -60.43 -38.82
CA LEU Q 43 5.98 -59.26 -38.46
C LEU Q 43 5.72 -58.13 -39.44
N ILE Q 44 5.55 -56.92 -38.90
CA ILE Q 44 5.40 -55.71 -39.69
C ILE Q 44 6.57 -54.79 -39.37
N LEU Q 45 7.35 -54.45 -40.39
CA LEU Q 45 8.44 -53.51 -40.27
C LEU Q 45 7.90 -52.10 -40.52
N PRO Q 46 7.71 -51.31 -39.48
CA PRO Q 46 6.96 -50.06 -39.62
C PRO Q 46 7.76 -48.98 -40.32
N GLY Q 47 7.07 -47.88 -40.61
CA GLY Q 47 7.71 -46.73 -41.22
C GLY Q 47 8.50 -45.92 -40.22
N GLY Q 48 9.66 -45.45 -40.65
CA GLY Q 48 10.53 -44.65 -39.81
C GLY Q 48 11.77 -44.22 -40.54
N GLU Q 49 12.90 -44.10 -39.84
CA GLU Q 49 14.18 -43.78 -40.45
C GLU Q 49 14.94 -45.08 -40.67
N SER Q 50 15.21 -45.39 -41.94
CA SER Q 50 15.89 -46.64 -42.27
C SER Q 50 17.29 -46.70 -41.67
N THR Q 51 17.97 -45.55 -41.57
CA THR Q 51 19.30 -45.54 -40.96
C THR Q 51 19.23 -45.92 -39.48
N THR Q 52 18.35 -45.25 -38.73
CA THR Q 52 18.18 -45.56 -37.32
C THR Q 52 17.71 -47.01 -37.13
N LEU Q 53 16.82 -47.48 -38.00
CA LEU Q 53 16.32 -48.84 -37.88
C LEU Q 53 17.43 -49.87 -38.12
N ARG Q 54 18.26 -49.64 -39.13
CA ARG Q 54 19.41 -50.51 -39.37
C ARG Q 54 20.35 -50.50 -38.17
N ARG Q 55 20.64 -49.30 -37.63
CA ARG Q 55 21.58 -49.21 -36.52
C ARG Q 55 21.05 -49.91 -35.29
N LEU Q 56 19.73 -49.85 -35.07
CA LEU Q 56 19.14 -50.53 -33.92
C LEU Q 56 19.10 -52.04 -34.12
N MET Q 57 18.82 -52.49 -35.34
CA MET Q 57 18.77 -53.93 -35.60
C MET Q 57 20.15 -54.56 -35.56
N ASN Q 58 21.19 -53.82 -35.95
CA ASN Q 58 22.55 -54.35 -35.96
C ASN Q 58 23.14 -54.53 -34.57
N LEU Q 59 22.50 -53.99 -33.53
CA LEU Q 59 23.11 -53.91 -32.21
C LEU Q 59 22.49 -54.85 -31.18
N TYR Q 60 21.37 -55.50 -31.49
CA TYR Q 60 20.72 -56.40 -30.55
C TYR Q 60 20.49 -57.78 -31.14
N GLY Q 61 21.26 -58.17 -32.16
CA GLY Q 61 21.06 -59.45 -32.79
C GLY Q 61 19.82 -59.55 -33.65
N PHE Q 62 19.18 -58.42 -33.97
CA PHE Q 62 17.96 -58.47 -34.78
C PHE Q 62 18.24 -58.80 -36.23
N LYS Q 63 19.39 -58.35 -36.76
CA LYS Q 63 19.72 -58.63 -38.15
C LYS Q 63 19.91 -60.13 -38.38
N GLU Q 64 20.70 -60.78 -37.53
CA GLU Q 64 20.92 -62.21 -37.67
C GLU Q 64 19.65 -63.00 -37.37
N ALA Q 65 18.85 -62.54 -36.41
CA ALA Q 65 17.63 -63.26 -36.06
C ALA Q 65 16.58 -63.17 -37.16
N LEU Q 66 16.51 -62.03 -37.87
CA LEU Q 66 15.51 -61.87 -38.91
C LEU Q 66 15.99 -62.36 -40.27
N GLN Q 67 17.31 -62.40 -40.49
CA GLN Q 67 17.82 -62.98 -41.72
C GLN Q 67 17.63 -64.50 -41.75
N ASN Q 68 17.56 -65.13 -40.58
CA ASN Q 68 17.39 -66.56 -40.47
C ASN Q 68 15.97 -66.98 -40.12
N SER Q 69 15.06 -66.02 -39.93
CA SER Q 69 13.70 -66.33 -39.51
C SER Q 69 12.83 -66.67 -40.72
N THR Q 70 11.93 -67.63 -40.52
CA THR Q 70 10.98 -68.05 -41.55
C THR Q 70 9.63 -67.35 -41.42
N LEU Q 71 9.60 -66.18 -40.79
CA LEU Q 71 8.37 -65.45 -40.50
C LEU Q 71 8.00 -64.54 -41.68
N PRO Q 72 6.72 -64.49 -42.05
CA PRO Q 72 6.30 -63.55 -43.10
C PRO Q 72 6.40 -62.11 -42.62
N MET Q 73 6.72 -61.21 -43.55
CA MET Q 73 7.00 -59.83 -43.21
C MET Q 73 6.26 -58.86 -44.11
N PHE Q 74 5.85 -57.74 -43.52
CA PHE Q 74 5.14 -56.67 -44.20
C PHE Q 74 5.89 -55.38 -43.90
N GLY Q 75 6.61 -54.87 -44.91
CA GLY Q 75 7.40 -53.67 -44.76
C GLY Q 75 6.75 -52.50 -45.47
N THR Q 76 6.53 -51.42 -44.72
CA THR Q 76 6.11 -50.14 -45.29
C THR Q 76 7.36 -49.38 -45.72
N CYS Q 77 7.26 -48.06 -45.85
CA CYS Q 77 8.46 -47.26 -46.04
C CYS Q 77 9.46 -47.54 -44.93
N ALA Q 78 10.75 -47.42 -45.26
CA ALA Q 78 11.85 -47.83 -44.38
C ALA Q 78 11.85 -49.35 -44.21
N GLY Q 79 10.71 -49.92 -43.82
CA GLY Q 79 10.60 -51.37 -43.78
C GLY Q 79 10.81 -52.01 -45.13
N LEU Q 80 10.30 -51.39 -46.19
CA LEU Q 80 10.59 -51.86 -47.54
C LEU Q 80 12.08 -51.73 -47.86
N ILE Q 81 12.70 -50.63 -47.42
CA ILE Q 81 14.13 -50.46 -47.62
C ILE Q 81 14.91 -51.53 -46.87
N VAL Q 82 14.49 -51.82 -45.64
CA VAL Q 82 15.17 -52.83 -44.83
C VAL Q 82 14.99 -54.21 -45.42
N LEU Q 83 13.84 -54.49 -46.04
CA LEU Q 83 13.57 -55.81 -46.60
C LEU Q 83 14.27 -56.06 -47.93
N ALA Q 84 14.68 -55.01 -48.64
CA ALA Q 84 15.20 -55.17 -49.99
C ALA Q 84 16.55 -55.88 -49.99
N GLN Q 85 16.85 -56.55 -51.10
CA GLN Q 85 18.14 -57.21 -51.28
C GLN Q 85 19.22 -56.23 -51.68
N ASP Q 86 18.85 -55.15 -52.38
CA ASP Q 86 19.81 -54.17 -52.87
C ASP Q 86 19.24 -52.77 -52.67
N ILE Q 87 20.12 -51.82 -52.39
CA ILE Q 87 19.75 -50.42 -52.18
C ILE Q 87 20.72 -49.56 -52.98
N VAL Q 88 20.16 -48.67 -53.82
CA VAL Q 88 20.99 -47.82 -54.66
C VAL Q 88 21.82 -46.90 -53.79
N GLY Q 89 23.13 -46.90 -54.02
CA GLY Q 89 24.06 -46.11 -53.25
C GLY Q 89 24.48 -46.72 -51.94
N GLU Q 90 23.75 -47.72 -51.45
CA GLU Q 90 24.06 -48.37 -50.18
C GLU Q 90 24.06 -49.87 -50.42
N GLU Q 91 23.83 -50.64 -49.35
CA GLU Q 91 23.81 -52.09 -49.44
C GLU Q 91 22.50 -52.64 -48.89
N GLY Q 92 22.06 -53.76 -49.45
CA GLY Q 92 20.87 -54.42 -48.94
C GLY Q 92 21.05 -54.90 -47.51
N TYR Q 93 19.92 -55.04 -46.82
CA TYR Q 93 19.95 -55.36 -45.39
C TYR Q 93 19.42 -56.76 -45.19
N LEU Q 94 18.12 -56.94 -44.96
CA LEU Q 94 17.59 -58.26 -44.63
C LEU Q 94 17.62 -59.21 -45.83
N ASN Q 95 17.69 -58.69 -47.05
CA ASN Q 95 17.80 -59.50 -48.26
C ASN Q 95 16.61 -60.45 -48.41
N LYS Q 96 15.41 -59.92 -48.15
CA LYS Q 96 14.19 -60.72 -48.21
C LYS Q 96 13.44 -60.58 -49.53
N LEU Q 97 13.49 -59.41 -50.17
CA LEU Q 97 12.77 -59.15 -51.41
C LEU Q 97 13.78 -58.99 -52.54
N ASN Q 98 13.66 -59.83 -53.56
CA ASN Q 98 14.55 -59.78 -54.71
C ASN Q 98 14.27 -58.53 -55.55
N ILE Q 99 14.58 -57.35 -55.00
CA ILE Q 99 14.33 -56.09 -55.67
C ILE Q 99 15.47 -55.13 -55.37
N THR Q 100 15.61 -54.12 -56.23
CA THR Q 100 16.55 -53.03 -56.06
C THR Q 100 15.76 -51.75 -55.85
N VAL Q 101 15.98 -51.09 -54.71
CA VAL Q 101 15.18 -49.95 -54.27
C VAL Q 101 16.11 -48.76 -54.05
N GLN Q 102 15.62 -47.57 -54.41
CA GLN Q 102 16.35 -46.33 -54.20
C GLN Q 102 15.65 -45.50 -53.13
N ARG Q 103 16.42 -44.99 -52.17
CA ARG Q 103 15.87 -44.17 -51.11
C ARG Q 103 15.66 -42.74 -51.56
N ASN Q 104 14.60 -42.12 -51.05
CA ASN Q 104 14.28 -40.71 -51.27
C ASN Q 104 14.33 -40.35 -52.76
N SER Q 105 13.48 -41.02 -53.53
CA SER Q 105 13.43 -40.77 -54.97
C SER Q 105 12.77 -39.42 -55.27
N PHE Q 106 11.70 -39.09 -54.54
CA PHE Q 106 11.05 -37.80 -54.69
C PHE Q 106 11.86 -36.73 -53.97
N GLY Q 107 11.33 -35.52 -53.91
CA GLY Q 107 11.98 -34.47 -53.15
C GLY Q 107 11.90 -34.74 -51.66
N ARG Q 108 12.32 -33.73 -50.89
CA ARG Q 108 12.28 -33.83 -49.44
C ARG Q 108 10.85 -33.65 -48.94
N GLN Q 109 10.67 -33.39 -47.64
CA GLN Q 109 9.32 -33.27 -47.09
C GLN Q 109 8.50 -32.19 -47.77
N VAL Q 110 9.13 -31.19 -48.37
CA VAL Q 110 8.43 -30.14 -49.09
C VAL Q 110 7.87 -30.69 -50.40
N ASP Q 111 8.06 -31.98 -50.65
CA ASP Q 111 7.56 -32.64 -51.85
C ASP Q 111 6.81 -33.93 -51.54
N SER Q 112 6.47 -34.18 -50.27
CA SER Q 112 5.68 -35.34 -49.91
C SER Q 112 4.20 -35.07 -50.23
N PHE Q 113 3.43 -36.14 -50.39
CA PHE Q 113 2.09 -35.98 -50.95
C PHE Q 113 1.20 -37.14 -50.53
N GLU Q 114 -0.07 -37.05 -50.95
CA GLU Q 114 -1.05 -38.12 -50.85
C GLU Q 114 -1.63 -38.38 -52.23
N THR Q 115 -2.20 -39.57 -52.39
CA THR Q 115 -2.84 -39.92 -53.65
C THR Q 115 -3.74 -41.13 -53.45
N GLU Q 116 -4.47 -41.46 -54.51
CA GLU Q 116 -5.23 -42.70 -54.60
C GLU Q 116 -4.42 -43.74 -55.35
N LEU Q 117 -4.43 -44.97 -54.85
CA LEU Q 117 -3.62 -46.05 -55.40
C LEU Q 117 -4.52 -47.24 -55.69
N ASP Q 118 -4.37 -47.82 -56.88
CA ASP Q 118 -5.10 -49.03 -57.27
C ASP Q 118 -4.13 -50.20 -57.15
N ILE Q 119 -4.15 -50.86 -55.99
CA ILE Q 119 -3.26 -51.98 -55.71
C ILE Q 119 -3.90 -53.25 -56.25
N LYS Q 120 -3.16 -53.99 -57.07
CA LYS Q 120 -3.68 -55.20 -57.69
C LYS Q 120 -3.93 -56.26 -56.62
N GLY Q 121 -5.20 -56.58 -56.39
CA GLY Q 121 -5.58 -57.63 -55.47
C GLY Q 121 -6.05 -57.16 -54.12
N ILE Q 122 -6.10 -55.86 -53.86
CA ILE Q 122 -6.56 -55.35 -52.58
C ILE Q 122 -7.76 -54.43 -52.79
N ALA Q 123 -7.52 -53.24 -53.32
CA ALA Q 123 -8.58 -52.27 -53.55
C ALA Q 123 -8.15 -51.34 -54.67
N THR Q 124 -9.12 -50.58 -55.19
CA THR Q 124 -8.89 -49.64 -56.28
C THR Q 124 -8.81 -48.20 -55.82
N ASP Q 125 -8.93 -47.94 -54.52
CA ASP Q 125 -8.93 -46.58 -54.00
C ASP Q 125 -8.24 -46.54 -52.63
N ILE Q 126 -7.07 -47.15 -52.54
CA ILE Q 126 -6.28 -47.08 -51.31
C ILE Q 126 -5.72 -45.67 -51.15
N GLU Q 127 -5.82 -45.13 -49.93
CA GLU Q 127 -5.36 -43.78 -49.66
C GLU Q 127 -3.88 -43.84 -49.28
N GLY Q 128 -3.01 -43.58 -50.25
CA GLY Q 128 -1.58 -43.71 -50.06
C GLY Q 128 -0.95 -42.38 -49.69
N VAL Q 129 -0.12 -42.40 -48.65
CA VAL Q 129 0.59 -41.23 -48.17
C VAL Q 129 2.08 -41.48 -48.35
N PHE Q 130 2.73 -40.65 -49.17
CA PHE Q 130 4.15 -40.78 -49.47
C PHE Q 130 4.89 -39.64 -48.77
N ILE Q 131 5.73 -39.99 -47.80
CA ILE Q 131 6.49 -39.03 -47.00
C ILE Q 131 7.97 -39.37 -47.21
N ARG Q 132 8.62 -38.62 -48.09
CA ARG Q 132 10.00 -38.89 -48.51
C ARG Q 132 10.18 -40.37 -48.83
N ALA Q 133 9.19 -40.93 -49.52
CA ALA Q 133 9.11 -42.37 -49.73
C ALA Q 133 10.11 -42.83 -50.79
N PRO Q 134 10.60 -44.06 -50.68
CA PRO Q 134 11.45 -44.62 -51.72
C PRO Q 134 10.59 -45.14 -52.88
N HIS Q 135 11.26 -45.69 -53.88
CA HIS Q 135 10.60 -46.36 -54.98
C HIS Q 135 11.46 -47.54 -55.42
N ILE Q 136 10.79 -48.60 -55.87
CA ILE Q 136 11.47 -49.84 -56.23
C ILE Q 136 11.99 -49.70 -57.66
N GLU Q 137 13.31 -49.68 -57.82
CA GLU Q 137 13.91 -49.45 -59.12
C GLU Q 137 13.79 -50.68 -60.02
N LYS Q 138 14.10 -51.85 -59.49
CA LYS Q 138 14.11 -53.07 -60.29
C LYS Q 138 13.51 -54.22 -59.51
N VAL Q 139 12.88 -55.15 -60.24
CA VAL Q 139 12.30 -56.35 -59.66
C VAL Q 139 13.04 -57.57 -60.18
N GLY Q 140 13.01 -58.64 -59.39
CA GLY Q 140 13.60 -59.90 -59.75
C GLY Q 140 12.57 -60.92 -60.21
N GLN Q 141 12.99 -62.17 -60.24
CA GLN Q 141 12.10 -63.26 -60.64
C GLN Q 141 11.21 -63.67 -59.48
N GLY Q 142 9.91 -63.72 -59.72
CA GLY Q 142 8.95 -64.10 -58.70
C GLY Q 142 8.40 -62.95 -57.88
N VAL Q 143 8.58 -61.71 -58.31
CA VAL Q 143 8.12 -60.54 -57.58
C VAL Q 143 6.92 -59.97 -58.32
N ASP Q 144 5.75 -60.07 -57.69
CA ASP Q 144 4.54 -59.48 -58.26
C ASP Q 144 4.53 -57.98 -58.02
N ILE Q 145 4.31 -57.21 -59.09
CA ILE Q 145 4.24 -55.76 -58.99
C ILE Q 145 2.77 -55.39 -58.78
N LEU Q 146 2.45 -54.94 -57.57
CA LEU Q 146 1.05 -54.68 -57.22
C LEU Q 146 0.60 -53.27 -57.56
N CYS Q 147 1.47 -52.28 -57.41
CA CYS Q 147 1.04 -50.90 -57.66
C CYS Q 147 2.24 -50.04 -58.05
N LYS Q 148 2.02 -49.19 -59.05
CA LYS Q 148 3.01 -48.26 -59.56
C LYS Q 148 2.39 -46.87 -59.72
N VAL Q 149 3.22 -45.85 -59.61
CA VAL Q 149 2.79 -44.44 -59.73
C VAL Q 149 3.77 -43.72 -60.65
N ASN Q 150 3.30 -43.41 -61.88
CA ASN Q 150 4.10 -42.74 -62.90
C ASN Q 150 5.30 -43.59 -63.31
N GLU Q 151 5.01 -44.84 -63.69
CA GLU Q 151 6.01 -45.81 -64.13
C GLU Q 151 7.01 -46.16 -63.03
N LYS Q 152 6.87 -45.53 -61.87
CA LYS Q 152 7.68 -45.85 -60.70
C LYS Q 152 6.84 -46.72 -59.77
N ILE Q 153 7.22 -47.99 -59.66
CA ILE Q 153 6.46 -48.94 -58.87
C ILE Q 153 6.74 -48.71 -57.39
N VAL Q 154 5.71 -48.94 -56.56
CA VAL Q 154 5.79 -48.59 -55.14
C VAL Q 154 5.22 -49.69 -54.25
N ALA Q 155 4.58 -50.70 -54.85
CA ALA Q 155 3.99 -51.78 -54.05
C ALA Q 155 4.21 -53.11 -54.74
N VAL Q 156 4.92 -54.02 -54.06
CA VAL Q 156 5.23 -55.34 -54.58
C VAL Q 156 4.96 -56.40 -53.52
N GLN Q 157 4.87 -57.65 -53.98
CA GLN Q 157 4.62 -58.79 -53.11
C GLN Q 157 5.34 -60.01 -53.68
N GLN Q 158 6.22 -60.60 -52.88
CA GLN Q 158 6.94 -61.81 -53.26
C GLN Q 158 6.58 -62.89 -52.24
N GLY Q 159 5.68 -63.79 -52.61
CA GLY Q 159 5.28 -64.89 -51.75
C GLY Q 159 4.73 -64.46 -50.41
N LYS Q 160 5.48 -64.76 -49.35
CA LYS Q 160 5.08 -64.40 -47.99
C LYS Q 160 5.66 -63.07 -47.53
N TYR Q 161 6.14 -62.25 -48.46
CA TYR Q 161 6.73 -60.96 -48.16
C TYR Q 161 5.98 -59.87 -48.90
N LEU Q 162 5.63 -58.80 -48.21
CA LEU Q 162 4.85 -57.71 -48.81
C LEU Q 162 5.58 -56.40 -48.55
N GLY Q 163 5.81 -55.62 -49.60
CA GLY Q 163 6.52 -54.36 -49.48
C GLY Q 163 5.75 -53.23 -50.13
N VAL Q 164 5.69 -52.10 -49.44
CA VAL Q 164 5.04 -50.91 -49.96
C VAL Q 164 5.92 -49.70 -49.68
N SER Q 165 5.91 -48.74 -50.60
CA SER Q 165 6.67 -47.51 -50.43
C SER Q 165 5.91 -46.48 -49.60
N PHE Q 166 4.58 -46.51 -49.66
CA PHE Q 166 3.75 -45.57 -48.92
C PHE Q 166 3.48 -46.08 -47.51
N ASN Q 167 2.81 -45.25 -46.71
CA ASN Q 167 2.49 -45.58 -45.32
C ASN Q 167 0.99 -45.58 -45.14
N PRO Q 168 0.33 -46.75 -45.23
CA PRO Q 168 -1.13 -46.79 -45.01
C PRO Q 168 -1.53 -46.66 -43.56
N GLU Q 169 -0.60 -46.82 -42.62
CA GLU Q 169 -0.95 -46.76 -41.20
C GLU Q 169 -1.38 -45.37 -40.77
N LEU Q 170 -0.93 -44.34 -41.48
CA LEU Q 170 -1.29 -42.96 -41.14
C LEU Q 170 -2.73 -42.63 -41.50
N THR Q 171 -3.41 -43.48 -42.25
CA THR Q 171 -4.80 -43.27 -42.64
C THR Q 171 -5.72 -44.13 -41.77
N ASP Q 172 -7.02 -43.96 -41.99
CA ASP Q 172 -8.02 -44.78 -41.33
C ASP Q 172 -8.36 -46.04 -42.13
N ASP Q 173 -7.78 -46.19 -43.32
CA ASP Q 173 -8.02 -47.35 -44.17
C ASP Q 173 -7.03 -48.45 -43.78
N TYR Q 174 -7.55 -49.55 -43.24
CA TYR Q 174 -6.74 -50.65 -42.73
C TYR Q 174 -6.76 -51.87 -43.64
N ARG Q 175 -7.09 -51.69 -44.93
CA ARG Q 175 -7.27 -52.83 -45.81
C ARG Q 175 -5.95 -53.51 -46.15
N VAL Q 176 -4.83 -52.78 -46.10
CA VAL Q 176 -3.55 -53.38 -46.47
C VAL Q 176 -3.10 -54.36 -45.38
N THR Q 177 -3.17 -53.93 -44.12
CA THR Q 177 -2.82 -54.82 -43.02
C THR Q 177 -3.79 -56.00 -42.94
N ASP Q 178 -5.07 -55.76 -43.22
CA ASP Q 178 -6.04 -56.84 -43.26
C ASP Q 178 -5.69 -57.87 -44.31
N TYR Q 179 -5.35 -57.40 -45.52
CA TYR Q 179 -4.93 -58.31 -46.59
C TYR Q 179 -3.69 -59.09 -46.20
N PHE Q 180 -2.70 -58.40 -45.62
CA PHE Q 180 -1.47 -59.08 -45.19
C PHE Q 180 -1.79 -60.19 -44.19
N ILE Q 181 -2.60 -59.89 -43.18
CA ILE Q 181 -2.84 -60.87 -42.13
C ILE Q 181 -3.68 -62.04 -42.65
N ASN Q 182 -4.69 -61.76 -43.48
CA ASN Q 182 -5.64 -62.79 -43.87
C ASN Q 182 -5.21 -63.59 -45.10
N HIS Q 183 -4.28 -63.08 -45.92
CA HIS Q 183 -3.92 -63.76 -47.15
C HIS Q 183 -2.42 -64.07 -47.25
N ILE Q 184 -1.64 -63.78 -46.23
CA ILE Q 184 -0.21 -64.10 -46.24
C ILE Q 184 0.14 -64.88 -44.97
N VAL Q 185 -0.17 -64.29 -43.81
CA VAL Q 185 0.09 -64.98 -42.55
C VAL Q 185 -0.86 -66.16 -42.38
N LYS Q 186 -2.10 -66.03 -42.86
CA LYS Q 186 -3.09 -67.10 -42.80
C LYS Q 186 -2.97 -68.07 -43.95
N LYS Q 187 -1.77 -68.30 -44.48
CA LYS Q 187 -1.58 -69.20 -45.60
C LYS Q 187 -0.42 -70.16 -45.35
N GLY R 1 -6.87 -61.63 46.57
CA GLY R 1 -5.74 -60.77 46.25
C GLY R 1 -6.22 -59.40 45.79
N ALA R 2 -6.17 -59.16 44.47
CA ALA R 2 -6.63 -57.91 43.90
C ALA R 2 -8.14 -57.83 43.98
N MET R 3 -8.65 -56.90 44.78
CA MET R 3 -10.08 -56.74 45.01
C MET R 3 -10.62 -55.57 44.20
N LYS R 4 -11.85 -55.72 43.73
CA LYS R 4 -12.54 -54.68 42.98
C LYS R 4 -13.40 -53.86 43.94
N ILE R 5 -13.08 -52.58 44.07
CA ILE R 5 -13.79 -51.67 44.98
C ILE R 5 -14.49 -50.63 44.15
N GLY R 6 -15.76 -50.37 44.46
CA GLY R 6 -16.58 -49.43 43.71
C GLY R 6 -16.65 -48.07 44.36
N VAL R 7 -16.71 -47.04 43.52
CA VAL R 7 -16.91 -45.66 43.95
C VAL R 7 -18.15 -45.12 43.24
N LEU R 8 -19.10 -44.60 44.02
CA LEU R 8 -20.33 -44.07 43.47
C LEU R 8 -20.04 -42.89 42.55
N ALA R 9 -20.00 -43.15 41.24
CA ALA R 9 -19.61 -42.15 40.25
C ALA R 9 -20.79 -41.32 39.77
N LEU R 10 -21.69 -40.93 40.66
CA LEU R 10 -22.79 -40.06 40.25
C LEU R 10 -22.35 -38.60 40.22
N GLN R 11 -21.59 -38.17 41.23
CA GLN R 11 -21.07 -36.82 41.30
C GLN R 11 -20.02 -36.76 42.41
N GLY R 12 -19.01 -35.94 42.20
CA GLY R 12 -18.00 -35.68 43.21
C GLY R 12 -16.63 -36.19 42.79
N ALA R 13 -15.71 -36.14 43.76
CA ALA R 13 -14.32 -36.53 43.55
C ALA R 13 -14.23 -38.05 43.44
N VAL R 14 -14.58 -38.56 42.27
CA VAL R 14 -14.51 -39.99 42.01
C VAL R 14 -13.12 -40.40 41.55
N ARG R 15 -12.47 -39.55 40.74
CA ARG R 15 -11.12 -39.85 40.25
C ARG R 15 -10.14 -39.99 41.40
N GLU R 16 -10.26 -39.12 42.42
CA GLU R 16 -9.34 -39.19 43.56
C GLU R 16 -9.54 -40.48 44.34
N HIS R 17 -10.78 -40.90 44.54
CA HIS R 17 -11.03 -42.15 45.26
C HIS R 17 -10.54 -43.36 44.45
N ILE R 18 -10.72 -43.33 43.13
CA ILE R 18 -10.20 -44.41 42.31
C ILE R 18 -8.68 -44.45 42.37
N ARG R 19 -8.03 -43.28 42.36
CA ARG R 19 -6.58 -43.22 42.48
C ARG R 19 -6.12 -43.77 43.82
N HIS R 20 -6.82 -43.44 44.91
CA HIS R 20 -6.44 -43.94 46.23
C HIS R 20 -6.68 -45.43 46.34
N ILE R 21 -7.71 -45.95 45.68
CA ILE R 21 -7.89 -47.41 45.63
C ILE R 21 -6.73 -48.06 44.89
N GLU R 22 -6.33 -47.48 43.76
CA GLU R 22 -5.20 -48.03 43.02
C GLU R 22 -3.90 -47.92 43.80
N LEU R 23 -3.79 -46.93 44.69
CA LEU R 23 -2.60 -46.82 45.52
C LEU R 23 -2.54 -47.90 46.59
N SER R 24 -3.70 -48.40 47.03
CA SER R 24 -3.75 -49.47 48.01
C SER R 24 -3.50 -50.85 47.42
N GLY R 25 -3.31 -50.94 46.11
CA GLY R 25 -3.05 -52.22 45.48
C GLY R 25 -4.27 -52.95 44.98
N HIS R 26 -5.35 -52.23 44.68
CA HIS R 26 -6.60 -52.83 44.25
C HIS R 26 -7.12 -52.10 43.02
N GLU R 27 -8.17 -52.67 42.42
CA GLU R 27 -8.80 -52.12 41.24
C GLU R 27 -10.03 -51.30 41.63
N GLY R 28 -10.22 -50.18 40.96
CA GLY R 28 -11.34 -49.29 41.22
C GLY R 28 -12.36 -49.35 40.09
N ILE R 29 -13.63 -49.26 40.45
CA ILE R 29 -14.74 -49.31 39.49
C ILE R 29 -15.65 -48.12 39.77
N ALA R 30 -15.75 -47.21 38.80
CA ALA R 30 -16.64 -46.06 38.91
C ALA R 30 -18.05 -46.51 38.58
N VAL R 31 -18.89 -46.69 39.60
CA VAL R 31 -20.22 -47.24 39.41
C VAL R 31 -21.21 -46.09 39.15
N LYS R 32 -21.90 -46.16 38.01
CA LYS R 32 -22.97 -45.24 37.68
C LYS R 32 -24.31 -45.92 37.52
N LYS R 33 -24.35 -47.23 37.34
CA LYS R 33 -25.59 -47.99 37.20
C LYS R 33 -25.68 -49.01 38.32
N VAL R 34 -26.92 -49.39 38.66
CA VAL R 34 -27.15 -50.28 39.78
C VAL R 34 -26.51 -51.65 39.55
N GLU R 35 -26.51 -52.12 38.29
CA GLU R 35 -26.00 -53.44 37.99
C GLU R 35 -24.54 -53.59 38.42
N GLN R 36 -23.75 -52.53 38.28
CA GLN R 36 -22.34 -52.59 38.66
C GLN R 36 -22.15 -52.90 40.14
N LEU R 37 -23.15 -52.63 40.97
CA LEU R 37 -23.06 -52.98 42.39
C LEU R 37 -22.87 -54.47 42.59
N GLU R 38 -23.31 -55.29 41.63
CA GLU R 38 -23.12 -56.74 41.72
C GLU R 38 -21.71 -57.18 41.35
N GLU R 39 -20.86 -56.27 40.89
CA GLU R 39 -19.51 -56.63 40.46
C GLU R 39 -18.43 -56.19 41.44
N ILE R 40 -18.76 -55.44 42.48
CA ILE R 40 -17.79 -54.94 43.43
C ILE R 40 -18.01 -55.60 44.78
N GLU R 41 -16.94 -55.69 45.56
CA GLU R 41 -16.99 -56.22 46.92
C GLU R 41 -16.99 -55.13 47.98
N GLY R 42 -16.85 -53.87 47.58
CA GLY R 42 -16.89 -52.76 48.52
C GLY R 42 -17.26 -51.49 47.80
N LEU R 43 -17.87 -50.56 48.54
CA LEU R 43 -18.36 -49.31 47.96
C LEU R 43 -17.85 -48.12 48.75
N ILE R 44 -17.42 -47.09 48.03
CA ILE R 44 -17.01 -45.83 48.61
C ILE R 44 -17.96 -44.75 48.11
N LEU R 45 -18.63 -44.08 49.05
CA LEU R 45 -19.48 -42.95 48.73
C LEU R 45 -18.64 -41.69 48.76
N PRO R 46 -18.28 -41.13 47.61
CA PRO R 46 -17.26 -40.09 47.57
C PRO R 46 -17.79 -38.74 48.05
N GLY R 47 -16.86 -37.80 48.20
CA GLY R 47 -17.22 -36.45 48.59
C GLY R 47 -17.83 -35.67 47.42
N GLY R 48 -18.85 -34.89 47.74
CA GLY R 48 -19.52 -34.07 46.76
C GLY R 48 -20.63 -33.26 47.37
N GLU R 49 -21.71 -33.02 46.63
CA GLU R 49 -22.88 -32.33 47.14
C GLU R 49 -23.92 -33.37 47.55
N SER R 50 -24.24 -33.41 48.85
CA SER R 50 -25.17 -34.40 49.36
C SER R 50 -26.55 -34.24 48.72
N THR R 51 -26.96 -33.01 48.41
CA THR R 51 -28.25 -32.80 47.76
C THR R 51 -28.27 -33.42 46.37
N THR R 52 -27.26 -33.10 45.55
CA THR R 52 -27.17 -33.68 44.22
C THR R 52 -27.05 -35.20 44.29
N LEU R 53 -26.29 -35.71 45.25
CA LEU R 53 -26.10 -37.15 45.38
C LEU R 53 -27.42 -37.85 45.73
N ARG R 54 -28.18 -37.27 46.67
CA ARG R 54 -29.50 -37.81 46.99
C ARG R 54 -30.41 -37.78 45.78
N ARG R 55 -30.43 -36.66 45.06
CA ARG R 55 -31.32 -36.53 43.91
C ARG R 55 -30.96 -37.54 42.82
N LEU R 56 -29.67 -37.82 42.64
CA LEU R 56 -29.27 -38.79 41.64
C LEU R 56 -29.56 -40.22 42.08
N MET R 57 -29.39 -40.51 43.38
CA MET R 57 -29.66 -41.85 43.86
C MET R 57 -31.15 -42.16 43.87
N ASN R 58 -31.99 -41.15 44.11
CA ASN R 58 -33.43 -41.36 44.16
C ASN R 58 -34.05 -41.62 42.79
N LEU R 59 -33.31 -41.42 41.70
CA LEU R 59 -33.88 -41.43 40.37
C LEU R 59 -33.49 -42.64 39.53
N TYR R 60 -32.55 -43.46 39.99
CA TYR R 60 -32.12 -44.62 39.22
C TYR R 60 -32.20 -45.91 40.04
N GLY R 61 -33.04 -45.93 41.09
CA GLY R 61 -33.14 -47.09 41.94
C GLY R 61 -31.94 -47.33 42.83
N PHE R 62 -31.07 -46.34 42.99
CA PHE R 62 -29.88 -46.52 43.82
C PHE R 62 -30.23 -46.54 45.30
N LYS R 63 -31.24 -45.77 45.71
CA LYS R 63 -31.62 -45.73 47.11
C LYS R 63 -32.14 -47.09 47.58
N GLU R 64 -33.05 -47.68 46.81
CA GLU R 64 -33.60 -48.98 47.18
C GLU R 64 -32.54 -50.07 47.07
N ALA R 65 -31.65 -49.97 46.07
CA ALA R 65 -30.63 -50.99 45.88
C ALA R 65 -29.58 -50.95 46.98
N LEU R 66 -29.25 -49.76 47.50
CA LEU R 66 -28.23 -49.64 48.53
C LEU R 66 -28.80 -49.79 49.93
N GLN R 67 -30.09 -49.49 50.11
CA GLN R 67 -30.72 -49.74 51.40
C GLN R 67 -30.87 -51.23 51.68
N ASN R 68 -30.96 -52.05 50.63
CA ASN R 68 -31.11 -53.49 50.76
C ASN R 68 -29.82 -54.26 50.54
N SER R 69 -28.72 -53.57 50.23
CA SER R 69 -27.46 -54.23 49.91
C SER R 69 -26.68 -54.54 51.18
N THR R 70 -26.02 -55.70 51.17
CA THR R 70 -25.19 -56.15 52.29
C THR R 70 -23.72 -55.80 52.08
N LEU R 71 -23.43 -54.78 51.27
CA LEU R 71 -22.07 -54.40 50.91
C LEU R 71 -21.50 -53.42 51.94
N PRO R 72 -20.24 -53.58 52.33
CA PRO R 72 -19.62 -52.60 53.23
C PRO R 72 -19.38 -51.28 52.52
N MET R 73 -19.48 -50.19 53.28
CA MET R 73 -19.46 -48.86 52.70
C MET R 73 -18.51 -47.95 53.46
N PHE R 74 -17.87 -47.06 52.70
CA PHE R 74 -16.93 -46.06 53.21
C PHE R 74 -17.38 -44.70 52.70
N GLY R 75 -17.97 -43.90 53.58
CA GLY R 75 -18.48 -42.58 53.22
C GLY R 75 -17.57 -41.49 53.75
N THR R 76 -17.13 -40.62 52.84
CA THR R 76 -16.43 -39.40 53.19
C THR R 76 -17.47 -38.31 53.47
N CYS R 77 -17.07 -37.05 53.37
CA CYS R 77 -18.06 -35.98 53.39
C CYS R 77 -19.11 -36.22 52.31
N ALA R 78 -20.34 -35.78 52.58
CA ALA R 78 -21.51 -36.07 51.76
C ALA R 78 -21.84 -37.57 51.83
N GLY R 79 -20.86 -38.42 51.57
CA GLY R 79 -21.06 -39.85 51.77
C GLY R 79 -21.41 -40.20 53.21
N LEU R 80 -20.76 -39.52 54.16
CA LEU R 80 -21.14 -39.68 55.57
C LEU R 80 -22.57 -39.18 55.80
N ILE R 81 -22.92 -38.07 55.17
CA ILE R 81 -24.28 -37.54 55.29
C ILE R 81 -25.28 -38.52 54.70
N VAL R 82 -24.94 -39.11 53.55
CA VAL R 82 -25.83 -40.06 52.89
C VAL R 82 -25.97 -41.34 53.72
N LEU R 83 -24.91 -41.75 54.41
CA LEU R 83 -24.93 -42.99 55.19
C LEU R 83 -25.66 -42.84 56.51
N ALA R 84 -25.82 -41.64 57.03
CA ALA R 84 -26.35 -41.44 58.37
C ALA R 84 -27.83 -41.82 58.45
N GLN R 85 -28.26 -42.22 59.64
CA GLN R 85 -29.66 -42.53 59.89
C GLN R 85 -30.50 -41.28 60.10
N ASP R 86 -29.91 -40.21 60.62
CA ASP R 86 -30.62 -38.98 60.90
C ASP R 86 -29.75 -37.79 60.49
N ILE R 87 -30.42 -36.74 60.03
CA ILE R 87 -29.76 -35.51 59.60
C ILE R 87 -30.49 -34.34 60.22
N VAL R 88 -29.76 -33.46 60.90
CA VAL R 88 -30.36 -32.31 61.56
C VAL R 88 -30.99 -31.40 60.52
N GLY R 89 -32.27 -31.09 60.71
CA GLY R 89 -33.01 -30.26 59.78
C GLY R 89 -33.57 -30.98 58.58
N GLU R 90 -33.11 -32.19 58.30
CA GLU R 90 -33.57 -32.96 57.14
C GLU R 90 -33.94 -34.35 57.62
N GLU R 91 -33.93 -35.32 56.70
CA GLU R 91 -34.25 -36.70 57.01
C GLU R 91 -33.10 -37.61 56.60
N GLY R 92 -32.92 -38.70 57.35
CA GLY R 92 -31.90 -39.67 57.02
C GLY R 92 -32.15 -40.32 55.67
N TYR R 93 -31.06 -40.81 55.07
CA TYR R 93 -31.12 -41.35 53.72
C TYR R 93 -30.90 -42.84 53.77
N LEU R 94 -29.66 -43.33 53.62
CA LEU R 94 -29.43 -44.77 53.54
C LEU R 94 -29.65 -45.48 54.87
N ASN R 95 -29.61 -44.75 55.98
CA ASN R 95 -29.89 -45.32 57.32
C ASN R 95 -28.93 -46.47 57.64
N LYS R 96 -27.65 -46.27 57.34
CA LYS R 96 -26.64 -47.29 57.57
C LYS R 96 -25.86 -47.10 58.87
N LEU R 97 -25.65 -45.86 59.30
CA LEU R 97 -24.89 -45.55 60.50
C LEU R 97 -25.82 -44.99 61.55
N ASN R 98 -25.90 -45.66 62.70
CA ASN R 98 -26.75 -45.21 63.80
C ASN R 98 -26.20 -43.94 64.43
N ILE R 99 -26.24 -42.83 63.69
CA ILE R 99 -25.71 -41.55 64.14
C ILE R 99 -26.61 -40.43 63.66
N THR R 100 -26.52 -39.29 64.34
CA THR R 100 -27.20 -38.06 63.96
C THR R 100 -26.13 -37.05 63.56
N VAL R 101 -26.21 -36.56 62.33
CA VAL R 101 -25.18 -35.71 61.73
C VAL R 101 -25.82 -34.40 61.29
N GLN R 102 -25.08 -33.30 61.46
CA GLN R 102 -25.49 -31.98 61.03
C GLN R 102 -24.62 -31.51 59.87
N ARG R 103 -25.27 -31.03 58.81
CA ARG R 103 -24.54 -30.54 57.65
C ARG R 103 -24.03 -29.13 57.87
N ASN R 104 -22.85 -28.85 57.29
CA ASN R 104 -22.24 -27.52 57.30
C ASN R 104 -22.20 -26.93 58.71
N SER R 105 -21.50 -27.63 59.60
CA SER R 105 -21.38 -27.15 60.98
C SER R 105 -20.45 -25.96 61.07
N PHE R 106 -19.34 -25.99 60.33
CA PHE R 106 -18.41 -24.87 60.29
C PHE R 106 -18.97 -23.80 59.37
N GLY R 107 -18.19 -22.76 59.11
CA GLY R 107 -18.58 -21.73 58.17
C GLY R 107 -18.57 -22.26 56.75
N ARG R 108 -18.76 -21.33 55.81
CA ARG R 108 -18.74 -21.67 54.40
C ARG R 108 -17.30 -21.91 53.93
N GLN R 109 -17.09 -21.91 52.62
CA GLN R 109 -15.76 -22.19 52.08
C GLN R 109 -14.70 -21.22 52.59
N VAL R 110 -15.10 -20.02 53.01
CA VAL R 110 -14.17 -19.05 53.56
C VAL R 110 -13.75 -19.48 54.96
N ASP R 111 -14.22 -20.65 55.41
CA ASP R 111 -13.86 -21.19 56.71
C ASP R 111 -13.43 -22.65 56.64
N SER R 112 -13.15 -23.17 55.45
CA SER R 112 -12.62 -24.51 55.30
C SER R 112 -11.13 -24.52 55.63
N PHE R 113 -10.62 -25.70 55.99
CA PHE R 113 -9.28 -25.75 56.56
C PHE R 113 -8.67 -27.13 56.37
N GLU R 114 -7.41 -27.26 56.81
CA GLU R 114 -6.70 -28.52 56.93
C GLU R 114 -6.19 -28.67 58.36
N THR R 115 -5.89 -29.90 58.74
CA THR R 115 -5.35 -30.17 60.06
C THR R 115 -4.74 -31.56 60.10
N GLU R 116 -4.09 -31.87 61.21
CA GLU R 116 -3.63 -33.21 61.53
C GLU R 116 -4.65 -33.90 62.42
N LEU R 117 -4.93 -35.17 62.13
CA LEU R 117 -5.94 -35.93 62.82
C LEU R 117 -5.34 -37.23 63.32
N ASP R 118 -5.61 -37.56 64.58
CA ASP R 118 -5.17 -38.82 65.19
C ASP R 118 -6.38 -39.75 65.22
N ILE R 119 -6.51 -40.57 64.19
CA ILE R 119 -7.63 -41.50 64.07
C ILE R 119 -7.29 -42.77 64.83
N LYS R 120 -8.18 -43.17 65.74
CA LYS R 120 -7.96 -44.35 66.57
C LYS R 120 -7.96 -45.60 65.70
N GLY R 121 -6.79 -46.23 65.58
CA GLY R 121 -6.66 -47.48 64.86
C GLY R 121 -6.10 -47.38 63.46
N ILE R 122 -5.75 -46.17 63.00
CA ILE R 122 -5.19 -45.99 61.66
C ILE R 122 -3.82 -45.34 61.76
N ALA R 123 -3.79 -44.06 62.07
CA ALA R 123 -2.54 -43.32 62.17
C ALA R 123 -2.73 -42.14 63.11
N THR R 124 -1.61 -41.55 63.52
CA THR R 124 -1.62 -40.41 64.44
C THR R 124 -1.38 -39.08 63.74
N ASP R 125 -1.20 -39.08 62.43
CA ASP R 125 -0.90 -37.86 61.68
C ASP R 125 -1.57 -37.90 60.31
N ILE R 126 -2.86 -38.23 60.28
CA ILE R 126 -3.62 -38.19 59.04
C ILE R 126 -3.84 -36.74 58.63
N GLU R 127 -3.64 -36.45 57.35
CA GLU R 127 -3.78 -35.10 56.82
C GLU R 127 -5.23 -34.89 56.42
N GLY R 128 -6.02 -34.28 57.32
CA GLY R 128 -7.44 -34.12 57.09
C GLY R 128 -7.76 -32.77 56.49
N VAL R 129 -8.58 -32.79 55.45
CA VAL R 129 -9.02 -31.58 54.75
C VAL R 129 -10.53 -31.47 54.93
N PHE R 130 -10.97 -30.38 55.59
CA PHE R 130 -12.38 -30.14 55.85
C PHE R 130 -12.84 -29.01 54.95
N ILE R 131 -13.76 -29.32 54.02
CA ILE R 131 -14.29 -28.37 53.06
C ILE R 131 -15.80 -28.33 53.26
N ARG R 132 -16.28 -27.32 53.98
CA ARG R 132 -17.68 -27.21 54.40
C ARG R 132 -18.18 -28.53 54.95
N ALA R 133 -17.35 -29.18 55.76
CA ALA R 133 -17.59 -30.53 56.21
C ALA R 133 -18.65 -30.58 57.30
N PRO R 134 -19.40 -31.66 57.38
CA PRO R 134 -20.35 -31.85 58.48
C PRO R 134 -19.62 -32.33 59.73
N HIS R 135 -20.40 -32.54 60.79
CA HIS R 135 -19.88 -33.16 62.00
C HIS R 135 -20.98 -34.02 62.60
N ILE R 136 -20.57 -35.10 63.24
CA ILE R 136 -21.51 -36.09 63.78
C ILE R 136 -21.98 -35.60 65.14
N GLU R 137 -23.27 -35.26 65.24
CA GLU R 137 -23.80 -34.69 66.47
C GLU R 137 -23.94 -35.75 67.57
N LYS R 138 -24.52 -36.90 67.22
CA LYS R 138 -24.80 -37.92 68.21
C LYS R 138 -24.46 -39.30 67.65
N VAL R 139 -24.06 -40.21 68.54
CA VAL R 139 -23.75 -41.59 68.19
C VAL R 139 -24.75 -42.51 68.87
N GLY R 140 -24.95 -43.68 68.26
CA GLY R 140 -25.81 -44.71 68.80
C GLY R 140 -25.04 -45.83 69.46
N GLN R 141 -25.73 -46.94 69.69
CA GLN R 141 -25.10 -48.10 70.29
C GLN R 141 -24.33 -48.90 69.24
N GLY R 142 -23.07 -49.20 69.55
CA GLY R 142 -22.23 -49.94 68.63
C GLY R 142 -21.44 -49.11 67.65
N VAL R 143 -21.33 -47.80 67.87
CA VAL R 143 -20.63 -46.90 66.97
C VAL R 143 -19.32 -46.50 67.64
N ASP R 144 -18.20 -46.95 67.08
CA ASP R 144 -16.89 -46.56 67.58
C ASP R 144 -16.55 -45.16 67.10
N ILE R 145 -16.15 -44.29 68.03
CA ILE R 145 -15.76 -42.93 67.71
C ILE R 145 -14.25 -42.91 67.48
N LEU R 146 -13.85 -42.76 66.22
CA LEU R 146 -12.43 -42.86 65.87
C LEU R 146 -11.69 -41.54 66.00
N CYS R 147 -12.31 -40.42 65.65
CA CYS R 147 -11.60 -39.15 65.68
C CYS R 147 -12.56 -37.99 65.89
N LYS R 148 -12.13 -37.05 66.75
CA LYS R 148 -12.87 -35.84 67.08
C LYS R 148 -11.94 -34.64 67.02
N VAL R 149 -12.52 -33.48 66.74
CA VAL R 149 -11.79 -32.22 66.64
C VAL R 149 -12.53 -31.16 67.47
N ASN R 150 -11.96 -30.81 68.62
CA ASN R 150 -12.56 -29.85 69.55
C ASN R 150 -13.89 -30.39 70.08
N GLU R 151 -13.84 -31.62 70.60
CA GLU R 151 -15.00 -32.32 71.16
C GLU R 151 -16.09 -32.56 70.12
N LYS R 152 -15.86 -32.12 68.88
CA LYS R 152 -16.77 -32.38 67.77
C LYS R 152 -16.20 -33.54 66.97
N ILE R 153 -16.88 -34.69 67.03
CA ILE R 153 -16.38 -35.90 66.39
C ILE R 153 -16.62 -35.84 64.89
N VAL R 154 -15.69 -36.44 64.14
CA VAL R 154 -15.70 -36.33 62.68
C VAL R 154 -15.40 -37.65 62.00
N ALA R 155 -15.00 -38.67 62.76
CA ALA R 155 -14.67 -39.96 62.18
C ALA R 155 -15.17 -41.09 63.06
N VAL R 156 -16.06 -41.92 62.51
CA VAL R 156 -16.67 -43.03 63.24
C VAL R 156 -16.64 -44.29 62.37
N GLN R 157 -16.83 -45.43 63.04
CA GLN R 157 -16.85 -46.73 62.37
C GLN R 157 -17.82 -47.64 63.11
N GLN R 158 -18.82 -48.15 62.40
CA GLN R 158 -19.79 -49.10 62.94
C GLN R 158 -19.70 -50.39 62.13
N GLY R 159 -19.01 -51.39 62.67
CA GLY R 159 -18.89 -52.68 62.03
C GLY R 159 -18.26 -52.62 60.66
N LYS R 160 -19.06 -52.90 59.62
CA LYS R 160 -18.60 -52.88 58.24
C LYS R 160 -18.86 -51.55 57.55
N TYR R 161 -19.14 -50.49 58.31
CA TYR R 161 -19.41 -49.17 57.77
C TYR R 161 -18.43 -48.18 58.37
N LEU R 162 -17.85 -47.34 57.51
CA LEU R 162 -16.84 -46.37 57.94
C LEU R 162 -17.26 -44.99 57.45
N GLY R 163 -17.31 -44.02 58.35
CA GLY R 163 -17.71 -42.67 57.99
C GLY R 163 -16.72 -41.64 58.49
N VAL R 164 -16.41 -40.68 57.62
CA VAL R 164 -15.51 -39.58 57.96
C VAL R 164 -16.09 -38.28 57.45
N SER R 165 -15.86 -37.21 58.22
CA SER R 165 -16.33 -35.88 57.81
C SER R 165 -15.35 -35.20 56.85
N PHE R 166 -14.06 -35.51 56.95
CA PHE R 166 -13.05 -34.91 56.11
C PHE R 166 -12.92 -35.69 54.80
N ASN R 167 -12.09 -35.18 53.89
CA ASN R 167 -11.86 -35.80 52.59
C ASN R 167 -10.39 -36.17 52.46
N PRO R 168 -10.01 -37.42 52.76
CA PRO R 168 -8.61 -37.82 52.61
C PRO R 168 -8.20 -38.03 51.16
N GLU R 169 -9.15 -38.13 50.24
CA GLU R 169 -8.80 -38.38 48.84
C GLU R 169 -8.07 -37.21 48.21
N LEU R 170 -8.27 -36.00 48.73
CA LEU R 170 -7.61 -34.82 48.18
C LEU R 170 -6.14 -34.76 48.52
N THR R 171 -5.66 -35.61 49.42
CA THR R 171 -4.25 -35.63 49.81
C THR R 171 -3.55 -36.83 49.14
N ASP R 172 -2.24 -36.91 49.35
CA ASP R 172 -1.46 -38.04 48.88
C ASP R 172 -1.41 -39.19 49.88
N ASP R 173 -2.00 -39.00 51.06
CA ASP R 173 -2.02 -40.03 52.10
C ASP R 173 -3.23 -40.93 51.86
N TYR R 174 -2.97 -42.20 51.53
CA TYR R 174 -4.01 -43.15 51.18
C TYR R 174 -4.25 -44.18 52.28
N ARG R 175 -3.89 -43.86 53.52
CA ARG R 175 -3.96 -44.86 54.59
C ARG R 175 -5.40 -45.17 54.98
N VAL R 176 -6.32 -44.23 54.80
CA VAL R 176 -7.71 -44.45 55.20
C VAL R 176 -8.37 -45.47 54.28
N THR R 177 -8.21 -45.29 52.97
CA THR R 177 -8.75 -46.26 52.02
C THR R 177 -8.08 -47.62 52.17
N ASP R 178 -6.77 -47.62 52.44
CA ASP R 178 -6.06 -48.87 52.68
C ASP R 178 -6.65 -49.60 53.89
N TYR R 179 -6.86 -48.88 54.99
CA TYR R 179 -7.47 -49.49 56.17
C TYR R 179 -8.87 -50.01 55.88
N PHE R 180 -9.67 -49.23 55.17
CA PHE R 180 -11.02 -49.68 54.80
C PHE R 180 -10.98 -50.97 54.01
N ILE R 181 -10.13 -51.04 53.00
CA ILE R 181 -10.11 -52.21 52.13
C ILE R 181 -9.56 -53.44 52.85
N ASN R 182 -8.51 -53.25 53.66
CA ASN R 182 -7.81 -54.39 54.25
C ASN R 182 -8.39 -54.85 55.58
N HIS R 183 -9.18 -54.02 56.27
CA HIS R 183 -9.68 -54.38 57.58
C HIS R 183 -11.20 -54.34 57.69
N ILE R 184 -11.92 -54.04 56.61
CA ILE R 184 -13.38 -54.04 56.63
C ILE R 184 -13.90 -54.92 55.50
N VAL R 185 -13.47 -54.62 54.27
CA VAL R 185 -13.89 -55.44 53.13
C VAL R 185 -13.22 -56.81 53.19
N LYS R 186 -11.99 -56.87 53.68
CA LYS R 186 -11.26 -58.13 53.82
C LYS R 186 -11.58 -58.85 55.13
N LYS R 187 -12.80 -58.70 55.64
CA LYS R 187 -13.19 -59.34 56.89
C LYS R 187 -14.53 -60.04 56.74
N GLY S 1 27.13 66.25 29.83
CA GLY S 1 26.01 65.40 30.21
C GLY S 1 26.23 63.96 29.74
N ALA S 2 25.55 63.59 28.66
CA ALA S 2 25.69 62.26 28.09
C ALA S 2 27.06 62.13 27.43
N MET S 3 27.91 61.27 27.98
CA MET S 3 29.27 61.10 27.49
C MET S 3 29.38 59.84 26.67
N LYS S 4 30.22 59.89 25.63
CA LYS S 4 30.47 58.73 24.78
C LYS S 4 31.71 58.00 25.28
N ILE S 5 31.53 56.76 25.70
CA ILE S 5 32.62 55.94 26.25
C ILE S 5 32.85 54.78 25.30
N GLY S 6 34.12 54.53 24.98
CA GLY S 6 34.49 53.48 24.04
C GLY S 6 34.91 52.20 24.73
N VAL S 7 34.58 51.08 24.08
CA VAL S 7 34.99 49.75 24.52
C VAL S 7 35.74 49.09 23.37
N LEU S 8 36.96 48.63 23.64
CA LEU S 8 37.79 48.00 22.62
C LEU S 8 37.12 46.73 22.10
N ALA S 9 36.45 46.85 20.96
CA ALA S 9 35.65 45.75 20.40
C ALA S 9 36.46 44.82 19.50
N LEU S 10 37.70 44.51 19.88
CA LEU S 10 38.48 43.57 19.10
C LEU S 10 38.11 42.13 19.45
N GLN S 11 37.94 41.84 20.74
CA GLN S 11 37.55 40.52 21.21
C GLN S 11 37.18 40.63 22.68
N GLY S 12 36.20 39.82 23.10
CA GLY S 12 35.83 39.72 24.48
C GLY S 12 34.42 40.22 24.74
N ALA S 13 34.09 40.32 26.03
CA ALA S 13 32.77 40.73 26.49
C ALA S 13 32.60 42.23 26.27
N VAL S 14 32.31 42.59 25.02
CA VAL S 14 32.08 43.99 24.66
C VAL S 14 30.63 44.38 24.89
N ARG S 15 29.70 43.47 24.62
CA ARG S 15 28.29 43.75 24.82
C ARG S 15 27.98 44.05 26.28
N GLU S 16 28.61 43.31 27.20
CA GLU S 16 28.37 43.54 28.62
C GLU S 16 28.87 44.90 29.06
N HIS S 17 30.05 45.31 28.57
CA HIS S 17 30.58 46.62 28.92
C HIS S 17 29.73 47.74 28.33
N ILE S 18 29.24 47.56 27.10
CA ILE S 18 28.36 48.56 26.51
C ILE S 18 27.06 48.65 27.30
N ARG S 19 26.53 47.51 27.74
CA ARG S 19 25.32 47.52 28.56
C ARG S 19 25.56 48.24 29.88
N HIS S 20 26.71 48.00 30.51
CA HIS S 20 27.00 48.66 31.78
C HIS S 20 27.23 50.15 31.60
N ILE S 21 27.79 50.56 30.46
CA ILE S 21 27.89 51.99 30.15
C ILE S 21 26.50 52.59 30.01
N GLU S 22 25.61 51.90 29.29
CA GLU S 22 24.24 52.39 29.14
C GLU S 22 23.50 52.42 30.47
N LEU S 23 23.88 51.55 31.42
CA LEU S 23 23.25 51.57 32.73
C LEU S 23 23.68 52.76 33.55
N SER S 24 24.88 53.27 33.30
CA SER S 24 25.39 54.44 34.02
C SER S 24 24.84 55.75 33.46
N GLY S 25 24.03 55.70 32.41
CA GLY S 25 23.46 56.91 31.83
C GLY S 25 24.27 57.53 30.72
N HIS S 26 25.08 56.75 30.02
CA HIS S 26 25.95 57.26 28.97
C HIS S 26 25.83 56.38 27.73
N GLU S 27 26.44 56.84 26.65
CA GLU S 27 26.42 56.14 25.37
C GLU S 27 27.71 55.33 25.21
N GLY S 28 27.58 54.13 24.67
CA GLY S 28 28.71 53.23 24.46
C GLY S 28 29.04 53.13 22.97
N ILE S 29 30.33 53.04 22.68
CA ILE S 29 30.82 52.93 21.31
C ILE S 29 31.79 51.76 21.24
N ALA S 30 31.43 50.74 20.45
CA ALA S 30 32.28 49.58 20.25
C ALA S 30 33.34 49.96 19.22
N VAL S 31 34.57 50.22 19.68
CA VAL S 31 35.63 50.69 18.80
C VAL S 31 36.39 49.51 18.23
N LYS S 32 36.43 49.42 16.90
CA LYS S 32 37.23 48.42 16.20
C LYS S 32 38.33 49.03 15.33
N LYS S 33 38.24 50.30 14.99
CA LYS S 33 39.24 51.00 14.20
C LYS S 33 39.83 52.15 15.00
N VAL S 34 41.07 52.52 14.65
CA VAL S 34 41.80 53.53 15.42
C VAL S 34 41.09 54.87 15.36
N GLU S 35 40.47 55.18 14.22
CA GLU S 35 39.84 56.50 14.05
C GLU S 35 38.77 56.75 15.12
N GLN S 36 38.03 55.70 15.50
CA GLN S 36 36.99 55.87 16.51
C GLN S 36 37.53 56.35 17.85
N LEU S 37 38.82 56.14 18.11
CA LEU S 37 39.41 56.65 19.35
C LEU S 37 39.31 58.16 19.44
N GLU S 38 39.20 58.85 18.29
CA GLU S 38 39.06 60.29 18.30
C GLU S 38 37.64 60.76 18.62
N GLU S 39 36.69 59.84 18.74
CA GLU S 39 35.30 60.19 18.99
C GLU S 39 34.83 59.90 20.41
N ILE S 40 35.66 59.26 21.23
CA ILE S 40 35.27 58.90 22.59
C ILE S 40 36.12 59.70 23.58
N GLU S 41 35.56 59.90 24.77
CA GLU S 41 36.25 60.58 25.86
C GLU S 41 36.80 59.60 26.89
N GLY S 42 36.52 58.32 26.75
CA GLY S 42 37.05 57.32 27.67
C GLY S 42 37.05 55.96 27.01
N LEU S 43 37.96 55.10 27.46
CA LEU S 43 38.14 53.79 26.86
C LEU S 43 38.11 52.71 27.94
N ILE S 44 37.39 51.62 27.64
CA ILE S 44 37.34 50.45 28.50
C ILE S 44 37.95 49.29 27.73
N LEU S 45 39.00 48.70 28.29
CA LEU S 45 39.62 47.51 27.73
C LEU S 45 38.93 46.29 28.33
N PRO S 46 38.08 45.62 27.57
CA PRO S 46 37.19 44.60 28.14
C PRO S 46 37.93 43.31 28.45
N GLY S 47 37.20 42.42 29.13
CA GLY S 47 37.76 41.11 29.44
C GLY S 47 37.73 40.19 28.24
N GLY S 48 38.80 39.41 28.10
CA GLY S 48 38.93 38.46 27.02
C GLY S 48 40.22 37.68 27.10
N GLU S 49 40.79 37.32 25.96
CA GLU S 49 42.08 36.66 25.91
C GLU S 49 43.17 37.69 25.65
N SER S 50 44.08 37.86 26.61
CA SER S 50 45.12 38.87 26.47
C SER S 50 46.01 38.61 25.28
N THR S 51 46.26 37.34 24.94
CA THR S 51 47.07 37.01 23.77
C THR S 51 46.40 37.48 22.49
N THR S 52 45.13 37.10 22.31
CA THR S 52 44.38 37.53 21.14
C THR S 52 44.27 39.05 21.08
N LEU S 53 44.07 39.69 22.23
CA LEU S 53 43.93 41.15 22.25
C LEU S 53 45.23 41.83 21.85
N ARG S 54 46.36 41.34 22.35
CA ARG S 54 47.66 41.86 21.93
C ARG S 54 47.87 41.67 20.44
N ARG S 55 47.56 40.47 19.93
CA ARG S 55 47.78 40.19 18.51
C ARG S 55 46.91 41.07 17.63
N LEU S 56 45.69 41.38 18.08
CA LEU S 56 44.81 42.24 17.30
C LEU S 56 45.26 43.69 17.37
N MET S 57 45.72 44.14 18.54
CA MET S 57 46.17 45.53 18.67
C MET S 57 47.47 45.78 17.91
N ASN S 58 48.34 44.77 17.83
CA ASN S 58 49.61 44.93 17.14
C ASN S 58 49.49 45.02 15.63
N LEU S 59 48.31 44.73 15.07
CA LEU S 59 48.16 44.57 13.63
C LEU S 59 47.39 45.69 12.96
N TYR S 60 46.77 46.60 13.71
CA TYR S 60 46.00 47.69 13.13
C TYR S 60 46.44 49.06 13.64
N GLY S 61 47.67 49.16 14.14
CA GLY S 61 48.14 50.41 14.69
C GLY S 61 47.53 50.78 16.03
N PHE S 62 46.88 49.84 16.71
CA PHE S 62 46.24 50.15 17.98
C PHE S 62 47.27 50.33 19.10
N LYS S 63 48.37 49.57 19.05
CA LYS S 63 49.39 49.69 20.09
C LYS S 63 50.02 51.07 20.08
N GLU S 64 50.44 51.55 18.90
CA GLU S 64 51.05 52.87 18.81
C GLU S 64 50.04 53.97 19.10
N ALA S 65 48.79 53.78 18.68
CA ALA S 65 47.77 54.80 18.90
C ALA S 65 47.39 54.92 20.37
N LEU S 66 47.38 53.81 21.10
CA LEU S 66 47.01 53.84 22.51
C LEU S 66 48.18 54.12 23.43
N GLN S 67 49.40 53.81 23.00
CA GLN S 67 50.58 54.16 23.78
C GLN S 67 50.80 55.68 23.78
N ASN S 68 50.35 56.36 22.74
CA ASN S 68 50.51 57.80 22.60
C ASN S 68 49.25 58.58 22.95
N SER S 69 48.16 57.90 23.30
CA SER S 69 46.89 58.57 23.55
C SER S 69 46.82 59.06 25.00
N THR S 70 46.21 60.24 25.18
CA THR S 70 46.01 60.83 26.50
C THR S 70 44.64 60.51 27.08
N LEU S 71 44.01 59.42 26.64
CA LEU S 71 42.67 59.04 27.04
C LEU S 71 42.70 58.20 28.31
N PRO S 72 41.78 58.45 29.25
CA PRO S 72 41.70 57.61 30.44
C PRO S 72 41.19 56.22 30.09
N MET S 73 41.68 55.23 30.82
CA MET S 73 41.40 53.83 30.50
C MET S 73 40.97 53.04 31.72
N PHE S 74 40.06 52.10 31.48
CA PHE S 74 39.52 51.20 32.49
C PHE S 74 39.70 49.77 31.98
N GLY S 75 40.66 49.06 32.55
CA GLY S 75 40.96 47.70 32.15
C GLY S 75 40.45 46.70 33.17
N THR S 76 39.64 45.75 32.70
CA THR S 76 39.24 44.61 33.49
C THR S 76 40.30 43.51 33.34
N CYS S 77 39.94 42.26 33.58
CA CYS S 77 40.85 41.17 33.25
C CYS S 77 41.23 41.25 31.78
N ALA S 78 42.44 40.79 31.47
CA ALA S 78 43.05 40.95 30.14
C ALA S 78 43.34 42.42 29.87
N GLY S 79 42.34 43.29 30.03
CA GLY S 79 42.59 44.72 29.94
C GLY S 79 43.58 45.21 30.97
N LEU S 80 43.50 44.67 32.19
CA LEU S 80 44.50 44.97 33.21
C LEU S 80 45.87 44.45 32.78
N ILE S 81 45.91 43.25 32.18
CA ILE S 81 47.17 42.71 31.69
C ILE S 81 47.72 43.58 30.58
N VAL S 82 46.85 44.04 29.67
CA VAL S 82 47.29 44.87 28.56
C VAL S 82 47.78 46.22 29.06
N LEU S 83 47.18 46.75 30.13
CA LEU S 83 47.54 48.06 30.65
C LEU S 83 48.83 48.06 31.46
N ALA S 84 49.25 46.91 31.97
CA ALA S 84 50.38 46.86 32.89
C ALA S 84 51.69 47.20 32.19
N GLN S 85 52.64 47.71 32.99
CA GLN S 85 53.97 48.00 32.46
C GLN S 85 54.84 46.75 32.39
N ASP S 86 54.59 45.77 33.25
CA ASP S 86 55.39 44.56 33.29
C ASP S 86 54.47 43.36 33.50
N ILE S 87 54.84 42.24 32.90
CA ILE S 87 54.08 40.99 32.99
C ILE S 87 55.06 39.86 33.29
N VAL S 88 54.76 39.11 34.35
CA VAL S 88 55.66 38.03 34.75
C VAL S 88 55.73 36.98 33.66
N GLY S 89 56.94 36.65 33.23
CA GLY S 89 57.17 35.70 32.17
C GLY S 89 57.06 36.26 30.78
N GLU S 90 56.48 37.44 30.61
CA GLU S 90 56.30 38.04 29.30
C GLU S 90 56.83 39.48 29.36
N GLU S 91 56.34 40.33 28.46
CA GLU S 91 56.73 41.73 28.41
C GLU S 91 55.50 42.62 28.52
N GLY S 92 55.68 43.79 29.12
CA GLY S 92 54.60 44.75 29.22
C GLY S 92 54.14 45.23 27.86
N TYR S 93 52.89 45.69 27.81
CA TYR S 93 52.26 46.06 26.56
C TYR S 93 52.05 47.56 26.53
N LEU S 94 50.90 48.07 26.95
CA LEU S 94 50.62 49.50 26.82
C LEU S 94 51.44 50.35 27.78
N ASN S 95 51.97 49.76 28.86
CA ASN S 95 52.84 50.46 29.81
C ASN S 95 52.14 51.66 30.42
N LYS S 96 50.87 51.49 30.81
CA LYS S 96 50.08 52.57 31.39
C LYS S 96 50.05 52.54 32.91
N LEU S 97 50.10 51.37 33.52
CA LEU S 97 50.02 51.22 34.97
C LEU S 97 51.37 50.75 35.50
N ASN S 98 51.97 51.54 36.39
CA ASN S 98 53.26 51.19 36.98
C ASN S 98 53.11 50.02 37.94
N ILE S 99 52.82 48.83 37.40
CA ILE S 99 52.62 47.63 38.20
C ILE S 99 53.20 46.43 37.46
N THR S 100 53.47 45.38 38.24
CA THR S 100 53.90 44.10 37.71
C THR S 100 52.81 43.08 38.02
N VAL S 101 52.29 42.45 36.97
CA VAL S 101 51.12 41.58 37.04
C VAL S 101 51.50 40.20 36.50
N GLN S 102 50.97 39.16 37.14
CA GLN S 102 51.15 37.78 36.71
C GLN S 102 49.84 37.22 36.18
N ARG S 103 49.91 36.59 35.00
CA ARG S 103 48.72 36.00 34.40
C ARG S 103 48.41 34.64 35.00
N ASN S 104 47.12 34.34 35.10
CA ASN S 104 46.61 33.05 35.56
C ASN S 104 47.28 32.61 36.87
N SER S 105 47.08 33.44 37.90
CA SER S 105 47.66 33.13 39.21
C SER S 105 46.92 31.99 39.88
N PHE S 106 45.58 31.97 39.78
CA PHE S 106 44.79 30.89 40.33
C PHE S 106 44.85 29.69 39.37
N GLY S 107 44.07 28.66 39.66
CA GLY S 107 43.98 27.53 38.76
C GLY S 107 43.26 27.90 37.47
N ARG S 108 43.00 26.86 36.68
CA ARG S 108 42.27 27.05 35.43
C ARG S 108 40.79 27.27 35.70
N GLN S 109 39.95 27.13 34.66
CA GLN S 109 38.52 27.38 34.82
C GLN S 109 37.89 26.50 35.89
N VAL S 110 38.47 25.35 36.20
CA VAL S 110 37.96 24.49 37.25
C VAL S 110 38.27 25.09 38.61
N ASP S 111 38.87 26.28 38.63
CA ASP S 111 39.19 26.99 39.86
C ASP S 111 38.73 28.44 39.85
N SER S 112 37.89 28.82 38.89
CA SER S 112 37.31 30.17 38.86
C SER S 112 36.18 30.26 39.87
N PHE S 113 35.87 31.49 40.30
CA PHE S 113 34.99 31.64 41.45
C PHE S 113 34.32 33.02 41.42
N GLU S 114 33.43 33.23 42.38
CA GLU S 114 32.82 34.52 42.67
C GLU S 114 33.05 34.86 44.13
N THR S 115 32.95 36.14 44.45
CA THR S 115 33.11 36.59 45.83
C THR S 115 32.56 38.00 45.98
N GLU S 116 32.53 38.46 47.23
CA GLU S 116 32.26 39.84 47.57
C GLU S 116 33.57 40.58 47.76
N LEU S 117 33.64 41.81 47.24
CA LEU S 117 34.85 42.60 47.26
C LEU S 117 34.53 43.97 47.85
N ASP S 118 35.38 44.41 48.77
CA ASP S 118 35.27 45.74 49.39
C ASP S 118 36.31 46.63 48.73
N ILE S 119 35.91 47.34 47.69
CA ILE S 119 36.80 48.21 46.95
C ILE S 119 36.85 49.58 47.62
N LYS S 120 38.05 50.05 47.92
CA LYS S 120 38.23 51.32 48.62
C LYS S 120 37.77 52.47 47.72
N GLY S 121 36.68 53.12 48.11
CA GLY S 121 36.17 54.28 47.41
C GLY S 121 35.00 54.03 46.48
N ILE S 122 34.51 52.80 46.40
CA ILE S 122 33.38 52.49 45.53
C ILE S 122 32.24 51.90 46.36
N ALA S 123 32.40 50.66 46.80
CA ALA S 123 31.37 49.99 47.58
C ALA S 123 32.03 48.91 48.43
N THR S 124 31.27 48.39 49.39
CA THR S 124 31.74 47.36 50.30
C THR S 124 31.24 45.97 49.96
N ASP S 125 30.44 45.83 48.90
CA ASP S 125 29.84 44.54 48.53
C ASP S 125 29.75 44.42 47.01
N ILE S 126 30.85 44.72 46.32
CA ILE S 126 30.90 44.52 44.87
C ILE S 126 30.94 43.03 44.57
N GLU S 127 30.14 42.60 43.59
CA GLU S 127 30.05 41.19 43.24
C GLU S 127 31.12 40.88 42.19
N GLY S 128 32.25 40.36 42.65
CA GLY S 128 33.40 40.12 41.78
C GLY S 128 33.41 38.69 41.27
N VAL S 129 33.63 38.55 39.97
CA VAL S 129 33.71 37.25 39.31
C VAL S 129 35.12 37.09 38.75
N PHE S 130 35.84 36.09 39.23
CA PHE S 130 37.22 35.82 38.81
C PHE S 130 37.21 34.58 37.94
N ILE S 131 37.55 34.76 36.66
CA ILE S 131 37.57 33.68 35.67
C ILE S 131 38.99 33.62 35.12
N ARG S 132 39.79 32.66 35.64
CA ARG S 132 41.21 32.55 35.34
C ARG S 132 41.89 33.92 35.42
N ALA S 133 41.54 34.67 36.45
CA ALA S 133 41.93 36.07 36.56
C ALA S 133 43.39 36.20 36.98
N PRO S 134 44.07 37.26 36.54
CA PRO S 134 45.43 37.53 37.02
C PRO S 134 45.38 38.18 38.39
N HIS S 135 46.58 38.48 38.91
CA HIS S 135 46.71 39.25 40.13
C HIS S 135 47.93 40.14 40.02
N ILE S 136 47.86 41.30 40.65
CA ILE S 136 48.92 42.31 40.55
C ILE S 136 50.00 41.96 41.56
N GLU S 137 51.19 41.60 41.06
CA GLU S 137 52.26 41.16 41.93
C GLU S 137 52.89 42.33 42.69
N LYS S 138 53.19 43.40 41.98
CA LYS S 138 53.89 44.54 42.59
C LYS S 138 53.30 45.84 42.11
N VAL S 139 53.35 46.86 42.97
CA VAL S 139 52.88 48.19 42.65
C VAL S 139 54.06 49.16 42.66
N GLY S 140 53.92 50.24 41.91
CA GLY S 140 54.91 51.29 41.85
C GLY S 140 54.51 52.51 42.66
N GLN S 141 55.20 53.62 42.41
CA GLN S 141 54.92 54.87 43.10
C GLN S 141 53.72 55.55 42.46
N GLY S 142 52.75 55.93 43.30
CA GLY S 142 51.56 56.60 42.83
C GLY S 142 50.42 55.69 42.45
N VAL S 143 50.45 54.42 42.84
CA VAL S 143 49.42 53.44 42.50
C VAL S 143 48.61 53.17 43.77
N ASP S 144 47.36 53.60 43.79
CA ASP S 144 46.47 53.31 44.90
C ASP S 144 45.97 51.87 44.81
N ILE S 145 46.10 51.14 45.90
CA ILE S 145 45.64 49.74 45.97
C ILE S 145 44.22 49.76 46.51
N LEU S 146 43.25 49.48 45.65
CA LEU S 146 41.85 49.59 46.02
C LEU S 146 41.28 48.33 46.65
N CYS S 147 41.69 47.15 46.18
CA CYS S 147 41.12 45.92 46.71
C CYS S 147 42.07 44.76 46.55
N LYS S 148 42.15 43.94 47.61
CA LYS S 148 42.99 42.75 47.66
C LYS S 148 42.19 41.58 48.21
N VAL S 149 42.58 40.37 47.82
CA VAL S 149 41.93 39.14 48.24
C VAL S 149 43.01 38.15 48.68
N ASN S 150 43.11 37.92 49.99
CA ASN S 150 44.12 37.04 50.58
C ASN S 150 45.53 37.56 50.32
N GLU S 151 45.74 38.83 50.67
CA GLU S 151 47.02 39.53 50.50
C GLU S 151 47.43 39.64 49.04
N LYS S 152 46.62 39.11 48.13
CA LYS S 152 46.83 39.24 46.69
C LYS S 152 45.91 40.33 46.18
N ILE S 153 46.49 41.45 45.78
CA ILE S 153 45.71 42.61 45.35
C ILE S 153 45.18 42.38 43.94
N VAL S 154 43.99 42.92 43.68
CA VAL S 154 43.29 42.63 42.43
C VAL S 154 42.65 43.88 41.83
N ALA S 155 42.66 45.00 42.57
CA ALA S 155 42.05 46.23 42.08
C ALA S 155 42.90 47.42 42.46
N VAL S 156 43.40 48.16 41.45
CA VAL S 156 44.25 49.32 41.65
C VAL S 156 43.76 50.47 40.78
N GLN S 157 44.23 51.67 41.12
CA GLN S 157 43.89 52.88 40.39
C GLN S 157 45.08 53.84 40.45
N GLN S 158 45.59 54.22 39.28
CA GLN S 158 46.67 55.20 39.17
C GLN S 158 46.16 56.39 38.36
N GLY S 159 45.80 57.47 39.06
CA GLY S 159 45.35 58.68 38.41
C GLY S 159 44.13 58.49 37.53
N LYS S 160 44.31 58.63 36.22
CA LYS S 160 43.24 58.47 35.25
C LYS S 160 43.16 57.06 34.68
N TYR S 161 43.82 56.09 35.33
CA TYR S 161 43.83 54.71 34.87
C TYR S 161 43.29 53.83 35.97
N LEU S 162 42.39 52.91 35.62
CA LEU S 162 41.75 52.03 36.59
C LEU S 162 41.91 50.59 36.12
N GLY S 163 42.41 49.73 37.00
CA GLY S 163 42.63 48.33 36.65
C GLY S 163 42.03 47.41 37.68
N VAL S 164 41.35 46.36 37.19
CA VAL S 164 40.75 45.35 38.04
C VAL S 164 41.05 43.98 37.47
N SER S 165 41.24 43.00 38.36
CA SER S 165 41.48 41.63 37.93
C SER S 165 40.18 40.88 37.65
N PHE S 166 39.11 41.23 38.33
CA PHE S 166 37.82 40.58 38.16
C PHE S 166 37.05 41.23 37.00
N ASN S 167 35.90 40.64 36.68
CA ASN S 167 35.05 41.11 35.60
C ASN S 167 33.69 41.52 36.15
N PRO S 168 33.47 42.80 36.47
CA PRO S 168 32.16 43.22 36.96
C PRO S 168 31.08 43.29 35.89
N GLU S 169 31.46 43.26 34.62
CA GLU S 169 30.48 43.36 33.54
C GLU S 169 29.56 42.15 33.48
N LEU S 170 30.02 40.99 33.97
CA LEU S 170 29.20 39.79 33.94
C LEU S 170 28.07 39.82 34.97
N THR S 171 28.07 40.77 35.89
CA THR S 171 27.04 40.90 36.90
C THR S 171 26.08 42.02 36.52
N ASP S 172 25.03 42.18 37.34
CA ASP S 172 24.09 43.28 37.18
C ASP S 172 24.51 44.52 37.94
N ASP S 173 25.61 44.46 38.69
CA ASP S 173 26.10 45.60 39.47
C ASP S 173 27.02 46.42 38.58
N TYR S 174 26.61 47.65 38.26
CA TYR S 174 27.33 48.52 37.34
C TYR S 174 28.05 49.66 38.06
N ARG S 175 28.33 49.49 39.35
CA ARG S 175 28.89 50.60 40.12
C ARG S 175 30.34 50.90 39.73
N VAL S 176 31.07 49.92 39.23
CA VAL S 176 32.47 50.14 38.88
C VAL S 176 32.58 51.02 37.63
N THR S 177 31.80 50.70 36.60
CA THR S 177 31.79 51.53 35.39
C THR S 177 31.25 52.92 35.70
N ASP S 178 30.24 53.00 36.57
CA ASP S 178 29.71 54.29 36.99
C ASP S 178 30.78 55.13 37.66
N TYR S 179 31.52 54.53 38.60
CA TYR S 179 32.62 55.24 39.27
C TYR S 179 33.67 55.69 38.26
N PHE S 180 34.06 54.80 37.35
CA PHE S 180 35.04 55.16 36.33
C PHE S 180 34.59 56.36 35.52
N ILE S 181 33.34 56.35 35.04
CA ILE S 181 32.89 57.42 34.16
C ILE S 181 32.72 58.73 34.92
N ASN S 182 32.20 58.66 36.15
CA ASN S 182 31.85 59.89 36.87
C ASN S 182 32.99 60.48 37.68
N HIS S 183 34.04 59.70 37.99
CA HIS S 183 35.11 60.19 38.84
C HIS S 183 36.49 60.10 38.20
N ILE S 184 36.59 59.68 36.95
CA ILE S 184 37.87 59.63 36.26
C ILE S 184 37.75 60.35 34.93
N VAL S 185 36.80 59.93 34.10
CA VAL S 185 36.58 60.60 32.82
C VAL S 185 35.99 61.99 33.03
N LYS S 186 35.15 62.15 34.05
CA LYS S 186 34.55 63.44 34.38
C LYS S 186 35.46 64.28 35.27
N LYS S 187 36.77 64.16 35.13
CA LYS S 187 37.71 64.90 35.95
C LYS S 187 38.79 65.55 35.10
N GLY T 1 -9.28 -3.59 -76.83
CA GLY T 1 -10.02 -2.89 -75.79
C GLY T 1 -9.14 -2.63 -74.58
N ALA T 2 -9.32 -3.43 -73.53
CA ALA T 2 -8.53 -3.31 -72.32
C ALA T 2 -7.12 -3.80 -72.58
N MET T 3 -6.15 -2.89 -72.53
CA MET T 3 -4.76 -3.19 -72.81
C MET T 3 -3.96 -3.33 -71.52
N LYS T 4 -3.00 -4.26 -71.55
CA LYS T 4 -2.11 -4.47 -70.42
C LYS T 4 -0.83 -3.67 -70.62
N ILE T 5 -0.59 -2.70 -69.72
CA ILE T 5 0.56 -1.83 -69.79
C ILE T 5 1.46 -2.12 -68.60
N GLY T 6 2.76 -2.25 -68.85
CA GLY T 6 3.72 -2.58 -67.83
C GLY T 6 4.45 -1.37 -67.28
N VAL T 7 4.77 -1.43 -65.99
CA VAL T 7 5.56 -0.42 -65.31
C VAL T 7 6.76 -1.11 -64.66
N LEU T 8 7.95 -0.63 -64.98
CA LEU T 8 9.18 -1.23 -64.46
C LEU T 8 9.21 -1.11 -62.94
N ALA T 9 8.84 -2.18 -62.26
CA ALA T 9 8.70 -2.18 -60.80
C ALA T 9 10.00 -2.52 -60.08
N LEU T 10 11.13 -2.02 -60.56
CA LEU T 10 12.39 -2.25 -59.85
C LEU T 10 12.55 -1.27 -58.70
N GLN T 11 12.22 -0.01 -58.90
CA GLN T 11 12.29 1.02 -57.88
C GLN T 11 11.57 2.26 -58.37
N GLY T 12 10.94 2.97 -57.45
CA GLY T 12 10.31 4.24 -57.74
C GLY T 12 8.80 4.19 -57.58
N ALA T 13 8.17 5.28 -58.01
CA ALA T 13 6.72 5.46 -57.90
C ALA T 13 6.03 4.57 -58.93
N VAL T 14 5.93 3.28 -58.59
CA VAL T 14 5.26 2.31 -59.45
C VAL T 14 3.75 2.30 -59.19
N ARG T 15 3.36 2.44 -57.93
CA ARG T 15 1.94 2.45 -57.58
C ARG T 15 1.21 3.61 -58.27
N GLU T 16 1.84 4.78 -58.34
CA GLU T 16 1.20 5.93 -58.98
C GLU T 16 1.01 5.70 -60.46
N HIS T 17 2.00 5.11 -61.13
CA HIS T 17 1.87 4.84 -62.55
C HIS T 17 0.80 3.77 -62.82
N ILE T 18 0.74 2.75 -61.96
CA ILE T 18 -0.30 1.74 -62.09
C ILE T 18 -1.68 2.35 -61.89
N ARG T 19 -1.81 3.26 -60.91
CA ARG T 19 -3.07 3.95 -60.69
C ARG T 19 -3.46 4.79 -61.89
N HIS T 20 -2.49 5.50 -62.49
CA HIS T 20 -2.81 6.33 -63.65
C HIS T 20 -3.16 5.47 -64.86
N ILE T 21 -2.55 4.30 -65.00
CA ILE T 21 -2.95 3.37 -66.05
C ILE T 21 -4.40 2.92 -65.83
N GLU T 22 -4.74 2.57 -64.59
CA GLU T 22 -6.11 2.16 -64.28
C GLU T 22 -7.09 3.31 -64.49
N LEU T 23 -6.64 4.55 -64.34
CA LEU T 23 -7.52 5.69 -64.59
C LEU T 23 -7.81 5.88 -66.08
N SER T 24 -6.88 5.46 -66.94
CA SER T 24 -7.07 5.56 -68.37
C SER T 24 -7.94 4.45 -68.94
N GLY T 25 -8.40 3.52 -68.11
CA GLY T 25 -9.25 2.44 -68.56
C GLY T 25 -8.52 1.19 -68.98
N HIS T 26 -7.31 0.95 -68.47
CA HIS T 26 -6.50 -0.19 -68.85
C HIS T 26 -5.97 -0.88 -67.60
N GLU T 27 -5.36 -2.05 -67.81
CA GLU T 27 -4.79 -2.84 -66.73
C GLU T 27 -3.29 -2.58 -66.63
N GLY T 28 -2.80 -2.51 -65.39
CA GLY T 28 -1.39 -2.26 -65.11
C GLY T 28 -0.71 -3.52 -64.60
N ILE T 29 0.55 -3.70 -65.01
CA ILE T 29 1.35 -4.85 -64.61
C ILE T 29 2.69 -4.34 -64.09
N ALA T 30 2.96 -4.57 -62.81
CA ALA T 30 4.23 -4.19 -62.21
C ALA T 30 5.26 -5.25 -62.58
N VAL T 31 6.13 -4.93 -63.54
CA VAL T 31 7.10 -5.90 -64.05
C VAL T 31 8.38 -5.82 -63.23
N LYS T 32 8.77 -6.96 -62.64
CA LYS T 32 10.03 -7.09 -61.95
C LYS T 32 10.97 -8.10 -62.59
N LYS T 33 10.46 -9.00 -63.43
CA LYS T 33 11.26 -10.00 -64.12
C LYS T 33 11.14 -9.80 -65.62
N VAL T 34 12.16 -10.25 -66.35
CA VAL T 34 12.22 -10.01 -67.79
C VAL T 34 11.07 -10.72 -68.50
N GLU T 35 10.67 -11.89 -68.01
CA GLU T 35 9.62 -12.67 -68.68
C GLU T 35 8.33 -11.88 -68.81
N GLN T 36 8.00 -11.07 -67.80
CA GLN T 36 6.77 -10.29 -67.84
C GLN T 36 6.74 -9.31 -69.00
N LEU T 37 7.90 -8.95 -69.54
CA LEU T 37 7.94 -8.08 -70.71
C LEU T 37 7.21 -8.69 -71.90
N GLU T 38 7.12 -10.02 -71.94
CA GLU T 38 6.41 -10.70 -73.02
C GLU T 38 4.90 -10.66 -72.85
N GLU T 39 4.39 -10.16 -71.72
CA GLU T 39 2.96 -10.14 -71.46
C GLU T 39 2.33 -8.76 -71.59
N ILE T 40 3.12 -7.72 -71.80
CA ILE T 40 2.60 -6.35 -71.88
C ILE T 40 2.79 -5.83 -73.30
N GLU T 41 1.92 -4.89 -73.68
CA GLU T 41 2.01 -4.23 -74.97
C GLU T 41 2.63 -2.83 -74.87
N GLY T 42 2.94 -2.37 -73.67
CA GLY T 42 3.58 -1.08 -73.49
C GLY T 42 4.28 -1.04 -72.15
N LEU T 43 5.32 -0.21 -72.08
CA LEU T 43 6.15 -0.12 -70.88
C LEU T 43 6.30 1.33 -70.45
N ILE T 44 6.17 1.56 -69.15
CA ILE T 44 6.41 2.87 -68.54
C ILE T 44 7.60 2.74 -67.60
N LEU T 45 8.64 3.52 -67.85
CA LEU T 45 9.80 3.61 -66.97
C LEU T 45 9.54 4.68 -65.92
N PRO T 46 9.23 4.29 -64.70
CA PRO T 46 8.72 5.24 -63.71
C PRO T 46 9.81 6.14 -63.16
N GLY T 47 9.36 7.14 -62.40
CA GLY T 47 10.29 8.05 -61.74
C GLY T 47 10.93 7.41 -60.52
N GLY T 48 12.22 7.67 -60.35
CA GLY T 48 12.97 7.16 -59.22
C GLY T 48 14.41 7.63 -59.26
N GLU T 49 15.33 6.80 -58.77
CA GLU T 49 16.76 7.10 -58.83
C GLU T 49 17.36 6.40 -60.05
N SER T 50 17.86 7.19 -60.99
CA SER T 50 18.40 6.62 -62.22
C SER T 50 19.60 5.71 -61.94
N THR T 51 20.39 6.02 -60.91
CA THR T 51 21.52 5.17 -60.56
C THR T 51 21.05 3.80 -60.09
N THR T 52 20.11 3.79 -59.13
CA THR T 52 19.54 2.53 -58.65
C THR T 52 18.86 1.77 -59.77
N LEU T 53 18.15 2.48 -60.65
CA LEU T 53 17.44 1.82 -61.73
C LEU T 53 18.41 1.17 -62.72
N ARG T 54 19.49 1.88 -63.08
CA ARG T 54 20.52 1.31 -63.92
C ARG T 54 21.15 0.08 -63.27
N ARG T 55 21.46 0.18 -61.97
CA ARG T 55 22.12 -0.94 -61.28
C ARG T 55 21.21 -2.16 -61.22
N LEU T 56 19.90 -1.93 -61.07
CA LEU T 56 18.96 -3.05 -61.02
C LEU T 56 18.75 -3.66 -62.41
N MET T 57 18.71 -2.82 -63.45
CA MET T 57 18.52 -3.33 -64.80
C MET T 57 19.74 -4.07 -65.31
N ASN T 58 20.94 -3.66 -64.88
CA ASN T 58 22.17 -4.30 -65.32
C ASN T 58 22.38 -5.68 -64.73
N LEU T 59 21.58 -6.07 -63.72
CA LEU T 59 21.86 -7.26 -62.95
C LEU T 59 20.89 -8.42 -63.21
N TYR T 60 19.79 -8.17 -63.93
CA TYR T 60 18.81 -9.22 -64.20
C TYR T 60 18.54 -9.38 -65.70
N GLY T 61 19.46 -8.95 -66.55
CA GLY T 61 19.25 -9.03 -67.98
C GLY T 61 18.25 -8.04 -68.53
N PHE T 62 17.87 -7.03 -67.75
CA PHE T 62 16.88 -6.06 -68.22
C PHE T 62 17.46 -5.13 -69.28
N LYS T 63 18.75 -4.80 -69.17
CA LYS T 63 19.36 -3.89 -70.14
C LYS T 63 19.38 -4.53 -71.53
N GLU T 64 19.84 -5.78 -71.61
CA GLU T 64 19.88 -6.46 -72.91
C GLU T 64 18.47 -6.74 -73.43
N ALA T 65 17.54 -7.05 -72.52
CA ALA T 65 16.18 -7.37 -72.95
C ALA T 65 15.45 -6.14 -73.46
N LEU T 66 15.72 -4.97 -72.89
CA LEU T 66 15.03 -3.75 -73.31
C LEU T 66 15.75 -3.04 -74.45
N GLN T 67 17.06 -3.24 -74.59
CA GLN T 67 17.77 -2.69 -75.74
C GLN T 67 17.37 -3.39 -77.03
N ASN T 68 16.93 -4.65 -76.94
CA ASN T 68 16.54 -5.43 -78.10
C ASN T 68 15.03 -5.52 -78.27
N SER T 69 14.25 -4.92 -77.37
CA SER T 69 12.80 -5.03 -77.41
C SER T 69 12.20 -3.99 -78.34
N THR T 70 11.15 -4.38 -79.06
CA THR T 70 10.43 -3.50 -79.97
C THR T 70 9.21 -2.86 -79.32
N LEU T 71 9.19 -2.77 -77.99
CA LEU T 71 8.05 -2.29 -77.22
C LEU T 71 8.10 -0.76 -77.08
N PRO T 72 6.97 -0.08 -77.23
CA PRO T 72 6.95 1.37 -77.00
C PRO T 72 7.14 1.69 -75.53
N MET T 73 7.80 2.81 -75.26
CA MET T 73 8.19 3.15 -73.90
C MET T 73 7.83 4.59 -73.56
N PHE T 74 7.46 4.80 -72.30
CA PHE T 74 7.11 6.10 -71.75
C PHE T 74 7.95 6.31 -70.51
N GLY T 75 8.96 7.17 -70.61
CA GLY T 75 9.86 7.45 -69.51
C GLY T 75 9.58 8.81 -68.90
N THR T 76 9.35 8.82 -67.59
CA THR T 76 9.25 10.03 -66.81
C THR T 76 10.67 10.44 -66.38
N CYS T 77 10.78 11.23 -65.31
CA CYS T 77 12.09 11.47 -64.73
C CYS T 77 12.75 10.13 -64.38
N ALA T 78 14.08 10.11 -64.45
CA ALA T 78 14.86 8.88 -64.34
C ALA T 78 14.61 7.96 -65.53
N GLY T 79 13.33 7.67 -65.82
CA GLY T 79 13.01 6.93 -67.03
C GLY T 79 13.46 7.65 -68.29
N LEU T 80 13.30 8.98 -68.32
CA LEU T 80 13.84 9.76 -69.43
C LEU T 80 15.36 9.65 -69.48
N ILE T 81 16.01 9.69 -68.32
CA ILE T 81 17.46 9.53 -68.27
C ILE T 81 17.87 8.15 -68.78
N VAL T 82 17.12 7.12 -68.37
CA VAL T 82 17.44 5.76 -68.79
C VAL T 82 17.21 5.58 -70.29
N LEU T 83 16.22 6.28 -70.86
CA LEU T 83 15.88 6.12 -72.27
C LEU T 83 16.83 6.88 -73.19
N ALA T 84 17.56 7.87 -72.66
CA ALA T 84 18.36 8.74 -73.52
C ALA T 84 19.55 8.00 -74.12
N GLN T 85 20.00 8.49 -75.27
CA GLN T 85 21.19 7.94 -75.92
C GLN T 85 22.47 8.48 -75.30
N ASP T 86 22.44 9.69 -74.76
CA ASP T 86 23.61 10.32 -74.18
C ASP T 86 23.23 11.02 -72.89
N ILE T 87 24.15 11.02 -71.94
CA ILE T 87 23.96 11.66 -70.63
C ILE T 87 25.20 12.49 -70.32
N VAL T 88 25.00 13.77 -70.01
CA VAL T 88 26.12 14.65 -69.73
C VAL T 88 26.86 14.17 -68.49
N GLY T 89 28.18 13.98 -68.63
CA GLY T 89 29.00 13.48 -67.55
C GLY T 89 29.01 11.98 -67.39
N GLU T 90 28.06 11.26 -67.99
CA GLU T 90 27.97 9.81 -67.86
C GLU T 90 27.84 9.23 -69.26
N GLU T 91 27.29 8.02 -69.35
CA GLU T 91 27.08 7.33 -70.62
C GLU T 91 25.61 6.99 -70.79
N GLY T 92 25.16 6.98 -72.05
CA GLY T 92 23.79 6.60 -72.34
C GLY T 92 23.52 5.15 -71.96
N TYR T 93 22.23 4.87 -71.72
CA TYR T 93 21.84 3.56 -71.23
C TYR T 93 21.06 2.84 -72.31
N LEU T 94 19.73 2.94 -72.34
CA LEU T 94 18.93 2.15 -73.29
C LEU T 94 19.10 2.63 -74.72
N ASN T 95 19.55 3.87 -74.93
CA ASN T 95 19.82 4.40 -76.27
C ASN T 95 18.57 4.37 -77.15
N LYS T 96 17.43 4.77 -76.57
CA LYS T 96 16.16 4.76 -77.29
C LYS T 96 15.78 6.11 -77.86
N LEU T 97 16.16 7.20 -77.21
CA LEU T 97 15.80 8.56 -77.64
C LEU T 97 17.06 9.27 -78.11
N ASN T 98 17.06 9.72 -79.37
CA ASN T 98 18.20 10.43 -79.92
C ASN T 98 18.32 11.83 -79.31
N ILE T 99 18.65 11.89 -78.02
CA ILE T 99 18.76 13.15 -77.31
C ILE T 99 19.93 13.07 -76.33
N THR T 100 20.42 14.25 -75.94
CA THR T 100 21.44 14.40 -74.91
C THR T 100 20.80 15.11 -73.72
N VAL T 101 20.84 14.45 -72.56
CA VAL T 101 20.14 14.90 -71.35
C VAL T 101 21.15 15.07 -70.23
N GLN T 102 20.94 16.10 -69.42
CA GLN T 102 21.78 16.37 -68.24
C GLN T 102 20.96 16.12 -66.98
N ARG T 103 21.54 15.38 -66.04
CA ARG T 103 20.88 15.08 -64.78
C ARG T 103 21.00 16.26 -63.81
N ASN T 104 19.94 16.44 -63.02
CA ASN T 104 19.90 17.44 -61.94
C ASN T 104 20.35 18.82 -62.43
N SER T 105 19.61 19.34 -63.41
CA SER T 105 19.93 20.66 -63.95
C SER T 105 19.58 21.77 -62.97
N PHE T 106 18.43 21.65 -62.31
CA PHE T 106 18.02 22.61 -61.30
C PHE T 106 18.79 22.33 -60.00
N GLY T 107 18.43 23.04 -58.94
CA GLY T 107 19.03 22.77 -57.65
C GLY T 107 18.56 21.44 -57.09
N ARG T 108 18.93 21.21 -55.83
CA ARG T 108 18.52 19.99 -55.15
C ARG T 108 17.05 20.08 -54.75
N GLN T 109 16.61 19.21 -53.84
CA GLN T 109 15.20 19.18 -53.44
C GLN T 109 14.73 20.51 -52.88
N VAL T 110 15.63 21.33 -52.36
CA VAL T 110 15.28 22.66 -51.85
C VAL T 110 14.99 23.60 -53.00
N ASP T 111 15.04 23.08 -54.24
CA ASP T 111 14.74 23.87 -55.43
C ASP T 111 13.77 23.16 -56.36
N SER T 112 13.10 22.11 -55.90
CA SER T 112 12.06 21.45 -56.69
C SER T 112 10.77 22.28 -56.64
N PHE T 113 9.92 22.08 -57.65
CA PHE T 113 8.80 22.99 -57.82
C PHE T 113 7.67 22.31 -58.58
N GLU T 114 6.57 23.05 -58.73
CA GLU T 114 5.45 22.70 -59.59
C GLU T 114 5.19 23.85 -60.55
N THR T 115 4.51 23.54 -61.65
CA THR T 115 4.15 24.57 -62.62
C THR T 115 3.06 24.04 -63.54
N GLU T 116 2.55 24.94 -64.38
CA GLU T 116 1.65 24.58 -65.47
C GLU T 116 2.47 24.44 -66.75
N LEU T 117 2.17 23.41 -67.52
CA LEU T 117 2.92 23.09 -68.73
C LEU T 117 1.96 22.96 -69.89
N ASP T 118 2.29 23.58 -71.01
CA ASP T 118 1.51 23.49 -72.25
C ASP T 118 2.25 22.52 -73.18
N ILE T 119 1.85 21.26 -73.12
CA ILE T 119 2.48 20.21 -73.92
C ILE T 119 1.81 20.17 -75.29
N LYS T 120 2.61 20.27 -76.35
CA LYS T 120 2.09 20.29 -77.71
C LYS T 120 1.44 18.96 -78.05
N GLY T 121 0.12 18.97 -78.21
CA GLY T 121 -0.61 17.79 -78.62
C GLY T 121 -1.34 17.06 -77.51
N ILE T 122 -1.26 17.53 -76.27
CA ILE T 122 -1.93 16.87 -75.16
C ILE T 122 -2.89 17.85 -74.49
N ALA T 123 -2.35 18.82 -73.76
CA ALA T 123 -3.17 19.80 -73.06
C ALA T 123 -2.36 21.08 -72.86
N THR T 124 -3.07 22.15 -72.49
CA THR T 124 -2.45 23.44 -72.27
C THR T 124 -2.27 23.78 -70.79
N ASP T 125 -2.67 22.89 -69.89
CA ASP T 125 -2.59 23.15 -68.46
C ASP T 125 -2.25 21.87 -67.70
N ILE T 126 -1.23 21.16 -68.16
CA ILE T 126 -0.76 19.98 -67.45
C ILE T 126 -0.06 20.40 -66.16
N GLU T 127 -0.37 19.71 -65.07
CA GLU T 127 0.20 20.05 -63.76
C GLU T 127 1.52 19.29 -63.61
N GLY T 128 2.62 19.97 -63.90
CA GLY T 128 3.93 19.35 -63.91
C GLY T 128 4.64 19.55 -62.57
N VAL T 129 5.19 18.46 -62.05
CA VAL T 129 5.94 18.47 -60.79
C VAL T 129 7.36 18.07 -61.10
N PHE T 130 8.31 18.99 -60.83
CA PHE T 130 9.73 18.76 -61.08
C PHE T 130 10.42 18.56 -59.74
N ILE T 131 10.95 17.36 -59.52
CA ILE T 131 11.62 16.98 -58.29
C ILE T 131 13.04 16.57 -58.68
N ARG T 132 14.00 17.49 -58.50
CA ARG T 132 15.38 17.30 -58.95
C ARG T 132 15.40 16.76 -60.37
N ALA T 133 14.55 17.33 -61.22
CA ALA T 133 14.32 16.78 -62.55
C ALA T 133 15.46 17.14 -63.49
N PRO T 134 15.74 16.28 -64.47
CA PRO T 134 16.71 16.61 -65.51
C PRO T 134 16.10 17.52 -66.56
N HIS T 135 16.90 17.88 -67.55
CA HIS T 135 16.42 18.60 -68.71
C HIS T 135 17.18 18.12 -69.93
N ILE T 136 16.50 18.14 -71.08
CA ILE T 136 17.06 17.61 -72.32
C ILE T 136 17.92 18.69 -72.95
N GLU T 137 19.24 18.45 -73.02
CA GLU T 137 20.17 19.46 -73.51
C GLU T 137 20.08 19.60 -75.02
N LYS T 138 20.07 18.48 -75.74
CA LYS T 138 20.10 18.51 -77.20
C LYS T 138 19.16 17.46 -77.76
N VAL T 139 18.61 17.76 -78.93
CA VAL T 139 17.73 16.83 -79.65
C VAL T 139 18.39 16.42 -80.96
N GLY T 140 17.99 15.25 -81.44
CA GLY T 140 18.47 14.72 -82.69
C GLY T 140 17.45 14.87 -83.80
N GLN T 141 17.68 14.13 -84.89
CA GLN T 141 16.77 14.16 -86.03
C GLN T 141 15.57 13.26 -85.76
N GLY T 142 14.37 13.79 -85.95
CA GLY T 142 13.16 13.04 -85.72
C GLY T 142 12.60 13.10 -84.32
N VAL T 143 13.04 14.04 -83.50
CA VAL T 143 12.61 14.18 -82.12
C VAL T 143 11.70 15.41 -82.04
N ASP T 144 10.42 15.19 -81.79
CA ASP T 144 9.48 16.28 -81.61
C ASP T 144 9.63 16.85 -80.20
N ILE T 145 9.79 18.18 -80.11
CA ILE T 145 9.92 18.86 -78.83
C ILE T 145 8.52 19.29 -78.40
N LEU T 146 7.99 18.63 -77.38
CA LEU T 146 6.60 18.86 -76.98
C LEU T 146 6.47 19.99 -75.97
N CYS T 147 7.41 20.13 -75.03
CA CYS T 147 7.26 21.15 -74.01
C CYS T 147 8.61 21.59 -73.48
N LYS T 148 8.75 22.91 -73.29
CA LYS T 148 9.96 23.54 -72.76
C LYS T 148 9.59 24.54 -71.69
N VAL T 149 10.52 24.77 -70.75
CA VAL T 149 10.33 25.70 -69.64
C VAL T 149 11.58 26.58 -69.55
N ASN T 150 11.43 27.85 -69.95
CA ASN T 150 12.52 28.82 -69.97
C ASN T 150 13.61 28.38 -70.95
N GLU T 151 13.18 28.09 -72.19
CA GLU T 151 14.06 27.66 -73.27
C GLU T 151 14.75 26.34 -72.96
N LYS T 152 14.48 25.77 -71.79
CA LYS T 152 14.98 24.45 -71.41
C LYS T 152 13.86 23.44 -71.63
N ILE T 153 14.03 22.58 -72.62
CA ILE T 153 12.99 21.64 -72.99
C ILE T 153 12.95 20.49 -71.99
N VAL T 154 11.74 19.96 -71.76
CA VAL T 154 11.52 18.96 -70.71
C VAL T 154 10.61 17.85 -71.17
N ALA T 155 10.00 17.98 -72.35
CA ALA T 155 9.08 16.95 -72.84
C ALA T 155 9.26 16.77 -74.34
N VAL T 156 9.64 15.54 -74.74
CA VAL T 156 9.88 15.20 -76.13
C VAL T 156 9.19 13.88 -76.47
N GLN T 157 9.04 13.64 -77.77
CA GLN T 157 8.43 12.42 -78.28
C GLN T 157 9.09 12.06 -79.60
N GLN T 158 9.66 10.86 -79.69
CA GLN T 158 10.25 10.34 -80.91
C GLN T 158 9.52 9.07 -81.29
N GLY T 159 8.61 9.16 -82.25
CA GLY T 159 7.87 8.02 -82.75
C GLY T 159 7.07 7.29 -81.67
N LYS T 160 7.50 6.07 -81.34
CA LYS T 160 6.85 5.26 -80.33
C LYS T 160 7.47 5.41 -78.96
N TYR T 161 8.28 6.44 -78.75
CA TYR T 161 8.96 6.69 -77.47
C TYR T 161 8.57 8.07 -76.97
N LEU T 162 8.21 8.14 -75.68
CA LEU T 162 7.78 9.40 -75.08
C LEU T 162 8.61 9.66 -73.83
N GLY T 163 9.20 10.84 -73.73
CA GLY T 163 10.02 11.19 -72.59
C GLY T 163 9.62 12.52 -71.99
N VAL T 164 9.54 12.54 -70.66
CA VAL T 164 9.22 13.76 -69.92
C VAL T 164 10.17 13.90 -68.75
N SER T 165 10.51 15.16 -68.41
CA SER T 165 11.38 15.42 -67.28
C SER T 165 10.59 15.48 -65.97
N PHE T 166 9.33 15.89 -66.03
CA PHE T 166 8.49 16.00 -64.85
C PHE T 166 7.82 14.66 -64.54
N ASN T 167 7.11 14.61 -63.41
CA ASN T 167 6.43 13.41 -62.95
C ASN T 167 4.93 13.69 -62.86
N PRO T 168 4.16 13.36 -63.90
CA PRO T 168 2.70 13.57 -63.83
C PRO T 168 1.98 12.56 -62.94
N GLU T 169 2.64 11.45 -62.58
CA GLU T 169 1.97 10.43 -61.77
C GLU T 169 1.66 10.92 -60.37
N LEU T 170 2.42 11.91 -59.87
CA LEU T 170 2.18 12.43 -58.53
C LEU T 170 0.94 13.30 -58.45
N THR T 171 0.34 13.65 -59.58
CA THR T 171 -0.87 14.47 -59.60
C THR T 171 -2.08 13.59 -59.88
N ASP T 172 -3.26 14.20 -59.86
CA ASP T 172 -4.49 13.53 -60.22
C ASP T 172 -4.81 13.64 -61.71
N ASP T 173 -3.99 14.35 -62.46
CA ASP T 173 -4.18 14.53 -63.90
C ASP T 173 -3.49 13.38 -64.61
N TYR T 174 -4.28 12.52 -65.27
CA TYR T 174 -3.77 11.32 -65.92
C TYR T 174 -3.76 11.45 -67.44
N ARG T 175 -3.74 12.67 -67.96
CA ARG T 175 -3.86 12.86 -69.41
C ARG T 175 -2.62 12.40 -70.16
N VAL T 176 -1.45 12.43 -69.51
CA VAL T 176 -0.22 12.06 -70.20
C VAL T 176 -0.18 10.55 -70.45
N THR T 177 -0.50 9.76 -69.42
CA THR T 177 -0.57 8.31 -69.59
C THR T 177 -1.67 7.92 -70.56
N ASP T 178 -2.81 8.63 -70.51
CA ASP T 178 -3.89 8.39 -71.45
C ASP T 178 -3.42 8.63 -72.89
N TYR T 179 -2.74 9.75 -73.13
CA TYR T 179 -2.22 10.03 -74.46
C TYR T 179 -1.23 8.97 -74.91
N PHE T 180 -0.32 8.57 -74.01
CA PHE T 180 0.65 7.54 -74.35
C PHE T 180 -0.05 6.24 -74.76
N ILE T 181 -1.03 5.80 -73.99
CA ILE T 181 -1.66 4.51 -74.25
C ILE T 181 -2.50 4.58 -75.52
N ASN T 182 -3.23 5.68 -75.73
CA ASN T 182 -4.20 5.73 -76.81
C ASN T 182 -3.61 6.20 -78.14
N HIS T 183 -2.46 6.87 -78.14
CA HIS T 183 -1.90 7.43 -79.36
C HIS T 183 -0.50 6.94 -79.67
N ILE T 184 0.07 6.03 -78.88
CA ILE T 184 1.39 5.48 -79.16
C ILE T 184 1.31 3.95 -79.14
N VAL T 185 0.81 3.39 -78.04
CA VAL T 185 0.66 1.94 -77.96
C VAL T 185 -0.47 1.48 -78.88
N LYS T 186 -1.52 2.28 -79.01
CA LYS T 186 -2.65 1.95 -79.88
C LYS T 186 -2.40 2.36 -81.32
N LYS T 187 -1.15 2.33 -81.76
CA LYS T 187 -0.82 2.72 -83.12
C LYS T 187 0.10 1.71 -83.79
N GLY U 1 9.66 7.31 76.73
CA GLY U 1 10.52 7.65 75.60
C GLY U 1 9.70 7.87 74.34
N ALA U 2 9.71 6.89 73.45
CA ALA U 2 8.94 6.96 72.21
C ALA U 2 7.45 6.82 72.52
N MET U 3 6.70 7.89 72.28
CA MET U 3 5.27 7.93 72.60
C MET U 3 4.46 7.73 71.34
N LYS U 4 3.32 7.06 71.47
CA LYS U 4 2.40 6.83 70.36
C LYS U 4 1.32 7.91 70.39
N ILE U 5 1.28 8.74 69.35
CA ILE U 5 0.33 9.85 69.25
C ILE U 5 -0.63 9.54 68.10
N GLY U 6 -1.92 9.72 68.34
CA GLY U 6 -2.94 9.43 67.36
C GLY U 6 -3.41 10.66 66.60
N VAL U 7 -3.74 10.45 65.33
CA VAL U 7 -4.31 11.48 64.47
C VAL U 7 -5.63 10.94 63.92
N LEU U 8 -6.70 11.70 64.13
CA LEU U 8 -8.03 11.29 63.67
C LEU U 8 -8.06 11.15 62.16
N ALA U 9 -7.92 9.92 61.67
CA ALA U 9 -7.80 9.65 60.24
C ALA U 9 -9.14 9.46 59.56
N LEU U 10 -10.14 10.26 59.92
CA LEU U 10 -11.43 10.18 59.23
C LEU U 10 -11.41 10.96 57.92
N GLN U 11 -10.81 12.15 57.93
CA GLN U 11 -10.68 12.99 56.74
C GLN U 11 -9.72 14.12 57.05
N GLY U 12 -8.96 14.52 56.04
CA GLY U 12 -8.08 15.67 56.14
C GLY U 12 -6.62 15.29 56.03
N ALA U 13 -5.77 16.29 56.30
CA ALA U 13 -4.32 16.15 56.20
C ALA U 13 -3.82 15.31 57.38
N VAL U 14 -3.98 14.01 57.25
CA VAL U 14 -3.51 13.07 58.27
C VAL U 14 -2.04 12.71 58.05
N ARG U 15 -1.64 12.56 56.78
CA ARG U 15 -0.26 12.23 56.48
C ARG U 15 0.70 13.29 56.98
N GLU U 16 0.33 14.57 56.84
CA GLU U 16 1.20 15.65 57.30
C GLU U 16 1.35 15.64 58.81
N HIS U 17 0.26 15.38 59.54
CA HIS U 17 0.34 15.32 60.99
C HIS U 17 1.17 14.12 61.44
N ILE U 18 1.02 12.98 60.77
CA ILE U 18 1.83 11.81 61.10
C ILE U 18 3.31 12.10 60.83
N ARG U 19 3.60 12.78 59.72
CA ARG U 19 4.98 13.15 59.42
C ARG U 19 5.55 14.08 60.48
N HIS U 20 4.76 15.07 60.93
CA HIS U 20 5.25 15.99 61.94
C HIS U 20 5.42 15.29 63.29
N ILE U 21 4.58 14.31 63.59
CA ILE U 21 4.80 13.49 64.79
C ILE U 21 6.12 12.73 64.68
N GLU U 22 6.37 12.13 63.52
CA GLU U 22 7.62 11.40 63.32
C GLU U 22 8.83 12.34 63.36
N LEU U 23 8.64 13.62 63.01
CA LEU U 23 9.74 14.57 63.08
C LEU U 23 10.07 14.93 64.52
N SER U 24 9.09 14.87 65.42
CA SER U 24 9.31 15.16 66.83
C SER U 24 9.93 14.00 67.59
N GLY U 25 10.19 12.88 66.94
CA GLY U 25 10.79 11.74 67.59
C GLY U 25 9.82 10.75 68.20
N HIS U 26 8.60 10.68 67.69
CA HIS U 26 7.57 9.80 68.23
C HIS U 26 6.90 9.04 67.09
N GLU U 27 6.06 8.08 67.48
CA GLU U 27 5.33 7.26 66.53
C GLU U 27 3.91 7.78 66.34
N GLY U 28 3.44 7.76 65.11
CA GLY U 28 2.11 8.25 64.76
C GLY U 28 1.18 7.09 64.45
N ILE U 29 -0.09 7.24 64.85
CA ILE U 29 -1.11 6.23 64.62
C ILE U 29 -2.32 6.91 63.99
N ALA U 30 -2.65 6.52 62.76
CA ALA U 30 -3.82 7.06 62.06
C ALA U 30 -5.04 6.30 62.57
N VAL U 31 -5.82 6.93 63.44
CA VAL U 31 -6.95 6.27 64.09
C VAL U 31 -8.20 6.47 63.24
N LYS U 32 -8.82 5.35 62.84
CA LYS U 32 -10.10 5.37 62.15
C LYS U 32 -11.20 4.68 62.93
N LYS U 33 -10.88 3.86 63.92
CA LYS U 33 -11.86 3.16 64.74
C LYS U 33 -11.69 3.58 66.19
N VAL U 34 -12.78 3.47 66.95
CA VAL U 34 -12.79 3.95 68.34
C VAL U 34 -11.79 3.15 69.18
N GLU U 35 -11.63 1.86 68.89
CA GLU U 35 -10.76 1.02 69.70
C GLU U 35 -9.34 1.55 69.73
N GLN U 36 -8.86 2.08 68.61
CA GLN U 36 -7.50 2.61 68.55
C GLN U 36 -7.26 3.73 69.54
N LEU U 37 -8.33 4.41 69.99
CA LEU U 37 -8.17 5.45 71.00
C LEU U 37 -7.59 4.90 72.30
N GLU U 38 -7.75 3.61 72.56
CA GLU U 38 -7.19 2.99 73.75
C GLU U 38 -5.70 2.68 73.61
N GLU U 39 -5.11 2.89 72.44
CA GLU U 39 -3.71 2.57 72.21
C GLU U 39 -2.81 3.79 72.12
N ILE U 40 -3.36 5.00 72.14
CA ILE U 40 -2.57 6.22 72.00
C ILE U 40 -2.64 7.00 73.32
N GLU U 41 -1.60 7.80 73.55
CA GLU U 41 -1.53 8.68 74.71
C GLU U 41 -1.87 10.12 74.38
N GLY U 42 -2.08 10.43 73.11
CA GLY U 42 -2.45 11.78 72.70
C GLY U 42 -3.15 11.75 71.36
N LEU U 43 -4.00 12.74 71.13
CA LEU U 43 -4.80 12.80 69.92
C LEU U 43 -4.65 14.15 69.24
N ILE U 44 -4.50 14.13 67.93
CA ILE U 44 -4.46 15.33 67.10
C ILE U 44 -5.66 15.29 66.16
N LEU U 45 -6.51 16.32 66.25
CA LEU U 45 -7.64 16.47 65.36
C LEU U 45 -7.17 17.28 64.14
N PRO U 46 -6.95 16.64 63.00
CA PRO U 46 -6.26 17.29 61.89
C PRO U 46 -7.15 18.29 61.18
N GLY U 47 -6.52 19.04 60.28
CA GLY U 47 -7.25 20.00 59.46
C GLY U 47 -8.02 19.31 58.34
N GLY U 48 -9.23 19.80 58.09
CA GLY U 48 -10.07 19.27 57.05
C GLY U 48 -11.39 20.02 56.97
N GLU U 49 -12.46 19.33 56.60
CA GLU U 49 -13.79 19.92 56.56
C GLU U 49 -14.52 19.58 57.86
N SER U 50 -14.85 20.60 58.65
CA SER U 50 -15.49 20.37 59.93
C SER U 50 -16.83 19.69 59.79
N THR U 51 -17.56 19.98 58.71
CA THR U 51 -18.85 19.31 58.48
C THR U 51 -18.66 17.81 58.25
N THR U 52 -17.76 17.46 57.32
CA THR U 52 -17.47 16.04 57.08
C THR U 52 -16.95 15.36 58.33
N LEU U 53 -16.09 16.04 59.09
CA LEU U 53 -15.53 15.44 60.30
C LEU U 53 -16.60 15.19 61.34
N ARG U 54 -17.51 16.15 61.54
CA ARG U 54 -18.64 15.94 62.44
C ARG U 54 -19.50 14.76 61.98
N ARG U 55 -19.80 14.71 60.68
CA ARG U 55 -20.67 13.65 60.17
C ARG U 55 -20.03 12.29 60.33
N LEU U 56 -18.71 12.21 60.19
CA LEU U 56 -18.01 10.93 60.36
C LEU U 56 -17.93 10.54 61.82
N MET U 57 -17.71 11.52 62.71
CA MET U 57 -17.61 11.21 64.13
C MET U 57 -18.96 10.84 64.72
N ASN U 58 -20.05 11.40 64.21
CA ASN U 58 -21.38 11.11 64.72
C ASN U 58 -21.87 9.71 64.36
N LEU U 59 -21.19 9.01 63.45
CA LEU U 59 -21.72 7.78 62.89
C LEU U 59 -20.99 6.52 63.35
N TYR U 60 -19.86 6.65 64.05
CA TYR U 60 -19.12 5.48 64.51
C TYR U 60 -18.86 5.52 66.01
N GLY U 61 -19.68 6.26 66.76
CA GLY U 61 -19.47 6.37 68.19
C GLY U 61 -18.28 7.20 68.59
N PHE U 62 -17.71 7.98 67.67
CA PHE U 62 -16.53 8.79 67.99
C PHE U 62 -16.90 9.98 68.87
N LYS U 63 -18.09 10.55 68.68
CA LYS U 63 -18.50 11.71 69.48
C LYS U 63 -18.64 11.32 70.95
N GLU U 64 -19.33 10.23 71.24
CA GLU U 64 -19.50 9.80 72.62
C GLU U 64 -18.19 9.32 73.22
N ALA U 65 -17.34 8.68 72.41
CA ALA U 65 -16.08 8.17 72.92
C ALA U 65 -15.09 9.29 73.24
N LEU U 66 -15.12 10.38 72.46
CA LEU U 66 -14.21 11.48 72.68
C LEU U 66 -14.75 12.51 73.67
N GLN U 67 -16.07 12.60 73.81
CA GLN U 67 -16.64 13.48 74.83
C GLN U 67 -16.38 12.95 76.22
N ASN U 68 -16.22 11.63 76.36
CA ASN U 68 -15.97 10.99 77.66
C ASN U 68 -14.51 10.63 77.88
N SER U 69 -13.64 10.90 76.91
CA SER U 69 -12.24 10.50 77.00
C SER U 69 -11.43 11.54 77.75
N THR U 70 -10.47 11.06 78.55
CA THR U 70 -9.57 11.91 79.31
C THR U 70 -8.25 12.16 78.59
N LEU U 71 -8.23 12.03 77.27
CA LEU U 71 -7.02 12.14 76.46
C LEU U 71 -6.77 13.59 76.07
N PRO U 72 -5.52 14.05 76.14
CA PRO U 72 -5.21 15.41 75.67
C PRO U 72 -5.33 15.51 74.16
N MET U 73 -5.75 16.69 73.70
CA MET U 73 -6.08 16.88 72.30
C MET U 73 -5.43 18.13 71.74
N PHE U 74 -5.04 18.04 70.46
CA PHE U 74 -4.43 19.13 69.72
C PHE U 74 -5.23 19.31 68.42
N GLY U 75 -6.03 20.36 68.36
CA GLY U 75 -6.87 20.63 67.20
C GLY U 75 -6.32 21.78 66.39
N THR U 76 -6.12 21.52 65.10
CA THR U 76 -5.78 22.55 64.14
C THR U 76 -7.08 23.15 63.62
N CYS U 77 -7.05 23.77 62.43
CA CYS U 77 -8.30 24.17 61.79
C CYS U 77 -9.21 22.97 61.65
N ALA U 78 -10.52 23.22 61.70
CA ALA U 78 -11.54 22.18 61.76
C ALA U 78 -11.46 21.43 63.09
N GLY U 79 -10.27 20.94 63.44
CA GLY U 79 -10.09 20.35 64.76
C GLY U 79 -10.36 21.34 65.87
N LEU U 80 -9.93 22.60 65.69
CA LEU U 80 -10.29 23.65 66.65
C LEU U 80 -11.79 23.86 66.68
N ILE U 81 -12.44 23.83 65.51
CA ILE U 81 -13.89 23.97 65.46
C ILE U 81 -14.57 22.81 66.17
N VAL U 82 -14.05 21.60 65.97
CA VAL U 82 -14.63 20.42 66.59
C VAL U 82 -14.43 20.46 68.10
N LEU U 83 -13.31 21.01 68.57
CA LEU U 83 -13.01 21.04 70.00
C LEU U 83 -13.78 22.12 70.75
N ALA U 84 -14.29 23.14 70.06
CA ALA U 84 -14.88 24.29 70.73
C ALA U 84 -16.20 23.91 71.41
N GLN U 85 -16.53 24.66 72.47
CA GLN U 85 -17.80 24.47 73.16
C GLN U 85 -18.96 25.14 72.43
N ASP U 86 -18.68 26.22 71.70
CA ASP U 86 -19.71 26.96 70.99
C ASP U 86 -19.20 27.34 69.61
N ILE U 87 -20.12 27.38 68.65
CA ILE U 87 -19.81 27.74 67.27
C ILE U 87 -20.85 28.73 66.79
N VAL U 88 -20.40 29.88 66.28
CA VAL U 88 -21.32 30.91 65.84
C VAL U 88 -22.15 30.40 64.68
N GLY U 89 -23.47 30.50 64.81
CA GLY U 89 -24.39 30.01 63.80
C GLY U 89 -24.71 28.53 63.87
N GLU U 90 -23.92 27.76 64.61
CA GLU U 90 -24.13 26.32 64.73
C GLU U 90 -24.11 25.96 66.21
N GLU U 91 -23.81 24.70 66.51
CA GLU U 91 -23.75 24.20 67.87
C GLU U 91 -22.38 23.60 68.14
N GLY U 92 -21.92 23.71 69.40
CA GLY U 92 -20.67 23.10 69.79
C GLY U 92 -20.70 21.60 69.67
N TYR U 93 -19.50 21.02 69.51
CA TYR U 93 -19.39 19.60 69.24
C TYR U 93 -18.76 18.92 70.44
N LEU U 94 -17.43 18.75 70.49
CA LEU U 94 -16.82 17.99 71.57
C LEU U 94 -16.87 18.73 72.91
N ASN U 95 -17.04 20.05 72.89
CA ASN U 95 -17.19 20.84 74.11
C ASN U 95 -15.96 20.71 75.02
N LYS U 96 -14.77 20.76 74.42
CA LYS U 96 -13.53 20.61 75.16
C LYS U 96 -12.87 21.94 75.52
N LEU U 97 -13.02 22.96 74.68
CA LEU U 97 -12.39 24.26 74.90
C LEU U 97 -13.48 25.28 75.20
N ASN U 98 -13.38 25.92 76.37
CA ASN U 98 -14.36 26.93 76.77
C ASN U 98 -14.18 28.19 75.95
N ILE U 99 -14.51 28.11 74.65
CA ILE U 99 -14.37 29.24 73.74
C ILE U 99 -15.52 29.24 72.75
N THR U 100 -15.77 30.41 72.16
CA THR U 100 -16.74 30.59 71.10
C THR U 100 -15.98 30.94 69.82
N VAL U 101 -16.17 30.13 68.78
CA VAL U 101 -15.40 30.22 67.54
C VAL U 101 -16.36 30.41 66.38
N GLN U 102 -15.96 31.22 65.42
CA GLN U 102 -16.72 31.45 64.19
C GLN U 102 -15.98 30.83 63.00
N ARG U 103 -16.71 30.08 62.18
CA ARG U 103 -16.13 29.45 61.01
C ARG U 103 -16.02 30.43 59.85
N ASN U 104 -14.95 30.27 59.07
CA ASN U 104 -14.72 31.04 57.85
C ASN U 104 -14.88 32.54 58.08
N SER U 105 -14.04 33.07 58.98
CA SER U 105 -14.09 34.49 59.29
C SER U 105 -13.51 35.32 58.15
N PHE U 106 -12.42 34.86 57.55
CA PHE U 106 -11.83 35.54 56.41
C PHE U 106 -12.65 35.21 55.16
N GLY U 107 -12.17 35.64 53.99
CA GLY U 107 -12.81 35.28 52.75
C GLY U 107 -12.63 33.81 52.43
N ARG U 108 -13.04 33.45 51.22
CA ARG U 108 -12.90 32.08 50.75
C ARG U 108 -11.45 31.80 50.38
N GLN U 109 -11.20 30.73 49.62
CA GLN U 109 -9.83 30.35 49.28
C GLN U 109 -9.10 31.45 48.53
N VAL U 110 -9.81 32.34 47.85
CA VAL U 110 -9.19 33.47 47.15
C VAL U 110 -8.70 34.50 48.16
N ASP U 111 -8.86 34.20 49.45
CA ASP U 111 -8.41 35.09 50.51
C ASP U 111 -7.58 34.36 51.56
N SER U 112 -7.13 33.13 51.28
CA SER U 112 -6.23 32.42 52.18
C SER U 112 -4.81 32.96 52.04
N PHE U 113 -4.00 32.76 53.08
CA PHE U 113 -2.73 33.46 53.14
C PHE U 113 -1.75 32.71 54.03
N GLU U 114 -0.52 33.22 54.08
CA GLU U 114 0.51 32.80 55.02
C GLU U 114 1.01 34.02 55.78
N THR U 115 1.62 33.77 56.94
CA THR U 115 2.19 34.85 57.73
C THR U 115 3.15 34.27 58.76
N GLU U 116 3.84 35.17 59.46
CA GLU U 116 4.64 34.82 60.62
C GLU U 116 3.82 35.06 61.88
N LEU U 117 3.91 34.13 62.82
CA LEU U 117 3.13 34.17 64.04
C LEU U 117 4.05 34.05 65.24
N ASP U 118 3.84 34.91 66.23
CA ASP U 118 4.59 34.86 67.48
C ASP U 118 3.70 34.23 68.53
N ILE U 119 3.82 32.92 68.70
CA ILE U 119 3.01 32.17 69.65
C ILE U 119 3.67 32.22 71.01
N LYS U 120 2.91 32.65 72.02
CA LYS U 120 3.43 32.79 73.38
C LYS U 120 3.80 31.42 73.94
N GLY U 121 5.10 31.19 74.13
CA GLY U 121 5.59 29.97 74.74
C GLY U 121 6.13 28.94 73.79
N ILE U 122 6.14 29.21 72.48
CA ILE U 122 6.64 28.25 71.51
C ILE U 122 7.79 28.88 70.71
N ALA U 123 7.44 29.80 69.82
CA ALA U 123 8.45 30.46 68.99
C ALA U 123 7.91 31.82 68.56
N THR U 124 8.81 32.65 68.05
CA THR U 124 8.48 34.00 67.61
C THR U 124 8.36 34.12 66.10
N ASP U 125 8.56 33.03 65.35
CA ASP U 125 8.53 33.06 63.90
C ASP U 125 7.92 31.77 63.35
N ILE U 126 6.79 31.37 63.91
CA ILE U 126 6.07 30.20 63.40
C ILE U 126 5.47 30.55 62.03
N GLU U 127 5.62 29.64 61.07
CA GLU U 127 5.11 29.87 59.72
C GLU U 127 3.67 29.39 59.66
N GLY U 128 2.73 30.33 59.80
CA GLY U 128 1.32 29.99 59.87
C GLY U 128 0.66 30.11 58.50
N VAL U 129 -0.11 29.09 58.15
CA VAL U 129 -0.85 29.03 56.90
C VAL U 129 -2.33 28.99 57.23
N PHE U 130 -3.07 30.01 56.78
CA PHE U 130 -4.50 30.12 57.03
C PHE U 130 -5.23 29.85 55.72
N ILE U 131 -5.99 28.76 55.71
CA ILE U 131 -6.75 28.32 54.53
C ILE U 131 -8.21 28.27 54.94
N ARG U 132 -8.96 29.31 54.60
CA ARG U 132 -10.35 29.49 55.04
C ARG U 132 -10.49 29.22 56.53
N ALA U 133 -9.52 29.72 57.30
CA ALA U 133 -9.40 29.37 58.70
C ALA U 133 -10.43 30.10 59.55
N PRO U 134 -10.87 29.50 60.64
CA PRO U 134 -11.75 30.19 61.58
C PRO U 134 -10.94 31.13 62.48
N HIS U 135 -11.65 31.79 63.39
CA HIS U 135 -11.02 32.60 64.42
C HIS U 135 -11.85 32.48 65.69
N ILE U 136 -11.17 32.56 66.83
CA ILE U 136 -11.82 32.36 68.12
C ILE U 136 -12.43 33.69 68.55
N GLU U 137 -13.76 33.73 68.62
CA GLU U 137 -14.46 34.98 68.92
C GLU U 137 -14.33 35.35 70.39
N LYS U 138 -14.56 34.39 71.29
CA LYS U 138 -14.56 34.67 72.71
C LYS U 138 -13.86 33.55 73.47
N VAL U 139 -13.24 33.91 74.59
CA VAL U 139 -12.56 32.97 75.46
C VAL U 139 -13.28 32.91 76.80
N GLY U 140 -13.14 31.79 77.49
CA GLY U 140 -13.70 31.59 78.80
C GLY U 140 -12.66 31.71 79.90
N GLN U 141 -13.02 31.22 81.08
CA GLN U 141 -12.12 31.25 82.23
C GLN U 141 -11.13 30.10 82.15
N GLY U 142 -9.85 30.40 82.26
CA GLY U 142 -8.82 29.39 82.21
C GLY U 142 -8.26 29.10 80.84
N VAL U 143 -8.52 29.97 79.85
CA VAL U 143 -8.07 29.77 78.48
C VAL U 143 -6.94 30.76 78.21
N ASP U 144 -5.73 30.24 78.03
CA ASP U 144 -4.58 31.07 77.70
C ASP U 144 -4.63 31.43 76.22
N ILE U 145 -4.51 32.71 75.92
CA ILE U 145 -4.51 33.20 74.54
C ILE U 145 -3.06 33.26 74.09
N LEU U 146 -2.67 32.34 73.20
CA LEU U 146 -1.27 32.21 72.80
C LEU U 146 -0.91 33.10 71.62
N CYS U 147 -1.81 33.27 70.65
CA CYS U 147 -1.47 34.05 69.48
C CYS U 147 -2.72 34.65 68.84
N LYS U 148 -2.59 35.91 68.43
CA LYS U 148 -3.64 36.68 67.77
C LYS U 148 -3.06 37.38 66.56
N VAL U 149 -3.92 37.63 65.57
CA VAL U 149 -3.55 38.31 64.33
C VAL U 149 -4.58 39.40 64.08
N ASN U 150 -4.17 40.66 64.29
CA ASN U 150 -5.06 41.82 64.14
C ASN U 150 -6.20 41.74 65.15
N GLU U 151 -5.83 41.60 66.43
CA GLU U 151 -6.79 41.55 67.54
C GLU U 151 -7.74 40.37 67.42
N LYS U 152 -7.60 39.56 66.36
CA LYS U 152 -8.36 38.34 66.18
C LYS U 152 -7.47 37.17 66.58
N ILE U 153 -7.80 36.54 67.70
CA ILE U 153 -6.98 35.47 68.26
C ILE U 153 -7.18 34.19 67.45
N VAL U 154 -6.12 33.41 67.33
CA VAL U 154 -6.12 32.23 66.46
C VAL U 154 -5.45 31.04 67.12
N ALA U 155 -4.80 31.26 68.27
CA ALA U 155 -4.12 30.16 68.95
C ALA U 155 -4.32 30.28 70.45
N VAL U 156 -4.94 29.24 71.04
CA VAL U 156 -5.23 29.20 72.46
C VAL U 156 -4.84 27.83 73.04
N GLN U 157 -4.73 27.80 74.36
CA GLN U 157 -4.38 26.58 75.09
C GLN U 157 -5.08 26.59 76.43
N GLN U 158 -5.89 25.57 76.69
CA GLN U 158 -6.58 25.39 77.97
C GLN U 158 -6.12 24.06 78.57
N GLY U 159 -5.19 24.14 79.52
CA GLY U 159 -4.70 22.96 80.21
C GLY U 159 -4.08 21.93 79.30
N LYS U 160 -4.75 20.78 79.16
CA LYS U 160 -4.27 19.69 78.31
C LYS U 160 -4.88 19.74 76.91
N TYR U 161 -5.46 20.87 76.52
CA TYR U 161 -6.08 21.03 75.21
C TYR U 161 -5.42 22.19 74.50
N LEU U 162 -5.07 21.99 73.23
CA LEU U 162 -4.39 23.00 72.44
C LEU U 162 -5.15 23.22 71.14
N GLY U 163 -5.48 24.46 70.83
CA GLY U 163 -6.23 24.78 69.63
C GLY U 163 -5.57 25.88 68.82
N VAL U 164 -5.51 25.67 67.51
CA VAL U 164 -4.95 26.65 66.59
C VAL U 164 -5.87 26.78 65.38
N SER U 165 -5.95 28.01 64.85
CA SER U 165 -6.76 28.25 63.65
C SER U 165 -5.99 27.94 62.38
N PHE U 166 -4.66 28.09 62.39
CA PHE U 166 -3.84 27.83 61.23
C PHE U 166 -3.46 26.35 61.17
N ASN U 167 -2.79 25.98 60.08
CA ASN U 167 -2.35 24.60 59.85
C ASN U 167 -0.84 24.54 59.75
N PRO U 168 -0.13 24.25 60.85
CA PRO U 168 1.33 24.14 60.78
C PRO U 168 1.82 22.87 60.11
N GLU U 169 0.96 21.87 59.92
CA GLU U 169 1.38 20.62 59.32
C GLU U 169 1.77 20.79 57.86
N LEU U 170 1.23 21.80 57.18
CA LEU U 170 1.54 22.04 55.78
C LEU U 170 2.94 22.61 55.57
N THR U 171 3.61 23.04 56.65
CA THR U 171 4.96 23.57 56.56
C THR U 171 5.97 22.53 57.01
N ASP U 172 7.25 22.88 56.92
CA ASP U 172 8.32 22.04 57.40
C ASP U 172 8.67 22.32 58.87
N ASP U 173 8.03 23.31 59.47
CA ASP U 173 8.27 23.67 60.87
C ASP U 173 7.37 22.81 61.75
N TYR U 174 7.96 21.93 62.55
CA TYR U 174 7.23 20.99 63.39
C TYR U 174 7.26 21.37 64.86
N ARG U 175 7.50 22.64 65.17
CA ARG U 175 7.67 23.04 66.57
C ARG U 175 6.37 22.97 67.36
N VAL U 176 5.22 23.15 66.69
CA VAL U 176 3.95 23.15 67.41
C VAL U 176 3.61 21.75 67.89
N THR U 177 3.74 20.75 67.02
CA THR U 177 3.50 19.37 67.42
C THR U 177 4.52 18.92 68.46
N ASP U 178 5.76 19.36 68.32
CA ASP U 178 6.79 19.06 69.31
C ASP U 178 6.40 19.61 70.68
N TYR U 179 5.98 20.88 70.73
CA TYR U 179 5.53 21.48 71.98
C TYR U 179 4.35 20.73 72.57
N PHE U 180 3.37 20.39 71.72
CA PHE U 180 2.21 19.64 72.20
C PHE U 180 2.62 18.32 72.84
N ILE U 181 3.49 17.56 72.16
CA ILE U 181 3.84 16.23 72.66
C ILE U 181 4.70 16.33 73.92
N ASN U 182 5.62 17.29 73.96
CA ASN U 182 6.60 17.32 75.05
C ASN U 182 6.13 18.12 76.27
N HIS U 183 5.14 19.00 76.12
CA HIS U 183 4.71 19.84 77.23
C HIS U 183 3.24 19.72 77.58
N ILE U 184 2.50 18.81 76.93
CA ILE U 184 1.10 18.60 77.26
C ILE U 184 0.87 17.11 77.50
N VAL U 185 1.22 16.29 76.51
CA VAL U 185 1.08 14.84 76.67
C VAL U 185 2.09 14.31 77.67
N LYS U 186 3.29 14.90 77.71
CA LYS U 186 4.33 14.52 78.65
C LYS U 186 4.18 15.21 80.00
N LYS U 187 2.97 15.51 80.42
CA LYS U 187 2.74 16.20 81.69
C LYS U 187 1.64 15.51 82.49
N GLY V 1 6.02 69.79 32.89
CA GLY V 1 6.77 69.14 31.82
C GLY V 1 5.94 68.06 31.14
N ALA V 2 6.21 66.80 31.46
CA ALA V 2 5.47 65.68 30.90
C ALA V 2 4.07 65.65 31.50
N MET V 3 3.06 65.88 30.67
CA MET V 3 1.68 65.95 31.12
C MET V 3 0.95 64.65 30.78
N LYS V 4 0.03 64.25 31.65
CA LYS V 4 -0.78 63.06 31.43
C LYS V 4 -2.10 63.47 30.79
N ILE V 5 -2.35 63.00 29.57
CA ILE V 5 -3.55 63.33 28.81
C ILE V 5 -4.37 62.06 28.65
N GLY V 6 -5.67 62.15 28.90
CA GLY V 6 -6.56 61.02 28.84
C GLY V 6 -7.32 60.93 27.53
N VAL V 7 -7.56 59.71 27.09
CA VAL V 7 -8.37 59.42 25.90
C VAL V 7 -9.50 58.48 26.32
N LEU V 8 -10.73 58.88 26.04
CA LEU V 8 -11.90 58.09 26.41
C LEU V 8 -11.87 56.73 25.72
N ALA V 9 -11.40 55.71 26.42
CA ALA V 9 -11.18 54.38 25.85
C ALA V 9 -12.42 53.50 25.92
N LEU V 10 -13.60 54.06 25.69
CA LEU V 10 -14.81 53.24 25.66
C LEU V 10 -14.97 52.54 24.32
N GLN V 11 -14.71 53.26 23.22
CA GLN V 11 -14.80 52.70 21.87
C GLN V 11 -14.16 53.69 20.91
N GLY V 12 -13.52 53.17 19.88
CA GLY V 12 -12.98 53.97 18.80
C GLY V 12 -11.46 53.91 18.74
N ALA V 13 -10.91 54.77 17.89
CA ALA V 13 -9.46 54.84 17.65
C ALA V 13 -8.78 55.47 18.85
N VAL V 14 -8.60 54.67 19.89
CA VAL V 14 -7.92 55.13 21.10
C VAL V 14 -6.40 54.97 20.97
N ARG V 15 -5.96 53.89 20.33
CA ARG V 15 -4.52 53.66 20.15
C ARG V 15 -3.89 54.78 19.34
N GLU V 16 -4.58 55.27 18.30
CA GLU V 16 -4.02 56.34 17.48
C GLU V 16 -3.89 57.63 18.27
N HIS V 17 -4.89 57.95 19.10
CA HIS V 17 -4.81 59.15 19.91
C HIS V 17 -3.72 59.05 20.96
N ILE V 18 -3.55 57.87 21.56
CA ILE V 18 -2.47 57.68 22.52
C ILE V 18 -1.11 57.83 21.82
N ARG V 19 -0.99 57.29 20.62
CA ARG V 19 0.24 57.43 19.85
C ARG V 19 0.53 58.89 19.54
N HIS V 20 -0.50 59.65 19.14
CA HIS V 20 -0.29 61.06 18.83
C HIS V 20 0.04 61.87 20.08
N ILE V 21 -0.51 61.49 21.24
CA ILE V 21 -0.11 62.13 22.49
C ILE V 21 1.36 61.85 22.77
N GLU V 22 1.79 60.59 22.58
CA GLU V 22 3.18 60.23 22.81
C GLU V 22 4.09 60.93 21.81
N LEU V 23 3.59 61.27 20.62
CA LEU V 23 4.40 61.99 19.64
C LEU V 23 4.60 63.43 20.04
N SER V 24 3.66 64.01 20.79
CA SER V 24 3.77 65.38 21.25
C SER V 24 4.67 65.53 22.48
N GLY V 25 5.21 64.43 22.99
CA GLY V 25 6.09 64.49 24.14
C GLY V 25 5.41 64.35 25.48
N HIS V 26 4.25 63.70 25.53
CA HIS V 26 3.48 63.55 26.75
C HIS V 26 3.05 62.10 26.92
N GLU V 27 2.48 61.81 28.08
CA GLU V 27 2.00 60.47 28.41
C GLU V 27 0.51 60.38 28.18
N GLY V 28 0.07 59.24 27.64
CA GLY V 28 -1.33 58.99 27.33
C GLY V 28 -1.93 57.99 28.31
N ILE V 29 -3.19 58.21 28.67
CA ILE V 29 -3.90 57.34 29.60
C ILE V 29 -5.24 56.97 28.96
N ALA V 30 -5.43 55.69 28.68
CA ALA V 30 -6.70 55.20 28.14
C ALA V 30 -7.69 55.06 29.28
N VAL V 31 -8.62 56.01 29.38
CA VAL V 31 -9.55 56.04 30.51
C VAL V 31 -10.79 55.23 30.17
N LYS V 32 -11.08 54.22 31.00
CA LYS V 32 -12.30 53.44 30.89
C LYS V 32 -13.21 53.56 32.11
N LYS V 33 -12.70 54.03 33.24
CA LYS V 33 -13.49 54.22 34.45
C LYS V 33 -13.46 55.69 34.85
N VAL V 34 -14.50 56.11 35.57
CA VAL V 34 -14.65 57.52 35.91
C VAL V 34 -13.50 57.99 36.80
N GLU V 35 -13.00 57.11 37.68
CA GLU V 35 -11.96 57.51 38.63
C GLU V 35 -10.72 58.03 37.90
N GLN V 36 -10.38 57.43 36.76
CA GLN V 36 -9.19 57.86 36.02
C GLN V 36 -9.28 59.30 35.57
N LEU V 37 -10.48 59.87 35.48
CA LEU V 37 -10.62 61.28 35.13
C LEU V 37 -9.93 62.18 36.15
N GLU V 38 -9.77 61.71 37.39
CA GLU V 38 -9.08 62.49 38.40
C GLU V 38 -7.57 62.45 38.27
N GLU V 39 -7.03 61.65 37.36
CA GLU V 39 -5.60 61.50 37.20
C GLU V 39 -5.03 62.19 35.96
N ILE V 40 -5.89 62.74 35.10
CA ILE V 40 -5.45 63.37 33.86
C ILE V 40 -5.74 64.86 33.93
N GLU V 41 -4.95 65.64 33.19
CA GLU V 41 -5.13 67.08 33.08
C GLU V 41 -5.81 67.49 31.78
N GLY V 42 -6.08 66.54 30.89
CA GLY V 42 -6.78 66.83 29.65
C GLY V 42 -7.42 65.57 29.11
N LEU V 43 -8.50 65.76 28.35
CA LEU V 43 -9.27 64.64 27.83
C LEU V 43 -9.47 64.79 26.32
N ILE V 44 -9.30 63.67 25.61
CA ILE V 44 -9.56 63.61 24.18
C ILE V 44 -10.69 62.61 23.95
N LEU V 45 -11.78 63.08 23.35
CA LEU V 45 -12.89 62.23 22.97
C LEU V 45 -12.62 61.69 21.57
N PRO V 46 -12.24 60.42 21.45
CA PRO V 46 -11.73 59.92 20.18
C PRO V 46 -12.84 59.68 19.16
N GLY V 47 -12.42 59.40 17.94
CA GLY V 47 -13.36 59.08 16.87
C GLY V 47 -13.89 57.67 17.00
N GLY V 48 -15.19 57.52 16.72
CA GLY V 48 -15.85 56.24 16.77
C GLY V 48 -17.31 56.35 16.39
N GLU V 49 -18.16 55.53 17.00
CA GLU V 49 -19.60 55.59 16.77
C GLU V 49 -20.23 56.41 17.91
N SER V 50 -20.82 57.55 17.56
CA SER V 50 -21.40 58.42 18.56
C SER V 50 -22.52 57.73 19.34
N THR V 51 -23.29 56.86 18.67
CA THR V 51 -24.35 56.13 19.36
C THR V 51 -23.77 55.21 20.43
N THR V 52 -22.80 54.38 20.05
CA THR V 52 -22.15 53.49 21.00
C THR V 52 -21.48 54.28 22.12
N LEU V 53 -20.85 55.40 21.78
CA LEU V 53 -20.16 56.20 22.79
C LEU V 53 -21.15 56.80 23.79
N ARG V 54 -22.28 57.31 23.30
CA ARG V 54 -23.33 57.79 24.20
C ARG V 54 -23.85 56.68 25.10
N ARG V 55 -24.10 55.51 24.51
CA ARG V 55 -24.65 54.40 25.29
C ARG V 55 -23.68 53.94 26.35
N LEU V 56 -22.38 53.98 26.07
CA LEU V 56 -21.39 53.57 27.05
C LEU V 56 -21.22 54.64 28.14
N MET V 57 -21.27 55.92 27.77
CA MET V 57 -21.13 56.97 28.76
C MET V 57 -22.34 57.07 29.67
N ASN V 58 -23.53 56.76 29.15
CA ASN V 58 -24.75 56.83 29.95
C ASN V 58 -24.86 55.73 30.99
N LEU V 59 -23.99 54.72 30.95
CA LEU V 59 -24.18 53.52 31.76
C LEU V 59 -23.16 53.38 32.89
N TYR V 60 -22.11 54.21 32.92
CA TYR V 60 -21.09 54.11 33.96
C TYR V 60 -20.88 55.45 34.67
N GLY V 61 -21.87 56.34 34.65
CA GLY V 61 -21.73 57.63 35.28
C GLY V 61 -20.81 58.59 34.55
N PHE V 62 -20.45 58.29 33.30
CA PHE V 62 -19.53 59.16 32.56
C PHE V 62 -20.21 60.45 32.13
N LYS V 63 -21.50 60.40 31.81
CA LYS V 63 -22.21 61.60 31.39
C LYS V 63 -22.26 62.63 32.51
N GLU V 64 -22.66 62.20 33.71
CA GLU V 64 -22.74 63.12 34.84
C GLU V 64 -21.35 63.59 35.26
N ALA V 65 -20.36 62.71 35.18
CA ALA V 65 -19.01 63.07 35.61
C ALA V 65 -18.36 64.07 34.65
N LEU V 66 -18.66 63.96 33.35
CA LEU V 66 -18.06 64.85 32.37
C LEU V 66 -18.87 66.13 32.17
N GLN V 67 -20.17 66.08 32.46
CA GLN V 67 -20.96 67.31 32.40
C GLN V 67 -20.59 68.26 33.54
N ASN V 68 -20.09 67.72 34.65
CA ASN V 68 -19.71 68.51 35.82
C ASN V 68 -18.20 68.73 35.92
N SER V 69 -17.41 68.19 35.00
CA SER V 69 -15.97 68.28 35.08
C SER V 69 -15.47 69.58 34.46
N THR V 70 -14.44 70.16 35.07
CA THR V 70 -13.80 71.38 34.59
C THR V 70 -12.59 71.10 33.73
N LEU V 71 -12.51 69.92 33.12
CA LEU V 71 -11.35 69.48 32.34
C LEU V 71 -11.48 69.93 30.89
N PRO V 72 -10.39 70.41 30.29
CA PRO V 72 -10.43 70.76 28.86
C PRO V 72 -10.56 69.52 28.00
N MET V 73 -11.26 69.66 26.87
CA MET V 73 -11.60 68.52 26.03
C MET V 73 -11.29 68.80 24.57
N PHE V 74 -10.88 67.74 23.88
CA PHE V 74 -10.56 67.77 22.46
C PHE V 74 -11.35 66.64 21.80
N GLY V 75 -12.41 67.00 21.08
CA GLY V 75 -13.26 66.04 20.42
C GLY V 75 -13.01 66.01 18.92
N THR V 76 -12.73 64.82 18.41
CA THR V 76 -12.66 64.58 16.96
C THR V 76 -14.07 64.25 16.48
N CYS V 77 -14.18 63.57 15.34
CA CYS V 77 -15.47 63.04 14.92
C CYS V 77 -16.03 62.17 16.03
N ALA V 78 -17.37 62.14 16.13
CA ALA V 78 -18.08 61.50 17.23
C ALA V 78 -17.84 62.26 18.53
N GLY V 79 -16.57 62.49 18.87
CA GLY V 79 -16.26 63.33 20.02
C GLY V 79 -16.80 64.75 19.86
N LEU V 80 -16.72 65.30 18.65
CA LEU V 80 -17.35 66.59 18.38
C LEU V 80 -18.87 66.49 18.53
N ILE V 81 -19.46 65.40 18.07
CA ILE V 81 -20.90 65.19 18.23
C ILE V 81 -21.26 65.10 19.70
N VAL V 82 -20.44 64.38 20.48
CA VAL V 82 -20.71 64.21 21.91
C VAL V 82 -20.55 65.53 22.64
N LEU V 83 -19.62 66.39 22.20
CA LEU V 83 -19.37 67.66 22.87
C LEU V 83 -20.41 68.72 22.56
N ALA V 84 -21.14 68.59 21.47
CA ALA V 84 -22.03 69.65 21.01
C ALA V 84 -23.20 69.84 21.96
N GLN V 85 -23.74 71.06 21.97
CA GLN V 85 -24.93 71.36 22.77
C GLN V 85 -26.20 70.90 22.08
N ASP V 86 -26.21 70.88 20.75
CA ASP V 86 -27.39 70.50 19.98
C ASP V 86 -26.97 69.61 18.82
N ILE V 87 -27.85 68.67 18.48
CA ILE V 87 -27.62 67.74 17.38
C ILE V 87 -28.88 67.69 16.53
N VAL V 88 -28.73 67.91 15.22
CA VAL V 88 -29.87 67.93 14.33
C VAL V 88 -30.53 66.55 14.31
N GLY V 89 -31.83 66.51 14.57
CA GLY V 89 -32.58 65.27 14.63
C GLY V 89 -32.50 64.54 15.94
N GLU V 90 -31.55 64.88 16.81
CA GLU V 90 -31.38 64.21 18.10
C GLU V 90 -31.29 65.28 19.18
N GLU V 91 -30.68 64.93 20.30
CA GLU V 91 -30.50 65.85 21.42
C GLU V 91 -29.03 65.97 21.77
N GLY V 92 -28.64 67.16 22.24
CA GLY V 92 -27.27 67.37 22.67
C GLY V 92 -26.90 66.48 23.85
N TYR V 93 -25.60 66.24 23.98
CA TYR V 93 -25.11 65.30 24.99
C TYR V 93 -24.34 66.07 26.05
N LEU V 94 -23.03 66.23 25.93
CA LEU V 94 -22.25 66.84 27.00
C LEU V 94 -22.51 68.34 27.14
N ASN V 95 -23.03 68.98 26.08
CA ASN V 95 -23.40 70.40 26.12
C ASN V 95 -22.20 71.28 26.46
N LYS V 96 -21.06 70.98 25.85
CA LYS V 96 -19.82 71.73 26.09
C LYS V 96 -19.54 72.80 25.06
N LEU V 97 -19.93 72.60 23.81
CA LEU V 97 -19.67 73.54 22.73
C LEU V 97 -20.99 74.16 22.28
N ASN V 98 -21.08 75.48 22.36
CA ASN V 98 -22.29 76.20 21.95
C ASN V 98 -22.44 76.17 20.44
N ILE V 99 -22.71 74.98 19.88
CA ILE V 99 -22.85 74.81 18.44
C ILE V 99 -23.96 73.80 18.17
N THR V 100 -24.48 73.86 16.95
CA THR V 100 -25.46 72.91 16.43
C THR V 100 -24.81 72.13 15.30
N VAL V 101 -24.75 70.81 15.45
CA VAL V 101 -24.01 69.92 14.56
C VAL V 101 -24.96 68.89 13.99
N GLN V 102 -24.78 68.55 12.71
CA GLN V 102 -25.55 67.52 12.03
C GLN V 102 -24.66 66.31 11.75
N ARG V 103 -25.15 65.12 12.08
CA ARG V 103 -24.41 63.89 11.84
C ARG V 103 -24.54 63.44 10.40
N ASN V 104 -23.46 62.86 9.88
CA ASN V 104 -23.42 62.25 8.56
C ASN V 104 -23.96 63.20 7.49
N SER V 105 -23.30 64.35 7.36
CA SER V 105 -23.72 65.34 6.38
C SER V 105 -23.37 64.89 4.96
N PHE V 106 -22.19 64.31 4.79
CA PHE V 106 -21.79 63.79 3.49
C PHE V 106 -22.47 62.44 3.27
N GLY V 107 -22.09 61.75 2.19
CA GLY V 107 -22.60 60.42 1.95
C GLY V 107 -22.04 59.43 2.95
N ARG V 108 -22.33 58.16 2.67
CA ARG V 108 -21.81 57.08 3.52
C ARG V 108 -20.34 56.85 3.24
N GLN V 109 -19.80 55.70 3.67
CA GLN V 109 -18.38 55.42 3.50
C GLN V 109 -17.94 55.46 2.04
N VAL V 110 -18.86 55.23 1.10
CA VAL V 110 -18.54 55.30 -0.32
C VAL V 110 -18.35 56.75 -0.75
N ASP V 111 -18.44 57.68 0.21
CA ASP V 111 -18.25 59.10 -0.06
C ASP V 111 -17.29 59.76 0.93
N SER V 112 -16.55 58.97 1.70
CA SER V 112 -15.53 59.52 2.59
C SER V 112 -14.28 59.86 1.78
N PHE V 113 -13.46 60.77 2.33
CA PHE V 113 -12.40 61.35 1.52
C PHE V 113 -11.27 61.87 2.41
N GLU V 114 -10.22 62.36 1.76
CA GLU V 114 -9.13 63.09 2.37
C GLU V 114 -8.97 64.43 1.68
N THR V 115 -8.33 65.37 2.38
CA THR V 115 -8.07 66.68 1.79
C THR V 115 -7.01 67.40 2.62
N GLU V 116 -6.60 68.55 2.10
CA GLU V 116 -5.75 69.49 2.83
C GLU V 116 -6.62 70.55 3.48
N LEU V 117 -6.31 70.89 4.73
CA LEU V 117 -7.10 71.82 5.52
C LEU V 117 -6.19 72.90 6.06
N ASP V 118 -6.63 74.15 5.93
CA ASP V 118 -5.91 75.31 6.47
C ASP V 118 -6.63 75.74 7.75
N ILE V 119 -6.17 75.22 8.88
CA ILE V 119 -6.78 75.51 10.17
C ILE V 119 -6.18 76.79 10.73
N LYS V 120 -7.05 77.74 11.08
CA LYS V 120 -6.61 79.05 11.56
C LYS V 120 -5.91 78.87 12.91
N GLY V 121 -4.61 79.12 12.93
CA GLY V 121 -3.82 79.10 14.15
C GLY V 121 -3.01 77.84 14.37
N ILE V 122 -3.04 76.88 13.45
CA ILE V 122 -2.28 75.65 13.61
C ILE V 122 -1.33 75.49 12.43
N ALA V 123 -1.88 75.15 11.26
CA ALA V 123 -1.07 74.95 10.07
C ALA V 123 -1.94 75.19 8.84
N THR V 124 -1.28 75.32 7.69
CA THR V 124 -1.95 75.57 6.43
C THR V 124 -2.07 74.34 5.54
N ASP V 125 -1.59 73.19 6.01
CA ASP V 125 -1.59 71.97 5.20
C ASP V 125 -1.83 70.75 6.10
N ILE V 126 -2.84 70.83 6.96
CA ILE V 126 -3.22 69.69 7.79
C ILE V 126 -3.85 68.63 6.91
N GLU V 127 -3.47 67.37 7.11
CA GLU V 127 -3.98 66.26 6.31
C GLU V 127 -5.25 65.74 6.97
N GLY V 128 -6.40 66.20 6.48
CA GLY V 128 -7.68 65.88 7.09
C GLY V 128 -8.32 64.68 6.41
N VAL V 129 -8.79 63.74 7.22
CA VAL V 129 -9.47 62.53 6.75
C VAL V 129 -10.89 62.57 7.28
N PHE V 130 -11.86 62.61 6.37
CA PHE V 130 -13.28 62.67 6.71
C PHE V 130 -13.90 61.32 6.40
N ILE V 131 -14.36 60.61 7.43
CA ILE V 131 -14.95 59.29 7.32
C ILE V 131 -16.36 59.38 7.89
N ARG V 132 -17.35 59.51 6.99
CA ARG V 132 -18.74 59.75 7.38
C ARG V 132 -18.82 60.86 8.44
N ALA V 133 -18.05 61.92 8.23
CA ALA V 133 -17.85 62.94 9.25
C ALA V 133 -19.06 63.87 9.31
N PRO V 134 -19.34 64.43 10.49
CA PRO V 134 -20.39 65.43 10.62
C PRO V 134 -19.87 66.80 10.16
N HIS V 135 -20.73 67.80 10.24
CA HIS V 135 -20.35 69.18 10.02
C HIS V 135 -21.14 70.07 10.96
N ILE V 136 -20.52 71.17 11.36
CA ILE V 136 -21.11 72.06 12.35
C ILE V 136 -22.06 73.00 11.63
N GLU V 137 -23.37 72.89 11.92
CA GLU V 137 -24.37 73.67 11.20
C GLU V 137 -24.36 75.12 11.66
N LYS V 138 -24.34 75.35 12.97
CA LYS V 138 -24.45 76.70 13.50
C LYS V 138 -23.49 76.88 14.67
N VAL V 139 -23.00 78.11 14.84
CA VAL V 139 -22.12 78.47 15.94
C VAL V 139 -22.83 79.46 16.85
N GLY V 140 -22.40 79.48 18.11
CA GLY V 140 -22.91 80.41 19.09
C GLY V 140 -21.96 81.56 19.35
N GLN V 141 -22.20 82.25 20.45
CA GLN V 141 -21.35 83.37 20.85
C GLN V 141 -20.10 82.86 21.54
N GLY V 142 -18.93 83.32 21.08
CA GLY V 142 -17.68 82.92 21.65
C GLY V 142 -17.04 81.69 21.04
N VAL V 143 -17.51 81.26 19.87
CA VAL V 143 -17.00 80.06 19.21
C VAL V 143 -16.17 80.52 18.02
N ASP V 144 -14.86 80.30 18.10
CA ASP V 144 -13.96 80.62 16.99
C ASP V 144 -14.07 79.54 15.92
N ILE V 145 -14.28 79.96 14.68
CA ILE V 145 -14.36 79.03 13.55
C ILE V 145 -12.96 78.92 12.96
N LEU V 146 -12.33 77.76 13.17
CA LEU V 146 -10.94 77.59 12.78
C LEU V 146 -10.78 77.11 11.35
N CYS V 147 -11.67 76.22 10.89
CA CYS V 147 -11.53 75.67 9.55
C CYS V 147 -12.89 75.25 9.01
N LYS V 148 -13.11 75.54 7.72
CA LYS V 148 -14.32 75.18 7.00
C LYS V 148 -13.95 74.56 5.67
N VAL V 149 -14.81 73.65 5.19
CA VAL V 149 -14.60 72.93 3.94
C VAL V 149 -15.90 72.97 3.13
N ASN V 150 -15.88 73.70 2.03
CA ASN V 150 -17.05 73.85 1.15
C ASN V 150 -18.18 74.58 1.87
N GLU V 151 -17.84 75.73 2.46
CA GLU V 151 -18.76 76.58 3.18
C GLU V 151 -19.36 75.88 4.40
N LYS V 152 -19.02 74.61 4.59
CA LYS V 152 -19.43 73.83 5.76
C LYS V 152 -18.25 73.77 6.72
N ILE V 153 -18.41 74.40 7.88
CA ILE V 153 -17.32 74.48 8.86
C ILE V 153 -17.17 73.14 9.56
N VAL V 154 -15.93 72.80 9.90
CA VAL V 154 -15.61 71.47 10.44
C VAL V 154 -14.64 71.53 11.60
N ALA V 155 -14.07 72.70 11.89
CA ALA V 155 -13.12 72.83 12.98
C ALA V 155 -13.36 74.12 13.74
N VAL V 156 -13.70 74.00 15.02
CA VAL V 156 -14.00 75.14 15.89
C VAL V 156 -13.27 74.98 17.22
N GLN V 157 -13.18 76.10 17.93
CA GLN V 157 -12.53 76.14 19.24
C GLN V 157 -13.24 77.17 20.10
N GLN V 158 -13.75 76.74 21.26
CA GLN V 158 -14.39 77.61 22.23
C GLN V 158 -13.61 77.51 23.53
N GLY V 159 -12.75 78.51 23.79
CA GLY V 159 -11.98 78.55 25.01
C GLY V 159 -11.10 77.33 25.24
N LYS V 160 -11.44 76.54 26.24
CA LYS V 160 -10.70 75.33 26.58
C LYS V 160 -11.27 74.08 25.91
N TYR V 161 -12.12 74.24 24.91
CA TYR V 161 -12.74 73.13 24.20
C TYR V 161 -12.39 73.22 22.73
N LEU V 162 -11.97 72.10 22.14
CA LEU V 162 -11.57 72.05 20.74
C LEU V 162 -12.33 70.95 20.04
N GLY V 163 -12.98 71.28 18.93
CA GLY V 163 -13.76 70.31 18.19
C GLY V 163 -13.40 70.29 16.72
N VAL V 164 -13.26 69.08 16.17
CA VAL V 164 -12.97 68.89 14.76
C VAL V 164 -13.87 67.80 14.20
N SER V 165 -14.26 67.96 12.94
CA SER V 165 -15.08 66.95 12.27
C SER V 165 -14.24 65.83 11.69
N PHE V 166 -13.00 66.13 11.29
CA PHE V 166 -12.12 65.13 10.71
C PHE V 166 -11.37 64.38 11.79
N ASN V 167 -10.60 63.38 11.38
CA ASN V 167 -9.83 62.54 12.28
C ASN V 167 -8.35 62.65 11.96
N PRO V 168 -7.61 63.53 12.65
CA PRO V 168 -6.16 63.64 12.38
C PRO V 168 -5.35 62.49 12.94
N GLU V 169 -5.93 61.69 13.84
CA GLU V 169 -5.18 60.60 14.46
C GLU V 169 -4.82 59.52 13.45
N LEU V 170 -5.59 59.39 12.37
CA LEU V 170 -5.33 58.38 11.36
C LEU V 170 -4.12 58.72 10.49
N THR V 171 -3.60 59.93 10.59
CA THR V 171 -2.43 60.35 9.82
C THR V 171 -1.20 60.35 10.71
N ASP V 172 -0.05 60.64 10.10
CA ASP V 172 1.21 60.79 10.81
C ASP V 172 1.44 62.22 11.29
N ASP V 173 0.54 63.15 10.95
CA ASP V 173 0.66 64.54 11.34
C ASP V 173 -0.01 64.71 12.70
N TYR V 174 0.78 65.03 13.72
CA TYR V 174 0.31 65.13 15.10
C TYR V 174 0.22 66.58 15.57
N ARG V 175 0.10 67.54 14.65
CA ARG V 175 0.15 68.94 15.03
C ARG V 175 -1.12 69.38 15.77
N VAL V 176 -2.25 68.72 15.52
CA VAL V 176 -3.49 69.13 16.17
C VAL V 176 -3.47 68.77 17.65
N THR V 177 -3.05 67.54 17.97
CA THR V 177 -2.93 67.14 19.37
C THR V 177 -1.86 67.95 20.08
N ASP V 178 -0.76 68.25 19.37
CA ASP V 178 0.29 69.10 19.93
C ASP V 178 -0.26 70.48 20.29
N TYR V 179 -1.00 71.09 19.37
CA TYR V 179 -1.61 72.39 19.62
C TYR V 179 -2.56 72.33 20.81
N PHE V 180 -3.41 71.29 20.85
CA PHE V 180 -4.33 71.14 21.97
C PHE V 180 -3.60 71.06 23.30
N ILE V 181 -2.55 70.23 23.38
CA ILE V 181 -1.88 70.03 24.65
C ILE V 181 -1.10 71.28 25.06
N ASN V 182 -0.44 71.94 24.10
CA ASN V 182 0.47 73.03 24.45
C ASN V 182 -0.21 74.39 24.55
N HIS V 183 -1.39 74.56 23.96
CA HIS V 183 -2.05 75.87 23.94
C HIS V 183 -3.44 75.88 24.55
N ILE V 184 -3.91 74.75 25.11
CA ILE V 184 -5.21 74.71 25.75
C ILE V 184 -5.06 74.11 27.15
N VAL V 185 -4.48 72.91 27.22
CA VAL V 185 -4.24 72.29 28.52
C VAL V 185 -3.14 73.02 29.28
N LYS V 186 -2.14 73.54 28.56
CA LYS V 186 -1.05 74.27 29.18
C LYS V 186 -1.40 75.74 29.37
N LYS V 187 -2.67 76.05 29.60
CA LYS V 187 -3.09 77.43 29.77
C LYS V 187 -3.98 77.59 30.99
N GLY W 1 30.18 1.41 71.76
CA GLY W 1 28.88 0.99 71.27
C GLY W 1 28.95 0.61 69.79
N ALA W 2 28.48 1.50 68.92
CA ALA W 2 28.52 1.26 67.49
C ALA W 2 29.96 1.37 67.00
N MET W 3 30.51 0.26 66.54
CA MET W 3 31.90 0.20 66.10
C MET W 3 31.98 0.23 64.58
N LYS W 4 33.01 0.87 64.05
CA LYS W 4 33.24 0.91 62.61
C LYS W 4 34.20 -0.20 62.22
N ILE W 5 33.72 -1.13 61.39
CA ILE W 5 34.50 -2.28 60.95
C ILE W 5 34.74 -2.14 59.46
N GLY W 6 35.99 -2.36 59.03
CA GLY W 6 36.37 -2.21 57.64
C GLY W 6 36.40 -3.53 56.89
N VAL W 7 36.04 -3.47 55.61
CA VAL W 7 36.12 -4.60 54.70
C VAL W 7 36.98 -4.19 53.51
N LEU W 8 38.01 -4.98 53.23
CA LEU W 8 38.92 -4.67 52.13
C LEU W 8 38.17 -4.70 50.80
N ALA W 9 37.78 -3.52 50.31
CA ALA W 9 36.96 -3.40 49.12
C ALA W 9 37.77 -3.34 47.84
N LEU W 10 38.83 -4.14 47.72
CA LEU W 10 39.58 -4.19 46.48
C LEU W 10 38.91 -5.10 45.46
N GLN W 11 38.43 -6.26 45.91
CA GLN W 11 37.72 -7.20 45.06
C GLN W 11 37.07 -8.26 45.93
N GLY W 12 35.91 -8.73 45.49
CA GLY W 12 35.21 -9.82 46.15
C GLY W 12 33.89 -9.39 46.75
N ALA W 13 33.31 -10.31 47.51
CA ALA W 13 31.99 -10.12 48.15
C ALA W 13 32.15 -9.14 49.31
N VAL W 14 32.20 -7.85 48.96
CA VAL W 14 32.30 -6.80 49.97
C VAL W 14 30.92 -6.39 50.48
N ARG W 15 29.93 -6.37 49.58
CA ARG W 15 28.58 -6.00 49.97
C ARG W 15 28.02 -6.98 51.00
N GLU W 16 28.30 -8.27 50.84
CA GLU W 16 27.79 -9.26 51.79
C GLU W 16 28.42 -9.09 53.17
N HIS W 17 29.73 -8.81 53.22
CA HIS W 17 30.39 -8.59 54.49
C HIS W 17 29.89 -7.32 55.17
N ILE W 18 29.66 -6.27 54.38
CA ILE W 18 29.11 -5.03 54.95
C ILE W 18 27.70 -5.28 55.49
N ARG W 19 26.90 -6.06 54.76
CA ARG W 19 25.56 -6.41 55.23
C ARG W 19 25.63 -7.19 56.53
N HIS W 20 26.55 -8.15 56.63
CA HIS W 20 26.66 -8.94 57.85
C HIS W 20 27.17 -8.10 59.02
N ILE W 21 28.03 -7.12 58.74
CA ILE W 21 28.44 -6.17 59.78
C ILE W 21 27.23 -5.38 60.26
N GLU W 22 26.41 -4.89 59.33
CA GLU W 22 25.22 -4.14 59.71
C GLU W 22 24.22 -5.01 60.46
N LEU W 23 24.23 -6.32 60.21
CA LEU W 23 23.35 -7.22 60.93
C LEU W 23 23.79 -7.43 62.36
N SER W 24 25.09 -7.30 62.63
CA SER W 24 25.62 -7.44 63.99
C SER W 24 25.43 -6.18 64.82
N GLY W 25 24.87 -5.12 64.25
CA GLY W 25 24.65 -3.89 64.98
C GLY W 25 25.78 -2.88 64.91
N HIS W 26 26.59 -2.92 63.84
CA HIS W 26 27.73 -2.04 63.70
C HIS W 26 27.74 -1.43 62.30
N GLU W 27 28.64 -0.47 62.10
CA GLU W 27 28.77 0.22 60.83
C GLU W 27 29.92 -0.39 60.02
N GLY W 28 29.70 -0.52 58.72
CA GLY W 28 30.68 -1.09 57.80
C GLY W 28 31.30 -0.02 56.94
N ILE W 29 32.60 -0.17 56.66
CA ILE W 29 33.36 0.76 55.84
C ILE W 29 34.09 -0.03 54.76
N ALA W 30 33.74 0.21 53.50
CA ALA W 30 34.42 -0.45 52.39
C ALA W 30 35.71 0.30 52.12
N VAL W 31 36.83 -0.28 52.55
CA VAL W 31 38.13 0.39 52.46
C VAL W 31 38.78 0.05 51.13
N LYS W 32 39.10 1.09 50.35
CA LYS W 32 39.85 0.95 49.12
C LYS W 32 41.20 1.66 49.15
N LYS W 33 41.40 2.60 50.06
CA LYS W 33 42.65 3.33 50.20
C LYS W 33 43.24 3.08 51.58
N VAL W 34 44.56 3.21 51.67
CA VAL W 34 45.27 2.89 52.92
C VAL W 34 44.82 3.81 54.05
N GLU W 35 44.52 5.08 53.73
CA GLU W 35 44.18 6.04 54.77
C GLU W 35 42.96 5.58 55.57
N GLN W 36 41.99 4.94 54.91
CA GLN W 36 40.79 4.49 55.61
C GLN W 36 41.11 3.48 56.70
N LEU W 37 42.25 2.81 56.63
CA LEU W 37 42.65 1.89 57.68
C LEU W 37 42.79 2.60 59.03
N GLU W 38 43.06 3.90 59.03
CA GLU W 38 43.16 4.66 60.26
C GLU W 38 41.81 5.00 60.86
N GLU W 39 40.70 4.71 60.17
CA GLU W 39 39.37 5.06 60.65
C GLU W 39 38.57 3.88 61.17
N ILE W 40 39.08 2.65 61.03
CA ILE W 40 38.35 1.46 61.45
C ILE W 40 39.08 0.81 62.62
N GLU W 41 38.32 0.09 63.44
CA GLU W 41 38.86 -0.65 64.57
C GLU W 41 39.00 -2.14 64.28
N GLY W 42 38.55 -2.59 63.11
CA GLY W 42 38.68 -3.99 62.74
C GLY W 42 38.60 -4.12 61.23
N LEU W 43 39.24 -5.17 60.72
CA LEU W 43 39.31 -5.39 59.27
C LEU W 43 38.86 -6.80 58.92
N ILE W 44 38.06 -6.90 57.87
CA ILE W 44 37.62 -8.18 57.33
C ILE W 44 38.19 -8.29 55.92
N LEU W 45 38.98 -9.34 55.69
CA LEU W 45 39.50 -9.64 54.36
C LEU W 45 38.49 -10.55 53.65
N PRO W 46 37.73 -10.02 52.71
CA PRO W 46 36.58 -10.75 52.18
C PRO W 46 37.00 -11.86 51.22
N GLY W 47 36.02 -12.66 50.84
CA GLY W 47 36.25 -13.72 49.88
C GLY W 47 36.35 -13.19 48.47
N GLY W 48 37.26 -13.77 47.70
CA GLY W 48 37.46 -13.38 46.32
C GLY W 48 38.55 -14.20 45.66
N GLU W 49 39.29 -13.59 44.73
CA GLU W 49 40.42 -14.25 44.09
C GLU W 49 41.70 -13.80 44.80
N SER W 50 42.39 -14.76 45.43
CA SER W 50 43.59 -14.43 46.18
C SER W 50 44.67 -13.82 45.29
N THR W 51 44.76 -14.25 44.04
CA THR W 51 45.74 -13.67 43.13
C THR W 51 45.45 -12.20 42.86
N THR W 52 44.21 -11.90 42.48
CA THR W 52 43.80 -10.51 42.26
C THR W 52 43.97 -9.68 43.52
N LEU W 53 43.63 -10.24 44.68
CA LEU W 53 43.75 -9.50 45.93
C LEU W 53 45.20 -9.18 46.25
N ARG W 54 46.09 -10.16 46.08
CA ARG W 54 47.52 -9.91 46.25
C ARG W 54 48.01 -8.83 45.30
N ARG W 55 47.62 -8.92 44.02
CA ARG W 55 48.10 -7.97 43.03
C ARG W 55 47.61 -6.56 43.35
N LEU W 56 46.39 -6.43 43.87
CA LEU W 56 45.86 -5.13 44.22
C LEU W 56 46.51 -4.57 45.48
N MET W 57 46.79 -5.45 46.46
CA MET W 57 47.42 -4.99 47.70
C MET W 57 48.88 -4.61 47.47
N ASN W 58 49.56 -5.28 46.54
CA ASN W 58 50.96 -4.98 46.28
C ASN W 58 51.18 -3.66 45.55
N LEU W 59 50.11 -3.03 45.05
CA LEU W 59 50.26 -1.89 44.16
C LEU W 59 49.86 -0.56 44.79
N TYR W 60 49.24 -0.57 45.97
CA TYR W 60 48.81 0.68 46.61
C TYR W 60 49.37 0.79 48.04
N GLY W 61 50.45 0.10 48.35
CA GLY W 61 51.00 0.14 49.68
C GLY W 61 50.20 -0.60 50.72
N PHE W 62 49.24 -1.44 50.30
CA PHE W 62 48.41 -2.15 51.27
C PHE W 62 49.18 -3.26 51.97
N LYS W 63 50.12 -3.90 51.26
CA LYS W 63 50.89 -4.98 51.87
C LYS W 63 51.75 -4.45 53.03
N GLU W 64 52.48 -3.36 52.79
CA GLU W 64 53.32 -2.79 53.84
C GLU W 64 52.47 -2.20 54.96
N ALA W 65 51.32 -1.61 54.62
CA ALA W 65 50.47 -0.99 55.63
C ALA W 65 49.81 -2.03 56.52
N LEU W 66 49.46 -3.19 55.98
CA LEU W 66 48.80 -4.23 56.76
C LEU W 66 49.78 -5.16 57.44
N GLN W 67 50.99 -5.30 56.91
CA GLN W 67 52.01 -6.08 57.59
C GLN W 67 52.49 -5.40 58.87
N ASN W 68 52.39 -4.07 58.91
CA ASN W 68 52.83 -3.30 60.07
C ASN W 68 51.68 -2.84 60.95
N SER W 69 50.43 -3.16 60.60
CA SER W 69 49.27 -2.69 61.34
C SER W 69 48.96 -3.62 62.51
N THR W 70 48.54 -3.01 63.62
CA THR W 70 48.16 -3.74 64.83
C THR W 70 46.65 -4.00 64.90
N LEU W 71 45.96 -4.00 63.76
CA LEU W 71 44.52 -4.14 63.68
C LEU W 71 44.12 -5.61 63.64
N PRO W 72 43.08 -6.00 64.38
CA PRO W 72 42.59 -7.38 64.29
C PRO W 72 41.93 -7.65 62.95
N MET W 73 42.07 -8.89 62.47
CA MET W 73 41.65 -9.23 61.14
C MET W 73 40.82 -10.52 61.12
N PHE W 74 39.86 -10.55 60.22
CA PHE W 74 38.96 -11.69 60.01
C PHE W 74 39.01 -12.03 58.52
N GLY W 75 39.69 -13.11 58.18
CA GLY W 75 39.84 -13.55 56.81
C GLY W 75 38.96 -14.74 56.50
N THR W 76 38.13 -14.61 55.47
CA THR W 76 37.37 -15.72 54.93
C THR W 76 38.25 -16.43 53.89
N CYS W 77 37.63 -17.17 52.97
CA CYS W 77 38.39 -17.69 51.83
C CYS W 77 39.08 -16.54 51.12
N ALA W 78 40.25 -16.85 50.53
CA ALA W 78 41.15 -15.86 49.95
C ALA W 78 41.74 -14.97 51.05
N GLY W 79 40.89 -14.40 51.89
CA GLY W 79 41.38 -13.67 53.05
C GLY W 79 42.20 -14.54 53.98
N LEU W 80 41.76 -15.79 54.18
CA LEU W 80 42.57 -16.74 54.93
C LEU W 80 43.89 -17.02 54.22
N ILE W 81 43.86 -17.15 52.89
CA ILE W 81 45.08 -17.36 52.13
C ILE W 81 46.00 -16.16 52.27
N VAL W 82 45.43 -14.95 52.22
CA VAL W 82 46.24 -13.74 52.33
C VAL W 82 46.83 -13.61 53.73
N LEU W 83 46.10 -14.06 54.75
CA LEU W 83 46.56 -13.93 56.13
C LEU W 83 47.62 -14.95 56.51
N ALA W 84 47.72 -16.06 55.78
CA ALA W 84 48.59 -17.15 56.18
C ALA W 84 50.06 -16.78 56.07
N GLN W 85 50.90 -17.42 56.89
CA GLN W 85 52.34 -17.22 56.82
C GLN W 85 52.97 -18.02 55.70
N ASP W 86 52.39 -19.15 55.33
CA ASP W 86 52.93 -20.01 54.29
C ASP W 86 51.80 -20.51 53.41
N ILE W 87 52.10 -20.69 52.12
CA ILE W 87 51.13 -21.17 51.14
C ILE W 87 51.82 -22.26 50.32
N VAL W 88 51.18 -23.44 50.23
CA VAL W 88 51.75 -24.55 49.50
C VAL W 88 51.88 -24.19 48.03
N GLY W 89 53.09 -24.34 47.49
CA GLY W 89 53.36 -24.00 46.11
C GLY W 89 53.67 -22.54 45.85
N GLU W 90 53.35 -21.66 46.80
CA GLU W 90 53.57 -20.23 46.63
C GLU W 90 54.30 -19.72 47.87
N GLU W 91 54.17 -18.42 48.13
CA GLU W 91 54.80 -17.78 49.29
C GLU W 91 53.74 -17.08 50.13
N GLY W 92 53.98 -17.06 51.45
CA GLY W 92 53.08 -16.37 52.34
C GLY W 92 53.02 -14.88 52.05
N TYR W 93 51.90 -14.27 52.45
CA TYR W 93 51.65 -12.88 52.13
C TYR W 93 51.71 -12.05 53.40
N LEU W 94 50.58 -11.82 54.09
CA LEU W 94 50.59 -10.92 55.24
C LEU W 94 51.32 -11.51 56.44
N ASN W 95 51.49 -12.83 56.49
CA ASN W 95 52.25 -13.49 57.55
C ASN W 95 51.64 -13.21 58.93
N LYS W 96 50.32 -13.27 59.01
CA LYS W 96 49.61 -12.99 60.26
C LYS W 96 49.24 -14.24 61.04
N LEU W 97 48.97 -15.35 60.37
CA LEU W 97 48.55 -16.60 61.01
C LEU W 97 49.64 -17.63 60.85
N ASN W 98 50.17 -18.13 61.97
CA ASN W 98 51.22 -19.15 61.94
C ASN W 98 50.66 -20.48 61.45
N ILE W 99 50.30 -20.55 60.17
CA ILE W 99 49.73 -21.75 59.59
C ILE W 99 50.24 -21.90 58.16
N THR W 100 50.16 -23.13 57.65
CA THR W 100 50.47 -23.46 56.27
C THR W 100 49.18 -23.92 55.61
N VAL W 101 48.80 -23.23 54.53
CA VAL W 101 47.51 -23.40 53.88
C VAL W 101 47.75 -23.76 52.40
N GLN W 102 46.93 -24.66 51.88
CA GLN W 102 46.97 -25.04 50.47
C GLN W 102 45.73 -24.53 49.75
N ARG W 103 45.94 -23.90 48.60
CA ARG W 103 44.82 -23.37 47.82
C ARG W 103 44.17 -24.46 46.99
N ASN W 104 42.85 -24.34 46.83
CA ASN W 104 42.05 -25.22 45.99
C ASN W 104 42.32 -26.69 46.29
N SER W 105 42.05 -27.07 47.54
CA SER W 105 42.27 -28.46 47.95
C SER W 105 41.21 -29.38 47.35
N PHE W 106 39.96 -28.94 47.33
CA PHE W 106 38.89 -29.70 46.72
C PHE W 106 38.95 -29.53 45.20
N GLY W 107 37.97 -30.07 44.50
CA GLY W 107 37.88 -29.87 43.07
C GLY W 107 37.54 -28.43 42.72
N ARG W 108 37.29 -28.22 41.44
CA ARG W 108 36.91 -26.90 40.96
C ARG W 108 35.45 -26.60 41.33
N GLN W 109 34.85 -25.60 40.69
CA GLN W 109 33.49 -25.20 41.03
C GLN W 109 32.49 -26.35 40.87
N VAL W 110 32.79 -27.34 40.03
CA VAL W 110 31.92 -28.50 39.88
C VAL W 110 32.02 -29.40 41.10
N ASP W 111 32.80 -28.99 42.10
CA ASP W 111 32.95 -29.74 43.34
C ASP W 111 32.76 -28.87 44.58
N SER W 112 32.22 -27.66 44.43
CA SER W 112 31.90 -26.82 45.57
C SER W 112 30.61 -27.30 46.22
N PHE W 113 30.44 -26.95 47.50
CA PHE W 113 29.36 -27.57 48.27
C PHE W 113 28.96 -26.69 49.44
N GLU W 114 27.93 -27.13 50.16
CA GLU W 114 27.50 -26.57 51.42
C GLU W 114 27.47 -27.68 52.48
N THR W 115 27.51 -27.28 53.74
CA THR W 115 27.43 -28.24 54.83
C THR W 115 27.11 -27.52 56.13
N GLU W 116 26.88 -28.31 57.17
CA GLU W 116 26.77 -27.83 58.53
C GLU W 116 28.12 -27.97 59.23
N LEU W 117 28.50 -26.94 59.98
CA LEU W 117 29.81 -26.89 60.63
C LEU W 117 29.61 -26.60 62.10
N ASP W 118 30.30 -27.36 62.95
CA ASP W 118 30.28 -27.15 64.40
C ASP W 118 31.58 -26.45 64.77
N ILE W 119 31.54 -25.13 64.83
CA ILE W 119 32.70 -24.31 65.14
C ILE W 119 32.83 -24.19 66.65
N LYS W 120 34.01 -24.53 67.18
CA LYS W 120 34.25 -24.51 68.62
C LYS W 120 34.19 -23.07 69.13
N GLY W 121 33.18 -22.78 69.93
CA GLY W 121 33.04 -21.48 70.56
C GLY W 121 32.08 -20.52 69.90
N ILE W 122 31.40 -20.93 68.83
CA ILE W 122 30.46 -20.07 68.14
C ILE W 122 29.09 -20.73 68.12
N ALA W 123 28.94 -21.75 67.29
CA ALA W 123 27.66 -22.45 67.16
C ALA W 123 27.93 -23.87 66.67
N THR W 124 26.90 -24.71 66.77
CA THR W 124 26.98 -26.10 66.38
C THR W 124 26.32 -26.38 65.03
N ASP W 125 25.77 -25.37 64.37
CA ASP W 125 25.06 -25.55 63.10
C ASP W 125 25.29 -24.36 62.20
N ILE W 126 26.55 -23.95 62.05
CA ILE W 126 26.89 -22.88 61.11
C ILE W 126 26.73 -23.39 59.68
N GLU W 127 26.11 -22.58 58.84
CA GLU W 127 25.85 -22.96 57.45
C GLU W 127 27.07 -22.56 56.62
N GLY W 128 27.96 -23.51 56.37
CA GLY W 128 29.20 -23.24 55.67
C GLY W 128 29.08 -23.52 54.18
N VAL W 129 29.55 -22.58 53.37
CA VAL W 129 29.55 -22.67 51.92
C VAL W 129 31.00 -22.68 51.45
N PHE W 130 31.43 -23.77 50.83
CA PHE W 130 32.79 -23.92 50.34
C PHE W 130 32.77 -23.82 48.82
N ILE W 131 33.40 -22.77 48.29
CA ILE W 131 33.45 -22.50 46.86
C ILE W 131 34.92 -22.48 46.47
N ARG W 132 35.41 -23.59 45.91
CA ARG W 132 36.83 -23.78 45.61
C ARG W 132 37.70 -23.35 46.79
N ALA W 133 37.27 -23.74 47.99
CA ALA W 133 37.86 -23.24 49.21
C ALA W 133 39.19 -23.93 49.50
N PRO W 134 40.10 -23.23 50.15
CA PRO W 134 41.35 -23.84 50.59
C PRO W 134 41.13 -24.64 51.87
N HIS W 135 42.21 -25.24 52.36
CA HIS W 135 42.19 -25.90 53.66
C HIS W 135 43.54 -25.69 54.32
N ILE W 136 43.53 -25.62 55.65
CA ILE W 136 44.74 -25.32 56.41
C ILE W 136 45.50 -26.62 56.61
N GLU W 137 46.69 -26.71 56.01
CA GLU W 137 47.46 -27.95 56.06
C GLU W 137 48.10 -28.15 57.43
N LYS W 138 48.73 -27.12 57.97
CA LYS W 138 49.45 -27.24 59.22
C LYS W 138 49.21 -26.02 60.10
N VAL W 139 49.25 -26.24 61.41
CA VAL W 139 49.09 -25.18 62.39
C VAL W 139 50.39 -25.02 63.18
N GLY W 140 50.59 -23.82 63.70
CA GLY W 140 51.75 -23.51 64.53
C GLY W 140 51.40 -23.47 66.01
N GLN W 141 52.30 -22.88 66.78
CA GLN W 141 52.09 -22.75 68.22
C GLN W 141 51.19 -21.57 68.51
N GLY W 142 50.15 -21.80 69.30
CA GLY W 142 49.20 -20.76 69.66
C GLY W 142 48.03 -20.60 68.72
N VAL W 143 47.77 -21.57 67.85
CA VAL W 143 46.69 -21.50 66.88
C VAL W 143 45.60 -22.46 67.33
N ASP W 144 44.46 -21.91 67.74
CA ASP W 144 43.31 -22.73 68.11
C ASP W 144 42.60 -23.24 66.87
N ILE W 145 42.37 -24.54 66.81
CA ILE W 145 41.67 -25.16 65.68
C ILE W 145 40.19 -25.20 66.02
N LEU W 146 39.40 -24.37 65.35
CA LEU W 146 37.99 -24.22 65.68
C LEU W 146 37.10 -25.22 64.96
N CYS W 147 37.39 -25.53 63.69
CA CYS W 147 36.51 -26.42 62.94
C CYS W 147 37.28 -27.15 61.85
N LYS W 148 36.98 -28.44 61.72
CA LYS W 148 37.58 -29.32 60.72
C LYS W 148 36.50 -30.15 60.04
N VAL W 149 36.77 -30.54 58.79
CA VAL W 149 35.85 -31.34 57.99
C VAL W 149 36.63 -32.49 57.35
N ASN W 150 36.41 -33.71 57.86
CA ASN W 150 37.11 -34.91 57.40
C ASN W 150 38.61 -34.80 57.66
N GLU W 151 38.95 -34.51 58.91
CA GLU W 151 40.34 -34.36 59.37
C GLU W 151 41.05 -33.21 58.67
N LYS W 152 40.36 -32.52 57.77
CA LYS W 152 40.88 -31.34 57.11
C LYS W 152 40.29 -30.11 57.79
N ILE W 153 41.14 -29.37 58.51
CA ILE W 153 40.67 -28.23 59.29
C ILE W 153 40.42 -27.04 58.37
N VAL W 154 39.43 -26.22 58.72
CA VAL W 154 38.98 -25.15 57.83
C VAL W 154 38.72 -23.86 58.61
N ALA W 155 38.75 -23.92 59.94
CA ALA W 155 38.48 -22.73 60.74
C ALA W 155 39.42 -22.68 61.94
N VAL W 156 40.24 -21.62 62.01
CA VAL W 156 41.21 -21.44 63.08
C VAL W 156 41.13 -20.01 63.63
N GLN W 157 41.71 -19.83 64.80
CA GLN W 157 41.75 -18.53 65.47
C GLN W 157 43.04 -18.43 66.27
N GLN W 158 43.85 -17.41 65.96
CA GLN W 158 45.09 -17.13 66.70
C GLN W 158 44.97 -15.73 67.29
N GLY W 159 44.65 -15.66 68.59
CA GLY W 159 44.56 -14.40 69.29
C GLY W 159 43.55 -13.44 68.70
N LYS W 160 44.04 -12.34 68.13
CA LYS W 160 43.20 -11.33 67.51
C LYS W 160 43.01 -11.55 66.01
N TYR W 161 43.33 -12.74 65.51
CA TYR W 161 43.20 -13.07 64.09
C TYR W 161 42.29 -14.27 63.95
N LEU W 162 41.34 -14.18 63.02
CA LEU W 162 40.37 -15.24 62.80
C LEU W 162 40.39 -15.62 61.32
N GLY W 163 40.53 -16.91 61.03
CA GLY W 163 40.57 -17.38 59.66
C GLY W 163 39.61 -18.52 59.43
N VAL W 164 38.90 -18.45 58.30
CA VAL W 164 37.96 -19.50 57.92
C VAL W 164 38.15 -19.80 56.43
N SER W 165 37.96 -21.07 56.08
CA SER W 165 38.06 -21.47 54.68
C SER W 165 36.75 -21.26 53.92
N PHE W 166 35.62 -21.35 54.62
CA PHE W 166 34.32 -21.18 54.02
C PHE W 166 33.93 -19.70 53.98
N ASN W 167 32.80 -19.43 53.35
CA ASN W 167 32.29 -18.06 53.21
C ASN W 167 30.93 -17.94 53.88
N PRO W 168 30.86 -17.49 55.15
CA PRO W 168 29.56 -17.32 55.80
C PRO W 168 28.79 -16.12 55.32
N GLU W 169 29.42 -15.18 54.61
CA GLU W 169 28.73 -13.98 54.16
C GLU W 169 27.65 -14.28 53.14
N LEU W 170 27.80 -15.39 52.39
CA LEU W 170 26.81 -15.75 51.38
C LEU W 170 25.52 -16.27 51.98
N THR W 171 25.47 -16.55 53.29
CA THR W 171 24.29 -17.03 53.94
C THR W 171 23.63 -15.90 54.73
N ASP W 172 22.48 -16.20 55.33
CA ASP W 172 21.79 -15.27 56.21
C ASP W 172 22.24 -15.38 57.65
N ASP W 173 23.11 -16.33 57.97
CA ASP W 173 23.61 -16.53 59.33
C ASP W 173 24.83 -15.64 59.52
N TYR W 174 24.70 -14.66 60.42
CA TYR W 174 25.74 -13.66 60.65
C TYR W 174 26.47 -13.88 61.97
N ARG W 175 26.44 -15.10 62.51
CA ARG W 175 27.00 -15.34 63.84
C ARG W 175 28.52 -15.25 63.84
N VAL W 176 29.18 -15.54 62.71
CA VAL W 176 30.64 -15.52 62.69
C VAL W 176 31.16 -14.10 62.78
N THR W 177 30.58 -13.18 61.98
CA THR W 177 30.98 -11.78 62.06
C THR W 177 30.63 -11.19 63.41
N ASP W 178 29.48 -11.58 63.96
CA ASP W 178 29.09 -11.14 65.30
C ASP W 178 30.13 -11.56 66.33
N TYR W 179 30.54 -12.84 66.30
CA TYR W 179 31.56 -13.34 67.22
C TYR W 179 32.87 -12.57 67.04
N PHE W 180 33.28 -12.36 65.79
CA PHE W 180 34.51 -11.62 65.53
C PHE W 180 34.47 -10.23 66.13
N ILE W 181 33.36 -9.50 65.91
CA ILE W 181 33.29 -8.12 66.36
C ILE W 181 33.19 -8.05 67.89
N ASN W 182 32.42 -8.95 68.50
CA ASN W 182 32.13 -8.83 69.93
C ASN W 182 33.15 -9.52 70.82
N HIS W 183 33.95 -10.45 70.30
CA HIS W 183 34.89 -11.20 71.12
C HIS W 183 36.34 -11.10 70.67
N ILE W 184 36.64 -10.31 69.64
CA ILE W 184 38.01 -10.12 69.20
C ILE W 184 38.31 -8.63 69.11
N VAL W 185 37.49 -7.90 68.35
CA VAL W 185 37.68 -6.45 68.26
C VAL W 185 37.30 -5.78 69.57
N LYS W 186 36.29 -6.29 70.26
CA LYS W 186 35.86 -5.75 71.54
C LYS W 186 36.68 -6.31 72.70
N LYS W 187 37.95 -6.62 72.46
CA LYS W 187 38.80 -7.18 73.50
C LYS W 187 40.15 -6.46 73.55
N GLY X 1 11.42 -64.69 39.92
CA GLY X 1 10.25 -64.10 39.30
C GLY X 1 10.65 -63.18 38.16
N ALA X 2 10.60 -61.86 38.41
CA ALA X 2 10.99 -60.88 37.41
C ALA X 2 12.49 -60.91 37.21
N MET X 3 12.94 -61.32 36.03
CA MET X 3 14.36 -61.46 35.74
C MET X 3 14.84 -60.29 34.89
N LYS X 4 16.08 -59.88 35.12
CA LYS X 4 16.71 -58.81 34.36
C LYS X 4 17.51 -59.42 33.21
N ILE X 5 17.11 -59.10 31.98
CA ILE X 5 17.76 -59.63 30.78
C ILE X 5 18.42 -58.47 30.05
N GLY X 6 19.67 -58.66 29.64
CA GLY X 6 20.44 -57.62 28.97
C GLY X 6 20.43 -57.75 27.47
N VAL X 7 20.46 -56.61 26.79
CA VAL X 7 20.56 -56.53 25.34
C VAL X 7 21.76 -55.65 25.00
N LEU X 8 22.68 -56.19 24.20
CA LEU X 8 23.89 -55.47 23.81
C LEU X 8 23.53 -54.20 23.05
N ALA X 9 23.52 -53.07 23.76
CA ALA X 9 23.08 -51.80 23.19
C ALA X 9 24.22 -51.04 22.51
N LEU X 10 25.10 -51.73 21.79
CA LEU X 10 26.14 -51.03 21.06
C LEU X 10 25.62 -50.50 19.72
N GLN X 11 24.83 -51.30 19.00
CA GLN X 11 24.23 -50.88 17.75
C GLN X 11 23.17 -51.92 17.36
N GLY X 12 22.11 -51.45 16.74
CA GLY X 12 21.08 -52.31 16.20
C GLY X 12 19.74 -52.13 16.91
N ALA X 13 18.82 -53.03 16.57
CA ALA X 13 17.45 -52.99 17.09
C ALA X 13 17.46 -53.43 18.56
N VAL X 14 17.84 -52.50 19.43
CA VAL X 14 17.84 -52.75 20.86
C VAL X 14 16.48 -52.48 21.48
N ARG X 15 15.80 -51.44 21.00
CA ARG X 15 14.48 -51.10 21.53
C ARG X 15 13.49 -52.24 21.31
N GLU X 16 13.55 -52.88 20.14
CA GLU X 16 12.62 -53.98 19.86
C GLU X 16 12.88 -55.17 20.78
N HIS X 17 14.15 -55.48 21.05
CA HIS X 17 14.47 -56.59 21.95
C HIS X 17 14.05 -56.26 23.38
N ILE X 18 14.24 -55.01 23.81
CA ILE X 18 13.79 -54.61 25.14
C ILE X 18 12.27 -54.71 25.24
N ARG X 19 11.56 -54.29 24.19
CA ARG X 19 10.12 -54.41 24.16
C ARG X 19 9.67 -55.86 24.25
N HIS X 20 10.34 -56.75 23.51
CA HIS X 20 9.96 -58.16 23.54
C HIS X 20 10.29 -58.80 24.88
N ILE X 21 11.36 -58.34 25.54
CA ILE X 21 11.63 -58.79 26.91
C ILE X 21 10.52 -58.35 27.84
N GLU X 22 10.08 -57.09 27.71
CA GLU X 22 9.00 -56.60 28.55
C GLU X 22 7.69 -57.31 28.25
N LEU X 23 7.52 -57.81 27.03
CA LEU X 23 6.31 -58.56 26.69
C LEU X 23 6.30 -59.94 27.34
N SER X 24 7.47 -60.51 27.60
CA SER X 24 7.58 -61.82 28.24
C SER X 24 7.41 -61.74 29.75
N GLY X 25 7.23 -60.54 30.30
CA GLY X 25 7.06 -60.40 31.73
C GLY X 25 8.34 -60.17 32.52
N HIS X 26 9.37 -59.63 31.89
CA HIS X 26 10.66 -59.42 32.53
C HIS X 26 11.15 -58.01 32.26
N GLU X 27 12.23 -57.64 32.93
CA GLU X 27 12.84 -56.33 32.79
C GLU X 27 14.02 -56.40 31.83
N GLY X 28 14.16 -55.37 31.00
CA GLY X 28 15.22 -55.28 30.01
C GLY X 28 16.25 -54.24 30.41
N ILE X 29 17.51 -54.54 30.12
CA ILE X 29 18.63 -53.65 30.43
C ILE X 29 19.47 -53.48 29.17
N ALA X 30 19.53 -52.26 28.65
CA ALA X 30 20.35 -51.96 27.48
C ALA X 30 21.79 -51.77 27.94
N VAL X 31 22.62 -52.78 27.71
CA VAL X 31 24.00 -52.79 28.21
C VAL X 31 24.91 -52.14 27.18
N LYS X 32 25.62 -51.09 27.61
CA LYS X 32 26.64 -50.45 26.79
C LYS X 32 28.04 -50.53 27.40
N LYS X 33 28.15 -50.81 28.69
CA LYS X 33 29.43 -50.94 29.37
C LYS X 33 29.56 -52.35 29.94
N VAL X 34 30.82 -52.78 30.10
CA VAL X 34 31.09 -54.16 30.53
C VAL X 34 30.52 -54.41 31.93
N GLU X 35 30.56 -53.39 32.79
CA GLU X 35 30.13 -53.58 34.18
C GLU X 35 28.67 -54.05 34.26
N GLN X 36 27.82 -53.54 33.36
CA GLN X 36 26.42 -53.93 33.36
C GLN X 36 26.23 -55.43 33.15
N LEU X 37 27.21 -56.10 32.54
CA LEU X 37 27.12 -57.55 32.38
C LEU X 37 27.02 -58.27 33.72
N GLU X 38 27.51 -57.66 34.79
CA GLU X 38 27.41 -58.26 36.12
C GLU X 38 26.03 -58.09 36.75
N GLU X 39 25.13 -57.34 36.11
CA GLU X 39 23.81 -57.08 36.67
C GLU X 39 22.69 -57.85 35.99
N ILE X 40 22.97 -58.56 34.91
CA ILE X 40 21.95 -59.29 34.16
C ILE X 40 22.20 -60.78 34.29
N GLU X 41 21.12 -61.56 34.16
CA GLU X 41 21.18 -63.01 34.17
C GLU X 41 21.12 -63.62 32.78
N GLY X 42 20.94 -62.81 31.75
CA GLY X 42 20.90 -63.30 30.38
C GLY X 42 21.21 -62.17 29.43
N LEU X 43 21.75 -62.53 28.27
CA LEU X 43 22.18 -61.55 27.27
C LEU X 43 21.58 -61.88 25.92
N ILE X 44 21.10 -60.85 25.24
CA ILE X 44 20.60 -60.95 23.87
C ILE X 44 21.49 -60.10 22.98
N LEU X 45 22.10 -60.74 21.99
CA LEU X 45 22.90 -60.04 20.99
C LEU X 45 21.98 -59.63 19.84
N PRO X 46 21.61 -58.37 19.75
CA PRO X 46 20.53 -57.96 18.84
C PRO X 46 20.99 -57.94 17.39
N GLY X 47 20.01 -57.74 16.50
CA GLY X 47 20.30 -57.64 15.09
C GLY X 47 20.88 -56.28 14.73
N GLY X 48 21.85 -56.29 13.83
CA GLY X 48 22.49 -55.07 13.37
C GLY X 48 23.54 -55.35 12.33
N GLU X 49 24.61 -54.55 12.31
CA GLU X 49 25.73 -54.77 11.41
C GLU X 49 26.81 -55.52 12.18
N SER X 50 27.12 -56.74 11.73
CA SER X 50 28.10 -57.56 12.43
C SER X 50 29.49 -56.90 12.43
N THR X 51 29.83 -56.18 11.37
CA THR X 51 31.11 -55.49 11.32
C THR X 51 31.18 -54.40 12.39
N THR X 52 30.17 -53.53 12.43
CA THR X 52 30.12 -52.48 13.44
C THR X 52 30.09 -53.07 14.84
N LEU X 53 29.33 -54.17 15.02
CA LEU X 53 29.24 -54.79 16.35
C LEU X 53 30.58 -55.35 16.79
N ARG X 54 31.29 -56.02 15.89
CA ARG X 54 32.64 -56.51 16.20
C ARG X 54 33.56 -55.34 16.55
N ARG X 55 33.52 -54.27 15.76
CA ARG X 55 34.41 -53.14 16.00
C ARG X 55 34.13 -52.48 17.34
N LEU X 56 32.85 -52.43 17.73
CA LEU X 56 32.50 -51.82 19.01
C LEU X 56 32.87 -52.74 20.18
N MET X 57 32.70 -54.06 20.00
CA MET X 57 33.04 -54.98 21.08
C MET X 57 34.56 -55.09 21.28
N ASN X 58 35.33 -54.95 20.20
CA ASN X 58 36.78 -55.05 20.29
C ASN X 58 37.43 -53.85 20.97
N LEU X 59 36.68 -52.77 21.21
CA LEU X 59 37.28 -51.51 21.64
C LEU X 59 36.98 -51.16 23.10
N TYR X 60 36.07 -51.88 23.77
CA TYR X 60 35.72 -51.58 25.14
C TYR X 60 35.87 -52.80 26.05
N GLY X 61 36.68 -53.78 25.65
CA GLY X 61 36.84 -54.98 26.45
C GLY X 61 35.66 -55.92 26.42
N PHE X 62 34.72 -55.73 25.48
CA PHE X 62 33.53 -56.58 25.44
C PHE X 62 33.87 -57.98 24.92
N LYS X 63 34.83 -58.08 23.99
CA LYS X 63 35.19 -59.38 23.45
C LYS X 63 35.78 -60.28 24.53
N GLU X 64 36.74 -59.76 25.29
CA GLU X 64 37.36 -60.56 26.35
C GLU X 64 36.37 -60.84 27.48
N ALA X 65 35.49 -59.89 27.78
CA ALA X 65 34.53 -60.08 28.87
C ALA X 65 33.47 -61.10 28.50
N LEU X 66 33.07 -61.17 27.23
CA LEU X 66 32.04 -62.11 26.82
C LEU X 66 32.60 -63.47 26.43
N GLN X 67 33.87 -63.52 26.01
CA GLN X 67 34.51 -64.81 25.74
C GLN X 67 34.73 -65.60 27.03
N ASN X 68 34.87 -64.89 28.16
CA ASN X 68 35.11 -65.52 29.45
C ASN X 68 33.86 -65.59 30.32
N SER X 69 32.73 -65.09 29.85
CA SER X 69 31.51 -65.02 30.65
C SER X 69 30.74 -66.33 30.56
N THR X 70 30.14 -66.74 31.67
CA THR X 70 29.31 -67.93 31.75
C THR X 70 27.84 -67.64 31.58
N LEU X 71 27.49 -66.52 30.94
CA LEU X 71 26.13 -66.06 30.78
C LEU X 71 25.49 -66.67 29.54
N PRO X 72 24.23 -67.12 29.63
CA PRO X 72 23.53 -67.62 28.44
C PRO X 72 23.24 -66.50 27.47
N MET X 73 23.26 -66.83 26.17
CA MET X 73 23.17 -65.83 25.13
C MET X 73 22.15 -66.23 24.06
N PHE X 74 21.48 -65.21 23.53
CA PHE X 74 20.48 -65.35 22.48
C PHE X 74 20.86 -64.38 21.37
N GLY X 75 21.39 -64.92 20.27
CA GLY X 75 21.82 -64.11 19.14
C GLY X 75 20.86 -64.23 17.98
N THR X 76 20.38 -63.09 17.52
CA THR X 76 19.61 -63.01 16.28
C THR X 76 20.58 -62.88 15.11
N CYS X 77 20.12 -62.35 13.98
CA CYS X 77 21.05 -61.99 12.92
C CYS X 77 22.12 -61.04 13.45
N ALA X 78 23.31 -61.13 12.87
CA ALA X 78 24.51 -60.45 13.37
C ALA X 78 24.93 -61.03 14.72
N GLY X 79 24.00 -61.09 15.67
CA GLY X 79 24.29 -61.78 16.93
C GLY X 79 24.64 -63.24 16.73
N LEU X 80 23.94 -63.91 15.80
CA LEU X 80 24.31 -65.27 15.44
C LEU X 80 25.70 -65.31 14.81
N ILE X 81 26.00 -64.33 13.96
CA ILE X 81 27.33 -64.25 13.35
C ILE X 81 28.38 -64.03 14.42
N VAL X 82 28.09 -63.15 15.39
CA VAL X 82 29.05 -62.86 16.46
C VAL X 82 29.25 -64.08 17.35
N LEU X 83 28.21 -64.88 17.55
CA LEU X 83 28.29 -66.04 18.43
C LEU X 83 28.99 -67.23 17.79
N ALA X 84 29.08 -67.28 16.47
CA ALA X 84 29.58 -68.47 15.80
C ALA X 84 31.09 -68.65 16.05
N GLN X 85 31.52 -69.91 15.97
CA GLN X 85 32.94 -70.23 16.10
C GLN X 85 33.70 -69.99 14.81
N ASP X 86 33.04 -70.10 13.66
CA ASP X 86 33.68 -69.93 12.37
C ASP X 86 32.75 -69.14 11.46
N ILE X 87 33.35 -68.33 10.59
CA ILE X 87 32.63 -67.50 9.63
C ILE X 87 33.29 -67.66 8.27
N VAL X 88 32.49 -68.01 7.26
CA VAL X 88 33.03 -68.23 5.92
C VAL X 88 33.61 -66.93 5.39
N GLY X 89 34.87 -66.98 4.96
CA GLY X 89 35.57 -65.83 4.46
C GLY X 89 36.19 -64.95 5.53
N GLU X 90 35.79 -65.10 6.79
CA GLU X 90 36.32 -64.29 7.88
C GLU X 90 36.76 -65.22 9.00
N GLU X 91 36.81 -64.69 10.22
CA GLU X 91 37.20 -65.46 11.39
C GLU X 91 36.11 -65.40 12.45
N GLY X 92 35.98 -66.48 13.22
CA GLY X 92 35.02 -66.51 14.30
C GLY X 92 35.32 -65.48 15.36
N TYR X 93 34.27 -65.10 16.09
CA TYR X 93 34.38 -64.02 17.05
C TYR X 93 34.24 -64.59 18.45
N LEU X 94 33.04 -64.63 19.03
CA LEU X 94 32.90 -65.06 20.42
C LEU X 94 33.15 -66.55 20.61
N ASN X 95 33.05 -67.35 19.55
CA ASN X 95 33.34 -68.78 19.59
C ASN X 95 32.46 -69.50 20.60
N LYS X 96 31.16 -69.17 20.59
CA LYS X 96 30.21 -69.76 21.54
C LYS X 96 29.42 -70.91 20.94
N LEU X 97 29.13 -70.88 19.64
CA LEU X 97 28.33 -71.91 18.98
C LEU X 97 29.22 -72.69 18.03
N ASN X 98 29.32 -74.01 18.25
CA ASN X 98 30.13 -74.87 17.41
C ASN X 98 29.49 -75.01 16.02
N ILE X 99 29.48 -73.94 15.24
CA ILE X 99 28.88 -73.93 13.91
C ILE X 99 29.72 -73.06 12.99
N THR X 100 29.56 -73.31 11.69
CA THR X 100 30.16 -72.51 10.63
C THR X 100 29.04 -71.81 9.88
N VAL X 101 29.09 -70.48 9.84
CA VAL X 101 28.04 -69.63 9.32
C VAL X 101 28.60 -68.75 8.21
N GLN X 102 27.80 -68.54 7.17
CA GLN X 102 28.15 -67.67 6.06
C GLN X 102 27.28 -66.42 6.09
N ARG X 103 27.90 -65.25 5.96
CA ARG X 103 27.18 -63.99 5.96
C ARG X 103 26.57 -63.71 4.59
N ASN X 104 25.39 -63.09 4.61
CA ASN X 104 24.70 -62.63 3.39
C ASN X 104 24.61 -63.74 2.35
N SER X 105 23.94 -64.83 2.74
CA SER X 105 23.78 -65.95 1.81
C SER X 105 22.78 -65.63 0.72
N PHE X 106 21.68 -64.96 1.07
CA PHE X 106 20.68 -64.54 0.10
C PHE X 106 21.20 -63.29 -0.62
N GLY X 107 20.35 -62.70 -1.46
CA GLY X 107 20.71 -61.45 -2.11
C GLY X 107 20.74 -60.31 -1.11
N ARG X 108 20.90 -59.10 -1.66
CA ARG X 108 20.92 -57.90 -0.83
C ARG X 108 19.50 -57.56 -0.37
N GLN X 109 19.30 -56.33 0.11
CA GLN X 109 18.00 -55.93 0.63
C GLN X 109 16.89 -56.08 -0.41
N VAL X 110 17.23 -56.04 -1.70
CA VAL X 110 16.24 -56.23 -2.76
C VAL X 110 15.84 -57.70 -2.85
N ASP X 111 16.37 -58.53 -1.95
CA ASP X 111 16.01 -59.95 -1.91
C ASP X 111 15.67 -60.43 -0.51
N SER X 112 15.46 -59.54 0.44
CA SER X 112 15.03 -59.91 1.78
C SER X 112 13.53 -60.18 1.78
N PHE X 113 13.08 -60.94 2.78
CA PHE X 113 11.72 -61.49 2.71
C PHE X 113 11.18 -61.79 4.10
N GLU X 114 9.93 -62.24 4.14
CA GLU X 114 9.28 -62.78 5.33
C GLU X 114 8.75 -64.17 5.01
N THR X 115 8.52 -64.97 6.06
CA THR X 115 7.96 -66.30 5.87
C THR X 115 7.43 -66.82 7.20
N GLU X 116 6.79 -67.98 7.13
CA GLU X 116 6.40 -68.74 8.30
C GLU X 116 7.45 -69.82 8.57
N LEU X 117 7.79 -69.99 9.85
CA LEU X 117 8.84 -70.90 10.26
C LEU X 117 8.31 -71.84 11.34
N ASP X 118 8.58 -73.13 11.19
CA ASP X 118 8.22 -74.14 12.18
C ASP X 118 9.47 -74.49 12.96
N ILE X 119 9.66 -73.81 14.10
CA ILE X 119 10.82 -74.01 14.94
C ILE X 119 10.55 -75.18 15.89
N LYS X 120 11.45 -76.15 15.90
CA LYS X 120 11.29 -77.35 16.72
C LYS X 120 11.36 -76.97 18.20
N GLY X 121 10.23 -77.10 18.90
CA GLY X 121 10.18 -76.86 20.32
C GLY X 121 9.63 -75.52 20.75
N ILE X 122 9.22 -74.67 19.80
CA ILE X 122 8.66 -73.36 20.13
C ILE X 122 7.26 -73.24 19.58
N ALA X 123 7.15 -73.09 18.26
CA ALA X 123 5.85 -72.93 17.61
C ALA X 123 5.98 -73.40 16.16
N THR X 124 4.82 -73.57 15.52
CA THR X 124 4.75 -74.04 14.15
C THR X 124 4.45 -72.91 13.15
N ASP X 125 4.29 -71.69 13.63
CA ASP X 125 3.92 -70.56 12.76
C ASP X 125 4.62 -69.29 13.24
N ILE X 126 5.92 -69.37 13.49
CA ILE X 126 6.69 -68.18 13.85
C ILE X 126 6.83 -67.28 12.63
N GLU X 127 6.63 -65.98 12.82
CA GLU X 127 6.70 -65.02 11.72
C GLU X 127 8.14 -64.56 11.59
N GLY X 128 8.88 -65.17 10.65
CA GLY X 128 10.30 -64.89 10.50
C GLY X 128 10.55 -63.85 9.43
N VAL X 129 11.39 -62.87 9.76
CA VAL X 129 11.77 -61.80 8.85
C VAL X 129 13.26 -61.92 8.59
N PHE X 130 13.63 -62.14 7.33
CA PHE X 130 15.02 -62.30 6.93
C PHE X 130 15.42 -61.04 6.16
N ILE X 131 16.37 -60.29 6.72
CA ILE X 131 16.86 -59.04 6.13
C ILE X 131 18.35 -59.21 5.93
N ARG X 132 18.76 -59.52 4.69
CA ARG X 132 20.14 -59.87 4.37
C ARG X 132 20.71 -60.84 5.40
N ALA X 133 19.90 -61.83 5.76
CA ALA X 133 20.22 -62.72 6.86
C ALA X 133 21.27 -63.75 6.46
N PRO X 134 22.09 -64.19 7.41
CA PRO X 134 23.03 -65.27 7.13
C PRO X 134 22.33 -66.62 7.19
N HIS X 135 23.10 -67.68 6.97
CA HIS X 135 22.61 -69.04 7.16
C HIS X 135 23.75 -69.90 7.69
N ILE X 136 23.39 -70.89 8.50
CA ILE X 136 24.37 -71.72 9.18
C ILE X 136 24.81 -72.83 8.22
N GLU X 137 26.08 -72.79 7.81
CA GLU X 137 26.56 -73.73 6.81
C GLU X 137 26.75 -75.13 7.40
N LYS X 138 27.39 -75.20 8.57
CA LYS X 138 27.72 -76.49 9.16
C LYS X 138 27.48 -76.45 10.66
N VAL X 139 27.12 -77.61 11.22
CA VAL X 139 26.91 -77.76 12.66
C VAL X 139 27.96 -78.72 13.23
N GLY X 140 28.23 -78.56 14.51
CA GLY X 140 29.14 -79.42 15.23
C GLY X 140 28.42 -80.43 16.10
N GLN X 141 29.16 -81.03 17.03
CA GLN X 141 28.59 -82.00 17.93
C GLN X 141 27.88 -81.30 19.09
N GLY X 142 26.63 -81.69 19.34
CA GLY X 142 25.84 -81.10 20.40
C GLY X 142 25.03 -79.89 20.02
N VAL X 143 24.84 -79.64 18.72
CA VAL X 143 24.09 -78.49 18.24
C VAL X 143 22.76 -78.99 17.71
N ASP X 144 21.67 -78.64 18.40
CA ASP X 144 20.34 -78.99 17.94
C ASP X 144 19.92 -78.06 16.82
N ILE X 145 19.47 -78.63 15.71
CA ILE X 145 19.00 -77.87 14.56
C ILE X 145 17.50 -77.67 14.74
N LEU X 146 17.09 -76.45 15.07
CA LEU X 146 15.69 -76.18 15.39
C LEU X 146 14.87 -75.83 14.16
N CYS X 147 15.45 -75.10 13.22
CA CYS X 147 14.65 -74.68 12.07
C CYS X 147 15.52 -74.46 10.85
N LYS X 148 15.01 -74.91 9.71
CA LYS X 148 15.59 -74.75 8.39
C LYS X 148 14.48 -74.24 7.50
N VAL X 149 14.85 -73.53 6.43
CA VAL X 149 13.82 -72.95 5.59
C VAL X 149 14.06 -73.31 4.13
N ASN X 150 14.00 -74.62 3.85
CA ASN X 150 14.15 -75.29 2.55
C ASN X 150 15.45 -76.09 2.43
N GLU X 151 16.02 -76.51 3.58
CA GLU X 151 17.20 -77.37 3.77
C GLU X 151 18.50 -76.71 4.20
N LYS X 152 18.57 -75.38 4.24
CA LYS X 152 19.70 -74.68 4.85
C LYS X 152 19.20 -74.14 6.19
N ILE X 153 19.79 -74.64 7.27
CA ILE X 153 19.29 -74.35 8.61
C ILE X 153 19.56 -72.90 9.00
N VAL X 154 18.66 -72.34 9.80
CA VAL X 154 18.68 -70.92 10.13
C VAL X 154 18.42 -70.69 11.62
N ALA X 155 18.06 -71.75 12.35
CA ALA X 155 17.80 -71.61 13.78
C ALA X 155 18.35 -72.83 14.50
N VAL X 156 19.28 -72.59 15.44
CA VAL X 156 19.94 -73.64 16.21
C VAL X 156 19.97 -73.29 17.68
N GLN X 157 20.22 -74.31 18.49
CA GLN X 157 20.32 -74.15 19.95
C GLN X 157 21.34 -75.16 20.47
N GLN X 158 22.38 -74.66 21.12
CA GLN X 158 23.40 -75.50 21.76
C GLN X 158 23.40 -75.19 23.25
N GLY X 159 22.76 -76.06 24.03
CA GLY X 159 22.72 -75.90 25.48
C GLY X 159 22.11 -74.60 25.94
N LYS X 160 22.93 -73.72 26.51
CA LYS X 160 22.49 -72.43 27.01
C LYS X 160 22.69 -71.31 25.98
N TYR X 161 22.90 -71.66 24.71
CA TYR X 161 23.11 -70.69 23.65
C TYR X 161 22.06 -70.90 22.57
N LEU X 162 21.44 -69.80 22.12
CA LEU X 162 20.38 -69.88 21.11
C LEU X 162 20.72 -68.93 19.98
N GLY X 163 20.71 -69.43 18.75
CA GLY X 163 21.03 -68.61 17.59
C GLY X 163 19.97 -68.74 16.51
N VAL X 164 19.62 -67.59 15.94
CA VAL X 164 18.65 -67.54 14.85
C VAL X 164 19.17 -66.61 13.77
N SER X 165 18.85 -66.96 12.52
CA SER X 165 19.25 -66.11 11.39
C SER X 165 18.26 -64.98 11.15
N PHE X 166 16.98 -65.20 11.47
CA PHE X 166 15.95 -64.20 11.27
C PHE X 166 15.87 -63.26 12.47
N ASN X 167 15.02 -62.24 12.34
CA ASN X 167 14.84 -61.24 13.39
C ASN X 167 13.40 -61.26 13.87
N PRO X 168 13.08 -61.98 14.94
CA PRO X 168 11.70 -61.98 15.46
C PRO X 168 11.32 -60.71 16.19
N GLU X 169 12.29 -59.87 16.56
CA GLU X 169 11.98 -58.65 17.30
C GLU X 169 11.19 -57.65 16.47
N LEU X 170 11.32 -57.71 15.14
CA LEU X 170 10.60 -56.78 14.27
C LEU X 170 9.12 -57.10 14.17
N THR X 171 8.67 -58.25 14.68
CA THR X 171 7.27 -58.63 14.65
C THR X 171 6.65 -58.42 16.03
N ASP X 172 5.35 -58.68 16.11
CA ASP X 172 4.62 -58.63 17.38
C ASP X 172 4.63 -59.98 18.10
N ASP X 173 5.21 -61.01 17.49
CA ASP X 173 5.26 -62.34 18.09
C ASP X 173 6.53 -62.42 18.94
N TYR X 174 6.35 -62.56 20.26
CA TYR X 174 7.45 -62.55 21.21
C TYR X 174 7.73 -63.94 21.78
N ARG X 175 7.34 -65.00 21.06
CA ARG X 175 7.46 -66.34 21.61
C ARG X 175 8.91 -66.80 21.69
N VAL X 176 9.78 -66.28 20.82
CA VAL X 176 11.17 -66.72 20.81
C VAL X 176 11.90 -66.22 22.04
N THR X 177 11.75 -64.93 22.34
CA THR X 177 12.36 -64.37 23.54
C THR X 177 11.76 -65.00 24.80
N ASP X 178 10.46 -65.27 24.78
CA ASP X 178 9.82 -65.95 25.91
C ASP X 178 10.42 -67.31 26.13
N TYR X 179 10.59 -68.10 25.06
CA TYR X 179 11.21 -69.41 25.17
C TYR X 179 12.63 -69.30 25.70
N PHE X 180 13.41 -68.36 25.17
CA PHE X 180 14.78 -68.17 25.63
C PHE X 180 14.82 -67.89 27.13
N ILE X 181 13.98 -66.96 27.60
CA ILE X 181 14.05 -66.55 29.00
C ILE X 181 13.55 -67.67 29.91
N ASN X 182 12.50 -68.37 29.52
CA ASN X 182 11.85 -69.33 30.42
C ASN X 182 12.44 -70.73 30.36
N HIS X 183 13.17 -71.08 29.29
CA HIS X 183 13.69 -72.43 29.14
C HIS X 183 15.20 -72.50 28.97
N ILE X 184 15.90 -71.37 29.05
CA ILE X 184 17.37 -71.38 28.95
C ILE X 184 17.95 -70.62 30.13
N VAL X 185 17.52 -69.37 30.31
CA VAL X 185 18.00 -68.59 31.45
C VAL X 185 17.42 -69.12 32.75
N LYS X 186 16.17 -69.62 32.72
CA LYS X 186 15.52 -70.19 33.88
C LYS X 186 15.86 -71.67 34.08
N LYS X 187 17.07 -72.07 33.69
CA LYS X 187 17.47 -73.47 33.83
C LYS X 187 18.86 -73.57 34.47
P PO4 Y . 5.91 13.01 -28.74
O1 PO4 Y . 7.41 13.27 -28.38
O2 PO4 Y . 5.83 12.29 -30.13
O3 PO4 Y . 5.26 12.10 -27.64
O4 PO4 Y . 5.13 14.36 -28.82
N GLN Z . -36.42 36.50 -35.46
CA GLN Z . -35.45 37.18 -36.30
C GLN Z . -36.09 38.34 -37.07
O GLN Z . -35.86 39.50 -36.75
CB GLN Z . -34.79 36.20 -37.26
CG GLN Z . -33.72 36.82 -38.12
CD GLN Z . -32.56 37.36 -37.30
OE1 GLN Z . -31.88 36.61 -36.60
NE2 GLN Z . -32.34 38.67 -37.38
OXT GLN Z . -36.83 38.12 -38.02
P PO4 AA . -15.26 13.84 -24.53
O1 PO4 AA . -14.00 13.54 -23.64
O2 PO4 AA . -15.68 15.33 -24.34
O3 PO4 AA . -16.45 12.90 -24.10
O4 PO4 AA . -14.91 13.57 -26.04
P PO4 BA . 13.85 28.82 -4.15
O1 PO4 BA . 13.53 30.15 -3.37
O2 PO4 BA . 15.36 28.46 -3.95
O3 PO4 BA . 12.94 27.67 -3.61
O4 PO4 BA . 13.57 29.03 -5.68
P PO4 CA . -18.37 -15.67 -20.59
O1 PO4 CA . -16.86 -15.88 -20.25
O2 PO4 CA . -18.92 -14.43 -19.79
O3 PO4 CA . -19.19 -16.94 -20.19
O4 PO4 CA . -18.53 -15.40 -22.13
P PO4 DA . -13.36 -28.49 6.35
O1 PO4 DA . -13.50 -27.04 6.94
O2 PO4 DA . -11.86 -28.93 6.40
O3 PO4 DA . -14.23 -29.47 7.22
O4 PO4 DA . -13.87 -28.51 4.86
P PO4 EA . 2.30 -16.82 -26.84
O1 PO4 EA . 3.82 -16.70 -26.46
O2 PO4 EA . 1.47 -15.82 -25.96
O3 PO4 EA . 1.80 -18.28 -26.58
O4 PO4 EA . 2.11 -16.46 -28.36
S SO4 FA . -5.32 -11.41 29.39
O1 SO4 FA . -4.94 -9.98 29.20
O2 SO4 FA . -4.46 -12.01 30.46
O3 SO4 FA . -5.12 -12.16 28.10
O4 SO4 FA . -6.76 -11.51 29.79
P PO4 GA . 18.61 14.49 21.68
O1 PO4 GA . 18.26 15.56 22.76
O2 PO4 GA . 20.14 14.14 21.78
O3 PO4 GA . 17.76 13.19 21.94
O4 PO4 GA . 18.30 15.05 20.25
P PO4 HA . -2.22 18.35 26.12
O1 PO4 HA . -0.67 18.53 26.21
O2 PO4 HA . -2.92 19.52 26.91
O3 PO4 HA . -2.65 16.98 26.75
O4 PO4 HA . -2.66 18.40 24.61
P PO4 IA . -7.30 31.14 -0.93
O1 PO4 IA . -7.43 32.00 0.38
O2 PO4 IA . -5.81 30.68 -1.09
O3 PO4 IA . -8.23 29.89 -0.82
O4 PO4 IA . -7.72 32.01 -2.17
P PO4 JA . 15.38 -15.48 23.37
O1 PO4 JA . 15.10 -14.11 24.08
O2 PO4 JA . 16.89 -15.84 23.55
O3 PO4 JA . 14.48 -16.59 24.01
O4 PO4 JA . 15.04 -15.36 21.84
P PO4 KA . 6.76 -31.39 -1.00
O1 PO4 KA . 8.26 -31.62 -0.64
O2 PO4 KA . 6.22 -30.16 -0.19
O3 PO4 KA . 5.91 -32.66 -0.63
O4 PO4 KA . 6.62 -31.11 -2.54
N GLN LA . 33.00 49.00 -21.82
CA GLN LA . 31.94 49.97 -22.09
C GLN LA . 32.45 51.17 -22.87
O GLN LA . 33.17 52.02 -22.34
CB GLN LA . 31.31 50.44 -20.76
CG GLN LA . 30.14 51.39 -20.95
CD GLN LA . 29.00 50.76 -21.70
OE1 GLN LA . 28.42 49.77 -21.26
NE2 GLN LA . 28.68 51.31 -22.87
OXT GLN LA . 32.14 51.32 -24.05
N GLN MA . -43.95 -17.24 -41.20
CA GLN MA . -43.12 -17.44 -42.38
C GLN MA . -43.97 -17.64 -43.63
O GLN MA . -44.59 -18.69 -43.83
CB GLN MA . -42.19 -18.65 -42.18
CG GLN MA . -41.25 -18.87 -43.35
CD GLN MA . -40.31 -17.70 -43.57
OE1 GLN MA . -39.51 -17.35 -42.69
NE2 GLN MA . -40.43 -17.06 -44.72
OXT GLN MA . -44.06 -16.76 -44.48
N GLN NA . -38.24 -49.49 2.00
CA GLN NA . -37.42 -50.54 1.40
C GLN NA . -38.24 -51.78 1.10
O GLN NA . -38.62 -52.53 2.00
CB GLN NA . -36.25 -50.88 2.31
CG GLN NA . -35.30 -51.91 1.73
CD GLN NA . -34.64 -51.44 0.45
OE1 GLN NA . -33.92 -50.43 0.45
NE2 GLN NA . -34.90 -52.14 -0.63
OXT GLN NA . -38.54 -52.08 -0.06
N GLN OA . 15.12 -41.35 -44.40
CA GLN OA . 13.85 -42.06 -44.58
C GLN OA . 14.02 -43.29 -45.46
O GLN OA . 13.99 -44.43 -44.97
CB GLN OA . 12.80 -41.13 -45.18
CG GLN OA . 11.44 -41.77 -45.32
CD GLN OA . 10.85 -42.19 -43.99
OE1 GLN OA . 10.61 -41.37 -43.12
NE2 GLN OA . 10.63 -43.49 -43.83
OXT GLN OA . 14.19 -43.20 -46.67
N GLN PA . -23.20 -29.13 50.59
CA GLN PA . -22.13 -30.06 50.92
C GLN PA . -22.56 -31.06 51.99
O GLN PA . -22.69 -30.72 53.16
CB GLN PA . -20.89 -29.29 51.38
CG GLN PA . -19.70 -30.19 51.67
CD GLN PA . -19.23 -30.94 50.44
OE1 GLN PA . -18.83 -30.34 49.45
NE2 GLN PA . -19.31 -32.26 50.50
OXT GLN PA . -22.77 -32.24 51.70
N GLN QA . 44.10 33.87 29.09
CA GLN QA . 43.30 34.86 29.80
C GLN QA . 44.17 35.96 30.39
O GLN QA . 44.87 35.76 31.38
CB GLN QA . 42.47 34.20 30.89
CG GLN QA . 41.56 35.15 31.62
CD GLN QA . 40.52 35.77 30.71
OE1 GLN QA . 39.69 35.08 30.12
NE2 GLN QA . 40.57 37.09 30.58
OXT GLN QA . 44.18 37.09 29.89
N GLN RA . 18.91 11.27 -58.86
CA GLN RA . 17.63 11.42 -59.53
C GLN RA . 17.80 11.47 -61.05
O GLN RA . 18.26 12.47 -61.61
CB GLN RA . 16.90 12.66 -59.05
CG GLN RA . 15.53 12.85 -59.65
CD GLN RA . 14.58 11.72 -59.30
OE1 GLN RA . 14.29 11.48 -58.14
NE2 GLN RA . 14.13 10.99 -60.32
OXT GLN RA . 17.47 10.51 -61.76
N GLN SA . -15.05 24.37 55.84
CA GLN SA . -13.77 24.37 56.53
C GLN SA . -13.93 24.70 58.01
O GLN SA . -13.80 23.83 58.86
CB GLN SA . -12.80 25.36 55.86
CG GLN SA . -11.42 25.35 56.48
CD GLN SA . -10.72 24.01 56.34
OE1 GLN SA . -10.49 23.53 55.23
NE2 GLN SA . -10.42 23.38 57.47
OXT GLN SA . -14.17 25.84 58.38
N GLN TA . -21.96 57.09 12.97
CA GLN TA . -20.73 57.87 13.08
C GLN TA . -21.00 59.26 13.64
O GLN TA . -20.67 59.56 14.78
CB GLN TA . -20.03 57.96 11.73
CG GLN TA . -18.70 58.69 11.78
CD GLN TA . -17.69 57.99 12.67
OE1 GLN TA . -17.32 56.84 12.42
NE2 GLN TA . -17.28 58.67 13.73
OXT GLN TA . -21.54 60.13 12.95
N GLN UA . 41.20 -18.81 43.33
CA GLN UA . 40.44 -18.67 44.58
C GLN UA . 41.34 -18.82 45.80
O GLN UA . 41.64 -17.86 46.50
CB GLN UA . 39.29 -19.68 44.62
CG GLN UA . 38.41 -19.54 45.84
CD GLN UA . 37.71 -18.21 45.91
OE1 GLN UA . 36.94 -17.85 45.02
NE2 GLN UA . 38.00 -17.44 46.95
OXT GLN UA . 41.77 -19.93 46.14
N GLN VA . 25.88 -56.91 7.16
CA GLN VA . 24.85 -57.55 7.97
C GLN VA . 25.32 -58.89 8.54
O GLN VA . 25.59 -59.02 9.72
CB GLN VA . 23.57 -57.74 7.17
CG GLN VA . 22.44 -58.35 7.97
CD GLN VA . 22.04 -57.47 9.13
OE1 GLN VA . 21.59 -56.33 8.95
NE2 GLN VA . 22.21 -57.98 10.34
OXT GLN VA . 25.44 -59.87 7.81
#